data_4ZY1
#
_entry.id   4ZY1
#
_cell.length_a   174.097
_cell.length_b   177.325
_cell.length_c   229.648
_cell.angle_alpha   90.00
_cell.angle_beta   90.00
_cell.angle_gamma   90.00
#
_symmetry.space_group_name_H-M   'P 21 21 21'
#
loop_
_entity.id
_entity.type
_entity.pdbx_description
1 polymer 'Probable M17 family aminopeptidase'
2 non-polymer N-{(1R)-2-(hydroxyamino)-1-[4-(1-methyl-1H-pyrazol-4-yl)phenyl]-2-oxoethyl}-2,2-dimethylpropanamide
3 non-polymer 'ZINC ION'
4 non-polymer 'CARBONATE ION'
5 non-polymer 'SULFATE ION'
6 non-polymer 'PENTAETHYLENE GLYCOL'
7 non-polymer GLYCEROL
8 water water
#
_entity_poly.entity_id   1
_entity_poly.type   'polypeptide(L)'
_entity_poly.pdbx_seq_one_letter_code
;RKMASEVPQVVSLDPTSIPIEYNTPIHDIKVQVYDIKGGCNVEEGLTIFLVNNPGKENGPVKISSKVNDKQVSEFLKDEN
MEKFNVKLGTSKHFYMFNDNKNSVAVGYVGCGSVADLSEADMKRVVLSLVTMLHDNKLSKLTVVFEINVDKNLFRFFLET
LFYEYMTDERFKSTDKNVNMEYIKHLGVYINNADTYKEEVEKARVYYFGTYYASQLIAAPSNYCNPVSLSNAAVELAQKL
NLEYKILGVKELEELKMGAYLSVGKGSMYPNKFIHLTYKSKGDVKKKIALVGKGITFDSGGYNLKAAPGSMIDLMKFDMS
GCAAVLGCAYCVGTLKPENVEIHFLSAVCENMVSKNSYRPGDIITASNGKTIEVGNTDAEGRLTLADALVYAEKLGVDYI
VDIATLTGAMLYSLGTSYAGVFGNNEELINKILQSSKTSNEPVWWLPIINEYRATLNSKYADINQISSSVKASSIVASLF
LKEFVQNTAWAHIDIAGVSWNFKARKPKGFGVRLLTEFVLND
;
_entity_poly.pdbx_strand_id   A,B,C,D,E,F,G,H,I,J,K,L
#
loop_
_chem_comp.id
_chem_comp.type
_chem_comp.name
_chem_comp.formula
1PE non-polymer 'PENTAETHYLENE GLYCOL' 'C10 H22 O6'
4U5 non-polymer N-{(1R)-2-(hydroxyamino)-1-[4-(1-methyl-1H-pyrazol-4-yl)phenyl]-2-oxoethyl}-2,2-dimethylpropanamide 'C17 H22 N4 O3'
CO3 non-polymer 'CARBONATE ION' 'C O3 -2'
GOL non-polymer GLYCEROL 'C3 H8 O3'
SO4 non-polymer 'SULFATE ION' 'O4 S -2'
ZN non-polymer 'ZINC ION' 'Zn 2'
#
# COMPACT_ATOMS: atom_id res chain seq x y z
N ALA A 4 51.48 -9.05 -49.97
CA ALA A 4 50.66 -8.89 -51.17
C ALA A 4 50.79 -10.12 -52.08
N SER A 5 49.90 -11.08 -51.90
CA SER A 5 49.94 -12.32 -52.67
C SER A 5 49.22 -12.17 -54.00
N GLU A 6 49.59 -13.02 -54.97
CA GLU A 6 48.98 -12.98 -56.29
C GLU A 6 47.70 -13.81 -56.32
N VAL A 7 46.58 -13.16 -56.61
CA VAL A 7 45.28 -13.81 -56.64
C VAL A 7 45.17 -14.79 -57.81
N PRO A 8 44.82 -16.06 -57.51
CA PRO A 8 44.66 -17.09 -58.53
C PRO A 8 43.37 -16.90 -59.35
N GLN A 9 43.41 -17.35 -60.61
CA GLN A 9 42.26 -17.21 -61.51
C GLN A 9 41.92 -18.51 -62.22
N VAL A 10 40.65 -18.67 -62.57
CA VAL A 10 40.23 -19.79 -63.41
C VAL A 10 40.23 -19.32 -64.86
N VAL A 11 39.76 -18.11 -65.09
CA VAL A 11 39.87 -17.46 -66.39
C VAL A 11 40.45 -16.06 -66.17
N SER A 12 40.99 -15.47 -67.24
CA SER A 12 41.64 -14.16 -67.14
C SER A 12 40.67 -13.05 -66.78
N LEU A 13 39.37 -13.35 -66.90
CA LEU A 13 38.34 -12.36 -66.60
C LEU A 13 38.02 -12.29 -65.11
N ASP A 14 38.57 -13.23 -64.34
CA ASP A 14 38.39 -13.23 -62.90
C ASP A 14 39.14 -12.06 -62.28
N PRO A 15 38.44 -11.25 -61.48
CA PRO A 15 39.04 -10.06 -60.83
C PRO A 15 40.16 -10.44 -59.87
N THR A 16 41.16 -9.57 -59.73
CA THR A 16 42.32 -9.85 -58.90
C THR A 16 42.47 -8.87 -57.75
N SER A 17 41.45 -8.05 -57.53
CA SER A 17 41.46 -7.11 -56.42
C SER A 17 40.06 -6.61 -56.10
N ILE A 18 39.84 -6.25 -54.83
CA ILE A 18 38.59 -5.64 -54.43
C ILE A 18 38.65 -4.14 -54.72
N PRO A 19 37.73 -3.65 -55.56
CA PRO A 19 37.67 -2.20 -55.79
C PRO A 19 37.26 -1.46 -54.52
N ILE A 20 38.13 -0.58 -54.04
CA ILE A 20 37.86 0.19 -52.84
C ILE A 20 37.83 1.68 -53.16
N GLU A 21 36.80 2.36 -52.69
CA GLU A 21 36.72 3.81 -52.84
C GLU A 21 37.07 4.49 -51.52
N TYR A 22 38.25 5.10 -51.48
CA TYR A 22 38.70 5.77 -50.26
C TYR A 22 38.20 7.22 -50.23
N ASN A 23 38.49 7.97 -51.29
CA ASN A 23 38.05 9.34 -51.39
C ASN A 23 36.61 9.43 -51.91
N THR A 24 35.66 9.51 -50.98
CA THR A 24 34.25 9.55 -51.33
C THR A 24 33.72 10.99 -51.33
N PRO A 25 32.63 11.24 -52.07
CA PRO A 25 31.99 12.57 -52.09
C PRO A 25 31.71 13.13 -50.70
N ILE A 26 31.43 12.26 -49.74
CA ILE A 26 31.19 12.66 -48.36
C ILE A 26 32.40 13.41 -47.79
N HIS A 27 33.60 12.98 -48.16
CA HIS A 27 34.83 13.59 -47.67
C HIS A 27 35.07 14.97 -48.26
N ASP A 28 34.42 15.26 -49.39
CA ASP A 28 34.56 16.56 -50.04
C ASP A 28 33.61 17.58 -49.44
N ILE A 29 32.61 17.10 -48.70
CA ILE A 29 31.61 17.97 -48.10
C ILE A 29 32.19 18.79 -46.95
N LYS A 30 32.05 20.11 -47.05
CA LYS A 30 32.50 21.02 -46.00
C LYS A 30 31.39 21.20 -44.95
N VAL A 31 31.68 20.86 -43.71
CA VAL A 31 30.70 20.98 -42.63
C VAL A 31 30.96 22.21 -41.78
N GLN A 32 29.93 23.02 -41.59
CA GLN A 32 29.99 24.17 -40.71
C GLN A 32 28.89 24.05 -39.65
N VAL A 33 29.26 24.25 -38.39
CA VAL A 33 28.29 24.18 -37.31
C VAL A 33 28.10 25.55 -36.68
N TYR A 34 26.85 26.00 -36.59
CA TYR A 34 26.54 27.29 -35.99
C TYR A 34 25.60 27.13 -34.79
N ASP A 35 25.50 28.19 -33.99
CA ASP A 35 24.62 28.18 -32.83
C ASP A 35 23.25 28.77 -33.20
N ILE A 36 22.19 28.18 -32.65
CA ILE A 36 20.83 28.63 -32.91
C ILE A 36 20.63 30.06 -32.43
N LYS A 37 21.39 30.44 -31.40
CA LYS A 37 21.21 31.74 -30.75
C LYS A 37 21.51 32.90 -31.69
N GLY A 38 22.37 32.67 -32.67
CA GLY A 38 22.74 33.70 -33.61
C GLY A 38 21.75 33.86 -34.75
N GLY A 39 20.82 32.92 -34.84
CA GLY A 39 19.81 32.95 -35.90
C GLY A 39 20.24 32.15 -37.11
N CYS A 40 19.27 31.80 -37.95
CA CYS A 40 19.56 30.99 -39.13
C CYS A 40 19.59 31.82 -40.41
N ASN A 41 20.67 31.68 -41.18
CA ASN A 41 20.74 32.27 -42.51
C ASN A 41 20.21 31.32 -43.56
N VAL A 42 19.17 31.75 -44.27
CA VAL A 42 18.57 30.94 -45.33
C VAL A 42 18.99 31.45 -46.70
N GLU A 43 19.85 30.71 -47.39
CA GLU A 43 20.33 31.10 -48.70
C GLU A 43 20.29 29.94 -49.69
N GLU A 44 21.41 29.72 -50.38
CA GLU A 44 21.47 28.70 -51.43
C GLU A 44 21.27 27.30 -50.86
N GLY A 45 20.82 26.39 -51.72
CA GLY A 45 20.67 25.00 -51.33
C GLY A 45 19.31 24.67 -50.75
N LEU A 46 19.32 23.87 -49.70
CA LEU A 46 18.09 23.42 -49.05
C LEU A 46 18.21 23.51 -47.54
N THR A 47 17.28 24.21 -46.91
CA THR A 47 17.30 24.38 -45.45
C THR A 47 16.17 23.58 -44.81
N ILE A 48 16.55 22.60 -43.99
CA ILE A 48 15.58 21.67 -43.41
C ILE A 48 15.51 21.76 -41.89
N PHE A 49 14.29 21.94 -41.38
CA PHE A 49 14.07 22.06 -39.94
C PHE A 49 13.68 20.72 -39.31
N LEU A 50 14.45 20.28 -38.32
CA LEU A 50 14.09 19.12 -37.54
C LEU A 50 13.17 19.54 -36.39
N VAL A 51 11.87 19.36 -36.58
CA VAL A 51 10.91 19.81 -35.58
C VAL A 51 10.04 18.67 -35.06
N ASN A 52 9.69 18.76 -33.78
CA ASN A 52 8.72 17.85 -33.18
C ASN A 52 7.69 18.61 -32.37
N ASN A 53 6.84 17.87 -31.67
CA ASN A 53 5.86 18.47 -30.79
C ASN A 53 5.55 17.50 -29.65
N PRO A 54 6.21 17.70 -28.49
CA PRO A 54 6.14 16.79 -27.34
C PRO A 54 4.71 16.52 -26.88
N GLY A 55 4.38 15.26 -26.67
CA GLY A 55 3.07 14.88 -26.17
C GLY A 55 1.98 14.79 -27.22
N LYS A 56 1.85 15.85 -28.01
CA LYS A 56 0.81 15.92 -29.02
C LYS A 56 1.15 15.09 -30.25
N GLU A 57 0.56 13.90 -30.35
CA GLU A 57 0.77 13.03 -31.50
C GLU A 57 0.22 13.68 -32.76
N ASN A 58 1.08 13.79 -33.77
CA ASN A 58 0.74 14.44 -35.03
C ASN A 58 0.22 15.86 -34.83
N GLY A 59 0.79 16.56 -33.85
CA GLY A 59 0.43 17.95 -33.60
C GLY A 59 1.00 18.87 -34.65
N PRO A 60 0.67 20.17 -34.57
CA PRO A 60 1.09 21.14 -35.59
C PRO A 60 2.60 21.39 -35.58
N VAL A 61 3.09 22.02 -36.65
CA VAL A 61 4.50 22.38 -36.76
C VAL A 61 4.72 23.81 -36.28
N LYS A 62 5.71 24.00 -35.40
CA LYS A 62 6.08 25.33 -34.93
C LYS A 62 7.58 25.55 -35.00
N ILE A 63 7.99 26.52 -35.80
CA ILE A 63 9.41 26.86 -35.94
C ILE A 63 9.82 27.84 -34.85
N SER A 64 10.83 27.47 -34.06
CA SER A 64 11.21 28.23 -32.88
C SER A 64 12.44 29.11 -33.10
N SER A 65 13.32 28.70 -34.01
CA SER A 65 14.56 29.43 -34.25
C SER A 65 14.30 30.74 -34.96
N LYS A 66 15.13 31.75 -34.67
CA LYS A 66 15.07 33.00 -35.39
C LYS A 66 15.70 32.83 -36.76
N VAL A 67 14.98 33.25 -37.79
CA VAL A 67 15.53 33.27 -39.13
C VAL A 67 15.90 34.71 -39.49
N ASN A 68 17.17 34.92 -39.82
CA ASN A 68 17.67 36.27 -40.11
C ASN A 68 17.23 36.75 -41.48
N ASP A 69 15.93 36.67 -41.73
CA ASP A 69 15.33 37.08 -42.99
C ASP A 69 13.85 37.35 -42.76
N LYS A 70 13.41 38.57 -43.05
CA LYS A 70 12.03 38.98 -42.79
C LYS A 70 11.04 38.19 -43.63
N GLN A 71 11.40 37.92 -44.87
CA GLN A 71 10.54 37.17 -45.79
C GLN A 71 10.33 35.74 -45.30
N VAL A 72 11.43 35.04 -45.06
CA VAL A 72 11.38 33.64 -44.64
C VAL A 72 10.69 33.49 -43.30
N SER A 73 11.01 34.40 -42.37
CA SER A 73 10.40 34.38 -41.04
C SER A 73 8.88 34.51 -41.13
N GLU A 74 8.41 35.28 -42.10
CA GLU A 74 6.98 35.43 -42.33
C GLU A 74 6.37 34.14 -42.86
N PHE A 75 7.05 33.51 -43.81
CA PHE A 75 6.59 32.26 -44.40
C PHE A 75 6.49 31.18 -43.33
N LEU A 76 7.47 31.15 -42.42
CA LEU A 76 7.55 30.10 -41.41
C LEU A 76 6.86 30.49 -40.10
N LYS A 77 5.97 31.49 -40.16
CA LYS A 77 5.24 31.90 -38.97
C LYS A 77 4.20 30.84 -38.61
N ASP A 78 3.82 30.81 -37.33
CA ASP A 78 2.94 29.77 -36.79
C ASP A 78 1.65 29.55 -37.58
N GLU A 79 1.07 30.62 -38.09
CA GLU A 79 -0.21 30.56 -38.76
C GLU A 79 -0.14 29.80 -40.09
N ASN A 80 1.05 29.76 -40.69
CA ASN A 80 1.24 29.12 -41.98
C ASN A 80 1.79 27.71 -41.86
N MET A 81 2.18 27.33 -40.64
CA MET A 81 2.79 26.04 -40.39
C MET A 81 1.84 25.06 -39.72
N GLU A 82 0.76 25.59 -39.14
CA GLU A 82 -0.17 24.78 -38.36
C GLU A 82 -0.95 23.79 -39.22
N LYS A 83 -0.90 23.94 -40.53
CA LYS A 83 -1.56 23.01 -41.43
C LYS A 83 -0.67 21.79 -41.68
N PHE A 84 0.52 21.80 -41.08
CA PHE A 84 1.46 20.69 -41.20
C PHE A 84 1.67 20.02 -39.84
N ASN A 85 1.74 18.69 -39.84
CA ASN A 85 1.97 17.97 -38.60
C ASN A 85 3.42 17.49 -38.47
N VAL A 86 3.75 16.96 -37.30
CA VAL A 86 5.12 16.56 -37.00
C VAL A 86 5.31 15.05 -36.96
N LYS A 87 4.37 14.33 -37.58
CA LYS A 87 4.43 12.87 -37.65
C LYS A 87 5.80 12.39 -38.11
N LEU A 88 6.36 11.41 -37.39
CA LEU A 88 7.71 10.93 -37.65
C LEU A 88 7.88 10.49 -39.11
N GLY A 89 8.87 11.06 -39.78
CA GLY A 89 9.15 10.72 -41.17
C GLY A 89 8.53 11.67 -42.17
N THR A 90 7.53 12.43 -41.73
CA THR A 90 6.86 13.39 -42.60
C THR A 90 7.79 14.53 -43.00
N SER A 91 7.81 14.86 -44.27
CA SER A 91 8.62 15.97 -44.77
C SER A 91 7.82 16.84 -45.73
N LYS A 92 8.24 18.09 -45.86
CA LYS A 92 7.59 19.04 -46.77
C LYS A 92 8.62 19.98 -47.40
N HIS A 93 8.36 20.38 -48.64
CA HIS A 93 9.22 21.33 -49.33
C HIS A 93 8.55 22.71 -49.42
N PHE A 94 9.29 23.75 -49.08
CA PHE A 94 8.79 25.12 -49.22
C PHE A 94 9.63 25.90 -50.23
N TYR A 95 8.98 26.79 -50.97
CA TYR A 95 9.66 27.63 -51.95
C TYR A 95 9.24 29.09 -51.78
N MET A 96 10.22 29.99 -51.72
CA MET A 96 9.94 31.39 -51.45
C MET A 96 11.11 32.29 -51.85
N PHE A 97 10.88 33.60 -51.77
CA PHE A 97 11.93 34.58 -52.02
C PHE A 97 12.36 35.24 -50.71
N ASN A 98 13.66 35.49 -50.56
CA ASN A 98 14.16 36.12 -49.34
C ASN A 98 14.27 37.64 -49.49
N ASP A 99 14.88 38.29 -48.50
CA ASP A 99 14.96 39.75 -48.46
C ASP A 99 15.82 40.35 -49.57
N ASN A 100 16.59 39.50 -50.25
CA ASN A 100 17.42 39.96 -51.35
C ASN A 100 16.93 39.47 -52.70
N LYS A 101 15.63 39.18 -52.77
CA LYS A 101 14.95 38.79 -54.00
C LYS A 101 15.54 37.53 -54.64
N ASN A 102 16.04 36.62 -53.81
CA ASN A 102 16.53 35.35 -54.29
C ASN A 102 15.60 34.21 -53.87
N SER A 103 15.40 33.25 -54.75
CA SER A 103 14.55 32.10 -54.45
C SER A 103 15.29 31.12 -53.54
N VAL A 104 14.67 30.75 -52.43
CA VAL A 104 15.27 29.79 -51.52
C VAL A 104 14.38 28.58 -51.31
N ALA A 105 15.00 27.45 -50.99
CA ALA A 105 14.28 26.23 -50.69
C ALA A 105 14.35 25.92 -49.20
N VAL A 106 13.19 25.72 -48.59
CA VAL A 106 13.11 25.44 -47.16
C VAL A 106 12.22 24.22 -46.94
N GLY A 107 12.40 23.52 -45.83
CA GLY A 107 11.55 22.39 -45.49
C GLY A 107 11.66 21.97 -44.05
N TYR A 108 10.98 20.89 -43.70
CA TYR A 108 11.07 20.34 -42.36
C TYR A 108 10.92 18.82 -42.38
N VAL A 109 11.47 18.17 -41.38
CA VAL A 109 11.28 16.74 -41.19
C VAL A 109 10.64 16.48 -39.83
N GLY A 110 9.52 15.75 -39.83
CA GLY A 110 8.80 15.46 -38.61
C GLY A 110 9.54 14.50 -37.71
N CYS A 111 9.69 14.89 -36.44
CA CYS A 111 10.41 14.06 -35.48
C CYS A 111 9.51 13.57 -34.35
N GLY A 112 8.22 13.40 -34.67
CA GLY A 112 7.28 12.80 -33.76
C GLY A 112 6.89 13.64 -32.55
N SER A 113 6.46 12.96 -31.50
CA SER A 113 6.03 13.63 -30.27
C SER A 113 6.77 13.08 -29.06
N VAL A 114 7.76 12.24 -29.32
CA VAL A 114 8.62 11.71 -28.26
C VAL A 114 9.91 12.50 -28.20
N ALA A 115 10.18 13.08 -27.04
CA ALA A 115 11.33 13.97 -26.86
C ALA A 115 12.66 13.25 -27.14
N ASP A 116 12.87 12.11 -26.50
CA ASP A 116 14.08 11.34 -26.69
C ASP A 116 13.98 10.41 -27.88
N LEU A 117 14.35 10.91 -29.05
CA LEU A 117 14.38 10.09 -30.26
C LEU A 117 15.30 8.89 -30.06
N SER A 118 14.85 7.72 -30.49
CA SER A 118 15.65 6.51 -30.37
C SER A 118 16.55 6.34 -31.58
N GLU A 119 17.44 5.37 -31.52
CA GLU A 119 18.37 5.07 -32.61
C GLU A 119 17.63 4.77 -33.91
N ALA A 120 16.50 4.09 -33.79
CA ALA A 120 15.69 3.72 -34.95
C ALA A 120 14.84 4.89 -35.42
N ASP A 121 14.40 5.74 -34.48
CA ASP A 121 13.62 6.92 -34.83
C ASP A 121 14.45 7.90 -35.63
N MET A 122 15.65 8.19 -35.14
CA MET A 122 16.57 9.10 -35.82
C MET A 122 16.92 8.59 -37.21
N LYS A 123 16.99 7.27 -37.35
CA LYS A 123 17.28 6.66 -38.65
C LYS A 123 16.11 6.84 -39.59
N ARG A 124 14.90 6.88 -39.05
CA ARG A 124 13.72 7.18 -39.85
C ARG A 124 13.73 8.65 -40.26
N VAL A 125 14.21 9.50 -39.36
CA VAL A 125 14.34 10.93 -39.64
C VAL A 125 15.36 11.17 -40.75
N VAL A 126 16.51 10.51 -40.63
CA VAL A 126 17.59 10.65 -41.60
C VAL A 126 17.18 10.15 -42.98
N LEU A 127 16.54 8.99 -43.02
CA LEU A 127 16.08 8.42 -44.29
C LEU A 127 15.10 9.36 -45.00
N SER A 128 14.28 10.06 -44.21
CA SER A 128 13.39 11.07 -44.76
C SER A 128 14.20 12.23 -45.34
N LEU A 129 15.20 12.68 -44.59
CA LEU A 129 16.08 13.75 -45.02
C LEU A 129 16.81 13.39 -46.31
N VAL A 130 17.26 12.14 -46.39
CA VAL A 130 18.04 11.67 -47.53
C VAL A 130 17.20 11.65 -48.81
N THR A 131 15.92 11.31 -48.69
CA THR A 131 15.03 11.30 -49.85
C THR A 131 14.85 12.71 -50.41
N MET A 132 15.08 13.71 -49.57
CA MET A 132 15.01 15.11 -50.01
C MET A 132 16.30 15.52 -50.69
N LEU A 133 17.35 14.72 -50.50
CA LEU A 133 18.63 14.97 -51.16
C LEU A 133 18.67 14.29 -52.52
N HIS A 134 18.11 13.09 -52.60
CA HIS A 134 18.05 12.36 -53.86
C HIS A 134 17.10 13.04 -54.85
N ASP A 135 17.40 12.87 -56.13
CA ASP A 135 16.57 13.40 -57.21
C ASP A 135 16.39 14.92 -57.11
N ASN A 136 17.40 15.58 -56.54
CA ASN A 136 17.42 17.02 -56.42
C ASN A 136 18.86 17.52 -56.41
N LYS A 137 19.23 18.25 -57.45
CA LYS A 137 20.61 18.74 -57.57
C LYS A 137 20.83 19.95 -56.66
N LEU A 138 21.56 19.72 -55.58
CA LEU A 138 21.79 20.74 -54.57
C LEU A 138 23.29 20.90 -54.31
N SER A 139 23.71 22.12 -54.02
CA SER A 139 25.10 22.38 -53.70
C SER A 139 25.32 22.42 -52.20
N LYS A 140 24.23 22.67 -51.46
CA LYS A 140 24.32 22.80 -50.01
C LYS A 140 23.05 22.31 -49.30
N LEU A 141 23.26 21.59 -48.21
CA LEU A 141 22.17 21.24 -47.31
C LEU A 141 22.38 21.95 -45.97
N THR A 142 21.31 22.46 -45.39
CA THR A 142 21.40 23.13 -44.09
C THR A 142 20.33 22.57 -43.14
N VAL A 143 20.79 22.02 -42.02
CA VAL A 143 19.89 21.38 -41.07
C VAL A 143 19.80 22.15 -39.77
N VAL A 144 18.56 22.46 -39.37
CA VAL A 144 18.31 23.18 -38.12
C VAL A 144 17.71 22.26 -37.07
N PHE A 145 18.50 21.92 -36.05
CA PHE A 145 18.02 21.07 -34.96
C PHE A 145 17.12 21.85 -34.01
N GLU A 146 15.82 21.66 -34.14
CA GLU A 146 14.88 22.21 -33.17
C GLU A 146 14.38 21.08 -32.27
N ILE A 147 15.25 20.09 -32.09
CA ILE A 147 15.01 18.98 -31.18
C ILE A 147 16.24 18.82 -30.29
N ASN A 148 16.05 18.21 -29.12
CA ASN A 148 17.17 17.97 -28.22
C ASN A 148 17.81 16.61 -28.46
N VAL A 149 19.11 16.63 -28.76
CA VAL A 149 19.89 15.41 -28.93
C VAL A 149 21.22 15.55 -28.20
N ASP A 150 21.77 14.44 -27.70
CA ASP A 150 23.07 14.50 -27.05
C ASP A 150 24.18 14.34 -28.08
N LYS A 151 25.42 14.49 -27.63
CA LYS A 151 26.58 14.44 -28.52
C LYS A 151 26.65 13.13 -29.29
N ASN A 152 26.35 12.02 -28.63
CA ASN A 152 26.37 10.71 -29.26
C ASN A 152 25.30 10.57 -30.33
N LEU A 153 24.09 11.03 -30.01
CA LEU A 153 22.99 10.93 -30.96
C LEU A 153 23.15 11.96 -32.08
N PHE A 154 23.86 13.04 -31.78
CA PHE A 154 24.19 14.02 -32.82
C PHE A 154 25.18 13.40 -33.80
N ARG A 155 26.12 12.63 -33.28
CA ARG A 155 27.10 11.96 -34.11
C ARG A 155 26.45 10.84 -34.90
N PHE A 156 25.48 10.15 -34.29
CA PHE A 156 24.75 9.10 -34.98
C PHE A 156 24.00 9.67 -36.17
N PHE A 157 23.52 10.90 -36.01
CA PHE A 157 22.82 11.60 -37.09
C PHE A 157 23.72 11.78 -38.29
N LEU A 158 24.91 12.36 -38.06
CA LEU A 158 25.84 12.64 -39.15
C LEU A 158 26.35 11.38 -39.82
N GLU A 159 26.72 10.38 -39.04
CA GLU A 159 27.16 9.09 -39.55
C GLU A 159 26.11 8.47 -40.45
N THR A 160 24.90 8.37 -39.92
CA THR A 160 23.77 7.78 -40.65
C THR A 160 23.43 8.61 -41.88
N LEU A 161 23.48 9.93 -41.73
CA LEU A 161 23.26 10.82 -42.85
C LEU A 161 24.27 10.54 -43.96
N PHE A 162 25.55 10.55 -43.60
CA PHE A 162 26.62 10.29 -44.55
C PHE A 162 26.50 8.91 -45.18
N TYR A 163 26.14 7.92 -44.37
CA TYR A 163 26.08 6.54 -44.83
C TYR A 163 24.97 6.30 -45.86
N GLU A 164 23.77 6.75 -45.53
CA GLU A 164 22.62 6.55 -46.41
C GLU A 164 22.75 7.39 -47.68
N TYR A 165 23.30 8.59 -47.54
CA TYR A 165 23.49 9.51 -48.65
C TYR A 165 24.39 8.91 -49.73
N MET A 166 25.44 8.22 -49.28
CA MET A 166 26.43 7.64 -50.18
C MET A 166 25.86 6.47 -50.97
N THR A 167 26.19 6.41 -52.25
CA THR A 167 25.75 5.32 -53.12
C THR A 167 26.95 4.56 -53.68
N ASP A 168 26.92 3.24 -53.57
CA ASP A 168 28.03 2.40 -54.03
C ASP A 168 27.83 1.97 -55.48
N GLU A 169 28.68 2.48 -56.37
CA GLU A 169 28.54 2.20 -57.80
C GLU A 169 29.76 1.50 -58.38
N ARG A 170 30.54 0.84 -57.52
CA ARG A 170 31.77 0.18 -57.94
C ARG A 170 31.53 -0.93 -58.97
N PHE A 171 30.32 -1.49 -58.98
CA PHE A 171 30.01 -2.60 -59.86
C PHE A 171 28.99 -2.21 -60.92
N LYS A 172 28.69 -0.91 -60.98
CA LYS A 172 27.87 -0.38 -62.07
C LYS A 172 28.75 -0.14 -63.28
N SER A 173 28.20 -0.45 -64.47
CA SER A 173 28.94 -0.26 -65.71
C SER A 173 28.11 0.56 -66.70
N THR A 174 27.11 -0.09 -67.29
CA THR A 174 26.23 0.59 -68.23
C THR A 174 25.09 1.30 -67.52
N ASP A 175 24.93 1.02 -66.23
CA ASP A 175 23.78 1.51 -65.47
C ASP A 175 24.17 2.57 -64.45
N LYS A 176 25.23 3.33 -64.73
CA LYS A 176 25.64 4.41 -63.84
C LYS A 176 24.57 5.50 -63.82
N ASN A 177 24.14 5.88 -62.61
CA ASN A 177 23.17 6.95 -62.44
C ASN A 177 23.72 8.25 -63.00
N VAL A 178 23.07 8.76 -64.04
CA VAL A 178 23.54 9.97 -64.72
C VAL A 178 23.29 11.23 -63.89
N ASN A 179 22.40 11.12 -62.91
CA ASN A 179 22.02 12.28 -62.10
C ASN A 179 22.70 12.30 -60.73
N MET A 180 23.57 11.31 -60.48
CA MET A 180 24.28 11.23 -59.20
C MET A 180 25.17 12.46 -59.00
N GLU A 181 24.81 13.27 -58.01
CA GLU A 181 25.49 14.53 -57.76
C GLU A 181 25.31 14.94 -56.30
N TYR A 182 26.41 15.20 -55.61
CA TYR A 182 26.40 15.40 -54.16
C TYR A 182 26.53 16.86 -53.74
N ILE A 183 26.05 17.17 -52.54
CA ILE A 183 26.25 18.48 -51.94
C ILE A 183 27.73 18.69 -51.63
N LYS A 184 28.15 19.95 -51.61
CA LYS A 184 29.53 20.28 -51.30
C LYS A 184 29.63 20.95 -49.94
N HIS A 185 28.48 21.35 -49.40
CA HIS A 185 28.44 22.07 -48.14
C HIS A 185 27.30 21.60 -47.25
N LEU A 186 27.63 21.31 -45.99
CA LEU A 186 26.62 20.96 -45.00
C LEU A 186 26.66 21.93 -43.83
N GLY A 187 25.58 22.69 -43.67
CA GLY A 187 25.47 23.61 -42.56
C GLY A 187 24.59 23.04 -41.46
N VAL A 188 25.02 23.21 -40.22
CA VAL A 188 24.26 22.70 -39.08
C VAL A 188 24.02 23.78 -38.04
N TYR A 189 22.75 24.03 -37.74
CA TYR A 189 22.37 24.95 -36.68
C TYR A 189 21.86 24.15 -35.48
N ILE A 190 22.42 24.42 -34.30
CA ILE A 190 22.04 23.71 -33.09
C ILE A 190 22.41 24.51 -31.84
N ASN A 191 21.68 24.27 -30.75
CA ASN A 191 21.99 24.90 -29.47
C ASN A 191 23.29 24.38 -28.89
N ASN A 192 24.06 25.29 -28.25
CA ASN A 192 25.37 24.94 -27.68
C ASN A 192 26.28 24.29 -28.72
N ALA A 193 26.44 24.96 -29.85
CA ALA A 193 27.09 24.38 -31.03
C ALA A 193 28.55 23.99 -30.82
N ASP A 194 29.25 24.70 -29.93
CA ASP A 194 30.67 24.45 -29.74
C ASP A 194 30.95 23.16 -28.96
N THR A 195 29.92 22.63 -28.32
CA THR A 195 30.06 21.35 -27.63
C THR A 195 29.72 20.19 -28.56
N TYR A 196 29.32 20.52 -29.78
CA TYR A 196 28.87 19.52 -30.75
C TYR A 196 29.83 19.32 -31.91
N LYS A 197 30.62 20.34 -32.22
CA LYS A 197 31.46 20.31 -33.43
C LYS A 197 32.65 19.36 -33.30
N GLU A 198 32.93 18.91 -32.08
CA GLU A 198 33.97 17.91 -31.87
C GLU A 198 33.54 16.58 -32.44
N GLU A 199 32.22 16.39 -32.54
CA GLU A 199 31.63 15.15 -33.02
C GLU A 199 31.65 15.05 -34.55
N VAL A 200 31.92 16.16 -35.22
CA VAL A 200 31.81 16.22 -36.68
C VAL A 200 32.80 15.33 -37.41
N GLU A 201 34.09 15.50 -37.11
CA GLU A 201 35.11 14.71 -37.80
C GLU A 201 35.16 13.29 -37.25
N LYS A 202 34.73 13.11 -36.00
CA LYS A 202 34.59 11.77 -35.45
C LYS A 202 33.49 11.04 -36.22
N ALA A 203 32.48 11.79 -36.62
CA ALA A 203 31.38 11.25 -37.42
C ALA A 203 31.85 10.87 -38.81
N ARG A 204 32.70 11.71 -39.41
CA ARG A 204 33.20 11.45 -40.74
C ARG A 204 34.15 10.25 -40.74
N VAL A 205 34.85 10.06 -39.62
CA VAL A 205 35.74 8.91 -39.47
C VAL A 205 34.94 7.64 -39.25
N TYR A 206 33.99 7.70 -38.31
CA TYR A 206 33.11 6.57 -38.03
C TYR A 206 32.32 6.17 -39.27
N TYR A 207 31.90 7.17 -40.05
CA TYR A 207 31.18 6.93 -41.28
C TYR A 207 31.96 6.04 -42.23
N PHE A 208 33.21 6.41 -42.53
CA PHE A 208 33.96 5.68 -43.54
C PHE A 208 34.38 4.30 -43.04
N GLY A 209 34.65 4.17 -41.75
CA GLY A 209 34.95 2.88 -41.17
C GLY A 209 33.78 1.94 -41.43
N THR A 210 32.58 2.46 -41.26
CA THR A 210 31.36 1.72 -41.51
C THR A 210 31.19 1.45 -43.00
N TYR A 211 31.39 2.48 -43.82
CA TYR A 211 31.20 2.35 -45.26
C TYR A 211 32.28 1.47 -45.90
N TYR A 212 33.49 1.54 -45.36
CA TYR A 212 34.59 0.69 -45.83
C TYR A 212 34.24 -0.77 -45.62
N ALA A 213 33.76 -1.08 -44.41
CA ALA A 213 33.31 -2.44 -44.10
C ALA A 213 32.16 -2.84 -45.01
N SER A 214 31.26 -1.89 -45.27
CA SER A 214 30.13 -2.12 -46.17
C SER A 214 30.60 -2.47 -47.58
N GLN A 215 31.66 -1.82 -48.04
CA GLN A 215 32.22 -2.10 -49.35
C GLN A 215 32.78 -3.51 -49.43
N LEU A 216 33.49 -3.92 -48.39
CA LEU A 216 34.08 -5.26 -48.34
C LEU A 216 33.01 -6.33 -48.34
N ILE A 217 31.98 -6.15 -47.51
CA ILE A 217 30.89 -7.10 -47.41
C ILE A 217 30.10 -7.20 -48.72
N ALA A 218 29.71 -6.04 -49.26
CA ALA A 218 28.88 -5.99 -50.46
C ALA A 218 29.62 -6.55 -51.68
N ALA A 219 30.95 -6.52 -51.64
CA ALA A 219 31.74 -7.09 -52.72
C ALA A 219 31.50 -8.60 -52.84
N PRO A 220 31.20 -9.06 -54.06
CA PRO A 220 30.91 -10.47 -54.33
C PRO A 220 32.12 -11.36 -54.05
N SER A 221 31.90 -12.67 -53.98
CA SER A 221 32.94 -13.59 -53.55
C SER A 221 34.00 -13.85 -54.62
N ASN A 222 33.72 -13.49 -55.85
CA ASN A 222 34.73 -13.60 -56.91
C ASN A 222 35.67 -12.41 -56.87
N TYR A 223 35.18 -11.30 -56.31
CA TYR A 223 36.02 -10.12 -56.09
C TYR A 223 36.71 -10.22 -54.73
N CYS A 224 35.91 -10.36 -53.69
CA CYS A 224 36.44 -10.48 -52.33
C CYS A 224 36.67 -11.94 -51.96
N ASN A 225 37.92 -12.38 -52.12
CA ASN A 225 38.33 -13.74 -51.76
C ASN A 225 39.40 -13.66 -50.67
N PRO A 226 39.78 -14.80 -50.06
CA PRO A 226 40.80 -14.79 -49.01
C PRO A 226 42.09 -14.03 -49.36
N VAL A 227 42.56 -14.15 -50.60
CA VAL A 227 43.78 -13.46 -51.00
C VAL A 227 43.54 -11.97 -51.23
N SER A 228 42.46 -11.64 -51.94
CA SER A 228 42.16 -10.26 -52.27
C SER A 228 41.74 -9.46 -51.04
N LEU A 229 41.10 -10.13 -50.08
CA LEU A 229 40.69 -9.47 -48.84
C LEU A 229 41.89 -9.20 -47.95
N SER A 230 42.82 -10.15 -47.89
CA SER A 230 44.04 -9.96 -47.13
C SER A 230 44.93 -8.94 -47.81
N ASN A 231 44.85 -8.89 -49.14
CA ASN A 231 45.56 -7.87 -49.91
C ASN A 231 45.03 -6.47 -49.59
N ALA A 232 43.71 -6.37 -49.46
CA ALA A 232 43.06 -5.12 -49.10
C ALA A 232 43.46 -4.71 -47.68
N ALA A 233 43.63 -5.71 -46.82
CA ALA A 233 44.04 -5.47 -45.44
C ALA A 233 45.45 -4.89 -45.39
N VAL A 234 46.34 -5.45 -46.22
CA VAL A 234 47.71 -4.95 -46.33
C VAL A 234 47.72 -3.50 -46.81
N GLU A 235 46.91 -3.22 -47.83
CA GLU A 235 46.79 -1.88 -48.38
C GLU A 235 46.33 -0.88 -47.33
N LEU A 236 45.29 -1.25 -46.59
CA LEU A 236 44.76 -0.40 -45.54
C LEU A 236 45.79 -0.15 -44.44
N ALA A 237 46.47 -1.20 -44.02
CA ALA A 237 47.46 -1.11 -42.96
C ALA A 237 48.63 -0.21 -43.35
N GLN A 238 49.04 -0.30 -44.61
CA GLN A 238 50.10 0.56 -45.13
C GLN A 238 49.68 2.02 -45.11
N LYS A 239 48.44 2.28 -45.47
CA LYS A 239 47.91 3.63 -45.50
C LYS A 239 47.79 4.23 -44.10
N LEU A 240 47.63 3.36 -43.11
CA LEU A 240 47.44 3.80 -41.73
C LEU A 240 48.71 3.65 -40.91
N ASN A 241 49.76 3.13 -41.53
CA ASN A 241 51.03 2.84 -40.86
C ASN A 241 50.84 1.93 -39.66
N LEU A 242 49.94 0.96 -39.81
CA LEU A 242 49.80 -0.12 -38.83
C LEU A 242 50.81 -1.20 -39.14
N GLU A 243 51.22 -1.94 -38.12
CA GLU A 243 52.03 -3.13 -38.34
C GLU A 243 51.12 -4.24 -38.84
N TYR A 244 51.52 -4.94 -39.89
CA TYR A 244 50.70 -6.00 -40.43
C TYR A 244 51.46 -7.30 -40.62
N LYS A 245 50.72 -8.40 -40.61
CA LYS A 245 51.28 -9.72 -40.86
C LYS A 245 50.22 -10.61 -41.49
N ILE A 246 50.54 -11.17 -42.65
CA ILE A 246 49.65 -12.12 -43.31
C ILE A 246 50.26 -13.51 -43.28
N LEU A 247 49.66 -14.41 -42.49
CA LEU A 247 50.17 -15.76 -42.37
C LEU A 247 49.61 -16.66 -43.47
N GLY A 248 50.50 -17.30 -44.22
CA GLY A 248 50.10 -18.22 -45.26
C GLY A 248 50.00 -19.64 -44.75
N VAL A 249 49.67 -20.56 -45.65
CA VAL A 249 49.46 -21.96 -45.28
C VAL A 249 50.67 -22.56 -44.57
N LYS A 250 51.86 -22.27 -45.07
CA LYS A 250 53.11 -22.78 -44.51
C LYS A 250 53.23 -22.46 -43.03
N GLU A 251 52.94 -21.22 -42.66
CA GLU A 251 53.04 -20.77 -41.29
C GLU A 251 51.87 -21.27 -40.44
N LEU A 252 50.69 -21.34 -41.06
CA LEU A 252 49.50 -21.83 -40.38
C LEU A 252 49.64 -23.30 -40.02
N GLU A 253 50.27 -24.05 -40.92
CA GLU A 253 50.58 -25.46 -40.65
C GLU A 253 51.59 -25.57 -39.51
N GLU A 254 52.53 -24.63 -39.46
CA GLU A 254 53.54 -24.61 -38.43
C GLU A 254 52.92 -24.33 -37.06
N LEU A 255 51.87 -23.52 -37.06
CA LEU A 255 51.14 -23.23 -35.83
C LEU A 255 50.05 -24.27 -35.59
N LYS A 256 50.01 -25.26 -36.47
CA LYS A 256 49.16 -26.44 -36.32
C LYS A 256 47.68 -26.11 -36.18
N MET A 257 47.22 -25.10 -36.92
CA MET A 257 45.82 -24.71 -36.90
C MET A 257 44.98 -25.63 -37.77
N GLY A 258 44.73 -26.84 -37.30
CA GLY A 258 44.01 -27.84 -38.06
C GLY A 258 42.54 -27.52 -38.29
N ALA A 259 41.94 -26.78 -37.36
CA ALA A 259 40.53 -26.43 -37.49
C ALA A 259 40.34 -25.41 -38.62
N TYR A 260 41.09 -24.32 -38.54
CA TYR A 260 41.03 -23.26 -39.55
C TYR A 260 41.48 -23.75 -40.93
N LEU A 261 42.51 -24.58 -40.96
CA LEU A 261 43.03 -25.10 -42.22
C LEU A 261 42.06 -26.10 -42.88
N SER A 262 41.33 -26.85 -42.08
CA SER A 262 40.39 -27.84 -42.60
C SER A 262 39.27 -27.18 -43.40
N VAL A 263 38.76 -26.09 -42.86
CA VAL A 263 37.66 -25.35 -43.47
C VAL A 263 38.02 -24.88 -44.88
N GLY A 264 39.26 -24.43 -45.06
CA GLY A 264 39.69 -23.86 -46.32
C GLY A 264 40.22 -24.84 -47.34
N LYS A 265 40.35 -26.11 -46.94
CA LYS A 265 40.93 -27.15 -47.79
C LYS A 265 40.31 -27.22 -49.18
N GLY A 266 38.99 -27.11 -49.26
CA GLY A 266 38.28 -27.29 -50.51
C GLY A 266 38.21 -26.05 -51.39
N SER A 267 38.94 -25.01 -51.02
CA SER A 267 38.94 -23.76 -51.78
C SER A 267 40.14 -23.63 -52.70
N MET A 268 39.96 -22.91 -53.81
CA MET A 268 41.06 -22.63 -54.72
C MET A 268 41.92 -21.50 -54.19
N TYR A 269 41.39 -20.76 -53.22
CA TYR A 269 42.10 -19.66 -52.60
C TYR A 269 42.75 -20.10 -51.30
N PRO A 270 44.08 -19.96 -51.20
CA PRO A 270 44.82 -20.34 -50.00
C PRO A 270 44.38 -19.53 -48.77
N ASN A 271 44.41 -20.16 -47.60
CA ASN A 271 44.05 -19.47 -46.37
C ASN A 271 44.99 -18.32 -46.07
N LYS A 272 44.42 -17.19 -45.69
CA LYS A 272 45.20 -16.02 -45.31
C LYS A 272 44.77 -15.54 -43.92
N PHE A 273 45.71 -15.48 -42.99
CA PHE A 273 45.41 -15.05 -41.64
C PHE A 273 45.86 -13.60 -41.43
N ILE A 274 44.89 -12.71 -41.25
CA ILE A 274 45.18 -11.29 -41.09
C ILE A 274 45.53 -10.93 -39.66
N HIS A 275 46.68 -10.29 -39.49
CA HIS A 275 47.09 -9.78 -38.19
C HIS A 275 47.57 -8.34 -38.33
N LEU A 276 46.66 -7.40 -38.04
CA LEU A 276 47.02 -5.99 -37.98
C LEU A 276 47.26 -5.59 -36.54
N THR A 277 48.09 -4.56 -36.33
CA THR A 277 48.39 -4.12 -34.98
C THR A 277 48.55 -2.61 -34.89
N TYR A 278 47.86 -2.03 -33.91
CA TYR A 278 48.04 -0.63 -33.57
C TYR A 278 48.63 -0.52 -32.17
N LYS A 279 49.81 0.08 -32.07
CA LYS A 279 50.43 0.30 -30.77
C LYS A 279 50.64 1.79 -30.52
N SER A 280 50.21 2.26 -29.35
CA SER A 280 50.32 3.67 -28.99
C SER A 280 51.77 4.05 -28.72
N LYS A 281 52.09 5.32 -28.95
CA LYS A 281 53.44 5.82 -28.72
C LYS A 281 53.71 6.01 -27.24
N GLY A 282 52.66 5.95 -26.43
CA GLY A 282 52.78 6.06 -24.99
C GLY A 282 52.89 4.70 -24.34
N ASP A 283 53.09 4.68 -23.03
CA ASP A 283 53.17 3.43 -22.28
C ASP A 283 51.84 2.69 -22.35
N VAL A 284 51.85 1.54 -23.04
CA VAL A 284 50.63 0.76 -23.27
C VAL A 284 50.06 0.22 -21.96
N LYS A 285 48.79 0.50 -21.72
CA LYS A 285 48.14 0.17 -20.46
C LYS A 285 47.05 -0.89 -20.62
N LYS A 286 46.58 -1.08 -21.85
CA LYS A 286 45.56 -2.10 -22.13
C LYS A 286 45.77 -2.74 -23.49
N LYS A 287 45.80 -4.07 -23.51
CA LYS A 287 45.98 -4.81 -24.74
C LYS A 287 44.67 -5.50 -25.14
N ILE A 288 44.27 -5.31 -26.40
CA ILE A 288 42.99 -5.81 -26.87
C ILE A 288 43.14 -6.58 -28.18
N ALA A 289 42.44 -7.71 -28.28
CA ALA A 289 42.41 -8.49 -29.52
C ALA A 289 41.01 -8.51 -30.11
N LEU A 290 40.86 -7.93 -31.30
CA LEU A 290 39.61 -7.99 -32.02
C LEU A 290 39.66 -9.08 -33.07
N VAL A 291 38.71 -10.01 -33.00
CA VAL A 291 38.69 -11.15 -33.92
C VAL A 291 37.41 -11.15 -34.75
N GLY A 292 37.55 -11.25 -36.06
CA GLY A 292 36.41 -11.28 -36.95
C GLY A 292 36.36 -12.53 -37.80
N LYS A 293 35.16 -13.11 -37.91
CA LYS A 293 34.96 -14.25 -38.80
C LYS A 293 35.09 -13.78 -40.24
N GLY A 294 35.93 -14.46 -41.01
CA GLY A 294 36.20 -14.06 -42.37
C GLY A 294 36.02 -15.18 -43.39
N ILE A 295 34.81 -15.68 -43.51
CA ILE A 295 34.48 -16.63 -44.57
C ILE A 295 33.96 -15.86 -45.77
N THR A 296 34.79 -15.75 -46.80
CA THR A 296 34.45 -14.92 -47.97
C THR A 296 33.26 -15.48 -48.73
N PHE A 297 33.11 -16.81 -48.72
CA PHE A 297 31.87 -17.42 -49.20
C PHE A 297 31.57 -18.72 -48.46
N ASP A 298 30.34 -18.83 -48.00
CA ASP A 298 29.90 -20.04 -47.30
C ASP A 298 28.93 -20.84 -48.17
N SER A 299 29.47 -21.77 -48.96
CA SER A 299 28.63 -22.68 -49.72
C SER A 299 27.94 -23.65 -48.78
N GLY A 300 28.54 -23.84 -47.60
CA GLY A 300 28.03 -24.76 -46.61
C GLY A 300 28.86 -26.04 -46.60
N GLY A 301 29.74 -26.18 -47.58
CA GLY A 301 30.52 -27.39 -47.74
C GLY A 301 29.63 -28.53 -48.17
N TYR A 302 29.97 -29.74 -47.76
CA TYR A 302 29.17 -30.91 -48.13
C TYR A 302 27.81 -30.88 -47.45
N ASN A 303 27.71 -30.17 -46.33
CA ASN A 303 26.41 -29.77 -45.81
C ASN A 303 25.95 -28.54 -46.57
N LEU A 304 25.70 -28.73 -47.87
CA LEU A 304 25.40 -27.62 -48.78
C LEU A 304 24.14 -26.88 -48.37
N LYS A 305 24.20 -25.55 -48.40
CA LYS A 305 23.03 -24.73 -48.19
C LYS A 305 22.07 -24.92 -49.35
N ALA A 306 21.11 -25.83 -49.17
CA ALA A 306 20.19 -26.18 -50.24
C ALA A 306 18.75 -26.27 -49.75
N ALA A 307 18.56 -26.09 -48.45
CA ALA A 307 17.22 -26.08 -47.86
C ALA A 307 16.55 -24.75 -48.16
N PRO A 308 15.20 -24.73 -48.22
CA PRO A 308 14.45 -23.49 -48.47
C PRO A 308 14.77 -22.40 -47.44
N GLY A 309 15.27 -21.27 -47.91
CA GLY A 309 15.57 -20.14 -47.05
C GLY A 309 16.98 -20.19 -46.45
N SER A 310 17.85 -20.97 -47.07
CA SER A 310 19.22 -21.10 -46.59
C SER A 310 20.08 -19.90 -47.02
N MET A 311 19.53 -19.09 -47.93
CA MET A 311 20.14 -17.82 -48.33
C MET A 311 21.56 -17.96 -48.86
N ILE A 312 21.79 -18.94 -49.73
CA ILE A 312 23.13 -19.21 -50.22
C ILE A 312 23.66 -18.07 -51.12
N ASP A 313 22.74 -17.24 -51.62
CA ASP A 313 23.13 -16.14 -52.50
C ASP A 313 23.48 -14.87 -51.73
N LEU A 314 23.44 -14.97 -50.41
CA LEU A 314 23.81 -13.86 -49.53
C LEU A 314 25.20 -14.11 -48.96
N MET A 315 25.65 -15.35 -49.05
CA MET A 315 26.78 -15.87 -48.31
C MET A 315 28.13 -15.18 -48.55
N LYS A 316 28.13 -14.08 -49.31
CA LYS A 316 29.29 -13.21 -49.38
C LYS A 316 29.37 -12.34 -48.14
N PHE A 317 28.26 -12.26 -47.42
CA PHE A 317 28.17 -11.49 -46.17
C PHE A 317 28.94 -12.13 -45.01
N ASP A 318 29.36 -13.39 -45.20
CA ASP A 318 29.87 -14.21 -44.11
C ASP A 318 31.24 -13.76 -43.66
N MET A 319 31.68 -12.63 -44.18
CA MET A 319 32.95 -12.00 -43.81
C MET A 319 32.70 -10.73 -43.01
N SER A 320 31.43 -10.50 -42.66
CA SER A 320 30.99 -9.27 -42.01
C SER A 320 31.77 -8.94 -40.73
N GLY A 321 32.08 -9.97 -39.95
CA GLY A 321 32.85 -9.79 -38.74
C GLY A 321 34.22 -9.20 -39.04
N CYS A 322 34.90 -9.80 -40.01
CA CYS A 322 36.20 -9.33 -40.46
C CYS A 322 36.13 -7.88 -40.95
N ALA A 323 35.02 -7.52 -41.58
CA ALA A 323 34.82 -6.17 -42.06
C ALA A 323 34.70 -5.18 -40.90
N ALA A 324 33.94 -5.56 -39.89
CA ALA A 324 33.77 -4.75 -38.70
C ALA A 324 35.12 -4.51 -38.03
N VAL A 325 35.96 -5.53 -38.03
CA VAL A 325 37.29 -5.46 -37.43
C VAL A 325 38.24 -4.61 -38.27
N LEU A 326 38.19 -4.79 -39.60
CA LEU A 326 39.02 -4.00 -40.50
C LEU A 326 38.57 -2.55 -40.53
N GLY A 327 37.26 -2.34 -40.50
CA GLY A 327 36.70 -1.01 -40.46
C GLY A 327 37.07 -0.31 -39.17
N CYS A 328 37.13 -1.09 -38.09
CA CYS A 328 37.55 -0.58 -36.79
C CYS A 328 39.02 -0.18 -36.84
N ALA A 329 39.82 -0.97 -37.55
CA ALA A 329 41.23 -0.69 -37.69
C ALA A 329 41.46 0.68 -38.34
N TYR A 330 40.57 1.06 -39.24
CA TYR A 330 40.64 2.37 -39.86
C TYR A 330 40.41 3.48 -38.83
N CYS A 331 39.27 3.42 -38.15
CA CYS A 331 38.89 4.41 -37.16
C CYS A 331 39.96 4.56 -36.08
N VAL A 332 40.51 3.44 -35.64
CA VAL A 332 41.55 3.44 -34.61
C VAL A 332 42.84 4.06 -35.12
N GLY A 333 43.31 3.57 -36.27
CA GLY A 333 44.53 4.09 -36.87
C GLY A 333 44.43 5.56 -37.26
N THR A 334 43.20 6.03 -37.44
CA THR A 334 42.95 7.42 -37.80
C THR A 334 42.86 8.31 -36.56
N LEU A 335 42.00 7.92 -35.62
CA LEU A 335 41.78 8.72 -34.42
C LEU A 335 42.96 8.60 -33.46
N LYS A 336 43.68 7.49 -33.55
CA LYS A 336 44.89 7.24 -32.76
C LYS A 336 44.66 7.37 -31.25
N PRO A 337 44.01 6.36 -30.65
CA PRO A 337 43.85 6.30 -29.19
C PRO A 337 45.18 6.11 -28.48
N GLU A 338 45.25 6.48 -27.20
CA GLU A 338 46.50 6.43 -26.48
C GLU A 338 46.53 5.34 -25.40
N ASN A 339 47.73 4.89 -25.06
CA ASN A 339 47.95 3.88 -24.02
C ASN A 339 47.22 2.58 -24.30
N VAL A 340 47.18 2.16 -25.56
CA VAL A 340 46.46 0.95 -25.93
C VAL A 340 47.17 0.19 -27.05
N GLU A 341 47.01 -1.12 -27.05
CA GLU A 341 47.59 -1.97 -28.08
C GLU A 341 46.52 -2.90 -28.66
N ILE A 342 46.07 -2.60 -29.87
CA ILE A 342 44.99 -3.37 -30.48
C ILE A 342 45.50 -4.32 -31.54
N HIS A 343 45.09 -5.58 -31.45
CA HIS A 343 45.39 -6.57 -32.48
C HIS A 343 44.13 -6.87 -33.28
N PHE A 344 44.18 -6.60 -34.59
CA PHE A 344 43.04 -6.85 -35.46
C PHE A 344 43.24 -8.17 -36.19
N LEU A 345 42.45 -9.18 -35.82
CA LEU A 345 42.66 -10.54 -36.29
C LEU A 345 41.48 -11.08 -37.07
N SER A 346 41.79 -11.92 -38.06
CA SER A 346 40.76 -12.63 -38.82
C SER A 346 41.36 -13.80 -39.59
N ALA A 347 40.87 -15.00 -39.31
CA ALA A 347 41.28 -16.19 -40.03
C ALA A 347 40.43 -16.34 -41.28
N VAL A 348 40.94 -15.83 -42.41
CA VAL A 348 40.16 -15.76 -43.63
C VAL A 348 40.31 -17.01 -44.51
N CYS A 349 39.17 -17.53 -44.96
CA CYS A 349 39.16 -18.66 -45.89
C CYS A 349 37.81 -18.77 -46.60
N GLU A 350 37.65 -19.82 -47.39
CA GLU A 350 36.44 -20.02 -48.18
C GLU A 350 35.94 -21.45 -48.06
N ASN A 351 34.66 -21.61 -47.71
CA ASN A 351 34.07 -22.93 -47.49
C ASN A 351 33.36 -23.44 -48.73
N MET A 352 34.02 -24.32 -49.47
CA MET A 352 33.52 -24.79 -50.77
C MET A 352 33.35 -26.30 -50.83
N VAL A 353 32.71 -26.77 -51.90
CA VAL A 353 32.56 -28.20 -52.14
C VAL A 353 33.62 -28.64 -53.15
N SER A 354 34.37 -29.69 -52.80
CA SER A 354 35.47 -30.15 -53.63
C SER A 354 35.89 -31.56 -53.27
N LYS A 355 36.78 -32.14 -54.08
CA LYS A 355 37.42 -33.41 -53.74
C LYS A 355 38.33 -33.20 -52.55
N ASN A 356 38.79 -31.96 -52.39
CA ASN A 356 39.73 -31.62 -51.33
C ASN A 356 39.04 -31.07 -50.10
N SER A 357 37.73 -30.94 -50.16
CA SER A 357 36.96 -30.44 -49.03
C SER A 357 37.04 -31.39 -47.85
N TYR A 358 36.88 -30.86 -46.64
CA TYR A 358 36.78 -31.71 -45.46
C TYR A 358 35.36 -32.24 -45.37
N ARG A 359 35.19 -33.36 -44.69
CA ARG A 359 33.91 -34.08 -44.70
C ARG A 359 33.21 -34.05 -43.36
N PRO A 360 31.87 -34.20 -43.38
CA PRO A 360 31.14 -34.43 -42.14
C PRO A 360 31.60 -35.73 -41.48
N GLY A 361 32.01 -35.65 -40.22
CA GLY A 361 32.50 -36.81 -39.52
C GLY A 361 34.00 -36.73 -39.25
N ASP A 362 34.71 -35.99 -40.10
CA ASP A 362 36.14 -35.81 -39.94
C ASP A 362 36.51 -35.32 -38.54
N ILE A 363 37.49 -35.97 -37.93
CA ILE A 363 38.04 -35.48 -36.68
C ILE A 363 39.30 -34.69 -36.97
N ILE A 364 39.35 -33.46 -36.48
CA ILE A 364 40.46 -32.56 -36.74
C ILE A 364 41.02 -31.99 -35.44
N THR A 365 42.24 -31.47 -35.49
CA THR A 365 42.92 -31.01 -34.29
C THR A 365 43.21 -29.52 -34.32
N ALA A 366 42.70 -28.79 -33.34
CA ALA A 366 42.96 -27.36 -33.23
C ALA A 366 44.40 -27.10 -32.77
N SER A 367 44.81 -25.84 -32.81
CA SER A 367 46.19 -25.48 -32.49
C SER A 367 46.52 -25.61 -31.00
N ASN A 368 45.51 -25.87 -30.19
CA ASN A 368 45.72 -26.05 -28.75
C ASN A 368 45.67 -27.52 -28.35
N GLY A 369 45.61 -28.41 -29.34
CA GLY A 369 45.63 -29.83 -29.09
C GLY A 369 44.27 -30.48 -28.98
N LYS A 370 43.23 -29.67 -28.81
CA LYS A 370 41.86 -30.18 -28.72
C LYS A 370 41.43 -30.78 -30.05
N THR A 371 40.95 -32.03 -30.00
CA THR A 371 40.46 -32.71 -31.19
C THR A 371 38.97 -32.50 -31.34
N ILE A 372 38.52 -32.27 -32.57
CA ILE A 372 37.15 -31.88 -32.83
C ILE A 372 36.46 -32.79 -33.83
N GLU A 373 35.27 -33.27 -33.48
CA GLU A 373 34.47 -34.07 -34.41
C GLU A 373 33.52 -33.19 -35.20
N VAL A 374 33.71 -33.12 -36.51
CA VAL A 374 32.86 -32.32 -37.37
C VAL A 374 31.54 -33.02 -37.66
N GLY A 375 30.45 -32.45 -37.16
CA GLY A 375 29.12 -32.99 -37.40
C GLY A 375 28.41 -32.26 -38.53
N ASN A 376 28.87 -31.05 -38.82
CA ASN A 376 28.26 -30.22 -39.85
C ASN A 376 29.26 -29.20 -40.40
N THR A 377 29.57 -29.31 -41.69
CA THR A 377 30.57 -28.45 -42.32
C THR A 377 30.09 -27.01 -42.48
N ASP A 378 28.78 -26.78 -42.34
CA ASP A 378 28.23 -25.44 -42.46
C ASP A 378 28.37 -24.66 -41.16
N ALA A 379 28.84 -25.36 -40.12
CA ALA A 379 29.20 -24.70 -38.86
C ALA A 379 30.70 -24.45 -38.87
N GLU A 380 31.20 -23.89 -39.97
CA GLU A 380 32.63 -23.75 -40.20
C GLU A 380 33.20 -22.55 -39.45
N GLY A 381 32.36 -21.59 -39.13
CA GLY A 381 32.79 -20.37 -38.48
C GLY A 381 33.48 -20.60 -37.15
N ARG A 382 32.85 -21.41 -36.30
CA ARG A 382 33.40 -21.69 -34.98
C ARG A 382 34.71 -22.45 -35.07
N LEU A 383 34.90 -23.20 -36.16
CA LEU A 383 36.15 -23.90 -36.39
C LEU A 383 37.29 -22.91 -36.63
N THR A 384 37.05 -21.96 -37.52
CA THR A 384 38.04 -20.93 -37.83
C THR A 384 38.31 -20.05 -36.61
N LEU A 385 37.23 -19.68 -35.91
CA LEU A 385 37.35 -18.82 -34.74
C LEU A 385 38.17 -19.47 -33.64
N ALA A 386 38.01 -20.78 -33.48
CA ALA A 386 38.71 -21.53 -32.45
C ALA A 386 40.22 -21.34 -32.54
N ASP A 387 40.77 -21.55 -33.73
CA ASP A 387 42.19 -21.38 -33.97
C ASP A 387 42.61 -19.92 -33.84
N ALA A 388 41.71 -19.02 -34.25
CA ALA A 388 41.97 -17.59 -34.13
C ALA A 388 42.04 -17.17 -32.66
N LEU A 389 41.17 -17.76 -31.85
CA LEU A 389 41.11 -17.44 -30.43
C LEU A 389 42.34 -17.95 -29.66
N VAL A 390 42.84 -19.11 -30.05
CA VAL A 390 44.05 -19.66 -29.46
C VAL A 390 45.22 -18.73 -29.77
N TYR A 391 45.29 -18.30 -31.01
CA TYR A 391 46.29 -17.33 -31.47
C TYR A 391 46.21 -16.03 -30.67
N ALA A 392 44.98 -15.57 -30.44
CA ALA A 392 44.74 -14.30 -29.76
C ALA A 392 45.17 -14.34 -28.29
N GLU A 393 44.96 -15.47 -27.63
CA GLU A 393 45.34 -15.58 -26.22
C GLU A 393 46.85 -15.74 -26.09
N LYS A 394 47.48 -16.29 -27.13
CA LYS A 394 48.94 -16.41 -27.16
C LYS A 394 49.60 -15.04 -27.25
N LEU A 395 48.84 -14.05 -27.70
CA LEU A 395 49.34 -12.68 -27.78
C LEU A 395 49.50 -12.07 -26.39
N GLY A 396 48.81 -12.65 -25.41
CA GLY A 396 48.83 -12.13 -24.06
C GLY A 396 48.13 -10.78 -24.00
N VAL A 397 46.81 -10.80 -24.06
CA VAL A 397 46.02 -9.58 -24.04
C VAL A 397 45.07 -9.56 -22.86
N ASP A 398 44.52 -8.39 -22.56
CA ASP A 398 43.58 -8.22 -21.47
C ASP A 398 42.17 -8.62 -21.89
N TYR A 399 41.80 -8.29 -23.13
CA TYR A 399 40.48 -8.63 -23.66
C TYR A 399 40.56 -9.31 -25.01
N ILE A 400 39.70 -10.31 -25.20
CA ILE A 400 39.44 -10.84 -26.53
C ILE A 400 37.97 -10.63 -26.86
N VAL A 401 37.69 -9.96 -27.96
CA VAL A 401 36.32 -9.78 -28.42
C VAL A 401 36.19 -10.24 -29.86
N ASP A 402 35.33 -11.21 -30.11
CA ASP A 402 35.10 -11.68 -31.46
C ASP A 402 33.73 -11.24 -31.94
N ILE A 403 33.62 -10.97 -33.24
CA ILE A 403 32.37 -10.57 -33.85
C ILE A 403 32.14 -11.39 -35.12
N ALA A 404 30.96 -11.98 -35.25
CA ALA A 404 30.76 -12.97 -36.30
C ALA A 404 29.31 -13.17 -36.70
N THR A 405 29.10 -13.48 -37.98
CA THR A 405 27.81 -13.95 -38.48
C THR A 405 27.75 -15.46 -38.31
N LEU A 406 27.56 -15.91 -37.08
CA LEU A 406 27.80 -17.31 -36.74
C LEU A 406 26.58 -18.21 -36.88
N THR A 407 25.44 -17.77 -36.36
CA THR A 407 24.27 -18.65 -36.28
C THR A 407 23.00 -18.03 -36.81
N GLY A 408 22.34 -18.74 -37.73
CA GLY A 408 21.09 -18.28 -38.31
C GLY A 408 19.97 -18.19 -37.30
N ALA A 409 20.16 -18.83 -36.15
CA ALA A 409 19.16 -18.82 -35.08
C ALA A 409 18.96 -17.42 -34.51
N MET A 410 19.93 -16.54 -34.76
CA MET A 410 19.85 -15.16 -34.29
C MET A 410 18.64 -14.44 -34.89
N LEU A 411 18.22 -14.86 -36.07
CA LEU A 411 17.02 -14.31 -36.70
C LEU A 411 15.79 -14.63 -35.86
N TYR A 412 15.84 -15.73 -35.12
CA TYR A 412 14.69 -16.20 -34.35
C TYR A 412 14.72 -15.73 -32.90
N SER A 413 15.89 -15.25 -32.46
CA SER A 413 16.03 -14.78 -31.09
C SER A 413 15.90 -13.25 -31.00
N LEU A 414 16.87 -12.55 -31.57
CA LEU A 414 16.89 -11.09 -31.46
C LEU A 414 16.40 -10.39 -32.72
N GLY A 415 16.41 -11.10 -33.84
CA GLY A 415 15.92 -10.55 -35.09
C GLY A 415 16.99 -9.85 -35.90
N THR A 416 16.60 -8.75 -36.56
CA THR A 416 17.49 -8.07 -37.51
C THR A 416 18.01 -6.73 -37.01
N SER A 417 17.67 -6.37 -35.78
CA SER A 417 18.01 -5.04 -35.27
C SER A 417 19.01 -5.08 -34.12
N TYR A 418 18.81 -6.02 -33.20
CA TYR A 418 19.71 -6.18 -32.06
C TYR A 418 20.65 -7.35 -32.27
N ALA A 419 21.95 -7.11 -32.08
CA ALA A 419 22.92 -8.20 -32.13
C ALA A 419 23.03 -8.85 -30.76
N GLY A 420 23.55 -10.06 -30.71
CA GLY A 420 23.68 -10.78 -29.45
C GLY A 420 25.12 -10.88 -28.98
N VAL A 421 25.32 -10.66 -27.68
CA VAL A 421 26.66 -10.75 -27.11
C VAL A 421 26.74 -11.84 -26.04
N PHE A 422 27.77 -12.67 -26.15
CA PHE A 422 28.02 -13.73 -25.19
C PHE A 422 29.40 -13.49 -24.58
N GLY A 423 29.68 -14.12 -23.44
CA GLY A 423 30.98 -13.93 -22.81
C GLY A 423 31.22 -14.75 -21.56
N ASN A 424 32.46 -14.71 -21.08
CA ASN A 424 32.86 -15.42 -19.88
C ASN A 424 33.15 -14.46 -18.73
N ASN A 425 33.21 -13.17 -19.06
CA ASN A 425 33.52 -12.13 -18.08
C ASN A 425 32.44 -11.06 -18.08
N GLU A 426 31.86 -10.80 -16.91
CA GLU A 426 30.73 -9.89 -16.80
C GLU A 426 31.11 -8.42 -17.00
N GLU A 427 32.31 -8.05 -16.56
CA GLU A 427 32.76 -6.67 -16.71
C GLU A 427 33.08 -6.34 -18.16
N LEU A 428 33.56 -7.33 -18.90
CA LEU A 428 33.82 -7.15 -20.33
C LEU A 428 32.50 -7.01 -21.09
N ILE A 429 31.52 -7.83 -20.71
CA ILE A 429 30.20 -7.79 -21.32
C ILE A 429 29.54 -6.42 -21.10
N ASN A 430 29.65 -5.92 -19.87
CA ASN A 430 29.09 -4.61 -19.54
C ASN A 430 29.79 -3.48 -20.28
N LYS A 431 31.07 -3.67 -20.59
CA LYS A 431 31.82 -2.71 -21.39
C LYS A 431 31.32 -2.69 -22.83
N ILE A 432 30.99 -3.88 -23.34
CA ILE A 432 30.45 -3.99 -24.69
C ILE A 432 29.07 -3.36 -24.78
N LEU A 433 28.23 -3.64 -23.78
CA LEU A 433 26.89 -3.05 -23.71
C LEU A 433 26.99 -1.54 -23.58
N GLN A 434 28.02 -1.07 -22.89
CA GLN A 434 28.26 0.36 -22.74
C GLN A 434 28.62 1.00 -24.07
N SER A 435 29.43 0.30 -24.86
CA SER A 435 29.82 0.76 -26.19
C SER A 435 28.61 0.76 -27.11
N SER A 436 27.72 -0.20 -26.92
CA SER A 436 26.50 -0.32 -27.70
C SER A 436 25.63 0.93 -27.55
N LYS A 437 25.59 1.46 -26.33
CA LYS A 437 24.81 2.65 -26.04
C LYS A 437 25.40 3.89 -26.71
N THR A 438 26.72 4.03 -26.60
CA THR A 438 27.40 5.23 -27.09
C THR A 438 27.62 5.21 -28.60
N SER A 439 27.56 4.03 -29.20
CA SER A 439 27.72 3.90 -30.64
C SER A 439 26.38 3.80 -31.33
N ASN A 440 25.33 3.60 -30.52
CA ASN A 440 23.98 3.37 -31.02
C ASN A 440 23.92 2.18 -31.99
N GLU A 441 24.71 1.16 -31.68
CA GLU A 441 24.62 -0.12 -32.39
C GLU A 441 24.08 -1.16 -31.42
N PRO A 442 22.76 -1.41 -31.50
CA PRO A 442 21.98 -2.26 -30.58
C PRO A 442 22.59 -3.64 -30.33
N VAL A 443 22.84 -3.94 -29.05
CA VAL A 443 23.41 -5.21 -28.65
C VAL A 443 22.69 -5.72 -27.40
N TRP A 444 22.36 -7.01 -27.37
CA TRP A 444 21.68 -7.58 -26.22
C TRP A 444 22.42 -8.79 -25.66
N TRP A 445 22.50 -8.86 -24.33
CA TRP A 445 23.23 -9.92 -23.65
C TRP A 445 22.45 -11.23 -23.66
N LEU A 446 23.13 -12.31 -24.03
CA LEU A 446 22.52 -13.64 -24.04
C LEU A 446 23.37 -14.62 -23.24
N PRO A 447 22.74 -15.65 -22.66
CA PRO A 447 23.45 -16.53 -21.72
C PRO A 447 24.21 -17.68 -22.38
N ILE A 448 25.40 -17.96 -21.87
CA ILE A 448 26.10 -19.19 -22.19
C ILE A 448 25.63 -20.26 -21.19
N ILE A 449 24.61 -21.00 -21.57
CA ILE A 449 23.97 -21.95 -20.66
C ILE A 449 24.81 -23.23 -20.55
N ASN A 450 25.54 -23.34 -19.45
CA ASN A 450 26.49 -24.43 -19.25
C ASN A 450 25.86 -25.82 -19.20
N GLU A 451 24.55 -25.86 -19.00
CA GLU A 451 23.83 -27.13 -18.96
C GLU A 451 23.88 -27.82 -20.33
N TYR A 452 24.04 -27.03 -21.39
CA TYR A 452 24.06 -27.56 -22.75
C TYR A 452 25.43 -28.14 -23.13
N ARG A 453 26.45 -27.83 -22.32
CA ARG A 453 27.83 -28.22 -22.62
C ARG A 453 27.98 -29.72 -22.87
N ALA A 454 27.25 -30.52 -22.09
CA ALA A 454 27.36 -31.98 -22.18
C ALA A 454 26.98 -32.52 -23.55
N THR A 455 26.21 -31.76 -24.32
CA THR A 455 25.80 -32.18 -25.65
C THR A 455 26.93 -32.04 -26.65
N LEU A 456 28.03 -31.42 -26.23
CA LEU A 456 29.21 -31.31 -27.06
C LEU A 456 30.24 -32.38 -26.70
N ASN A 457 29.81 -33.33 -25.86
CA ASN A 457 30.68 -34.44 -25.48
C ASN A 457 30.73 -35.51 -26.57
N SER A 458 31.82 -35.51 -27.33
CA SER A 458 32.00 -36.48 -28.40
C SER A 458 32.36 -37.86 -27.85
N LYS A 459 31.97 -38.90 -28.58
CA LYS A 459 32.29 -40.27 -28.21
C LYS A 459 33.75 -40.59 -28.53
N TYR A 460 34.30 -39.91 -29.53
CA TYR A 460 35.64 -40.22 -30.02
C TYR A 460 36.60 -39.04 -29.92
N ALA A 461 36.14 -37.85 -30.29
CA ALA A 461 36.98 -36.67 -30.21
C ALA A 461 36.94 -36.08 -28.81
N ASP A 462 37.68 -34.99 -28.60
CA ASP A 462 37.63 -34.27 -27.34
C ASP A 462 36.33 -33.48 -27.22
N ILE A 463 35.85 -32.98 -28.35
CA ILE A 463 34.66 -32.14 -28.38
C ILE A 463 33.93 -32.30 -29.73
N ASN A 464 32.69 -31.84 -29.80
CA ASN A 464 31.76 -32.26 -30.87
C ASN A 464 31.37 -31.24 -31.94
N GLN A 465 31.91 -30.02 -31.86
CA GLN A 465 31.55 -28.94 -32.78
C GLN A 465 30.08 -28.51 -32.69
N ILE A 466 29.17 -29.44 -32.99
CA ILE A 466 27.74 -29.13 -32.92
C ILE A 466 26.99 -30.09 -31.98
N SER A 467 25.82 -29.66 -31.54
CA SER A 467 25.01 -30.43 -30.60
C SER A 467 24.41 -31.68 -31.25
N SER A 469 20.82 -32.48 -31.04
CA SER A 469 20.07 -32.39 -29.80
C SER A 469 19.53 -30.97 -29.57
N VAL A 470 20.29 -30.18 -28.82
CA VAL A 470 19.88 -28.82 -28.48
C VAL A 470 19.79 -27.92 -29.72
N LYS A 471 18.61 -27.33 -29.91
CA LYS A 471 18.36 -26.50 -31.08
C LYS A 471 18.80 -25.05 -30.87
N ALA A 472 19.24 -24.73 -29.66
CA ALA A 472 19.70 -23.39 -29.33
C ALA A 472 21.12 -23.15 -29.87
N SER A 473 21.23 -23.04 -31.18
CA SER A 473 22.52 -23.02 -31.88
C SER A 473 23.48 -21.93 -31.40
N SER A 474 22.97 -20.72 -31.23
CA SER A 474 23.81 -19.58 -30.85
C SER A 474 24.50 -19.81 -29.51
N ILE A 475 23.78 -20.40 -28.56
CA ILE A 475 24.33 -20.68 -27.24
C ILE A 475 25.31 -21.85 -27.30
N VAL A 476 24.95 -22.88 -28.06
CA VAL A 476 25.82 -24.05 -28.24
C VAL A 476 27.15 -23.64 -28.84
N ALA A 477 27.10 -22.80 -29.87
CA ALA A 477 28.31 -22.31 -30.52
C ALA A 477 29.17 -21.50 -29.55
N SER A 478 28.51 -20.74 -28.69
CA SER A 478 29.22 -19.97 -27.67
C SER A 478 29.95 -20.89 -26.71
N LEU A 479 29.29 -21.99 -26.35
CA LEU A 479 29.91 -23.00 -25.47
C LEU A 479 31.13 -23.63 -26.13
N PHE A 480 31.07 -23.78 -27.45
CA PHE A 480 32.19 -24.35 -28.20
C PHE A 480 33.39 -23.42 -28.20
N LEU A 481 33.14 -22.14 -28.52
CA LEU A 481 34.20 -21.13 -28.57
C LEU A 481 34.89 -20.96 -27.23
N LYS A 482 34.10 -21.05 -26.16
CA LYS A 482 34.59 -20.88 -24.80
C LYS A 482 35.71 -21.85 -24.45
N GLU A 483 35.67 -23.03 -25.08
CA GLU A 483 36.65 -24.07 -24.84
C GLU A 483 38.04 -23.72 -25.37
N PHE A 484 38.14 -22.63 -26.12
CA PHE A 484 39.41 -22.28 -26.76
C PHE A 484 39.96 -20.96 -26.22
N VAL A 485 39.32 -20.45 -25.17
CA VAL A 485 39.87 -19.36 -24.37
C VAL A 485 40.05 -19.85 -22.94
N GLN A 486 41.29 -20.03 -22.51
CA GLN A 486 41.55 -20.66 -21.22
C GLN A 486 41.50 -19.70 -20.03
N ASN A 487 42.08 -18.52 -20.19
CA ASN A 487 42.26 -17.63 -19.04
C ASN A 487 42.23 -16.13 -19.36
N THR A 488 41.44 -15.73 -20.34
CA THR A 488 41.35 -14.33 -20.72
C THR A 488 39.89 -13.87 -20.78
N ALA A 489 39.64 -12.62 -20.41
CA ALA A 489 38.33 -12.02 -20.57
C ALA A 489 37.93 -12.09 -22.05
N TRP A 490 36.76 -12.67 -22.31
CA TRP A 490 36.35 -12.96 -23.68
C TRP A 490 34.87 -12.66 -23.92
N ALA A 491 34.58 -12.09 -25.08
CA ALA A 491 33.21 -11.80 -25.48
C ALA A 491 33.00 -12.18 -26.94
N HIS A 492 31.75 -12.51 -27.27
CA HIS A 492 31.41 -13.01 -28.61
C HIS A 492 30.14 -12.34 -29.12
N ILE A 493 30.29 -11.46 -30.11
CA ILE A 493 29.15 -10.74 -30.67
C ILE A 493 28.64 -11.43 -31.94
N ASP A 494 27.49 -12.07 -31.84
CA ASP A 494 26.90 -12.77 -32.97
C ASP A 494 26.05 -11.80 -33.80
N ILE A 495 26.50 -11.52 -35.02
CA ILE A 495 25.84 -10.53 -35.87
C ILE A 495 25.19 -11.15 -37.12
N ALA A 496 24.84 -12.43 -37.02
CA ALA A 496 24.27 -13.14 -38.16
C ALA A 496 22.91 -12.59 -38.57
N GLY A 497 22.23 -11.91 -37.64
CA GLY A 497 20.90 -11.42 -37.89
C GLY A 497 20.82 -9.95 -38.29
N VAL A 498 21.80 -9.16 -37.86
CA VAL A 498 21.75 -7.72 -38.06
C VAL A 498 22.65 -7.22 -39.19
N SER A 499 23.56 -8.07 -39.65
CA SER A 499 24.57 -7.64 -40.60
C SER A 499 24.02 -7.11 -41.92
N TRP A 500 22.94 -7.72 -42.41
CA TRP A 500 22.40 -7.37 -43.72
C TRP A 500 21.06 -6.63 -43.63
N ASN A 501 20.97 -5.52 -44.36
CA ASN A 501 19.74 -4.73 -44.45
C ASN A 501 18.91 -5.19 -45.63
N PHE A 502 17.87 -5.99 -45.36
CA PHE A 502 17.06 -6.58 -46.41
C PHE A 502 16.12 -5.57 -47.09
N LYS A 503 15.78 -4.51 -46.38
CA LYS A 503 14.98 -3.44 -46.96
C LYS A 503 15.76 -2.71 -48.05
N ALA A 504 16.94 -2.22 -47.68
CA ALA A 504 17.77 -1.45 -48.60
C ALA A 504 18.65 -2.34 -49.48
N ARG A 505 18.65 -3.64 -49.18
CA ARG A 505 19.43 -4.63 -49.93
C ARG A 505 20.92 -4.31 -49.91
N LYS A 506 21.44 -3.90 -48.75
CA LYS A 506 22.84 -3.55 -48.61
C LYS A 506 23.35 -3.95 -47.22
N PRO A 507 24.68 -3.97 -47.03
CA PRO A 507 25.18 -4.24 -45.68
C PRO A 507 25.02 -3.03 -44.76
N LYS A 508 25.00 -3.26 -43.46
CA LYS A 508 24.92 -2.16 -42.51
C LYS A 508 26.31 -1.73 -42.07
N GLY A 509 27.29 -2.61 -42.26
CA GLY A 509 28.63 -2.38 -41.75
C GLY A 509 28.59 -2.40 -40.23
N PHE A 510 27.73 -3.26 -39.69
CA PHE A 510 27.48 -3.33 -38.26
C PHE A 510 28.72 -3.77 -37.49
N GLY A 511 28.97 -3.10 -36.36
CA GLY A 511 30.04 -3.51 -35.46
C GLY A 511 31.23 -2.58 -35.41
N VAL A 512 31.46 -1.84 -36.51
CA VAL A 512 32.61 -0.95 -36.60
C VAL A 512 32.60 0.11 -35.50
N ARG A 513 31.51 0.85 -35.42
CA ARG A 513 31.37 1.90 -34.42
C ARG A 513 31.31 1.32 -33.01
N LEU A 514 30.71 0.15 -32.88
CA LEU A 514 30.62 -0.55 -31.61
C LEU A 514 32.01 -0.92 -31.08
N LEU A 515 32.82 -1.53 -31.93
CA LEU A 515 34.17 -1.95 -31.55
C LEU A 515 35.06 -0.75 -31.25
N THR A 516 34.93 0.30 -32.06
CA THR A 516 35.77 1.48 -31.90
C THR A 516 35.45 2.21 -30.59
N GLU A 517 34.15 2.36 -30.30
CA GLU A 517 33.74 2.96 -29.04
C GLU A 517 34.27 2.17 -27.86
N PHE A 518 34.28 0.84 -27.99
CA PHE A 518 34.85 -0.02 -26.96
C PHE A 518 36.34 0.24 -26.78
N VAL A 519 37.06 0.29 -27.89
CA VAL A 519 38.50 0.54 -27.87
C VAL A 519 38.81 1.93 -27.31
N LEU A 520 38.05 2.93 -27.76
CA LEU A 520 38.30 4.31 -27.36
C LEU A 520 37.96 4.59 -25.89
N ASN A 521 36.75 4.21 -25.47
CA ASN A 521 36.20 4.65 -24.17
C ASN A 521 36.70 3.88 -22.95
N ASP A 522 37.93 3.39 -23.02
CA ASP A 522 38.59 2.78 -21.87
C ASP A 522 39.94 3.44 -21.60
N SER B 5 50.34 -46.35 -52.23
CA SER B 5 50.71 -46.62 -50.85
C SER B 5 50.90 -45.33 -50.06
N GLU B 6 51.44 -44.31 -50.72
CA GLU B 6 51.53 -42.99 -50.11
C GLU B 6 50.17 -42.30 -50.22
N VAL B 7 49.67 -41.77 -49.11
CA VAL B 7 48.39 -41.10 -49.13
C VAL B 7 48.59 -39.63 -49.46
N PRO B 8 47.76 -39.10 -50.38
CA PRO B 8 47.78 -37.69 -50.75
C PRO B 8 47.25 -36.80 -49.62
N GLN B 9 47.85 -35.64 -49.45
CA GLN B 9 47.40 -34.67 -48.47
C GLN B 9 47.01 -33.37 -49.17
N VAL B 10 46.15 -32.58 -48.53
CA VAL B 10 45.86 -31.24 -49.01
C VAL B 10 46.69 -30.26 -48.20
N VAL B 11 46.72 -30.48 -46.89
CA VAL B 11 47.61 -29.75 -45.99
C VAL B 11 48.50 -30.76 -45.27
N SER B 12 49.53 -30.28 -44.60
CA SER B 12 50.48 -31.16 -43.93
C SER B 12 49.89 -31.77 -42.66
N LEU B 13 48.82 -31.17 -42.16
CA LEU B 13 48.18 -31.65 -40.95
C LEU B 13 47.17 -32.76 -41.24
N ASP B 14 46.95 -33.04 -42.52
CA ASP B 14 46.11 -34.17 -42.92
C ASP B 14 46.79 -35.48 -42.57
N PRO B 15 46.09 -36.35 -41.82
CA PRO B 15 46.64 -37.64 -41.41
C PRO B 15 46.94 -38.55 -42.61
N THR B 16 47.92 -39.45 -42.44
CA THR B 16 48.35 -40.30 -43.55
C THR B 16 48.31 -41.79 -43.19
N SER B 17 47.55 -42.14 -42.16
CA SER B 17 47.29 -43.53 -41.82
C SER B 17 46.22 -43.62 -40.73
N ILE B 18 45.62 -44.80 -40.62
CA ILE B 18 44.64 -45.06 -39.58
C ILE B 18 45.31 -45.56 -38.32
N PRO B 19 45.08 -44.89 -37.18
CA PRO B 19 45.57 -45.42 -35.91
C PRO B 19 44.85 -46.74 -35.59
N ILE B 20 45.61 -47.79 -35.35
CA ILE B 20 45.03 -49.08 -35.02
C ILE B 20 45.66 -49.68 -33.77
N GLU B 21 44.84 -49.85 -32.73
CA GLU B 21 45.30 -50.47 -31.50
C GLU B 21 45.15 -51.99 -31.60
N TYR B 22 46.28 -52.68 -31.62
CA TYR B 22 46.26 -54.14 -31.76
C TYR B 22 46.24 -54.85 -30.41
N ASN B 23 47.20 -54.53 -29.55
CA ASN B 23 47.20 -55.07 -28.20
C ASN B 23 46.32 -54.23 -27.29
N THR B 24 45.07 -54.68 -27.12
CA THR B 24 44.11 -53.99 -26.28
C THR B 24 44.29 -54.42 -24.83
N PRO B 25 43.83 -53.59 -23.88
CA PRO B 25 43.82 -53.97 -22.46
C PRO B 25 43.10 -55.29 -22.23
N ILE B 26 42.17 -55.62 -23.10
CA ILE B 26 41.43 -56.88 -23.04
C ILE B 26 42.37 -58.08 -23.18
N HIS B 27 43.40 -57.93 -24.00
CA HIS B 27 44.34 -59.01 -24.25
C HIS B 27 45.23 -59.30 -23.03
N ASP B 28 45.42 -58.30 -22.18
CA ASP B 28 46.27 -58.46 -21.00
C ASP B 28 45.49 -59.03 -19.82
N ILE B 29 44.26 -59.48 -20.10
CA ILE B 29 43.43 -60.08 -19.06
C ILE B 29 43.62 -61.59 -19.01
N LYS B 30 44.18 -62.08 -17.91
CA LYS B 30 44.32 -63.52 -17.72
C LYS B 30 42.97 -64.12 -17.34
N VAL B 31 42.49 -65.05 -18.16
CA VAL B 31 41.17 -65.63 -17.95
C VAL B 31 41.27 -67.08 -17.46
N GLN B 32 40.50 -67.40 -16.42
CA GLN B 32 40.49 -68.75 -15.86
C GLN B 32 39.07 -69.28 -15.72
N VAL B 33 38.86 -70.49 -16.21
CA VAL B 33 37.58 -71.17 -16.06
C VAL B 33 37.68 -72.30 -15.05
N TYR B 34 36.92 -72.19 -13.96
CA TYR B 34 36.87 -73.25 -12.95
C TYR B 34 35.52 -73.93 -12.99
N ASP B 35 35.43 -75.10 -12.37
CA ASP B 35 34.16 -75.80 -12.29
C ASP B 35 33.39 -75.36 -11.05
N ILE B 36 32.10 -75.08 -11.23
CA ILE B 36 31.26 -74.58 -10.15
C ILE B 36 31.14 -75.63 -9.06
N LYS B 37 31.25 -76.90 -9.43
CA LYS B 37 31.34 -77.98 -8.46
C LYS B 37 32.75 -77.96 -7.89
N GLY B 38 32.85 -77.67 -6.60
CA GLY B 38 34.13 -77.43 -5.97
C GLY B 38 34.10 -76.08 -5.27
N GLY B 39 33.01 -75.35 -5.46
CA GLY B 39 32.81 -74.06 -4.81
C GLY B 39 33.63 -72.94 -5.40
N CYS B 40 33.19 -71.70 -5.15
CA CYS B 40 33.87 -70.49 -5.62
C CYS B 40 34.72 -69.93 -4.48
N ASN B 41 35.91 -69.41 -4.72
CA ASN B 41 36.53 -68.76 -3.56
C ASN B 41 36.46 -67.30 -3.88
N VAL B 42 35.94 -66.57 -2.90
CA VAL B 42 35.71 -65.15 -2.96
C VAL B 42 36.77 -64.45 -2.13
N GLU B 43 37.89 -64.09 -2.76
CA GLU B 43 39.03 -63.62 -2.00
C GLU B 43 39.52 -62.23 -2.43
N GLU B 44 39.12 -61.79 -3.61
CA GLU B 44 39.70 -60.59 -4.19
C GLU B 44 38.85 -59.96 -5.30
N GLY B 45 38.95 -58.64 -5.43
CA GLY B 45 38.32 -57.92 -6.51
C GLY B 45 36.81 -57.82 -6.37
N LEU B 46 36.11 -58.21 -7.44
CA LEU B 46 34.65 -58.21 -7.43
C LEU B 46 34.11 -59.54 -7.95
N THR B 47 33.19 -60.12 -7.19
CA THR B 47 32.59 -61.40 -7.58
C THR B 47 31.09 -61.25 -7.83
N ILE B 48 30.66 -61.55 -9.05
CA ILE B 48 29.28 -61.37 -9.43
C ILE B 48 28.58 -62.69 -9.76
N PHE B 49 27.42 -62.91 -9.15
CA PHE B 49 26.61 -64.08 -9.43
C PHE B 49 25.54 -63.78 -10.47
N LEU B 50 25.52 -64.57 -11.54
CA LEU B 50 24.46 -64.45 -12.54
C LEU B 50 23.28 -65.34 -12.15
N VAL B 51 22.35 -64.78 -11.38
CA VAL B 51 21.23 -65.56 -10.88
C VAL B 51 19.92 -65.26 -11.62
N ASN B 52 19.05 -66.25 -11.65
CA ASN B 52 17.72 -66.10 -12.20
C ASN B 52 16.69 -66.76 -11.28
N ASN B 53 15.43 -66.76 -11.70
CA ASN B 53 14.41 -67.50 -10.99
C ASN B 53 13.31 -67.95 -11.95
N PRO B 54 13.48 -69.16 -12.52
CA PRO B 54 12.57 -69.73 -13.51
C PRO B 54 11.10 -69.70 -13.09
N GLY B 55 10.30 -68.92 -13.82
CA GLY B 55 8.88 -68.85 -13.55
C GLY B 55 8.44 -67.57 -12.87
N LYS B 56 8.88 -67.37 -11.63
CA LYS B 56 8.52 -66.19 -10.86
C LYS B 56 9.05 -64.92 -11.54
N GLU B 57 8.14 -64.02 -11.89
CA GLU B 57 8.45 -62.80 -12.63
C GLU B 57 9.65 -62.06 -12.05
N ASN B 58 9.45 -61.41 -10.91
CA ASN B 58 10.55 -60.80 -10.18
C ASN B 58 10.82 -61.57 -8.90
N GLY B 59 11.05 -62.87 -9.05
CA GLY B 59 11.30 -63.76 -7.92
C GLY B 59 12.58 -63.44 -7.19
N PRO B 60 12.69 -63.87 -5.92
CA PRO B 60 13.85 -63.60 -5.07
C PRO B 60 15.13 -64.21 -5.61
N VAL B 61 16.27 -63.67 -5.22
CA VAL B 61 17.56 -64.22 -5.65
C VAL B 61 18.00 -65.34 -4.71
N LYS B 62 18.28 -66.50 -5.28
CA LYS B 62 18.75 -67.64 -4.49
C LYS B 62 20.11 -68.10 -5.00
N ILE B 63 21.13 -67.90 -4.17
CA ILE B 63 22.49 -68.29 -4.55
C ILE B 63 22.68 -69.77 -4.24
N SER B 64 22.73 -70.57 -5.30
CA SER B 64 22.75 -72.02 -5.18
C SER B 64 24.15 -72.61 -5.05
N SER B 65 25.15 -71.84 -5.47
CA SER B 65 26.53 -72.32 -5.53
C SER B 65 27.15 -72.48 -4.16
N LYS B 66 28.11 -73.40 -4.06
CA LYS B 66 28.89 -73.56 -2.84
C LYS B 66 29.93 -72.45 -2.76
N VAL B 67 30.05 -71.82 -1.59
CA VAL B 67 31.01 -70.75 -1.40
C VAL B 67 32.02 -71.13 -0.33
N ASN B 68 33.26 -71.36 -0.75
CA ASN B 68 34.32 -71.83 0.15
C ASN B 68 34.75 -70.81 1.19
N ASP B 69 33.78 -70.11 1.76
CA ASP B 69 34.05 -69.14 2.82
C ASP B 69 32.82 -69.02 3.72
N LYS B 70 33.03 -69.27 5.02
CA LYS B 70 31.93 -69.28 5.99
C LYS B 70 31.17 -67.97 6.02
N GLN B 71 31.89 -66.86 6.06
CA GLN B 71 31.27 -65.54 6.12
C GLN B 71 30.46 -65.23 4.87
N VAL B 72 31.11 -65.35 3.71
CA VAL B 72 30.47 -65.08 2.43
C VAL B 72 29.25 -65.96 2.22
N SER B 73 29.36 -67.22 2.63
CA SER B 73 28.23 -68.16 2.57
C SER B 73 27.10 -67.72 3.48
N GLU B 74 27.45 -67.24 4.68
CA GLU B 74 26.44 -66.81 5.63
C GLU B 74 25.82 -65.49 5.19
N PHE B 75 26.62 -64.64 4.57
CA PHE B 75 26.12 -63.39 4.02
C PHE B 75 25.12 -63.69 2.90
N LEU B 76 25.46 -64.67 2.07
CA LEU B 76 24.65 -65.01 0.90
C LEU B 76 23.47 -65.91 1.22
N LYS B 77 23.13 -66.03 2.51
CA LYS B 77 22.02 -66.88 2.94
C LYS B 77 20.71 -66.48 2.27
N ASP B 78 19.81 -67.45 2.12
CA ASP B 78 18.53 -67.22 1.46
C ASP B 78 17.73 -66.12 2.14
N GLU B 79 17.85 -66.04 3.47
CA GLU B 79 17.15 -65.02 4.24
C GLU B 79 17.64 -63.62 3.87
N ASN B 80 18.95 -63.46 3.76
CA ASN B 80 19.54 -62.17 3.45
C ASN B 80 19.33 -61.76 2.00
N MET B 81 19.09 -62.74 1.14
CA MET B 81 18.93 -62.48 -0.29
C MET B 81 17.46 -62.39 -0.69
N GLU B 82 16.57 -62.49 0.29
CA GLU B 82 15.14 -62.45 0.02
C GLU B 82 14.69 -61.06 -0.45
N LYS B 83 15.44 -60.03 -0.07
CA LYS B 83 15.06 -58.67 -0.38
C LYS B 83 15.42 -58.24 -1.80
N PHE B 84 16.25 -59.04 -2.47
CA PHE B 84 16.63 -58.74 -3.85
C PHE B 84 15.94 -59.70 -4.83
N ASN B 85 15.71 -59.24 -6.04
CA ASN B 85 15.07 -60.07 -7.06
C ASN B 85 15.88 -60.15 -8.35
N VAL B 86 15.37 -60.91 -9.33
CA VAL B 86 16.14 -61.27 -10.50
C VAL B 86 15.74 -60.56 -11.80
N LYS B 87 15.15 -59.38 -11.70
CA LYS B 87 14.71 -58.64 -12.89
C LYS B 87 15.88 -58.44 -13.85
N LEU B 88 15.64 -58.72 -15.13
CA LEU B 88 16.71 -58.71 -16.13
C LEU B 88 17.39 -57.36 -16.27
N GLY B 89 18.63 -57.28 -15.80
CA GLY B 89 19.41 -56.07 -15.87
C GLY B 89 19.77 -55.54 -14.50
N THR B 90 19.02 -55.97 -13.49
CA THR B 90 19.22 -55.51 -12.11
C THR B 90 20.55 -55.99 -11.54
N SER B 91 21.25 -55.09 -10.85
CA SER B 91 22.49 -55.45 -10.18
C SER B 91 22.55 -54.81 -8.80
N LYS B 92 23.24 -55.47 -7.87
CA LYS B 92 23.45 -54.93 -6.53
C LYS B 92 24.90 -55.15 -6.09
N HIS B 93 25.35 -54.38 -5.11
CA HIS B 93 26.72 -54.48 -4.62
C HIS B 93 26.77 -54.85 -3.14
N PHE B 94 27.75 -55.67 -2.78
CA PHE B 94 27.91 -56.15 -1.41
C PHE B 94 29.32 -55.88 -0.87
N TYR B 95 29.39 -55.62 0.43
CA TYR B 95 30.67 -55.45 1.12
C TYR B 95 30.68 -56.29 2.39
N MET B 96 31.79 -56.99 2.62
CA MET B 96 31.90 -57.88 3.78
C MET B 96 33.34 -58.31 4.02
N PHE B 97 33.57 -58.98 5.15
CA PHE B 97 34.85 -59.60 5.45
C PHE B 97 34.71 -61.11 5.42
N ASN B 98 35.74 -61.79 4.94
CA ASN B 98 35.71 -63.24 4.85
C ASN B 98 36.38 -63.92 6.04
N ASP B 99 36.78 -65.17 5.86
CA ASP B 99 37.41 -65.93 6.94
C ASP B 99 38.81 -65.43 7.24
N ASN B 100 39.49 -64.91 6.21
CA ASN B 100 40.81 -64.32 6.37
C ASN B 100 40.75 -62.91 6.94
N LYS B 101 39.53 -62.45 7.20
CA LYS B 101 39.26 -61.12 7.74
C LYS B 101 39.72 -59.98 6.83
N ASN B 102 39.83 -60.25 5.53
CA ASN B 102 40.06 -59.18 4.59
C ASN B 102 38.77 -58.85 3.84
N SER B 103 38.65 -57.60 3.38
CA SER B 103 37.42 -57.13 2.74
C SER B 103 37.28 -57.65 1.32
N VAL B 104 36.07 -58.09 0.97
CA VAL B 104 35.79 -58.57 -0.38
C VAL B 104 34.51 -57.94 -0.94
N ALA B 105 34.46 -57.81 -2.26
CA ALA B 105 33.30 -57.24 -2.92
C ALA B 105 32.53 -58.31 -3.68
N VAL B 106 31.22 -58.37 -3.43
CA VAL B 106 30.35 -59.38 -4.04
C VAL B 106 29.12 -58.67 -4.61
N GLY B 107 28.41 -59.32 -5.53
CA GLY B 107 27.18 -58.78 -6.08
C GLY B 107 26.49 -59.76 -6.99
N TYR B 108 25.35 -59.37 -7.55
CA TYR B 108 24.65 -60.22 -8.51
C TYR B 108 24.13 -59.39 -9.69
N VAL B 109 23.81 -60.09 -10.78
CA VAL B 109 23.13 -59.48 -11.92
C VAL B 109 21.93 -60.34 -12.30
N GLY B 110 20.74 -59.75 -12.25
CA GLY B 110 19.51 -60.47 -12.54
C GLY B 110 19.42 -60.94 -13.98
N CYS B 111 19.10 -62.22 -14.16
CA CYS B 111 19.00 -62.80 -15.49
C CYS B 111 17.56 -63.12 -15.88
N GLY B 112 16.61 -62.76 -15.02
CA GLY B 112 15.21 -62.85 -15.35
C GLY B 112 14.49 -64.11 -14.89
N SER B 113 13.35 -64.37 -15.52
CA SER B 113 12.52 -65.53 -15.18
C SER B 113 12.61 -66.59 -16.27
N VAL B 114 12.67 -66.15 -17.52
CA VAL B 114 12.76 -67.06 -18.66
C VAL B 114 13.97 -67.99 -18.52
N ALA B 115 13.75 -69.27 -18.78
CA ALA B 115 14.78 -70.28 -18.58
C ALA B 115 15.96 -70.12 -19.54
N ASP B 116 15.69 -69.63 -20.74
CA ASP B 116 16.74 -69.47 -21.75
C ASP B 116 16.84 -68.02 -22.22
N LEU B 117 17.93 -67.36 -21.84
CA LEU B 117 18.15 -65.97 -22.20
C LEU B 117 18.55 -65.83 -23.66
N SER B 118 17.88 -64.93 -24.38
CA SER B 118 18.19 -64.68 -25.77
C SER B 118 19.42 -63.79 -25.90
N GLU B 119 19.77 -63.42 -27.13
CA GLU B 119 20.95 -62.60 -27.38
C GLU B 119 20.81 -61.19 -26.80
N ALA B 120 19.64 -60.58 -26.98
CA ALA B 120 19.39 -59.23 -26.47
C ALA B 120 19.30 -59.28 -24.96
N ASP B 121 18.80 -60.39 -24.44
CA ASP B 121 18.78 -60.63 -23.00
C ASP B 121 20.21 -60.68 -22.48
N MET B 122 21.03 -61.52 -23.10
CA MET B 122 22.43 -61.70 -22.72
C MET B 122 23.21 -60.38 -22.85
N LYS B 123 22.87 -59.59 -23.86
CA LYS B 123 23.52 -58.31 -24.06
C LYS B 123 23.17 -57.37 -22.90
N ARG B 124 21.90 -57.38 -22.50
CA ARG B 124 21.47 -56.59 -21.35
C ARG B 124 22.16 -57.04 -20.07
N VAL B 125 22.42 -58.34 -19.98
CA VAL B 125 23.16 -58.89 -18.84
C VAL B 125 24.58 -58.32 -18.79
N VAL B 126 25.29 -58.45 -19.90
CA VAL B 126 26.66 -57.96 -20.01
C VAL B 126 26.77 -56.45 -19.76
N LEU B 127 25.83 -55.69 -20.29
CA LEU B 127 25.81 -54.24 -20.11
C LEU B 127 25.71 -53.87 -18.63
N SER B 128 24.90 -54.61 -17.89
CA SER B 128 24.78 -54.41 -16.44
C SER B 128 26.10 -54.72 -15.76
N LEU B 129 26.77 -55.75 -16.26
CA LEU B 129 28.07 -56.16 -15.74
C LEU B 129 29.12 -55.08 -15.96
N VAL B 130 29.21 -54.59 -17.20
CA VAL B 130 30.20 -53.60 -17.59
C VAL B 130 30.04 -52.31 -16.79
N THR B 131 28.80 -51.98 -16.44
CA THR B 131 28.53 -50.82 -15.58
C THR B 131 29.27 -50.95 -14.26
N MET B 132 29.31 -52.16 -13.72
CA MET B 132 29.99 -52.43 -12.45
C MET B 132 31.51 -52.41 -12.60
N LEU B 133 31.98 -52.52 -13.84
CA LEU B 133 33.41 -52.43 -14.12
C LEU B 133 33.83 -50.98 -14.29
N HIS B 134 32.91 -50.15 -14.77
CA HIS B 134 33.15 -48.72 -14.88
C HIS B 134 33.09 -48.07 -13.50
N ASP B 135 33.91 -47.04 -13.31
CA ASP B 135 33.93 -46.25 -12.07
C ASP B 135 34.22 -47.10 -10.84
N ASN B 136 34.96 -48.18 -11.04
CA ASN B 136 35.44 -49.00 -9.93
C ASN B 136 36.78 -49.63 -10.32
N LYS B 137 37.82 -49.28 -9.59
CA LYS B 137 39.15 -49.82 -9.87
C LYS B 137 39.28 -51.24 -9.32
N LEU B 138 39.27 -52.21 -10.22
CA LEU B 138 39.31 -53.61 -9.84
C LEU B 138 40.48 -54.33 -10.49
N SER B 139 41.18 -55.15 -9.72
CA SER B 139 42.27 -55.96 -10.25
C SER B 139 41.72 -57.24 -10.85
N LYS B 140 40.60 -57.71 -10.31
CA LYS B 140 40.03 -58.98 -10.73
C LYS B 140 38.50 -58.96 -10.71
N LEU B 141 37.91 -59.55 -11.75
CA LEU B 141 36.47 -59.80 -11.77
C LEU B 141 36.20 -61.30 -11.77
N THR B 142 35.25 -61.73 -10.94
CA THR B 142 34.86 -63.14 -10.94
C THR B 142 33.38 -63.26 -11.24
N VAL B 143 33.04 -64.08 -12.23
CA VAL B 143 31.66 -64.29 -12.62
C VAL B 143 31.22 -65.73 -12.38
N VAL B 144 30.20 -65.90 -11.55
CA VAL B 144 29.67 -67.21 -11.24
C VAL B 144 28.39 -67.47 -12.04
N PHE B 145 28.43 -68.46 -12.92
CA PHE B 145 27.29 -68.77 -13.79
C PHE B 145 26.28 -69.69 -13.13
N GLU B 146 25.26 -69.11 -12.52
CA GLU B 146 24.18 -69.89 -11.94
C GLU B 146 22.99 -69.92 -12.89
N ILE B 147 23.29 -69.96 -14.19
CA ILE B 147 22.29 -70.14 -15.23
C ILE B 147 22.82 -71.11 -16.28
N ASN B 148 21.92 -71.66 -17.09
CA ASN B 148 22.34 -72.53 -18.18
C ASN B 148 22.66 -71.74 -19.43
N VAL B 149 23.87 -71.94 -19.96
CA VAL B 149 24.27 -71.33 -21.22
C VAL B 149 25.09 -72.33 -22.03
N ASP B 150 24.66 -72.58 -23.27
CA ASP B 150 25.41 -73.44 -24.17
C ASP B 150 26.75 -72.81 -24.48
N LYS B 151 27.71 -73.64 -24.92
CA LYS B 151 29.04 -73.17 -25.29
C LYS B 151 28.98 -72.01 -26.26
N ASN B 152 27.98 -72.06 -27.15
CA ASN B 152 27.76 -71.02 -28.15
C ASN B 152 27.36 -69.69 -27.53
N LEU B 153 26.51 -69.75 -26.50
CA LEU B 153 26.05 -68.54 -25.82
C LEU B 153 27.06 -68.05 -24.79
N PHE B 154 27.82 -68.99 -24.24
CA PHE B 154 28.88 -68.66 -23.30
C PHE B 154 29.97 -67.83 -23.99
N ARG B 155 30.31 -68.24 -25.20
CA ARG B 155 31.30 -67.53 -26.00
C ARG B 155 30.80 -66.11 -26.30
N PHE B 156 29.53 -66.03 -26.69
CA PHE B 156 28.89 -64.76 -27.00
C PHE B 156 28.92 -63.80 -25.80
N PHE B 157 28.83 -64.37 -24.60
CA PHE B 157 28.91 -63.58 -23.37
C PHE B 157 30.27 -62.91 -23.26
N LEU B 158 31.33 -63.69 -23.45
CA LEU B 158 32.69 -63.17 -23.35
C LEU B 158 33.01 -62.21 -24.48
N GLU B 159 32.58 -62.56 -25.70
CA GLU B 159 32.69 -61.68 -26.86
C GLU B 159 32.15 -60.30 -26.56
N THR B 160 30.88 -60.27 -26.16
CA THR B 160 30.17 -59.03 -25.90
C THR B 160 30.76 -58.31 -24.69
N LEU B 161 31.19 -59.08 -23.69
CA LEU B 161 31.80 -58.50 -22.50
C LEU B 161 33.08 -57.76 -22.86
N PHE B 162 33.95 -58.41 -23.61
CA PHE B 162 35.20 -57.81 -24.05
C PHE B 162 34.94 -56.55 -24.87
N TYR B 163 33.99 -56.64 -25.79
CA TYR B 163 33.72 -55.56 -26.72
C TYR B 163 33.17 -54.30 -26.03
N GLU B 164 32.18 -54.48 -25.16
CA GLU B 164 31.55 -53.35 -24.50
C GLU B 164 32.40 -52.79 -23.36
N TYR B 165 33.34 -53.61 -22.88
CA TYR B 165 34.27 -53.17 -21.84
C TYR B 165 35.33 -52.25 -22.46
N MET B 166 35.87 -52.68 -23.59
CA MET B 166 36.92 -51.95 -24.29
C MET B 166 36.43 -50.56 -24.73
N THR B 167 37.32 -49.58 -24.61
CA THR B 167 36.98 -48.20 -24.97
C THR B 167 37.95 -47.59 -25.97
N ASP B 168 37.41 -47.13 -27.09
CA ASP B 168 38.21 -46.53 -28.16
C ASP B 168 38.61 -45.11 -27.80
N GLU B 169 39.92 -44.85 -27.72
CA GLU B 169 40.42 -43.53 -27.36
C GLU B 169 41.51 -43.05 -28.30
N ARG B 170 41.56 -43.62 -29.50
CA ARG B 170 42.57 -43.26 -30.49
C ARG B 170 42.54 -41.79 -30.87
N PHE B 171 41.37 -41.16 -30.73
CA PHE B 171 41.19 -39.80 -31.20
C PHE B 171 41.00 -38.80 -30.05
N LYS B 172 41.24 -39.25 -28.84
CA LYS B 172 41.25 -38.37 -27.67
C LYS B 172 42.65 -37.76 -27.50
N SER B 173 42.71 -36.64 -26.79
CA SER B 173 43.99 -36.01 -26.45
C SER B 173 43.79 -35.02 -25.31
N THR B 174 42.70 -34.26 -25.39
CA THR B 174 42.34 -33.26 -24.40
C THR B 174 43.45 -32.24 -24.19
N LYS B 176 40.84 -37.23 -22.97
CA LYS B 176 41.20 -38.52 -22.37
C LYS B 176 40.63 -38.70 -20.96
N ASN B 177 40.39 -39.94 -20.55
CA ASN B 177 39.86 -40.22 -19.23
C ASN B 177 41.01 -40.63 -18.32
N VAL B 178 40.98 -40.14 -17.08
CA VAL B 178 42.09 -40.36 -16.14
C VAL B 178 41.87 -41.54 -15.20
N ASN B 179 40.62 -41.99 -15.08
CA ASN B 179 40.31 -43.08 -14.17
C ASN B 179 39.92 -44.38 -14.86
N MET B 180 40.41 -44.56 -16.09
CA MET B 180 40.13 -45.78 -16.84
C MET B 180 41.14 -46.87 -16.52
N GLU B 181 40.90 -47.59 -15.43
CA GLU B 181 41.75 -48.71 -15.04
C GLU B 181 41.07 -50.03 -15.37
N TYR B 182 41.78 -50.90 -16.09
CA TYR B 182 41.24 -52.18 -16.51
C TYR B 182 41.61 -53.29 -15.54
N ILE B 183 40.75 -54.31 -15.44
CA ILE B 183 41.07 -55.50 -14.67
C ILE B 183 42.16 -56.28 -15.38
N LYS B 184 42.87 -57.13 -14.63
CA LYS B 184 43.95 -57.93 -15.20
C LYS B 184 43.63 -59.42 -15.12
N HIS B 185 42.58 -59.75 -14.38
CA HIS B 185 42.17 -61.15 -14.23
C HIS B 185 40.66 -61.30 -14.37
N LEU B 186 40.24 -62.36 -15.05
CA LEU B 186 38.82 -62.70 -15.14
C LEU B 186 38.59 -64.14 -14.71
N GLY B 187 37.83 -64.33 -13.64
CA GLY B 187 37.51 -65.65 -13.14
C GLY B 187 36.10 -66.07 -13.50
N VAL B 188 35.95 -67.27 -14.03
CA VAL B 188 34.64 -67.78 -14.42
C VAL B 188 34.34 -69.13 -13.79
N TYR B 189 33.37 -69.15 -12.89
CA TYR B 189 32.89 -70.40 -12.32
C TYR B 189 31.64 -70.87 -13.06
N ILE B 190 31.75 -72.01 -13.73
CA ILE B 190 30.63 -72.56 -14.50
C ILE B 190 30.66 -74.08 -14.46
N ASN B 191 29.48 -74.69 -14.53
CA ASN B 191 29.40 -76.16 -14.55
C ASN B 191 29.82 -76.70 -15.90
N ASN B 192 30.34 -77.92 -15.91
CA ASN B 192 30.85 -78.56 -17.13
C ASN B 192 31.94 -77.70 -17.73
N ALA B 193 32.78 -77.13 -16.85
CA ALA B 193 33.76 -76.12 -17.22
C ALA B 193 34.75 -76.57 -18.28
N ASP B 194 35.09 -77.85 -18.28
CA ASP B 194 36.12 -78.37 -19.18
C ASP B 194 35.70 -78.30 -20.64
N THR B 195 34.41 -78.13 -20.89
CA THR B 195 33.92 -77.93 -22.24
C THR B 195 33.99 -76.46 -22.64
N TYR B 196 33.64 -75.57 -21.71
CA TYR B 196 33.59 -74.15 -21.98
C TYR B 196 34.96 -73.51 -22.15
N LYS B 197 36.00 -74.20 -21.68
CA LYS B 197 37.36 -73.66 -21.71
C LYS B 197 37.83 -73.32 -23.13
N GLU B 198 37.45 -74.17 -24.10
CA GLU B 198 37.84 -73.96 -25.48
C GLU B 198 37.24 -72.68 -26.06
N GLU B 199 36.09 -72.28 -25.51
CA GLU B 199 35.37 -71.10 -25.99
C GLU B 199 36.09 -69.80 -25.60
N VAL B 200 36.93 -69.86 -24.59
CA VAL B 200 37.58 -68.67 -24.05
C VAL B 200 38.43 -67.94 -25.07
N GLU B 201 39.39 -68.63 -25.65
CA GLU B 201 40.31 -68.00 -26.59
C GLU B 201 39.67 -67.77 -27.95
N LYS B 202 38.63 -68.54 -28.26
CA LYS B 202 37.87 -68.30 -29.48
C LYS B 202 37.05 -67.02 -29.32
N ALA B 203 36.60 -66.76 -28.10
CA ALA B 203 35.87 -65.54 -27.80
C ALA B 203 36.79 -64.33 -27.95
N ARG B 204 38.02 -64.46 -27.48
CA ARG B 204 38.99 -63.38 -27.55
C ARG B 204 39.35 -63.06 -29.00
N VAL B 205 39.47 -64.09 -29.83
CA VAL B 205 39.77 -63.90 -31.24
C VAL B 205 38.60 -63.27 -31.97
N TYR B 206 37.40 -63.81 -31.75
CA TYR B 206 36.18 -63.24 -32.32
C TYR B 206 36.00 -61.80 -31.88
N TYR B 207 36.36 -61.52 -30.64
CA TYR B 207 36.25 -60.17 -30.11
C TYR B 207 37.11 -59.17 -30.88
N PHE B 208 38.38 -59.49 -31.07
CA PHE B 208 39.26 -58.53 -31.71
C PHE B 208 38.93 -58.36 -33.19
N GLY B 209 38.48 -59.43 -33.83
CA GLY B 209 38.03 -59.34 -35.21
C GLY B 209 36.92 -58.32 -35.31
N THR B 210 36.02 -58.35 -34.33
CA THR B 210 34.90 -57.42 -34.26
C THR B 210 35.38 -56.01 -33.90
N TYR B 211 36.21 -55.91 -32.88
CA TYR B 211 36.71 -54.61 -32.43
C TYR B 211 37.63 -53.97 -33.47
N TYR B 212 38.30 -54.79 -34.26
CA TYR B 212 39.17 -54.30 -35.33
C TYR B 212 38.34 -53.63 -36.42
N ALA B 213 37.28 -54.32 -36.85
CA ALA B 213 36.37 -53.77 -37.84
C ALA B 213 35.76 -52.48 -37.33
N SER B 214 35.42 -52.46 -36.04
CA SER B 214 34.88 -51.27 -35.40
C SER B 214 35.85 -50.10 -35.46
N GLN B 215 37.14 -50.40 -35.29
CA GLN B 215 38.18 -49.37 -35.33
C GLN B 215 38.26 -48.70 -36.70
N LEU B 216 38.12 -49.50 -37.75
CA LEU B 216 38.19 -48.99 -39.12
C LEU B 216 36.95 -48.14 -39.45
N ILE B 217 35.80 -48.61 -38.99
CA ILE B 217 34.55 -47.89 -39.22
C ILE B 217 34.52 -46.56 -38.46
N ALA B 218 34.80 -46.63 -37.16
CA ALA B 218 34.77 -45.45 -36.30
C ALA B 218 35.78 -44.40 -36.75
N ALA B 219 36.87 -44.85 -37.37
CA ALA B 219 37.88 -43.94 -37.91
C ALA B 219 37.26 -43.05 -38.99
N PRO B 220 37.34 -41.72 -38.79
CA PRO B 220 36.74 -40.73 -39.70
C PRO B 220 37.35 -40.78 -41.10
N SER B 221 36.71 -40.08 -42.03
CA SER B 221 37.05 -40.21 -43.45
C SER B 221 38.35 -39.49 -43.84
N ASN B 222 38.81 -38.57 -43.00
CA ASN B 222 40.11 -37.94 -43.26
C ASN B 222 41.23 -38.85 -42.78
N TYR B 223 40.89 -39.78 -41.90
CA TYR B 223 41.83 -40.79 -41.44
C TYR B 223 41.72 -42.06 -42.29
N CYS B 224 40.51 -42.57 -42.42
CA CYS B 224 40.26 -43.78 -43.20
C CYS B 224 39.82 -43.44 -44.62
N ASN B 225 40.80 -43.35 -45.52
CA ASN B 225 40.56 -43.12 -46.93
C ASN B 225 40.96 -44.37 -47.72
N PRO B 226 40.63 -44.43 -49.03
CA PRO B 226 40.99 -45.62 -49.81
C PRO B 226 42.46 -46.03 -49.77
N VAL B 227 43.36 -45.06 -49.57
CA VAL B 227 44.79 -45.38 -49.48
C VAL B 227 45.14 -45.96 -48.12
N SER B 228 44.74 -45.26 -47.06
CA SER B 228 45.06 -45.68 -45.70
C SER B 228 44.42 -47.02 -45.35
N LEU B 229 43.20 -47.23 -45.84
CA LEU B 229 42.48 -48.47 -45.56
C LEU B 229 43.15 -49.66 -46.23
N SER B 230 43.58 -49.47 -47.48
CA SER B 230 44.23 -50.53 -48.23
C SER B 230 45.65 -50.79 -47.71
N ASN B 231 46.26 -49.76 -47.13
CA ASN B 231 47.55 -49.92 -46.47
C ASN B 231 47.40 -50.68 -45.16
N ALA B 232 46.25 -50.48 -44.52
CA ALA B 232 45.95 -51.19 -43.28
C ALA B 232 45.71 -52.66 -43.55
N ALA B 233 45.05 -52.96 -44.67
CA ALA B 233 44.76 -54.33 -45.06
C ALA B 233 46.03 -55.10 -45.37
N VAL B 234 46.99 -54.42 -46.01
CA VAL B 234 48.30 -55.00 -46.29
C VAL B 234 49.01 -55.35 -44.99
N GLU B 235 49.03 -54.38 -44.08
CA GLU B 235 49.66 -54.53 -42.77
C GLU B 235 49.08 -55.71 -42.01
N LEU B 236 47.76 -55.86 -42.08
CA LEU B 236 47.08 -57.00 -41.46
C LEU B 236 47.47 -58.30 -42.16
N ALA B 237 47.49 -58.26 -43.50
CA ALA B 237 47.83 -59.42 -44.30
C ALA B 237 49.26 -59.88 -44.06
N GLN B 238 50.13 -58.94 -43.69
CA GLN B 238 51.52 -59.25 -43.41
C GLN B 238 51.70 -59.85 -42.02
N LYS B 239 50.86 -59.42 -41.09
CA LYS B 239 50.92 -59.93 -39.71
C LYS B 239 50.30 -61.32 -39.60
N LEU B 240 49.28 -61.57 -40.42
CA LEU B 240 48.60 -62.85 -40.43
C LEU B 240 49.26 -63.81 -41.41
N ASN B 241 50.24 -63.30 -42.15
CA ASN B 241 50.92 -64.05 -43.19
C ASN B 241 49.93 -64.54 -44.25
N LEU B 242 49.08 -63.62 -44.69
CA LEU B 242 48.16 -63.88 -45.79
C LEU B 242 48.74 -63.40 -47.11
N GLU B 243 48.38 -64.06 -48.19
CA GLU B 243 48.70 -63.55 -49.52
C GLU B 243 47.85 -62.31 -49.75
N TYR B 244 48.46 -61.25 -50.28
CA TYR B 244 47.72 -60.03 -50.53
C TYR B 244 48.08 -59.39 -51.87
N LYS B 245 47.11 -58.69 -52.45
CA LYS B 245 47.30 -57.98 -53.69
C LYS B 245 46.45 -56.71 -53.69
N ILE B 246 47.09 -55.58 -53.94
CA ILE B 246 46.37 -54.31 -53.97
C ILE B 246 46.36 -53.75 -55.38
N LEU B 247 45.20 -53.78 -56.01
CA LEU B 247 45.06 -53.30 -57.38
C LEU B 247 44.81 -51.80 -57.41
N GLY B 248 45.62 -51.10 -58.20
CA GLY B 248 45.49 -49.67 -58.34
C GLY B 248 44.80 -49.30 -59.64
N VAL B 249 44.64 -47.99 -59.88
CA VAL B 249 43.91 -47.48 -61.03
C VAL B 249 44.36 -48.08 -62.37
N LYS B 250 45.66 -48.15 -62.58
CA LYS B 250 46.21 -48.67 -63.83
C LYS B 250 45.79 -50.12 -64.07
N GLU B 251 45.90 -50.95 -63.03
CA GLU B 251 45.48 -52.34 -63.12
C GLU B 251 43.98 -52.46 -63.33
N LEU B 252 43.22 -51.67 -62.58
CA LEU B 252 41.76 -51.70 -62.66
C LEU B 252 41.26 -51.27 -64.04
N GLU B 253 41.99 -50.36 -64.68
CA GLU B 253 41.67 -49.97 -66.04
C GLU B 253 41.87 -51.13 -67.00
N GLU B 254 43.00 -51.83 -66.85
CA GLU B 254 43.30 -53.00 -67.66
C GLU B 254 42.26 -54.09 -67.43
N LEU B 255 41.71 -54.12 -66.22
CA LEU B 255 40.68 -55.10 -65.88
C LEU B 255 39.28 -54.60 -66.22
N LYS B 256 39.21 -53.42 -66.82
CA LYS B 256 37.99 -52.85 -67.37
C LYS B 256 36.90 -52.60 -66.32
N MET B 257 37.29 -52.21 -65.11
CA MET B 257 36.32 -51.95 -64.06
C MET B 257 35.74 -50.54 -64.15
N GLY B 258 34.92 -50.31 -65.17
CA GLY B 258 34.37 -48.99 -65.44
C GLY B 258 33.28 -48.53 -64.48
N ALA B 259 32.57 -49.49 -63.89
CA ALA B 259 31.54 -49.16 -62.92
C ALA B 259 32.17 -48.67 -61.63
N TYR B 260 33.14 -49.44 -61.14
CA TYR B 260 33.83 -49.16 -59.89
C TYR B 260 34.69 -47.90 -60.00
N LEU B 261 35.41 -47.74 -61.10
CA LEU B 261 36.30 -46.61 -61.28
C LEU B 261 35.55 -45.28 -61.38
N SER B 262 34.33 -45.31 -61.90
CA SER B 262 33.53 -44.09 -62.03
C SER B 262 33.18 -43.49 -60.67
N VAL B 263 32.87 -44.35 -59.70
CA VAL B 263 32.53 -43.92 -58.36
C VAL B 263 33.66 -43.12 -57.72
N GLY B 264 34.90 -43.51 -58.02
CA GLY B 264 36.05 -42.87 -57.44
C GLY B 264 36.60 -41.70 -58.23
N LYS B 265 36.00 -41.44 -59.39
CA LYS B 265 36.45 -40.37 -60.28
C LYS B 265 36.53 -39.01 -59.58
N GLY B 266 35.54 -38.71 -58.76
CA GLY B 266 35.47 -37.42 -58.10
C GLY B 266 36.38 -37.27 -56.90
N SER B 267 37.04 -38.36 -56.50
CA SER B 267 37.84 -38.36 -55.29
C SER B 267 39.29 -37.93 -55.53
N MET B 268 39.93 -37.45 -54.46
CA MET B 268 41.35 -37.11 -54.50
C MET B 268 42.18 -38.33 -54.13
N TYR B 269 41.50 -39.43 -53.82
CA TYR B 269 42.17 -40.68 -53.46
C TYR B 269 41.98 -41.71 -54.56
N PRO B 270 43.10 -42.21 -55.10
CA PRO B 270 43.06 -43.27 -56.12
C PRO B 270 42.32 -44.50 -55.60
N ASN B 271 41.55 -45.16 -56.47
CA ASN B 271 40.86 -46.37 -56.08
C ASN B 271 41.85 -47.47 -55.72
N LYS B 272 41.50 -48.27 -54.71
CA LYS B 272 42.34 -49.37 -54.27
C LYS B 272 41.51 -50.63 -54.04
N PHE B 273 41.72 -51.63 -54.89
CA PHE B 273 41.00 -52.90 -54.77
C PHE B 273 41.76 -53.87 -53.88
N ILE B 274 41.19 -54.18 -52.72
CA ILE B 274 41.83 -55.07 -51.75
C ILE B 274 41.55 -56.54 -52.04
N HIS B 275 42.60 -57.35 -52.05
CA HIS B 275 42.46 -58.78 -52.30
C HIS B 275 43.38 -59.57 -51.36
N LEU B 276 42.78 -60.16 -50.33
CA LEU B 276 43.52 -61.01 -49.39
C LEU B 276 43.14 -62.47 -49.61
N THR B 277 44.03 -63.38 -49.22
CA THR B 277 43.74 -64.81 -49.38
C THR B 277 44.30 -65.65 -48.23
N TYR B 278 43.42 -66.47 -47.65
CA TYR B 278 43.86 -67.52 -46.74
C TYR B 278 43.72 -68.86 -47.46
N LYS B 279 44.76 -69.69 -47.37
CA LYS B 279 44.72 -71.01 -47.98
C LYS B 279 45.24 -72.06 -47.02
N SER B 280 44.45 -73.11 -46.82
CA SER B 280 44.82 -74.18 -45.90
C SER B 280 45.86 -75.10 -46.52
N LYS B 281 46.68 -75.71 -45.66
CA LYS B 281 47.71 -76.64 -46.12
C LYS B 281 47.08 -77.91 -46.68
N GLY B 282 46.01 -78.35 -46.04
CA GLY B 282 45.33 -79.57 -46.44
C GLY B 282 44.63 -79.46 -47.78
N ASP B 283 43.90 -80.50 -48.16
CA ASP B 283 43.15 -80.51 -49.40
C ASP B 283 41.99 -79.52 -49.31
N VAL B 284 42.03 -78.49 -50.16
CA VAL B 284 40.99 -77.46 -50.16
C VAL B 284 39.70 -77.99 -50.76
N LYS B 285 38.63 -78.02 -49.95
CA LYS B 285 37.36 -78.55 -50.41
C LYS B 285 36.36 -77.44 -50.75
N LYS B 286 36.48 -76.31 -50.06
CA LYS B 286 35.63 -75.16 -50.33
C LYS B 286 36.46 -73.94 -50.71
N LYS B 287 36.02 -73.23 -51.75
CA LYS B 287 36.62 -71.97 -52.13
C LYS B 287 35.59 -70.86 -51.99
N ILE B 288 35.90 -69.86 -51.17
CA ILE B 288 34.93 -68.83 -50.83
C ILE B 288 35.45 -67.41 -51.04
N ALA B 289 34.62 -66.56 -51.65
CA ALA B 289 34.95 -65.15 -51.83
C ALA B 289 34.05 -64.28 -50.97
N LEU B 290 34.66 -63.54 -50.06
CA LEU B 290 33.92 -62.58 -49.23
C LEU B 290 34.15 -61.17 -49.75
N VAL B 291 33.07 -60.51 -50.16
CA VAL B 291 33.15 -59.17 -50.73
C VAL B 291 32.56 -58.13 -49.78
N GLY B 292 33.35 -57.10 -49.48
CA GLY B 292 32.88 -56.02 -48.63
C GLY B 292 32.76 -54.71 -49.38
N LYS B 293 31.65 -54.01 -49.16
CA LYS B 293 31.49 -52.67 -49.72
C LYS B 293 32.40 -51.69 -48.97
N GLY B 294 33.27 -51.02 -49.71
CA GLY B 294 34.26 -50.16 -49.11
C GLY B 294 34.22 -48.71 -49.55
N ILE B 295 33.11 -48.05 -49.28
CA ILE B 295 33.00 -46.61 -49.53
C ILE B 295 33.44 -45.86 -48.26
N THR B 296 34.67 -45.34 -48.28
CA THR B 296 35.24 -44.71 -47.09
C THR B 296 34.44 -43.48 -46.68
N PHE B 297 33.91 -42.76 -47.66
CA PHE B 297 32.92 -41.72 -47.38
C PHE B 297 31.93 -41.60 -48.53
N ASP B 298 30.65 -41.56 -48.19
CA ASP B 298 29.59 -41.46 -49.18
C ASP B 298 28.86 -40.13 -49.08
N SER B 299 29.30 -39.16 -49.88
CA SER B 299 28.64 -37.85 -49.91
C SER B 299 27.32 -37.96 -50.66
N GLY B 300 27.23 -38.95 -51.54
CA GLY B 300 26.05 -39.14 -52.36
C GLY B 300 26.30 -38.65 -53.78
N GLY B 301 27.47 -38.07 -54.00
CA GLY B 301 27.81 -37.51 -55.28
C GLY B 301 26.96 -36.29 -55.59
N TYR B 302 26.67 -36.08 -56.87
CA TYR B 302 25.83 -34.96 -57.28
C TYR B 302 24.39 -35.15 -56.81
N ASN B 303 24.03 -36.39 -56.51
CA ASN B 303 22.82 -36.65 -55.73
C ASN B 303 23.16 -36.55 -54.25
N LEU B 304 23.64 -35.35 -53.87
CA LEU B 304 24.16 -35.10 -52.54
C LEU B 304 23.15 -35.38 -51.44
N LYS B 305 23.62 -35.95 -50.34
CA LYS B 305 22.77 -36.22 -49.18
C LYS B 305 22.45 -34.92 -48.46
N ALA B 306 21.49 -34.17 -49.01
CA ALA B 306 21.10 -32.88 -48.45
C ALA B 306 19.71 -32.96 -47.82
N ALA B 307 18.95 -33.98 -48.19
CA ALA B 307 17.60 -34.16 -47.69
C ALA B 307 17.60 -34.47 -46.20
N PRO B 308 16.56 -33.98 -45.48
CA PRO B 308 16.36 -34.26 -44.06
C PRO B 308 16.45 -35.75 -43.71
N GLY B 309 17.37 -36.10 -42.82
CA GLY B 309 17.48 -37.47 -42.36
C GLY B 309 18.32 -38.37 -43.25
N SER B 310 19.13 -37.78 -44.12
CA SER B 310 20.01 -38.55 -44.97
C SER B 310 21.29 -38.94 -44.21
N MET B 311 21.48 -38.33 -43.05
CA MET B 311 22.53 -38.70 -42.12
C MET B 311 23.94 -38.67 -42.71
N ILE B 312 24.30 -37.54 -43.32
CA ILE B 312 25.56 -37.43 -44.05
C ILE B 312 26.77 -37.49 -43.12
N ASP B 313 26.60 -37.12 -41.87
CA ASP B 313 27.71 -37.10 -40.92
C ASP B 313 28.06 -38.52 -40.43
N LEU B 314 27.21 -39.47 -40.76
CA LEU B 314 27.42 -40.87 -40.38
C LEU B 314 28.22 -41.61 -41.45
N MET B 315 28.26 -41.03 -42.65
CA MET B 315 28.70 -41.73 -43.86
C MET B 315 30.15 -42.23 -43.88
N LYS B 316 30.84 -42.16 -42.75
CA LYS B 316 32.13 -42.82 -42.63
C LYS B 316 31.90 -44.33 -42.45
N PHE B 317 30.68 -44.68 -42.05
CA PHE B 317 30.29 -46.06 -41.80
C PHE B 317 30.15 -46.89 -43.07
N ASP B 318 30.26 -46.22 -44.22
CA ASP B 318 29.88 -46.84 -45.49
C ASP B 318 30.93 -47.84 -45.99
N MET B 319 31.95 -48.09 -45.19
CA MET B 319 32.92 -49.15 -45.49
C MET B 319 32.82 -50.24 -44.43
N SER B 320 31.67 -50.32 -43.77
CA SER B 320 31.43 -51.32 -42.73
C SER B 320 31.53 -52.73 -43.29
N GLY B 321 31.08 -52.90 -44.53
CA GLY B 321 31.15 -54.19 -45.19
C GLY B 321 32.59 -54.63 -45.38
N CYS B 322 33.42 -53.72 -45.90
CA CYS B 322 34.84 -53.99 -46.06
C CYS B 322 35.50 -54.30 -44.72
N ALA B 323 35.11 -53.54 -43.70
CA ALA B 323 35.63 -53.75 -42.35
C ALA B 323 35.26 -55.14 -41.84
N ALA B 324 34.03 -55.55 -42.11
CA ALA B 324 33.54 -56.87 -41.69
C ALA B 324 34.36 -57.98 -42.33
N VAL B 325 34.72 -57.79 -43.60
CA VAL B 325 35.48 -58.78 -44.35
C VAL B 325 36.92 -58.86 -43.82
N LEU B 326 37.47 -57.71 -43.46
CA LEU B 326 38.84 -57.65 -42.92
C LEU B 326 38.91 -58.21 -41.50
N GLY B 327 37.86 -57.96 -40.72
CA GLY B 327 37.79 -58.50 -39.37
C GLY B 327 37.68 -60.02 -39.42
N CYS B 328 36.99 -60.52 -40.44
CA CYS B 328 36.87 -61.95 -40.66
C CYS B 328 38.22 -62.55 -41.03
N ALA B 329 38.98 -61.82 -41.83
CA ALA B 329 40.31 -62.25 -42.26
C ALA B 329 41.22 -62.44 -41.06
N TYR B 330 41.05 -61.59 -40.05
CA TYR B 330 41.82 -61.71 -38.81
C TYR B 330 41.53 -63.03 -38.12
N CYS B 331 40.24 -63.30 -37.89
CA CYS B 331 39.81 -64.51 -37.22
C CYS B 331 40.26 -65.75 -37.98
N VAL B 332 40.06 -65.73 -39.29
CA VAL B 332 40.44 -66.86 -40.15
C VAL B 332 41.96 -67.07 -40.14
N GLY B 333 42.71 -66.00 -40.31
CA GLY B 333 44.16 -66.07 -40.28
C GLY B 333 44.68 -66.54 -38.94
N THR B 334 43.94 -66.25 -37.88
CA THR B 334 44.32 -66.65 -36.54
C THR B 334 43.92 -68.09 -36.25
N LEU B 335 42.63 -68.39 -36.42
CA LEU B 335 42.10 -69.71 -36.12
C LEU B 335 42.60 -70.77 -37.11
N LYS B 336 43.07 -70.31 -38.27
CA LYS B 336 43.60 -71.19 -39.32
C LYS B 336 42.74 -72.42 -39.58
N PRO B 337 41.52 -72.22 -40.13
CA PRO B 337 40.67 -73.38 -40.44
C PRO B 337 41.28 -74.23 -41.55
N GLU B 338 40.77 -75.44 -41.73
CA GLU B 338 41.36 -76.37 -42.69
C GLU B 338 40.45 -76.62 -43.89
N ASN B 339 41.06 -77.09 -44.97
CA ASN B 339 40.36 -77.50 -46.18
C ASN B 339 39.56 -76.37 -46.84
N VAL B 340 39.98 -75.13 -46.62
CA VAL B 340 39.24 -74.00 -47.18
C VAL B 340 40.18 -72.93 -47.75
N GLU B 341 39.79 -72.37 -48.89
CA GLU B 341 40.51 -71.26 -49.50
C GLU B 341 39.60 -70.04 -49.56
N ILE B 342 39.99 -68.98 -48.86
CA ILE B 342 39.12 -67.81 -48.75
C ILE B 342 39.76 -66.55 -49.33
N HIS B 343 39.05 -65.92 -50.26
CA HIS B 343 39.48 -64.65 -50.83
C HIS B 343 38.70 -63.50 -50.20
N PHE B 344 39.44 -62.56 -49.61
CA PHE B 344 38.82 -61.38 -49.00
C PHE B 344 38.93 -60.20 -49.96
N LEU B 345 37.78 -59.75 -50.47
CA LEU B 345 37.76 -58.73 -51.51
C LEU B 345 37.04 -57.46 -51.09
N SER B 346 37.51 -56.32 -51.59
CA SER B 346 36.83 -55.05 -51.40
C SER B 346 37.26 -54.01 -52.43
N ALA B 347 36.28 -53.45 -53.12
CA ALA B 347 36.53 -52.36 -54.07
C ALA B 347 36.41 -51.02 -53.35
N VAL B 348 37.51 -50.55 -52.80
CA VAL B 348 37.51 -49.36 -51.96
C VAL B 348 37.65 -48.06 -52.76
N CYS B 349 36.77 -47.11 -52.47
CA CYS B 349 36.83 -45.79 -53.09
C CYS B 349 36.01 -44.77 -52.29
N GLU B 350 36.02 -43.52 -52.75
CA GLU B 350 35.30 -42.45 -52.08
C GLU B 350 34.34 -41.76 -53.05
N ASN B 351 33.12 -41.51 -52.60
CA ASN B 351 32.10 -40.89 -53.45
C ASN B 351 31.95 -39.39 -53.16
N MET B 352 32.57 -38.57 -53.99
CA MET B 352 32.66 -37.14 -53.72
C MET B 352 32.03 -36.27 -54.79
N VAL B 353 31.93 -34.98 -54.51
CA VAL B 353 31.45 -34.01 -55.48
C VAL B 353 32.62 -33.20 -56.02
N SER B 354 32.91 -33.37 -57.30
CA SER B 354 34.05 -32.73 -57.93
C SER B 354 33.73 -32.40 -59.38
N LYS B 355 34.66 -31.71 -60.03
CA LYS B 355 34.55 -31.48 -61.47
C LYS B 355 34.80 -32.79 -62.20
N ASN B 356 35.38 -33.76 -61.48
CA ASN B 356 35.75 -35.04 -62.05
C ASN B 356 34.76 -36.15 -61.71
N SER B 357 33.77 -35.84 -60.87
CA SER B 357 32.80 -36.83 -60.43
C SER B 357 31.95 -37.36 -61.58
N TYR B 358 31.48 -38.60 -61.44
CA TYR B 358 30.53 -39.14 -62.41
C TYR B 358 29.18 -38.48 -62.15
N ARG B 359 28.35 -38.41 -63.17
CA ARG B 359 27.11 -37.64 -63.10
C ARG B 359 25.87 -38.50 -63.25
N PRO B 360 24.74 -38.01 -62.72
CA PRO B 360 23.46 -38.66 -62.99
C PRO B 360 23.15 -38.69 -64.48
N GLY B 361 22.83 -39.87 -65.01
CA GLY B 361 22.53 -40.01 -66.42
C GLY B 361 23.66 -40.67 -67.20
N ASP B 362 24.85 -40.68 -66.62
CA ASP B 362 26.02 -41.29 -67.25
C ASP B 362 25.81 -42.78 -67.54
N ILE B 363 26.38 -43.25 -68.64
CA ILE B 363 26.36 -44.67 -68.95
C ILE B 363 27.76 -45.23 -68.89
N ILE B 364 27.97 -46.15 -67.95
CA ILE B 364 29.28 -46.74 -67.70
C ILE B 364 29.28 -48.23 -68.06
N THR B 365 30.46 -48.78 -68.29
CA THR B 365 30.58 -50.19 -68.67
C THR B 365 31.29 -51.02 -67.61
N ALA B 366 30.63 -52.05 -67.12
CA ALA B 366 31.21 -52.93 -66.11
C ALA B 366 32.24 -53.87 -66.74
N SER B 367 33.01 -54.55 -65.89
CA SER B 367 34.09 -55.41 -66.37
C SER B 367 33.58 -56.69 -67.03
N ASN B 368 32.26 -56.88 -67.03
CA ASN B 368 31.67 -58.01 -67.74
C ASN B 368 31.04 -57.55 -69.05
N GLY B 369 31.21 -56.26 -69.37
CA GLY B 369 30.74 -55.72 -70.62
C GLY B 369 29.36 -55.09 -70.57
N LYS B 370 28.68 -55.25 -69.45
CA LYS B 370 27.34 -54.71 -69.29
C LYS B 370 27.35 -53.20 -69.07
N THR B 371 26.60 -52.48 -69.90
CA THR B 371 26.49 -51.03 -69.76
C THR B 371 25.40 -50.67 -68.75
N ILE B 372 25.70 -49.70 -67.90
CA ILE B 372 24.78 -49.30 -66.85
C ILE B 372 24.45 -47.82 -66.92
N GLU B 373 23.15 -47.50 -66.92
CA GLU B 373 22.74 -46.10 -66.85
C GLU B 373 22.59 -45.68 -65.39
N VAL B 374 23.40 -44.72 -64.98
CA VAL B 374 23.33 -44.20 -63.62
C VAL B 374 22.11 -43.31 -63.45
N GLY B 375 21.24 -43.67 -62.51
CA GLY B 375 20.06 -42.89 -62.23
C GLY B 375 20.22 -42.05 -60.98
N ASN B 376 21.14 -42.49 -60.11
CA ASN B 376 21.38 -41.81 -58.84
C ASN B 376 22.81 -42.11 -58.36
N THR B 377 23.60 -41.06 -58.18
CA THR B 377 25.00 -41.21 -57.77
C THR B 377 25.15 -41.67 -56.34
N ASP B 378 24.06 -41.68 -55.58
CA ASP B 378 24.10 -42.11 -54.19
C ASP B 378 23.82 -43.62 -54.08
N ALA B 379 23.51 -44.23 -55.21
CA ALA B 379 23.40 -45.68 -55.27
C ALA B 379 24.70 -46.25 -55.84
N GLU B 380 25.81 -45.82 -55.23
CA GLU B 380 27.14 -46.11 -55.77
C GLU B 380 27.68 -47.47 -55.33
N GLY B 381 27.11 -48.00 -54.25
CA GLY B 381 27.59 -49.26 -53.69
C GLY B 381 27.44 -50.44 -54.64
N ARG B 382 26.29 -50.54 -55.28
CA ARG B 382 26.02 -51.66 -56.19
C ARG B 382 26.88 -51.56 -57.44
N LEU B 383 27.40 -50.37 -57.72
CA LEU B 383 28.29 -50.18 -58.86
C LEU B 383 29.68 -50.73 -58.54
N THR B 384 30.16 -50.46 -57.33
CA THR B 384 31.45 -50.99 -56.90
C THR B 384 31.35 -52.50 -56.66
N LEU B 385 30.23 -52.93 -56.09
CA LEU B 385 30.00 -54.35 -55.83
C LEU B 385 29.92 -55.14 -57.13
N ALA B 386 29.35 -54.52 -58.16
CA ALA B 386 29.17 -55.17 -59.45
C ALA B 386 30.49 -55.65 -60.04
N ASP B 387 31.46 -54.76 -60.14
CA ASP B 387 32.77 -55.12 -60.66
C ASP B 387 33.49 -56.05 -59.70
N ALA B 388 33.22 -55.88 -58.40
CA ALA B 388 33.81 -56.74 -57.38
C ALA B 388 33.26 -58.16 -57.49
N LEU B 389 31.99 -58.27 -57.85
CA LEU B 389 31.34 -59.57 -58.02
C LEU B 389 31.83 -60.28 -59.28
N VAL B 390 32.05 -59.50 -60.34
CA VAL B 390 32.59 -60.04 -61.58
C VAL B 390 34.00 -60.58 -61.33
N TYR B 391 34.77 -59.83 -60.55
CA TYR B 391 36.12 -60.21 -60.16
C TYR B 391 36.10 -61.48 -59.32
N ALA B 392 35.15 -61.55 -58.39
CA ALA B 392 35.02 -62.69 -57.49
C ALA B 392 34.72 -63.99 -58.25
N GLU B 393 33.77 -63.91 -59.17
CA GLU B 393 33.37 -65.09 -59.95
C GLU B 393 34.49 -65.57 -60.86
N LYS B 394 35.40 -64.67 -61.21
CA LYS B 394 36.54 -65.01 -62.06
C LYS B 394 37.59 -65.82 -61.31
N LEU B 395 37.42 -65.96 -60.01
CA LEU B 395 38.37 -66.71 -59.19
C LEU B 395 38.04 -68.20 -59.15
N GLY B 396 36.81 -68.54 -59.52
CA GLY B 396 36.37 -69.92 -59.56
C GLY B 396 36.03 -70.46 -58.19
N VAL B 397 35.20 -69.72 -57.45
CA VAL B 397 34.84 -70.11 -56.10
C VAL B 397 33.54 -70.89 -56.04
N ASP B 398 33.23 -71.42 -54.86
CA ASP B 398 31.98 -72.15 -54.64
C ASP B 398 30.90 -71.21 -54.14
N TYR B 399 31.29 -70.28 -53.28
CA TYR B 399 30.36 -69.32 -52.71
C TYR B 399 30.88 -67.89 -52.85
N ILE B 400 29.97 -66.99 -53.21
CA ILE B 400 30.26 -65.55 -53.15
C ILE B 400 29.31 -64.90 -52.17
N VAL B 401 29.85 -64.27 -51.14
CA VAL B 401 29.02 -63.58 -50.16
C VAL B 401 29.45 -62.13 -50.00
N ASP B 402 28.62 -61.21 -50.47
CA ASP B 402 28.90 -59.79 -50.27
C ASP B 402 28.16 -59.31 -49.03
N ILE B 403 28.69 -58.26 -48.41
CA ILE B 403 28.08 -57.66 -47.23
C ILE B 403 28.27 -56.14 -47.31
N ALA B 404 27.16 -55.40 -47.21
CA ALA B 404 27.20 -53.98 -47.55
C ALA B 404 26.16 -53.12 -46.83
N THR B 405 26.53 -51.88 -46.55
CA THR B 405 25.59 -50.87 -46.11
C THR B 405 24.88 -50.30 -47.33
N LEU B 406 24.10 -51.15 -48.00
CA LEU B 406 23.63 -50.84 -49.34
C LEU B 406 22.42 -49.91 -49.38
N THR B 407 21.34 -50.30 -48.71
CA THR B 407 20.09 -49.55 -48.82
C THR B 407 19.53 -49.07 -47.49
N GLY B 408 19.22 -47.79 -47.40
CA GLY B 408 18.64 -47.20 -46.20
C GLY B 408 17.23 -47.70 -45.92
N ALA B 409 16.63 -48.35 -46.91
CA ALA B 409 15.30 -48.92 -46.76
C ALA B 409 15.28 -50.08 -45.75
N MET B 410 16.47 -50.58 -45.42
CA MET B 410 16.59 -51.65 -44.43
C MET B 410 16.09 -51.18 -43.05
N LEU B 411 16.22 -49.89 -42.79
CA LEU B 411 15.74 -49.30 -41.55
C LEU B 411 14.22 -49.45 -41.42
N TYR B 412 13.53 -49.50 -42.55
CA TYR B 412 12.08 -49.60 -42.57
C TYR B 412 11.60 -51.04 -42.61
N SER B 413 12.48 -51.96 -42.99
CA SER B 413 12.10 -53.35 -43.15
C SER B 413 12.38 -54.20 -41.91
N LEU B 414 13.65 -54.25 -41.51
CA LEU B 414 14.04 -55.08 -40.37
C LEU B 414 14.55 -54.22 -39.21
N GLY B 415 14.81 -52.95 -39.48
CA GLY B 415 15.23 -52.03 -38.44
C GLY B 415 16.71 -52.10 -38.11
N THR B 416 17.03 -51.93 -36.83
CA THR B 416 18.42 -51.79 -36.40
C THR B 416 18.97 -53.02 -35.68
N SER B 417 18.26 -54.14 -35.75
CA SER B 417 18.72 -55.35 -35.09
C SER B 417 19.04 -56.47 -36.07
N TYR B 418 18.14 -56.69 -37.04
CA TYR B 418 18.30 -57.78 -37.98
C TYR B 418 18.83 -57.31 -39.33
N ALA B 419 19.87 -57.99 -39.81
CA ALA B 419 20.36 -57.73 -41.16
C ALA B 419 19.53 -58.52 -42.16
N GLY B 420 19.49 -58.06 -43.39
CA GLY B 420 18.77 -58.76 -44.44
C GLY B 420 19.72 -59.53 -45.33
N VAL B 421 19.34 -60.76 -45.69
CA VAL B 421 20.16 -61.54 -46.61
C VAL B 421 19.34 -61.91 -47.85
N PHE B 422 19.94 -61.66 -49.01
CA PHE B 422 19.33 -62.02 -50.29
C PHE B 422 20.26 -62.99 -50.99
N GLY B 423 19.72 -63.86 -51.84
CA GLY B 423 20.55 -64.84 -52.51
C GLY B 423 19.94 -65.51 -53.73
N ASN B 424 20.79 -66.18 -54.50
CA ASN B 424 20.34 -66.90 -55.69
C ASN B 424 20.36 -68.40 -55.45
N ASN B 425 20.62 -68.80 -54.21
CA ASN B 425 20.80 -70.20 -53.87
C ASN B 425 20.31 -70.53 -52.46
N GLU B 426 19.34 -71.43 -52.38
CA GLU B 426 18.66 -71.75 -51.11
C GLU B 426 19.62 -72.32 -50.07
N GLU B 427 20.53 -73.19 -50.52
CA GLU B 427 21.48 -73.85 -49.63
C GLU B 427 22.42 -72.85 -48.97
N LEU B 428 22.99 -71.95 -49.77
CA LEU B 428 23.93 -70.96 -49.27
C LEU B 428 23.26 -70.04 -48.25
N ILE B 429 22.02 -69.65 -48.52
CA ILE B 429 21.27 -68.80 -47.61
C ILE B 429 21.07 -69.49 -46.26
N ASN B 430 20.75 -70.79 -46.30
CA ASN B 430 20.60 -71.58 -45.08
C ASN B 430 21.86 -71.57 -44.24
N LYS B 431 23.01 -71.68 -44.90
CA LYS B 431 24.30 -71.67 -44.22
C LYS B 431 24.52 -70.33 -43.52
N ILE B 432 24.09 -69.25 -44.16
CA ILE B 432 24.18 -67.92 -43.56
C ILE B 432 23.25 -67.82 -42.35
N LEU B 433 22.03 -68.36 -42.51
CA LEU B 433 21.06 -68.37 -41.42
C LEU B 433 21.57 -69.23 -40.26
N GLN B 434 22.21 -70.34 -40.60
CA GLN B 434 22.81 -71.20 -39.60
C GLN B 434 23.93 -70.47 -38.87
N SER B 435 24.71 -69.71 -39.62
CA SER B 435 25.81 -68.93 -39.07
C SER B 435 25.29 -67.77 -38.22
N SER B 436 24.09 -67.30 -38.55
CA SER B 436 23.46 -66.22 -37.80
C SER B 436 23.17 -66.65 -36.36
N LYS B 437 22.69 -67.88 -36.21
CA LYS B 437 22.30 -68.40 -34.89
C LYS B 437 23.51 -68.72 -34.03
N THR B 438 24.58 -69.23 -34.65
CA THR B 438 25.77 -69.64 -33.91
C THR B 438 26.69 -68.46 -33.59
N SER B 439 26.65 -67.43 -34.43
CA SER B 439 27.42 -66.22 -34.17
C SER B 439 26.59 -65.25 -33.34
N ASN B 440 25.30 -65.55 -33.24
CA ASN B 440 24.33 -64.70 -32.56
C ASN B 440 24.30 -63.28 -33.10
N GLU B 441 24.61 -63.15 -34.39
CA GLU B 441 24.39 -61.91 -35.12
C GLU B 441 23.18 -62.12 -36.02
N PRO B 442 22.03 -61.54 -35.61
CA PRO B 442 20.73 -61.79 -36.25
C PRO B 442 20.63 -61.34 -37.70
N VAL B 443 20.13 -62.23 -38.55
CA VAL B 443 19.93 -61.96 -39.96
C VAL B 443 18.59 -62.58 -40.39
N TRP B 444 17.85 -61.89 -41.24
CA TRP B 444 16.58 -62.42 -41.74
C TRP B 444 16.59 -62.54 -43.27
N TRP B 445 16.12 -63.69 -43.75
CA TRP B 445 16.06 -63.96 -45.19
C TRP B 445 14.98 -63.15 -45.87
N LEU B 446 15.37 -62.38 -46.88
CA LEU B 446 14.43 -61.56 -47.64
C LEU B 446 14.41 -62.00 -49.11
N PRO B 447 13.24 -61.85 -49.76
CA PRO B 447 13.06 -62.39 -51.12
C PRO B 447 13.59 -61.49 -52.23
N ILE B 448 14.16 -62.12 -53.26
CA ILE B 448 14.53 -61.41 -54.48
C ILE B 448 13.39 -61.56 -55.48
N ILE B 449 12.50 -60.58 -55.50
CA ILE B 449 11.27 -60.65 -56.28
C ILE B 449 11.49 -60.29 -57.74
N ASN B 450 11.43 -61.29 -58.62
CA ASN B 450 11.75 -61.14 -60.03
C ASN B 450 10.81 -60.21 -60.81
N GLU B 451 9.64 -59.93 -60.26
CA GLU B 451 8.67 -59.08 -60.94
C GLU B 451 9.23 -57.66 -61.11
N TYR B 452 10.05 -57.23 -60.16
CA TYR B 452 10.57 -55.87 -60.15
C TYR B 452 11.70 -55.68 -61.16
N ARG B 453 12.20 -56.78 -61.71
CA ARG B 453 13.34 -56.76 -62.64
C ARG B 453 13.07 -55.89 -63.86
N ALA B 454 11.82 -55.83 -64.29
CA ALA B 454 11.44 -55.05 -65.47
C ALA B 454 11.72 -53.56 -65.27
N THR B 455 11.75 -53.13 -64.01
CA THR B 455 11.99 -51.73 -63.68
C THR B 455 13.47 -51.36 -63.75
N LEU B 456 14.29 -52.31 -64.20
CA LEU B 456 15.71 -52.04 -64.42
C LEU B 456 16.03 -52.02 -65.91
N ASN B 457 15.01 -52.29 -66.72
CA ASN B 457 15.15 -52.23 -68.18
C ASN B 457 15.41 -50.80 -68.64
N SER B 458 16.57 -50.58 -69.25
CA SER B 458 16.95 -49.25 -69.70
C SER B 458 16.62 -49.04 -71.16
N LYS B 459 16.42 -47.78 -71.55
CA LYS B 459 16.11 -47.43 -72.93
C LYS B 459 17.36 -47.47 -73.81
N TYR B 460 18.50 -47.07 -73.24
CA TYR B 460 19.72 -46.96 -74.03
C TYR B 460 20.84 -47.89 -73.55
N ALA B 461 20.98 -48.03 -72.24
CA ALA B 461 21.99 -48.93 -71.68
C ALA B 461 21.45 -50.35 -71.55
N ASP B 462 22.31 -51.28 -71.16
CA ASP B 462 21.90 -52.66 -70.94
C ASP B 462 20.96 -52.76 -69.75
N ILE B 463 21.24 -51.98 -68.71
CA ILE B 463 20.45 -52.03 -67.49
C ILE B 463 20.52 -50.71 -66.72
N ASN B 464 19.45 -50.42 -65.98
CA ASN B 464 19.43 -49.26 -65.09
C ASN B 464 20.08 -49.58 -63.76
N GLN B 465 20.70 -48.57 -63.16
CA GLN B 465 21.30 -48.71 -61.85
C GLN B 465 20.22 -48.83 -60.78
N ILE B 466 19.22 -47.96 -60.87
CA ILE B 466 18.12 -47.95 -59.91
C ILE B 466 16.77 -48.00 -60.59
N SER B 467 15.73 -48.32 -59.82
CA SER B 467 14.37 -48.30 -60.32
C SER B 467 13.77 -46.91 -60.15
N SER B 468 13.03 -46.47 -61.15
CA SER B 468 12.26 -45.24 -61.05
C SER B 468 10.98 -45.55 -60.28
N SER B 469 10.28 -46.59 -60.75
CA SER B 469 9.00 -46.98 -60.19
C SER B 469 9.10 -47.51 -58.75
N VAL B 470 9.28 -48.81 -58.64
CA VAL B 470 9.21 -49.52 -57.36
C VAL B 470 10.11 -48.92 -56.28
N LYS B 471 9.54 -48.77 -55.08
CA LYS B 471 10.34 -48.52 -53.90
C LYS B 471 11.02 -49.83 -53.51
N ALA B 472 11.09 -50.13 -52.22
CA ALA B 472 11.74 -51.36 -51.75
C ALA B 472 13.10 -51.53 -52.41
N SER B 473 13.96 -50.54 -52.22
CA SER B 473 15.23 -50.48 -52.94
C SER B 473 16.20 -51.60 -52.56
N SER B 474 15.94 -52.26 -51.44
CA SER B 474 16.79 -53.36 -51.00
C SER B 474 16.65 -54.56 -51.92
N ILE B 475 15.44 -54.76 -52.46
CA ILE B 475 15.16 -55.86 -53.36
C ILE B 475 15.62 -55.52 -54.78
N VAL B 476 15.39 -54.27 -55.18
CA VAL B 476 15.81 -53.81 -56.50
C VAL B 476 17.33 -53.88 -56.63
N ALA B 477 18.03 -53.46 -55.58
CA ALA B 477 19.49 -53.52 -55.56
C ALA B 477 20.00 -54.96 -55.68
N SER B 478 19.33 -55.86 -54.97
CA SER B 478 19.67 -57.28 -55.03
C SER B 478 19.51 -57.81 -56.45
N LEU B 479 18.44 -57.40 -57.11
CA LEU B 479 18.20 -57.75 -58.51
C LEU B 479 19.30 -57.24 -59.41
N PHE B 480 19.84 -56.07 -59.08
CA PHE B 480 20.92 -55.48 -59.84
C PHE B 480 22.22 -56.26 -59.64
N LEU B 481 22.53 -56.58 -58.37
CA LEU B 481 23.72 -57.35 -58.04
C LEU B 481 23.69 -58.73 -58.67
N LYS B 482 22.49 -59.32 -58.70
CA LYS B 482 22.29 -60.65 -59.26
C LYS B 482 22.67 -60.72 -60.74
N GLU B 483 22.66 -59.57 -61.39
CA GLU B 483 22.99 -59.47 -62.82
C GLU B 483 24.48 -59.61 -63.09
N PHE B 484 25.29 -59.71 -62.04
CA PHE B 484 26.73 -59.76 -62.20
C PHE B 484 27.33 -61.05 -61.65
N VAL B 485 26.47 -61.93 -61.17
CA VAL B 485 26.87 -63.30 -60.83
C VAL B 485 26.15 -64.25 -61.79
N GLN B 486 26.90 -64.80 -62.74
CA GLN B 486 26.30 -65.53 -63.85
C GLN B 486 25.99 -66.99 -63.54
N ASN B 487 26.81 -67.63 -62.71
CA ASN B 487 26.61 -69.05 -62.44
C ASN B 487 27.26 -69.54 -61.14
N THR B 488 27.24 -68.72 -60.10
CA THR B 488 27.83 -69.10 -58.82
C THR B 488 26.85 -68.83 -57.68
N ALA B 489 26.86 -69.71 -56.69
CA ALA B 489 26.03 -69.52 -55.49
C ALA B 489 26.42 -68.22 -54.80
N TRP B 490 25.47 -67.31 -54.68
CA TRP B 490 25.75 -65.98 -54.15
C TRP B 490 24.70 -65.51 -53.15
N ALA B 491 25.17 -64.84 -52.10
CA ALA B 491 24.28 -64.26 -51.10
C ALA B 491 24.70 -62.82 -50.79
N HIS B 492 23.72 -61.98 -50.49
CA HIS B 492 23.97 -60.57 -50.23
C HIS B 492 23.41 -60.16 -48.87
N ILE B 493 24.30 -59.74 -47.97
CA ILE B 493 23.89 -59.31 -46.64
C ILE B 493 23.88 -57.79 -46.53
N ASP B 494 22.69 -57.20 -46.48
CA ASP B 494 22.56 -55.75 -46.33
C ASP B 494 22.58 -55.38 -44.86
N ILE B 495 23.62 -54.65 -44.46
CA ILE B 495 23.81 -54.28 -43.06
C ILE B 495 23.67 -52.77 -42.84
N ALA B 496 22.95 -52.11 -43.75
CA ALA B 496 22.80 -50.65 -43.68
C ALA B 496 22.05 -50.20 -42.44
N GLY B 497 21.21 -51.10 -41.91
CA GLY B 497 20.40 -50.76 -40.75
C GLY B 497 21.03 -51.13 -39.42
N VAL B 498 21.92 -52.12 -39.42
CA VAL B 498 22.42 -52.69 -38.18
C VAL B 498 23.86 -52.33 -37.84
N SER B 499 24.61 -51.85 -38.82
CA SER B 499 26.03 -51.59 -38.64
C SER B 499 26.35 -50.64 -37.49
N TRP B 500 25.52 -49.60 -37.35
CA TRP B 500 25.78 -48.56 -36.35
C TRP B 500 24.88 -48.69 -35.12
N ASN B 501 25.48 -48.50 -33.94
CA ASN B 501 24.74 -48.51 -32.69
C ASN B 501 24.45 -47.09 -32.24
N PHE B 502 23.21 -46.64 -32.45
CA PHE B 502 22.83 -45.25 -32.20
C PHE B 502 22.68 -44.94 -30.71
N LYS B 503 22.43 -45.96 -29.91
CA LYS B 503 22.33 -45.78 -28.47
C LYS B 503 23.70 -45.54 -27.87
N ALA B 504 24.67 -46.32 -28.30
CA ALA B 504 26.03 -46.24 -27.77
C ALA B 504 26.92 -45.31 -28.60
N ARG B 505 26.37 -44.82 -29.70
CA ARG B 505 27.10 -43.92 -30.61
C ARG B 505 28.42 -44.51 -31.08
N LYS B 506 28.38 -45.75 -31.56
CA LYS B 506 29.58 -46.44 -32.00
C LYS B 506 29.23 -47.56 -32.98
N PRO B 507 30.21 -48.03 -33.77
CA PRO B 507 29.94 -49.17 -34.64
C PRO B 507 29.65 -50.44 -33.85
N LYS B 508 29.04 -51.42 -34.50
CA LYS B 508 28.80 -52.71 -33.85
C LYS B 508 29.85 -53.73 -34.27
N GLY B 509 30.50 -53.48 -35.40
CA GLY B 509 31.39 -54.45 -35.99
C GLY B 509 30.59 -55.63 -36.49
N PHE B 510 29.36 -55.35 -36.91
CA PHE B 510 28.43 -56.38 -37.37
C PHE B 510 28.98 -57.08 -38.60
N GLY B 511 28.99 -58.41 -38.57
CA GLY B 511 29.36 -59.20 -39.74
C GLY B 511 30.58 -60.07 -39.55
N VAL B 512 31.46 -59.68 -38.64
CA VAL B 512 32.71 -60.42 -38.43
C VAL B 512 32.44 -61.85 -37.96
N ARG B 513 31.74 -61.99 -36.85
CA ARG B 513 31.46 -63.29 -36.27
C ARG B 513 30.59 -64.14 -37.18
N LEU B 514 29.65 -63.50 -37.85
CA LEU B 514 28.75 -64.18 -38.79
C LEU B 514 29.53 -64.80 -39.95
N LEU B 515 30.44 -64.02 -40.53
CA LEU B 515 31.21 -64.46 -41.68
C LEU B 515 32.23 -65.53 -41.30
N THR B 516 32.76 -65.45 -40.08
CA THR B 516 33.74 -66.42 -39.63
C THR B 516 33.07 -67.77 -39.35
N GLU B 517 31.95 -67.74 -38.62
CA GLU B 517 31.17 -68.93 -38.37
C GLU B 517 30.77 -69.60 -39.69
N PHE B 518 30.52 -68.78 -40.70
CA PHE B 518 30.21 -69.28 -42.03
C PHE B 518 31.41 -70.00 -42.64
N VAL B 519 32.58 -69.39 -42.50
CA VAL B 519 33.82 -69.96 -42.99
C VAL B 519 34.13 -71.29 -42.30
N LEU B 520 34.06 -71.28 -40.98
CA LEU B 520 34.46 -72.43 -40.17
C LEU B 520 33.59 -73.66 -40.41
N ASN B 521 32.27 -73.48 -40.37
CA ASN B 521 31.36 -74.60 -40.51
C ASN B 521 30.84 -74.75 -41.94
N SER C 5 40.16 -29.92 -79.17
CA SER C 5 39.90 -31.16 -79.90
C SER C 5 40.16 -32.39 -79.03
N GLU C 6 41.17 -32.31 -78.18
CA GLU C 6 41.52 -33.42 -77.29
C GLU C 6 40.62 -33.46 -76.07
N VAL C 7 39.84 -34.53 -75.94
CA VAL C 7 38.92 -34.69 -74.82
C VAL C 7 39.64 -35.18 -73.57
N PRO C 8 39.60 -34.38 -72.50
CA PRO C 8 40.24 -34.75 -71.23
C PRO C 8 39.54 -35.93 -70.54
N GLN C 9 40.33 -36.79 -69.92
CA GLN C 9 39.80 -37.95 -69.20
C GLN C 9 40.25 -37.96 -67.75
N VAL C 10 39.48 -38.63 -66.89
CA VAL C 10 39.89 -38.86 -65.51
C VAL C 10 40.52 -40.24 -65.40
N VAL C 11 39.86 -41.22 -66.02
CA VAL C 11 40.42 -42.55 -66.18
C VAL C 11 40.46 -42.89 -67.66
N SER C 12 41.18 -43.94 -68.03
CA SER C 12 41.34 -44.31 -69.44
C SER C 12 40.06 -44.88 -70.02
N LEU C 13 39.11 -45.22 -69.16
CA LEU C 13 37.85 -45.81 -69.60
C LEU C 13 36.83 -44.73 -69.97
N ASP C 14 37.14 -43.48 -69.63
CA ASP C 14 36.28 -42.36 -70.01
C ASP C 14 36.27 -42.17 -71.52
N PRO C 15 35.08 -42.12 -72.12
CA PRO C 15 34.92 -41.95 -73.57
C PRO C 15 35.48 -40.61 -74.06
N THR C 16 35.90 -40.58 -75.32
CA THR C 16 36.52 -39.38 -75.88
C THR C 16 35.76 -38.87 -77.10
N SER C 17 34.63 -39.48 -77.41
CA SER C 17 33.82 -39.08 -78.54
C SER C 17 32.39 -39.56 -78.42
N ILE C 18 31.45 -38.77 -78.91
CA ILE C 18 30.05 -39.19 -78.98
C ILE C 18 29.90 -40.18 -80.12
N PRO C 19 29.49 -41.42 -79.80
CA PRO C 19 29.20 -42.37 -80.88
C PRO C 19 28.04 -41.86 -81.72
N ILE C 20 28.27 -41.69 -83.02
CA ILE C 20 27.25 -41.13 -83.90
C ILE C 20 27.01 -42.01 -85.11
N GLU C 21 25.74 -42.33 -85.35
CA GLU C 21 25.35 -43.19 -86.44
C GLU C 21 24.71 -42.36 -87.57
N TYR C 22 25.44 -42.22 -88.68
CA TYR C 22 24.96 -41.44 -89.81
C TYR C 22 24.14 -42.28 -90.76
N ASN C 23 24.69 -43.43 -91.17
CA ASN C 23 23.98 -44.36 -92.02
C ASN C 23 23.05 -45.26 -91.22
N THR C 24 21.87 -44.73 -90.89
CA THR C 24 20.87 -45.47 -90.13
C THR C 24 20.12 -46.44 -91.04
N PRO C 25 19.53 -47.50 -90.46
CA PRO C 25 18.71 -48.46 -91.21
C PRO C 25 17.66 -47.80 -92.11
N ILE C 26 17.10 -46.68 -91.65
CA ILE C 26 16.08 -45.95 -92.41
C ILE C 26 16.60 -45.53 -93.79
N HIS C 27 17.87 -45.15 -93.86
CA HIS C 27 18.46 -44.69 -95.11
C HIS C 27 18.59 -45.79 -96.16
N ASP C 28 18.37 -47.03 -95.76
CA ASP C 28 18.47 -48.16 -96.68
C ASP C 28 17.10 -48.57 -97.21
N ILE C 29 16.07 -47.84 -96.81
CA ILE C 29 14.71 -48.15 -97.22
C ILE C 29 14.37 -47.50 -98.57
N LYS C 30 14.00 -48.33 -99.54
CA LYS C 30 13.58 -47.82 -100.85
C LYS C 30 12.11 -47.43 -100.79
N VAL C 31 11.82 -46.17 -101.11
CA VAL C 31 10.46 -45.65 -100.99
C VAL C 31 9.85 -45.31 -102.34
N GLN C 32 8.88 -46.13 -102.75
CA GLN C 32 8.16 -45.90 -104.00
C GLN C 32 6.77 -45.35 -103.72
N VAL C 33 6.39 -44.30 -104.43
CA VAL C 33 5.04 -43.75 -104.32
C VAL C 33 4.25 -44.05 -105.58
N TYR C 34 3.05 -44.58 -105.40
CA TYR C 34 2.19 -44.92 -106.54
C TYR C 34 0.86 -44.18 -106.44
N ASP C 35 0.29 -43.81 -107.59
CA ASP C 35 -1.03 -43.20 -107.59
C ASP C 35 -2.07 -44.26 -107.27
N ILE C 36 -2.95 -43.95 -106.32
CA ILE C 36 -3.88 -44.93 -105.78
C ILE C 36 -4.95 -45.36 -106.79
N LYS C 37 -5.13 -44.58 -107.84
CA LYS C 37 -6.12 -44.90 -108.86
C LYS C 37 -5.56 -45.94 -109.84
N GLY C 38 -4.28 -46.25 -109.71
CA GLY C 38 -3.64 -47.22 -110.57
C GLY C 38 -3.75 -48.64 -110.03
N GLY C 39 -4.46 -48.79 -108.92
CA GLY C 39 -4.68 -50.11 -108.34
C GLY C 39 -3.54 -50.59 -107.47
N CYS C 40 -3.88 -51.07 -106.27
CA CYS C 40 -2.89 -51.57 -105.33
C CYS C 40 -2.46 -53.00 -105.66
N ASN C 41 -1.15 -53.22 -105.69
CA ASN C 41 -0.62 -54.57 -105.86
C ASN C 41 -0.21 -55.15 -104.51
N VAL C 42 -0.75 -56.32 -104.19
CA VAL C 42 -0.47 -56.96 -102.91
C VAL C 42 0.24 -58.29 -103.12
N GLU C 43 1.54 -58.31 -102.90
CA GLU C 43 2.36 -59.46 -103.27
C GLU C 43 3.20 -60.00 -102.12
N GLU C 44 3.66 -59.10 -101.25
CA GLU C 44 4.65 -59.46 -100.25
C GLU C 44 4.63 -58.53 -99.03
N GLY C 45 5.20 -59.00 -97.93
CA GLY C 45 5.31 -58.20 -96.72
C GLY C 45 3.96 -57.85 -96.10
N LEU C 46 3.84 -56.61 -95.65
CA LEU C 46 2.62 -56.16 -95.00
C LEU C 46 2.01 -54.96 -95.73
N THR C 47 0.70 -55.00 -95.93
CA THR C 47 -0.02 -53.92 -96.61
C THR C 47 -1.08 -53.30 -95.71
N ILE C 48 -0.89 -52.03 -95.37
CA ILE C 48 -1.77 -51.34 -94.44
C ILE C 48 -2.64 -50.27 -95.10
N PHE C 49 -3.94 -50.32 -94.84
CA PHE C 49 -4.87 -49.31 -95.31
C PHE C 49 -5.15 -48.29 -94.21
N LEU C 50 -4.97 -47.01 -94.51
CA LEU C 50 -5.33 -45.96 -93.58
C LEU C 50 -6.77 -45.54 -93.84
N VAL C 51 -7.68 -46.04 -92.99
CA VAL C 51 -9.11 -45.86 -93.22
C VAL C 51 -9.78 -45.02 -92.14
N ASN C 52 -10.96 -44.53 -92.47
CA ASN C 52 -11.77 -43.75 -91.54
C ASN C 52 -13.25 -43.83 -91.90
N ASN C 53 -14.09 -43.20 -91.10
CA ASN C 53 -15.50 -43.06 -91.43
C ASN C 53 -16.01 -41.71 -90.97
N PRO C 54 -16.04 -40.73 -91.90
CA PRO C 54 -16.49 -39.37 -91.62
C PRO C 54 -17.90 -39.33 -91.05
N GLY C 55 -18.05 -38.83 -89.83
CA GLY C 55 -19.34 -38.72 -89.19
C GLY C 55 -19.68 -39.88 -88.28
N LYS C 56 -19.48 -41.10 -88.77
CA LYS C 56 -19.78 -42.29 -88.00
C LYS C 56 -18.68 -42.61 -87.01
N GLU C 57 -18.87 -42.18 -85.76
CA GLU C 57 -17.92 -42.48 -84.69
C GLU C 57 -17.89 -43.99 -84.44
N ASN C 58 -16.68 -44.54 -84.39
CA ASN C 58 -16.48 -45.99 -84.32
C ASN C 58 -17.16 -46.71 -85.48
N GLY C 59 -17.29 -46.00 -86.60
CA GLY C 59 -17.94 -46.53 -87.78
C GLY C 59 -17.19 -47.71 -88.37
N PRO C 60 -17.88 -48.50 -89.21
CA PRO C 60 -17.29 -49.71 -89.79
C PRO C 60 -16.13 -49.39 -90.76
N VAL C 61 -15.24 -50.35 -90.93
CA VAL C 61 -14.15 -50.19 -91.89
C VAL C 61 -14.63 -50.53 -93.30
N LYS C 62 -14.54 -49.55 -94.20
CA LYS C 62 -14.85 -49.78 -95.60
C LYS C 62 -13.64 -49.47 -96.45
N ILE C 63 -13.12 -50.49 -97.13
CA ILE C 63 -12.00 -50.32 -98.04
C ILE C 63 -12.51 -49.81 -99.39
N SER C 64 -12.10 -48.59 -99.74
CA SER C 64 -12.63 -47.94 -100.94
C SER C 64 -11.63 -47.93 -102.10
N SER C 65 -10.43 -48.43 -101.87
CA SER C 65 -9.43 -48.52 -102.92
C SER C 65 -9.76 -49.64 -103.89
N LYS C 66 -9.02 -49.71 -104.99
CA LYS C 66 -9.13 -50.82 -105.92
C LYS C 66 -7.89 -51.70 -105.79
N VAL C 67 -8.11 -52.99 -105.59
CA VAL C 67 -7.02 -53.92 -105.36
C VAL C 67 -6.86 -54.90 -106.52
N ASN C 68 -5.69 -54.88 -107.16
CA ASN C 68 -5.45 -55.71 -108.34
C ASN C 68 -5.23 -57.18 -108.00
N ASP C 69 -6.11 -57.71 -107.17
CA ASP C 69 -6.06 -59.12 -106.79
C ASP C 69 -7.47 -59.56 -106.38
N LYS C 70 -7.96 -60.62 -107.02
CA LYS C 70 -9.31 -61.09 -106.78
C LYS C 70 -9.50 -61.59 -105.35
N GLN C 71 -8.54 -62.38 -104.87
CA GLN C 71 -8.65 -62.99 -103.56
C GLN C 71 -8.54 -61.99 -102.41
N VAL C 72 -7.67 -61.01 -102.56
CA VAL C 72 -7.53 -59.97 -101.53
C VAL C 72 -8.74 -59.06 -101.54
N SER C 73 -9.22 -58.73 -102.74
CA SER C 73 -10.44 -57.92 -102.89
C SER C 73 -11.63 -58.64 -102.27
N GLU C 74 -11.68 -59.96 -102.45
CA GLU C 74 -12.73 -60.77 -101.87
C GLU C 74 -12.67 -60.73 -100.35
N PHE C 75 -11.47 -60.81 -99.81
CA PHE C 75 -11.26 -60.72 -98.37
C PHE C 75 -11.66 -59.34 -97.85
N LEU C 76 -11.41 -58.32 -98.66
CA LEU C 76 -11.66 -56.94 -98.26
C LEU C 76 -13.03 -56.45 -98.70
N LYS C 77 -13.91 -57.37 -99.08
CA LYS C 77 -15.30 -57.01 -99.37
C LYS C 77 -15.91 -56.39 -98.12
N ASP C 78 -16.84 -55.46 -98.31
CA ASP C 78 -17.44 -54.73 -97.20
C ASP C 78 -18.17 -55.66 -96.23
N GLU C 79 -18.58 -56.83 -96.73
CA GLU C 79 -19.22 -57.85 -95.89
C GLU C 79 -18.27 -58.31 -94.78
N ASN C 80 -17.04 -58.63 -95.17
CA ASN C 80 -16.04 -59.14 -94.23
C ASN C 80 -15.55 -58.10 -93.24
N MET C 81 -15.53 -56.84 -93.68
CA MET C 81 -14.89 -55.77 -92.91
C MET C 81 -15.83 -55.09 -91.90
N GLU C 82 -17.11 -55.44 -91.96
CA GLU C 82 -18.12 -54.80 -91.12
C GLU C 82 -17.85 -55.01 -89.63
N LYS C 83 -17.14 -56.08 -89.30
CA LYS C 83 -16.84 -56.43 -87.91
C LYS C 83 -15.80 -55.50 -87.28
N PHE C 84 -15.17 -54.67 -88.09
CA PHE C 84 -14.10 -53.80 -87.60
C PHE C 84 -14.48 -52.32 -87.65
N ASN C 85 -14.01 -51.56 -86.66
CA ASN C 85 -14.33 -50.14 -86.56
C ASN C 85 -13.12 -49.24 -86.80
N VAL C 86 -13.37 -48.00 -87.20
CA VAL C 86 -12.31 -47.07 -87.59
C VAL C 86 -11.80 -46.23 -86.43
N LYS C 87 -12.06 -46.66 -85.20
CA LYS C 87 -11.63 -45.93 -84.01
C LYS C 87 -10.14 -45.61 -84.05
N LEU C 88 -9.82 -44.32 -83.98
CA LEU C 88 -8.45 -43.82 -84.10
C LEU C 88 -7.44 -44.59 -83.24
N GLY C 89 -6.44 -45.17 -83.90
CA GLY C 89 -5.40 -45.90 -83.20
C GLY C 89 -5.56 -47.41 -83.27
N THR C 90 -6.78 -47.85 -83.58
CA THR C 90 -7.09 -49.27 -83.69
C THR C 90 -6.51 -49.86 -84.98
N SER C 91 -5.99 -51.07 -84.89
CA SER C 91 -5.48 -51.78 -86.06
C SER C 91 -5.82 -53.27 -86.00
N LYS C 92 -5.79 -53.93 -87.15
CA LYS C 92 -6.00 -55.37 -87.22
C LYS C 92 -5.03 -56.01 -88.21
N HIS C 93 -4.78 -57.29 -88.02
CA HIS C 93 -3.93 -58.04 -88.94
C HIS C 93 -4.74 -59.08 -89.70
N PHE C 94 -4.69 -59.02 -91.03
CA PHE C 94 -5.34 -60.03 -91.86
C PHE C 94 -4.29 -60.95 -92.48
N TYR C 95 -4.68 -62.18 -92.75
CA TYR C 95 -3.79 -63.16 -93.39
C TYR C 95 -4.54 -63.94 -94.46
N MET C 96 -4.01 -63.96 -95.68
CA MET C 96 -4.70 -64.59 -96.79
C MET C 96 -3.75 -65.01 -97.91
N PHE C 97 -4.30 -65.67 -98.92
CA PHE C 97 -3.56 -66.06 -100.10
C PHE C 97 -4.04 -65.30 -101.32
N ASN C 98 -3.11 -64.71 -102.07
CA ASN C 98 -3.48 -63.94 -103.25
C ASN C 98 -3.62 -64.82 -104.50
N ASP C 99 -3.79 -64.18 -105.66
CA ASP C 99 -4.04 -64.88 -106.91
C ASP C 99 -2.89 -65.82 -107.30
N ASN C 100 -1.68 -65.47 -106.89
CA ASN C 100 -0.51 -66.28 -107.22
C ASN C 100 -0.28 -67.38 -106.19
N LYS C 101 -1.32 -67.70 -105.42
CA LYS C 101 -1.25 -68.70 -104.36
C LYS C 101 -0.17 -68.37 -103.33
N ASN C 102 0.14 -67.09 -103.19
CA ASN C 102 1.11 -66.64 -102.21
C ASN C 102 0.44 -66.19 -100.92
N SER C 103 0.97 -66.64 -99.78
CA SER C 103 0.52 -66.14 -98.49
C SER C 103 0.89 -64.66 -98.40
N VAL C 104 0.02 -63.87 -97.77
CA VAL C 104 0.20 -62.43 -97.75
C VAL C 104 -0.47 -61.81 -96.52
N ALA C 105 0.15 -60.75 -96.00
CA ALA C 105 -0.37 -60.06 -94.82
C ALA C 105 -1.00 -58.71 -95.19
N VAL C 106 -2.24 -58.51 -94.75
CA VAL C 106 -2.96 -57.28 -95.00
C VAL C 106 -3.48 -56.73 -93.67
N GLY C 107 -3.67 -55.42 -93.58
CA GLY C 107 -4.22 -54.84 -92.37
C GLY C 107 -4.73 -53.43 -92.57
N TYR C 108 -5.25 -52.83 -91.50
CA TYR C 108 -5.70 -51.45 -91.53
C TYR C 108 -5.35 -50.74 -90.23
N VAL C 109 -5.43 -49.41 -90.25
CA VAL C 109 -5.27 -48.61 -89.04
C VAL C 109 -6.32 -47.50 -89.02
N GLY C 110 -7.10 -47.43 -87.95
CA GLY C 110 -8.18 -46.47 -87.85
C GLY C 110 -7.72 -45.04 -87.65
N CYS C 111 -8.42 -44.11 -88.29
CA CYS C 111 -8.07 -42.69 -88.20
C CYS C 111 -9.23 -41.85 -87.68
N GLY C 112 -10.22 -42.51 -87.09
CA GLY C 112 -11.33 -41.82 -86.46
C GLY C 112 -12.41 -41.34 -87.41
N SER C 113 -13.20 -40.38 -86.94
CA SER C 113 -14.32 -39.86 -87.72
C SER C 113 -14.09 -38.43 -88.20
N VAL C 114 -12.97 -37.83 -87.79
CA VAL C 114 -12.64 -36.48 -88.21
C VAL C 114 -12.17 -36.47 -89.66
N ALA C 115 -12.50 -35.40 -90.38
CA ALA C 115 -12.20 -35.30 -91.80
C ALA C 115 -10.76 -34.85 -92.05
N ASP C 116 -10.15 -34.26 -91.02
CA ASP C 116 -8.77 -33.80 -91.12
C ASP C 116 -8.03 -34.02 -89.81
N LEU C 117 -6.95 -34.79 -89.88
CA LEU C 117 -6.19 -35.18 -88.68
C LEU C 117 -5.24 -34.07 -88.21
N SER C 118 -5.10 -33.96 -86.90
CA SER C 118 -4.13 -33.03 -86.31
C SER C 118 -2.76 -33.69 -86.24
N GLU C 119 -1.77 -32.93 -85.77
CA GLU C 119 -0.42 -33.45 -85.59
C GLU C 119 -0.42 -34.61 -84.59
N ALA C 120 -1.23 -34.48 -83.55
CA ALA C 120 -1.33 -35.52 -82.54
C ALA C 120 -2.11 -36.73 -83.06
N ASP C 121 -3.07 -36.47 -83.93
CA ASP C 121 -3.86 -37.54 -84.53
C ASP C 121 -3.00 -38.43 -85.43
N MET C 122 -2.23 -37.80 -86.32
CA MET C 122 -1.36 -38.53 -87.24
C MET C 122 -0.27 -39.28 -86.48
N LYS C 123 0.21 -38.68 -85.41
CA LYS C 123 1.24 -39.31 -84.58
C LYS C 123 0.69 -40.55 -83.88
N ARG C 124 -0.61 -40.52 -83.60
CA ARG C 124 -1.28 -41.66 -82.99
C ARG C 124 -1.41 -42.80 -84.00
N VAL C 125 -1.74 -42.43 -85.24
CA VAL C 125 -1.85 -43.40 -86.33
C VAL C 125 -0.51 -44.06 -86.62
N VAL C 126 0.54 -43.24 -86.68
CA VAL C 126 1.88 -43.73 -86.96
C VAL C 126 2.36 -44.70 -85.88
N LEU C 127 2.08 -44.37 -84.62
CA LEU C 127 2.51 -45.22 -83.50
C LEU C 127 1.84 -46.59 -83.55
N SER C 128 0.61 -46.64 -84.03
CA SER C 128 -0.08 -47.92 -84.19
C SER C 128 0.55 -48.70 -85.33
N LEU C 129 0.99 -47.98 -86.36
CA LEU C 129 1.64 -48.59 -87.52
C LEU C 129 2.97 -49.23 -87.13
N VAL C 130 3.71 -48.54 -86.26
CA VAL C 130 5.02 -49.03 -85.83
C VAL C 130 4.90 -50.27 -84.93
N THR C 131 3.80 -50.36 -84.18
CA THR C 131 3.55 -51.54 -83.37
C THR C 131 3.44 -52.78 -84.23
N MET C 132 2.79 -52.63 -85.39
CA MET C 132 2.66 -53.73 -86.33
C MET C 132 4.03 -54.06 -86.94
N LEU C 133 4.92 -53.08 -86.96
CA LEU C 133 6.25 -53.25 -87.50
C LEU C 133 7.20 -53.88 -86.48
N HIS C 134 6.94 -53.64 -85.21
CA HIS C 134 7.76 -54.20 -84.14
C HIS C 134 7.38 -55.65 -83.86
N ASP C 135 8.36 -56.44 -83.42
CA ASP C 135 8.18 -57.87 -83.13
C ASP C 135 7.57 -58.61 -84.31
N ASN C 136 7.99 -58.23 -85.51
CA ASN C 136 7.56 -58.88 -86.74
C ASN C 136 8.61 -58.68 -87.81
N LYS C 137 9.12 -59.78 -88.36
CA LYS C 137 10.17 -59.69 -89.36
C LYS C 137 9.58 -59.56 -90.75
N LEU C 138 9.57 -58.32 -91.25
CA LEU C 138 8.99 -58.00 -92.54
C LEU C 138 10.03 -57.45 -93.49
N SER C 139 9.92 -57.80 -94.77
CA SER C 139 10.85 -57.32 -95.78
C SER C 139 10.32 -56.07 -96.47
N LYS C 140 9.04 -55.79 -96.28
CA LYS C 140 8.40 -54.69 -96.99
C LYS C 140 7.10 -54.24 -96.33
N LEU C 141 6.89 -52.93 -96.28
CA LEU C 141 5.64 -52.36 -95.79
C LEU C 141 4.99 -51.49 -96.87
N THR C 142 3.69 -51.68 -97.09
CA THR C 142 2.94 -50.87 -98.04
C THR C 142 1.82 -50.12 -97.34
N VAL C 143 1.85 -48.79 -97.45
CA VAL C 143 0.82 -47.96 -96.83
C VAL C 143 -0.11 -47.37 -97.88
N VAL C 144 -1.40 -47.68 -97.75
CA VAL C 144 -2.41 -47.19 -98.69
C VAL C 144 -3.25 -46.08 -98.05
N PHE C 145 -3.15 -44.88 -98.60
CA PHE C 145 -3.80 -43.71 -98.02
C PHE C 145 -5.24 -43.52 -98.49
N GLU C 146 -6.18 -44.04 -97.72
CA GLU C 146 -7.60 -43.83 -98.01
C GLU C 146 -8.17 -42.70 -97.16
N ILE C 147 -7.27 -41.85 -96.66
CA ILE C 147 -7.66 -40.62 -96.00
C ILE C 147 -6.95 -39.45 -96.67
N ASN C 148 -7.54 -38.27 -96.61
CA ASN C 148 -6.95 -37.11 -97.26
C ASN C 148 -5.94 -36.38 -96.37
N VAL C 149 -4.79 -36.07 -96.96
CA VAL C 149 -3.73 -35.35 -96.28
C VAL C 149 -3.08 -34.36 -97.24
N ASP C 150 -2.73 -33.18 -96.74
CA ASP C 150 -1.99 -32.23 -97.56
C ASP C 150 -0.52 -32.67 -97.63
N LYS C 151 0.30 -31.92 -98.35
CA LYS C 151 1.70 -32.29 -98.51
C LYS C 151 2.45 -32.28 -97.18
N ASN C 152 2.10 -31.35 -96.31
CA ASN C 152 2.78 -31.21 -95.02
C ASN C 152 2.47 -32.37 -94.07
N LEU C 153 1.19 -32.75 -93.99
CA LEU C 153 0.80 -33.85 -93.11
C LEU C 153 1.33 -35.17 -93.63
N PHE C 154 1.46 -35.27 -94.94
CA PHE C 154 2.03 -36.47 -95.56
C PHE C 154 3.51 -36.60 -95.22
N ARG C 155 4.23 -35.49 -95.34
CA ARG C 155 5.65 -35.49 -95.01
C ARG C 155 5.85 -35.76 -93.53
N PHE C 156 4.98 -35.16 -92.71
CA PHE C 156 5.01 -35.37 -91.27
C PHE C 156 4.78 -36.85 -90.93
N PHE C 157 3.94 -37.51 -91.73
CA PHE C 157 3.70 -38.93 -91.58
C PHE C 157 4.99 -39.72 -91.78
N LEU C 158 5.70 -39.43 -92.86
CA LEU C 158 6.95 -40.10 -93.16
C LEU C 158 8.02 -39.78 -92.11
N GLU C 159 8.15 -38.50 -91.77
CA GLU C 159 9.07 -38.05 -90.73
C GLU C 159 8.89 -38.83 -89.44
N THR C 160 7.63 -38.96 -89.02
CA THR C 160 7.28 -39.61 -87.76
C THR C 160 7.48 -41.12 -87.85
N LEU C 161 7.12 -41.69 -88.99
CA LEU C 161 7.26 -43.13 -89.20
C LEU C 161 8.73 -43.55 -89.11
N PHE C 162 9.60 -42.77 -89.73
CA PHE C 162 11.03 -43.05 -89.70
C PHE C 162 11.59 -42.93 -88.28
N TYR C 163 11.24 -41.84 -87.60
CA TYR C 163 11.78 -41.52 -86.29
C TYR C 163 11.39 -42.52 -85.20
N GLU C 164 10.14 -42.98 -85.25
CA GLU C 164 9.64 -43.90 -84.23
C GLU C 164 10.05 -45.34 -84.52
N TYR C 165 10.32 -45.63 -85.78
CA TYR C 165 10.75 -46.96 -86.21
C TYR C 165 12.20 -47.19 -85.79
N MET C 166 13.03 -46.16 -85.97
CA MET C 166 14.45 -46.23 -85.67
C MET C 166 14.72 -46.37 -84.18
N THR C 167 15.51 -47.38 -83.81
CA THR C 167 15.85 -47.61 -82.41
C THR C 167 17.33 -47.36 -82.15
N ASP C 168 17.62 -46.55 -81.14
CA ASP C 168 18.99 -46.20 -80.79
C ASP C 168 19.63 -47.30 -79.93
N GLU C 169 20.63 -47.98 -80.49
CA GLU C 169 21.32 -49.05 -79.79
C GLU C 169 22.80 -48.77 -79.60
N ARG C 170 23.17 -47.49 -79.60
CA ARG C 170 24.57 -47.10 -79.49
C ARG C 170 25.21 -47.51 -78.16
N PHE C 171 24.39 -47.62 -77.13
CA PHE C 171 24.91 -47.90 -75.79
C PHE C 171 24.48 -49.27 -75.28
N LYS C 172 23.73 -49.99 -76.10
CA LYS C 172 23.45 -51.39 -75.84
C LYS C 172 24.72 -52.20 -76.11
N SER C 173 25.06 -53.09 -75.18
CA SER C 173 26.24 -53.93 -75.35
C SER C 173 25.84 -55.40 -75.35
N THR C 174 25.61 -55.94 -74.15
CA THR C 174 25.19 -57.33 -74.02
C THR C 174 23.68 -57.48 -74.13
N ASP C 175 23.01 -56.39 -74.50
CA ASP C 175 21.56 -56.39 -74.56
C ASP C 175 21.01 -55.67 -75.80
N LYS C 176 21.57 -55.98 -76.95
CA LYS C 176 21.00 -55.51 -78.21
C LYS C 176 19.79 -56.36 -78.55
N ASN C 177 18.78 -55.77 -79.18
CA ASN C 177 17.62 -56.53 -79.61
C ASN C 177 18.02 -57.48 -80.73
N VAL C 178 18.06 -58.77 -80.42
CA VAL C 178 18.52 -59.79 -81.36
C VAL C 178 17.55 -59.99 -82.52
N ASN C 179 16.35 -59.42 -82.41
CA ASN C 179 15.32 -59.60 -83.43
C ASN C 179 15.00 -58.31 -84.19
N MET C 180 15.76 -57.25 -83.93
CA MET C 180 15.49 -55.97 -84.56
C MET C 180 15.82 -55.99 -86.05
N GLU C 181 14.83 -56.40 -86.85
CA GLU C 181 14.95 -56.40 -88.30
C GLU C 181 14.22 -55.20 -88.87
N TYR C 182 14.79 -54.58 -89.90
CA TYR C 182 14.16 -53.42 -90.55
C TYR C 182 13.70 -53.77 -91.95
N ILE C 183 12.56 -53.21 -92.34
CA ILE C 183 12.06 -53.38 -93.70
C ILE C 183 13.03 -52.73 -94.68
N LYS C 184 13.07 -53.25 -95.91
CA LYS C 184 13.99 -52.73 -96.92
C LYS C 184 13.25 -51.95 -97.99
N HIS C 185 11.93 -52.13 -98.05
CA HIS C 185 11.12 -51.47 -99.06
C HIS C 185 9.87 -50.87 -98.44
N LEU C 186 9.51 -49.66 -98.88
CA LEU C 186 8.32 -48.99 -98.40
C LEU C 186 7.48 -48.47 -99.56
N GLY C 187 6.26 -48.97 -99.68
CA GLY C 187 5.36 -48.55 -100.75
C GLY C 187 4.24 -47.66 -100.23
N VAL C 188 3.95 -46.60 -100.97
CA VAL C 188 2.88 -45.67 -100.60
C VAL C 188 1.92 -45.45 -101.75
N TYR C 189 0.65 -45.77 -101.52
CA TYR C 189 -0.41 -45.50 -102.49
C TYR C 189 -1.23 -44.30 -102.04
N ILE C 190 -1.32 -43.29 -102.91
CA ILE C 190 -2.02 -42.06 -102.55
C ILE C 190 -2.53 -41.30 -103.79
N ASN C 191 -3.64 -40.58 -103.62
CA ASN C 191 -4.18 -39.74 -104.68
C ASN C 191 -3.22 -38.61 -105.03
N ASN C 192 -3.17 -38.25 -106.31
CA ASN C 192 -2.27 -37.21 -106.81
C ASN C 192 -0.83 -37.44 -106.34
N ALA C 193 -0.35 -38.67 -106.51
CA ALA C 193 0.92 -39.10 -105.95
C ALA C 193 2.11 -38.27 -106.41
N ASP C 194 2.04 -37.76 -107.64
CA ASP C 194 3.16 -37.04 -108.22
C ASP C 194 3.45 -35.70 -107.55
N THR C 195 2.54 -35.27 -106.67
CA THR C 195 2.74 -34.03 -105.92
C THR C 195 3.28 -34.35 -104.52
N TYR C 196 3.31 -35.64 -104.19
CA TYR C 196 3.79 -36.08 -102.88
C TYR C 196 5.20 -36.63 -102.95
N LYS C 197 5.65 -36.98 -104.15
CA LYS C 197 6.94 -37.64 -104.34
C LYS C 197 8.12 -36.79 -103.89
N GLU C 198 7.99 -35.47 -104.03
CA GLU C 198 9.03 -34.55 -103.60
C GLU C 198 9.18 -34.53 -102.09
N GLU C 199 8.10 -34.91 -101.39
CA GLU C 199 8.07 -34.85 -99.94
C GLU C 199 8.85 -36.00 -99.29
N VAL C 200 9.11 -37.05 -100.06
CA VAL C 200 9.73 -38.25 -99.51
C VAL C 200 11.16 -38.02 -99.02
N GLU C 201 12.02 -37.51 -99.89
CA GLU C 201 13.42 -37.32 -99.52
C GLU C 201 13.59 -36.10 -98.61
N LYS C 202 12.63 -35.17 -98.67
CA LYS C 202 12.62 -34.08 -97.72
C LYS C 202 12.32 -34.63 -96.34
N ALA C 203 11.43 -35.62 -96.29
CA ALA C 203 11.09 -36.28 -95.04
C ALA C 203 12.28 -37.07 -94.50
N ARG C 204 13.05 -37.67 -95.40
CA ARG C 204 14.23 -38.43 -95.01
C ARG C 204 15.31 -37.50 -94.48
N VAL C 205 15.44 -36.34 -95.10
CA VAL C 205 16.36 -35.32 -94.61
C VAL C 205 15.91 -34.81 -93.25
N TYR C 206 14.64 -34.42 -93.17
CA TYR C 206 14.04 -33.96 -91.92
C TYR C 206 14.11 -35.02 -90.84
N TYR C 207 14.05 -36.29 -91.24
CA TYR C 207 14.16 -37.40 -90.30
C TYR C 207 15.52 -37.41 -89.60
N PHE C 208 16.59 -37.38 -90.38
CA PHE C 208 17.92 -37.55 -89.79
C PHE C 208 18.33 -36.34 -88.97
N GLY C 209 17.94 -35.16 -89.41
CA GLY C 209 18.20 -33.94 -88.65
C GLY C 209 17.61 -34.06 -87.27
N THR C 210 16.42 -34.63 -87.20
CA THR C 210 15.74 -34.85 -85.93
C THR C 210 16.41 -35.96 -85.13
N TYR C 211 16.79 -37.05 -85.81
CA TYR C 211 17.41 -38.18 -85.15
C TYR C 211 18.86 -37.87 -84.75
N TYR C 212 19.51 -37.01 -85.53
CA TYR C 212 20.86 -36.57 -85.19
C TYR C 212 20.84 -35.77 -83.89
N ALA C 213 19.87 -34.86 -83.79
CA ALA C 213 19.67 -34.10 -82.57
C ALA C 213 19.35 -35.05 -81.42
N SER C 214 18.49 -36.02 -81.69
CA SER C 214 18.08 -37.01 -80.70
C SER C 214 19.27 -37.78 -80.16
N GLN C 215 20.25 -38.07 -81.03
CA GLN C 215 21.43 -38.82 -80.64
C GLN C 215 22.36 -38.01 -79.73
N LEU C 216 22.46 -36.72 -80.00
CA LEU C 216 23.27 -35.84 -79.17
C LEU C 216 22.66 -35.67 -77.79
N ILE C 217 21.34 -35.56 -77.75
CA ILE C 217 20.63 -35.39 -76.49
C ILE C 217 20.65 -36.67 -75.65
N ALA C 218 20.34 -37.80 -76.29
CA ALA C 218 20.28 -39.09 -75.61
C ALA C 218 21.65 -39.51 -75.09
N ALA C 219 22.71 -39.07 -75.77
CA ALA C 219 24.07 -39.35 -75.33
C ALA C 219 24.33 -38.68 -73.99
N PRO C 220 24.74 -39.48 -72.99
CA PRO C 220 24.96 -39.01 -71.61
C PRO C 220 26.10 -38.00 -71.51
N SER C 221 26.26 -37.41 -70.33
CA SER C 221 27.19 -36.30 -70.15
C SER C 221 28.65 -36.73 -70.01
N ASN C 222 28.90 -38.04 -69.97
CA ASN C 222 30.27 -38.53 -70.00
C ASN C 222 30.71 -38.76 -71.44
N TYR C 223 29.72 -38.95 -72.33
CA TYR C 223 29.97 -39.06 -73.75
C TYR C 223 29.88 -37.69 -74.43
N CYS C 224 28.77 -36.99 -74.16
CA CYS C 224 28.54 -35.69 -74.75
C CYS C 224 28.97 -34.57 -73.80
N ASN C 225 30.21 -34.12 -73.97
CA ASN C 225 30.79 -33.05 -73.17
C ASN C 225 31.12 -31.87 -74.07
N PRO C 226 31.47 -30.69 -73.49
CA PRO C 226 31.78 -29.52 -74.31
C PRO C 226 32.76 -29.76 -75.46
N VAL C 227 33.78 -30.58 -75.25
CA VAL C 227 34.77 -30.82 -76.29
C VAL C 227 34.27 -31.83 -77.33
N SER C 228 33.75 -32.95 -76.86
CA SER C 228 33.26 -33.99 -77.76
C SER C 228 32.07 -33.52 -78.59
N LEU C 229 31.28 -32.61 -78.03
CA LEU C 229 30.14 -32.06 -78.72
C LEU C 229 30.58 -31.11 -79.83
N SER C 230 31.56 -30.27 -79.53
CA SER C 230 32.07 -29.29 -80.49
C SER C 230 32.81 -29.98 -81.63
N ASN C 231 33.52 -31.06 -81.30
CA ASN C 231 34.23 -31.83 -82.31
C ASN C 231 33.26 -32.54 -83.25
N ALA C 232 32.07 -32.83 -82.74
CA ALA C 232 31.03 -33.45 -83.54
C ALA C 232 30.43 -32.44 -84.52
N ALA C 233 30.38 -31.18 -84.11
CA ALA C 233 29.89 -30.12 -84.96
C ALA C 233 30.84 -29.89 -86.14
N VAL C 234 32.15 -29.97 -85.85
CA VAL C 234 33.17 -29.85 -86.87
C VAL C 234 33.03 -30.95 -87.91
N GLU C 235 32.89 -32.18 -87.44
CA GLU C 235 32.76 -33.35 -88.31
C GLU C 235 31.53 -33.24 -89.21
N LEU C 236 30.43 -32.76 -88.65
CA LEU C 236 29.22 -32.53 -89.43
C LEU C 236 29.45 -31.49 -90.51
N ALA C 237 30.03 -30.36 -90.10
CA ALA C 237 30.29 -29.25 -91.00
C ALA C 237 31.20 -29.65 -92.16
N GLN C 238 32.15 -30.53 -91.87
CA GLN C 238 33.07 -31.03 -92.89
C GLN C 238 32.33 -31.88 -93.92
N LYS C 239 31.40 -32.71 -93.44
CA LYS C 239 30.62 -33.57 -94.32
C LYS C 239 29.64 -32.75 -95.15
N LEU C 240 29.15 -31.64 -94.58
CA LEU C 240 28.18 -30.79 -95.25
C LEU C 240 28.87 -29.69 -96.05
N ASN C 241 30.19 -29.63 -95.93
CA ASN C 241 31.00 -28.58 -96.55
C ASN C 241 30.54 -27.19 -96.14
N LEU C 242 30.39 -26.99 -94.84
CA LEU C 242 30.08 -25.68 -94.28
C LEU C 242 31.33 -25.07 -93.68
N GLU C 243 31.39 -23.74 -93.65
CA GLU C 243 32.45 -23.06 -92.93
C GLU C 243 32.21 -23.28 -91.43
N TYR C 244 33.27 -23.56 -90.69
CA TYR C 244 33.13 -23.80 -89.25
C TYR C 244 34.23 -23.12 -88.45
N LYS C 245 33.87 -22.76 -87.21
CA LYS C 245 34.75 -22.01 -86.33
C LYS C 245 34.49 -22.43 -84.90
N ILE C 246 35.54 -22.87 -84.20
CA ILE C 246 35.40 -23.29 -82.81
C ILE C 246 36.24 -22.41 -81.89
N LEU C 247 35.57 -21.51 -81.18
CA LEU C 247 36.25 -20.58 -80.28
C LEU C 247 36.61 -21.25 -78.96
N GLY C 248 37.89 -21.22 -78.63
CA GLY C 248 38.37 -21.76 -77.37
C GLY C 248 38.44 -20.68 -76.31
N VAL C 249 38.91 -21.05 -75.12
CA VAL C 249 38.93 -20.15 -73.97
C VAL C 249 39.67 -18.84 -74.24
N LYS C 250 40.86 -18.93 -74.83
CA LYS C 250 41.66 -17.75 -75.12
C LYS C 250 40.91 -16.77 -76.02
N GLU C 251 40.23 -17.29 -77.03
CA GLU C 251 39.41 -16.46 -77.91
C GLU C 251 38.24 -15.86 -77.13
N LEU C 252 37.61 -16.68 -76.30
CA LEU C 252 36.48 -16.25 -75.51
C LEU C 252 36.88 -15.17 -74.51
N GLU C 253 38.10 -15.25 -74.00
CA GLU C 253 38.61 -14.28 -73.05
C GLU C 253 38.88 -12.92 -73.72
N GLU C 254 39.42 -12.97 -74.93
CA GLU C 254 39.70 -11.75 -75.68
C GLU C 254 38.41 -11.06 -76.10
N LEU C 255 37.35 -11.83 -76.29
CA LEU C 255 36.05 -11.28 -76.62
C LEU C 255 35.28 -10.89 -75.36
N LYS C 256 35.90 -11.15 -74.21
CA LYS C 256 35.37 -10.74 -72.91
C LYS C 256 33.98 -11.30 -72.61
N MET C 257 33.76 -12.57 -72.95
CA MET C 257 32.50 -13.23 -72.66
C MET C 257 32.48 -13.76 -71.23
N GLY C 258 32.41 -12.85 -70.26
CA GLY C 258 32.48 -13.21 -68.86
C GLY C 258 31.33 -14.07 -68.36
N ALA C 259 30.13 -13.80 -68.85
CA ALA C 259 28.94 -14.55 -68.44
C ALA C 259 29.06 -16.02 -68.85
N TYR C 260 29.30 -16.25 -70.13
CA TYR C 260 29.48 -17.61 -70.66
C TYR C 260 30.67 -18.31 -70.01
N LEU C 261 31.79 -17.60 -69.87
CA LEU C 261 32.99 -18.19 -69.30
C LEU C 261 32.81 -18.54 -67.81
N SER C 262 32.05 -17.71 -67.10
CA SER C 262 31.80 -17.96 -65.68
C SER C 262 31.07 -19.27 -65.45
N VAL C 263 30.11 -19.56 -66.33
CA VAL C 263 29.29 -20.76 -66.21
C VAL C 263 30.13 -22.04 -66.30
N GLY C 264 31.17 -22.01 -67.12
CA GLY C 264 32.00 -23.18 -67.33
C GLY C 264 33.24 -23.26 -66.45
N LYS C 265 33.39 -22.28 -65.55
CA LYS C 265 34.57 -22.19 -64.68
C LYS C 265 34.83 -23.45 -63.87
N GLY C 266 33.78 -24.12 -63.43
CA GLY C 266 33.92 -25.28 -62.56
C GLY C 266 33.93 -26.61 -63.29
N SER C 267 34.05 -26.58 -64.61
CA SER C 267 34.05 -27.79 -65.40
C SER C 267 35.46 -28.23 -65.76
N MET C 268 35.68 -29.55 -65.80
CA MET C 268 36.96 -30.10 -66.23
C MET C 268 37.10 -29.99 -67.74
N TYR C 269 35.98 -29.69 -68.41
CA TYR C 269 35.98 -29.50 -69.85
C TYR C 269 36.00 -28.02 -70.18
N PRO C 270 36.95 -27.59 -71.02
CA PRO C 270 37.07 -26.20 -71.46
C PRO C 270 35.85 -25.75 -72.27
N ASN C 271 35.43 -24.50 -72.11
CA ASN C 271 34.34 -23.96 -72.90
C ASN C 271 34.65 -24.03 -74.39
N LYS C 272 33.64 -24.37 -75.19
CA LYS C 272 33.78 -24.41 -76.64
C LYS C 272 32.61 -23.70 -77.30
N PHE C 273 32.90 -22.65 -78.06
CA PHE C 273 31.86 -21.92 -78.76
C PHE C 273 31.75 -22.42 -80.20
N ILE C 274 30.59 -22.99 -80.53
CA ILE C 274 30.37 -23.51 -81.87
C ILE C 274 29.84 -22.43 -82.81
N HIS C 275 30.52 -22.23 -83.92
CA HIS C 275 30.05 -21.29 -84.94
C HIS C 275 30.10 -21.94 -86.32
N LEU C 276 28.93 -22.35 -86.80
CA LEU C 276 28.80 -22.88 -88.16
C LEU C 276 28.11 -21.85 -89.04
N THR C 277 28.48 -21.82 -90.32
CA THR C 277 27.88 -20.90 -91.27
C THR C 277 27.53 -21.58 -92.59
N TYR C 278 26.29 -21.39 -93.04
CA TYR C 278 25.91 -21.79 -94.38
C TYR C 278 25.68 -20.55 -95.23
N LYS C 279 26.26 -20.54 -96.42
CA LYS C 279 26.09 -19.41 -97.32
C LYS C 279 25.54 -19.86 -98.67
N SER C 280 24.59 -19.10 -99.19
CA SER C 280 24.01 -19.38 -100.50
C SER C 280 24.95 -18.90 -101.60
N LYS C 281 25.04 -19.68 -102.67
CA LYS C 281 25.73 -19.22 -103.88
C LYS C 281 24.78 -18.30 -104.63
N GLY C 282 25.00 -16.99 -104.47
CA GLY C 282 24.13 -16.00 -105.06
C GLY C 282 23.86 -14.86 -104.11
N ASP C 283 22.86 -14.05 -104.41
CA ASP C 283 22.55 -12.87 -103.61
C ASP C 283 21.90 -13.24 -102.28
N VAL C 284 22.58 -12.94 -101.19
CA VAL C 284 22.03 -13.15 -99.85
C VAL C 284 20.96 -12.10 -99.56
N LYS C 285 19.72 -12.55 -99.44
CA LYS C 285 18.60 -11.64 -99.17
C LYS C 285 18.22 -11.68 -97.70
N LYS C 286 18.70 -12.69 -96.99
CA LYS C 286 18.39 -12.84 -95.57
C LYS C 286 19.54 -13.46 -94.78
N LYS C 287 19.99 -12.75 -93.74
CA LYS C 287 20.99 -13.28 -92.82
C LYS C 287 20.33 -13.65 -91.50
N ILE C 288 20.50 -14.90 -91.08
CA ILE C 288 19.86 -15.40 -89.87
C ILE C 288 20.87 -16.02 -88.91
N ALA C 289 20.69 -15.77 -87.62
CA ALA C 289 21.52 -16.39 -86.61
C ALA C 289 20.68 -17.28 -85.70
N LEU C 290 21.00 -18.57 -85.68
CA LEU C 290 20.33 -19.53 -84.81
C LEU C 290 21.21 -19.83 -83.60
N VAL C 291 20.70 -19.52 -82.41
CA VAL C 291 21.46 -19.77 -81.18
C VAL C 291 20.79 -20.84 -80.31
N GLY C 292 21.53 -21.90 -80.02
CA GLY C 292 21.02 -22.96 -79.18
C GLY C 292 21.77 -23.07 -77.86
N LYS C 293 21.02 -23.24 -76.77
CA LYS C 293 21.61 -23.44 -75.46
C LYS C 293 22.39 -24.75 -75.44
N GLY C 294 23.66 -24.68 -75.04
CA GLY C 294 24.54 -25.83 -75.10
C GLY C 294 25.15 -26.25 -73.76
N ILE C 295 24.31 -26.53 -72.78
CA ILE C 295 24.78 -27.03 -71.50
C ILE C 295 24.79 -28.56 -71.51
N THR C 296 25.98 -29.14 -71.65
CA THR C 296 26.10 -30.60 -71.79
C THR C 296 25.62 -31.33 -70.54
N PHE C 297 25.91 -30.78 -69.37
CA PHE C 297 25.27 -31.25 -68.15
C PHE C 297 24.95 -30.10 -67.21
N ASP C 298 23.75 -30.14 -66.66
CA ASP C 298 23.31 -29.09 -65.74
C ASP C 298 23.11 -29.64 -64.33
N SER C 299 24.17 -29.65 -63.54
CA SER C 299 24.08 -30.08 -62.16
C SER C 299 23.32 -29.04 -61.34
N GLY C 300 23.36 -27.80 -61.81
CA GLY C 300 22.71 -26.70 -61.13
C GLY C 300 23.72 -25.78 -60.48
N GLY C 301 24.97 -26.24 -60.38
CA GLY C 301 26.01 -25.49 -59.71
C GLY C 301 25.84 -25.57 -58.21
N TYR C 302 26.33 -24.56 -57.49
CA TYR C 302 26.22 -24.54 -56.04
C TYR C 302 24.76 -24.42 -55.60
N ASN C 303 23.92 -23.89 -56.49
CA ASN C 303 22.47 -24.05 -56.33
C ASN C 303 22.08 -25.42 -56.87
N LEU C 304 22.60 -26.46 -56.24
CA LEU C 304 22.46 -27.83 -56.72
C LEU C 304 21.01 -28.27 -56.87
N LYS C 305 20.74 -28.99 -57.93
CA LYS C 305 19.41 -29.58 -58.13
C LYS C 305 19.20 -30.72 -57.15
N ALA C 306 19.01 -30.37 -55.88
CA ALA C 306 18.87 -31.35 -54.81
C ALA C 306 17.41 -31.48 -54.37
N ALA C 307 16.61 -30.48 -54.70
CA ALA C 307 15.20 -30.46 -54.32
C ALA C 307 14.44 -31.61 -54.97
N PRO C 308 13.36 -32.08 -54.33
CA PRO C 308 12.55 -33.15 -54.92
C PRO C 308 11.86 -32.70 -56.20
N GLY C 309 12.08 -33.43 -57.29
CA GLY C 309 11.48 -33.10 -58.56
C GLY C 309 12.39 -32.28 -59.45
N SER C 310 13.65 -32.15 -59.04
CA SER C 310 14.64 -31.38 -59.78
C SER C 310 15.05 -32.08 -61.07
N MET C 311 14.93 -33.41 -61.08
CA MET C 311 15.23 -34.24 -62.25
C MET C 311 16.68 -34.07 -62.72
N ILE C 312 17.62 -34.19 -61.78
CA ILE C 312 19.03 -34.00 -62.08
C ILE C 312 19.57 -35.08 -63.01
N ASP C 313 18.93 -36.25 -63.01
CA ASP C 313 19.37 -37.37 -63.83
C ASP C 313 18.92 -37.22 -65.28
N LEU C 314 18.12 -36.20 -65.55
CA LEU C 314 17.66 -35.93 -66.91
C LEU C 314 18.51 -34.84 -67.55
N MET C 315 19.21 -34.07 -66.72
CA MET C 315 19.87 -32.84 -67.15
C MET C 315 20.97 -33.01 -68.20
N LYS C 316 21.01 -34.15 -68.88
CA LYS C 316 21.85 -34.32 -70.04
C LYS C 316 21.17 -33.69 -71.25
N PHE C 317 19.88 -33.38 -71.10
CA PHE C 317 19.10 -32.82 -72.20
C PHE C 317 19.26 -31.31 -72.29
N ASP C 318 20.07 -30.73 -71.40
CA ASP C 318 20.21 -29.28 -71.34
C ASP C 318 21.02 -28.71 -72.50
N MET C 319 21.37 -29.57 -73.44
CA MET C 319 21.99 -29.13 -74.69
C MET C 319 21.07 -29.43 -75.86
N SER C 320 19.77 -29.54 -75.56
CA SER C 320 18.77 -29.83 -76.58
C SER C 320 18.66 -28.71 -77.60
N GLY C 321 18.79 -27.47 -77.13
CA GLY C 321 18.74 -26.32 -78.02
C GLY C 321 19.88 -26.35 -79.01
N CYS C 322 21.07 -26.72 -78.53
CA CYS C 322 22.24 -26.84 -79.38
C CYS C 322 22.04 -27.93 -80.43
N ALA C 323 21.54 -29.07 -79.99
CA ALA C 323 21.31 -30.21 -80.88
C ALA C 323 20.31 -29.86 -81.97
N ALA C 324 19.30 -29.08 -81.61
CA ALA C 324 18.27 -28.67 -82.57
C ALA C 324 18.87 -27.81 -83.67
N VAL C 325 19.85 -26.99 -83.32
CA VAL C 325 20.50 -26.10 -84.28
C VAL C 325 21.47 -26.88 -85.16
N LEU C 326 22.16 -27.85 -84.57
CA LEU C 326 23.05 -28.71 -85.34
C LEU C 326 22.24 -29.65 -86.23
N GLY C 327 21.08 -30.07 -85.73
CA GLY C 327 20.16 -30.85 -86.54
C GLY C 327 19.65 -30.02 -87.70
N CYS C 328 19.40 -28.74 -87.43
CA CYS C 328 18.97 -27.80 -88.46
C CYS C 328 20.11 -27.53 -89.45
N ALA C 329 21.33 -27.48 -88.93
CA ALA C 329 22.52 -27.29 -89.76
C ALA C 329 22.64 -28.41 -90.78
N TYR C 330 22.32 -29.63 -90.36
CA TYR C 330 22.33 -30.77 -91.26
C TYR C 330 21.30 -30.60 -92.36
N CYS C 331 20.12 -30.12 -92.00
CA CYS C 331 19.02 -29.96 -92.95
C CYS C 331 19.33 -28.89 -93.98
N VAL C 332 19.77 -27.72 -93.50
CA VAL C 332 20.13 -26.62 -94.37
C VAL C 332 21.30 -26.99 -95.26
N GLY C 333 22.32 -27.61 -94.66
CA GLY C 333 23.50 -28.03 -95.40
C GLY C 333 23.21 -29.07 -96.47
N THR C 334 22.13 -29.83 -96.27
CA THR C 334 21.74 -30.86 -97.22
C THR C 334 20.77 -30.32 -98.27
N LEU C 335 19.71 -29.65 -97.81
CA LEU C 335 18.69 -29.11 -98.72
C LEU C 335 19.21 -27.93 -99.51
N LYS C 336 20.15 -27.19 -98.91
CA LYS C 336 20.81 -26.05 -99.57
C LYS C 336 19.84 -25.02 -100.13
N PRO C 337 19.19 -24.26 -99.24
CA PRO C 337 18.28 -23.19 -99.66
C PRO C 337 19.04 -22.05 -100.34
N GLU C 338 18.31 -21.17 -101.01
CA GLU C 338 18.92 -20.07 -101.74
C GLU C 338 18.68 -18.72 -101.06
N ASN C 339 19.54 -17.76 -101.38
CA ASN C 339 19.37 -16.37 -100.95
C ASN C 339 19.37 -16.19 -99.43
N VAL C 340 19.96 -17.14 -98.72
CA VAL C 340 20.05 -17.06 -97.27
C VAL C 340 21.47 -17.26 -96.77
N GLU C 341 21.77 -16.66 -95.62
CA GLU C 341 23.02 -16.90 -94.92
C GLU C 341 22.70 -17.22 -93.47
N ILE C 342 23.05 -18.44 -93.04
CA ILE C 342 22.69 -18.89 -91.71
C ILE C 342 23.90 -19.06 -90.82
N HIS C 343 23.80 -18.56 -89.60
CA HIS C 343 24.86 -18.76 -88.61
C HIS C 343 24.36 -19.65 -87.47
N PHE C 344 24.97 -20.82 -87.34
CA PHE C 344 24.60 -21.77 -86.29
C PHE C 344 25.52 -21.59 -85.08
N LEU C 345 24.96 -21.03 -84.01
CA LEU C 345 25.76 -20.66 -82.86
C LEU C 345 25.38 -21.45 -81.61
N SER C 346 26.38 -21.78 -80.80
CA SER C 346 26.15 -22.46 -79.54
C SER C 346 27.33 -22.29 -78.59
N ALA C 347 27.09 -21.61 -77.48
CA ALA C 347 28.09 -21.46 -76.43
C ALA C 347 28.03 -22.69 -75.52
N VAL C 348 28.89 -23.67 -75.80
CA VAL C 348 28.82 -24.96 -75.13
C VAL C 348 29.68 -25.01 -73.86
N CYS C 349 29.08 -25.45 -72.76
CA CYS C 349 29.81 -25.63 -71.51
C CYS C 349 29.09 -26.58 -70.57
N GLU C 350 29.66 -26.78 -69.38
CA GLU C 350 29.10 -27.67 -68.39
C GLU C 350 28.98 -26.95 -67.04
N ASN C 351 27.82 -27.09 -66.39
CA ASN C 351 27.59 -26.42 -65.11
C ASN C 351 27.82 -27.38 -63.95
N MET C 352 28.98 -27.27 -63.32
CA MET C 352 29.39 -28.25 -62.31
C MET C 352 29.68 -27.64 -60.94
N VAL C 353 29.79 -28.50 -59.94
CA VAL C 353 30.18 -28.08 -58.60
C VAL C 353 31.65 -28.39 -58.38
N SER C 354 32.41 -27.38 -58.01
CA SER C 354 33.87 -27.50 -57.87
C SER C 354 34.41 -26.33 -57.08
N LYS C 355 35.70 -26.38 -56.76
CA LYS C 355 36.35 -25.25 -56.09
C LYS C 355 36.53 -24.10 -57.07
N ASN C 356 36.34 -24.39 -58.36
CA ASN C 356 36.53 -23.39 -59.41
C ASN C 356 35.22 -22.80 -59.93
N SER C 357 34.09 -23.32 -59.45
CA SER C 357 32.78 -22.89 -59.94
C SER C 357 32.48 -21.43 -59.59
N TYR C 358 31.53 -20.84 -60.32
CA TYR C 358 31.06 -19.50 -59.99
C TYR C 358 29.98 -19.60 -58.91
N ARG C 359 29.92 -18.61 -58.05
CA ARG C 359 29.10 -18.68 -56.84
C ARG C 359 27.87 -17.80 -56.93
N PRO C 360 26.83 -18.15 -56.17
CA PRO C 360 25.69 -17.23 -56.01
C PRO C 360 26.15 -15.92 -55.39
N GLY C 361 25.79 -14.80 -55.99
CA GLY C 361 26.21 -13.51 -55.50
C GLY C 361 27.32 -12.89 -56.33
N ASP C 362 28.04 -13.73 -57.06
CA ASP C 362 29.11 -13.27 -57.95
C ASP C 362 28.57 -12.27 -58.97
N ILE C 363 29.30 -11.18 -59.16
CA ILE C 363 28.96 -10.22 -60.20
C ILE C 363 29.92 -10.39 -61.38
N ILE C 364 29.34 -10.63 -62.55
CA ILE C 364 30.12 -10.95 -63.75
C ILE C 364 29.83 -9.96 -64.87
N THR C 365 30.71 -9.91 -65.86
CA THR C 365 30.59 -8.92 -66.94
C THR C 365 30.43 -9.57 -68.31
N ALA C 366 29.34 -9.24 -68.98
CA ALA C 366 29.07 -9.77 -70.31
C ALA C 366 29.93 -9.06 -71.37
N SER C 367 29.93 -9.60 -72.59
CA SER C 367 30.76 -9.06 -73.65
C SER C 367 30.23 -7.74 -74.21
N ASN C 368 29.07 -7.32 -73.71
CA ASN C 368 28.54 -6.01 -74.08
C ASN C 368 28.79 -4.98 -72.98
N GLY C 369 29.45 -5.43 -71.92
CA GLY C 369 29.87 -4.54 -70.85
C GLY C 369 28.96 -4.52 -69.63
N LYS C 370 27.80 -5.17 -69.73
CA LYS C 370 26.83 -5.17 -68.64
C LYS C 370 27.24 -6.08 -67.49
N THR C 371 27.20 -5.54 -66.28
CA THR C 371 27.49 -6.32 -65.08
C THR C 371 26.24 -7.06 -64.62
N ILE C 372 26.42 -8.32 -64.21
CA ILE C 372 25.31 -9.18 -63.84
C ILE C 372 25.50 -9.78 -62.45
N GLU C 373 24.53 -9.57 -61.57
CA GLU C 373 24.57 -10.18 -60.24
C GLU C 373 23.89 -11.54 -60.26
N VAL C 374 24.69 -12.60 -60.12
CA VAL C 374 24.16 -13.97 -60.11
C VAL C 374 23.37 -14.23 -58.83
N GLY C 375 22.09 -14.52 -58.98
CA GLY C 375 21.24 -14.83 -57.84
C GLY C 375 21.04 -16.32 -57.69
N ASN C 376 21.21 -17.04 -58.79
CA ASN C 376 21.07 -18.50 -58.79
C ASN C 376 21.95 -19.11 -59.89
N THR C 377 22.86 -20.00 -59.50
CA THR C 377 23.79 -20.61 -60.43
C THR C 377 23.11 -21.61 -61.36
N ASP C 378 21.87 -21.99 -61.04
CA ASP C 378 21.15 -22.96 -61.86
C ASP C 378 20.38 -22.25 -62.97
N ALA C 379 20.46 -20.92 -62.99
CA ALA C 379 19.94 -20.13 -64.09
C ALA C 379 21.08 -19.80 -65.05
N GLU C 380 21.84 -20.84 -65.41
CA GLU C 380 23.08 -20.65 -66.14
C GLU C 380 22.85 -20.47 -67.65
N GLY C 381 21.69 -20.90 -68.13
CA GLY C 381 21.38 -20.83 -69.54
C GLY C 381 21.36 -19.41 -70.07
N ARG C 382 20.64 -18.53 -69.37
CA ARG C 382 20.50 -17.15 -69.80
C ARG C 382 21.83 -16.42 -69.74
N LEU C 383 22.75 -16.92 -68.92
CA LEU C 383 24.08 -16.34 -68.81
C LEU C 383 24.89 -16.64 -70.07
N THR C 384 24.87 -17.90 -70.49
CA THR C 384 25.59 -18.30 -71.70
C THR C 384 24.94 -17.72 -72.94
N LEU C 385 23.61 -17.73 -72.97
CA LEU C 385 22.87 -17.19 -74.10
C LEU C 385 23.10 -15.69 -74.27
N ALA C 386 23.31 -15.00 -73.15
CA ALA C 386 23.58 -13.56 -73.17
C ALA C 386 24.77 -13.22 -74.05
N ASP C 387 25.92 -13.83 -73.77
CA ASP C 387 27.12 -13.63 -74.56
C ASP C 387 26.91 -14.10 -76.01
N ALA C 388 26.20 -15.22 -76.16
CA ALA C 388 25.94 -15.78 -77.47
C ALA C 388 25.10 -14.83 -78.33
N LEU C 389 24.14 -14.17 -77.69
CA LEU C 389 23.26 -13.23 -78.40
C LEU C 389 24.01 -11.97 -78.81
N VAL C 390 25.02 -11.59 -78.01
CA VAL C 390 25.86 -10.45 -78.35
C VAL C 390 26.73 -10.78 -79.56
N TYR C 391 27.37 -11.95 -79.50
CA TYR C 391 28.17 -12.46 -80.60
C TYR C 391 27.33 -12.54 -81.88
N ALA C 392 26.07 -12.90 -81.72
CA ALA C 392 25.15 -13.02 -82.85
C ALA C 392 24.85 -11.67 -83.49
N GLU C 393 24.51 -10.68 -82.66
CA GLU C 393 24.15 -9.36 -83.17
C GLU C 393 25.35 -8.70 -83.83
N LYS C 394 26.55 -9.04 -83.38
CA LYS C 394 27.77 -8.51 -83.97
C LYS C 394 27.98 -9.02 -85.39
N LEU C 395 27.32 -10.13 -85.73
CA LEU C 395 27.42 -10.68 -87.08
C LEU C 395 26.61 -9.86 -88.07
N GLY C 396 25.80 -8.94 -87.56
CA GLY C 396 24.98 -8.10 -88.40
C GLY C 396 23.95 -8.90 -89.17
N VAL C 397 23.06 -9.55 -88.43
CA VAL C 397 22.04 -10.41 -89.03
C VAL C 397 20.68 -9.72 -89.07
N ASP C 398 19.75 -10.30 -89.81
CA ASP C 398 18.39 -9.78 -89.87
C ASP C 398 17.55 -10.35 -88.73
N TYR C 399 17.69 -11.65 -88.51
CA TYR C 399 16.94 -12.34 -87.47
C TYR C 399 17.87 -13.08 -86.52
N ILE C 400 17.56 -13.04 -85.23
CA ILE C 400 18.22 -13.90 -84.24
C ILE C 400 17.19 -14.78 -83.58
N VAL C 401 17.14 -16.05 -83.98
CA VAL C 401 16.21 -17.00 -83.38
C VAL C 401 16.92 -17.81 -82.30
N ASP C 402 16.32 -17.85 -81.12
CA ASP C 402 16.93 -18.49 -79.95
C ASP C 402 16.11 -19.68 -79.48
N ILE C 403 16.78 -20.80 -79.23
CA ILE C 403 16.11 -22.01 -78.78
C ILE C 403 16.84 -22.63 -77.58
N ALA C 404 16.09 -23.00 -76.55
CA ALA C 404 16.70 -23.39 -75.28
C ALA C 404 15.76 -24.13 -74.33
N THR C 405 16.31 -25.10 -73.62
CA THR C 405 15.64 -25.71 -72.47
C THR C 405 15.90 -24.82 -71.26
N LEU C 406 15.23 -23.67 -71.24
CA LEU C 406 15.61 -22.58 -70.34
C LEU C 406 14.97 -22.64 -68.96
N THR C 407 13.65 -22.76 -68.91
CA THR C 407 12.94 -22.68 -67.64
C THR C 407 11.97 -23.84 -67.41
N GLY C 408 12.00 -24.39 -66.20
CA GLY C 408 11.12 -25.49 -65.85
C GLY C 408 9.66 -25.06 -65.72
N ALA C 409 9.45 -23.75 -65.66
CA ALA C 409 8.10 -23.19 -65.52
C ALA C 409 7.22 -23.49 -66.73
N MET C 410 7.84 -23.88 -67.84
CA MET C 410 7.12 -24.21 -69.06
C MET C 410 6.18 -25.39 -68.84
N LEU C 411 6.56 -26.29 -67.93
CA LEU C 411 5.74 -27.45 -67.61
C LEU C 411 4.41 -27.05 -66.97
N TYR C 412 4.36 -25.86 -66.39
CA TYR C 412 3.16 -25.39 -65.70
C TYR C 412 2.37 -24.42 -66.56
N SER C 413 2.94 -24.00 -67.68
CA SER C 413 2.28 -23.05 -68.57
C SER C 413 1.68 -23.75 -69.79
N LEU C 414 2.53 -24.46 -70.54
CA LEU C 414 2.10 -25.10 -71.77
C LEU C 414 2.19 -26.62 -71.69
N GLY C 415 2.95 -27.12 -70.72
CA GLY C 415 3.07 -28.55 -70.52
C GLY C 415 4.13 -29.19 -71.39
N THR C 416 3.83 -30.38 -71.90
CA THR C 416 4.82 -31.20 -72.57
C THR C 416 4.68 -31.25 -74.10
N SER C 417 3.66 -30.58 -74.63
CA SER C 417 3.39 -30.62 -76.06
C SER C 417 3.76 -29.32 -76.77
N TYR C 418 3.34 -28.20 -76.21
CA TYR C 418 3.56 -26.91 -76.87
C TYR C 418 4.75 -26.17 -76.28
N ALA C 419 5.69 -25.78 -77.14
CA ALA C 419 6.78 -24.92 -76.72
C ALA C 419 6.30 -23.47 -76.72
N GLY C 420 7.01 -22.61 -75.99
CA GLY C 420 6.66 -21.21 -75.93
C GLY C 420 7.61 -20.36 -76.76
N VAL C 421 7.11 -19.26 -77.30
CA VAL C 421 7.97 -18.34 -78.03
C VAL C 421 7.76 -16.91 -77.55
N PHE C 422 8.88 -16.23 -77.28
CA PHE C 422 8.87 -14.83 -76.88
C PHE C 422 9.68 -14.06 -77.91
N GLY C 423 9.57 -12.75 -77.91
CA GLY C 423 10.32 -11.94 -78.85
C GLY C 423 10.08 -10.45 -78.78
N ASN C 424 10.93 -9.69 -79.45
CA ASN C 424 10.79 -8.25 -79.51
C ASN C 424 10.27 -7.79 -80.87
N ASN C 425 9.77 -8.74 -81.65
CA ASN C 425 9.37 -8.45 -83.03
C ASN C 425 8.15 -9.27 -83.47
N GLU C 426 7.10 -8.56 -83.86
CA GLU C 426 5.83 -9.19 -84.22
C GLU C 426 5.94 -10.06 -85.47
N GLU C 427 6.66 -9.57 -86.47
CA GLU C 427 6.79 -10.29 -87.74
C GLU C 427 7.59 -11.58 -87.58
N LEU C 428 8.71 -11.51 -86.85
CA LEU C 428 9.54 -12.67 -86.61
C LEU C 428 8.77 -13.75 -85.87
N ILE C 429 8.02 -13.35 -84.84
CA ILE C 429 7.20 -14.26 -84.07
C ILE C 429 6.18 -14.97 -84.96
N ASN C 430 5.55 -14.20 -85.85
CA ASN C 430 4.59 -14.76 -86.79
C ASN C 430 5.24 -15.75 -87.76
N LYS C 431 6.49 -15.48 -88.12
CA LYS C 431 7.23 -16.38 -88.99
C LYS C 431 7.55 -17.69 -88.27
N ILE C 432 7.80 -17.59 -86.97
CA ILE C 432 8.02 -18.78 -86.15
C ILE C 432 6.74 -19.60 -86.04
N LEU C 433 5.64 -18.92 -85.77
CA LEU C 433 4.34 -19.58 -85.64
C LEU C 433 3.92 -20.23 -86.95
N GLN C 434 4.21 -19.56 -88.06
CA GLN C 434 3.92 -20.11 -89.38
C GLN C 434 4.73 -21.37 -89.62
N SER C 435 5.99 -21.34 -89.19
CA SER C 435 6.88 -22.48 -89.34
C SER C 435 6.45 -23.63 -88.44
N SER C 436 5.87 -23.29 -87.29
CA SER C 436 5.33 -24.30 -86.38
C SER C 436 4.19 -25.06 -87.04
N LYS C 437 3.40 -24.35 -87.83
CA LYS C 437 2.26 -24.95 -88.53
C LYS C 437 2.73 -25.95 -89.59
N THR C 438 3.64 -25.50 -90.46
CA THR C 438 4.08 -26.32 -91.59
C THR C 438 4.96 -27.49 -91.14
N SER C 439 5.72 -27.29 -90.07
CA SER C 439 6.62 -28.34 -89.57
C SER C 439 5.92 -29.27 -88.59
N ASN C 440 4.79 -28.81 -88.06
CA ASN C 440 3.99 -29.54 -87.08
C ASN C 440 4.73 -29.78 -85.76
N GLU C 441 5.59 -28.84 -85.39
CA GLU C 441 6.14 -28.80 -84.04
C GLU C 441 5.47 -27.63 -83.32
N PRO C 442 4.44 -27.94 -82.53
CA PRO C 442 3.54 -26.96 -81.91
C PRO C 442 4.26 -25.93 -81.04
N VAL C 443 3.87 -24.67 -81.20
CA VAL C 443 4.50 -23.55 -80.49
C VAL C 443 3.46 -22.47 -80.18
N TRP C 444 3.42 -22.00 -78.94
CA TRP C 444 2.48 -20.97 -78.55
C TRP C 444 3.18 -19.67 -78.20
N TRP C 445 2.61 -18.56 -78.65
CA TRP C 445 3.17 -17.24 -78.39
C TRP C 445 2.86 -16.79 -76.97
N LEU C 446 3.90 -16.47 -76.21
CA LEU C 446 3.75 -15.97 -74.84
C LEU C 446 4.33 -14.57 -74.74
N PRO C 447 3.79 -13.74 -73.84
CA PRO C 447 4.17 -12.32 -73.80
C PRO C 447 5.42 -12.05 -72.98
N ILE C 448 6.15 -11.00 -73.36
CA ILE C 448 7.21 -10.46 -72.52
C ILE C 448 6.64 -9.27 -71.77
N ILE C 449 6.40 -9.44 -70.47
CA ILE C 449 5.73 -8.44 -69.66
C ILE C 449 6.71 -7.45 -69.04
N ASN C 450 6.72 -6.24 -69.58
CA ASN C 450 7.71 -5.23 -69.19
C ASN C 450 7.56 -4.74 -67.75
N GLU C 451 6.40 -4.96 -67.16
CA GLU C 451 6.17 -4.55 -65.78
C GLU C 451 7.08 -5.33 -64.82
N TYR C 452 7.49 -6.52 -65.25
CA TYR C 452 8.32 -7.39 -64.42
C TYR C 452 9.80 -6.98 -64.46
N ARG C 453 10.17 -6.19 -65.47
CA ARG C 453 11.56 -5.79 -65.69
C ARG C 453 12.21 -5.16 -64.46
N ALA C 454 11.41 -4.43 -63.68
CA ALA C 454 11.92 -3.73 -62.50
C ALA C 454 12.52 -4.67 -61.45
N THR C 455 12.09 -5.93 -61.47
CA THR C 455 12.59 -6.90 -60.50
C THR C 455 14.01 -7.34 -60.82
N LEU C 456 14.48 -7.02 -62.01
CA LEU C 456 15.84 -7.36 -62.42
C LEU C 456 16.81 -6.22 -62.12
N ASN C 457 16.36 -5.25 -61.34
CA ASN C 457 17.20 -4.14 -60.92
C ASN C 457 18.11 -4.54 -59.77
N SER C 458 19.41 -4.37 -59.97
CA SER C 458 20.39 -4.71 -58.94
C SER C 458 20.86 -3.48 -58.19
N LYS C 459 21.13 -3.64 -56.91
CA LYS C 459 21.64 -2.57 -56.06
C LYS C 459 23.08 -2.24 -56.43
N TYR C 460 23.76 -3.19 -57.05
CA TYR C 460 25.19 -3.03 -57.33
C TYR C 460 25.55 -3.27 -58.79
N ALA C 461 25.06 -4.35 -59.38
CA ALA C 461 25.32 -4.65 -60.79
C ALA C 461 24.37 -3.87 -61.68
N ASP C 462 24.63 -3.88 -62.98
CA ASP C 462 23.74 -3.23 -63.94
C ASP C 462 22.37 -3.90 -63.93
N ILE C 463 22.38 -5.23 -63.81
CA ILE C 463 21.14 -6.01 -63.88
C ILE C 463 21.25 -7.30 -63.08
N ASN C 464 20.11 -7.78 -62.58
CA ASN C 464 20.06 -9.06 -61.90
C ASN C 464 19.87 -10.20 -62.89
N GLN C 465 20.39 -11.37 -62.52
CA GLN C 465 20.22 -12.58 -63.33
C GLN C 465 18.80 -13.12 -63.19
N ILE C 466 18.30 -13.14 -61.96
CA ILE C 466 16.97 -13.67 -61.68
C ILE C 466 16.14 -12.71 -60.84
N SER C 467 14.83 -12.92 -60.84
CA SER C 467 13.92 -12.10 -60.04
C SER C 467 13.86 -12.59 -58.61
N SER C 468 13.35 -11.74 -57.72
CA SER C 468 13.21 -12.10 -56.31
C SER C 468 12.24 -11.16 -55.61
N LYS C 471 7.59 -14.81 -60.07
CA LYS C 471 7.57 -16.27 -60.14
C LYS C 471 7.39 -16.75 -61.58
N ALA C 472 7.03 -15.83 -62.47
CA ALA C 472 6.90 -16.15 -63.89
C ALA C 472 8.27 -16.24 -64.54
N SER C 473 8.95 -17.36 -64.29
CA SER C 473 10.34 -17.53 -64.68
C SER C 473 10.59 -17.38 -66.18
N SER C 474 9.72 -17.97 -66.99
CA SER C 474 9.90 -17.96 -68.44
C SER C 474 9.83 -16.56 -69.02
N ILE C 475 9.03 -15.71 -68.39
CA ILE C 475 8.88 -14.33 -68.84
C ILE C 475 10.05 -13.48 -68.35
N VAL C 476 10.46 -13.70 -67.11
CA VAL C 476 11.61 -13.02 -66.54
C VAL C 476 12.88 -13.35 -67.32
N ALA C 477 13.03 -14.61 -67.68
CA ALA C 477 14.19 -15.08 -68.43
C ALA C 477 14.24 -14.42 -69.81
N SER C 478 13.07 -14.19 -70.39
CA SER C 478 12.99 -13.51 -71.69
C SER C 478 13.36 -12.05 -71.54
N LEU C 479 12.96 -11.45 -70.41
CA LEU C 479 13.30 -10.05 -70.12
C LEU C 479 14.80 -9.87 -69.95
N PHE C 480 15.46 -10.87 -69.39
CA PHE C 480 16.90 -10.82 -69.20
C PHE C 480 17.62 -10.91 -70.54
N LEU C 481 17.20 -11.85 -71.38
CA LEU C 481 17.81 -12.05 -72.69
C LEU C 481 17.64 -10.84 -73.59
N LYS C 482 16.48 -10.18 -73.46
CA LYS C 482 16.17 -9.01 -74.28
C LYS C 482 17.17 -7.88 -74.07
N GLU C 483 17.79 -7.87 -72.88
CA GLU C 483 18.77 -6.85 -72.53
C GLU C 483 20.08 -7.01 -73.30
N PHE C 484 20.19 -8.07 -74.09
CA PHE C 484 21.42 -8.37 -74.79
C PHE C 484 21.22 -8.43 -76.30
N VAL C 485 20.05 -8.01 -76.76
CA VAL C 485 19.81 -7.76 -78.18
C VAL C 485 19.41 -6.30 -78.33
N GLN C 486 20.28 -5.51 -78.94
CA GLN C 486 20.13 -4.06 -78.92
C GLN C 486 19.22 -3.52 -80.02
N ASN C 487 19.43 -3.97 -81.25
CA ASN C 487 18.71 -3.39 -82.38
C ASN C 487 18.44 -4.40 -83.50
N THR C 488 18.16 -5.64 -83.12
CA THR C 488 17.90 -6.69 -84.10
C THR C 488 16.65 -7.48 -83.71
N ALA C 489 15.88 -7.92 -84.72
CA ALA C 489 14.70 -8.73 -84.48
C ALA C 489 15.10 -10.07 -83.85
N TRP C 490 14.54 -10.36 -82.69
CA TRP C 490 14.93 -11.54 -81.94
C TRP C 490 13.73 -12.31 -81.38
N ALA C 491 13.79 -13.64 -81.50
CA ALA C 491 12.75 -14.50 -80.95
C ALA C 491 13.38 -15.60 -80.10
N HIS C 492 12.70 -15.96 -79.01
CA HIS C 492 13.23 -16.92 -78.06
C HIS C 492 12.27 -18.09 -77.84
N ILE C 493 12.71 -19.29 -78.20
CA ILE C 493 11.90 -20.48 -78.06
C ILE C 493 12.32 -21.30 -76.84
N ASP C 494 11.41 -21.44 -75.88
CA ASP C 494 11.69 -22.19 -74.65
C ASP C 494 11.14 -23.61 -74.76
N ILE C 495 12.04 -24.58 -74.88
CA ILE C 495 11.64 -25.96 -75.11
C ILE C 495 11.96 -26.89 -73.93
N ALA C 496 11.97 -26.33 -72.72
CA ALA C 496 12.32 -27.09 -71.53
C ALA C 496 11.27 -28.14 -71.17
N GLY C 497 10.04 -27.93 -71.62
CA GLY C 497 8.96 -28.84 -71.31
C GLY C 497 8.65 -29.83 -72.41
N VAL C 498 9.02 -29.48 -73.64
CA VAL C 498 8.65 -30.29 -74.80
C VAL C 498 9.80 -31.15 -75.32
N SER C 499 11.01 -30.88 -74.87
CA SER C 499 12.18 -31.57 -75.40
C SER C 499 12.16 -33.07 -75.13
N TRP C 500 11.80 -33.45 -73.91
CA TRP C 500 11.87 -34.86 -73.52
C TRP C 500 10.52 -35.57 -73.62
N ASN C 501 10.53 -36.74 -74.25
CA ASN C 501 9.36 -37.59 -74.35
C ASN C 501 9.35 -38.60 -73.21
N PHE C 502 8.55 -38.32 -72.19
CA PHE C 502 8.54 -39.14 -70.98
C PHE C 502 7.82 -40.47 -71.16
N LYS C 503 6.83 -40.51 -72.04
CA LYS C 503 6.09 -41.73 -72.30
C LYS C 503 6.99 -42.78 -72.93
N ALA C 504 7.80 -42.37 -73.90
CA ALA C 504 8.68 -43.29 -74.61
C ALA C 504 10.11 -43.26 -74.06
N ARG C 505 10.35 -42.41 -73.06
CA ARG C 505 11.64 -42.29 -72.40
C ARG C 505 12.79 -41.97 -73.36
N LYS C 506 12.58 -40.97 -74.21
CA LYS C 506 13.60 -40.60 -75.20
C LYS C 506 13.44 -39.15 -75.65
N PRO C 507 14.48 -38.57 -76.27
CA PRO C 507 14.34 -37.20 -76.77
C PRO C 507 13.33 -37.10 -77.92
N LYS C 508 12.78 -35.92 -78.14
CA LYS C 508 11.89 -35.68 -79.26
C LYS C 508 12.65 -35.17 -80.47
N GLY C 509 13.78 -34.51 -80.21
CA GLY C 509 14.53 -33.84 -81.26
C GLY C 509 13.79 -32.60 -81.69
N PHE C 510 13.12 -31.97 -80.73
CA PHE C 510 12.26 -30.82 -81.00
C PHE C 510 13.03 -29.61 -81.50
N GLY C 511 12.48 -28.94 -82.51
CA GLY C 511 13.05 -27.70 -83.00
C GLY C 511 13.68 -27.79 -84.37
N VAL C 512 14.28 -28.93 -84.68
CA VAL C 512 15.01 -29.12 -85.94
C VAL C 512 14.15 -28.82 -87.15
N ARG C 513 12.97 -29.44 -87.22
CA ARG C 513 12.05 -29.23 -88.33
C ARG C 513 11.51 -27.81 -88.36
N LEU C 514 11.17 -27.29 -87.18
CA LEU C 514 10.64 -25.94 -87.06
C LEU C 514 11.65 -24.89 -87.50
N LEU C 515 12.89 -25.04 -87.07
CA LEU C 515 13.96 -24.13 -87.46
C LEU C 515 14.22 -24.19 -88.96
N THR C 516 14.26 -25.40 -89.50
CA THR C 516 14.54 -25.60 -90.93
C THR C 516 13.43 -25.01 -91.80
N GLU C 517 12.18 -25.26 -91.43
CA GLU C 517 11.04 -24.71 -92.15
C GLU C 517 11.06 -23.19 -92.10
N PHE C 518 11.53 -22.65 -90.97
CA PHE C 518 11.66 -21.21 -90.81
C PHE C 518 12.74 -20.65 -91.74
N VAL C 519 13.81 -21.42 -91.91
CA VAL C 519 14.92 -21.01 -92.78
C VAL C 519 14.51 -21.10 -94.24
N LEU C 520 13.65 -22.06 -94.57
CA LEU C 520 13.20 -22.26 -95.95
C LEU C 520 12.07 -21.32 -96.35
N ASN C 521 10.91 -21.48 -95.72
CA ASN C 521 9.72 -20.68 -96.03
C ASN C 521 9.97 -19.18 -95.94
N ASP C 522 11.08 -18.83 -95.27
CA ASP C 522 11.66 -17.50 -95.28
C ASP C 522 11.51 -16.78 -96.61
N ALA D 4 -33.46 -12.44 -48.38
CA ALA D 4 -32.55 -12.18 -47.27
C ALA D 4 -32.62 -13.30 -46.24
N SER D 5 -31.73 -14.28 -46.36
CA SER D 5 -31.67 -15.39 -45.41
C SER D 5 -30.87 -15.00 -44.18
N GLU D 6 -31.11 -15.68 -43.07
CA GLU D 6 -30.40 -15.41 -41.84
C GLU D 6 -29.02 -16.05 -41.86
N VAL D 7 -28.01 -15.29 -41.45
CA VAL D 7 -26.65 -15.83 -41.36
C VAL D 7 -26.48 -16.62 -40.07
N PRO D 8 -26.11 -17.90 -40.20
CA PRO D 8 -25.83 -18.75 -39.04
C PRO D 8 -24.64 -18.24 -38.23
N GLN D 9 -24.59 -18.60 -36.95
CA GLN D 9 -23.52 -18.14 -36.07
C GLN D 9 -23.04 -19.27 -35.16
N VAL D 10 -21.81 -19.13 -34.66
CA VAL D 10 -21.28 -20.05 -33.66
C VAL D 10 -21.33 -19.36 -32.29
N VAL D 11 -20.90 -18.10 -32.28
CA VAL D 11 -21.06 -17.25 -31.10
C VAL D 11 -21.72 -15.95 -31.55
N SER D 12 -22.32 -15.23 -30.62
CA SER D 12 -23.12 -14.05 -30.96
C SER D 12 -22.26 -12.90 -31.49
N LEU D 13 -20.95 -13.02 -31.34
CA LEU D 13 -20.04 -11.98 -31.81
C LEU D 13 -19.67 -12.17 -33.28
N ASP D 14 -20.17 -13.25 -33.88
CA ASP D 14 -19.98 -13.48 -35.31
C ASP D 14 -20.86 -12.51 -36.11
N PRO D 15 -20.24 -11.83 -37.09
CA PRO D 15 -20.96 -10.84 -37.92
C PRO D 15 -22.00 -11.49 -38.82
N THR D 16 -23.09 -10.77 -39.09
CA THR D 16 -24.19 -11.32 -39.88
C THR D 16 -24.41 -10.58 -41.20
N SER D 17 -23.43 -9.78 -41.60
CA SER D 17 -23.50 -9.07 -42.89
C SER D 17 -22.15 -8.50 -43.28
N ILE D 18 -21.98 -8.27 -44.58
CA ILE D 18 -20.77 -7.61 -45.08
C ILE D 18 -20.99 -6.10 -45.11
N PRO D 19 -20.17 -5.36 -44.36
CA PRO D 19 -20.26 -3.89 -44.42
C PRO D 19 -19.93 -3.39 -45.82
N ILE D 20 -20.82 -2.60 -46.40
CA ILE D 20 -20.63 -2.09 -47.75
C ILE D 20 -20.70 -0.57 -47.79
N GLU D 21 -19.66 0.05 -48.33
CA GLU D 21 -19.65 1.48 -48.56
C GLU D 21 -20.18 1.78 -49.95
N TYR D 22 -21.35 2.39 -50.03
CA TYR D 22 -21.93 2.75 -51.32
C TYR D 22 -21.56 4.18 -51.71
N ASN D 23 -21.81 5.13 -50.82
CA ASN D 23 -21.40 6.51 -51.04
C ASN D 23 -19.97 6.72 -50.57
N THR D 24 -19.05 6.94 -51.51
CA THR D 24 -17.65 7.15 -51.18
C THR D 24 -17.27 8.62 -51.40
N PRO D 25 -16.21 9.08 -50.72
CA PRO D 25 -15.69 10.44 -50.91
C PRO D 25 -15.37 10.75 -52.37
N ILE D 26 -14.98 9.73 -53.13
CA ILE D 26 -14.69 9.88 -54.55
C ILE D 26 -15.91 10.37 -55.31
N HIS D 27 -17.09 10.02 -54.83
CA HIS D 27 -18.34 10.41 -55.48
C HIS D 27 -18.70 11.87 -55.22
N ASP D 28 -17.86 12.57 -54.46
CA ASP D 28 -18.13 13.96 -54.10
C ASP D 28 -17.12 14.91 -54.74
N ILE D 29 -16.14 14.37 -55.45
CA ILE D 29 -15.17 15.19 -56.15
C ILE D 29 -15.73 15.65 -57.49
N LYS D 30 -15.74 16.97 -57.70
CA LYS D 30 -16.20 17.54 -58.97
C LYS D 30 -15.04 17.60 -59.95
N VAL D 31 -15.23 17.01 -61.12
CA VAL D 31 -14.16 16.89 -62.11
C VAL D 31 -14.35 17.86 -63.27
N GLN D 32 -13.33 18.69 -63.51
CA GLN D 32 -13.35 19.64 -64.62
C GLN D 32 -12.21 19.35 -65.59
N VAL D 33 -12.53 19.32 -66.88
CA VAL D 33 -11.51 19.05 -67.89
C VAL D 33 -11.34 20.26 -68.80
N TYR D 34 -10.19 20.94 -68.66
CA TYR D 34 -9.89 22.13 -69.46
C TYR D 34 -8.90 21.79 -70.57
N ASP D 35 -8.88 22.61 -71.62
CA ASP D 35 -7.93 22.41 -72.70
C ASP D 35 -6.60 23.06 -72.36
N ILE D 36 -5.51 22.35 -72.62
CA ILE D 36 -4.19 22.77 -72.18
C ILE D 36 -3.64 23.92 -73.05
N LYS D 37 -4.22 24.10 -74.23
CA LYS D 37 -3.76 25.12 -75.15
C LYS D 37 -3.93 26.54 -74.61
N GLY D 38 -4.88 26.70 -73.68
CA GLY D 38 -5.21 28.02 -73.17
C GLY D 38 -4.47 28.44 -71.91
N GLY D 39 -3.54 27.61 -71.46
CA GLY D 39 -2.79 27.91 -70.26
C GLY D 39 -3.44 27.32 -69.02
N CYS D 40 -2.78 27.47 -67.88
CA CYS D 40 -3.25 26.85 -66.65
C CYS D 40 -3.54 27.83 -65.52
N ASN D 41 -4.72 27.68 -64.93
CA ASN D 41 -5.14 28.50 -63.80
C ASN D 41 -4.70 27.86 -62.49
N VAL D 42 -3.65 28.40 -61.88
CA VAL D 42 -3.01 27.76 -60.73
C VAL D 42 -3.10 28.57 -59.43
N GLU D 43 -4.30 29.00 -59.08
CA GLU D 43 -4.48 29.82 -57.87
C GLU D 43 -4.99 29.01 -56.69
N GLU D 44 -5.49 27.81 -56.93
CA GLU D 44 -6.13 27.03 -55.88
C GLU D 44 -5.65 25.58 -55.81
N GLY D 45 -5.17 25.19 -54.63
CA GLY D 45 -4.86 23.79 -54.35
C GLY D 45 -3.54 23.29 -54.91
N LEU D 46 -3.40 21.98 -54.92
CA LEU D 46 -2.20 21.31 -55.42
C LEU D 46 -2.23 21.14 -56.93
N THR D 47 -1.22 21.69 -57.60
CA THR D 47 -1.11 21.55 -59.05
C THR D 47 0.07 20.65 -59.40
N ILE D 48 -0.20 19.61 -60.18
CA ILE D 48 0.83 18.64 -60.54
C ILE D 48 0.95 18.50 -62.05
N PHE D 49 2.18 18.59 -62.55
CA PHE D 49 2.45 18.45 -63.98
C PHE D 49 2.97 17.06 -64.32
N LEU D 50 2.33 16.40 -65.29
CA LEU D 50 2.82 15.14 -65.80
C LEU D 50 3.75 15.39 -66.99
N VAL D 51 5.05 15.23 -66.77
CA VAL D 51 6.03 15.55 -67.80
C VAL D 51 6.95 14.40 -68.14
N ASN D 52 7.57 14.47 -69.32
CA ASN D 52 8.55 13.49 -69.74
C ASN D 52 9.72 14.14 -70.48
N ASN D 53 10.71 13.34 -70.86
CA ASN D 53 11.85 13.83 -71.61
C ASN D 53 12.30 12.76 -72.61
N PRO D 54 11.56 12.63 -73.73
CA PRO D 54 11.81 11.60 -74.74
C PRO D 54 13.27 11.57 -75.20
N GLY D 55 13.87 10.39 -75.19
CA GLY D 55 15.26 10.25 -75.56
C GLY D 55 16.18 10.27 -74.33
N LYS D 56 16.27 11.43 -73.70
CA LYS D 56 17.14 11.60 -72.53
C LYS D 56 16.66 10.76 -71.34
N GLU D 57 17.30 9.61 -71.15
CA GLU D 57 16.99 8.74 -70.02
C GLU D 57 17.25 9.47 -68.72
N ASN D 58 16.23 9.58 -67.88
CA ASN D 58 16.28 10.34 -66.63
C ASN D 58 16.68 11.78 -66.88
N GLY D 59 16.23 12.33 -68.00
CA GLY D 59 16.53 13.71 -68.35
C GLY D 59 15.86 14.70 -67.42
N PRO D 60 16.27 15.97 -67.49
CA PRO D 60 15.72 17.00 -66.59
C PRO D 60 14.26 17.32 -66.87
N VAL D 61 13.60 17.93 -65.89
CA VAL D 61 12.21 18.34 -66.03
C VAL D 61 12.13 19.69 -66.74
N LYS D 62 11.20 19.80 -67.68
CA LYS D 62 10.93 21.08 -68.34
C LYS D 62 9.43 21.27 -68.52
N ILE D 63 8.90 22.33 -67.93
CA ILE D 63 7.47 22.63 -68.03
C ILE D 63 7.19 23.57 -69.19
N SER D 64 6.23 23.20 -70.03
CA SER D 64 5.92 23.96 -71.23
C SER D 64 4.76 24.94 -71.05
N SER D 65 3.78 24.53 -70.24
CA SER D 65 2.54 25.28 -70.10
C SER D 65 2.71 26.66 -69.47
N LYS D 66 2.19 27.68 -70.14
CA LYS D 66 2.05 29.01 -69.57
C LYS D 66 1.06 28.94 -68.42
N VAL D 67 1.39 29.59 -67.29
CA VAL D 67 0.47 29.60 -66.17
C VAL D 67 0.10 31.05 -65.80
N ASN D 68 -1.06 31.22 -65.17
CA ASN D 68 -1.61 32.55 -64.91
C ASN D 68 -1.10 33.17 -63.61
N ASP D 69 0.04 32.70 -63.12
CA ASP D 69 0.57 33.20 -61.86
C ASP D 69 2.06 33.50 -61.96
N LYS D 70 2.43 34.74 -61.61
CA LYS D 70 3.82 35.18 -61.71
C LYS D 70 4.74 34.45 -60.74
N GLN D 71 4.21 34.11 -59.56
CA GLN D 71 4.99 33.40 -58.56
C GLN D 71 5.27 31.97 -59.00
N VAL D 72 4.23 31.29 -59.47
CA VAL D 72 4.35 29.92 -59.96
C VAL D 72 5.24 29.88 -61.19
N SER D 73 5.10 30.88 -62.06
CA SER D 73 5.88 30.96 -63.29
C SER D 73 7.37 30.97 -63.03
N GLU D 74 7.80 31.76 -62.06
CA GLU D 74 9.22 31.86 -61.71
C GLU D 74 9.72 30.57 -61.07
N PHE D 75 8.83 29.87 -60.38
CA PHE D 75 9.17 28.57 -59.80
C PHE D 75 9.34 27.54 -60.91
N LEU D 76 8.56 27.68 -61.97
CA LEU D 76 8.57 26.70 -63.05
C LEU D 76 9.58 27.03 -64.16
N LYS D 77 10.40 28.05 -63.94
CA LYS D 77 11.39 28.42 -64.95
C LYS D 77 12.44 27.32 -65.06
N ASP D 78 13.02 27.16 -66.25
CA ASP D 78 13.88 26.03 -66.56
C ASP D 78 15.10 25.90 -65.66
N GLU D 79 15.59 27.03 -65.16
CA GLU D 79 16.74 27.02 -64.25
C GLU D 79 16.42 26.23 -62.99
N ASN D 80 15.19 26.41 -62.48
CA ASN D 80 14.77 25.76 -61.25
C ASN D 80 14.38 24.29 -61.45
N MET D 81 13.74 23.99 -62.57
CA MET D 81 13.15 22.67 -62.78
C MET D 81 14.15 21.60 -63.22
N GLU D 82 15.25 22.03 -63.83
CA GLU D 82 16.24 21.06 -64.34
C GLU D 82 17.06 20.45 -63.21
N LYS D 83 16.75 20.85 -61.97
CA LYS D 83 17.35 20.24 -60.79
C LYS D 83 16.66 18.91 -60.48
N PHE D 84 15.59 18.62 -61.22
CA PHE D 84 14.84 17.39 -61.06
C PHE D 84 14.86 16.58 -62.36
N ASN D 85 14.72 15.26 -62.25
CA ASN D 85 14.69 14.41 -63.44
C ASN D 85 13.33 13.74 -63.62
N VAL D 86 13.14 13.13 -64.80
CA VAL D 86 11.84 12.59 -65.19
C VAL D 86 11.71 11.08 -65.01
N LYS D 87 12.59 10.47 -64.24
CA LYS D 87 12.55 9.04 -63.98
C LYS D 87 11.15 8.62 -63.53
N LEU D 88 10.60 7.60 -64.19
CA LEU D 88 9.21 7.20 -64.01
C LEU D 88 8.84 7.01 -62.53
N GLY D 89 7.87 7.78 -62.07
CA GLY D 89 7.41 7.69 -60.70
C GLY D 89 8.03 8.71 -59.76
N THR D 90 9.17 9.28 -60.18
CA THR D 90 9.86 10.26 -59.36
C THR D 90 9.00 11.52 -59.19
N SER D 91 8.96 12.03 -57.97
CA SER D 91 8.06 13.13 -57.65
C SER D 91 8.68 14.19 -56.74
N LYS D 92 8.32 15.44 -56.99
CA LYS D 92 8.66 16.56 -56.13
C LYS D 92 7.50 17.55 -56.13
N HIS D 93 7.25 18.18 -54.99
CA HIS D 93 6.26 19.25 -54.94
C HIS D 93 6.55 20.22 -53.80
N PHE D 94 6.38 21.51 -54.08
CA PHE D 94 6.72 22.56 -53.13
C PHE D 94 5.48 23.38 -52.74
N TYR D 95 5.45 23.84 -51.49
CA TYR D 95 4.43 24.77 -51.06
C TYR D 95 4.94 26.20 -51.20
N MET D 96 4.10 27.07 -51.75
CA MET D 96 4.50 28.45 -52.01
C MET D 96 3.28 29.36 -52.07
N PHE D 97 3.53 30.67 -52.10
CA PHE D 97 2.45 31.63 -52.22
C PHE D 97 2.25 32.05 -53.67
N ASN D 98 0.98 32.13 -54.08
CA ASN D 98 0.66 32.64 -55.42
C ASN D 98 0.68 34.15 -55.43
N ASP D 99 0.27 34.75 -56.54
CA ASP D 99 0.28 36.20 -56.68
C ASP D 99 -0.69 36.88 -55.70
N ASN D 100 -1.73 36.15 -55.29
CA ASN D 100 -2.70 36.67 -54.33
C ASN D 100 -2.33 36.31 -52.89
N LYS D 101 -1.08 35.88 -52.71
CA LYS D 101 -0.57 35.47 -51.39
C LYS D 101 -1.41 34.36 -50.76
N ASN D 102 -1.95 33.49 -51.61
CA ASN D 102 -2.62 32.28 -51.14
C ASN D 102 -1.64 31.12 -51.09
N SER D 103 -1.92 30.14 -50.24
CA SER D 103 -1.06 28.97 -50.14
C SER D 103 -1.42 27.93 -51.20
N VAL D 104 -0.51 27.73 -52.15
CA VAL D 104 -0.70 26.73 -53.20
C VAL D 104 0.44 25.73 -53.20
N ALA D 105 0.22 24.59 -53.84
CA ALA D 105 1.26 23.56 -53.94
C ALA D 105 1.51 23.19 -55.40
N VAL D 106 2.77 23.27 -55.80
CA VAL D 106 3.15 23.01 -57.19
C VAL D 106 4.21 21.93 -57.28
N GLY D 107 4.00 20.96 -58.17
CA GLY D 107 4.95 19.89 -58.36
C GLY D 107 4.76 19.13 -59.66
N TYR D 108 5.48 18.02 -59.80
CA TYR D 108 5.42 17.21 -61.01
C TYR D 108 5.49 15.72 -60.69
N VAL D 109 5.22 14.90 -61.71
CA VAL D 109 5.50 13.47 -61.63
C VAL D 109 6.20 13.02 -62.91
N GLY D 110 7.35 12.36 -62.76
CA GLY D 110 8.10 11.88 -63.91
C GLY D 110 7.40 10.76 -64.65
N CYS D 111 7.42 10.84 -65.98
CA CYS D 111 6.77 9.82 -66.81
C CYS D 111 7.77 9.17 -67.76
N GLY D 112 9.05 9.26 -67.41
CA GLY D 112 10.08 8.58 -68.18
C GLY D 112 10.51 9.28 -69.45
N SER D 113 11.01 8.50 -70.40
CA SER D 113 11.51 9.04 -71.65
C SER D 113 10.91 8.32 -72.86
N VAL D 114 9.84 7.55 -72.61
CA VAL D 114 9.13 6.87 -73.67
C VAL D 114 7.77 7.55 -73.90
N ALA D 115 7.55 8.02 -75.12
CA ALA D 115 6.35 8.78 -75.44
C ALA D 115 5.11 7.88 -75.55
N ASP D 116 5.17 6.70 -74.94
CA ASP D 116 4.10 5.72 -75.04
C ASP D 116 3.84 5.06 -73.69
N LEU D 117 3.22 5.79 -72.77
CA LEU D 117 2.94 5.27 -71.44
C LEU D 117 2.02 4.05 -71.48
N SER D 118 2.54 2.92 -71.00
CA SER D 118 1.74 1.71 -70.92
C SER D 118 0.78 1.78 -69.73
N GLU D 119 -0.02 0.73 -69.57
CA GLU D 119 -0.96 0.65 -68.47
C GLU D 119 -0.22 0.54 -67.13
N ALA D 120 0.88 -0.18 -67.13
CA ALA D 120 1.69 -0.37 -65.92
C ALA D 120 2.40 0.93 -65.53
N ASP D 121 2.90 1.65 -66.52
CA ASP D 121 3.58 2.92 -66.29
C ASP D 121 2.63 3.96 -65.73
N MET D 122 1.45 4.07 -66.34
CA MET D 122 0.44 5.03 -65.92
C MET D 122 0.01 4.78 -64.48
N LYS D 123 -0.03 3.51 -64.09
CA LYS D 123 -0.36 3.13 -62.73
C LYS D 123 0.75 3.55 -61.77
N ARG D 124 1.99 3.46 -62.23
CA ARG D 124 3.14 3.88 -61.44
C ARG D 124 3.13 5.40 -61.27
N VAL D 125 2.65 6.10 -62.29
CA VAL D 125 2.52 7.55 -62.23
C VAL D 125 1.42 7.94 -61.25
N VAL D 126 0.28 7.25 -61.34
CA VAL D 126 -0.86 7.50 -60.47
C VAL D 126 -0.50 7.27 -59.00
N LEU D 127 0.20 6.17 -58.72
CA LEU D 127 0.61 5.86 -57.36
C LEU D 127 1.52 6.94 -56.79
N SER D 128 2.35 7.53 -57.65
CA SER D 128 3.21 8.63 -57.24
C SER D 128 2.37 9.86 -56.91
N LEU D 129 1.26 10.01 -57.63
CA LEU D 129 0.32 11.10 -57.39
C LEU D 129 -0.45 10.89 -56.09
N VAL D 130 -0.90 9.65 -55.88
CA VAL D 130 -1.71 9.31 -54.72
C VAL D 130 -0.92 9.48 -53.42
N THR D 131 0.37 9.17 -53.45
CA THR D 131 1.23 9.34 -52.28
C THR D 131 1.22 10.78 -51.82
N MET D 132 1.22 11.71 -52.77
CA MET D 132 1.12 13.13 -52.45
C MET D 132 -0.26 13.50 -51.91
N LEU D 133 -1.30 12.92 -52.52
CA LEU D 133 -2.66 13.18 -52.10
C LEU D 133 -2.92 12.72 -50.67
N HIS D 134 -2.28 11.63 -50.27
CA HIS D 134 -2.46 11.06 -48.95
C HIS D 134 -1.77 11.86 -47.86
N ASP D 135 -1.06 12.92 -48.26
CA ASP D 135 -0.43 13.81 -47.31
C ASP D 135 -0.90 15.25 -47.55
N ASN D 136 -1.80 15.40 -48.52
CA ASN D 136 -2.35 16.70 -48.87
C ASN D 136 -3.67 16.97 -48.15
N LYS D 137 -3.87 18.23 -47.76
CA LYS D 137 -5.11 18.64 -47.10
C LYS D 137 -5.81 19.74 -47.87
N LEU D 138 -5.25 20.10 -49.03
CA LEU D 138 -5.88 21.09 -49.89
C LEU D 138 -7.09 20.49 -50.60
N SER D 139 -8.06 21.35 -50.93
CA SER D 139 -9.35 20.89 -51.44
C SER D 139 -9.35 20.65 -52.94
N LYS D 140 -8.24 20.91 -53.61
CA LYS D 140 -8.20 20.81 -55.07
C LYS D 140 -6.89 20.21 -55.59
N LEU D 141 -7.03 19.28 -56.53
CA LEU D 141 -5.90 18.74 -57.26
C LEU D 141 -6.03 19.06 -58.73
N THR D 142 -4.99 19.68 -59.29
CA THR D 142 -4.96 19.96 -60.73
C THR D 142 -3.85 19.17 -61.41
N VAL D 143 -4.23 18.37 -62.40
CA VAL D 143 -3.27 17.57 -63.14
C VAL D 143 -3.10 18.08 -64.56
N VAL D 144 -1.87 18.44 -64.92
CA VAL D 144 -1.56 18.96 -66.24
C VAL D 144 -0.83 17.93 -67.09
N PHE D 145 -1.52 17.41 -68.11
CA PHE D 145 -0.95 16.39 -68.99
C PHE D 145 -0.06 17.01 -70.07
N GLU D 146 1.25 17.05 -69.81
CA GLU D 146 2.19 17.45 -70.84
C GLU D 146 2.80 16.20 -71.47
N ILE D 147 1.97 15.16 -71.57
CA ILE D 147 2.32 13.90 -72.21
C ILE D 147 1.12 13.43 -73.02
N ASN D 148 1.35 12.55 -73.99
CA ASN D 148 0.27 12.11 -74.86
C ASN D 148 -0.46 10.88 -74.33
N VAL D 149 -1.79 11.00 -74.22
CA VAL D 149 -2.64 9.89 -73.81
C VAL D 149 -3.90 9.84 -74.66
N ASP D 150 -4.41 8.64 -74.92
CA ASP D 150 -5.66 8.50 -75.66
C ASP D 150 -6.84 8.55 -74.70
N LYS D 151 -8.05 8.46 -75.25
CA LYS D 151 -9.27 8.51 -74.44
C LYS D 151 -9.34 7.37 -73.44
N ASN D 152 -8.96 6.16 -73.88
CA ASN D 152 -8.98 4.99 -73.01
C ASN D 152 -7.98 5.10 -71.86
N LEU D 153 -6.74 5.42 -72.19
CA LEU D 153 -5.69 5.54 -71.17
C LEU D 153 -5.99 6.68 -70.21
N PHE D 154 -6.70 7.70 -70.68
CA PHE D 154 -7.09 8.81 -69.82
C PHE D 154 -8.16 8.38 -68.83
N ARG D 155 -9.13 7.61 -69.32
CA ARG D 155 -10.18 7.09 -68.43
C ARG D 155 -9.54 6.12 -67.45
N PHE D 156 -8.53 5.39 -67.90
CA PHE D 156 -7.79 4.48 -67.03
C PHE D 156 -7.08 5.25 -65.93
N PHE D 157 -6.56 6.44 -66.26
CA PHE D 157 -5.90 7.29 -65.29
C PHE D 157 -6.85 7.70 -64.18
N LEU D 158 -8.07 8.07 -64.56
CA LEU D 158 -9.08 8.49 -63.59
C LEU D 158 -9.55 7.34 -62.70
N GLU D 159 -9.87 6.22 -63.32
CA GLU D 159 -10.30 5.01 -62.60
C GLU D 159 -9.26 4.61 -61.56
N THR D 160 -8.02 4.45 -62.01
CA THR D 160 -6.93 4.06 -61.14
C THR D 160 -6.71 5.08 -60.02
N LEU D 161 -6.70 6.35 -60.39
CA LEU D 161 -6.57 7.42 -59.41
C LEU D 161 -7.66 7.31 -58.36
N PHE D 162 -8.92 7.26 -58.80
CA PHE D 162 -10.06 7.12 -57.91
C PHE D 162 -9.91 5.90 -56.99
N TYR D 163 -9.52 4.77 -57.57
CA TYR D 163 -9.42 3.52 -56.84
C TYR D 163 -8.30 3.52 -55.80
N GLU D 164 -7.10 3.93 -56.21
CA GLU D 164 -5.95 3.94 -55.31
C GLU D 164 -6.06 5.04 -54.26
N TYR D 165 -6.71 6.14 -54.62
CA TYR D 165 -6.96 7.25 -53.70
C TYR D 165 -7.79 6.78 -52.51
N MET D 166 -8.85 6.04 -52.81
CA MET D 166 -9.78 5.55 -51.81
C MET D 166 -9.16 4.44 -50.95
N THR D 167 -9.28 4.58 -49.64
CA THR D 167 -8.79 3.56 -48.72
C THR D 167 -9.95 2.94 -47.93
N ASP D 168 -9.91 1.61 -47.81
CA ASP D 168 -10.99 0.87 -47.16
C ASP D 168 -10.77 0.78 -45.65
N GLU D 169 -11.64 1.43 -44.89
CA GLU D 169 -11.51 1.47 -43.43
C GLU D 169 -12.65 0.77 -42.70
N ARG D 170 -13.41 -0.06 -43.43
CA ARG D 170 -14.58 -0.73 -42.86
C ARG D 170 -14.28 -1.54 -41.61
N PHE D 171 -13.10 -2.16 -41.56
CA PHE D 171 -12.74 -3.02 -40.45
C PHE D 171 -11.74 -2.35 -39.50
N LYS D 172 -11.66 -1.03 -39.60
CA LYS D 172 -10.84 -0.24 -38.68
C LYS D 172 -11.68 0.23 -37.50
N SER D 173 -11.04 0.91 -36.56
CA SER D 173 -11.76 1.49 -35.42
C SER D 173 -11.02 2.72 -34.90
N ASN D 179 -2.95 13.55 -40.87
CA ASN D 179 -3.13 12.66 -42.02
C ASN D 179 -3.41 13.44 -43.30
N MET D 180 -4.61 13.25 -43.86
CA MET D 180 -5.01 13.95 -45.06
C MET D 180 -6.50 14.28 -45.04
N GLU D 181 -7.00 14.76 -46.17
CA GLU D 181 -8.42 14.98 -46.35
C GLU D 181 -8.75 14.95 -47.83
N TYR D 182 -9.84 14.26 -48.18
CA TYR D 182 -10.22 14.07 -49.57
C TYR D 182 -10.52 15.38 -50.29
N ILE D 183 -9.88 15.57 -51.44
CA ILE D 183 -10.12 16.73 -52.28
C ILE D 183 -11.57 16.79 -52.72
N LYS D 184 -12.06 17.98 -53.02
CA LYS D 184 -13.44 18.15 -53.46
C LYS D 184 -13.50 18.50 -54.95
N HIS D 185 -12.36 18.87 -55.51
CA HIS D 185 -12.29 19.24 -56.92
C HIS D 185 -11.07 18.63 -57.61
N LEU D 186 -11.27 18.16 -58.84
CA LEU D 186 -10.16 17.68 -59.65
C LEU D 186 -10.10 18.44 -60.98
N GLY D 187 -8.99 19.14 -61.19
CA GLY D 187 -8.80 19.89 -62.43
C GLY D 187 -7.86 19.15 -63.37
N VAL D 188 -8.26 19.05 -64.63
CA VAL D 188 -7.46 18.33 -65.62
C VAL D 188 -7.24 19.17 -66.88
N TYR D 189 -6.00 19.57 -67.09
CA TYR D 189 -5.61 20.24 -68.34
C TYR D 189 -5.05 19.20 -69.31
N ILE D 190 -5.63 19.14 -70.50
CA ILE D 190 -5.26 18.12 -71.49
C ILE D 190 -5.70 18.53 -72.89
N ASN D 191 -4.99 18.05 -73.91
CA ASN D 191 -5.32 18.36 -75.29
C ASN D 191 -6.66 17.73 -75.68
N ASN D 192 -7.42 18.43 -76.51
CA ASN D 192 -8.84 18.10 -76.75
C ASN D 192 -9.61 17.71 -75.50
N ALA D 193 -9.73 18.65 -74.57
CA ALA D 193 -10.53 18.43 -73.37
C ALA D 193 -11.94 18.00 -73.70
N ASP D 194 -12.50 18.57 -74.76
CA ASP D 194 -13.88 18.33 -75.17
C ASP D 194 -14.18 16.87 -75.47
N THR D 195 -13.18 16.14 -75.95
CA THR D 195 -13.38 14.74 -76.29
C THR D 195 -13.24 13.83 -75.06
N TYR D 196 -12.32 14.18 -74.17
CA TYR D 196 -12.09 13.39 -72.96
C TYR D 196 -13.14 13.65 -71.90
N LYS D 197 -14.02 14.62 -72.14
CA LYS D 197 -15.04 15.01 -71.16
C LYS D 197 -16.02 13.89 -70.87
N GLU D 198 -16.32 13.07 -71.87
CA GLU D 198 -17.30 12.01 -71.71
C GLU D 198 -16.70 10.76 -71.07
N GLU D 199 -15.41 10.82 -70.75
CA GLU D 199 -14.72 9.69 -70.12
C GLU D 199 -14.82 9.76 -68.60
N VAL D 200 -15.18 10.93 -68.09
CA VAL D 200 -15.14 11.20 -66.66
C VAL D 200 -16.15 10.37 -65.85
N GLU D 201 -17.42 10.46 -66.22
CA GLU D 201 -18.45 9.75 -65.46
C GLU D 201 -18.47 8.26 -65.75
N LYS D 202 -17.89 7.87 -66.90
CA LYS D 202 -17.71 6.46 -67.18
C LYS D 202 -16.63 5.91 -66.25
N ALA D 203 -15.62 6.72 -65.98
CA ALA D 203 -14.55 6.36 -65.07
C ALA D 203 -15.07 6.22 -63.65
N ARG D 204 -15.97 7.13 -63.25
CA ARG D 204 -16.51 7.12 -61.90
C ARG D 204 -17.38 5.87 -61.68
N VAL D 205 -18.04 5.42 -62.74
CA VAL D 205 -18.83 4.19 -62.68
C VAL D 205 -17.92 2.98 -62.61
N TYR D 206 -16.93 2.94 -63.49
CA TYR D 206 -15.96 1.85 -63.52
C TYR D 206 -15.19 1.77 -62.21
N TYR D 207 -14.97 2.92 -61.60
CA TYR D 207 -14.27 2.98 -60.32
C TYR D 207 -15.03 2.23 -59.23
N PHE D 208 -16.31 2.56 -59.07
CA PHE D 208 -17.07 2.00 -57.96
C PHE D 208 -17.30 0.50 -58.14
N GLY D 209 -17.54 0.07 -59.37
CA GLY D 209 -17.70 -1.34 -59.67
C GLY D 209 -16.45 -2.09 -59.23
N THR D 210 -15.29 -1.51 -59.52
CA THR D 210 -14.02 -2.08 -59.11
C THR D 210 -13.85 -2.02 -57.60
N TYR D 211 -14.24 -0.90 -57.00
CA TYR D 211 -14.11 -0.74 -55.55
C TYR D 211 -15.11 -1.62 -54.80
N TYR D 212 -16.29 -1.80 -55.39
CA TYR D 212 -17.30 -2.67 -54.80
C TYR D 212 -16.81 -4.10 -54.77
N ALA D 213 -16.18 -4.53 -55.86
CA ALA D 213 -15.60 -5.86 -55.95
C ALA D 213 -14.46 -6.00 -54.95
N SER D 214 -13.71 -4.92 -54.77
CA SER D 214 -12.60 -4.91 -53.82
C SER D 214 -13.08 -5.08 -52.39
N GLN D 215 -14.23 -4.48 -52.08
CA GLN D 215 -14.79 -4.55 -50.74
C GLN D 215 -15.24 -5.96 -50.39
N LEU D 216 -15.82 -6.67 -51.36
CA LEU D 216 -16.29 -8.03 -51.15
C LEU D 216 -15.11 -8.97 -50.96
N ILE D 217 -14.10 -8.83 -51.80
CA ILE D 217 -12.91 -9.67 -51.73
C ILE D 217 -12.14 -9.45 -50.44
N ALA D 218 -11.90 -8.20 -50.09
CA ALA D 218 -11.10 -7.85 -48.92
C ALA D 218 -11.78 -8.25 -47.61
N ALA D 219 -13.11 -8.23 -47.62
CA ALA D 219 -13.88 -8.63 -46.44
C ALA D 219 -13.57 -10.08 -46.08
N PRO D 220 -13.16 -10.31 -44.84
CA PRO D 220 -12.76 -11.65 -44.35
C PRO D 220 -13.90 -12.66 -44.41
N SER D 221 -13.55 -13.94 -44.34
CA SER D 221 -14.52 -15.02 -44.54
C SER D 221 -15.49 -15.18 -43.37
N ASN D 222 -15.21 -14.54 -42.24
CA ASN D 222 -16.18 -14.53 -41.16
C ASN D 222 -17.23 -13.45 -41.42
N TYR D 223 -16.86 -12.47 -42.23
CA TYR D 223 -17.81 -11.44 -42.68
C TYR D 223 -18.45 -11.86 -44.00
N CYS D 224 -17.64 -12.33 -44.94
CA CYS D 224 -18.13 -12.72 -46.25
C CYS D 224 -18.29 -14.23 -46.38
N ASN D 225 -19.52 -14.70 -46.20
CA ASN D 225 -19.87 -16.11 -46.32
C ASN D 225 -20.94 -16.29 -47.39
N PRO D 226 -21.25 -17.54 -47.78
CA PRO D 226 -22.28 -17.74 -48.82
C PRO D 226 -23.62 -17.07 -48.53
N VAL D 227 -23.99 -16.96 -47.26
CA VAL D 227 -25.26 -16.34 -46.90
C VAL D 227 -25.15 -14.82 -46.96
N SER D 228 -24.10 -14.27 -46.37
CA SER D 228 -23.90 -12.83 -46.33
C SER D 228 -23.61 -12.25 -47.72
N LEU D 229 -22.93 -13.03 -48.55
CA LEU D 229 -22.55 -12.58 -49.88
C LEU D 229 -23.77 -12.54 -50.81
N SER D 230 -24.61 -13.56 -50.73
CA SER D 230 -25.81 -13.62 -51.57
C SER D 230 -26.82 -12.56 -51.14
N ASN D 231 -26.83 -12.25 -49.84
CA ASN D 231 -27.65 -11.15 -49.33
C ASN D 231 -27.16 -9.82 -49.89
N ALA D 232 -25.84 -9.65 -49.92
CA ALA D 232 -25.24 -8.44 -50.46
C ALA D 232 -25.57 -8.28 -51.94
N ALA D 233 -25.65 -9.39 -52.65
CA ALA D 233 -25.99 -9.38 -54.07
C ALA D 233 -27.43 -8.96 -54.28
N VAL D 234 -28.33 -9.47 -53.44
CA VAL D 234 -29.74 -9.11 -53.49
C VAL D 234 -29.93 -7.62 -53.26
N GLU D 235 -29.22 -7.10 -52.26
CA GLU D 235 -29.28 -5.68 -51.93
C GLU D 235 -28.81 -4.82 -53.10
N LEU D 236 -27.77 -5.28 -53.79
CA LEU D 236 -27.25 -4.59 -54.96
C LEU D 236 -28.27 -4.64 -56.11
N ALA D 237 -28.91 -5.78 -56.28
CA ALA D 237 -29.89 -5.98 -57.34
C ALA D 237 -31.08 -5.04 -57.15
N GLN D 238 -31.52 -4.89 -55.91
CA GLN D 238 -32.66 -4.04 -55.60
C GLN D 238 -32.35 -2.57 -55.84
N LYS D 239 -31.10 -2.18 -55.58
CA LYS D 239 -30.68 -0.80 -55.77
C LYS D 239 -30.52 -0.47 -57.26
N LEU D 240 -30.25 -1.49 -58.06
CA LEU D 240 -30.05 -1.30 -59.49
C LEU D 240 -31.30 -1.68 -60.29
N ASN D 241 -32.33 -2.11 -59.56
CA ASN D 241 -33.58 -2.59 -60.16
C ASN D 241 -33.36 -3.73 -61.13
N LEU D 242 -32.49 -4.66 -60.74
CA LEU D 242 -32.26 -5.88 -61.49
C LEU D 242 -33.18 -6.98 -60.98
N GLU D 243 -33.58 -7.89 -61.87
CA GLU D 243 -34.24 -9.11 -61.44
C GLU D 243 -33.22 -9.96 -60.70
N TYR D 244 -33.67 -10.67 -59.66
CA TYR D 244 -32.75 -11.48 -58.89
C TYR D 244 -33.42 -12.74 -58.35
N LYS D 245 -32.60 -13.75 -58.07
CA LYS D 245 -33.09 -15.02 -57.57
C LYS D 245 -31.96 -15.81 -56.91
N ILE D 246 -32.06 -16.00 -55.60
CA ILE D 246 -31.10 -16.82 -54.88
C ILE D 246 -31.62 -18.25 -54.75
N LEU D 247 -30.89 -19.21 -55.33
CA LEU D 247 -31.27 -20.61 -55.27
C LEU D 247 -30.70 -21.27 -54.02
N GLY D 248 -31.58 -21.87 -53.23
CA GLY D 248 -31.18 -22.52 -51.99
C GLY D 248 -30.94 -24.01 -52.18
N VAL D 249 -30.47 -24.65 -51.12
CA VAL D 249 -30.09 -26.07 -51.15
C VAL D 249 -31.20 -26.98 -51.67
N LYS D 250 -32.42 -26.77 -51.17
CA LYS D 250 -33.56 -27.60 -51.57
C LYS D 250 -33.83 -27.49 -53.06
N GLU D 251 -33.62 -26.30 -53.62
CA GLU D 251 -33.79 -26.08 -55.05
C GLU D 251 -32.59 -26.65 -55.81
N LEU D 252 -31.41 -26.51 -55.24
CA LEU D 252 -30.18 -27.01 -55.84
C LEU D 252 -30.22 -28.53 -55.95
N GLU D 253 -30.75 -29.18 -54.91
CA GLU D 253 -30.93 -30.63 -54.92
C GLU D 253 -31.91 -31.03 -56.02
N GLU D 254 -32.95 -30.22 -56.18
CA GLU D 254 -33.97 -30.46 -57.21
C GLU D 254 -33.36 -30.36 -58.61
N LEU D 255 -32.42 -29.42 -58.77
CA LEU D 255 -31.72 -29.25 -60.04
C LEU D 255 -30.54 -30.22 -60.15
N LYS D 256 -30.35 -31.00 -59.08
CA LYS D 256 -29.35 -32.07 -59.05
C LYS D 256 -27.92 -31.58 -59.30
N MET D 257 -27.56 -30.47 -58.67
CA MET D 257 -26.21 -29.94 -58.78
C MET D 257 -25.26 -30.63 -57.81
N GLY D 258 -24.99 -31.92 -58.07
CA GLY D 258 -24.20 -32.74 -57.16
C GLY D 258 -22.76 -32.31 -56.97
N ALA D 259 -22.15 -31.76 -58.01
CA ALA D 259 -20.77 -31.30 -57.92
C ALA D 259 -20.66 -30.05 -57.07
N TYR D 260 -21.53 -29.08 -57.34
CA TYR D 260 -21.61 -27.85 -56.57
C TYR D 260 -21.93 -28.14 -55.10
N LEU D 261 -22.96 -28.95 -54.87
CA LEU D 261 -23.40 -29.26 -53.52
C LEU D 261 -22.35 -30.02 -52.70
N SER D 262 -21.49 -30.77 -53.39
CA SER D 262 -20.46 -31.56 -52.71
C SER D 262 -19.44 -30.68 -52.00
N VAL D 263 -18.98 -29.64 -52.67
CA VAL D 263 -18.00 -28.72 -52.11
C VAL D 263 -18.51 -28.07 -50.82
N GLY D 264 -19.80 -27.73 -50.79
CA GLY D 264 -20.36 -27.00 -49.68
C GLY D 264 -20.78 -27.82 -48.48
N LYS D 265 -20.74 -29.14 -48.61
CA LYS D 265 -21.18 -30.04 -47.56
C LYS D 265 -20.51 -29.80 -46.21
N GLY D 266 -19.19 -29.60 -46.25
CA GLY D 266 -18.42 -29.44 -45.03
C GLY D 266 -18.56 -28.10 -44.35
N SER D 267 -19.26 -27.17 -44.98
CA SER D 267 -19.42 -25.82 -44.44
C SER D 267 -20.61 -25.69 -43.51
N MET D 268 -20.54 -24.75 -42.58
CA MET D 268 -21.65 -24.44 -41.69
C MET D 268 -22.65 -23.54 -42.40
N TYR D 269 -22.22 -22.99 -43.54
CA TYR D 269 -23.06 -22.10 -44.32
C TYR D 269 -23.70 -22.85 -45.48
N PRO D 270 -25.03 -22.71 -45.63
CA PRO D 270 -25.77 -23.32 -46.74
C PRO D 270 -25.34 -22.76 -48.08
N ASN D 271 -25.25 -23.62 -49.10
CA ASN D 271 -24.93 -23.17 -50.45
C ASN D 271 -25.97 -22.21 -50.98
N LYS D 272 -25.51 -21.14 -51.64
CA LYS D 272 -26.40 -20.15 -52.23
C LYS D 272 -25.98 -19.85 -53.66
N PHE D 273 -26.91 -19.99 -54.60
CA PHE D 273 -26.63 -19.74 -56.01
C PHE D 273 -27.18 -18.38 -56.42
N ILE D 274 -26.27 -17.45 -56.74
CA ILE D 274 -26.66 -16.09 -57.11
C ILE D 274 -26.99 -15.98 -58.60
N HIS D 275 -28.19 -15.48 -58.90
CA HIS D 275 -28.62 -15.30 -60.27
C HIS D 275 -29.27 -13.92 -60.46
N LEU D 276 -28.47 -12.96 -60.91
CA LEU D 276 -28.98 -11.63 -61.24
C LEU D 276 -29.21 -11.53 -62.75
N THR D 277 -30.10 -10.64 -63.17
CA THR D 277 -30.41 -10.50 -64.59
C THR D 277 -30.70 -9.05 -64.99
N TYR D 278 -30.03 -8.60 -66.05
CA TYR D 278 -30.34 -7.32 -66.66
C TYR D 278 -30.94 -7.53 -68.03
N LYS D 279 -32.13 -6.97 -68.26
CA LYS D 279 -32.75 -7.04 -69.57
C LYS D 279 -32.96 -5.65 -70.12
N SER D 280 -32.58 -5.45 -71.38
CA SER D 280 -32.72 -4.15 -72.03
C SER D 280 -34.18 -3.80 -72.25
N LYS D 281 -34.48 -2.51 -72.30
CA LYS D 281 -35.84 -2.03 -72.56
C LYS D 281 -36.23 -2.32 -74.00
N GLY D 282 -35.26 -2.21 -74.90
CA GLY D 282 -35.51 -2.47 -76.31
C GLY D 282 -35.57 -3.95 -76.63
N ASP D 283 -35.45 -4.29 -77.91
CA ASP D 283 -35.43 -5.67 -78.33
C ASP D 283 -34.08 -6.31 -78.02
N VAL D 284 -34.10 -7.50 -77.41
CA VAL D 284 -32.87 -8.19 -77.04
C VAL D 284 -32.25 -8.89 -78.24
N LYS D 285 -30.99 -8.57 -78.52
CA LYS D 285 -30.30 -9.12 -79.67
C LYS D 285 -29.08 -9.95 -79.26
N LYS D 286 -28.60 -9.73 -78.03
CA LYS D 286 -27.48 -10.51 -77.50
C LYS D 286 -27.82 -11.02 -76.11
N LYS D 287 -27.56 -12.31 -75.88
CA LYS D 287 -27.78 -12.92 -74.58
C LYS D 287 -26.46 -13.40 -73.98
N ILE D 288 -26.11 -12.84 -72.83
CA ILE D 288 -24.83 -13.14 -72.19
C ILE D 288 -24.99 -13.68 -70.78
N ALA D 289 -24.27 -14.75 -70.48
CA ALA D 289 -24.20 -15.27 -69.11
C ALA D 289 -22.78 -15.08 -68.57
N LEU D 290 -22.66 -14.29 -67.50
CA LEU D 290 -21.37 -14.10 -66.84
C LEU D 290 -21.31 -14.94 -65.57
N VAL D 291 -20.33 -15.84 -65.52
CA VAL D 291 -20.22 -16.77 -64.39
C VAL D 291 -18.96 -16.53 -63.58
N GLY D 292 -19.10 -16.40 -62.27
CA GLY D 292 -17.96 -16.17 -61.41
C GLY D 292 -17.78 -17.22 -60.34
N LYS D 293 -16.53 -17.63 -60.13
CA LYS D 293 -16.21 -18.55 -59.04
C LYS D 293 -16.39 -17.83 -57.71
N GLY D 294 -17.19 -18.42 -56.83
CA GLY D 294 -17.52 -17.78 -55.57
C GLY D 294 -17.26 -18.64 -54.35
N ILE D 295 -16.00 -18.98 -54.12
CA ILE D 295 -15.62 -19.69 -52.91
C ILE D 295 -15.22 -18.68 -51.84
N THR D 296 -16.06 -18.51 -50.82
CA THR D 296 -15.84 -17.48 -49.82
C THR D 296 -14.60 -17.76 -48.97
N PHE D 297 -14.34 -19.04 -48.71
CA PHE D 297 -13.06 -19.44 -48.14
C PHE D 297 -12.63 -20.80 -48.68
N ASP D 298 -11.35 -20.91 -49.01
CA ASP D 298 -10.81 -22.14 -49.58
C ASP D 298 -9.68 -22.71 -48.72
N SER D 299 -10.02 -23.60 -47.80
CA SER D 299 -9.02 -24.25 -46.96
C SER D 299 -8.30 -25.35 -47.74
N GLY D 300 -8.97 -25.85 -48.77
CA GLY D 300 -8.45 -26.94 -49.56
C GLY D 300 -9.19 -28.24 -49.26
N GLY D 301 -10.04 -28.20 -48.24
CA GLY D 301 -10.74 -29.38 -47.79
C GLY D 301 -9.77 -30.36 -47.17
N TYR D 302 -10.03 -31.65 -47.32
CA TYR D 302 -9.16 -32.67 -46.75
C TYR D 302 -7.81 -32.68 -47.46
N ASN D 303 -7.76 -32.11 -48.66
CA ASN D 303 -6.49 -31.77 -49.29
C ASN D 303 -6.07 -30.39 -48.81
N LEU D 304 -5.92 -30.26 -47.50
CA LEU D 304 -5.69 -28.98 -46.83
C LEU D 304 -4.44 -28.25 -47.33
N LYS D 305 -4.58 -26.95 -47.57
CA LYS D 305 -3.45 -26.11 -47.97
C LYS D 305 -2.46 -25.99 -46.82
N ALA D 306 -1.54 -26.94 -46.72
CA ALA D 306 -0.59 -26.97 -45.62
C ALA D 306 0.85 -26.82 -46.11
N ALA D 307 1.05 -26.96 -47.42
CA ALA D 307 2.37 -26.86 -48.03
C ALA D 307 2.92 -25.43 -47.89
N PRO D 308 4.26 -25.29 -47.97
CA PRO D 308 4.86 -23.95 -47.97
C PRO D 308 4.39 -23.13 -49.16
N GLY D 309 3.94 -21.91 -48.90
CA GLY D 309 3.47 -21.02 -49.96
C GLY D 309 2.09 -21.37 -50.45
N SER D 310 1.37 -22.18 -49.69
CA SER D 310 -0.02 -22.51 -50.03
C SER D 310 -0.90 -21.29 -49.81
N MET D 311 -0.43 -20.37 -48.98
CA MET D 311 -1.05 -19.06 -48.79
C MET D 311 -2.52 -19.14 -48.38
N ILE D 312 -2.79 -19.89 -47.31
CA ILE D 312 -4.17 -20.13 -46.89
C ILE D 312 -4.78 -18.88 -46.24
N ASP D 313 -3.94 -17.98 -45.76
CA ASP D 313 -4.41 -16.74 -45.14
C ASP D 313 -4.99 -15.77 -46.17
N LEU D 314 -4.77 -16.07 -47.44
CA LEU D 314 -5.23 -15.23 -48.53
C LEU D 314 -6.61 -15.68 -49.02
N MET D 315 -6.95 -16.92 -48.72
CA MET D 315 -8.04 -17.65 -49.37
C MET D 315 -9.44 -17.10 -49.19
N LYS D 316 -9.56 -15.89 -48.66
CA LYS D 316 -10.84 -15.18 -48.70
C LYS D 316 -11.07 -14.63 -50.10
N PHE D 317 -9.97 -14.53 -50.86
CA PHE D 317 -9.98 -13.96 -52.21
C PHE D 317 -10.60 -14.90 -53.25
N ASP D 318 -10.93 -16.11 -52.83
CA ASP D 318 -11.32 -17.15 -53.78
C ASP D 318 -12.73 -16.95 -54.34
N MET D 319 -13.31 -15.79 -54.06
CA MET D 319 -14.60 -15.41 -54.63
C MET D 319 -14.45 -14.12 -55.44
N SER D 320 -13.21 -13.85 -55.86
CA SER D 320 -12.92 -12.67 -56.67
C SER D 320 -13.65 -12.73 -58.00
N GLY D 321 -13.74 -13.93 -58.57
CA GLY D 321 -14.48 -14.13 -59.80
C GLY D 321 -15.94 -13.76 -59.63
N CYS D 322 -16.48 -14.03 -58.45
CA CYS D 322 -17.85 -13.64 -58.13
C CYS D 322 -17.95 -12.14 -57.90
N ALA D 323 -16.96 -11.59 -57.19
CA ALA D 323 -16.93 -10.17 -56.89
C ALA D 323 -16.83 -9.34 -58.18
N ALA D 324 -16.07 -9.84 -59.14
CA ALA D 324 -15.90 -9.18 -60.42
C ALA D 324 -17.22 -9.18 -61.20
N VAL D 325 -17.96 -10.27 -61.10
CA VAL D 325 -19.25 -10.40 -61.78
C VAL D 325 -20.27 -9.43 -61.18
N LEU D 326 -20.26 -9.30 -59.85
CA LEU D 326 -21.16 -8.37 -59.17
C LEU D 326 -20.79 -6.93 -59.45
N GLY D 327 -19.48 -6.65 -59.47
CA GLY D 327 -19.00 -5.32 -59.79
C GLY D 327 -19.37 -4.94 -61.21
N CYS D 328 -19.43 -5.94 -62.08
CA CYS D 328 -19.88 -5.74 -63.45
C CYS D 328 -21.38 -5.46 -63.48
N ALA D 329 -22.11 -6.11 -62.58
CA ALA D 329 -23.55 -5.92 -62.48
C ALA D 329 -23.88 -4.48 -62.09
N TYR D 330 -23.03 -3.89 -61.25
CA TYR D 330 -23.22 -2.49 -60.89
C TYR D 330 -23.07 -1.60 -62.11
N CYS D 331 -21.95 -1.75 -62.81
CA CYS D 331 -21.63 -0.93 -63.97
C CYS D 331 -22.69 -1.05 -65.07
N VAL D 332 -23.10 -2.27 -65.37
CA VAL D 332 -24.09 -2.52 -66.41
C VAL D 332 -25.45 -1.98 -66.01
N GLY D 333 -25.86 -2.25 -64.78
CA GLY D 333 -27.13 -1.77 -64.27
C GLY D 333 -27.17 -0.27 -64.12
N THR D 334 -26.01 0.36 -64.13
CA THR D 334 -25.91 1.81 -64.02
C THR D 334 -25.86 2.47 -65.39
N LEU D 335 -25.04 1.92 -66.28
CA LEU D 335 -24.86 2.50 -67.61
C LEU D 335 -26.00 2.11 -68.55
N LYS D 336 -26.70 1.03 -68.21
CA LYS D 336 -27.88 0.57 -68.94
C LYS D 336 -27.67 0.45 -70.45
N PRO D 337 -26.96 -0.61 -70.89
CA PRO D 337 -26.76 -0.84 -72.32
C PRO D 337 -28.05 -1.26 -73.03
N GLU D 338 -28.14 -0.99 -74.32
CA GLU D 338 -29.32 -1.34 -75.10
C GLU D 338 -29.20 -2.72 -75.74
N ASN D 339 -30.36 -3.32 -76.06
CA ASN D 339 -30.44 -4.51 -76.88
C ASN D 339 -29.64 -5.72 -76.39
N VAL D 340 -29.45 -5.82 -75.08
CA VAL D 340 -28.71 -6.94 -74.52
C VAL D 340 -29.36 -7.48 -73.25
N GLU D 341 -29.30 -8.80 -73.08
CA GLU D 341 -29.79 -9.46 -71.87
C GLU D 341 -28.63 -10.17 -71.18
N ILE D 342 -28.37 -9.80 -69.92
CA ILE D 342 -27.21 -10.32 -69.22
C ILE D 342 -27.56 -11.07 -67.93
N HIS D 343 -27.02 -12.27 -67.80
CA HIS D 343 -27.19 -13.07 -66.59
C HIS D 343 -25.91 -13.10 -65.76
N PHE D 344 -26.03 -12.77 -64.48
CA PHE D 344 -24.89 -12.80 -63.57
C PHE D 344 -25.01 -14.00 -62.64
N LEU D 345 -24.20 -15.03 -62.91
CA LEU D 345 -24.29 -16.28 -62.19
C LEU D 345 -23.08 -16.54 -61.31
N SER D 346 -23.32 -17.06 -60.11
CA SER D 346 -22.25 -17.44 -59.20
C SER D 346 -22.71 -18.48 -58.19
N ALA D 347 -22.14 -19.67 -58.29
CA ALA D 347 -22.41 -20.73 -57.32
C ALA D 347 -21.52 -20.53 -56.09
N VAL D 348 -22.08 -19.92 -55.06
CA VAL D 348 -21.31 -19.59 -53.86
C VAL D 348 -21.35 -20.68 -52.81
N CYS D 349 -20.19 -21.02 -52.26
CA CYS D 349 -20.10 -21.95 -51.15
C CYS D 349 -18.79 -21.72 -50.38
N GLU D 350 -18.46 -22.64 -49.48
CA GLU D 350 -17.25 -22.53 -48.67
C GLU D 350 -16.60 -23.91 -48.52
N ASN D 351 -15.29 -23.97 -48.79
CA ASN D 351 -14.56 -25.23 -48.81
C ASN D 351 -13.86 -25.51 -47.48
N MET D 352 -14.48 -26.34 -46.64
CA MET D 352 -14.00 -26.53 -45.27
C MET D 352 -13.68 -27.99 -44.93
N VAL D 353 -13.10 -28.18 -43.75
CA VAL D 353 -12.80 -29.51 -43.23
C VAL D 353 -13.77 -29.86 -42.10
N SER D 354 -14.50 -30.96 -42.28
CA SER D 354 -15.53 -31.34 -41.33
C SER D 354 -15.82 -32.84 -41.43
N LYS D 355 -16.70 -33.33 -40.57
CA LYS D 355 -17.16 -34.69 -40.66
C LYS D 355 -18.04 -34.85 -41.90
N ASN D 356 -18.60 -33.73 -42.35
CA ASN D 356 -19.53 -33.72 -43.46
C ASN D 356 -18.90 -33.36 -44.80
N SER D 357 -17.59 -33.13 -44.80
CA SER D 357 -16.88 -32.76 -46.02
C SER D 357 -16.85 -33.92 -47.01
N TYR D 358 -16.76 -33.59 -48.31
CA TYR D 358 -16.56 -34.61 -49.32
C TYR D 358 -15.09 -35.03 -49.28
N ARG D 359 -14.81 -36.26 -49.68
CA ARG D 359 -13.47 -36.82 -49.53
C ARG D 359 -12.75 -36.97 -50.86
N PRO D 360 -11.40 -36.96 -50.81
CA PRO D 360 -10.60 -37.38 -51.96
C PRO D 360 -11.01 -38.80 -52.39
N GLY D 361 -11.34 -38.97 -53.67
CA GLY D 361 -11.75 -40.25 -54.19
C GLY D 361 -13.24 -40.35 -54.44
N ASP D 362 -14.01 -39.48 -53.81
CA ASP D 362 -15.47 -39.47 -53.96
C ASP D 362 -15.89 -39.26 -55.41
N ILE D 363 -16.87 -40.04 -55.85
CA ILE D 363 -17.42 -39.88 -57.18
C ILE D 363 -18.78 -39.20 -57.11
N ILE D 364 -18.87 -38.02 -57.69
CA ILE D 364 -20.08 -37.20 -57.60
C ILE D 364 -20.68 -36.97 -58.98
N THR D 365 -21.97 -36.63 -59.01
CA THR D 365 -22.69 -36.49 -60.27
C THR D 365 -23.16 -35.05 -60.49
N ALA D 366 -22.64 -34.41 -61.55
CA ALA D 366 -23.04 -33.05 -61.89
C ALA D 366 -24.47 -33.03 -62.44
N SER D 367 -24.99 -31.83 -62.67
CA SER D 367 -26.38 -31.67 -63.06
C SER D 367 -26.66 -32.09 -64.50
N ASN D 368 -25.60 -32.41 -65.25
CA ASN D 368 -25.77 -32.83 -66.64
C ASN D 368 -25.61 -34.33 -66.81
N GLY D 369 -25.42 -35.04 -65.71
CA GLY D 369 -25.36 -36.49 -65.73
C GLY D 369 -23.97 -37.09 -65.55
N LYS D 370 -22.94 -36.33 -65.91
CA LYS D 370 -21.57 -36.83 -65.84
C LYS D 370 -21.11 -37.09 -64.41
N THR D 371 -20.53 -38.28 -64.19
CA THR D 371 -19.97 -38.62 -62.89
C THR D 371 -18.49 -38.22 -62.84
N ILE D 372 -18.10 -37.57 -61.75
CA ILE D 372 -16.75 -37.03 -61.61
C ILE D 372 -16.00 -37.67 -60.46
N GLU D 373 -14.78 -38.15 -60.72
CA GLU D 373 -13.95 -38.70 -59.67
C GLU D 373 -13.05 -37.62 -59.07
N VAL D 374 -13.31 -37.28 -57.81
CA VAL D 374 -12.54 -36.26 -57.12
C VAL D 374 -11.15 -36.77 -56.73
N GLY D 375 -10.11 -36.14 -57.27
CA GLY D 375 -8.75 -36.52 -56.97
C GLY D 375 -8.10 -35.56 -55.99
N ASN D 376 -8.67 -34.36 -55.91
CA ASN D 376 -8.13 -33.32 -55.03
C ASN D 376 -9.23 -32.34 -54.62
N THR D 377 -9.52 -32.29 -53.33
CA THR D 377 -10.59 -31.43 -52.82
C THR D 377 -10.24 -29.95 -52.92
N ASP D 378 -8.98 -29.66 -53.22
CA ASP D 378 -8.53 -28.27 -53.35
C ASP D 378 -8.77 -27.77 -54.76
N ALA D 379 -9.16 -28.67 -55.65
CA ALA D 379 -9.58 -28.29 -56.99
C ALA D 379 -11.11 -28.15 -57.02
N GLU D 380 -11.63 -27.37 -56.08
CA GLU D 380 -13.08 -27.28 -55.86
C GLU D 380 -13.76 -26.29 -56.80
N GLY D 381 -12.98 -25.35 -57.32
CA GLY D 381 -13.51 -24.29 -58.16
C GLY D 381 -14.14 -24.80 -59.45
N ARG D 382 -13.47 -25.73 -60.11
CA ARG D 382 -13.98 -26.28 -61.37
C ARG D 382 -15.25 -27.09 -61.14
N LEU D 383 -15.38 -27.64 -59.93
CA LEU D 383 -16.57 -28.42 -59.57
C LEU D 383 -17.78 -27.50 -59.48
N THR D 384 -17.65 -26.41 -58.73
CA THR D 384 -18.73 -25.45 -58.57
C THR D 384 -19.06 -24.78 -59.91
N LEU D 385 -18.05 -24.56 -60.73
CA LEU D 385 -18.24 -23.95 -62.03
C LEU D 385 -18.93 -24.90 -63.00
N ALA D 386 -18.64 -26.19 -62.87
CA ALA D 386 -19.23 -27.21 -63.74
C ALA D 386 -20.75 -27.15 -63.71
N ASP D 387 -21.31 -27.02 -62.52
CA ASP D 387 -22.76 -26.92 -62.36
C ASP D 387 -23.26 -25.55 -62.80
N ALA D 388 -22.45 -24.52 -62.55
CA ALA D 388 -22.78 -23.16 -62.96
C ALA D 388 -22.83 -23.06 -64.48
N LEU D 389 -21.99 -23.84 -65.15
CA LEU D 389 -21.92 -23.81 -66.61
C LEU D 389 -23.05 -24.60 -67.26
N VAL D 390 -23.48 -25.68 -66.62
CA VAL D 390 -24.65 -26.42 -67.09
C VAL D 390 -25.89 -25.54 -66.93
N TYR D 391 -25.94 -24.82 -65.82
CA TYR D 391 -27.04 -23.90 -65.55
C TYR D 391 -27.07 -22.77 -66.57
N ALA D 392 -25.89 -22.23 -66.88
CA ALA D 392 -25.77 -21.09 -67.78
C ALA D 392 -26.23 -21.44 -69.20
N GLU D 393 -25.89 -22.64 -69.66
CA GLU D 393 -26.22 -23.04 -71.02
C GLU D 393 -27.72 -23.36 -71.16
N LYS D 394 -28.36 -23.72 -70.05
CA LYS D 394 -29.79 -23.98 -70.06
C LYS D 394 -30.59 -22.69 -70.25
N LEU D 395 -29.96 -21.57 -69.92
CA LEU D 395 -30.60 -20.27 -70.08
C LEU D 395 -30.73 -19.89 -71.55
N GLY D 396 -29.94 -20.55 -72.39
CA GLY D 396 -30.00 -20.32 -73.83
C GLY D 396 -29.39 -18.99 -74.23
N VAL D 397 -28.18 -18.73 -73.77
CA VAL D 397 -27.49 -17.48 -74.09
C VAL D 397 -26.57 -17.66 -75.28
N ASP D 398 -26.08 -16.55 -75.83
CA ASP D 398 -25.15 -16.59 -76.95
C ASP D 398 -23.71 -16.72 -76.47
N TYR D 399 -23.40 -16.06 -75.36
CA TYR D 399 -22.05 -16.07 -74.80
C TYR D 399 -22.03 -16.48 -73.34
N ILE D 400 -21.13 -17.39 -72.99
CA ILE D 400 -20.88 -17.73 -71.59
C ILE D 400 -19.42 -17.44 -71.25
N VAL D 401 -19.19 -16.46 -70.39
CA VAL D 401 -17.84 -16.12 -69.98
C VAL D 401 -17.66 -16.31 -68.48
N ASP D 402 -16.82 -17.26 -68.09
CA ASP D 402 -16.53 -17.46 -66.68
C ASP D 402 -15.21 -16.81 -66.30
N ILE D 403 -15.14 -16.30 -65.08
CA ILE D 403 -13.92 -15.70 -64.56
C ILE D 403 -13.67 -16.26 -63.15
N ALA D 404 -12.43 -16.64 -62.87
CA ALA D 404 -12.15 -17.41 -61.66
C ALA D 404 -10.71 -17.36 -61.17
N THR D 405 -10.54 -17.48 -59.85
CA THR D 405 -9.24 -17.74 -59.24
C THR D 405 -9.07 -19.26 -59.18
N LEU D 406 -8.78 -19.86 -60.32
CA LEU D 406 -8.91 -21.31 -60.49
C LEU D 406 -7.62 -22.09 -60.24
N THR D 407 -6.52 -21.66 -60.85
CA THR D 407 -5.27 -22.42 -60.76
C THR D 407 -4.07 -21.58 -60.38
N GLY D 408 -3.40 -21.96 -59.30
CA GLY D 408 -2.22 -21.25 -58.82
C GLY D 408 -1.05 -21.31 -59.78
N ALA D 409 -1.13 -22.21 -60.75
CA ALA D 409 -0.09 -22.35 -61.77
C ALA D 409 0.03 -21.12 -62.65
N MET D 410 -1.00 -20.27 -62.61
CA MET D 410 -0.99 -19.01 -63.37
C MET D 410 0.15 -18.12 -62.91
N LEU D 411 0.56 -18.28 -61.65
CA LEU D 411 1.67 -17.52 -61.10
C LEU D 411 2.99 -17.91 -61.75
N TYR D 412 3.06 -19.13 -62.26
CA TYR D 412 4.29 -19.61 -62.89
C TYR D 412 4.26 -19.44 -64.41
N SER D 413 3.11 -19.02 -64.93
CA SER D 413 2.97 -18.84 -66.37
C SER D 413 2.91 -17.37 -66.78
N LEU D 414 1.81 -16.70 -66.46
CA LEU D 414 1.62 -15.31 -66.86
C LEU D 414 1.95 -14.34 -65.73
N GLY D 415 2.03 -14.84 -64.50
CA GLY D 415 2.42 -14.02 -63.38
C GLY D 415 1.29 -13.26 -62.72
N THR D 416 1.59 -12.05 -62.24
CA THR D 416 0.67 -11.29 -61.41
C THR D 416 0.01 -10.12 -62.13
N SER D 417 0.38 -9.89 -63.39
CA SER D 417 -0.16 -8.74 -64.12
C SER D 417 -1.13 -9.15 -65.22
N TYR D 418 -0.83 -10.26 -65.89
CA TYR D 418 -1.68 -10.74 -66.99
C TYR D 418 -2.50 -11.95 -66.57
N ALA D 419 -3.80 -11.89 -66.82
CA ALA D 419 -4.67 -13.05 -66.60
C ALA D 419 -4.72 -13.89 -67.88
N GLY D 420 -5.16 -15.13 -67.75
CA GLY D 420 -5.23 -16.01 -68.90
C GLY D 420 -6.67 -16.21 -69.37
N VAL D 421 -6.86 -16.30 -70.68
CA VAL D 421 -8.17 -16.62 -71.22
C VAL D 421 -8.11 -17.88 -72.09
N PHE D 422 -9.00 -18.81 -71.79
CA PHE D 422 -9.12 -20.05 -72.54
C PHE D 422 -10.51 -20.08 -73.17
N GLY D 423 -10.73 -20.93 -74.16
CA GLY D 423 -12.05 -20.99 -74.77
C GLY D 423 -12.25 -21.99 -75.89
N ASN D 424 -13.51 -22.15 -76.28
CA ASN D 424 -13.89 -23.05 -77.36
C ASN D 424 -14.29 -22.30 -78.63
N ASN D 425 -14.31 -20.98 -78.53
CA ASN D 425 -14.78 -20.13 -79.63
C ASN D 425 -13.84 -18.95 -79.86
N GLU D 426 -13.24 -18.91 -81.04
CA GLU D 426 -12.20 -17.92 -81.36
C GLU D 426 -12.70 -16.48 -81.33
N GLU D 427 -13.87 -16.25 -81.92
CA GLU D 427 -14.44 -14.90 -81.98
C GLU D 427 -14.68 -14.35 -80.58
N LEU D 428 -15.25 -15.17 -79.71
CA LEU D 428 -15.51 -14.77 -78.33
C LEU D 428 -14.20 -14.41 -77.62
N ILE D 429 -13.16 -15.20 -77.87
CA ILE D 429 -11.84 -14.93 -77.30
C ILE D 429 -11.28 -13.61 -77.80
N ASN D 430 -11.40 -13.38 -79.11
CA ASN D 430 -10.97 -12.13 -79.71
C ASN D 430 -11.75 -10.95 -79.13
N LYS D 431 -13.02 -11.17 -78.83
CA LYS D 431 -13.85 -10.17 -78.18
C LYS D 431 -13.32 -9.83 -76.79
N ILE D 432 -12.89 -10.86 -76.07
CA ILE D 432 -12.30 -10.67 -74.75
C ILE D 432 -10.99 -9.90 -74.84
N LEU D 433 -10.15 -10.28 -75.80
CA LEU D 433 -8.85 -9.65 -75.99
C LEU D 433 -9.01 -8.17 -76.37
N GLN D 434 -10.07 -7.86 -77.10
CA GLN D 434 -10.38 -6.47 -77.44
C GLN D 434 -10.87 -5.73 -76.21
N SER D 435 -11.68 -6.41 -75.40
CA SER D 435 -12.13 -5.85 -74.14
C SER D 435 -10.95 -5.61 -73.20
N SER D 436 -9.93 -6.45 -73.34
CA SER D 436 -8.70 -6.32 -72.56
C SER D 436 -7.96 -5.05 -72.93
N LYS D 437 -7.93 -4.74 -74.22
CA LYS D 437 -7.24 -3.56 -74.72
C LYS D 437 -7.91 -2.28 -74.26
N THR D 438 -9.22 -2.21 -74.38
CA THR D 438 -9.96 -0.98 -74.10
C THR D 438 -10.18 -0.75 -72.60
N SER D 439 -10.25 -1.82 -71.82
CA SER D 439 -10.43 -1.70 -70.38
C SER D 439 -9.09 -1.57 -69.67
N ASN D 440 -8.02 -1.89 -70.40
CA ASN D 440 -6.65 -1.87 -69.88
C ASN D 440 -6.43 -2.83 -68.71
N GLU D 441 -7.24 -3.88 -68.65
CA GLU D 441 -6.97 -5.00 -67.76
C GLU D 441 -6.42 -6.14 -68.60
N PRO D 442 -5.09 -6.33 -68.58
CA PRO D 442 -4.39 -7.21 -69.53
C PRO D 442 -4.74 -8.70 -69.39
N VAL D 443 -5.08 -9.31 -70.51
CA VAL D 443 -5.33 -10.74 -70.60
C VAL D 443 -4.54 -11.32 -71.77
N TRP D 444 -4.14 -12.59 -71.67
CA TRP D 444 -3.41 -13.24 -72.74
C TRP D 444 -4.05 -14.58 -73.09
N TRP D 445 -4.21 -14.84 -74.39
CA TRP D 445 -4.83 -16.07 -74.86
C TRP D 445 -3.91 -17.27 -74.67
N LEU D 446 -4.41 -18.29 -73.97
CA LEU D 446 -3.67 -19.52 -73.76
C LEU D 446 -4.42 -20.70 -74.37
N PRO D 447 -3.67 -21.71 -74.86
CA PRO D 447 -4.28 -22.81 -75.62
C PRO D 447 -4.98 -23.86 -74.77
N ILE D 448 -6.09 -24.38 -75.29
CA ILE D 448 -6.68 -25.59 -74.75
C ILE D 448 -6.13 -26.76 -75.56
N ILE D 449 -5.11 -27.43 -75.01
CA ILE D 449 -4.43 -28.50 -75.73
C ILE D 449 -5.16 -29.82 -75.53
N ASN D 450 -5.81 -30.29 -76.58
CA ASN D 450 -6.65 -31.49 -76.52
C ASN D 450 -5.85 -32.77 -76.30
N GLU D 451 -4.55 -32.71 -76.55
CA GLU D 451 -3.67 -33.86 -76.35
C GLU D 451 -3.61 -34.23 -74.87
N TYR D 452 -3.99 -33.30 -74.01
CA TYR D 452 -3.96 -33.52 -72.58
C TYR D 452 -5.28 -34.09 -72.06
N ARG D 453 -6.32 -34.04 -72.88
CA ARG D 453 -7.67 -34.47 -72.47
C ARG D 453 -7.70 -35.89 -71.90
N ALA D 454 -6.88 -36.77 -72.45
CA ALA D 454 -6.89 -38.18 -72.04
C ALA D 454 -6.45 -38.38 -70.59
N THR D 455 -5.84 -37.36 -70.00
CA THR D 455 -5.41 -37.44 -68.61
C THR D 455 -6.60 -37.40 -67.66
N LEU D 456 -7.76 -37.03 -68.20
CA LEU D 456 -8.98 -36.92 -67.41
C LEU D 456 -9.85 -38.16 -67.51
N ASN D 457 -9.40 -39.15 -68.27
CA ASN D 457 -10.14 -40.40 -68.40
C ASN D 457 -10.09 -41.21 -67.10
N SER D 458 -11.21 -41.23 -66.38
CA SER D 458 -11.30 -41.94 -65.12
C SER D 458 -11.52 -43.43 -65.32
N LYS D 459 -11.00 -44.24 -64.40
CA LYS D 459 -11.17 -45.68 -64.46
C LYS D 459 -12.61 -46.07 -64.10
N TYR D 460 -13.25 -45.25 -63.27
CA TYR D 460 -14.57 -45.58 -62.75
C TYR D 460 -15.63 -44.54 -63.07
N ALA D 461 -15.26 -43.26 -62.99
CA ALA D 461 -16.20 -42.18 -63.24
C ALA D 461 -16.21 -41.81 -64.73
N ASP D 462 -17.12 -40.93 -65.11
CA ASP D 462 -17.19 -40.45 -66.48
C ASP D 462 -15.95 -39.65 -66.83
N ILE D 463 -15.39 -38.96 -65.84
CA ILE D 463 -14.24 -38.09 -66.06
C ILE D 463 -13.51 -37.78 -64.75
N ASN D 464 -12.21 -37.56 -64.84
CA ASN D 464 -11.42 -37.13 -63.69
C ASN D 464 -11.56 -35.63 -63.44
N GLN D 465 -11.57 -35.26 -62.17
CA GLN D 465 -11.59 -33.86 -61.76
C GLN D 465 -10.25 -33.21 -62.09
N ILE D 466 -9.16 -33.92 -61.79
CA ILE D 466 -7.82 -33.43 -62.06
C ILE D 466 -6.93 -34.49 -62.71
N SER D 467 -5.76 -34.06 -63.18
CA SER D 467 -4.79 -34.95 -63.79
C SER D 467 -3.92 -35.62 -62.74
N SER D 468 -3.38 -36.79 -63.08
CA SER D 468 -2.45 -37.47 -62.20
C SER D 468 -1.03 -36.99 -62.47
N SER D 469 -0.62 -37.06 -63.73
CA SER D 469 0.74 -36.74 -64.13
C SER D 469 0.85 -35.34 -64.73
N VAL D 470 0.10 -35.11 -65.80
CA VAL D 470 0.21 -33.90 -66.61
C VAL D 470 0.13 -32.62 -65.80
N LYS D 471 1.24 -31.90 -65.73
CA LYS D 471 1.26 -30.56 -65.14
C LYS D 471 0.54 -29.60 -66.08
N ALA D 472 0.87 -28.31 -65.99
CA ALA D 472 0.11 -27.29 -66.69
C ALA D 472 -1.38 -27.46 -66.35
N SER D 473 -1.69 -27.35 -65.08
CA SER D 473 -3.03 -27.62 -64.57
C SER D 473 -4.07 -26.63 -65.05
N SER D 474 -3.61 -25.48 -65.55
CA SER D 474 -4.52 -24.46 -66.06
C SER D 474 -5.19 -24.94 -67.35
N ILE D 475 -4.39 -25.54 -68.23
CA ILE D 475 -4.92 -26.11 -69.47
C ILE D 475 -5.85 -27.28 -69.16
N VAL D 476 -5.45 -28.09 -68.19
CA VAL D 476 -6.23 -29.25 -67.77
C VAL D 476 -7.56 -28.83 -67.15
N ALA D 477 -7.53 -27.73 -66.40
CA ALA D 477 -8.73 -27.21 -65.74
C ALA D 477 -9.74 -26.70 -66.77
N SER D 478 -9.23 -26.18 -67.89
CA SER D 478 -10.08 -25.71 -68.97
C SER D 478 -10.69 -26.89 -69.71
N LEU D 479 -9.89 -27.93 -69.92
CA LEU D 479 -10.35 -29.17 -70.55
C LEU D 479 -11.48 -29.79 -69.75
N PHE D 480 -11.43 -29.62 -68.43
CA PHE D 480 -12.50 -30.10 -67.57
C PHE D 480 -13.75 -29.26 -67.74
N LEU D 481 -13.60 -27.95 -67.66
CA LEU D 481 -14.73 -27.02 -67.79
C LEU D 481 -15.43 -27.17 -69.14
N LYS D 482 -14.63 -27.39 -70.18
CA LYS D 482 -15.14 -27.53 -71.55
C LYS D 482 -16.14 -28.67 -71.67
N GLU D 483 -16.03 -29.64 -70.77
CA GLU D 483 -16.93 -30.80 -70.77
C GLU D 483 -18.34 -30.43 -70.32
N PHE D 484 -18.50 -29.26 -69.75
CA PHE D 484 -19.80 -28.84 -69.23
C PHE D 484 -20.40 -27.69 -70.03
N VAL D 485 -19.82 -27.41 -71.20
CA VAL D 485 -20.41 -26.50 -72.17
C VAL D 485 -20.54 -27.27 -73.49
N GLN D 486 -21.78 -27.54 -73.89
CA GLN D 486 -22.04 -28.50 -74.95
C GLN D 486 -22.08 -27.92 -76.38
N ASN D 487 -22.74 -26.78 -76.57
CA ASN D 487 -22.74 -26.12 -77.88
C ASN D 487 -23.01 -24.63 -77.79
N THR D 488 -22.34 -23.98 -76.85
CA THR D 488 -22.40 -22.52 -76.72
C THR D 488 -20.98 -21.96 -76.77
N ALA D 489 -20.81 -20.81 -77.41
CA ALA D 489 -19.54 -20.11 -77.36
C ALA D 489 -19.20 -19.80 -75.92
N TRP D 490 -18.01 -20.18 -75.49
CA TRP D 490 -17.64 -20.05 -74.08
C TRP D 490 -16.16 -19.73 -73.87
N ALA D 491 -15.89 -18.76 -73.00
CA ALA D 491 -14.53 -18.38 -72.67
C ALA D 491 -14.31 -18.42 -71.17
N HIS D 492 -13.08 -18.73 -70.76
CA HIS D 492 -12.74 -18.91 -69.36
C HIS D 492 -11.55 -18.04 -68.97
N ILE D 493 -11.76 -17.13 -68.03
CA ILE D 493 -10.71 -16.24 -67.56
C ILE D 493 -10.16 -16.68 -66.21
N ASP D 494 -8.90 -17.07 -66.18
CA ASP D 494 -8.25 -17.49 -64.95
C ASP D 494 -7.47 -16.33 -64.34
N ILE D 495 -7.97 -15.80 -63.23
CA ILE D 495 -7.37 -14.63 -62.60
C ILE D 495 -6.67 -14.96 -61.29
N ALA D 496 -6.29 -16.22 -61.12
CA ALA D 496 -5.68 -16.69 -59.87
C ALA D 496 -4.36 -15.99 -59.57
N GLY D 497 -3.69 -15.50 -60.60
CA GLY D 497 -2.41 -14.84 -60.43
C GLY D 497 -2.50 -13.33 -60.28
N VAL D 498 -3.57 -12.75 -60.82
CA VAL D 498 -3.68 -11.29 -60.89
C VAL D 498 -4.67 -10.70 -59.90
N SER D 499 -5.45 -11.55 -59.23
CA SER D 499 -6.51 -11.09 -58.36
C SER D 499 -6.01 -10.22 -57.21
N TRP D 500 -4.91 -10.63 -56.59
CA TRP D 500 -4.40 -9.94 -55.41
C TRP D 500 -3.19 -9.07 -55.71
N ASN D 501 -3.18 -7.86 -55.13
CA ASN D 501 -2.04 -6.96 -55.21
C ASN D 501 -1.15 -7.17 -53.99
N PHE D 502 -0.10 -7.97 -54.14
CA PHE D 502 0.76 -8.35 -53.02
C PHE D 502 1.61 -7.18 -52.52
N LYS D 503 1.90 -6.24 -53.42
CA LYS D 503 2.65 -5.06 -53.04
C LYS D 503 1.82 -4.16 -52.15
N ALA D 504 0.57 -3.92 -52.55
CA ALA D 504 -0.31 -3.01 -51.83
C ALA D 504 -1.10 -3.72 -50.74
N ARG D 505 -1.00 -5.04 -50.71
CA ARG D 505 -1.70 -5.87 -49.73
C ARG D 505 -3.21 -5.66 -49.80
N LYS D 506 -3.77 -5.76 -51.01
CA LYS D 506 -5.19 -5.50 -51.22
C LYS D 506 -5.65 -6.10 -52.55
N PRO D 507 -6.98 -6.24 -52.75
CA PRO D 507 -7.47 -6.74 -54.04
C PRO D 507 -7.29 -5.74 -55.17
N LYS D 508 -7.24 -6.22 -56.39
CA LYS D 508 -7.21 -5.35 -57.55
C LYS D 508 -8.62 -5.09 -58.06
N GLY D 509 -9.54 -5.98 -57.72
CA GLY D 509 -10.89 -5.93 -58.25
C GLY D 509 -10.84 -6.20 -59.74
N PHE D 510 -9.91 -7.09 -60.11
CA PHE D 510 -9.63 -7.41 -61.50
C PHE D 510 -10.83 -8.06 -62.19
N GLY D 511 -11.17 -7.56 -63.36
CA GLY D 511 -12.20 -8.19 -64.18
C GLY D 511 -13.47 -7.38 -64.36
N VAL D 512 -13.75 -6.49 -63.42
CA VAL D 512 -14.97 -5.69 -63.46
C VAL D 512 -15.06 -4.86 -64.74
N ARG D 513 -13.99 -4.16 -65.05
CA ARG D 513 -13.95 -3.29 -66.21
C ARG D 513 -13.85 -4.08 -67.52
N LEU D 514 -13.17 -5.23 -67.45
CA LEU D 514 -13.04 -6.10 -68.61
C LEU D 514 -14.41 -6.62 -69.06
N LEU D 515 -15.14 -7.19 -68.12
CA LEU D 515 -16.46 -7.76 -68.39
C LEU D 515 -17.44 -6.70 -68.87
N THR D 516 -17.32 -5.51 -68.31
CA THR D 516 -18.23 -4.41 -68.66
C THR D 516 -17.95 -3.91 -70.07
N GLU D 517 -16.68 -3.77 -70.41
CA GLU D 517 -16.28 -3.40 -71.75
C GLU D 517 -16.73 -4.46 -72.76
N PHE D 518 -16.77 -5.71 -72.29
CA PHE D 518 -17.17 -6.83 -73.12
C PHE D 518 -18.64 -6.74 -73.52
N VAL D 519 -19.51 -6.39 -72.58
CA VAL D 519 -20.94 -6.33 -72.86
C VAL D 519 -21.35 -5.03 -73.54
N LEU D 520 -20.61 -3.95 -73.27
CA LEU D 520 -20.93 -2.65 -73.86
C LEU D 520 -20.52 -2.58 -75.32
N ASN D 521 -19.30 -3.04 -75.61
CA ASN D 521 -18.79 -3.04 -76.98
C ASN D 521 -19.25 -4.25 -77.76
N ASP D 522 -20.27 -4.94 -77.24
CA ASP D 522 -20.83 -6.11 -77.91
C ASP D 522 -21.97 -5.72 -78.84
N SER E 5 -28.75 -49.03 -39.85
CA SER E 5 -29.02 -49.59 -41.17
C SER E 5 -29.42 -48.50 -42.15
N GLU E 6 -29.94 -47.38 -41.61
CA GLU E 6 -30.26 -46.23 -42.43
C GLU E 6 -29.02 -45.36 -42.62
N VAL E 7 -28.63 -45.16 -43.87
CA VAL E 7 -27.43 -44.39 -44.17
C VAL E 7 -27.69 -42.89 -44.10
N PRO E 8 -27.01 -42.20 -43.18
CA PRO E 8 -27.16 -40.75 -43.02
C PRO E 8 -26.62 -39.98 -44.23
N GLN E 9 -27.26 -38.85 -44.54
CA GLN E 9 -26.85 -38.03 -45.68
C GLN E 9 -26.62 -36.58 -45.24
N VAL E 10 -25.71 -35.90 -45.93
CA VAL E 10 -25.53 -34.47 -45.71
C VAL E 10 -26.52 -33.70 -46.58
N VAL E 11 -26.59 -34.11 -47.85
CA VAL E 11 -27.61 -33.59 -48.76
C VAL E 11 -28.32 -34.77 -49.42
N SER E 12 -29.48 -34.50 -50.01
CA SER E 12 -30.32 -35.57 -50.55
C SER E 12 -29.66 -36.34 -51.69
N LEU E 13 -28.62 -35.75 -52.29
CA LEU E 13 -27.95 -36.38 -53.41
C LEU E 13 -26.86 -37.35 -52.99
N ASP E 14 -26.61 -37.43 -51.68
CA ASP E 14 -25.64 -38.38 -51.16
C ASP E 14 -26.17 -39.80 -51.27
N PRO E 15 -25.37 -40.70 -51.86
CA PRO E 15 -25.76 -42.11 -52.02
C PRO E 15 -26.02 -42.81 -50.69
N THR E 16 -27.00 -43.71 -50.68
CA THR E 16 -27.39 -44.40 -49.45
C THR E 16 -27.14 -45.89 -49.57
N SER E 17 -26.39 -46.29 -50.59
CA SER E 17 -26.14 -47.70 -50.85
C SER E 17 -24.90 -47.91 -51.71
N ILE E 18 -24.28 -49.08 -51.55
CA ILE E 18 -23.18 -49.49 -52.42
C ILE E 18 -23.74 -50.33 -53.57
N PRO E 19 -23.58 -49.85 -54.81
CA PRO E 19 -24.02 -50.65 -55.96
C PRO E 19 -23.16 -51.91 -56.10
N ILE E 20 -23.81 -53.05 -56.28
CA ILE E 20 -23.09 -54.32 -56.38
C ILE E 20 -23.57 -55.15 -57.56
N GLU E 21 -22.63 -55.57 -58.41
CA GLU E 21 -22.94 -56.51 -59.48
C GLU E 21 -22.74 -57.94 -59.00
N TYR E 22 -23.84 -58.69 -58.91
CA TYR E 22 -23.76 -60.09 -58.51
C TYR E 22 -23.67 -60.99 -59.74
N ASN E 23 -24.58 -60.79 -60.68
CA ASN E 23 -24.55 -61.52 -61.94
C ASN E 23 -23.66 -60.80 -62.95
N THR E 24 -22.48 -61.37 -63.19
CA THR E 24 -21.52 -60.78 -64.11
C THR E 24 -21.49 -61.54 -65.43
N PRO E 25 -21.07 -60.88 -66.52
CA PRO E 25 -20.98 -61.52 -67.83
C PRO E 25 -20.09 -62.76 -67.85
N ILE E 26 -19.14 -62.83 -66.91
CA ILE E 26 -18.27 -63.99 -66.80
C ILE E 26 -19.07 -65.23 -66.43
N HIS E 27 -20.10 -65.06 -65.61
CA HIS E 27 -20.95 -66.16 -65.18
C HIS E 27 -21.71 -66.80 -66.34
N ASP E 28 -21.83 -66.06 -67.44
CA ASP E 28 -22.54 -66.56 -68.61
C ASP E 28 -21.63 -67.32 -69.56
N ILE E 29 -20.33 -67.32 -69.26
CA ILE E 29 -19.36 -67.97 -70.13
C ILE E 29 -19.36 -69.48 -69.94
N LYS E 30 -19.62 -70.21 -71.02
CA LYS E 30 -19.55 -71.67 -71.01
C LYS E 30 -18.12 -72.11 -71.26
N VAL E 31 -17.59 -72.93 -70.34
CA VAL E 31 -16.20 -73.34 -70.43
C VAL E 31 -16.03 -74.83 -70.69
N GLN E 32 -15.32 -75.15 -71.77
CA GLN E 32 -15.05 -76.53 -72.15
C GLN E 32 -13.55 -76.80 -72.21
N VAL E 33 -13.09 -77.77 -71.42
CA VAL E 33 -11.68 -78.14 -71.42
C VAL E 33 -11.47 -79.44 -72.21
N TYR E 34 -10.71 -79.35 -73.29
CA TYR E 34 -10.41 -80.52 -74.11
C TYR E 34 -8.96 -80.95 -73.95
N ASP E 35 -8.67 -82.20 -74.27
CA ASP E 35 -7.30 -82.66 -74.26
C ASP E 35 -6.63 -82.35 -75.59
N ILE E 36 -5.36 -82.00 -75.54
CA ILE E 36 -4.64 -81.55 -76.73
C ILE E 36 -4.38 -82.71 -77.69
N LYS E 37 -4.42 -83.94 -77.15
CA LYS E 37 -4.31 -85.12 -77.99
C LYS E 37 -5.59 -85.28 -78.79
N GLY E 38 -5.44 -85.56 -80.09
CA GLY E 38 -6.57 -85.63 -80.99
C GLY E 38 -6.56 -84.44 -81.93
N GLY E 39 -5.85 -83.39 -81.54
CA GLY E 39 -5.72 -82.20 -82.37
C GLY E 39 -6.69 -81.11 -81.97
N CYS E 40 -6.33 -79.87 -82.30
CA CYS E 40 -7.17 -78.72 -81.97
C CYS E 40 -8.08 -78.34 -83.12
N ASN E 41 -9.30 -77.92 -82.79
CA ASN E 41 -10.25 -77.44 -83.78
C ASN E 41 -10.32 -75.92 -83.80
N VAL E 42 -10.27 -75.35 -85.00
CA VAL E 42 -10.38 -73.91 -85.17
C VAL E 42 -11.57 -73.59 -86.06
N GLU E 43 -12.71 -73.31 -85.43
CA GLU E 43 -13.96 -73.15 -86.17
C GLU E 43 -14.49 -71.72 -86.11
N GLU E 44 -14.30 -71.06 -84.97
CA GLU E 44 -14.88 -69.73 -84.77
C GLU E 44 -14.11 -68.92 -83.74
N GLY E 45 -14.26 -67.60 -83.81
CA GLY E 45 -13.69 -66.70 -82.82
C GLY E 45 -12.17 -66.66 -82.80
N LEU E 46 -11.63 -66.56 -81.60
CA LEU E 46 -10.19 -66.37 -81.41
C LEU E 46 -9.53 -67.60 -80.81
N THR E 47 -8.43 -68.03 -81.42
CA THR E 47 -7.63 -69.14 -80.91
C THR E 47 -6.21 -68.67 -80.59
N ILE E 48 -5.82 -68.80 -79.33
CA ILE E 48 -4.52 -68.32 -78.88
C ILE E 48 -3.66 -69.44 -78.31
N PHE E 49 -2.44 -69.56 -78.81
CA PHE E 49 -1.48 -70.53 -78.31
C PHE E 49 -0.54 -69.90 -77.29
N LEU E 50 -0.36 -70.54 -76.15
CA LEU E 50 0.62 -70.09 -75.17
C LEU E 50 1.94 -70.81 -75.44
N VAL E 51 2.93 -70.04 -75.91
CA VAL E 51 4.16 -70.63 -76.42
C VAL E 51 5.41 -70.02 -75.78
N ASN E 52 6.35 -70.88 -75.42
CA ASN E 52 7.66 -70.44 -74.96
C ASN E 52 8.78 -70.99 -75.84
N ASN E 53 10.01 -70.60 -75.56
CA ASN E 53 11.16 -71.19 -76.22
C ASN E 53 12.31 -71.41 -75.24
N PRO E 54 12.29 -72.55 -74.55
CA PRO E 54 13.33 -72.93 -73.57
C PRO E 54 14.71 -73.00 -74.20
N LYS E 56 16.51 -69.13 -78.02
CA LYS E 56 15.98 -69.39 -76.69
C LYS E 56 15.37 -68.12 -76.09
N GLU E 57 16.22 -67.33 -75.43
CA GLU E 57 15.78 -66.04 -74.89
C GLU E 57 15.33 -65.14 -76.04
N ASN E 58 14.04 -64.80 -76.03
CA ASN E 58 13.40 -64.11 -77.15
C ASN E 58 13.55 -64.90 -78.45
N GLY E 59 13.45 -66.21 -78.35
CA GLY E 59 13.54 -67.08 -79.50
C GLY E 59 12.25 -67.10 -80.29
N PRO E 60 12.27 -67.73 -81.47
CA PRO E 60 11.12 -67.74 -82.40
C PRO E 60 9.94 -68.57 -81.90
N VAL E 61 8.74 -68.15 -82.27
CA VAL E 61 7.53 -68.89 -81.94
C VAL E 61 7.48 -70.20 -82.73
N LYS E 62 7.08 -71.28 -82.08
CA LYS E 62 6.88 -72.54 -82.77
C LYS E 62 5.67 -73.28 -82.18
N ILE E 63 4.69 -73.54 -83.02
CA ILE E 63 3.47 -74.25 -82.61
C ILE E 63 3.67 -75.76 -82.72
N SER E 64 3.43 -76.47 -81.63
CA SER E 64 3.65 -77.92 -81.59
C SER E 64 2.37 -78.70 -81.89
N SER E 65 1.25 -78.16 -81.43
CA SER E 65 -0.02 -78.88 -81.48
C SER E 65 -0.57 -79.01 -82.91
N LYS E 66 -1.13 -80.18 -83.21
CA LYS E 66 -1.78 -80.41 -84.48
C LYS E 66 -3.13 -79.69 -84.54
N VAL E 67 -3.36 -79.00 -85.64
CA VAL E 67 -4.63 -78.29 -85.82
C VAL E 67 -5.46 -78.94 -86.92
N ASN E 68 -6.73 -79.21 -86.61
CA ASN E 68 -7.62 -79.87 -87.55
C ASN E 68 -8.24 -78.87 -88.54
N ASP E 69 -7.38 -78.18 -89.27
CA ASP E 69 -7.80 -77.21 -90.27
C ASP E 69 -6.62 -76.86 -91.17
N LYS E 70 -6.75 -77.12 -92.46
CA LYS E 70 -5.63 -76.97 -93.40
C LYS E 70 -5.19 -75.53 -93.58
N GLN E 71 -6.15 -74.61 -93.58
CA GLN E 71 -5.84 -73.18 -93.75
C GLN E 71 -5.05 -72.65 -92.57
N VAL E 72 -5.53 -72.94 -91.36
CA VAL E 72 -4.88 -72.48 -90.14
C VAL E 72 -3.54 -73.19 -89.93
N SER E 73 -3.49 -74.46 -90.31
CA SER E 73 -2.24 -75.24 -90.21
C SER E 73 -1.14 -74.62 -91.04
N GLU E 74 -1.50 -74.12 -92.22
CA GLU E 74 -0.55 -73.45 -93.09
C GLU E 74 -0.01 -72.20 -92.44
N PHE E 75 -0.89 -71.41 -91.84
CA PHE E 75 -0.50 -70.19 -91.15
C PHE E 75 0.39 -70.49 -89.95
N LEU E 76 0.18 -71.64 -89.33
CA LEU E 76 0.86 -71.98 -88.08
C LEU E 76 2.18 -72.71 -88.30
N LYS E 77 2.55 -72.93 -89.57
CA LYS E 77 3.78 -73.65 -89.86
C LYS E 77 5.01 -72.84 -89.44
N ASP E 78 6.11 -73.54 -89.19
CA ASP E 78 7.31 -72.94 -88.58
C ASP E 78 7.89 -71.79 -89.39
N GLU E 79 7.76 -71.84 -90.71
CA GLU E 79 8.26 -70.78 -91.58
C GLU E 79 7.63 -69.43 -91.24
N ASN E 80 6.32 -69.44 -91.01
CA ASN E 80 5.59 -68.21 -90.73
C ASN E 80 5.74 -67.75 -89.28
N MET E 81 5.73 -68.69 -88.35
CA MET E 81 5.69 -68.36 -86.93
C MET E 81 7.05 -67.90 -86.38
N GLU E 82 8.13 -68.23 -87.09
CA GLU E 82 9.45 -67.83 -86.64
C GLU E 82 9.71 -66.36 -86.94
N LYS E 83 8.76 -65.73 -87.62
CA LYS E 83 8.78 -64.29 -87.84
C LYS E 83 8.45 -63.57 -86.54
N PHE E 84 7.84 -64.30 -85.61
CA PHE E 84 7.51 -63.76 -84.29
C PHE E 84 8.40 -64.40 -83.23
N ASN E 85 8.42 -63.82 -82.03
CA ASN E 85 9.23 -64.35 -80.95
C ASN E 85 8.45 -64.48 -79.64
N VAL E 86 8.98 -65.28 -78.71
CA VAL E 86 8.26 -65.67 -77.51
C VAL E 86 8.49 -64.76 -76.30
N LYS E 87 8.97 -63.54 -76.55
CA LYS E 87 9.22 -62.59 -75.46
C LYS E 87 7.97 -62.46 -74.60
N LEU E 88 8.15 -62.62 -73.29
CA LEU E 88 7.04 -62.71 -72.35
C LEU E 88 6.09 -61.52 -72.45
N GLY E 89 4.85 -61.79 -72.87
CA GLY E 89 3.84 -60.76 -72.99
C GLY E 89 3.56 -60.39 -74.44
N THR E 90 4.52 -60.68 -75.32
CA THR E 90 4.38 -60.35 -76.73
C THR E 90 3.26 -61.18 -77.38
N SER E 91 2.41 -60.53 -78.15
CA SER E 91 1.33 -61.21 -78.84
C SER E 91 1.16 -60.73 -80.26
N LYS E 92 0.64 -61.61 -81.10
CA LYS E 92 0.21 -61.28 -82.45
C LYS E 92 -1.04 -62.10 -82.72
N HIS E 93 -1.98 -61.57 -83.50
CA HIS E 93 -3.10 -62.39 -83.96
C HIS E 93 -3.60 -61.91 -85.30
N PHE E 94 -3.96 -62.86 -86.15
CA PHE E 94 -4.36 -62.57 -87.53
C PHE E 94 -5.76 -63.10 -87.81
N TYR E 95 -6.54 -62.33 -88.55
CA TYR E 95 -7.83 -62.80 -89.02
C TYR E 95 -7.69 -63.47 -90.37
N MET E 96 -8.37 -64.60 -90.54
CA MET E 96 -8.26 -65.38 -91.77
C MET E 96 -9.47 -66.30 -91.93
N PHE E 97 -9.69 -66.75 -93.16
CA PHE E 97 -10.72 -67.74 -93.43
C PHE E 97 -10.17 -69.14 -93.20
N ASN E 98 -10.96 -70.00 -92.56
CA ASN E 98 -10.55 -71.39 -92.33
C ASN E 98 -11.03 -72.28 -93.48
N ASP E 99 -11.02 -73.58 -93.25
CA ASP E 99 -11.43 -74.56 -94.25
C ASP E 99 -12.86 -74.33 -94.73
N ASN E 100 -13.72 -73.84 -93.83
CA ASN E 100 -15.12 -73.64 -94.14
C ASN E 100 -15.44 -72.23 -94.63
N LYS E 101 -14.39 -71.47 -94.96
CA LYS E 101 -14.52 -70.07 -95.35
C LYS E 101 -15.23 -69.25 -94.28
N ASN E 102 -15.01 -69.62 -93.02
CA ASN E 102 -15.52 -68.84 -91.90
C ASN E 102 -14.39 -68.02 -91.28
N SER E 103 -14.71 -66.79 -90.88
CA SER E 103 -13.69 -65.88 -90.34
C SER E 103 -13.25 -66.31 -88.94
N VAL E 104 -11.96 -66.60 -88.80
CA VAL E 104 -11.40 -66.93 -87.50
C VAL E 104 -10.15 -66.10 -87.24
N ALA E 105 -9.85 -65.88 -85.96
CA ALA E 105 -8.65 -65.14 -85.58
C ALA E 105 -7.70 -66.07 -84.83
N VAL E 106 -6.46 -66.14 -85.30
CA VAL E 106 -5.47 -67.02 -84.70
C VAL E 106 -4.21 -66.24 -84.31
N GLY E 107 -3.69 -66.53 -83.12
CA GLY E 107 -2.48 -65.88 -82.67
C GLY E 107 -1.81 -66.61 -81.52
N TYR E 108 -1.04 -65.86 -80.72
CA TYR E 108 -0.30 -66.46 -79.61
C TYR E 108 0.02 -65.43 -78.53
N VAL E 109 0.50 -65.92 -77.40
CA VAL E 109 1.11 -65.07 -76.37
C VAL E 109 2.44 -65.67 -75.96
N GLY E 110 3.50 -64.89 -76.03
CA GLY E 110 4.81 -65.34 -75.63
C GLY E 110 4.89 -65.66 -74.16
N CYS E 111 5.47 -66.81 -73.83
CA CYS E 111 5.59 -67.23 -72.44
C CYS E 111 7.06 -67.33 -72.02
N GLY E 112 7.90 -66.49 -72.62
CA GLY E 112 9.29 -66.41 -72.25
C GLY E 112 10.12 -67.62 -72.63
N SER E 113 11.18 -67.86 -71.86
CA SER E 113 12.09 -68.97 -72.13
C SER E 113 12.32 -69.82 -70.89
N VAL E 114 11.51 -69.59 -69.85
CA VAL E 114 11.59 -70.37 -68.63
C VAL E 114 10.45 -71.38 -68.58
N ALA E 115 10.78 -72.61 -68.19
CA ALA E 115 9.82 -73.72 -68.22
C ALA E 115 8.61 -73.51 -67.32
N ASP E 116 8.84 -73.00 -66.11
CA ASP E 116 7.77 -72.83 -65.14
C ASP E 116 7.50 -71.36 -64.83
N LEU E 117 6.36 -70.87 -65.32
CA LEU E 117 5.95 -69.49 -65.10
C LEU E 117 5.65 -69.21 -63.63
N SER E 118 5.99 -68.01 -63.18
CA SER E 118 5.59 -67.56 -61.85
C SER E 118 4.15 -67.05 -61.92
N GLU E 119 3.61 -66.61 -60.80
CA GLU E 119 2.28 -66.03 -60.78
C GLU E 119 2.29 -64.67 -61.47
N ALA E 120 3.43 -63.99 -61.40
CA ALA E 120 3.60 -62.69 -62.04
C ALA E 120 3.75 -62.85 -63.55
N ASP E 121 4.50 -63.86 -63.96
CA ASP E 121 4.68 -64.17 -65.37
C ASP E 121 3.35 -64.49 -66.02
N MET E 122 2.60 -65.39 -65.40
CA MET E 122 1.28 -65.78 -65.90
C MET E 122 0.34 -64.59 -65.92
N LYS E 123 0.48 -63.70 -64.93
CA LYS E 123 -0.36 -62.50 -64.86
C LYS E 123 -0.13 -61.61 -66.07
N ARG E 124 1.13 -61.48 -66.47
CA ARG E 124 1.46 -60.69 -67.65
C ARG E 124 0.98 -61.38 -68.92
N VAL E 125 0.95 -62.71 -68.91
CA VAL E 125 0.42 -63.48 -70.02
C VAL E 125 -1.08 -63.23 -70.21
N VAL E 126 -1.81 -63.27 -69.10
CA VAL E 126 -3.25 -63.04 -69.10
C VAL E 126 -3.60 -61.64 -69.61
N LEU E 127 -2.83 -60.65 -69.17
CA LEU E 127 -3.07 -59.26 -69.58
C LEU E 127 -2.91 -59.07 -71.09
N SER E 128 -1.97 -59.81 -71.68
CA SER E 128 -1.78 -59.77 -73.13
C SER E 128 -2.98 -60.41 -73.82
N LEU E 129 -3.51 -61.48 -73.23
CA LEU E 129 -4.67 -62.17 -73.76
C LEU E 129 -5.91 -61.29 -73.66
N VAL E 130 -6.09 -60.66 -72.51
CA VAL E 130 -7.24 -59.81 -72.24
C VAL E 130 -7.28 -58.61 -73.19
N THR E 131 -6.11 -58.06 -73.49
CA THR E 131 -6.00 -56.93 -74.42
C THR E 131 -6.63 -57.26 -75.77
N MET E 132 -6.42 -58.48 -76.24
CA MET E 132 -7.01 -58.94 -77.49
C MET E 132 -8.52 -59.14 -77.34
N LEU E 133 -8.96 -59.53 -76.15
CA LEU E 133 -10.37 -59.74 -75.88
C LEU E 133 -11.12 -58.41 -75.87
N HIS E 134 -10.47 -57.36 -75.37
CA HIS E 134 -11.09 -56.05 -75.29
C HIS E 134 -11.07 -55.30 -76.62
N ASP E 135 -10.25 -55.79 -77.56
CA ASP E 135 -10.11 -55.14 -78.86
C ASP E 135 -10.89 -55.84 -79.96
N ASN E 136 -11.33 -57.06 -79.70
CA ASN E 136 -12.04 -57.85 -80.70
C ASN E 136 -13.41 -58.33 -80.23
N LYS E 137 -14.44 -58.03 -81.02
CA LYS E 137 -15.78 -58.52 -80.73
C LYS E 137 -15.86 -60.00 -81.05
N LEU E 138 -15.96 -60.82 -80.01
CA LEU E 138 -15.87 -62.28 -80.17
C LEU E 138 -16.95 -63.03 -79.39
N SER E 139 -17.34 -64.18 -79.91
CA SER E 139 -18.31 -65.05 -79.23
C SER E 139 -17.59 -66.14 -78.45
N LYS E 140 -16.41 -66.53 -78.93
CA LYS E 140 -15.64 -67.58 -78.27
C LYS E 140 -14.14 -67.28 -78.27
N LEU E 141 -13.49 -67.59 -77.14
CA LEU E 141 -12.05 -67.61 -77.07
C LEU E 141 -11.56 -69.03 -76.83
N THR E 142 -10.56 -69.46 -77.59
CA THR E 142 -9.94 -70.76 -77.36
C THR E 142 -8.47 -70.58 -77.03
N VAL E 143 -8.06 -71.12 -75.89
CA VAL E 143 -6.66 -71.04 -75.48
C VAL E 143 -6.02 -72.43 -75.51
N VAL E 144 -4.94 -72.55 -76.28
CA VAL E 144 -4.20 -73.79 -76.36
C VAL E 144 -2.95 -73.72 -75.48
N PHE E 145 -2.89 -74.59 -74.47
CA PHE E 145 -1.77 -74.62 -73.54
C PHE E 145 -0.62 -75.46 -74.06
N GLU E 146 0.42 -74.81 -74.59
CA GLU E 146 1.60 -75.51 -75.03
C GLU E 146 2.74 -75.29 -74.02
N ILE E 147 2.36 -75.00 -72.79
CA ILE E 147 3.32 -74.81 -71.71
C ILE E 147 3.00 -75.74 -70.54
N ASN E 148 3.87 -75.75 -69.53
CA ASN E 148 3.65 -76.57 -68.35
C ASN E 148 2.97 -75.82 -67.23
N VAL E 149 1.79 -76.29 -66.83
CA VAL E 149 1.00 -75.65 -65.79
C VAL E 149 0.39 -76.69 -64.85
N ASP E 150 0.64 -76.57 -63.55
CA ASP E 150 0.00 -77.45 -62.60
C ASP E 150 -1.46 -77.04 -62.43
N LYS E 151 -2.21 -77.76 -61.59
CA LYS E 151 -3.62 -77.47 -61.41
C LYS E 151 -3.87 -76.11 -60.77
N ASN E 152 -3.08 -75.78 -59.75
CA ASN E 152 -3.25 -74.53 -59.02
C ASN E 152 -2.96 -73.30 -59.87
N LEU E 153 -2.04 -73.43 -60.82
CA LEU E 153 -1.68 -72.31 -61.69
C LEU E 153 -2.65 -72.21 -62.86
N PHE E 154 -3.22 -73.35 -63.25
CA PHE E 154 -4.25 -73.36 -64.28
C PHE E 154 -5.49 -72.65 -63.75
N ARG E 155 -5.81 -72.90 -62.49
CA ARG E 155 -6.92 -72.24 -61.84
C ARG E 155 -6.62 -70.75 -61.68
N PHE E 156 -5.37 -70.44 -61.35
CA PHE E 156 -4.92 -69.05 -61.24
C PHE E 156 -5.07 -68.34 -62.58
N PHE E 157 -4.80 -69.07 -63.65
CA PHE E 157 -4.97 -68.54 -65.00
C PHE E 157 -6.43 -68.15 -65.25
N LEU E 158 -7.34 -69.08 -64.98
CA LEU E 158 -8.76 -68.84 -65.19
C LEU E 158 -9.29 -67.69 -64.34
N GLU E 159 -8.89 -67.67 -63.07
CA GLU E 159 -9.29 -66.61 -62.16
C GLU E 159 -8.81 -65.24 -62.63
N THR E 160 -7.53 -65.16 -62.94
CA THR E 160 -6.92 -63.91 -63.39
C THR E 160 -7.55 -63.46 -64.71
N LEU E 161 -7.79 -64.41 -65.60
CA LEU E 161 -8.42 -64.13 -66.88
C LEU E 161 -9.80 -63.52 -66.67
N PHE E 162 -10.59 -64.12 -65.80
CA PHE E 162 -11.93 -63.62 -65.51
C PHE E 162 -11.87 -62.24 -64.87
N TYR E 163 -10.97 -62.06 -63.91
CA TYR E 163 -10.88 -60.81 -63.17
C TYR E 163 -10.47 -59.63 -64.06
N GLU E 164 -9.49 -59.86 -64.93
CA GLU E 164 -8.98 -58.80 -65.78
C GLU E 164 -9.89 -58.54 -66.98
N TYR E 165 -10.68 -59.55 -67.35
CA TYR E 165 -11.63 -59.43 -68.45
C TYR E 165 -12.81 -58.56 -68.04
N MET E 166 -13.21 -58.70 -66.78
CA MET E 166 -14.38 -58.00 -66.24
C MET E 166 -14.10 -56.50 -66.11
N THR E 167 -15.13 -55.69 -66.38
CA THR E 167 -15.01 -54.24 -66.31
C THR E 167 -16.06 -53.63 -65.38
N ASP E 168 -15.59 -52.88 -64.38
CA ASP E 168 -16.47 -52.25 -63.40
C ASP E 168 -17.07 -50.94 -63.96
N GLU E 169 -18.38 -50.95 -64.16
CA GLU E 169 -19.06 -49.81 -64.78
C GLU E 169 -20.17 -49.24 -63.90
N ARG E 170 -20.12 -49.56 -62.61
CA ARG E 170 -21.16 -49.13 -61.68
C ARG E 170 -21.26 -47.61 -61.54
N PHE E 171 -20.15 -46.92 -61.78
CA PHE E 171 -20.11 -45.48 -61.57
C PHE E 171 -19.95 -44.73 -62.90
N LYS E 172 -20.16 -45.44 -64.00
CA LYS E 172 -20.21 -44.81 -65.31
C LYS E 172 -21.61 -44.27 -65.57
N SER E 173 -21.72 -43.27 -66.42
CA SER E 173 -23.02 -42.68 -66.76
C SER E 173 -23.10 -42.31 -68.24
N GLU E 181 -19.83 -56.38 -75.86
CA GLU E 181 -20.32 -57.75 -75.69
C GLU E 181 -19.18 -58.71 -75.33
N TYR E 182 -19.34 -59.41 -74.22
CA TYR E 182 -18.35 -60.39 -73.78
C TYR E 182 -18.49 -61.70 -74.57
N ILE E 183 -17.43 -62.51 -74.55
CA ILE E 183 -17.50 -63.83 -75.15
C ILE E 183 -18.50 -64.70 -74.40
N LYS E 184 -19.06 -65.69 -75.08
CA LYS E 184 -20.03 -66.58 -74.46
C LYS E 184 -19.44 -67.97 -74.26
N HIS E 185 -18.29 -68.22 -74.88
CA HIS E 185 -17.66 -69.53 -74.81
C HIS E 185 -16.16 -69.44 -74.58
N LEU E 186 -15.65 -70.27 -73.68
CA LEU E 186 -14.21 -70.37 -73.46
C LEU E 186 -13.74 -71.80 -73.64
N GLY E 187 -12.87 -72.02 -74.62
CA GLY E 187 -12.33 -73.34 -74.86
C GLY E 187 -10.87 -73.41 -74.44
N VAL E 188 -10.51 -74.49 -73.76
CA VAL E 188 -9.13 -74.68 -73.30
C VAL E 188 -8.58 -76.03 -73.79
N TYR E 189 -7.47 -75.98 -74.50
CA TYR E 189 -6.76 -77.19 -74.91
C TYR E 189 -5.55 -77.40 -74.01
N ILE E 190 -5.45 -78.59 -73.42
CA ILE E 190 -4.37 -78.89 -72.50
C ILE E 190 -4.17 -80.40 -72.35
N ASN E 191 -2.93 -80.81 -72.08
CA ASN E 191 -2.62 -82.21 -71.85
C ASN E 191 -3.15 -82.64 -70.49
N ASN E 192 -3.68 -83.87 -70.42
CA ASN E 192 -4.39 -84.36 -69.24
C ASN E 192 -5.54 -83.45 -68.86
N ALA E 193 -6.46 -83.24 -69.80
CA ALA E 193 -7.58 -82.32 -69.60
C ALA E 193 -8.47 -82.72 -68.43
N ASP E 194 -8.69 -84.02 -68.28
CA ASP E 194 -9.57 -84.53 -67.22
C ASP E 194 -9.07 -84.14 -65.82
N THR E 195 -7.78 -83.89 -65.70
CA THR E 195 -7.19 -83.52 -64.41
C THR E 195 -7.43 -82.05 -64.08
N TYR E 196 -7.79 -81.25 -65.07
CA TYR E 196 -7.95 -79.81 -64.88
C TYR E 196 -9.41 -79.36 -64.83
N LYS E 197 -10.32 -80.26 -65.19
CA LYS E 197 -11.73 -79.89 -65.33
C LYS E 197 -12.39 -79.42 -64.04
N GLU E 198 -11.94 -79.94 -62.90
CA GLU E 198 -12.56 -79.61 -61.63
C GLU E 198 -12.16 -78.22 -61.13
N GLU E 199 -11.13 -77.65 -61.73
CA GLU E 199 -10.61 -76.35 -61.31
C GLU E 199 -11.41 -75.20 -61.90
N VAL E 200 -12.17 -75.48 -62.95
CA VAL E 200 -12.90 -74.45 -63.68
C VAL E 200 -13.94 -73.74 -62.81
N GLU E 201 -14.86 -74.51 -62.23
CA GLU E 201 -15.93 -73.93 -61.43
C GLU E 201 -15.41 -73.43 -60.08
N LYS E 202 -14.27 -73.95 -59.65
CA LYS E 202 -13.61 -73.42 -58.47
C LYS E 202 -13.06 -72.03 -58.76
N ALA E 203 -12.55 -71.87 -59.98
CA ALA E 203 -11.99 -70.60 -60.43
C ALA E 203 -13.07 -69.53 -60.53
N ARG E 204 -14.24 -69.91 -61.02
CA ARG E 204 -15.34 -68.96 -61.18
C ARG E 204 -15.81 -68.43 -59.83
N VAL E 205 -15.76 -69.28 -58.81
CA VAL E 205 -16.12 -68.88 -57.46
C VAL E 205 -15.05 -67.97 -56.86
N TYR E 206 -13.79 -68.38 -57.00
CA TYR E 206 -12.67 -67.56 -56.56
C TYR E 206 -12.66 -66.22 -57.27
N TYR E 207 -13.03 -66.23 -58.55
CA TYR E 207 -13.11 -65.01 -59.35
C TYR E 207 -14.08 -64.01 -58.74
N PHE E 208 -15.31 -64.43 -58.47
CA PHE E 208 -16.30 -63.50 -57.98
C PHE E 208 -15.97 -63.01 -56.58
N GLY E 209 -15.42 -63.89 -55.75
CA GLY E 209 -15.00 -63.51 -54.41
C GLY E 209 -13.98 -62.40 -54.47
N THR E 210 -13.12 -62.45 -55.46
CA THR E 210 -12.11 -61.43 -55.67
C THR E 210 -12.73 -60.17 -56.25
N TYR E 211 -13.61 -60.34 -57.23
CA TYR E 211 -14.26 -59.20 -57.88
C TYR E 211 -15.25 -58.52 -56.94
N TYR E 212 -15.85 -59.31 -56.04
CA TYR E 212 -16.75 -58.74 -55.04
C TYR E 212 -15.97 -57.83 -54.10
N ALA E 213 -14.84 -58.33 -53.61
CA ALA E 213 -13.95 -57.54 -52.76
C ALA E 213 -13.46 -56.32 -53.54
N SER E 214 -13.24 -56.51 -54.84
CA SER E 214 -12.81 -55.43 -55.71
C SER E 214 -13.83 -54.31 -55.77
N GLN E 215 -15.11 -54.68 -55.93
CA GLN E 215 -16.19 -53.72 -56.00
C GLN E 215 -16.30 -52.87 -54.73
N LEU E 216 -16.08 -53.51 -53.59
CA LEU E 216 -16.18 -52.82 -52.30
C LEU E 216 -15.04 -51.82 -52.11
N ILE E 217 -13.84 -52.22 -52.50
CA ILE E 217 -12.67 -51.36 -52.38
C ILE E 217 -12.74 -50.18 -53.34
N ALA E 218 -13.03 -50.47 -54.60
CA ALA E 218 -13.09 -49.44 -55.65
C ALA E 218 -14.21 -48.44 -55.38
N ALA E 219 -15.23 -48.87 -54.66
CA ALA E 219 -16.33 -47.99 -54.28
C ALA E 219 -15.82 -46.83 -53.44
N PRO E 220 -16.08 -45.59 -53.90
CA PRO E 220 -15.65 -44.38 -53.20
C PRO E 220 -16.22 -44.29 -51.79
N SER E 221 -15.60 -43.48 -50.94
CA SER E 221 -15.97 -43.43 -49.53
C SER E 221 -17.31 -42.75 -49.28
N ASN E 222 -17.80 -42.00 -50.26
CA ASN E 222 -19.14 -41.41 -50.13
C ASN E 222 -20.20 -42.47 -50.43
N TYR E 223 -19.78 -43.54 -51.11
CA TYR E 223 -20.64 -44.70 -51.33
C TYR E 223 -20.40 -45.73 -50.24
N CYS E 224 -19.13 -46.09 -50.04
CA CYS E 224 -18.75 -47.09 -49.06
C CYS E 224 -18.44 -46.46 -47.71
N ASN E 225 -19.45 -46.39 -46.85
CA ASN E 225 -19.29 -45.89 -45.49
C ASN E 225 -19.58 -47.03 -44.50
N PRO E 226 -19.27 -46.84 -43.21
CA PRO E 226 -19.52 -47.91 -42.22
C PRO E 226 -20.94 -48.46 -42.23
N VAL E 227 -21.93 -47.64 -42.57
CA VAL E 227 -23.32 -48.09 -42.58
C VAL E 227 -23.64 -48.87 -43.85
N SER E 228 -23.27 -48.33 -45.01
CA SER E 228 -23.55 -48.99 -46.27
C SER E 228 -22.74 -50.28 -46.44
N LEU E 229 -21.52 -50.29 -45.92
CA LEU E 229 -20.66 -51.46 -46.01
C LEU E 229 -21.20 -52.60 -45.14
N SER E 230 -21.70 -52.25 -43.96
CA SER E 230 -22.28 -53.23 -43.05
C SER E 230 -23.58 -53.78 -43.63
N ASN E 231 -24.33 -52.93 -44.31
CA ASN E 231 -25.56 -53.35 -44.99
C ASN E 231 -25.27 -54.30 -46.14
N ALA E 232 -24.12 -54.12 -46.78
CA ALA E 232 -23.70 -54.98 -47.88
C ALA E 232 -23.36 -56.37 -47.36
N ALA E 233 -22.75 -56.42 -46.18
CA ALA E 233 -22.39 -57.67 -45.54
C ALA E 233 -23.62 -58.48 -45.16
N VAL E 234 -24.61 -57.80 -44.60
CA VAL E 234 -25.88 -58.43 -44.23
C VAL E 234 -26.56 -59.01 -45.47
N GLU E 235 -26.56 -58.23 -46.55
CA GLU E 235 -27.14 -58.65 -47.81
C GLU E 235 -26.43 -59.89 -48.35
N LEU E 236 -25.10 -59.93 -48.21
CA LEU E 236 -24.31 -61.08 -48.64
C LEU E 236 -24.62 -62.29 -47.78
N ALA E 237 -24.74 -62.07 -46.47
CA ALA E 237 -25.02 -63.14 -45.53
C ALA E 237 -26.36 -63.81 -45.83
N GLN E 238 -27.35 -63.00 -46.17
CA GLN E 238 -28.68 -63.49 -46.46
C GLN E 238 -28.70 -64.34 -47.74
N LYS E 239 -27.84 -64.00 -48.69
CA LYS E 239 -27.76 -64.74 -49.94
C LYS E 239 -26.99 -66.05 -49.78
N LEU E 240 -26.29 -66.19 -48.67
CA LEU E 240 -25.43 -67.35 -48.45
C LEU E 240 -25.85 -68.17 -47.23
N ASN E 241 -26.95 -67.77 -46.61
CA ASN E 241 -27.45 -68.40 -45.38
C ASN E 241 -26.41 -68.42 -44.26
N LEU E 242 -25.60 -67.36 -44.20
CA LEU E 242 -24.67 -67.19 -43.09
C LEU E 242 -25.38 -66.47 -41.95
N GLU E 243 -25.11 -66.89 -40.72
CA GLU E 243 -25.56 -66.14 -39.56
C GLU E 243 -24.89 -64.77 -39.58
N TYR E 244 -25.60 -63.73 -39.15
CA TYR E 244 -25.03 -62.40 -39.15
C TYR E 244 -25.47 -61.58 -37.96
N LYS E 245 -24.61 -60.65 -37.55
CA LYS E 245 -24.85 -59.84 -36.37
C LYS E 245 -24.04 -58.55 -36.45
N ILE E 246 -24.72 -57.42 -36.59
CA ILE E 246 -24.05 -56.13 -36.70
C ILE E 246 -24.10 -55.38 -35.37
N LEU E 247 -22.94 -55.05 -34.83
CA LEU E 247 -22.85 -54.35 -33.56
C LEU E 247 -22.86 -52.83 -33.76
N GLY E 248 -23.83 -52.18 -33.13
CA GLY E 248 -23.93 -50.72 -33.18
C GLY E 248 -23.19 -50.10 -32.01
N VAL E 249 -23.20 -48.77 -31.94
CA VAL E 249 -22.43 -48.04 -30.94
C VAL E 249 -22.82 -48.39 -29.50
N LYS E 250 -24.11 -48.55 -29.25
CA LYS E 250 -24.59 -48.87 -27.91
C LYS E 250 -24.00 -50.18 -27.39
N GLU E 251 -23.98 -51.20 -28.25
CA GLU E 251 -23.43 -52.49 -27.89
C GLU E 251 -21.92 -52.42 -27.71
N LEU E 252 -21.25 -51.73 -28.63
CA LEU E 252 -19.80 -51.58 -28.59
C LEU E 252 -19.36 -50.85 -27.33
N GLU E 253 -20.17 -49.89 -26.89
CA GLU E 253 -19.91 -49.19 -25.63
C GLU E 253 -19.98 -50.14 -24.44
N GLU E 254 -20.98 -51.02 -24.45
CA GLU E 254 -21.14 -52.01 -23.40
C GLU E 254 -20.04 -53.06 -23.46
N LEU E 255 -19.56 -53.35 -24.66
CA LEU E 255 -18.43 -54.26 -24.84
C LEU E 255 -17.12 -53.53 -24.53
N LYS E 256 -17.23 -52.22 -24.27
CA LYS E 256 -16.11 -51.38 -23.85
C LYS E 256 -14.98 -51.35 -24.88
N MET E 257 -15.33 -51.38 -26.16
CA MET E 257 -14.34 -51.32 -27.22
C MET E 257 -13.91 -49.87 -27.48
N GLY E 258 -13.13 -49.33 -26.54
CA GLY E 258 -12.77 -47.92 -26.54
C GLY E 258 -11.70 -47.52 -27.54
N ALA E 259 -10.88 -48.47 -27.98
CA ALA E 259 -9.87 -48.20 -28.99
C ALA E 259 -10.56 -48.02 -30.35
N TYR E 260 -11.46 -48.94 -30.64
CA TYR E 260 -12.21 -48.94 -31.89
C TYR E 260 -13.16 -47.74 -31.98
N LEU E 261 -13.86 -47.44 -30.89
CA LEU E 261 -14.82 -46.35 -30.86
C LEU E 261 -14.13 -44.98 -30.98
N SER E 262 -12.94 -44.86 -30.41
CA SER E 262 -12.20 -43.59 -30.45
C SER E 262 -11.90 -43.16 -31.87
N VAL E 263 -11.52 -44.12 -32.71
CA VAL E 263 -11.17 -43.84 -34.10
C VAL E 263 -12.37 -43.26 -34.88
N GLY E 264 -13.55 -43.83 -34.66
CA GLY E 264 -14.73 -43.42 -35.38
C GLY E 264 -15.47 -42.24 -34.77
N LYS E 265 -14.89 -41.64 -33.74
CA LYS E 265 -15.51 -40.52 -33.04
C LYS E 265 -15.70 -39.30 -33.95
N GLY E 266 -14.82 -39.13 -34.92
CA GLY E 266 -14.85 -37.96 -35.78
C GLY E 266 -15.79 -38.06 -36.97
N SER E 267 -16.28 -39.25 -37.26
CA SER E 267 -17.10 -39.48 -38.45
C SER E 267 -18.57 -39.12 -38.26
N MET E 268 -19.27 -38.98 -39.38
CA MET E 268 -20.71 -38.74 -39.36
C MET E 268 -21.46 -40.06 -39.44
N TYR E 269 -20.72 -41.14 -39.68
CA TYR E 269 -21.30 -42.47 -39.72
C TYR E 269 -20.96 -43.23 -38.44
N PRO E 270 -21.96 -43.85 -37.82
CA PRO E 270 -21.75 -44.63 -36.59
C PRO E 270 -20.86 -45.86 -36.85
N ASN E 271 -20.05 -46.23 -35.86
CA ASN E 271 -19.25 -47.45 -35.97
C ASN E 271 -20.14 -48.67 -36.14
N LYS E 272 -19.73 -49.57 -37.03
CA LYS E 272 -20.47 -50.81 -37.25
C LYS E 272 -19.51 -52.00 -37.27
N PHE E 273 -19.80 -52.99 -36.44
CA PHE E 273 -18.96 -54.18 -36.35
C PHE E 273 -19.63 -55.35 -37.07
N ILE E 274 -18.96 -55.86 -38.10
CA ILE E 274 -19.51 -56.95 -38.89
C ILE E 274 -19.08 -58.30 -38.34
N HIS E 275 -20.05 -59.16 -38.08
CA HIS E 275 -19.79 -60.50 -37.57
C HIS E 275 -20.60 -61.53 -38.36
N LEU E 276 -19.96 -62.09 -39.39
CA LEU E 276 -20.58 -63.14 -40.18
C LEU E 276 -20.04 -64.49 -39.73
N THR E 277 -20.87 -65.53 -39.82
CA THR E 277 -20.46 -66.84 -39.37
C THR E 277 -20.91 -67.97 -40.30
N TYR E 278 -19.97 -68.82 -40.67
CA TYR E 278 -20.29 -70.04 -41.39
C TYR E 278 -20.02 -71.25 -40.50
N LYS E 279 -21.06 -72.04 -40.24
CA LYS E 279 -20.87 -73.30 -39.54
C LYS E 279 -21.12 -74.47 -40.47
N SER E 280 -20.32 -75.52 -40.33
CA SER E 280 -20.47 -76.70 -41.16
C SER E 280 -21.59 -77.60 -40.64
N LYS E 281 -22.15 -78.40 -41.53
CA LYS E 281 -23.29 -79.25 -41.19
C LYS E 281 -22.95 -80.30 -40.14
N GLY E 282 -21.79 -80.94 -40.29
CA GLY E 282 -21.36 -81.97 -39.36
C GLY E 282 -20.89 -81.41 -38.02
N ASP E 283 -19.97 -82.12 -37.38
CA ASP E 283 -19.39 -81.62 -36.14
C ASP E 283 -18.14 -80.78 -36.43
N VAL E 284 -17.97 -79.72 -35.67
CA VAL E 284 -16.88 -78.76 -35.91
C VAL E 284 -15.58 -79.21 -35.26
N LYS E 285 -14.51 -79.21 -36.05
CA LYS E 285 -13.22 -79.69 -35.57
C LYS E 285 -12.17 -78.59 -35.52
N LYS E 286 -12.46 -77.44 -36.14
CA LYS E 286 -11.55 -76.31 -36.12
C LYS E 286 -12.31 -75.00 -36.27
N LYS E 287 -12.16 -74.12 -35.28
CA LYS E 287 -12.82 -72.82 -35.29
C LYS E 287 -11.84 -71.71 -35.66
N ILE E 288 -12.23 -70.89 -36.63
CA ILE E 288 -11.33 -69.87 -37.17
C ILE E 288 -11.99 -68.49 -37.18
N ALA E 289 -11.23 -67.49 -36.72
CA ALA E 289 -11.69 -66.11 -36.77
C ALA E 289 -10.87 -65.30 -37.78
N LEU E 290 -11.52 -64.86 -38.85
CA LEU E 290 -10.88 -64.01 -39.85
C LEU E 290 -11.23 -62.55 -39.58
N VAL E 291 -10.22 -61.73 -39.30
CA VAL E 291 -10.43 -60.33 -38.97
C VAL E 291 -9.91 -59.42 -40.07
N GLY E 292 -10.76 -58.53 -40.57
CA GLY E 292 -10.36 -57.61 -41.62
C GLY E 292 -10.45 -56.17 -41.21
N LYS E 293 -9.40 -55.40 -41.47
CA LYS E 293 -9.40 -53.97 -41.23
C LYS E 293 -10.42 -53.29 -42.13
N GLY E 294 -11.33 -52.51 -41.54
CA GLY E 294 -12.39 -51.88 -42.30
C GLY E 294 -12.48 -50.38 -42.11
N ILE E 295 -11.45 -49.65 -42.52
CA ILE E 295 -11.50 -48.20 -42.50
C ILE E 295 -11.96 -47.69 -43.85
N THR E 296 -13.22 -47.26 -43.92
CA THR E 296 -13.83 -46.87 -45.19
C THR E 296 -13.15 -45.66 -45.82
N PHE E 297 -12.67 -44.74 -44.98
CA PHE E 297 -11.79 -43.68 -45.44
C PHE E 297 -10.84 -43.25 -44.33
N ASP E 298 -9.56 -43.17 -44.67
CA ASP E 298 -8.54 -42.78 -43.71
C ASP E 298 -7.88 -41.47 -44.12
N SER E 299 -8.36 -40.37 -43.55
CA SER E 299 -7.76 -39.07 -43.82
C SER E 299 -6.54 -38.88 -42.93
N GLY E 300 -6.34 -39.80 -42.00
CA GLY E 300 -5.23 -39.72 -41.07
C GLY E 300 -5.62 -39.01 -39.80
N GLY E 301 -6.83 -38.48 -39.76
CA GLY E 301 -7.30 -37.71 -38.63
C GLY E 301 -6.49 -36.45 -38.47
N TYR E 302 -6.33 -35.98 -37.24
CA TYR E 302 -5.58 -34.75 -36.98
C TYR E 302 -4.11 -34.88 -37.39
N ASN E 303 -3.64 -36.11 -37.50
CA ASN E 303 -2.37 -36.36 -38.19
C ASN E 303 -2.65 -36.53 -39.67
N LEU E 304 -3.19 -35.47 -40.27
CA LEU E 304 -3.68 -35.48 -41.65
C LEU E 304 -2.63 -35.94 -42.65
N LYS E 305 -3.07 -36.73 -43.63
CA LYS E 305 -2.21 -37.14 -44.72
C LYS E 305 -1.96 -35.96 -45.65
N ALA E 306 -0.97 -35.15 -45.31
CA ALA E 306 -0.66 -33.94 -46.08
C ALA E 306 0.76 -33.99 -46.62
N ALA E 307 1.59 -34.86 -46.05
CA ALA E 307 2.96 -35.05 -46.51
C ALA E 307 2.96 -35.46 -47.98
N PRO E 308 4.00 -35.05 -48.73
CA PRO E 308 4.05 -35.37 -50.16
C PRO E 308 4.09 -36.87 -50.42
N GLY E 309 3.11 -37.37 -51.15
CA GLY E 309 3.05 -38.78 -51.49
C GLY E 309 2.32 -39.62 -50.46
N SER E 310 1.63 -38.96 -49.53
CA SER E 310 0.82 -39.66 -48.55
C SER E 310 -0.40 -40.29 -49.21
N MET E 311 -0.71 -39.78 -50.41
CA MET E 311 -1.72 -40.39 -51.29
C MET E 311 -3.09 -40.50 -50.64
N ILE E 312 -3.61 -39.36 -50.18
CA ILE E 312 -4.89 -39.33 -49.46
C ILE E 312 -6.07 -39.67 -50.37
N ASP E 313 -5.87 -39.57 -51.68
CA ASP E 313 -6.94 -39.86 -52.63
C ASP E 313 -7.04 -41.36 -52.94
N LEU E 314 -6.31 -42.15 -52.16
CA LEU E 314 -6.31 -43.60 -52.33
C LEU E 314 -7.03 -44.27 -51.18
N MET E 315 -7.22 -43.54 -50.10
CA MET E 315 -7.60 -44.10 -48.81
C MET E 315 -9.02 -44.63 -48.71
N LYS E 316 -9.70 -44.78 -49.85
CA LYS E 316 -10.92 -45.57 -49.90
C LYS E 316 -10.53 -47.05 -49.86
N PHE E 317 -9.24 -47.29 -50.07
CA PHE E 317 -8.69 -48.64 -50.13
C PHE E 317 -8.43 -49.21 -48.74
N ASP E 318 -8.62 -48.39 -47.71
CA ASP E 318 -8.19 -48.76 -46.37
C ASP E 318 -9.16 -49.71 -45.67
N MET E 319 -10.11 -50.25 -46.42
CA MET E 319 -10.98 -51.30 -45.92
C MET E 319 -10.80 -52.55 -46.76
N SER E 320 -9.65 -52.64 -47.43
CA SER E 320 -9.32 -53.77 -48.28
C SER E 320 -9.23 -55.06 -47.48
N GLY E 321 -8.86 -54.94 -46.22
CA GLY E 321 -8.81 -56.09 -45.33
C GLY E 321 -10.19 -56.67 -45.12
N CYS E 322 -11.15 -55.79 -44.84
CA CYS E 322 -12.54 -56.19 -44.68
C CYS E 322 -13.09 -56.80 -45.96
N ALA E 323 -12.73 -56.20 -47.09
CA ALA E 323 -13.21 -56.67 -48.39
C ALA E 323 -12.72 -58.08 -48.68
N ALA E 324 -11.44 -58.33 -48.39
CA ALA E 324 -10.86 -59.65 -48.59
C ALA E 324 -11.54 -60.69 -47.71
N VAL E 325 -11.93 -60.28 -46.50
CA VAL E 325 -12.63 -61.14 -45.57
C VAL E 325 -14.03 -61.48 -46.08
N LEU E 326 -14.76 -60.45 -46.52
CA LEU E 326 -16.11 -60.64 -47.04
C LEU E 326 -16.09 -61.45 -48.34
N GLY E 327 -15.07 -61.22 -49.16
CA GLY E 327 -14.90 -61.99 -50.38
C GLY E 327 -14.63 -63.44 -50.05
N CYS E 328 -13.93 -63.67 -48.94
CA CYS E 328 -13.68 -65.02 -48.45
C CYS E 328 -14.96 -65.62 -47.91
N ALA E 329 -15.79 -64.79 -47.28
CA ALA E 329 -17.08 -65.23 -46.78
C ALA E 329 -17.96 -65.72 -47.91
N TYR E 330 -17.85 -65.08 -49.06
CA TYR E 330 -18.59 -65.52 -50.25
C TYR E 330 -18.13 -66.90 -50.68
N CYS E 331 -16.81 -67.06 -50.81
CA CYS E 331 -16.24 -68.32 -51.28
C CYS E 331 -16.58 -69.49 -50.36
N VAL E 332 -16.40 -69.27 -49.06
CA VAL E 332 -16.68 -70.30 -48.06
C VAL E 332 -18.15 -70.70 -48.10
N GLY E 333 -19.03 -69.70 -48.18
CA GLY E 333 -20.46 -69.95 -48.23
C GLY E 333 -20.90 -70.67 -49.49
N THR E 334 -20.09 -70.56 -50.54
CA THR E 334 -20.42 -71.17 -51.83
C THR E 334 -19.88 -72.59 -51.93
N LEU E 335 -18.66 -72.80 -51.43
CA LEU E 335 -18.01 -74.09 -51.55
C LEU E 335 -18.33 -75.00 -50.37
N LYS E 336 -18.77 -74.39 -49.28
CA LYS E 336 -19.24 -75.12 -48.10
C LYS E 336 -18.26 -76.16 -47.56
N PRO E 337 -17.16 -75.70 -46.94
CA PRO E 337 -16.23 -76.65 -46.31
C PRO E 337 -16.86 -77.30 -45.08
N GLU E 338 -16.46 -78.54 -44.79
CA GLU E 338 -17.02 -79.26 -43.66
C GLU E 338 -16.09 -79.24 -42.46
N ASN E 339 -16.64 -79.53 -41.29
CA ASN E 339 -15.89 -79.63 -40.04
C ASN E 339 -15.20 -78.34 -39.61
N VAL E 340 -15.64 -77.21 -40.14
CA VAL E 340 -15.11 -75.91 -39.72
C VAL E 340 -16.22 -74.95 -39.31
N GLU E 341 -15.88 -74.03 -38.42
CA GLU E 341 -16.74 -72.91 -38.10
C GLU E 341 -15.94 -71.63 -38.25
N ILE E 342 -16.33 -70.78 -39.19
CA ILE E 342 -15.57 -69.59 -39.51
C ILE E 342 -16.33 -68.31 -39.13
N HIS E 343 -15.65 -67.42 -38.43
CA HIS E 343 -16.23 -66.13 -38.05
C HIS E 343 -15.58 -65.01 -38.86
N PHE E 344 -16.39 -64.34 -39.67
CA PHE E 344 -15.90 -63.24 -40.50
C PHE E 344 -16.13 -61.91 -39.80
N LEU E 345 -15.05 -61.32 -39.31
CA LEU E 345 -15.12 -60.13 -38.46
C LEU E 345 -14.53 -58.89 -39.11
N SER E 346 -15.11 -57.73 -38.79
CA SER E 346 -14.55 -56.46 -39.22
C SER E 346 -15.06 -55.30 -38.38
N ALA E 347 -14.13 -54.59 -37.74
CA ALA E 347 -14.46 -53.37 -37.02
C ALA E 347 -14.43 -52.20 -38.00
N VAL E 348 -15.59 -51.88 -38.56
CA VAL E 348 -15.68 -50.89 -39.63
C VAL E 348 -15.96 -49.48 -39.10
N CYS E 349 -15.15 -48.52 -39.51
CA CYS E 349 -15.36 -47.12 -39.17
C CYS E 349 -14.68 -46.19 -40.16
N GLU E 350 -14.65 -44.90 -39.83
CA GLU E 350 -14.06 -43.89 -40.69
C GLU E 350 -13.19 -42.93 -39.90
N ASN E 351 -11.98 -42.66 -40.39
CA ASN E 351 -11.02 -41.82 -39.68
C ASN E 351 -11.00 -40.41 -40.26
N MET E 352 -11.70 -39.47 -39.61
CA MET E 352 -11.89 -38.14 -40.16
C MET E 352 -11.43 -37.03 -39.23
N VAL E 353 -11.46 -35.80 -39.74
CA VAL E 353 -11.09 -34.63 -38.96
C VAL E 353 -12.33 -33.81 -38.61
N SER E 354 -12.62 -33.72 -37.31
CA SER E 354 -13.79 -33.00 -36.82
C SER E 354 -13.53 -32.45 -35.43
N LYS E 355 -14.52 -31.77 -34.86
CA LYS E 355 -14.41 -31.31 -33.48
C LYS E 355 -14.57 -32.48 -32.52
N ASN E 356 -15.11 -33.58 -33.04
CA ASN E 356 -15.37 -34.76 -32.24
C ASN E 356 -14.29 -35.82 -32.38
N SER E 357 -13.29 -35.54 -33.21
CA SER E 357 -12.21 -36.49 -33.45
C SER E 357 -11.33 -36.70 -32.23
N TYR E 358 -10.62 -37.82 -32.19
CA TYR E 358 -9.66 -38.06 -31.13
C TYR E 358 -8.34 -37.39 -31.50
N ARG E 359 -7.59 -36.99 -30.49
CA ARG E 359 -6.39 -36.18 -30.68
C ARG E 359 -5.11 -36.98 -30.52
N PRO E 360 -4.02 -36.50 -31.14
CA PRO E 360 -2.70 -37.02 -30.79
C PRO E 360 -2.41 -36.77 -29.32
N GLY E 361 -2.02 -37.81 -28.59
CA GLY E 361 -1.73 -37.67 -27.18
C GLY E 361 -2.81 -38.25 -26.28
N ASP E 362 -3.99 -38.50 -26.86
CA ASP E 362 -5.10 -39.07 -26.11
C ASP E 362 -4.76 -40.43 -25.52
N ILE E 363 -5.34 -40.74 -24.36
CA ILE E 363 -5.20 -42.06 -23.77
C ILE E 363 -6.55 -42.77 -23.77
N ILE E 364 -6.62 -43.89 -24.48
CA ILE E 364 -7.86 -44.63 -24.63
C ILE E 364 -7.74 -46.03 -24.03
N THR E 365 -8.88 -46.62 -23.68
CA THR E 365 -8.87 -47.94 -23.05
C THR E 365 -9.52 -48.98 -23.94
N ALA E 366 -8.74 -49.96 -24.36
CA ALA E 366 -9.26 -51.08 -25.15
C ALA E 366 -10.10 -51.99 -24.26
N SER E 367 -10.85 -52.89 -24.88
CA SER E 367 -11.79 -53.74 -24.17
C SER E 367 -11.13 -54.69 -23.18
N ASN E 368 -9.85 -55.00 -23.41
CA ASN E 368 -9.14 -55.92 -22.53
C ASN E 368 -8.52 -55.19 -21.32
N GLY E 369 -8.80 -53.90 -21.21
CA GLY E 369 -8.37 -53.13 -20.05
C GLY E 369 -7.09 -52.34 -20.27
N LYS E 370 -6.39 -52.61 -21.36
CA LYS E 370 -5.12 -51.94 -21.64
C LYS E 370 -5.31 -50.50 -22.10
N THR E 371 -4.70 -49.57 -21.38
CA THR E 371 -4.73 -48.16 -21.76
C THR E 371 -3.66 -47.88 -22.81
N ILE E 372 -4.07 -47.18 -23.87
CA ILE E 372 -3.18 -46.93 -25.00
C ILE E 372 -2.96 -45.43 -25.21
N GLU E 373 -1.70 -45.03 -25.34
CA GLU E 373 -1.38 -43.63 -25.65
C GLU E 373 -1.27 -43.44 -27.15
N VAL E 374 -2.11 -42.57 -27.70
CA VAL E 374 -2.08 -42.27 -29.12
C VAL E 374 -0.97 -41.28 -29.45
N GLY E 375 -0.08 -41.68 -30.35
CA GLY E 375 1.00 -40.81 -30.78
C GLY E 375 0.75 -40.29 -32.19
N ASN E 376 -0.01 -41.06 -32.96
CA ASN E 376 -0.30 -40.73 -34.35
C ASN E 376 -1.68 -41.24 -34.73
N THR E 377 -2.60 -40.33 -34.99
CA THR E 377 -3.98 -40.70 -35.30
C THR E 377 -4.09 -41.40 -36.66
N ASP E 378 -3.06 -41.27 -37.48
CA ASP E 378 -3.04 -41.92 -38.79
C ASP E 378 -2.64 -43.38 -38.65
N ALA E 379 -2.29 -43.79 -37.43
CA ALA E 379 -2.06 -45.20 -37.14
C ALA E 379 -3.31 -45.81 -36.53
N GLU E 380 -4.45 -45.56 -37.17
CA GLU E 380 -5.75 -45.94 -36.61
C GLU E 380 -6.06 -47.42 -36.81
N GLY E 381 -5.37 -48.05 -37.74
CA GLY E 381 -5.64 -49.44 -38.08
C GLY E 381 -5.45 -50.40 -36.91
N ARG E 382 -4.33 -50.27 -36.22
CA ARG E 382 -4.01 -51.16 -35.10
C ARG E 382 -4.95 -50.94 -33.92
N LEU E 383 -5.53 -49.74 -33.83
CA LEU E 383 -6.45 -49.42 -32.75
C LEU E 383 -7.76 -50.18 -32.90
N THR E 384 -8.30 -50.20 -34.10
CA THR E 384 -9.56 -50.90 -34.37
C THR E 384 -9.34 -52.41 -34.39
N LEU E 385 -8.15 -52.84 -34.79
CA LEU E 385 -7.81 -54.25 -34.81
C LEU E 385 -7.61 -54.78 -33.39
N ALA E 386 -7.10 -53.93 -32.52
CA ALA E 386 -6.87 -54.28 -31.12
C ALA E 386 -8.15 -54.80 -30.46
N ASP E 387 -9.24 -54.08 -30.68
CA ASP E 387 -10.53 -54.47 -30.11
C ASP E 387 -11.16 -55.64 -30.85
N ALA E 388 -10.94 -55.70 -32.17
CA ALA E 388 -11.44 -56.81 -32.97
C ALA E 388 -10.77 -58.12 -32.56
N LEU E 389 -9.47 -58.04 -32.26
CA LEU E 389 -8.72 -59.21 -31.83
C LEU E 389 -9.19 -59.73 -30.49
N VAL E 390 -9.38 -58.81 -29.54
CA VAL E 390 -9.91 -59.16 -28.23
C VAL E 390 -11.26 -59.86 -28.37
N TYR E 391 -12.12 -59.27 -29.20
CA TYR E 391 -13.43 -59.84 -29.52
C TYR E 391 -13.28 -61.22 -30.15
N ALA E 392 -12.27 -61.36 -31.00
CA ALA E 392 -12.03 -62.62 -31.70
C ALA E 392 -11.60 -63.73 -30.74
N GLU E 393 -10.72 -63.41 -29.82
CA GLU E 393 -10.22 -64.39 -28.87
C GLU E 393 -11.31 -64.83 -27.90
N LYS E 394 -12.25 -63.93 -27.62
CA LYS E 394 -13.37 -64.25 -26.75
C LYS E 394 -14.32 -65.25 -27.40
N LEU E 395 -14.13 -65.51 -28.68
CA LEU E 395 -14.94 -66.48 -29.42
C LEU E 395 -14.43 -67.90 -29.22
N GLY E 396 -13.23 -68.03 -28.65
CA GLY E 396 -12.65 -69.33 -28.38
C GLY E 396 -12.30 -70.11 -29.65
N VAL E 397 -11.65 -69.44 -30.59
CA VAL E 397 -11.28 -70.06 -31.85
C VAL E 397 -9.91 -70.74 -31.76
N ASP E 398 -9.55 -71.46 -32.80
CA ASP E 398 -8.23 -72.10 -32.88
C ASP E 398 -7.22 -71.16 -33.53
N TYR E 399 -7.66 -70.47 -34.59
CA TYR E 399 -6.79 -69.56 -35.32
C TYR E 399 -7.42 -68.18 -35.45
N ILE E 400 -6.64 -67.15 -35.15
CA ILE E 400 -7.02 -65.77 -35.46
C ILE E 400 -6.14 -65.24 -36.57
N VAL E 401 -6.74 -64.87 -37.70
CA VAL E 401 -5.98 -64.31 -38.80
C VAL E 401 -6.52 -62.93 -39.18
N ASP E 402 -5.66 -61.93 -39.15
CA ASP E 402 -6.06 -60.61 -39.60
C ASP E 402 -5.32 -60.19 -40.86
N ILE E 403 -6.04 -59.51 -41.74
CA ILE E 403 -5.49 -59.00 -42.99
C ILE E 403 -5.82 -57.51 -43.09
N ALA E 404 -4.82 -56.70 -43.41
CA ALA E 404 -4.98 -55.26 -43.28
C ALA E 404 -4.00 -54.42 -44.10
N THR E 405 -4.45 -53.24 -44.51
CA THR E 405 -3.59 -52.23 -45.11
C THR E 405 -2.99 -51.37 -44.01
N LEU E 406 -2.03 -51.95 -43.28
CA LEU E 406 -1.62 -51.40 -41.99
C LEU E 406 -0.47 -50.40 -42.02
N THR E 407 0.59 -50.69 -42.76
CA THR E 407 1.77 -49.84 -42.75
C THR E 407 2.30 -49.51 -44.14
N GLY E 408 2.57 -48.23 -44.38
CA GLY E 408 3.15 -47.79 -45.64
C GLY E 408 4.57 -48.29 -45.81
N ALA E 409 5.21 -48.66 -44.71
CA ALA E 409 6.57 -49.16 -44.71
C ALA E 409 6.73 -50.43 -45.57
N MET E 410 5.61 -51.12 -45.79
CA MET E 410 5.61 -52.33 -46.62
C MET E 410 6.05 -52.03 -48.06
N LEU E 411 5.82 -50.81 -48.51
CA LEU E 411 6.24 -50.39 -49.84
C LEU E 411 7.77 -50.38 -49.95
N TYR E 412 8.44 -50.28 -48.81
CA TYR E 412 9.90 -50.20 -48.79
C TYR E 412 10.57 -51.51 -48.42
N SER E 413 9.78 -52.49 -47.98
CA SER E 413 10.34 -53.80 -47.62
C SER E 413 10.05 -54.83 -48.70
N LEU E 414 8.78 -55.13 -48.93
CA LEU E 414 8.40 -56.15 -49.91
C LEU E 414 7.89 -55.53 -51.21
N GLY E 415 7.45 -54.28 -51.13
CA GLY E 415 6.97 -53.59 -52.32
C GLY E 415 5.49 -53.82 -52.61
N THR E 416 5.16 -53.94 -53.89
CA THR E 416 3.78 -54.02 -54.33
C THR E 416 3.38 -55.39 -54.88
N SER E 417 4.17 -56.42 -54.57
CA SER E 417 3.88 -57.76 -55.08
C SER E 417 3.66 -58.76 -53.95
N TYR E 418 4.58 -58.77 -52.98
CA TYR E 418 4.50 -59.69 -51.85
C TYR E 418 3.91 -59.00 -50.63
N ALA E 419 2.89 -59.61 -50.03
CA ALA E 419 2.38 -59.14 -48.76
C ALA E 419 3.24 -59.71 -47.64
N GLY E 420 3.21 -59.08 -46.48
CA GLY E 420 3.95 -59.56 -45.34
C GLY E 420 3.05 -60.30 -44.38
N VAL E 421 3.58 -61.31 -43.70
CA VAL E 421 2.82 -61.99 -42.66
C VAL E 421 3.62 -62.07 -41.36
N PHE E 422 2.96 -61.72 -40.27
CA PHE E 422 3.55 -61.78 -38.94
C PHE E 422 2.68 -62.70 -38.09
N GLY E 423 3.23 -63.22 -37.01
CA GLY E 423 2.46 -64.10 -36.15
C GLY E 423 3.19 -64.55 -34.90
N ASN E 424 2.44 -65.17 -33.98
CA ASN E 424 3.02 -65.67 -32.74
C ASN E 424 3.19 -67.20 -32.78
N ASN E 425 2.68 -67.81 -33.83
CA ASN E 425 2.69 -69.26 -33.94
C ASN E 425 3.25 -69.74 -35.29
N GLU E 426 4.30 -70.54 -35.22
CA GLU E 426 5.01 -70.99 -36.42
C GLU E 426 4.15 -71.89 -37.31
N GLU E 427 3.31 -72.71 -36.69
CA GLU E 427 2.44 -73.60 -37.44
C GLU E 427 1.43 -72.83 -38.27
N LEU E 428 0.86 -71.78 -37.68
CA LEU E 428 -0.12 -70.95 -38.37
C LEU E 428 0.52 -70.21 -39.53
N ILE E 429 1.72 -69.68 -39.30
CA ILE E 429 2.46 -68.97 -40.33
C ILE E 429 2.74 -69.89 -41.51
N ASN E 430 3.10 -71.13 -41.21
CA ASN E 430 3.37 -72.13 -42.25
C ASN E 430 2.15 -72.39 -43.14
N LYS E 431 0.99 -72.57 -42.50
CA LYS E 431 -0.24 -72.87 -43.23
C LYS E 431 -0.61 -71.73 -44.17
N ILE E 432 -0.30 -70.51 -43.77
CA ILE E 432 -0.56 -69.33 -44.60
C ILE E 432 0.41 -69.28 -45.77
N LEU E 433 1.67 -69.57 -45.51
CA LEU E 433 2.67 -69.62 -46.57
C LEU E 433 2.32 -70.72 -47.57
N GLN E 434 1.78 -71.82 -47.05
CA GLN E 434 1.29 -72.90 -47.90
C GLN E 434 0.09 -72.43 -48.72
N SER E 435 -0.80 -71.69 -48.06
CA SER E 435 -1.96 -71.12 -48.72
C SER E 435 -1.53 -70.13 -49.80
N SER E 436 -0.44 -69.43 -49.54
CA SER E 436 0.11 -68.48 -50.51
C SER E 436 0.61 -69.20 -51.75
N LYS E 437 1.14 -70.41 -51.55
CA LYS E 437 1.64 -71.22 -52.65
C LYS E 437 0.51 -71.69 -53.57
N THR E 438 -0.58 -72.17 -52.97
CA THR E 438 -1.68 -72.74 -53.74
C THR E 438 -2.62 -71.68 -54.31
N SER E 439 -2.75 -70.55 -53.62
CA SER E 439 -3.62 -69.48 -54.08
C SER E 439 -2.90 -68.55 -55.06
N ASN E 440 -1.58 -68.67 -55.08
CA ASN E 440 -0.71 -67.82 -55.90
C ASN E 440 -0.84 -66.34 -55.56
N GLU E 441 -1.28 -66.05 -54.34
CA GLU E 441 -1.20 -64.70 -53.80
C GLU E 441 0.03 -64.64 -52.91
N PRO E 442 1.13 -64.09 -53.43
CA PRO E 442 2.46 -64.16 -52.81
C PRO E 442 2.57 -63.43 -51.47
N VAL E 443 2.90 -64.17 -50.43
CA VAL E 443 3.10 -63.63 -49.09
C VAL E 443 4.47 -64.07 -48.58
N TRP E 444 5.17 -63.17 -47.90
CA TRP E 444 6.49 -63.50 -47.37
C TRP E 444 6.55 -63.30 -45.85
N TRP E 445 7.15 -64.26 -45.17
CA TRP E 445 7.23 -64.24 -43.71
C TRP E 445 8.20 -63.17 -43.21
N LEU E 446 7.72 -62.32 -42.31
CA LEU E 446 8.55 -61.31 -41.68
C LEU E 446 8.56 -61.53 -40.16
N PRO E 447 9.66 -61.14 -39.50
CA PRO E 447 9.82 -61.45 -38.08
C PRO E 447 9.19 -60.41 -37.15
N ILE E 448 8.80 -60.86 -35.97
CA ILE E 448 8.45 -59.94 -34.88
C ILE E 448 9.66 -59.83 -33.97
N ILE E 449 10.34 -58.70 -34.04
CA ILE E 449 11.59 -58.50 -33.30
C ILE E 449 11.32 -57.95 -31.91
N ASN E 450 11.47 -58.81 -30.91
CA ASN E 450 11.14 -58.49 -29.52
C ASN E 450 11.98 -57.35 -28.93
N GLU E 451 13.16 -57.11 -29.51
CA GLU E 451 14.04 -56.06 -29.02
C GLU E 451 13.43 -54.68 -29.23
N TYR E 452 12.37 -54.61 -30.03
CA TYR E 452 11.69 -53.36 -30.32
C TYR E 452 10.45 -53.17 -29.45
N ARG E 453 10.13 -54.18 -28.65
CA ARG E 453 8.97 -54.12 -27.77
C ARG E 453 9.11 -52.99 -26.75
N ALA E 454 10.34 -52.72 -26.34
CA ALA E 454 10.62 -51.71 -25.33
C ALA E 454 10.33 -50.29 -25.83
N THR E 455 10.19 -50.13 -27.14
CA THR E 455 9.90 -48.82 -27.72
C THR E 455 8.41 -48.51 -27.64
N LEU E 456 7.64 -49.41 -27.05
CA LEU E 456 6.20 -49.21 -26.88
C LEU E 456 5.83 -49.00 -25.42
N ASN E 457 6.85 -48.84 -24.57
CA ASN E 457 6.62 -48.58 -23.15
C ASN E 457 6.25 -47.12 -22.91
N SER E 458 4.95 -46.88 -22.75
CA SER E 458 4.47 -45.53 -22.48
C SER E 458 4.86 -45.07 -21.07
N LYS E 459 5.00 -43.76 -20.91
CA LYS E 459 5.31 -43.20 -19.61
C LYS E 459 4.06 -43.17 -18.72
N TYR E 460 2.89 -43.09 -19.34
CA TYR E 460 1.64 -42.91 -18.60
C TYR E 460 0.63 -44.03 -18.85
N ALA E 461 0.49 -44.45 -20.10
CA ALA E 461 -0.42 -45.55 -20.43
C ALA E 461 0.29 -46.89 -20.27
N ASP E 462 -0.47 -47.97 -20.41
CA ASP E 462 0.11 -49.31 -20.35
C ASP E 462 0.99 -49.58 -21.56
N ILE E 463 0.63 -48.98 -22.69
CA ILE E 463 1.36 -49.23 -23.93
C ILE E 463 1.21 -48.07 -24.92
N ASN E 464 2.28 -47.80 -25.66
CA ASN E 464 2.25 -46.84 -26.76
C ASN E 464 1.66 -47.44 -28.03
N GLN E 465 0.96 -46.62 -28.80
CA GLN E 465 0.43 -47.03 -30.08
C GLN E 465 1.54 -47.14 -31.12
N ILE E 466 2.46 -46.18 -31.09
CA ILE E 466 3.57 -46.15 -32.04
C ILE E 466 4.92 -46.05 -31.32
N SER E 467 6.00 -46.18 -32.10
CA SER E 467 7.36 -46.18 -31.56
C SER E 467 7.90 -44.78 -31.31
N SER E 468 9.13 -44.72 -30.82
CA SER E 468 9.80 -43.47 -30.45
C SER E 468 9.69 -42.39 -31.53
N VAL E 470 12.07 -45.54 -33.11
CA VAL E 470 12.64 -46.63 -33.89
C VAL E 470 11.72 -47.02 -35.04
N LYS E 471 12.23 -46.91 -36.27
CA LYS E 471 11.42 -47.18 -37.46
C LYS E 471 11.10 -48.66 -37.63
N ALA E 472 10.91 -49.07 -38.88
CA ALA E 472 10.35 -50.39 -39.20
C ALA E 472 8.98 -50.53 -38.53
N SER E 473 8.00 -49.84 -39.11
CA SER E 473 6.68 -49.73 -38.50
C SER E 473 5.87 -51.02 -38.57
N SER E 474 6.12 -51.81 -39.61
CA SER E 474 5.39 -53.07 -39.80
C SER E 474 5.63 -54.02 -38.64
N ILE E 475 6.86 -54.05 -38.15
CA ILE E 475 7.23 -54.91 -37.03
C ILE E 475 6.70 -54.34 -35.71
N VAL E 476 6.83 -53.02 -35.54
CA VAL E 476 6.34 -52.34 -34.36
C VAL E 476 4.82 -52.48 -34.24
N ALA E 477 4.12 -52.32 -35.37
CA ALA E 477 2.68 -52.48 -35.41
C ALA E 477 2.29 -53.90 -35.06
N SER E 478 3.08 -54.86 -35.55
CA SER E 478 2.85 -56.27 -35.25
C SER E 478 3.09 -56.54 -33.76
N LEU E 479 4.11 -55.90 -33.21
CA LEU E 479 4.39 -55.99 -31.79
C LEU E 479 3.22 -55.46 -30.96
N PHE E 480 2.61 -54.38 -31.44
CA PHE E 480 1.46 -53.79 -30.77
C PHE E 480 0.26 -54.74 -30.79
N LEU E 481 -0.04 -55.30 -31.96
CA LEU E 481 -1.17 -56.21 -32.12
C LEU E 481 -1.01 -57.46 -31.28
N LYS E 482 0.24 -57.89 -31.10
CA LYS E 482 0.55 -59.11 -30.35
C LYS E 482 0.08 -59.01 -28.91
N GLU E 483 0.06 -57.80 -28.37
CA GLU E 483 -0.34 -57.56 -26.99
C GLU E 483 -1.83 -57.82 -26.75
N PHE E 484 -2.61 -57.92 -27.82
CA PHE E 484 -4.05 -58.06 -27.69
C PHE E 484 -4.54 -59.46 -28.04
N VAL E 485 -3.60 -60.38 -28.23
CA VAL E 485 -3.92 -61.80 -28.34
C VAL E 485 -3.11 -62.56 -27.30
N GLN E 486 -3.79 -63.02 -26.25
CA GLN E 486 -3.12 -63.54 -25.07
C GLN E 486 -2.68 -65.00 -25.20
N ASN E 487 -3.58 -65.86 -25.65
CA ASN E 487 -3.26 -67.29 -25.69
C ASN E 487 -3.93 -68.01 -26.86
N THR E 488 -3.80 -67.44 -28.06
CA THR E 488 -4.35 -68.04 -29.26
C THR E 488 -3.38 -67.91 -30.42
N ALA E 489 -3.27 -68.95 -31.24
CA ALA E 489 -2.49 -68.87 -32.46
C ALA E 489 -3.04 -67.75 -33.34
N TRP E 490 -2.20 -66.77 -33.61
CA TRP E 490 -2.64 -65.60 -34.37
C TRP E 490 -1.61 -65.16 -35.39
N ALA E 491 -2.08 -64.79 -36.58
CA ALA E 491 -1.20 -64.26 -37.61
C ALA E 491 -1.77 -62.97 -38.19
N HIS E 492 -0.89 -62.18 -38.79
CA HIS E 492 -1.24 -60.85 -39.27
C HIS E 492 -0.66 -60.59 -40.66
N ILE E 493 -1.52 -60.38 -41.63
CA ILE E 493 -1.07 -60.13 -43.00
C ILE E 493 -1.19 -58.65 -43.36
N ASP E 494 -0.04 -58.01 -43.57
CA ASP E 494 0.00 -56.60 -43.93
C ASP E 494 -0.02 -56.44 -45.46
N ILE E 495 -1.13 -55.94 -45.98
CA ILE E 495 -1.31 -55.85 -47.43
C ILE E 495 -1.35 -54.40 -47.93
N ALA E 496 -0.82 -53.49 -47.13
CA ALA E 496 -0.83 -52.07 -47.48
C ALA E 496 -0.09 -51.79 -48.79
N GLY E 497 0.96 -52.57 -49.04
CA GLY E 497 1.76 -52.36 -50.23
C GLY E 497 1.21 -53.02 -51.48
N VAL E 498 0.53 -54.15 -51.32
CA VAL E 498 0.12 -54.95 -52.46
C VAL E 498 -1.35 -54.78 -52.86
N SER E 499 -2.13 -54.11 -52.01
CA SER E 499 -3.57 -54.04 -52.21
C SER E 499 -3.99 -53.34 -53.51
N TRP E 500 -3.32 -52.25 -53.85
CA TRP E 500 -3.73 -51.44 -54.99
C TRP E 500 -2.83 -51.63 -56.21
N ASN E 501 -3.46 -51.83 -57.37
CA ASN E 501 -2.75 -51.94 -58.63
C ASN E 501 -2.60 -50.57 -59.28
N PHE E 502 -1.46 -49.93 -59.05
CA PHE E 502 -1.22 -48.57 -59.53
C PHE E 502 -1.09 -48.50 -61.04
N LYS E 503 -0.64 -49.60 -61.65
CA LYS E 503 -0.47 -49.65 -63.10
C LYS E 503 -1.82 -49.71 -63.80
N ALA E 504 -2.74 -50.47 -63.23
CA ALA E 504 -4.06 -50.66 -63.83
C ALA E 504 -5.11 -49.74 -63.21
N ARG E 505 -4.70 -49.00 -62.18
CA ARG E 505 -5.58 -48.03 -61.50
C ARG E 505 -6.85 -48.68 -60.96
N LYS E 506 -6.67 -49.74 -60.17
CA LYS E 506 -7.79 -50.50 -59.63
C LYS E 506 -7.31 -51.43 -58.50
N PRO E 507 -8.24 -51.96 -57.69
CA PRO E 507 -7.80 -52.89 -56.65
C PRO E 507 -7.40 -54.26 -57.21
N LYS E 508 -6.74 -55.07 -56.39
CA LYS E 508 -6.38 -56.43 -56.79
C LYS E 508 -7.36 -57.44 -56.23
N GLY E 509 -8.11 -57.01 -55.21
CA GLY E 509 -8.95 -57.94 -54.47
C GLY E 509 -8.07 -58.92 -53.73
N PHE E 510 -6.87 -58.46 -53.39
CA PHE E 510 -5.86 -59.31 -52.75
C PHE E 510 -6.34 -59.86 -51.42
N GLY E 511 -6.13 -61.16 -51.21
CA GLY E 511 -6.41 -61.77 -49.93
C GLY E 511 -7.56 -62.77 -49.92
N VAL E 512 -8.50 -62.60 -50.85
CA VAL E 512 -9.68 -63.45 -50.88
C VAL E 512 -9.33 -64.93 -51.08
N ARG E 513 -8.56 -65.22 -52.13
CA ARG E 513 -8.20 -66.59 -52.47
C ARG E 513 -7.18 -67.17 -51.50
N LEU E 514 -6.33 -66.31 -50.95
CA LEU E 514 -5.37 -66.72 -49.94
C LEU E 514 -6.10 -67.24 -48.69
N LEU E 515 -7.07 -66.47 -48.22
CA LEU E 515 -7.82 -66.83 -47.04
C LEU E 515 -8.74 -68.03 -47.27
N THR E 516 -9.19 -68.21 -48.50
CA THR E 516 -10.06 -69.32 -48.84
C THR E 516 -9.29 -70.63 -48.86
N GLU E 517 -8.11 -70.61 -49.47
CA GLU E 517 -7.24 -71.79 -49.50
C GLU E 517 -6.85 -72.20 -48.07
N PHE E 518 -6.76 -71.23 -47.18
CA PHE E 518 -6.44 -71.47 -45.78
C PHE E 518 -7.56 -72.23 -45.09
N VAL E 519 -8.80 -71.79 -45.33
CA VAL E 519 -9.97 -72.41 -44.73
C VAL E 519 -10.24 -73.79 -45.33
N LEU E 520 -10.03 -73.91 -46.64
CA LEU E 520 -10.32 -75.15 -47.37
C LEU E 520 -9.23 -76.20 -47.19
N ASN E 521 -7.99 -75.85 -47.55
CA ASN E 521 -6.88 -76.79 -47.50
C ASN E 521 -6.19 -76.79 -46.15
N SER F 5 -20.49 -27.15 -16.26
CA SER F 5 -19.57 -28.02 -15.55
C SER F 5 -19.79 -29.49 -15.93
N GLU F 6 -20.70 -29.72 -16.85
CA GLU F 6 -20.93 -31.06 -17.38
C GLU F 6 -20.12 -31.27 -18.66
N VAL F 7 -19.26 -32.27 -18.66
CA VAL F 7 -18.38 -32.54 -19.79
C VAL F 7 -19.10 -33.31 -20.90
N PRO F 8 -19.19 -32.71 -22.09
CA PRO F 8 -19.82 -33.38 -23.24
C PRO F 8 -19.02 -34.59 -23.71
N GLN F 9 -19.70 -35.57 -24.27
CA GLN F 9 -19.05 -36.78 -24.77
C GLN F 9 -19.54 -37.15 -26.17
N VAL F 10 -18.62 -37.63 -26.99
CA VAL F 10 -19.00 -38.21 -28.28
C VAL F 10 -19.50 -39.62 -28.06
N VAL F 11 -18.82 -40.35 -27.18
CA VAL F 11 -19.23 -41.69 -26.79
C VAL F 11 -19.23 -41.82 -25.27
N SER F 12 -19.87 -42.85 -24.75
CA SER F 12 -20.02 -43.03 -23.30
C SER F 12 -18.71 -43.41 -22.63
N LEU F 13 -17.68 -43.70 -23.42
CA LEU F 13 -16.39 -44.09 -22.88
C LEU F 13 -15.46 -42.89 -22.75
N ASP F 14 -15.92 -41.73 -23.21
CA ASP F 14 -15.17 -40.48 -23.04
C ASP F 14 -15.11 -40.11 -21.57
N PRO F 15 -13.89 -39.83 -21.07
CA PRO F 15 -13.73 -39.42 -19.67
C PRO F 15 -14.41 -38.08 -19.38
N THR F 16 -15.13 -38.02 -18.27
CA THR F 16 -15.85 -36.82 -17.88
C THR F 16 -15.10 -36.03 -16.81
N SER F 17 -13.89 -36.49 -16.48
CA SER F 17 -13.14 -35.89 -15.38
C SER F 17 -11.64 -36.08 -15.52
N ILE F 18 -10.88 -35.17 -14.91
CA ILE F 18 -9.44 -35.33 -14.79
C ILE F 18 -9.12 -36.05 -13.50
N PRO F 19 -8.43 -37.20 -13.60
CA PRO F 19 -7.97 -37.87 -12.38
C PRO F 19 -6.87 -37.06 -11.71
N ILE F 20 -7.10 -36.68 -10.45
CA ILE F 20 -6.10 -35.91 -9.71
C ILE F 20 -5.66 -36.66 -8.46
N GLU F 21 -4.35 -36.75 -8.27
CA GLU F 21 -3.83 -37.39 -7.08
C GLU F 21 -3.45 -36.34 -6.03
N TYR F 22 -4.25 -36.19 -4.99
CA TYR F 22 -3.93 -35.22 -3.95
C TYR F 22 -2.98 -35.80 -2.85
N ASN F 23 -3.29 -36.90 -2.15
CA ASN F 23 -2.25 -37.34 -1.21
C ASN F 23 -1.36 -38.29 -1.97
N THR F 24 -0.08 -37.96 -1.94
CA THR F 24 0.94 -38.71 -2.61
C THR F 24 1.83 -39.31 -1.53
N PRO F 25 2.54 -40.41 -1.85
CA PRO F 25 3.48 -41.05 -0.92
C PRO F 25 4.52 -40.10 -0.33
N ILE F 26 4.80 -39.00 -1.04
CA ILE F 26 5.75 -38.00 -0.59
C ILE F 26 5.24 -37.30 0.67
N HIS F 27 3.93 -37.18 0.80
CA HIS F 27 3.31 -36.52 1.95
C HIS F 27 3.37 -37.38 3.21
N ASP F 28 3.84 -38.61 3.08
CA ASP F 28 3.92 -39.52 4.22
C ASP F 28 5.35 -39.66 4.74
N ILE F 29 6.30 -39.10 4.01
CA ILE F 29 7.71 -39.22 4.39
C ILE F 29 8.09 -38.30 5.54
N LYS F 30 8.55 -38.89 6.64
CA LYS F 30 9.05 -38.13 7.78
C LYS F 30 10.46 -37.64 7.49
N VAL F 31 10.66 -36.33 7.56
CA VAL F 31 11.97 -35.75 7.23
C VAL F 31 12.63 -35.17 8.48
N GLN F 32 13.85 -35.62 8.75
CA GLN F 32 14.61 -35.16 9.91
C GLN F 32 15.95 -34.57 9.49
N VAL F 33 16.23 -33.35 9.94
CA VAL F 33 17.48 -32.68 9.61
C VAL F 33 18.41 -32.60 10.81
N TYR F 34 19.57 -33.24 10.69
CA TYR F 34 20.55 -33.24 11.78
C TYR F 34 21.81 -32.47 11.39
N ASP F 35 22.54 -32.01 12.40
CA ASP F 35 23.79 -31.30 12.17
C ASP F 35 24.93 -32.31 12.01
N ILE F 36 25.72 -32.14 10.96
CA ILE F 36 26.80 -33.08 10.63
C ILE F 36 27.93 -33.06 11.65
N LYS F 37 27.93 -32.06 12.53
CA LYS F 37 28.99 -31.89 13.51
C LYS F 37 29.04 -33.03 14.53
N GLY F 38 27.88 -33.59 14.85
CA GLY F 38 27.79 -34.61 15.89
C GLY F 38 27.93 -36.04 15.42
N GLY F 39 28.33 -36.22 14.17
CA GLY F 39 28.50 -37.56 13.62
C GLY F 39 27.23 -38.10 13.00
N CYS F 40 27.36 -39.19 12.25
CA CYS F 40 26.23 -39.77 11.54
C CYS F 40 25.90 -41.18 12.02
N ASN F 41 24.61 -41.45 12.21
CA ASN F 41 24.15 -42.77 12.61
C ASN F 41 23.74 -43.62 11.41
N VAL F 42 24.16 -44.88 11.39
CA VAL F 42 23.81 -45.79 10.31
C VAL F 42 23.10 -47.02 10.87
N GLU F 43 21.79 -46.91 11.06
CA GLU F 43 21.02 -48.00 11.66
C GLU F 43 20.14 -48.71 10.63
N GLU F 44 19.41 -47.94 9.84
CA GLU F 44 18.47 -48.52 8.88
C GLU F 44 18.65 -47.94 7.47
N GLY F 45 18.03 -48.60 6.50
CA GLY F 45 17.95 -48.09 5.14
C GLY F 45 19.25 -47.78 4.43
N LEU F 46 19.18 -46.80 3.55
CA LEU F 46 20.31 -46.40 2.71
C LEU F 46 20.87 -45.05 3.14
N THR F 47 22.19 -44.98 3.27
CA THR F 47 22.86 -43.72 3.64
C THR F 47 23.75 -43.26 2.50
N ILE F 48 23.47 -42.07 1.98
CA ILE F 48 24.20 -41.53 0.83
C ILE F 48 24.94 -40.24 1.16
N PHE F 49 26.24 -40.24 0.88
CA PHE F 49 27.07 -39.05 1.08
C PHE F 49 27.23 -38.26 -0.21
N LEU F 50 27.00 -36.95 -0.13
CA LEU F 50 27.22 -36.08 -1.27
C LEU F 50 28.60 -35.43 -1.16
N VAL F 51 29.56 -35.94 -1.93
CA VAL F 51 30.93 -35.49 -1.84
C VAL F 51 31.41 -34.81 -3.12
N ASN F 52 32.40 -33.93 -2.98
CA ASN F 52 33.04 -33.32 -4.14
C ASN F 52 34.52 -33.07 -3.90
N ASN F 53 35.31 -33.17 -4.96
CA ASN F 53 36.74 -32.91 -4.88
C ASN F 53 37.11 -31.67 -5.69
N PRO F 54 37.32 -30.54 -5.01
CA PRO F 54 37.76 -29.32 -5.71
C PRO F 54 39.12 -29.52 -6.38
N GLY F 55 39.17 -29.33 -7.69
CA GLY F 55 40.37 -29.63 -8.46
C GLY F 55 40.45 -31.12 -8.71
N LYS F 56 39.66 -31.59 -9.68
CA LYS F 56 39.51 -33.03 -9.90
C LYS F 56 39.38 -33.41 -11.37
N GLU F 57 39.74 -34.65 -11.69
CA GLU F 57 39.75 -35.14 -13.06
C GLU F 57 38.56 -35.94 -13.67
N ASN F 58 37.48 -36.27 -12.94
CA ASN F 58 37.24 -36.00 -11.53
C ASN F 58 37.93 -37.03 -10.64
N GLY F 59 38.46 -36.54 -9.51
CA GLY F 59 39.29 -37.35 -8.63
C GLY F 59 38.53 -38.19 -7.64
N PRO F 60 39.25 -38.72 -6.64
CA PRO F 60 38.79 -39.73 -5.69
C PRO F 60 37.78 -39.25 -4.65
N VAL F 61 37.04 -40.19 -4.09
CA VAL F 61 36.06 -39.91 -3.04
C VAL F 61 36.69 -39.99 -1.65
N LYS F 62 36.46 -38.96 -0.85
CA LYS F 62 36.93 -38.96 0.54
C LYS F 62 35.83 -38.49 1.47
N ILE F 63 35.41 -39.37 2.38
CA ILE F 63 34.35 -39.05 3.33
C ILE F 63 34.92 -38.38 4.58
N SER F 64 34.39 -37.21 4.91
CA SER F 64 34.96 -36.38 5.98
C SER F 64 34.26 -36.56 7.33
N SER F 65 32.93 -36.60 7.31
CA SER F 65 32.15 -36.71 8.55
C SER F 65 32.45 -38.01 9.29
N LYS F 66 32.42 -37.96 10.62
CA LYS F 66 32.71 -39.13 11.44
C LYS F 66 31.46 -40.01 11.60
N VAL F 67 31.59 -41.26 11.20
CA VAL F 67 30.47 -42.20 11.23
C VAL F 67 30.49 -43.06 12.49
N ASN F 68 29.39 -43.05 13.23
CA ASN F 68 29.32 -43.73 14.52
C ASN F 68 29.07 -45.23 14.41
N ASP F 69 29.63 -45.85 13.37
CA ASP F 69 29.55 -47.29 13.19
C ASP F 69 30.90 -47.82 12.71
N LYS F 70 31.55 -48.62 13.54
CA LYS F 70 32.90 -49.13 13.26
C LYS F 70 32.93 -49.98 11.99
N GLN F 71 31.86 -50.70 11.72
CA GLN F 71 31.77 -51.53 10.52
C GLN F 71 31.54 -50.67 9.28
N VAL F 72 30.78 -49.58 9.46
CA VAL F 72 30.53 -48.64 8.38
C VAL F 72 31.73 -47.73 8.17
N SER F 73 32.43 -47.43 9.25
CA SER F 73 33.61 -46.58 9.19
C SER F 73 34.75 -47.27 8.46
N GLU F 74 34.89 -48.57 8.68
CA GLU F 74 35.93 -49.36 8.01
C GLU F 74 35.69 -49.39 6.50
N PHE F 75 34.42 -49.41 6.12
CA PHE F 75 34.05 -49.38 4.71
C PHE F 75 34.37 -48.01 4.10
N LEU F 76 34.12 -46.95 4.87
CA LEU F 76 34.28 -45.59 4.39
C LEU F 76 35.70 -45.07 4.58
N LYS F 77 36.66 -45.97 4.72
CA LYS F 77 38.05 -45.55 4.87
C LYS F 77 38.60 -45.05 3.54
N ASP F 78 39.51 -44.08 3.61
CA ASP F 78 40.03 -43.40 2.43
C ASP F 78 40.70 -44.36 1.45
N GLU F 79 41.25 -45.46 1.96
CA GLU F 79 41.88 -46.46 1.11
C GLU F 79 40.86 -47.12 0.20
N ASN F 80 39.69 -47.43 0.74
CA ASN F 80 38.64 -48.11 0.00
C ASN F 80 37.83 -47.16 -0.88
N MET F 81 37.67 -45.92 -0.43
CA MET F 81 36.86 -44.95 -1.15
C MET F 81 37.64 -44.26 -2.27
N GLU F 82 38.95 -44.45 -2.29
CA GLU F 82 39.80 -43.89 -3.34
C GLU F 82 39.58 -44.62 -4.65
N LYS F 83 38.96 -45.80 -4.57
CA LYS F 83 38.68 -46.62 -5.74
C LYS F 83 37.55 -46.04 -6.59
N PHE F 84 36.91 -44.99 -6.09
CA PHE F 84 35.81 -44.34 -6.80
C PHE F 84 36.12 -42.88 -7.08
N ASN F 85 35.65 -42.38 -8.22
CA ASN F 85 35.82 -40.98 -8.57
C ASN F 85 34.63 -40.14 -8.14
N VAL F 86 34.69 -38.83 -8.41
CA VAL F 86 33.69 -37.91 -7.91
C VAL F 86 32.98 -37.18 -9.05
N LYS F 87 33.12 -37.73 -10.26
CA LYS F 87 32.47 -37.18 -11.45
C LYS F 87 30.98 -36.95 -11.20
N LEU F 88 30.52 -35.74 -11.51
CA LEU F 88 29.15 -35.32 -11.22
C LEU F 88 28.11 -36.29 -11.77
N GLY F 89 27.33 -36.89 -10.87
CA GLY F 89 26.29 -37.82 -11.27
C GLY F 89 26.67 -39.27 -11.02
N THR F 90 27.96 -39.53 -10.88
CA THR F 90 28.44 -40.89 -10.63
C THR F 90 28.05 -41.32 -9.22
N SER F 91 27.63 -42.57 -9.08
CA SER F 91 27.25 -43.09 -7.77
C SER F 91 27.55 -44.58 -7.63
N LYS F 92 27.98 -44.96 -6.43
CA LYS F 92 28.11 -46.35 -6.05
C LYS F 92 27.43 -46.53 -4.70
N HIS F 93 26.93 -47.73 -4.42
CA HIS F 93 26.39 -48.01 -3.10
C HIS F 93 26.43 -49.52 -2.80
N PHE F 94 26.83 -49.85 -1.58
CA PHE F 94 27.06 -51.24 -1.19
C PHE F 94 26.16 -51.66 -0.03
N TYR F 95 25.66 -52.89 -0.10
CA TYR F 95 24.93 -53.48 1.02
C TYR F 95 25.89 -54.21 1.95
N MET F 96 25.71 -54.01 3.25
CA MET F 96 26.60 -54.60 4.24
C MET F 96 25.94 -54.67 5.62
N PHE F 97 26.61 -55.33 6.55
CA PHE F 97 26.10 -55.44 7.92
C PHE F 97 26.79 -54.42 8.83
N ASN F 98 25.99 -53.66 9.57
CA ASN F 98 26.54 -52.66 10.49
C ASN F 98 27.04 -53.30 11.78
N ASP F 99 27.15 -52.49 12.84
CA ASP F 99 27.70 -52.97 14.11
C ASP F 99 26.73 -53.88 14.87
N ASN F 100 25.47 -53.86 14.48
CA ASN F 100 24.46 -54.68 15.15
C ASN F 100 23.83 -55.72 14.24
N LYS F 101 24.62 -56.21 13.29
CA LYS F 101 24.19 -57.26 12.36
C LYS F 101 22.92 -56.90 11.58
N ASN F 102 22.75 -55.60 11.31
CA ASN F 102 21.63 -55.14 10.49
C ASN F 102 22.08 -54.88 9.06
N SER F 103 21.23 -55.23 8.11
CA SER F 103 21.54 -54.99 6.70
C SER F 103 21.32 -53.53 6.34
N VAL F 104 22.41 -52.82 6.10
CA VAL F 104 22.34 -51.42 5.69
C VAL F 104 23.05 -51.22 4.36
N ALA F 105 22.60 -50.23 3.60
CA ALA F 105 23.25 -49.91 2.33
C ALA F 105 23.93 -48.55 2.42
N VAL F 106 25.20 -48.50 1.98
CA VAL F 106 25.99 -47.28 2.08
C VAL F 106 26.62 -46.92 0.74
N GLY F 107 26.53 -45.65 0.35
CA GLY F 107 27.11 -45.19 -0.90
C GLY F 107 27.25 -43.69 -1.02
N TYR F 108 27.68 -43.24 -2.20
CA TYR F 108 27.89 -41.82 -2.44
C TYR F 108 27.30 -41.38 -3.78
N VAL F 109 27.20 -40.07 -3.97
CA VAL F 109 26.92 -39.49 -5.28
C VAL F 109 27.94 -38.39 -5.55
N GLY F 110 28.62 -38.48 -6.69
CA GLY F 110 29.65 -37.51 -7.04
C GLY F 110 29.09 -36.14 -7.36
N CYS F 111 29.71 -35.10 -6.80
CA CYS F 111 29.26 -33.73 -7.01
C CYS F 111 30.29 -32.89 -7.77
N GLY F 112 31.04 -33.54 -8.65
CA GLY F 112 31.97 -32.83 -9.53
C GLY F 112 33.14 -32.15 -8.83
N SER F 113 33.70 -31.15 -9.50
CA SER F 113 34.88 -30.45 -8.99
C SER F 113 34.54 -29.06 -8.48
N VAL F 114 33.57 -28.41 -9.11
CA VAL F 114 33.17 -27.06 -8.73
C VAL F 114 32.50 -27.06 -7.37
N ALA F 115 32.93 -26.16 -6.49
CA ALA F 115 32.48 -26.13 -5.11
C ALA F 115 31.03 -25.66 -4.96
N ASP F 116 30.65 -24.62 -5.70
CA ASP F 116 29.30 -24.09 -5.62
C ASP F 116 28.43 -24.61 -6.77
N LEU F 117 27.52 -25.52 -6.44
CA LEU F 117 26.70 -26.20 -7.45
C LEU F 117 25.63 -25.30 -8.06
N SER F 118 25.34 -25.55 -9.33
CA SER F 118 24.30 -24.82 -10.04
C SER F 118 22.96 -25.54 -9.94
N GLU F 119 21.91 -24.90 -10.48
CA GLU F 119 20.59 -25.50 -10.53
C GLU F 119 20.61 -26.82 -11.30
N ALA F 120 21.32 -26.83 -12.43
CA ALA F 120 21.36 -27.99 -13.31
C ALA F 120 22.18 -29.14 -12.73
N ASP F 121 23.27 -28.80 -12.05
CA ASP F 121 24.16 -29.81 -11.50
C ASP F 121 23.54 -30.50 -10.30
N MET F 122 22.83 -29.74 -9.47
CA MET F 122 22.15 -30.29 -8.30
C MET F 122 21.09 -31.30 -8.73
N LYS F 123 20.46 -31.02 -9.87
CA LYS F 123 19.44 -31.90 -10.42
C LYS F 123 20.05 -33.22 -10.91
N ARG F 124 21.26 -33.15 -11.43
CA ARG F 124 21.98 -34.35 -11.86
C ARG F 124 22.29 -35.23 -10.65
N VAL F 125 22.62 -34.59 -9.53
CA VAL F 125 22.88 -35.29 -8.28
C VAL F 125 21.64 -36.02 -7.82
N VAL F 126 20.50 -35.33 -7.86
CA VAL F 126 19.24 -35.85 -7.37
C VAL F 126 18.75 -37.07 -8.18
N LEU F 127 18.88 -36.99 -9.50
CA LEU F 127 18.46 -38.09 -10.37
C LEU F 127 19.23 -39.36 -10.06
N SER F 128 20.53 -39.21 -9.84
CA SER F 128 21.38 -40.33 -9.47
C SER F 128 20.92 -40.93 -8.13
N LEU F 129 20.43 -40.06 -7.25
CA LEU F 129 19.88 -40.48 -5.97
C LEU F 129 18.56 -41.22 -6.17
N VAL F 130 17.69 -40.66 -7.01
CA VAL F 130 16.39 -41.23 -7.29
C VAL F 130 16.52 -42.57 -8.00
N THR F 131 17.57 -42.71 -8.82
CA THR F 131 17.84 -43.97 -9.51
C THR F 131 18.02 -45.11 -8.51
N MET F 132 18.64 -44.80 -7.37
CA MET F 132 18.85 -45.79 -6.32
C MET F 132 17.58 -46.04 -5.51
N LEU F 133 16.78 -44.98 -5.33
CA LEU F 133 15.52 -45.11 -4.61
C LEU F 133 14.54 -45.97 -5.39
N HIS F 134 14.54 -45.81 -6.72
CA HIS F 134 13.69 -46.61 -7.59
C HIS F 134 14.12 -48.06 -7.62
N ASP F 135 15.42 -48.29 -7.40
CA ASP F 135 16.00 -49.62 -7.53
C ASP F 135 16.04 -50.39 -6.22
N ASN F 136 15.76 -49.71 -5.11
CA ASN F 136 15.87 -50.33 -3.79
C ASN F 136 14.62 -50.18 -2.93
N LYS F 137 14.30 -51.25 -2.19
CA LYS F 137 13.19 -51.22 -1.24
C LYS F 137 13.70 -50.78 0.13
N LEU F 138 13.44 -49.52 0.48
CA LEU F 138 13.97 -48.94 1.70
C LEU F 138 12.86 -48.35 2.56
N SER F 139 13.16 -48.17 3.84
CA SER F 139 12.24 -47.50 4.75
C SER F 139 12.78 -46.12 5.09
N LYS F 140 14.09 -45.96 4.93
CA LYS F 140 14.77 -44.73 5.30
C LYS F 140 15.90 -44.38 4.35
N LEU F 141 15.88 -43.15 3.85
CA LEU F 141 17.00 -42.59 3.11
C LEU F 141 17.69 -41.54 3.95
N THR F 142 19.01 -41.66 4.10
CA THR F 142 19.76 -40.67 4.84
C THR F 142 20.76 -39.97 3.91
N VAL F 143 20.69 -38.64 3.86
CA VAL F 143 21.54 -37.86 2.99
C VAL F 143 22.51 -37.01 3.80
N VAL F 144 23.80 -37.18 3.54
CA VAL F 144 24.83 -36.42 4.25
C VAL F 144 25.55 -35.46 3.31
N PHE F 145 25.45 -34.17 3.61
CA PHE F 145 26.03 -33.14 2.75
C PHE F 145 27.47 -32.82 3.12
N GLU F 146 28.41 -33.34 2.32
CA GLU F 146 29.81 -33.01 2.48
C GLU F 146 30.18 -31.90 1.50
N ILE F 147 29.18 -31.08 1.15
CA ILE F 147 29.35 -29.97 0.23
C ILE F 147 28.67 -28.71 0.77
N ASN F 148 28.85 -27.59 0.07
CA ASN F 148 28.25 -26.33 0.49
C ASN F 148 27.06 -25.92 -0.35
N VAL F 149 25.90 -25.80 0.30
CA VAL F 149 24.70 -25.25 -0.34
C VAL F 149 24.06 -24.23 0.58
N ASP F 150 23.26 -23.33 0.03
CA ASP F 150 22.51 -22.39 0.87
C ASP F 150 21.08 -22.89 1.08
N LYS F 151 20.30 -22.14 1.85
CA LYS F 151 18.93 -22.53 2.17
C LYS F 151 18.07 -22.70 0.93
N ASN F 152 18.26 -21.83 -0.05
CA ASN F 152 17.48 -21.87 -1.29
C ASN F 152 17.80 -23.11 -2.13
N LEU F 153 19.08 -23.44 -2.22
CA LEU F 153 19.52 -24.60 -2.98
C LEU F 153 19.16 -25.89 -2.25
N PHE F 154 19.13 -25.83 -0.92
CA PHE F 154 18.74 -26.98 -0.11
C PHE F 154 17.27 -27.30 -0.31
N ARG F 155 16.44 -26.26 -0.35
CA ARG F 155 15.02 -26.45 -0.60
C ARG F 155 14.82 -27.02 -2.01
N PHE F 156 15.58 -26.50 -2.96
CA PHE F 156 15.54 -26.97 -4.35
C PHE F 156 15.88 -28.45 -4.43
N PHE F 157 16.81 -28.89 -3.59
CA PHE F 157 17.21 -30.29 -3.54
C PHE F 157 16.02 -31.18 -3.16
N LEU F 158 15.36 -30.84 -2.07
CA LEU F 158 14.21 -31.59 -1.59
C LEU F 158 13.08 -31.62 -2.62
N GLU F 159 12.68 -30.43 -3.08
CA GLU F 159 11.65 -30.29 -4.12
C GLU F 159 11.90 -31.23 -5.29
N THR F 160 13.11 -31.13 -5.83
CA THR F 160 13.52 -31.95 -6.96
C THR F 160 13.50 -33.43 -6.57
N LEU F 161 14.02 -33.73 -5.39
CA LEU F 161 14.03 -35.10 -4.87
C LEU F 161 12.61 -35.64 -4.80
N PHE F 162 11.72 -34.87 -4.18
CA PHE F 162 10.32 -35.25 -4.06
C PHE F 162 9.67 -35.41 -5.43
N TYR F 163 9.93 -34.46 -6.32
CA TYR F 163 9.29 -34.44 -7.63
C TYR F 163 9.77 -35.58 -8.52
N GLU F 164 11.07 -35.82 -8.54
CA GLU F 164 11.63 -36.88 -9.38
C GLU F 164 11.34 -38.27 -8.81
N TYR F 165 11.15 -38.33 -7.49
CA TYR F 165 10.85 -39.58 -6.81
C TYR F 165 9.46 -40.08 -7.17
N MET F 166 8.48 -39.18 -7.06
CA MET F 166 7.09 -39.50 -7.32
C MET F 166 6.88 -39.96 -8.75
N THR F 167 5.98 -40.93 -8.94
CA THR F 167 5.68 -41.45 -10.26
C THR F 167 4.19 -41.33 -10.57
N ASP F 168 3.88 -40.83 -11.77
CA ASP F 168 2.50 -40.63 -12.20
C ASP F 168 1.94 -41.90 -12.85
N GLU F 169 1.02 -42.56 -12.16
CA GLU F 169 0.46 -43.82 -12.65
C GLU F 169 -1.07 -43.76 -12.77
N ARG F 170 -1.61 -42.55 -12.87
CA ARG F 170 -3.06 -42.36 -12.95
C ARG F 170 -3.69 -43.06 -14.15
N PHE F 171 -2.90 -43.23 -15.21
CA PHE F 171 -3.43 -43.77 -16.45
C PHE F 171 -2.91 -45.19 -16.71
N LYS F 172 -2.21 -45.74 -15.72
CA LYS F 172 -1.81 -47.14 -15.76
C LYS F 172 -2.93 -48.00 -15.20
N SER F 173 -3.17 -49.17 -15.78
CA SER F 173 -4.21 -50.06 -15.32
C SER F 173 -3.64 -51.12 -14.37
N GLU F 181 5.59 -48.57 -1.75
CA GLU F 181 6.93 -48.98 -2.13
C GLU F 181 7.94 -47.85 -1.94
N TYR F 182 7.46 -46.76 -1.33
CA TYR F 182 8.30 -45.58 -1.11
C TYR F 182 8.94 -45.62 0.28
N ILE F 183 9.97 -44.79 0.47
CA ILE F 183 10.56 -44.63 1.79
C ILE F 183 9.56 -43.95 2.72
N LYS F 184 9.70 -44.18 4.01
CA LYS F 184 8.80 -43.59 4.99
C LYS F 184 9.49 -42.49 5.77
N HIS F 185 10.82 -42.52 5.78
CA HIS F 185 11.60 -41.53 6.51
C HIS F 185 12.79 -41.02 5.70
N LEU F 186 13.05 -39.73 5.78
CA LEU F 186 14.22 -39.13 5.15
C LEU F 186 15.08 -38.44 6.19
N GLY F 187 16.35 -38.84 6.27
CA GLY F 187 17.30 -38.20 7.17
C GLY F 187 18.26 -37.31 6.42
N VAL F 188 18.49 -36.11 6.92
CA VAL F 188 19.43 -35.18 6.30
C VAL F 188 20.46 -34.70 7.30
N TYR F 189 21.73 -34.93 6.99
CA TYR F 189 22.83 -34.39 7.78
C TYR F 189 23.50 -33.23 7.06
N ILE F 190 23.54 -32.08 7.72
CA ILE F 190 24.10 -30.88 7.10
C ILE F 190 24.58 -29.91 8.16
N ASN F 191 25.60 -29.11 7.84
CA ASN F 191 26.13 -28.12 8.76
C ASN F 191 25.13 -27.00 8.99
N ASN F 192 25.06 -26.51 10.23
CA ASN F 192 24.08 -25.52 10.64
C ASN F 192 22.66 -25.99 10.29
N ALA F 193 22.32 -27.17 10.80
CA ALA F 193 21.06 -27.84 10.45
C ALA F 193 19.83 -27.02 10.76
N ASP F 194 19.84 -26.36 11.92
CA ASP F 194 18.69 -25.59 12.38
C ASP F 194 18.31 -24.48 11.41
N THR F 195 19.27 -24.05 10.60
CA THR F 195 19.03 -22.98 9.63
C THR F 195 18.30 -23.48 8.38
N TYR F 196 18.35 -24.80 8.15
CA TYR F 196 17.74 -25.39 6.97
C TYR F 196 16.38 -26.02 7.25
N LYS F 197 16.01 -26.11 8.52
CA LYS F 197 14.79 -26.79 8.93
C LYS F 197 13.53 -26.14 8.36
N GLU F 198 13.52 -24.82 8.31
CA GLU F 198 12.37 -24.07 7.83
C GLU F 198 12.08 -24.32 6.34
N GLU F 199 13.08 -24.85 5.64
CA GLU F 199 12.97 -25.08 4.20
C GLU F 199 12.22 -26.35 3.85
N VAL F 200 12.21 -27.32 4.77
CA VAL F 200 11.70 -28.66 4.49
C VAL F 200 10.23 -28.68 4.06
N GLU F 201 9.35 -28.07 4.85
CA GLU F 201 7.92 -28.11 4.55
C GLU F 201 7.57 -27.17 3.40
N LYS F 202 8.34 -26.09 3.26
CA LYS F 202 8.18 -25.20 2.12
C LYS F 202 8.48 -25.97 0.84
N ALA F 203 9.46 -26.86 0.93
CA ALA F 203 9.83 -27.72 -0.19
C ALA F 203 8.73 -28.72 -0.51
N ARG F 204 8.06 -29.23 0.53
CA ARG F 204 7.00 -30.20 0.33
C ARG F 204 5.78 -29.53 -0.31
N VAL F 205 5.59 -28.25 -0.02
CA VAL F 205 4.52 -27.48 -0.64
C VAL F 205 4.87 -27.20 -2.10
N TYR F 206 6.07 -26.67 -2.33
CA TYR F 206 6.54 -26.37 -3.68
C TYR F 206 6.54 -27.61 -4.55
N TYR F 207 6.83 -28.76 -3.95
CA TYR F 207 6.80 -30.03 -4.68
C TYR F 207 5.43 -30.31 -5.26
N PHE F 208 4.41 -30.31 -4.40
CA PHE F 208 3.08 -30.68 -4.86
C PHE F 208 2.52 -29.62 -5.81
N GLY F 209 2.90 -28.36 -5.58
CA GLY F 209 2.54 -27.29 -6.50
C GLY F 209 3.04 -27.64 -7.88
N THR F 210 4.30 -28.04 -7.97
CA THR F 210 4.90 -28.48 -9.22
C THR F 210 4.28 -29.77 -9.72
N TYR F 211 4.08 -30.73 -8.80
CA TYR F 211 3.55 -32.03 -9.19
C TYR F 211 2.08 -31.97 -9.60
N TYR F 212 1.30 -31.11 -8.94
CA TYR F 212 -0.09 -30.91 -9.34
C TYR F 212 -0.14 -30.33 -10.73
N ALA F 213 0.71 -29.35 -10.98
CA ALA F 213 0.80 -28.72 -12.30
C ALA F 213 1.18 -29.75 -13.36
N SER F 214 2.10 -30.64 -13.00
CA SER F 214 2.53 -31.70 -13.91
C SER F 214 1.39 -32.67 -14.21
N GLN F 215 0.55 -32.92 -13.21
CA GLN F 215 -0.60 -33.80 -13.39
C GLN F 215 -1.55 -33.28 -14.46
N LEU F 216 -1.80 -31.98 -14.42
CA LEU F 216 -2.69 -31.33 -15.39
C LEU F 216 -2.10 -31.37 -16.80
N ILE F 217 -0.83 -31.02 -16.92
CA ILE F 217 -0.15 -31.00 -18.20
C ILE F 217 -0.06 -32.39 -18.81
N ALA F 218 0.40 -33.35 -18.00
CA ALA F 218 0.55 -34.73 -18.45
C ALA F 218 -0.79 -35.33 -18.87
N ALA F 219 -1.86 -34.92 -18.18
CA ALA F 219 -3.20 -35.39 -18.50
C ALA F 219 -3.56 -35.09 -19.95
N PRO F 220 -3.93 -36.12 -20.71
CA PRO F 220 -4.29 -36.03 -22.13
C PRO F 220 -5.52 -35.18 -22.39
N SER F 221 -5.69 -34.74 -23.63
CA SER F 221 -6.72 -33.79 -23.99
C SER F 221 -8.14 -34.35 -23.93
N ASN F 222 -8.28 -35.67 -24.05
CA ASN F 222 -9.59 -36.28 -23.90
C ASN F 222 -10.00 -36.31 -22.43
N TYR F 223 -9.00 -36.35 -21.56
CA TYR F 223 -9.22 -36.22 -20.12
C TYR F 223 -9.26 -34.75 -19.71
N CYS F 224 -8.23 -34.01 -20.14
CA CYS F 224 -8.12 -32.60 -19.82
C CYS F 224 -8.64 -31.73 -20.95
N ASN F 225 -9.82 -31.15 -20.75
CA ASN F 225 -10.46 -30.28 -21.73
C ASN F 225 -10.94 -29.01 -21.01
N PRO F 226 -11.44 -28.00 -21.76
CA PRO F 226 -11.88 -26.76 -21.10
C PRO F 226 -12.85 -26.96 -19.93
N VAL F 227 -13.80 -27.88 -20.07
CA VAL F 227 -14.79 -28.10 -19.01
C VAL F 227 -14.17 -28.82 -17.81
N SER F 228 -13.41 -29.88 -18.07
CA SER F 228 -12.83 -30.69 -17.00
C SER F 228 -11.69 -29.96 -16.29
N LEU F 229 -11.03 -29.05 -17.00
CA LEU F 229 -9.94 -28.28 -16.40
C LEU F 229 -10.51 -27.17 -15.51
N SER F 230 -11.62 -26.58 -15.94
CA SER F 230 -12.28 -25.56 -15.16
C SER F 230 -12.90 -26.17 -13.91
N ASN F 231 -13.37 -27.41 -14.03
CA ASN F 231 -13.92 -28.13 -12.89
C ASN F 231 -12.85 -28.42 -11.84
N ALA F 232 -11.69 -28.86 -12.30
CA ALA F 232 -10.56 -29.15 -11.43
C ALA F 232 -10.12 -27.90 -10.68
N ALA F 233 -10.17 -26.77 -11.38
CA ALA F 233 -9.81 -25.48 -10.79
C ALA F 233 -10.75 -25.12 -9.65
N VAL F 234 -12.04 -25.39 -9.83
CA VAL F 234 -13.04 -25.12 -8.81
C VAL F 234 -12.80 -26.01 -7.60
N GLU F 235 -12.58 -27.30 -7.84
CA GLU F 235 -12.30 -28.26 -6.78
C GLU F 235 -11.09 -27.84 -5.96
N LEU F 236 -10.05 -27.36 -6.64
CA LEU F 236 -8.84 -26.88 -5.98
C LEU F 236 -9.14 -25.63 -5.17
N ALA F 237 -10.00 -24.77 -5.70
CA ALA F 237 -10.37 -23.54 -5.03
C ALA F 237 -11.15 -23.83 -3.75
N GLN F 238 -12.05 -24.82 -3.82
CA GLN F 238 -12.86 -25.20 -2.68
C GLN F 238 -12.01 -25.81 -1.57
N LYS F 239 -11.02 -26.62 -1.96
CA LYS F 239 -10.13 -27.26 -1.00
C LYS F 239 -9.18 -26.25 -0.36
N LEU F 240 -9.00 -25.11 -1.01
CA LEU F 240 -8.06 -24.10 -0.52
C LEU F 240 -8.77 -22.86 0.04
N ASN F 241 -10.10 -22.90 0.04
CA ASN F 241 -10.93 -21.78 0.47
C ASN F 241 -10.59 -20.49 -0.29
N LEU F 242 -10.51 -20.60 -1.61
CA LEU F 242 -10.26 -19.46 -2.47
C LEU F 242 -11.53 -19.07 -3.21
N GLU F 243 -11.80 -17.77 -3.33
CA GLU F 243 -12.92 -17.31 -4.12
C GLU F 243 -12.69 -17.73 -5.57
N TYR F 244 -13.74 -18.24 -6.21
CA TYR F 244 -13.61 -18.71 -7.59
C TYR F 244 -14.77 -18.26 -8.45
N LYS F 245 -14.60 -18.42 -9.76
CA LYS F 245 -15.54 -17.89 -10.73
C LYS F 245 -15.19 -18.44 -12.11
N ILE F 246 -16.14 -19.13 -12.73
CA ILE F 246 -15.92 -19.66 -14.08
C ILE F 246 -16.84 -18.98 -15.09
N LEU F 247 -16.26 -18.14 -15.93
CA LEU F 247 -17.02 -17.43 -16.95
C LEU F 247 -17.38 -18.36 -18.10
N GLY F 248 -18.65 -18.38 -18.47
CA GLY F 248 -19.11 -19.21 -19.57
C GLY F 248 -19.31 -18.40 -20.83
N VAL F 249 -19.61 -19.08 -21.94
CA VAL F 249 -19.79 -18.45 -23.24
C VAL F 249 -20.72 -17.24 -23.20
N LYS F 250 -21.79 -17.34 -22.42
CA LYS F 250 -22.77 -16.27 -22.31
C LYS F 250 -22.17 -15.00 -21.73
N GLU F 251 -21.43 -15.12 -20.64
CA GLU F 251 -20.80 -13.97 -20.01
C GLU F 251 -19.63 -13.45 -20.85
N LEU F 252 -18.97 -14.37 -21.55
CA LEU F 252 -17.84 -14.03 -22.40
C LEU F 252 -18.30 -13.17 -23.58
N GLU F 253 -19.50 -13.44 -24.08
CA GLU F 253 -20.07 -12.65 -25.16
C GLU F 253 -20.45 -11.26 -24.68
N GLU F 254 -21.04 -11.18 -23.48
CA GLU F 254 -21.40 -9.91 -22.88
C GLU F 254 -20.18 -9.06 -22.59
N LEU F 255 -19.05 -9.72 -22.39
CA LEU F 255 -17.78 -9.03 -22.16
C LEU F 255 -17.04 -8.82 -23.48
N LYS F 256 -17.63 -9.34 -24.56
CA LYS F 256 -17.15 -9.12 -25.92
C LYS F 256 -15.73 -9.62 -26.16
N MET F 257 -15.37 -10.73 -25.54
CA MET F 257 -14.05 -11.31 -25.74
C MET F 257 -13.99 -12.10 -27.06
N GLY F 258 -14.06 -11.36 -28.17
CA GLY F 258 -14.13 -11.97 -29.49
C GLY F 258 -12.90 -12.75 -29.91
N ALA F 259 -11.73 -12.28 -29.51
CA ALA F 259 -10.48 -12.96 -29.84
C ALA F 259 -10.42 -14.32 -29.16
N TYR F 260 -10.69 -14.33 -27.85
CA TYR F 260 -10.70 -15.55 -27.07
C TYR F 260 -11.80 -16.51 -27.55
N LEU F 261 -12.97 -15.97 -27.85
CA LEU F 261 -14.09 -16.79 -28.29
C LEU F 261 -13.89 -17.36 -29.68
N SER F 262 -13.20 -16.63 -30.54
CA SER F 262 -12.94 -17.08 -31.91
C SER F 262 -12.11 -18.37 -31.91
N VAL F 263 -11.10 -18.41 -31.05
CA VAL F 263 -10.19 -19.54 -30.96
C VAL F 263 -10.92 -20.84 -30.61
N GLY F 264 -11.93 -20.73 -29.74
CA GLY F 264 -12.63 -21.91 -29.26
C GLY F 264 -13.88 -22.29 -30.06
N LYS F 265 -14.15 -21.54 -31.14
CA LYS F 265 -15.34 -21.78 -31.95
C LYS F 265 -15.38 -23.19 -32.55
N GLY F 266 -14.22 -23.73 -32.88
CA GLY F 266 -14.16 -25.03 -33.53
C GLY F 266 -14.18 -26.21 -32.59
N SER F 267 -14.17 -25.95 -31.29
CA SER F 267 -14.13 -27.02 -30.30
C SER F 267 -15.52 -27.48 -29.89
N MET F 268 -15.63 -28.75 -29.53
CA MET F 268 -16.87 -29.31 -29.02
C MET F 268 -17.05 -28.95 -27.55
N TYR F 269 -15.99 -28.41 -26.95
CA TYR F 269 -16.01 -27.99 -25.55
C TYR F 269 -16.16 -26.47 -25.46
N PRO F 270 -17.15 -26.01 -24.69
CA PRO F 270 -17.37 -24.57 -24.48
C PRO F 270 -16.17 -23.91 -23.81
N ASN F 271 -15.91 -22.65 -24.14
CA ASN F 271 -14.84 -21.92 -23.49
C ASN F 271 -15.12 -21.74 -22.00
N LYS F 272 -14.07 -21.70 -21.20
CA LYS F 272 -14.20 -21.50 -19.76
C LYS F 272 -13.10 -20.57 -19.25
N PHE F 273 -13.48 -19.35 -18.89
CA PHE F 273 -12.52 -18.43 -18.29
C PHE F 273 -12.40 -18.74 -16.80
N ILE F 274 -11.18 -19.05 -16.35
CA ILE F 274 -10.96 -19.38 -14.96
C ILE F 274 -10.53 -18.15 -14.17
N HIS F 275 -11.28 -17.83 -13.11
CA HIS F 275 -10.89 -16.74 -12.22
C HIS F 275 -10.88 -17.23 -10.77
N LEU F 276 -9.67 -17.37 -10.25
CA LEU F 276 -9.46 -17.68 -8.83
C LEU F 276 -8.79 -16.48 -8.20
N THR F 277 -9.11 -16.18 -6.95
CA THR F 277 -8.46 -15.06 -6.28
C THR F 277 -8.15 -15.35 -4.81
N TYR F 278 -7.03 -14.82 -4.36
CA TYR F 278 -6.58 -14.97 -2.99
C TYR F 278 -6.30 -13.61 -2.38
N LYS F 279 -6.97 -13.31 -1.28
CA LYS F 279 -6.69 -12.09 -0.53
C LYS F 279 -5.99 -12.46 0.77
N SER F 280 -4.91 -11.76 1.09
CA SER F 280 -4.19 -12.01 2.32
C SER F 280 -4.90 -11.36 3.51
N LYS F 281 -4.68 -11.92 4.70
CA LYS F 281 -5.25 -11.35 5.91
C LYS F 281 -4.59 -10.01 6.22
N GLY F 282 -5.38 -9.06 6.69
CA GLY F 282 -4.86 -7.75 7.04
C GLY F 282 -4.80 -6.81 5.86
N ASP F 283 -4.08 -5.71 6.02
CA ASP F 283 -3.95 -4.70 4.98
C ASP F 283 -3.20 -5.23 3.76
N VAL F 284 -3.72 -4.94 2.58
CA VAL F 284 -3.12 -5.41 1.34
C VAL F 284 -2.23 -4.35 0.70
N LYS F 285 -0.98 -4.71 0.46
CA LYS F 285 -0.01 -3.78 -0.14
C LYS F 285 -0.04 -3.88 -1.67
N LYS F 286 0.26 -5.06 -2.19
CA LYS F 286 0.35 -5.26 -3.63
C LYS F 286 -0.79 -6.11 -4.18
N LYS F 287 -1.26 -5.74 -5.37
CA LYS F 287 -2.30 -6.48 -6.07
C LYS F 287 -1.73 -7.09 -7.34
N ILE F 288 -1.83 -8.40 -7.48
CA ILE F 288 -1.20 -9.09 -8.61
C ILE F 288 -2.21 -9.95 -9.38
N ALA F 289 -2.06 -9.97 -10.70
CA ALA F 289 -2.86 -10.85 -11.53
C ALA F 289 -1.96 -11.78 -12.34
N LEU F 290 -2.04 -13.08 -12.07
CA LEU F 290 -1.27 -14.07 -12.80
C LEU F 290 -2.11 -14.69 -13.91
N VAL F 291 -1.61 -14.63 -15.13
CA VAL F 291 -2.36 -15.10 -16.30
C VAL F 291 -1.66 -16.28 -16.96
N GLY F 292 -2.41 -17.33 -17.24
CA GLY F 292 -1.85 -18.51 -17.87
C GLY F 292 -2.52 -18.86 -19.19
N LYS F 293 -1.72 -19.26 -20.17
CA LYS F 293 -2.27 -19.77 -21.42
C LYS F 293 -2.92 -21.13 -21.17
N GLY F 294 -4.18 -21.26 -21.55
CA GLY F 294 -4.93 -22.47 -21.25
C GLY F 294 -5.54 -23.15 -22.45
N ILE F 295 -4.71 -23.49 -23.44
CA ILE F 295 -5.19 -24.26 -24.58
C ILE F 295 -5.01 -25.75 -24.31
N THR F 296 -6.12 -26.44 -24.04
CA THR F 296 -6.08 -27.84 -23.62
C THR F 296 -5.55 -28.75 -24.72
N PHE F 297 -5.76 -28.37 -25.98
CA PHE F 297 -5.10 -29.02 -27.10
C PHE F 297 -4.97 -28.05 -28.27
N ASP F 298 -3.76 -27.98 -28.84
CA ASP F 298 -3.50 -27.06 -29.94
C ASP F 298 -3.21 -27.82 -31.23
N SER F 299 -4.25 -28.06 -32.01
CA SER F 299 -4.10 -28.71 -33.30
C SER F 299 -3.48 -27.74 -34.30
N GLY F 300 -3.62 -26.45 -34.01
CA GLY F 300 -3.11 -25.41 -34.88
C GLY F 300 -4.22 -24.76 -35.68
N GLY F 301 -5.43 -25.31 -35.58
CA GLY F 301 -6.55 -24.84 -36.36
C GLY F 301 -6.34 -25.18 -37.82
N TYR F 302 -6.90 -24.37 -38.71
CA TYR F 302 -6.75 -24.62 -40.14
C TYR F 302 -5.30 -24.47 -40.59
N ASN F 303 -4.52 -23.74 -39.80
CA ASN F 303 -3.07 -23.78 -39.94
C ASN F 303 -2.55 -25.01 -39.21
N LEU F 304 -3.02 -26.16 -39.65
CA LEU F 304 -2.74 -27.44 -39.00
C LEU F 304 -1.25 -27.69 -38.79
N LYS F 305 -0.91 -28.32 -37.66
CA LYS F 305 0.46 -28.71 -37.38
C LYS F 305 0.83 -29.98 -38.14
N ALA F 306 1.17 -29.82 -39.41
CA ALA F 306 1.50 -30.95 -40.26
C ALA F 306 2.95 -30.92 -40.71
N ALA F 307 3.61 -29.78 -40.48
CA ALA F 307 5.02 -29.62 -40.83
C ALA F 307 5.88 -30.53 -39.97
N PRO F 308 7.02 -30.97 -40.51
CA PRO F 308 7.95 -31.81 -39.74
C PRO F 308 8.46 -31.10 -38.50
N GLY F 309 8.29 -31.72 -37.33
CA GLY F 309 8.74 -31.14 -36.08
C GLY F 309 7.72 -30.22 -35.44
N SER F 310 6.51 -30.22 -35.98
CA SER F 310 5.43 -29.40 -35.41
C SER F 310 4.96 -30.00 -34.08
N MET F 311 5.27 -31.27 -33.88
CA MET F 311 5.04 -31.96 -32.60
C MET F 311 3.59 -31.91 -32.12
N ILE F 312 2.67 -32.33 -32.99
CA ILE F 312 1.24 -32.24 -32.68
C ILE F 312 0.84 -33.22 -31.57
N ASP F 313 1.68 -34.24 -31.34
CA ASP F 313 1.39 -35.25 -30.32
C ASP F 313 1.73 -34.74 -28.92
N LEU F 314 2.27 -33.53 -28.85
CA LEU F 314 2.72 -32.95 -27.59
C LEU F 314 1.75 -31.87 -27.10
N MET F 315 0.93 -31.36 -28.02
CA MET F 315 0.15 -30.15 -27.78
C MET F 315 -0.94 -30.27 -26.72
N LYS F 316 -0.88 -31.32 -25.91
CA LYS F 316 -1.65 -31.39 -24.68
C LYS F 316 -0.97 -30.53 -23.62
N PHE F 317 0.26 -30.14 -23.91
CA PHE F 317 1.08 -29.37 -22.99
C PHE F 317 0.84 -27.87 -23.14
N ASP F 318 -0.08 -27.50 -24.03
CA ASP F 318 -0.31 -26.10 -24.36
C ASP F 318 -1.14 -25.37 -23.31
N MET F 319 -1.31 -25.99 -22.15
CA MET F 319 -1.97 -25.36 -21.02
C MET F 319 -1.04 -25.34 -19.81
N SER F 320 0.26 -25.40 -20.07
CA SER F 320 1.27 -25.40 -19.02
C SER F 320 1.27 -24.09 -18.23
N GLY F 321 1.04 -22.99 -18.93
CA GLY F 321 0.95 -21.69 -18.30
C GLY F 321 -0.17 -21.66 -17.30
N CYS F 322 -1.32 -22.17 -17.71
CA CYS F 322 -2.48 -22.31 -16.83
C CYS F 322 -2.17 -23.21 -15.65
N ALA F 323 -1.50 -24.32 -15.95
CA ALA F 323 -1.16 -25.31 -14.92
C ALA F 323 -0.20 -24.74 -13.89
N ALA F 324 0.77 -23.95 -14.37
CA ALA F 324 1.71 -23.29 -13.47
C ALA F 324 1.00 -22.30 -12.56
N VAL F 325 0.03 -21.61 -13.12
CA VAL F 325 -0.77 -20.64 -12.37
C VAL F 325 -1.63 -21.34 -11.31
N LEU F 326 -2.26 -22.44 -11.70
CA LEU F 326 -3.04 -23.24 -10.76
C LEU F 326 -2.14 -23.87 -9.69
N GLY F 327 -0.96 -24.29 -10.09
CA GLY F 327 0.00 -24.85 -9.16
C GLY F 327 0.47 -23.79 -8.18
N CYS F 328 0.57 -22.56 -8.66
CA CYS F 328 0.93 -21.43 -7.82
C CYS F 328 -0.20 -21.12 -6.85
N ALA F 329 -1.44 -21.31 -7.32
CA ALA F 329 -2.61 -21.10 -6.50
C ALA F 329 -2.61 -22.05 -5.31
N TYR F 330 -2.11 -23.26 -5.50
CA TYR F 330 -1.98 -24.21 -4.41
C TYR F 330 -0.93 -23.74 -3.42
N CYS F 331 0.23 -23.37 -3.92
CA CYS F 331 1.35 -22.96 -3.08
C CYS F 331 1.00 -21.73 -2.24
N VAL F 332 0.43 -20.72 -2.88
CA VAL F 332 -0.01 -19.52 -2.19
C VAL F 332 -1.12 -19.83 -1.20
N GLY F 333 -2.12 -20.60 -1.65
CA GLY F 333 -3.24 -20.96 -0.82
C GLY F 333 -2.85 -21.74 0.43
N THR F 334 -1.76 -22.50 0.33
CA THR F 334 -1.28 -23.31 1.45
C THR F 334 -0.38 -22.51 2.38
N LEU F 335 0.62 -21.85 1.80
CA LEU F 335 1.58 -21.08 2.59
C LEU F 335 0.96 -19.81 3.16
N LYS F 336 -0.08 -19.34 2.50
CA LYS F 336 -0.82 -18.15 2.92
C LYS F 336 0.07 -16.93 3.20
N PRO F 337 0.67 -16.35 2.13
CA PRO F 337 1.48 -15.14 2.28
C PRO F 337 0.61 -13.96 2.69
N GLU F 338 1.22 -12.89 3.18
CA GLU F 338 0.42 -11.79 3.73
C GLU F 338 0.61 -10.46 2.99
N ASN F 339 -0.37 -9.57 3.17
CA ASN F 339 -0.39 -8.25 2.56
C ASN F 339 -0.29 -8.29 1.04
N VAL F 340 -1.00 -9.23 0.43
CA VAL F 340 -0.98 -9.38 -1.02
C VAL F 340 -2.28 -9.98 -1.54
N GLU F 341 -2.74 -9.48 -2.69
CA GLU F 341 -3.95 -9.99 -3.33
C GLU F 341 -3.61 -10.50 -4.73
N ILE F 342 -3.93 -11.76 -5.00
CA ILE F 342 -3.59 -12.37 -6.28
C ILE F 342 -4.82 -12.87 -7.03
N HIS F 343 -4.87 -12.60 -8.33
CA HIS F 343 -5.90 -13.14 -9.20
C HIS F 343 -5.30 -14.16 -10.17
N PHE F 344 -5.70 -15.41 -10.03
CA PHE F 344 -5.22 -16.47 -10.90
C PHE F 344 -6.16 -16.61 -12.10
N LEU F 345 -5.70 -16.16 -13.27
CA LEU F 345 -6.53 -16.13 -14.46
C LEU F 345 -6.06 -17.08 -15.55
N SER F 346 -7.02 -17.56 -16.35
CA SER F 346 -6.70 -18.39 -17.50
C SER F 346 -7.91 -18.52 -18.43
N ALA F 347 -7.80 -17.93 -19.62
CA ALA F 347 -8.81 -18.09 -20.65
C ALA F 347 -8.65 -19.45 -21.31
N VAL F 348 -9.48 -20.41 -20.90
CA VAL F 348 -9.30 -21.80 -21.33
C VAL F 348 -10.20 -22.18 -22.51
N CYS F 349 -9.57 -22.75 -23.53
CA CYS F 349 -10.30 -23.24 -24.70
C CYS F 349 -9.47 -24.31 -25.41
N GLU F 350 -9.93 -24.73 -26.58
CA GLU F 350 -9.26 -25.79 -27.33
C GLU F 350 -9.26 -25.46 -28.83
N ASN F 351 -8.07 -25.41 -29.41
CA ASN F 351 -7.91 -24.99 -30.80
C ASN F 351 -8.05 -26.15 -31.78
N MET F 352 -9.23 -26.30 -32.36
CA MET F 352 -9.55 -27.47 -33.18
C MET F 352 -9.89 -27.15 -34.63
N VAL F 353 -10.04 -28.19 -35.43
CA VAL F 353 -10.43 -28.04 -36.83
C VAL F 353 -11.87 -28.52 -37.01
N SER F 354 -12.72 -27.64 -37.52
CA SER F 354 -14.15 -27.92 -37.66
C SER F 354 -14.79 -27.01 -38.68
N LYS F 355 -16.08 -27.23 -38.95
CA LYS F 355 -16.83 -26.33 -39.81
C LYS F 355 -17.05 -25.00 -39.11
N ASN F 356 -16.90 -25.02 -37.78
CA ASN F 356 -17.16 -23.84 -36.96
C ASN F 356 -15.89 -23.07 -36.60
N SER F 357 -14.75 -23.58 -37.06
CA SER F 357 -13.47 -22.97 -36.72
C SER F 357 -13.31 -21.57 -37.31
N TYR F 358 -12.44 -20.76 -36.71
CA TYR F 358 -12.11 -19.46 -37.29
C TYR F 358 -11.06 -19.69 -38.36
N ARG F 359 -11.11 -18.89 -39.41
CA ARG F 359 -10.26 -19.08 -40.58
C ARG F 359 -9.06 -18.15 -40.58
N PRO F 360 -8.00 -18.54 -41.30
CA PRO F 360 -6.93 -17.58 -41.58
C PRO F 360 -7.48 -16.42 -42.42
N GLY F 361 -7.23 -15.19 -41.98
CA GLY F 361 -7.74 -14.03 -42.68
C GLY F 361 -8.90 -13.37 -41.95
N ASP F 362 -9.52 -14.11 -41.04
CA ASP F 362 -10.64 -13.60 -40.25
C ASP F 362 -10.27 -12.35 -39.46
N ILE F 363 -11.15 -11.35 -39.48
CA ILE F 363 -10.96 -10.17 -38.65
C ILE F 363 -11.92 -10.22 -37.47
N ILE F 364 -11.34 -10.19 -36.28
CA ILE F 364 -12.07 -10.36 -35.03
C ILE F 364 -11.85 -9.18 -34.11
N THR F 365 -12.77 -8.97 -33.18
CA THR F 365 -12.69 -7.81 -32.30
C THR F 365 -12.41 -8.21 -30.84
N ALA F 366 -11.28 -7.76 -30.33
CA ALA F 366 -10.92 -8.00 -28.93
C ALA F 366 -11.86 -7.22 -28.01
N SER F 367 -11.85 -7.58 -26.72
CA SER F 367 -12.79 -7.00 -25.77
C SER F 367 -12.53 -5.52 -25.49
N ASN F 368 -11.39 -5.00 -25.94
CA ASN F 368 -11.09 -3.59 -25.76
C ASN F 368 -11.42 -2.78 -27.02
N GLY F 369 -11.92 -3.46 -28.04
CA GLY F 369 -12.38 -2.80 -29.24
C GLY F 369 -11.46 -2.95 -30.45
N LYS F 370 -10.20 -3.28 -30.19
CA LYS F 370 -9.21 -3.41 -31.26
C LYS F 370 -9.51 -4.59 -32.17
N THR F 371 -9.58 -4.34 -33.47
CA THR F 371 -9.81 -5.38 -34.45
C THR F 371 -8.50 -6.07 -34.83
N ILE F 372 -8.55 -7.39 -34.97
CA ILE F 372 -7.37 -8.18 -35.23
C ILE F 372 -7.50 -9.00 -36.51
N GLU F 373 -6.54 -8.84 -37.41
CA GLU F 373 -6.50 -9.66 -38.62
C GLU F 373 -5.69 -10.94 -38.38
N VAL F 374 -6.38 -12.07 -38.41
CA VAL F 374 -5.73 -13.36 -38.16
C VAL F 374 -4.95 -13.84 -39.38
N GLY F 375 -3.64 -13.97 -39.24
CA GLY F 375 -2.81 -14.47 -40.31
C GLY F 375 -2.41 -15.92 -40.09
N ASN F 376 -2.63 -16.40 -38.87
CA ASN F 376 -2.24 -17.76 -38.51
C ASN F 376 -3.04 -18.27 -37.31
N THR F 377 -3.82 -19.33 -37.53
CA THR F 377 -4.67 -19.88 -36.48
C THR F 377 -3.85 -20.62 -35.41
N ASP F 378 -2.61 -20.96 -35.76
CA ASP F 378 -1.74 -21.68 -34.83
C ASP F 378 -1.06 -20.72 -33.86
N ALA F 379 -1.28 -19.42 -34.08
CA ALA F 379 -0.83 -18.41 -33.14
C ALA F 379 -2.00 -17.97 -32.28
N GLU F 380 -2.69 -18.95 -31.70
CA GLU F 380 -3.94 -18.69 -30.99
C GLU F 380 -3.72 -18.22 -29.55
N GLY F 381 -2.56 -18.54 -28.99
CA GLY F 381 -2.26 -18.20 -27.61
C GLY F 381 -2.36 -16.71 -27.32
N ARG F 382 -1.79 -15.91 -28.21
CA ARG F 382 -1.79 -14.46 -28.04
C ARG F 382 -3.21 -13.90 -28.18
N LEU F 383 -4.04 -14.58 -28.95
CA LEU F 383 -5.43 -14.16 -29.13
C LEU F 383 -6.19 -14.31 -27.82
N THR F 384 -6.05 -15.46 -27.19
CA THR F 384 -6.70 -15.73 -25.91
C THR F 384 -6.10 -14.85 -24.82
N LEU F 385 -4.77 -14.69 -24.85
CA LEU F 385 -4.07 -13.87 -23.86
C LEU F 385 -4.46 -12.41 -23.97
N ALA F 386 -4.79 -11.97 -25.19
CA ALA F 386 -5.18 -10.58 -25.43
C ALA F 386 -6.41 -10.21 -24.60
N ASP F 387 -7.45 -11.03 -24.68
CA ASP F 387 -8.68 -10.78 -23.96
C ASP F 387 -8.52 -11.01 -22.45
N ALA F 388 -7.63 -11.94 -22.10
CA ALA F 388 -7.34 -12.21 -20.69
C ALA F 388 -6.63 -11.01 -20.07
N LEU F 389 -5.69 -10.44 -20.81
CA LEU F 389 -4.94 -9.27 -20.34
C LEU F 389 -5.84 -8.06 -20.16
N VAL F 390 -6.81 -7.90 -21.05
CA VAL F 390 -7.78 -6.82 -20.94
C VAL F 390 -8.64 -7.02 -19.69
N TYR F 391 -9.04 -8.27 -19.46
CA TYR F 391 -9.78 -8.64 -18.27
C TYR F 391 -8.95 -8.40 -17.01
N ALA F 392 -7.65 -8.64 -17.12
CA ALA F 392 -6.74 -8.52 -15.97
C ALA F 392 -6.53 -7.06 -15.58
N GLU F 393 -6.41 -6.18 -16.56
CA GLU F 393 -6.15 -4.77 -16.29
C GLU F 393 -7.35 -4.09 -15.63
N LYS F 394 -8.54 -4.56 -15.96
CA LYS F 394 -9.76 -4.00 -15.39
C LYS F 394 -9.93 -4.40 -13.93
N LEU F 395 -9.14 -5.37 -13.47
CA LEU F 395 -9.16 -5.79 -12.07
C LEU F 395 -8.44 -4.78 -11.18
N GLY F 396 -7.70 -3.86 -11.79
CA GLY F 396 -6.99 -2.84 -11.07
C GLY F 396 -5.86 -3.38 -10.22
N VAL F 397 -5.01 -4.19 -10.82
CA VAL F 397 -3.88 -4.79 -10.12
C VAL F 397 -2.61 -3.96 -10.29
N ASP F 398 -1.60 -4.26 -9.49
CA ASP F 398 -0.34 -3.53 -9.56
C ASP F 398 0.64 -4.21 -10.52
N TYR F 399 0.52 -5.54 -10.64
CA TYR F 399 1.36 -6.30 -11.54
C TYR F 399 0.56 -7.35 -12.31
N ILE F 400 0.70 -7.35 -13.62
CA ILE F 400 0.19 -8.44 -14.44
C ILE F 400 1.36 -9.28 -14.94
N VAL F 401 1.34 -10.57 -14.64
CA VAL F 401 2.36 -11.47 -15.14
C VAL F 401 1.70 -12.65 -15.85
N ASP F 402 1.97 -12.78 -17.15
CA ASP F 402 1.44 -13.92 -17.89
C ASP F 402 2.53 -14.93 -18.18
N ILE F 403 2.16 -16.21 -18.17
CA ILE F 403 3.09 -17.29 -18.46
C ILE F 403 2.45 -18.18 -19.53
N ALA F 404 3.21 -18.52 -20.57
CA ALA F 404 2.61 -19.17 -21.74
C ALA F 404 3.61 -19.93 -22.60
N THR F 405 3.17 -21.07 -23.10
CA THR F 405 3.90 -21.79 -24.14
C THR F 405 3.61 -21.13 -25.48
N LEU F 406 4.07 -19.89 -25.63
CA LEU F 406 3.62 -19.04 -26.72
C LEU F 406 4.30 -19.33 -28.06
N THR F 407 5.63 -19.23 -28.11
CA THR F 407 6.34 -19.34 -29.38
C THR F 407 7.42 -20.42 -29.41
N GLY F 408 7.39 -21.25 -30.44
CA GLY F 408 8.37 -22.31 -30.61
C GLY F 408 9.77 -21.81 -30.91
N ALA F 409 9.90 -20.51 -31.18
CA ALA F 409 11.20 -19.92 -31.47
C ALA F 409 12.07 -19.86 -30.22
N MET F 410 11.45 -20.05 -29.05
CA MET F 410 12.17 -20.09 -27.79
C MET F 410 13.18 -21.24 -27.77
N LEU F 411 12.87 -22.29 -28.52
CA LEU F 411 13.75 -23.45 -28.65
C LEU F 411 15.06 -23.08 -29.34
N TYR F 412 15.05 -21.97 -30.07
CA TYR F 412 16.23 -21.55 -30.82
C TYR F 412 16.97 -20.39 -30.14
N SER F 413 16.32 -19.75 -29.16
CA SER F 413 16.92 -18.62 -28.48
C SER F 413 17.58 -19.04 -27.16
N LEU F 414 16.78 -19.55 -26.24
CA LEU F 414 17.29 -19.95 -24.93
C LEU F 414 17.37 -21.46 -24.77
N GLY F 415 16.52 -22.17 -25.53
CA GLY F 415 16.53 -23.61 -25.49
C GLY F 415 15.57 -24.20 -24.49
N THR F 416 15.90 -25.39 -23.99
CA THR F 416 14.99 -26.16 -23.15
C THR F 416 15.23 -25.96 -21.65
N SER F 417 16.23 -25.15 -21.31
CA SER F 417 16.56 -24.93 -19.90
C SER F 417 16.06 -23.58 -19.39
N TYR F 418 16.29 -22.53 -20.17
CA TYR F 418 15.96 -21.17 -19.76
C TYR F 418 14.68 -20.64 -20.39
N ALA F 419 13.77 -20.14 -19.56
CA ALA F 419 12.59 -19.45 -20.05
C ALA F 419 12.93 -17.99 -20.32
N GLY F 420 12.12 -17.33 -21.14
CA GLY F 420 12.37 -15.94 -21.47
C GLY F 420 11.30 -15.01 -20.92
N VAL F 421 11.72 -13.86 -20.40
CA VAL F 421 10.76 -12.88 -19.88
C VAL F 421 10.82 -11.58 -20.68
N PHE F 422 9.63 -11.07 -21.02
CA PHE F 422 9.50 -9.81 -21.73
C PHE F 422 8.64 -8.89 -20.86
N GLY F 423 8.78 -7.58 -21.02
CA GLY F 423 8.02 -6.67 -20.18
C GLY F 423 8.06 -5.20 -20.54
N ASN F 424 7.09 -4.45 -20.02
CA ASN F 424 7.00 -3.02 -20.24
C ASN F 424 7.52 -2.21 -19.05
N ASN F 425 8.16 -2.90 -18.11
CA ASN F 425 8.58 -2.28 -16.87
C ASN F 425 9.83 -2.93 -16.27
N GLU F 426 10.89 -2.14 -16.15
CA GLU F 426 12.18 -2.65 -15.69
C GLU F 426 12.12 -3.23 -14.27
N GLU F 427 11.35 -2.57 -13.40
CA GLU F 427 11.24 -2.99 -12.01
C GLU F 427 10.64 -4.38 -11.90
N LEU F 428 9.56 -4.61 -12.63
CA LEU F 428 8.88 -5.91 -12.61
C LEU F 428 9.78 -7.02 -13.14
N ILE F 429 10.51 -6.72 -14.22
CA ILE F 429 11.45 -7.67 -14.81
C ILE F 429 12.48 -8.13 -13.77
N ASN F 430 13.08 -7.16 -13.09
CA ASN F 430 14.10 -7.44 -12.07
C ASN F 430 13.55 -8.29 -10.93
N LYS F 431 12.28 -8.08 -10.59
CA LYS F 431 11.63 -8.90 -9.58
C LYS F 431 11.49 -10.34 -10.05
N ILE F 432 11.12 -10.51 -11.32
CA ILE F 432 11.01 -11.84 -11.92
C ILE F 432 12.37 -12.52 -11.96
N LEU F 433 13.39 -11.78 -12.39
CA LEU F 433 14.74 -12.31 -12.45
C LEU F 433 15.26 -12.67 -11.05
N GLN F 434 14.79 -11.93 -10.05
CA GLN F 434 15.14 -12.22 -8.66
C GLN F 434 14.42 -13.47 -8.18
N SER F 435 13.15 -13.59 -8.55
CA SER F 435 12.36 -14.78 -8.24
C SER F 435 12.97 -16.00 -8.92
N SER F 436 13.63 -15.76 -10.05
CA SER F 436 14.26 -16.82 -10.82
C SER F 436 15.46 -17.42 -10.10
N LYS F 437 16.15 -16.60 -9.33
CA LYS F 437 17.39 -17.03 -8.68
C LYS F 437 17.14 -17.73 -7.34
N THR F 438 16.07 -17.35 -6.65
CA THR F 438 15.74 -17.97 -5.38
C THR F 438 14.93 -19.25 -5.57
N SER F 439 14.20 -19.34 -6.68
CA SER F 439 13.41 -20.52 -6.98
C SER F 439 14.21 -21.55 -7.76
N ASN F 440 15.35 -21.12 -8.28
CA ASN F 440 16.20 -21.95 -9.15
C ASN F 440 15.44 -22.46 -10.39
N GLU F 441 14.51 -21.66 -10.88
CA GLU F 441 13.91 -21.89 -12.18
C GLU F 441 14.42 -20.80 -13.13
N PRO F 442 15.39 -21.18 -13.99
CA PRO F 442 16.17 -20.22 -14.78
C PRO F 442 15.33 -19.43 -15.79
N VAL F 443 15.54 -18.11 -15.78
CA VAL F 443 14.79 -17.20 -16.63
C VAL F 443 15.72 -16.13 -17.20
N TRP F 444 15.64 -15.89 -18.51
CA TRP F 444 16.49 -14.87 -19.12
C TRP F 444 15.67 -13.75 -19.74
N TRP F 445 16.13 -12.52 -19.53
CA TRP F 445 15.42 -11.33 -20.00
C TRP F 445 15.71 -11.05 -21.47
N LEU F 446 14.65 -10.95 -22.26
CA LEU F 446 14.75 -10.65 -23.68
C LEU F 446 14.05 -9.33 -23.99
N PRO F 447 14.51 -8.61 -25.03
CA PRO F 447 13.97 -7.27 -25.29
C PRO F 447 12.70 -7.25 -26.12
N ILE F 448 11.82 -6.30 -25.81
CA ILE F 448 10.71 -5.98 -26.70
C ILE F 448 11.17 -4.89 -27.64
N ILE F 449 11.59 -5.28 -28.84
CA ILE F 449 12.18 -4.36 -29.80
C ILE F 449 11.11 -3.58 -30.56
N ASN F 450 10.97 -2.29 -30.24
CA ASN F 450 9.92 -1.45 -30.79
C ASN F 450 10.01 -1.23 -32.30
N GLU F 451 11.19 -1.45 -32.86
CA GLU F 451 11.39 -1.24 -34.30
C GLU F 451 10.59 -2.27 -35.12
N TYR F 452 10.21 -3.37 -34.48
CA TYR F 452 9.47 -4.43 -35.15
C TYR F 452 7.96 -4.19 -35.14
N ARG F 453 7.53 -3.18 -34.38
CA ARG F 453 6.10 -2.91 -34.19
C ARG F 453 5.36 -2.65 -35.51
N ALA F 454 6.06 -2.04 -36.47
CA ALA F 454 5.46 -1.67 -37.74
C ALA F 454 4.95 -2.87 -38.54
N THR F 455 5.46 -4.05 -38.23
CA THR F 455 5.09 -5.27 -38.93
C THR F 455 3.71 -5.78 -38.52
N LEU F 456 3.17 -5.21 -37.44
CA LEU F 456 1.86 -5.60 -36.96
C LEU F 456 0.77 -4.69 -37.52
N ASN F 457 1.18 -3.72 -38.34
CA ASN F 457 0.23 -2.80 -38.97
C ASN F 457 -0.63 -3.49 -40.03
N SER F 458 -1.87 -3.80 -39.67
CA SER F 458 -2.79 -4.40 -40.62
C SER F 458 -3.32 -3.36 -41.60
N LYS F 459 -3.44 -3.76 -42.86
CA LYS F 459 -4.01 -2.89 -43.88
C LYS F 459 -5.48 -2.61 -43.59
N TYR F 460 -6.18 -3.60 -43.07
CA TYR F 460 -7.62 -3.52 -42.91
C TYR F 460 -8.07 -3.41 -41.45
N ALA F 461 -7.47 -4.22 -40.58
CA ALA F 461 -7.81 -4.16 -39.16
C ALA F 461 -6.89 -3.20 -38.42
N ASP F 462 -7.12 -3.07 -37.12
CA ASP F 462 -6.30 -2.20 -36.29
C ASP F 462 -4.89 -2.76 -36.14
N ILE F 463 -4.78 -4.08 -36.11
CA ILE F 463 -3.50 -4.72 -35.90
C ILE F 463 -3.44 -6.14 -36.50
N ASN F 464 -2.27 -6.52 -36.97
CA ASN F 464 -2.02 -7.89 -37.40
C ASN F 464 -1.77 -8.80 -36.20
N GLN F 465 -2.36 -9.99 -36.22
CA GLN F 465 -2.12 -10.99 -35.20
C GLN F 465 -0.64 -11.37 -35.18
N ILE F 466 -0.11 -11.69 -36.37
CA ILE F 466 1.28 -12.09 -36.50
C ILE F 466 2.03 -11.17 -37.46
N SER F 467 3.29 -11.50 -37.71
CA SER F 467 4.10 -10.75 -38.65
C SER F 467 4.41 -11.57 -39.90
N SER F 468 4.00 -11.07 -41.06
CA SER F 468 4.31 -11.72 -42.32
C SER F 468 5.76 -11.42 -42.69
N SER F 469 6.65 -12.24 -42.12
CA SER F 469 8.10 -12.11 -42.20
C SER F 469 8.68 -12.98 -41.11
N VAL F 470 7.95 -13.04 -40.01
CA VAL F 470 8.42 -13.62 -38.75
C VAL F 470 9.72 -12.97 -38.34
N LYS F 471 10.77 -13.79 -38.19
CA LYS F 471 12.06 -13.34 -37.64
C LYS F 471 11.86 -12.73 -36.26
N ALA F 472 12.13 -13.53 -35.24
CA ALA F 472 11.89 -13.22 -33.83
C ALA F 472 10.40 -13.22 -33.50
N SER F 473 9.79 -14.40 -33.59
CA SER F 473 8.37 -14.58 -33.28
C SER F 473 8.07 -14.27 -31.82
N SER F 474 9.01 -14.61 -30.95
CA SER F 474 8.84 -14.39 -29.51
C SER F 474 8.81 -12.90 -29.17
N ILE F 475 9.53 -12.10 -29.95
CA ILE F 475 9.55 -10.66 -29.75
C ILE F 475 8.30 -10.02 -30.36
N VAL F 476 7.94 -10.45 -31.56
CA VAL F 476 6.75 -9.93 -32.23
C VAL F 476 5.49 -10.21 -31.41
N ALA F 477 5.41 -11.42 -30.86
CA ALA F 477 4.28 -11.81 -30.04
C ALA F 477 4.19 -10.95 -28.78
N SER F 478 5.35 -10.57 -28.25
CA SER F 478 5.41 -9.70 -27.08
C SER F 478 4.92 -8.30 -27.43
N LEU F 479 5.25 -7.86 -28.64
CA LEU F 479 4.76 -6.57 -29.15
C LEU F 479 3.24 -6.59 -29.25
N PHE F 480 2.71 -7.74 -29.63
CA PHE F 480 1.26 -7.90 -29.77
C PHE F 480 0.57 -7.83 -28.41
N LEU F 481 1.08 -8.60 -27.45
CA LEU F 481 0.51 -8.64 -26.11
C LEU F 481 0.57 -7.29 -25.42
N LYS F 482 1.64 -6.54 -25.71
CA LYS F 482 1.85 -5.22 -25.12
C LYS F 482 0.74 -4.24 -25.51
N GLU F 483 0.15 -4.47 -26.69
CA GLU F 483 -0.91 -3.61 -27.21
C GLU F 483 -2.18 -3.70 -26.38
N PHE F 484 -2.32 -4.75 -25.58
CA PHE F 484 -3.53 -4.96 -24.80
C PHE F 484 -3.30 -4.70 -23.32
N VAL F 485 -2.19 -4.04 -23.02
CA VAL F 485 -1.91 -3.54 -21.67
C VAL F 485 -1.54 -2.07 -21.76
N GLN F 486 -2.41 -1.20 -21.24
CA GLN F 486 -2.28 0.23 -21.50
C GLN F 486 -1.58 1.02 -20.40
N ASN F 487 -1.76 0.64 -19.14
CA ASN F 487 -1.21 1.43 -18.05
C ASN F 487 -0.89 0.64 -16.78
N THR F 488 -0.42 -0.59 -16.94
CA THR F 488 0.00 -1.40 -15.81
C THR F 488 1.33 -2.07 -16.11
N ALA F 489 2.18 -2.21 -15.10
CA ALA F 489 3.41 -2.97 -15.24
C ALA F 489 3.07 -4.41 -15.59
N TRP F 490 3.70 -4.93 -16.63
CA TRP F 490 3.33 -6.23 -17.18
C TRP F 490 4.54 -7.02 -17.65
N ALA F 491 4.59 -8.30 -17.30
CA ALA F 491 5.69 -9.18 -17.70
C ALA F 491 5.15 -10.41 -18.42
N HIS F 492 5.97 -10.98 -19.30
CA HIS F 492 5.55 -12.10 -20.13
C HIS F 492 6.60 -13.20 -20.17
N ILE F 493 6.26 -14.36 -19.63
CA ILE F 493 7.19 -15.48 -19.57
C ILE F 493 6.86 -16.53 -20.65
N ASP F 494 7.75 -16.67 -21.62
CA ASP F 494 7.56 -17.64 -22.69
C ASP F 494 8.20 -18.97 -22.31
N ILE F 495 7.37 -19.95 -21.97
CA ILE F 495 7.86 -21.24 -21.48
C ILE F 495 7.67 -22.36 -22.50
N ALA F 496 7.58 -21.99 -23.77
CA ALA F 496 7.36 -22.97 -24.82
C ALA F 496 8.48 -24.00 -24.91
N GLY F 497 9.71 -23.57 -24.61
CA GLY F 497 10.86 -24.44 -24.72
C GLY F 497 11.19 -25.23 -23.47
N VAL F 498 10.79 -24.72 -22.31
CA VAL F 498 11.18 -25.31 -21.03
C VAL F 498 10.10 -26.16 -20.38
N SER F 499 8.88 -26.09 -20.90
CA SER F 499 7.74 -26.75 -20.27
C SER F 499 7.88 -28.27 -20.22
N TRP F 500 8.39 -28.86 -21.29
CA TRP F 500 8.46 -30.31 -21.40
C TRP F 500 9.88 -30.85 -21.28
N ASN F 501 10.04 -31.88 -20.44
CA ASN F 501 11.31 -32.60 -20.33
C ASN F 501 11.32 -33.77 -21.29
N PHE F 502 12.15 -33.68 -22.33
CA PHE F 502 12.18 -34.70 -23.37
C PHE F 502 13.04 -35.89 -22.97
N LYS F 503 13.95 -35.67 -22.02
CA LYS F 503 14.80 -36.75 -21.51
C LYS F 503 13.98 -37.75 -20.70
N ALA F 504 13.06 -37.24 -19.89
CA ALA F 504 12.26 -38.08 -19.00
C ALA F 504 10.85 -38.31 -19.52
N ARG F 505 10.51 -37.64 -20.63
CA ARG F 505 9.19 -37.77 -21.26
C ARG F 505 8.05 -37.37 -20.31
N LYS F 506 8.18 -36.23 -19.66
CA LYS F 506 7.19 -35.77 -18.71
C LYS F 506 7.26 -34.25 -18.51
N PRO F 507 6.20 -33.65 -17.94
CA PRO F 507 6.25 -32.21 -17.67
C PRO F 507 7.27 -31.85 -16.60
N LYS F 508 7.72 -30.61 -16.59
CA LYS F 508 8.59 -30.11 -15.54
C LYS F 508 7.78 -29.42 -14.45
N GLY F 509 6.56 -29.02 -14.80
CA GLY F 509 5.75 -28.19 -13.94
C GLY F 509 6.45 -26.85 -13.76
N PHE F 510 6.99 -26.34 -14.86
CA PHE F 510 7.82 -25.15 -14.83
C PHE F 510 7.02 -23.88 -14.55
N GLY F 511 7.54 -23.05 -13.65
CA GLY F 511 6.93 -21.76 -13.37
C GLY F 511 6.20 -21.69 -12.04
N VAL F 512 5.85 -22.84 -11.48
CA VAL F 512 5.10 -22.89 -10.23
C VAL F 512 5.87 -22.22 -9.10
N ARG F 513 7.10 -22.68 -8.89
CA ARG F 513 7.94 -22.14 -7.83
C ARG F 513 8.41 -20.73 -8.16
N LEU F 514 8.62 -20.47 -9.45
CA LEU F 514 8.98 -19.14 -9.93
C LEU F 514 7.93 -18.11 -9.55
N LEU F 515 6.68 -18.39 -9.93
CA LEU F 515 5.57 -17.50 -9.66
C LEU F 515 5.33 -17.34 -8.16
N THR F 516 5.50 -18.42 -7.41
CA THR F 516 5.28 -18.38 -5.97
C THR F 516 6.34 -17.53 -5.26
N GLU F 517 7.60 -17.70 -5.64
CA GLU F 517 8.68 -16.89 -5.10
C GLU F 517 8.44 -15.42 -5.39
N PHE F 518 7.74 -15.14 -6.49
CA PHE F 518 7.44 -13.78 -6.89
C PHE F 518 6.46 -13.08 -5.95
N VAL F 519 5.37 -13.76 -5.60
CA VAL F 519 4.38 -13.17 -4.70
C VAL F 519 4.87 -13.20 -3.26
N LEU F 520 5.76 -14.14 -2.95
CA LEU F 520 6.25 -14.31 -1.59
C LEU F 520 7.32 -13.27 -1.23
N ASN F 521 8.08 -12.83 -2.23
CA ASN F 521 9.18 -11.91 -1.99
C ASN F 521 8.77 -10.44 -2.08
N ASP F 522 7.68 -10.17 -2.79
CA ASP F 522 7.21 -8.80 -2.97
C ASP F 522 6.59 -8.25 -1.69
N ALA G 4 30.97 51.96 45.31
CA ALA G 4 29.88 51.69 44.38
C ALA G 4 30.20 50.49 43.49
N SER G 5 29.17 49.72 43.15
CA SER G 5 29.35 48.52 42.35
C SER G 5 28.62 48.62 41.02
N GLU G 6 28.92 47.70 40.11
CA GLU G 6 28.20 47.61 38.84
C GLU G 6 26.87 46.87 39.04
N VAL G 7 25.79 47.46 38.53
CA VAL G 7 24.50 46.81 38.56
C VAL G 7 24.39 45.83 37.39
N PRO G 8 24.11 44.55 37.69
CA PRO G 8 23.96 43.54 36.65
C PRO G 8 22.71 43.76 35.80
N GLN G 9 22.76 43.29 34.54
CA GLN G 9 21.65 43.45 33.62
C GLN G 9 21.31 42.14 32.91
N VAL G 10 20.03 41.94 32.61
CA VAL G 10 19.63 40.82 31.77
C VAL G 10 19.58 41.30 30.32
N VAL G 11 19.16 42.55 30.14
CA VAL G 11 19.23 43.22 28.85
C VAL G 11 19.85 44.60 29.04
N SER G 12 20.38 45.16 27.95
CA SER G 12 21.05 46.45 28.01
C SER G 12 20.09 47.57 28.39
N LEU G 13 18.79 47.31 28.22
CA LEU G 13 17.77 48.30 28.53
C LEU G 13 17.41 48.31 30.01
N ASP G 14 17.98 47.37 30.77
CA ASP G 14 17.81 47.37 32.22
C ASP G 14 18.54 48.55 32.84
N PRO G 15 17.81 49.37 33.62
CA PRO G 15 18.39 50.54 34.29
C PRO G 15 19.55 50.16 35.22
N THR G 16 20.53 51.04 35.34
CA THR G 16 21.71 50.76 36.16
C THR G 16 21.86 51.74 37.32
N SER G 17 20.82 52.53 37.56
CA SER G 17 20.81 53.45 38.70
C SER G 17 19.40 53.92 39.04
N ILE G 18 19.21 54.34 40.29
CA ILE G 18 17.97 54.97 40.70
C ILE G 18 18.02 56.46 40.40
N PRO G 19 17.07 56.97 39.63
CA PRO G 19 17.03 58.42 39.41
C PRO G 19 16.66 59.15 40.69
N ILE G 20 17.57 60.00 41.17
CA ILE G 20 17.32 60.76 42.38
C ILE G 20 17.30 62.26 42.09
N GLU G 21 16.20 62.91 42.44
CA GLU G 21 16.09 64.35 42.30
C GLU G 21 16.45 65.02 43.61
N TYR G 22 17.62 65.63 43.66
CA TYR G 22 18.10 66.29 44.87
C TYR G 22 17.57 67.72 44.96
N ASN G 23 17.81 68.50 43.92
CA ASN G 23 17.35 69.87 43.86
C ASN G 23 15.88 69.95 43.44
N THR G 24 14.98 69.96 44.41
CA THR G 24 13.55 70.04 44.14
C THR G 24 13.12 71.49 44.01
N PRO G 25 12.02 71.76 43.27
CA PRO G 25 11.45 73.10 43.17
C PRO G 25 11.14 73.70 44.55
N ILE G 26 10.85 72.84 45.52
CA ILE G 26 10.61 73.27 46.89
C ILE G 26 11.81 74.02 47.46
N HIS G 27 13.01 73.58 47.07
CA HIS G 27 14.24 74.19 47.56
C HIS G 27 14.49 75.58 46.96
N ASP G 28 13.76 75.92 45.91
CA ASP G 28 13.89 77.23 45.27
C ASP G 28 12.98 78.25 45.94
N ILE G 29 11.98 77.78 46.67
CA ILE G 29 11.01 78.66 47.31
C ILE G 29 11.62 79.47 48.45
N LYS G 30 11.65 80.79 48.28
CA LYS G 30 12.07 81.69 49.36
C LYS G 30 10.92 81.83 50.35
N VAL G 31 11.19 81.49 51.61
CA VAL G 31 10.15 81.55 52.64
C VAL G 31 10.33 82.76 53.53
N GLN G 32 9.29 83.58 53.63
CA GLN G 32 9.31 84.75 54.48
C GLN G 32 8.21 84.68 55.54
N VAL G 33 8.59 84.82 56.80
CA VAL G 33 7.64 84.76 57.90
C VAL G 33 7.47 86.14 58.55
N TYR G 34 6.22 86.58 58.67
CA TYR G 34 5.92 87.88 59.28
C TYR G 34 4.98 87.71 60.47
N ASP G 35 4.99 88.70 61.36
CA ASP G 35 4.07 88.69 62.49
C ASP G 35 2.74 89.32 62.07
N ILE G 36 1.64 88.71 62.50
CA ILE G 36 0.30 89.17 62.13
C ILE G 36 0.04 90.59 62.67
N LYS G 37 0.58 90.88 63.84
CA LYS G 37 0.41 92.20 64.48
C LYS G 37 0.79 93.36 63.57
N GLY G 38 1.70 93.10 62.64
CA GLY G 38 2.16 94.13 61.72
C GLY G 38 1.19 94.41 60.58
N GLY G 39 0.18 93.55 60.45
CA GLY G 39 -0.79 93.69 59.38
C GLY G 39 -0.39 92.90 58.15
N CYS G 40 -1.36 92.53 57.33
CA CYS G 40 -1.11 91.70 56.16
C CYS G 40 -1.10 92.49 54.86
N ASN G 41 0.00 92.38 54.12
CA ASN G 41 0.07 92.97 52.78
C ASN G 41 -0.45 91.98 51.74
N VAL G 42 -1.44 92.42 50.96
CA VAL G 42 -2.03 91.56 49.93
C VAL G 42 -1.68 92.08 48.54
N GLU G 43 -0.81 91.36 47.84
CA GLU G 43 -0.41 91.75 46.50
C GLU G 43 -0.45 90.56 45.54
N GLU G 44 0.62 90.38 44.77
CA GLU G 44 0.64 89.34 43.74
C GLU G 44 0.54 87.94 44.36
N GLY G 45 0.14 86.98 43.53
CA GLY G 45 0.00 85.61 43.98
C GLY G 45 -1.35 85.34 44.61
N LEU G 46 -1.36 84.44 45.59
CA LEU G 46 -2.60 84.06 46.27
C LEU G 46 -2.45 84.14 47.78
N THR G 47 -3.32 84.91 48.42
CA THR G 47 -3.30 85.06 49.87
C THR G 47 -4.42 84.26 50.51
N ILE G 48 -4.05 83.22 51.27
CA ILE G 48 -5.03 82.34 51.88
C ILE G 48 -5.11 82.51 53.40
N PHE G 49 -6.33 82.62 53.91
CA PHE G 49 -6.56 82.75 55.34
C PHE G 49 -7.00 81.43 55.96
N LEU G 50 -6.24 80.94 56.93
CA LEU G 50 -6.64 79.75 57.68
C LEU G 50 -7.54 80.16 58.83
N VAL G 51 -8.83 79.84 58.72
CA VAL G 51 -9.80 80.28 59.73
C VAL G 51 -10.58 79.12 60.33
N ASN G 52 -11.05 79.33 61.56
CA ASN G 52 -11.96 78.39 62.21
C ASN G 52 -13.04 79.14 62.99
N ASN G 53 -13.96 78.40 63.59
CA ASN G 53 -14.94 78.98 64.48
C ASN G 53 -15.21 78.03 65.63
N PRO G 54 -14.46 78.18 66.74
CA PRO G 54 -14.50 77.30 67.92
C PRO G 54 -15.90 77.07 68.44
N GLY G 55 -16.30 75.80 68.54
CA GLY G 55 -17.61 75.44 69.03
C GLY G 55 -18.65 75.42 67.93
N LYS G 56 -18.74 76.50 67.17
CA LYS G 56 -19.73 76.63 66.11
C LYS G 56 -19.38 75.77 64.90
N GLU G 57 -19.90 74.55 64.87
CA GLU G 57 -19.72 73.65 63.73
C GLU G 57 -20.28 74.28 62.47
N ASN G 58 -19.45 74.35 61.43
CA ASN G 58 -19.80 74.99 60.17
C ASN G 58 -20.26 76.43 60.37
N GLY G 59 -19.67 77.09 61.36
CA GLY G 59 -20.00 78.47 61.67
C GLY G 59 -19.46 79.43 60.62
N PRO G 60 -19.85 80.71 60.71
CA PRO G 60 -19.48 81.73 59.74
C PRO G 60 -17.98 82.06 59.73
N VAL G 61 -17.49 82.52 58.59
CA VAL G 61 -16.09 82.91 58.44
C VAL G 61 -15.87 84.35 58.91
N LYS G 62 -14.88 84.53 59.79
CA LYS G 62 -14.51 85.86 60.25
C LYS G 62 -13.00 86.07 60.17
N ILE G 63 -12.58 87.05 59.37
CA ILE G 63 -11.17 87.40 59.26
C ILE G 63 -10.80 88.42 60.34
N SER G 64 -9.88 88.04 61.22
CA SER G 64 -9.55 88.86 62.38
C SER G 64 -8.27 89.68 62.20
N SER G 65 -7.40 89.24 61.28
CA SER G 65 -6.13 89.91 61.07
C SER G 65 -6.29 91.27 60.40
N LYS G 66 -5.42 92.21 60.75
CA LYS G 66 -5.41 93.50 60.09
C LYS G 66 -4.84 93.36 58.69
N VAL G 67 -5.57 93.88 57.71
CA VAL G 67 -5.11 93.84 56.33
C VAL G 67 -4.82 95.25 55.85
N ASN G 68 -3.55 95.53 55.56
CA ASN G 68 -3.11 96.87 55.20
C ASN G 68 -3.54 97.27 53.80
N ASP G 69 -4.84 97.32 53.58
CA ASP G 69 -5.43 97.72 52.32
C ASP G 69 -6.89 98.07 52.52
N LYS G 70 -7.27 99.30 52.19
CA LYS G 70 -8.64 99.76 52.40
C LYS G 70 -9.64 98.92 51.62
N GLN G 71 -9.31 98.64 50.37
CA GLN G 71 -10.17 97.83 49.50
C GLN G 71 -10.33 96.41 50.00
N VAL G 72 -9.21 95.72 50.19
CA VAL G 72 -9.22 94.32 50.61
C VAL G 72 -9.92 94.12 51.95
N SER G 73 -9.69 95.04 52.89
CA SER G 73 -10.31 94.98 54.20
C SER G 73 -11.82 95.08 54.11
N GLU G 74 -12.31 96.03 53.29
CA GLU G 74 -13.74 96.20 53.06
C GLU G 74 -14.35 94.93 52.48
N PHE G 75 -13.62 94.30 51.56
CA PHE G 75 -14.04 93.05 50.95
C PHE G 75 -14.14 91.94 51.98
N LEU G 76 -13.16 91.89 52.87
CA LEU G 76 -13.08 90.82 53.87
C LEU G 76 -13.76 91.19 55.18
N LYS G 77 -14.72 92.11 55.13
CA LYS G 77 -15.45 92.50 56.33
C LYS G 77 -16.44 91.41 56.73
N ASP G 78 -16.87 91.45 57.99
CA ASP G 78 -17.71 90.39 58.56
C ASP G 78 -19.01 90.18 57.79
N GLU G 79 -19.62 91.27 57.34
CA GLU G 79 -20.89 91.20 56.60
C GLU G 79 -20.75 90.42 55.30
N ASN G 80 -19.57 90.54 54.68
CA ASN G 80 -19.33 89.90 53.39
C ASN G 80 -18.88 88.45 53.51
N MET G 81 -18.35 88.07 54.68
CA MET G 81 -17.77 86.74 54.84
C MET G 81 -18.69 85.76 55.57
N GLU G 82 -19.82 86.25 56.07
CA GLU G 82 -20.70 85.43 56.88
C GLU G 82 -21.47 84.40 56.05
N LYS G 83 -21.52 84.60 54.73
CA LYS G 83 -22.19 83.65 53.85
C LYS G 83 -21.38 82.36 53.74
N PHE G 84 -20.09 82.46 54.01
CA PHE G 84 -19.19 81.30 53.94
C PHE G 84 -19.00 80.69 55.32
N ASN G 85 -18.64 79.41 55.36
CA ASN G 85 -18.51 78.69 56.62
C ASN G 85 -17.14 78.02 56.80
N VAL G 86 -16.85 77.63 58.03
CA VAL G 86 -15.51 77.13 58.40
C VAL G 86 -15.40 75.61 58.40
N LYS G 87 -16.28 74.93 57.68
CA LYS G 87 -16.25 73.47 57.61
C LYS G 87 -14.87 72.99 57.19
N LEU G 88 -14.30 72.06 57.95
CA LEU G 88 -12.93 71.61 57.74
C LEU G 88 -12.69 71.13 56.30
N GLY G 89 -11.80 71.83 55.61
CA GLY G 89 -11.46 71.46 54.24
C GLY G 89 -12.12 72.35 53.20
N THR G 90 -13.10 73.14 53.61
CA THR G 90 -13.79 74.04 52.71
C THR G 90 -12.84 75.17 52.28
N SER G 91 -12.98 75.62 51.04
CA SER G 91 -12.14 76.69 50.52
C SER G 91 -12.87 77.54 49.50
N LYS G 92 -12.50 78.82 49.44
CA LYS G 92 -13.11 79.74 48.48
C LYS G 92 -12.06 80.66 47.86
N HIS G 93 -12.33 81.09 46.63
CA HIS G 93 -11.44 82.02 45.94
C HIS G 93 -12.07 83.39 45.81
N PHE G 94 -11.30 84.43 46.10
CA PHE G 94 -11.77 85.81 45.98
C PHE G 94 -10.94 86.57 44.94
N TYR G 95 -11.61 87.46 44.21
CA TYR G 95 -10.95 88.30 43.22
C TYR G 95 -11.39 89.75 43.38
N MET G 96 -10.42 90.66 43.55
CA MET G 96 -10.73 92.05 43.80
C MET G 96 -9.56 92.96 43.42
N PHE G 97 -9.81 94.27 43.45
CA PHE G 97 -8.77 95.25 43.18
C PHE G 97 -8.36 95.96 44.46
N ASN G 98 -7.06 96.13 44.67
CA ASN G 98 -6.55 96.71 45.91
C ASN G 98 -6.39 98.22 45.83
N ASP G 99 -5.76 98.80 46.85
CA ASP G 99 -5.62 100.26 46.96
C ASP G 99 -4.80 100.87 45.82
N ASN G 100 -3.88 100.10 45.26
CA ASN G 100 -3.08 100.57 44.13
C ASN G 100 -3.71 100.18 42.80
N LYS G 101 -5.00 99.84 42.84
CA LYS G 101 -5.78 99.47 41.65
C LYS G 101 -5.20 98.25 40.93
N ASN G 102 -4.64 97.32 41.69
CA ASN G 102 -4.11 96.09 41.12
C ASN G 102 -4.98 94.87 41.42
N SER G 103 -4.97 93.91 40.51
CA SER G 103 -5.73 92.68 40.68
C SER G 103 -5.06 91.73 41.67
N VAL G 104 -5.77 91.40 42.74
CA VAL G 104 -5.23 90.48 43.74
C VAL G 104 -6.12 89.25 43.92
N ALA G 105 -5.50 88.13 44.30
CA ALA G 105 -6.22 86.91 44.58
C ALA G 105 -6.16 86.59 46.06
N VAL G 106 -7.34 86.41 46.67
CA VAL G 106 -7.44 86.12 48.09
C VAL G 106 -8.35 84.90 48.28
N GLY G 107 -8.30 84.27 49.45
CA GLY G 107 -9.16 83.15 49.75
C GLY G 107 -8.99 82.65 51.17
N TYR G 108 -9.62 81.53 51.48
CA TYR G 108 -9.50 80.94 52.81
C TYR G 108 -9.66 79.43 52.76
N VAL G 109 -9.12 78.75 53.78
CA VAL G 109 -9.35 77.33 53.98
C VAL G 109 -9.96 77.11 55.36
N GLY G 110 -11.11 76.44 55.39
CA GLY G 110 -11.79 76.17 56.65
C GLY G 110 -11.02 75.18 57.50
N CYS G 111 -10.90 75.49 58.79
CA CYS G 111 -10.15 74.64 59.71
C CYS G 111 -11.03 74.06 60.81
N GLY G 112 -12.34 74.03 60.56
CA GLY G 112 -13.27 73.36 61.46
C GLY G 112 -13.73 74.18 62.65
N SER G 113 -14.23 73.49 63.67
CA SER G 113 -14.77 74.13 64.87
C SER G 113 -13.99 73.71 66.12
N VAL G 114 -12.85 73.07 65.92
CA VAL G 114 -11.97 72.71 67.03
C VAL G 114 -10.75 73.62 67.02
N ALA G 115 -10.39 74.14 68.20
CA ALA G 115 -9.26 75.07 68.31
C ALA G 115 -7.91 74.37 68.17
N ASP G 116 -7.85 73.12 68.63
CA ASP G 116 -6.62 72.34 68.53
C ASP G 116 -6.74 71.29 67.44
N LEU G 117 -6.17 71.59 66.26
CA LEU G 117 -6.22 70.68 65.13
C LEU G 117 -5.29 69.48 65.34
N SER G 118 -5.79 68.30 64.99
CA SER G 118 -4.96 67.09 65.03
C SER G 118 -4.09 67.02 63.79
N GLU G 119 -3.20 66.03 63.75
CA GLU G 119 -2.32 65.85 62.60
C GLU G 119 -3.10 65.49 61.34
N ALA G 120 -4.14 64.68 61.50
CA ALA G 120 -4.98 64.28 60.37
C ALA G 120 -5.79 65.46 59.85
N ASP G 121 -6.31 66.28 60.77
CA ASP G 121 -7.08 67.46 60.41
C ASP G 121 -6.22 68.45 59.64
N MET G 122 -4.99 68.65 60.11
CA MET G 122 -4.06 69.56 59.47
C MET G 122 -3.69 69.08 58.07
N LYS G 123 -3.67 67.76 57.88
CA LYS G 123 -3.38 67.19 56.58
C LYS G 123 -4.54 67.44 55.62
N ARG G 124 -5.75 67.48 56.16
CA ARG G 124 -6.92 67.81 55.36
C ARG G 124 -6.89 69.26 54.93
N VAL G 125 -6.40 70.12 55.83
CA VAL G 125 -6.26 71.55 55.55
C VAL G 125 -5.21 71.76 54.46
N VAL G 126 -4.10 71.03 54.56
CA VAL G 126 -3.00 71.16 53.60
C VAL G 126 -3.39 70.70 52.21
N LEU G 127 -3.98 69.50 52.12
CA LEU G 127 -4.44 68.97 50.84
C LEU G 127 -5.43 69.92 50.19
N SER G 128 -6.30 70.52 51.01
CA SER G 128 -7.24 71.51 50.54
C SER G 128 -6.52 72.74 50.00
N LEU G 129 -5.41 73.09 50.67
CA LEU G 129 -4.60 74.23 50.27
C LEU G 129 -3.82 73.92 48.99
N VAL G 130 -3.41 72.67 48.84
CA VAL G 130 -2.59 72.25 47.71
C VAL G 130 -3.40 72.24 46.40
N THR G 131 -4.69 71.89 46.49
CA THR G 131 -5.55 71.89 45.32
C THR G 131 -5.77 73.31 44.79
N MET G 132 -5.52 74.30 45.65
CA MET G 132 -5.58 75.70 45.24
C MET G 132 -4.32 76.11 44.51
N LEU G 133 -3.22 75.39 44.76
CA LEU G 133 -1.96 75.65 44.09
C LEU G 133 -1.89 74.91 42.77
N HIS G 134 -2.65 73.83 42.66
CA HIS G 134 -2.69 73.04 41.43
C HIS G 134 -3.58 73.68 40.38
N ASP G 135 -3.17 73.56 39.13
CA ASP G 135 -3.89 74.14 37.99
C ASP G 135 -4.06 75.66 38.12
N ASN G 136 -3.12 76.29 38.81
CA ASN G 136 -3.09 77.74 38.91
C ASN G 136 -1.66 78.25 38.92
N LYS G 137 -1.27 78.95 37.86
CA LYS G 137 0.09 79.44 37.73
C LYS G 137 0.33 80.65 38.65
N LEU G 138 0.79 80.36 39.86
CA LEU G 138 1.07 81.39 40.84
C LEU G 138 2.57 81.57 41.03
N SER G 139 2.98 82.78 41.39
CA SER G 139 4.38 83.06 41.67
C SER G 139 4.61 83.12 43.16
N LYS G 140 3.54 83.37 43.91
CA LYS G 140 3.61 83.51 45.36
C LYS G 140 2.37 82.96 46.04
N LEU G 141 2.56 82.29 47.17
CA LEU G 141 1.46 81.93 48.05
C LEU G 141 1.67 82.60 49.40
N THR G 142 0.61 83.20 49.93
CA THR G 142 0.68 83.82 51.24
C THR G 142 -0.35 83.21 52.18
N VAL G 143 0.12 82.66 53.29
CA VAL G 143 -0.76 82.00 54.24
C VAL G 143 -0.85 82.77 55.55
N VAL G 144 -2.07 83.06 55.97
CA VAL G 144 -2.29 83.79 57.22
C VAL G 144 -2.91 82.88 58.28
N PHE G 145 -2.12 82.54 59.29
CA PHE G 145 -2.58 81.67 60.36
C PHE G 145 -3.48 82.39 61.35
N GLU G 146 -4.79 82.23 61.20
CA GLU G 146 -5.73 82.73 62.19
C GLU G 146 -6.21 81.56 63.04
N ILE G 147 -5.45 80.47 62.99
CA ILE G 147 -5.64 79.33 63.88
C ILE G 147 -4.41 79.22 64.78
N ASN G 148 -4.61 78.74 66.01
CA ASN G 148 -3.51 78.66 66.95
C ASN G 148 -2.83 77.29 66.91
N VAL G 149 -1.57 77.27 66.50
CA VAL G 149 -0.79 76.04 66.41
C VAL G 149 0.49 76.16 67.23
N ASP G 150 1.09 75.03 67.59
CA ASP G 150 2.39 75.06 68.25
C ASP G 150 3.50 74.96 67.21
N LYS G 151 4.74 74.95 67.67
CA LYS G 151 5.88 74.97 66.76
C LYS G 151 6.00 73.67 65.97
N ASN G 152 5.64 72.55 66.60
CA ASN G 152 5.66 71.27 65.92
C ASN G 152 4.62 71.18 64.81
N LEU G 153 3.39 71.59 65.13
CA LEU G 153 2.29 71.54 64.16
C LEU G 153 2.53 72.54 63.03
N PHE G 154 3.16 73.67 63.36
CA PHE G 154 3.52 74.65 62.34
C PHE G 154 4.53 74.06 61.38
N ARG G 155 5.57 73.44 61.93
CA ARG G 155 6.59 72.79 61.14
C ARG G 155 5.97 71.66 60.30
N PHE G 156 5.08 70.89 60.92
CA PHE G 156 4.38 69.82 60.25
C PHE G 156 3.60 70.33 59.05
N PHE G 157 2.92 71.46 59.23
CA PHE G 157 2.17 72.10 58.15
C PHE G 157 3.06 72.37 56.94
N LEU G 158 4.22 72.97 57.20
CA LEU G 158 5.17 73.28 56.13
C LEU G 158 5.65 72.00 55.44
N GLU G 159 6.12 71.04 56.23
CA GLU G 159 6.58 69.75 55.72
C GLU G 159 5.54 69.09 54.83
N THR G 160 4.31 69.02 55.33
CA THR G 160 3.21 68.39 54.62
C THR G 160 2.86 69.18 53.36
N LEU G 161 2.86 70.50 53.47
CA LEU G 161 2.63 71.37 52.32
C LEU G 161 3.69 71.11 51.27
N PHE G 162 4.96 71.21 51.67
CA PHE G 162 6.08 70.94 50.78
C PHE G 162 5.97 69.57 50.14
N TYR G 163 5.51 68.59 50.92
CA TYR G 163 5.47 67.21 50.46
C TYR G 163 4.39 66.95 49.41
N GLU G 164 3.17 67.37 49.70
CA GLU G 164 2.04 67.11 48.81
C GLU G 164 2.08 68.00 47.56
N TYR G 165 2.68 69.17 47.70
CA TYR G 165 2.84 70.11 46.60
C TYR G 165 3.73 69.51 45.51
N MET G 166 4.80 68.86 45.94
CA MET G 166 5.78 68.26 45.05
C MET G 166 5.17 67.15 44.20
N THR G 167 5.70 66.97 42.99
CA THR G 167 5.25 65.91 42.10
C THR G 167 6.44 65.11 41.56
N ASP G 168 6.32 63.78 41.62
CA ASP G 168 7.40 62.90 41.16
C ASP G 168 7.20 62.53 39.69
N GLU G 169 8.08 63.04 38.83
CA GLU G 169 7.96 62.82 37.40
C GLU G 169 9.18 62.11 36.81
N ARG G 170 9.95 61.45 37.68
CA ARG G 170 11.19 60.79 37.25
C ARG G 170 10.95 59.70 36.21
N PHE G 171 9.77 59.10 36.23
CA PHE G 171 9.47 58.00 35.34
C PHE G 171 8.45 58.40 34.28
N LYS G 172 8.11 59.69 34.29
CA LYS G 172 7.30 60.26 33.22
C LYS G 172 8.18 60.45 31.99
N SER G 173 7.58 60.32 30.81
CA SER G 173 8.30 60.50 29.55
C SER G 173 7.47 61.32 28.58
N THR G 174 6.59 60.64 27.85
CA THR G 174 5.70 61.29 26.90
C THR G 174 4.59 62.04 27.63
N ASP G 175 4.41 61.74 28.92
CA ASP G 175 3.32 62.32 29.68
C ASP G 175 3.82 63.15 30.88
N LYS G 176 4.86 63.95 30.64
CA LYS G 176 5.28 64.94 31.62
C LYS G 176 4.28 66.09 31.60
N ASN G 177 3.86 66.52 32.78
CA ASN G 177 2.76 67.50 32.88
C ASN G 177 3.27 68.89 32.46
N VAL G 178 2.64 69.49 31.45
CA VAL G 178 3.19 70.70 30.82
C VAL G 178 2.60 71.98 31.36
N ASN G 179 1.99 71.90 32.54
CA ASN G 179 1.39 73.08 33.18
C ASN G 179 1.81 73.18 34.64
N MET G 180 2.88 72.47 34.98
CA MET G 180 3.41 72.45 36.32
C MET G 180 4.36 73.62 36.50
N GLU G 181 4.01 74.52 37.41
CA GLU G 181 4.76 75.75 37.60
C GLU G 181 4.72 76.20 39.06
N TYR G 182 5.76 75.86 39.82
CA TYR G 182 5.78 76.08 41.25
C TYR G 182 5.97 77.55 41.64
N ILE G 183 5.38 77.93 42.77
CA ILE G 183 5.59 79.25 43.34
C ILE G 183 7.07 79.46 43.64
N LYS G 184 7.51 80.71 43.57
CA LYS G 184 8.90 81.03 43.87
C LYS G 184 9.02 81.60 45.28
N HIS G 185 7.90 82.10 45.80
CA HIS G 185 7.89 82.69 47.13
C HIS G 185 6.74 82.18 47.98
N LEU G 186 7.00 82.04 49.27
CA LEU G 186 5.97 81.65 50.23
C LEU G 186 6.00 82.58 51.43
N GLY G 187 4.89 83.27 51.66
CA GLY G 187 4.79 84.17 52.79
C GLY G 187 3.90 83.62 53.88
N VAL G 188 4.37 83.68 55.12
CA VAL G 188 3.58 83.22 56.25
C VAL G 188 3.37 84.35 57.25
N TYR G 189 2.11 84.57 57.62
CA TYR G 189 1.76 85.48 58.70
C TYR G 189 1.27 84.68 59.90
N ILE G 190 1.87 84.94 61.06
CA ILE G 190 1.52 84.22 62.27
C ILE G 190 1.92 85.03 63.50
N ASN G 191 1.17 84.89 64.59
CA ASN G 191 1.49 85.60 65.82
C ASN G 191 2.77 85.05 66.44
N ASN G 192 3.55 85.93 67.05
CA ASN G 192 4.85 85.58 67.63
C ASN G 192 5.73 84.90 66.58
N ALA G 193 5.81 85.52 65.41
CA ALA G 193 6.49 84.94 64.25
C ALA G 193 7.95 84.60 64.50
N ASP G 194 8.60 85.37 65.36
CA ASP G 194 10.02 85.15 65.65
C ASP G 194 10.26 83.82 66.37
N THR G 195 9.21 83.27 66.97
CA THR G 195 9.32 81.99 67.67
C THR G 195 8.98 80.82 66.75
N TYR G 196 8.59 81.14 65.52
CA TYR G 196 8.23 80.12 64.54
C TYR G 196 9.25 80.05 63.40
N LYS G 197 10.11 81.06 63.31
CA LYS G 197 11.05 81.16 62.20
C LYS G 197 12.08 80.04 62.16
N GLU G 198 12.45 79.54 63.34
CA GLU G 198 13.45 78.48 63.44
C GLU G 198 12.95 77.17 62.84
N GLU G 199 11.63 77.06 62.68
CA GLU G 199 11.01 75.84 62.19
C GLU G 199 11.07 75.70 60.67
N VAL G 200 11.20 76.83 59.98
CA VAL G 200 11.14 76.86 58.51
C VAL G 200 12.20 75.97 57.86
N GLU G 201 13.45 76.15 58.25
CA GLU G 201 14.54 75.39 57.65
C GLU G 201 14.51 73.93 58.10
N LYS G 202 14.13 73.71 59.35
CA LYS G 202 13.97 72.36 59.86
C LYS G 202 12.89 71.64 59.06
N ALA G 203 11.83 72.38 58.74
CA ALA G 203 10.73 71.84 57.95
C ALA G 203 11.19 71.46 56.54
N ARG G 204 12.06 72.29 55.96
CA ARG G 204 12.58 72.03 54.62
C ARG G 204 13.51 70.82 54.63
N VAL G 205 14.35 70.73 55.67
CA VAL G 205 15.24 69.59 55.83
C VAL G 205 14.45 68.31 56.06
N TYR G 206 13.46 68.39 56.94
CA TYR G 206 12.59 67.25 57.24
C TYR G 206 11.79 66.82 56.02
N TYR G 207 11.33 67.79 55.23
CA TYR G 207 10.56 67.48 54.03
C TYR G 207 11.34 66.63 53.05
N PHE G 208 12.57 67.06 52.72
CA PHE G 208 13.32 66.36 51.70
C PHE G 208 13.72 64.96 52.15
N GLY G 209 14.07 64.82 53.43
CA GLY G 209 14.37 63.52 53.99
C GLY G 209 13.19 62.59 53.77
N THR G 210 11.98 63.14 53.91
CA THR G 210 10.77 62.40 53.66
C THR G 210 10.58 62.14 52.16
N TYR G 211 10.84 63.16 51.35
CA TYR G 211 10.67 63.02 49.90
C TYR G 211 11.74 62.12 49.29
N TYR G 212 12.94 62.17 49.87
CA TYR G 212 14.04 61.32 49.41
C TYR G 212 13.71 59.84 49.62
N ALA G 213 13.20 59.53 50.81
CA ALA G 213 12.77 58.16 51.11
C ALA G 213 11.64 57.75 50.17
N SER G 214 10.68 58.66 49.98
CA SER G 214 9.57 58.45 49.06
C SER G 214 10.07 58.12 47.65
N GLN G 215 11.08 58.87 47.20
CA GLN G 215 11.68 58.63 45.88
C GLN G 215 12.24 57.22 45.77
N LEU G 216 12.85 56.75 46.86
CA LEU G 216 13.44 55.41 46.89
C LEU G 216 12.37 54.33 46.88
N ILE G 217 11.35 54.49 47.72
CA ILE G 217 10.27 53.52 47.84
C ILE G 217 9.47 53.41 46.55
N ALA G 218 9.06 54.56 46.01
CA ALA G 218 8.24 54.61 44.80
C ALA G 218 8.99 54.07 43.59
N ALA G 219 10.32 54.20 43.60
CA ALA G 219 11.15 53.67 42.54
C ALA G 219 10.97 52.15 42.44
N PRO G 220 10.59 51.68 41.24
CA PRO G 220 10.30 50.27 40.98
C PRO G 220 11.50 49.37 41.25
N SER G 221 11.26 48.06 41.36
CA SER G 221 12.30 47.13 41.77
C SER G 221 13.37 46.89 40.70
N ASN G 222 13.07 47.25 39.46
CA ASN G 222 14.07 47.13 38.39
C ASN G 222 15.00 48.33 38.39
N TYR G 223 14.56 49.43 38.99
CA TYR G 223 15.41 50.60 39.20
C TYR G 223 16.09 50.51 40.56
N CYS G 224 15.30 50.18 41.58
CA CYS G 224 15.79 50.08 42.94
C CYS G 224 16.05 48.62 43.32
N ASN G 225 17.28 48.17 43.11
CA ASN G 225 17.71 46.83 43.47
C ASN G 225 18.79 46.94 44.56
N PRO G 226 19.19 45.81 45.18
CA PRO G 226 20.18 45.88 46.26
C PRO G 226 21.48 46.60 45.88
N VAL G 227 21.95 46.45 44.65
CA VAL G 227 23.18 47.13 44.23
C VAL G 227 22.93 48.61 43.99
N SER G 228 21.87 48.93 43.26
CA SER G 228 21.55 50.31 42.93
C SER G 228 21.10 51.10 44.16
N LEU G 229 20.49 50.42 45.12
CA LEU G 229 20.04 51.07 46.34
C LEU G 229 21.23 51.41 47.25
N SER G 230 22.17 50.48 47.36
CA SER G 230 23.36 50.72 48.17
C SER G 230 24.27 51.74 47.49
N ASN G 231 24.25 51.75 46.15
CA ASN G 231 24.98 52.76 45.39
C ASN G 231 24.46 54.16 45.72
N ALA G 232 23.14 54.26 45.87
CA ALA G 232 22.51 55.53 46.24
C ALA G 232 22.89 55.94 47.66
N ALA G 233 23.06 54.94 48.52
CA ALA G 233 23.48 55.18 49.90
C ALA G 233 24.91 55.71 49.95
N VAL G 234 25.76 55.18 49.07
CA VAL G 234 27.13 55.64 48.94
C VAL G 234 27.14 57.11 48.51
N GLU G 235 26.36 57.41 47.49
CA GLU G 235 26.28 58.77 46.94
C GLU G 235 25.79 59.77 47.97
N LEU G 236 24.79 59.38 48.75
CA LEU G 236 24.25 60.26 49.78
C LEU G 236 25.27 60.52 50.88
N ALA G 237 25.96 59.45 51.31
CA ALA G 237 26.98 59.56 52.34
C ALA G 237 28.11 60.47 51.90
N GLN G 238 28.46 60.39 50.62
CA GLN G 238 29.51 61.23 50.05
C GLN G 238 29.07 62.69 50.02
N LYS G 239 27.80 62.92 49.69
CA LYS G 239 27.26 64.27 49.61
C LYS G 239 27.10 64.91 50.99
N LEU G 240 27.11 64.07 52.03
CA LEU G 240 26.86 64.55 53.39
C LEU G 240 28.08 64.39 54.29
N ASN G 241 29.16 63.85 53.75
CA ASN G 241 30.37 63.55 54.51
C ASN G 241 30.11 62.59 55.67
N LEU G 242 29.29 61.56 55.41
CA LEU G 242 29.11 60.47 56.35
C LEU G 242 30.10 59.37 56.04
N GLU G 243 30.62 58.71 57.07
CA GLU G 243 31.41 57.52 56.87
C GLU G 243 30.48 56.43 56.34
N TYR G 244 30.98 55.62 55.41
CA TYR G 244 30.16 54.54 54.88
C TYR G 244 30.96 53.27 54.65
N LYS G 245 30.29 52.14 54.84
CA LYS G 245 30.86 50.84 54.54
C LYS G 245 29.76 49.99 53.92
N ILE G 246 30.05 49.41 52.75
CA ILE G 246 29.08 48.54 52.09
C ILE G 246 29.62 47.12 52.02
N LEU G 247 29.06 46.25 52.85
CA LEU G 247 29.53 44.87 52.93
C LEU G 247 28.94 44.02 51.82
N GLY G 248 29.81 43.35 51.07
CA GLY G 248 29.38 42.46 50.01
C GLY G 248 29.36 41.02 50.50
N VAL G 249 29.00 40.11 49.60
CA VAL G 249 28.86 38.69 49.93
C VAL G 249 30.06 38.13 50.69
N LYS G 250 31.25 38.38 50.19
CA LYS G 250 32.48 37.88 50.79
C LYS G 250 32.61 38.24 52.27
N GLU G 251 32.42 39.51 52.58
CA GLU G 251 32.48 39.98 53.96
C GLU G 251 31.32 39.42 54.76
N LEU G 252 30.14 39.35 54.13
CA LEU G 252 28.94 38.83 54.77
C LEU G 252 29.11 37.35 55.12
N GLU G 253 29.77 36.61 54.25
CA GLU G 253 30.04 35.19 54.50
C GLU G 253 30.98 35.02 55.68
N GLU G 254 32.01 35.86 55.74
CA GLU G 254 33.00 35.79 56.81
C GLU G 254 32.37 36.10 58.17
N LEU G 255 31.34 36.93 58.16
CA LEU G 255 30.64 37.29 59.39
C LEU G 255 29.50 36.33 59.68
N LYS G 256 29.38 35.31 58.82
CA LYS G 256 28.49 34.18 59.05
C LYS G 256 27.01 34.55 59.14
N MET G 257 26.59 35.54 58.38
CA MET G 257 25.19 35.94 58.35
C MET G 257 24.35 35.00 57.48
N GLY G 258 24.10 33.80 57.97
CA GLY G 258 23.38 32.79 57.22
C GLY G 258 21.93 33.13 56.94
N ALA G 259 21.28 33.75 57.92
CA ALA G 259 19.88 34.15 57.76
C ALA G 259 19.74 35.17 56.62
N TYR G 260 20.48 36.26 56.73
CA TYR G 260 20.51 37.32 55.72
C TYR G 260 20.86 36.74 54.34
N LEU G 261 21.95 35.99 54.27
CA LEU G 261 22.45 35.48 53.00
C LEU G 261 21.46 34.53 52.32
N SER G 262 20.75 33.74 53.11
CA SER G 262 19.77 32.79 52.57
C SER G 262 18.64 33.50 51.83
N VAL G 263 18.12 34.56 52.42
CA VAL G 263 17.02 35.32 51.86
C VAL G 263 17.29 35.79 50.42
N GLY G 264 18.53 36.22 50.16
CA GLY G 264 18.87 36.78 48.87
C GLY G 264 19.52 35.82 47.89
N LYS G 265 19.60 34.54 48.26
CA LYS G 265 20.24 33.53 47.42
C LYS G 265 19.66 33.46 46.01
N GLY G 266 18.33 33.48 45.92
CA GLY G 266 17.67 33.31 44.64
C GLY G 266 17.62 34.57 43.79
N SER G 267 18.35 35.59 44.20
CA SER G 267 18.35 36.87 43.49
C SER G 267 19.55 36.99 42.54
N MET G 268 19.35 37.72 41.46
CA MET G 268 20.43 38.00 40.52
C MET G 268 21.31 39.13 41.04
N TYR G 269 20.80 39.84 42.05
CA TYR G 269 21.54 40.94 42.67
C TYR G 269 22.17 40.48 43.96
N PRO G 270 23.51 40.56 44.03
CA PRO G 270 24.26 40.19 45.25
C PRO G 270 23.86 41.06 46.43
N ASN G 271 23.85 40.46 47.62
CA ASN G 271 23.49 41.18 48.83
C ASN G 271 24.44 42.33 49.14
N LYS G 272 23.88 43.47 49.52
CA LYS G 272 24.67 44.62 49.91
C LYS G 272 24.23 45.14 51.28
N PHE G 273 25.12 45.02 52.26
CA PHE G 273 24.83 45.51 53.60
C PHE G 273 25.30 46.95 53.75
N ILE G 274 24.36 47.85 54.01
CA ILE G 274 24.67 49.27 54.14
C ILE G 274 24.99 49.65 55.58
N HIS G 275 26.14 50.30 55.78
CA HIS G 275 26.49 50.84 57.09
C HIS G 275 26.93 52.30 56.96
N LEU G 276 26.08 53.19 57.43
CA LEU G 276 26.39 54.62 57.45
C LEU G 276 26.59 55.10 58.88
N THR G 277 27.59 55.96 59.07
CA THR G 277 27.89 56.45 60.42
C THR G 277 27.98 57.97 60.46
N TYR G 278 27.28 58.56 61.41
CA TYR G 278 27.45 59.97 61.72
C TYR G 278 28.13 60.13 63.07
N LYS G 279 29.32 60.73 63.07
CA LYS G 279 30.04 60.99 64.31
C LYS G 279 29.97 62.48 64.66
N SER G 280 29.63 62.78 65.90
CA SER G 280 29.62 64.16 66.35
C SER G 280 31.04 64.62 66.67
N LYS G 281 31.32 65.90 66.45
CA LYS G 281 32.65 66.45 66.68
C LYS G 281 32.96 66.57 68.17
N GLY G 282 31.92 66.71 68.98
CA GLY G 282 32.08 66.78 70.42
C GLY G 282 32.20 65.41 71.03
N ASP G 283 32.46 65.35 72.33
CA ASP G 283 32.53 64.08 73.04
C ASP G 283 31.18 63.38 72.99
N VAL G 284 31.19 62.12 72.55
CA VAL G 284 29.96 61.38 72.32
C VAL G 284 29.32 60.90 73.62
N LYS G 285 28.04 61.22 73.80
CA LYS G 285 27.32 60.84 75.00
C LYS G 285 26.35 59.69 74.75
N LYS G 286 25.96 59.50 73.50
CA LYS G 286 25.02 58.42 73.17
C LYS G 286 25.27 57.85 71.77
N LYS G 287 25.22 56.52 71.67
CA LYS G 287 25.42 55.82 70.42
C LYS G 287 24.15 55.08 70.01
N ILE G 288 23.68 55.32 68.78
CA ILE G 288 22.42 54.77 68.32
C ILE G 288 22.58 53.98 67.02
N ALA G 289 21.87 52.87 66.92
CA ALA G 289 21.82 52.10 65.68
C ALA G 289 20.39 52.07 65.13
N LEU G 290 20.23 52.59 63.91
CA LEU G 290 18.94 52.55 63.23
C LEU G 290 18.96 51.50 62.14
N VAL G 291 17.99 50.59 62.17
CA VAL G 291 17.99 49.45 61.25
C VAL G 291 16.74 49.42 60.38
N GLY G 292 16.93 49.44 59.07
CA GLY G 292 15.81 49.42 58.15
C GLY G 292 15.75 48.15 57.33
N LYS G 293 14.55 47.57 57.24
CA LYS G 293 14.32 46.44 56.36
C LYS G 293 14.51 46.89 54.91
N GLY G 294 15.29 46.12 54.15
CA GLY G 294 15.64 46.51 52.80
C GLY G 294 15.47 45.43 51.76
N ILE G 295 14.25 44.88 51.69
CA ILE G 295 13.92 43.96 50.61
C ILE G 295 13.42 44.77 49.41
N THR G 296 14.22 44.79 48.34
CA THR G 296 13.92 45.65 47.19
C THR G 296 12.73 45.12 46.37
N PHE G 297 12.55 43.80 46.39
CA PHE G 297 11.29 43.22 45.95
C PHE G 297 11.01 41.95 46.73
N ASP G 298 9.77 41.83 47.21
CA ASP G 298 9.36 40.66 47.96
C ASP G 298 8.32 39.86 47.19
N SER G 299 8.79 38.88 46.42
CA SER G 299 7.90 37.99 45.71
C SER G 299 7.28 36.98 46.69
N GLY G 300 7.95 36.81 47.82
CA GLY G 300 7.49 35.87 48.84
C GLY G 300 8.33 34.60 48.84
N GLY G 301 9.17 34.46 47.83
CA GLY G 301 9.95 33.24 47.66
C GLY G 301 9.05 32.11 47.19
N TYR G 302 9.40 30.88 47.55
CA TYR G 302 8.60 29.73 47.14
C TYR G 302 7.23 29.73 47.80
N ASN G 303 7.12 30.47 48.91
CA ASN G 303 5.80 30.83 49.43
C ASN G 303 5.32 32.06 48.69
N LEU G 304 5.18 31.91 47.38
CA LEU G 304 4.85 33.01 46.48
C LEU G 304 3.56 33.72 46.87
N LYS G 305 3.56 35.04 46.73
CA LYS G 305 2.36 35.83 46.98
C LYS G 305 1.36 35.63 45.85
N ALA G 306 0.57 34.56 45.94
CA ALA G 306 -0.38 34.23 44.90
C ALA G 306 -1.82 34.27 45.42
N ALA G 307 -1.98 34.50 46.72
CA ALA G 307 -3.30 34.58 47.33
C ALA G 307 -3.95 35.92 47.00
N PRO G 308 -5.30 35.95 46.93
CA PRO G 308 -6.01 37.20 46.66
C PRO G 308 -5.73 38.26 47.71
N GLY G 309 -5.38 39.46 47.26
CA GLY G 309 -5.12 40.57 48.17
C GLY G 309 -3.73 40.52 48.79
N SER G 310 -2.88 39.64 48.29
CA SER G 310 -1.50 39.55 48.78
C SER G 310 -0.67 40.68 48.18
N MET G 311 -1.23 41.33 47.16
CA MET G 311 -0.67 42.55 46.56
C MET G 311 0.83 42.48 46.27
N ILE G 312 1.22 41.54 45.42
CA ILE G 312 2.61 41.36 45.05
C ILE G 312 3.12 42.55 44.23
N ASP G 313 2.21 43.31 43.65
CA ASP G 313 2.57 44.44 42.79
C ASP G 313 3.00 45.67 43.59
N LEU G 314 2.72 45.68 44.89
CA LEU G 314 3.11 46.79 45.76
C LEU G 314 4.50 46.55 46.33
N MET G 315 4.99 45.32 46.17
CA MET G 315 6.15 44.83 46.91
C MET G 315 7.49 45.49 46.60
N LYS G 316 7.46 46.63 45.91
CA LYS G 316 8.63 47.49 45.85
C LYS G 316 8.70 48.30 47.14
N PHE G 317 7.57 48.34 47.84
CA PHE G 317 7.42 49.08 49.09
C PHE G 317 8.27 48.46 50.21
N ASP G 318 8.73 47.23 50.00
CA ASP G 318 9.26 46.41 51.09
C ASP G 318 10.64 46.86 51.59
N MET G 319 11.17 47.93 51.01
CA MET G 319 12.41 48.51 51.49
C MET G 319 12.15 49.90 52.10
N SER G 320 10.91 50.09 52.56
CA SER G 320 10.49 51.36 53.14
C SER G 320 11.29 51.69 54.41
N GLY G 321 11.52 50.69 55.24
CA GLY G 321 12.27 50.86 56.47
C GLY G 321 13.68 51.34 56.19
N CYS G 322 14.32 50.75 55.19
CA CYS G 322 15.65 51.17 54.76
C CYS G 322 15.61 52.61 54.24
N ALA G 323 14.53 52.96 53.55
CA ALA G 323 14.38 54.29 53.00
C ALA G 323 14.22 55.34 54.11
N ALA G 324 13.46 54.99 55.13
CA ALA G 324 13.23 55.89 56.25
C ALA G 324 14.55 56.20 56.97
N VAL G 325 15.39 55.18 57.10
CA VAL G 325 16.67 55.32 57.78
C VAL G 325 17.64 56.16 56.95
N LEU G 326 17.62 55.97 55.63
CA LEU G 326 18.45 56.77 54.75
C LEU G 326 17.94 58.21 54.68
N GLY G 327 16.64 58.38 54.82
CA GLY G 327 16.04 59.69 54.88
C GLY G 327 16.41 60.38 56.17
N CYS G 328 16.52 59.58 57.24
CA CYS G 328 16.94 60.07 58.54
C CYS G 328 18.41 60.51 58.48
N ALA G 329 19.21 59.73 57.78
CA ALA G 329 20.63 60.02 57.62
C ALA G 329 20.84 61.37 56.95
N TYR G 330 19.92 61.73 56.05
CA TYR G 330 20.00 63.04 55.41
C TYR G 330 19.76 64.15 56.42
N CYS G 331 18.63 64.08 57.12
CA CYS G 331 18.27 65.09 58.11
C CYS G 331 19.35 65.23 59.18
N VAL G 332 19.86 64.10 59.67
CA VAL G 332 20.90 64.11 60.68
C VAL G 332 22.20 64.67 60.11
N GLY G 333 22.60 64.17 58.95
CA GLY G 333 23.83 64.61 58.31
C GLY G 333 23.78 66.06 57.86
N THR G 334 22.58 66.63 57.83
CA THR G 334 22.39 68.03 57.43
C THR G 334 22.27 68.93 58.65
N LEU G 335 21.41 68.53 59.59
CA LEU G 335 21.17 69.34 60.79
C LEU G 335 22.33 69.25 61.77
N LYS G 336 23.06 68.14 61.70
CA LYS G 336 24.27 67.91 62.49
C LYS G 336 24.06 68.09 64.00
N PRO G 337 23.52 67.07 64.67
CA PRO G 337 23.40 67.08 66.13
C PRO G 337 24.75 66.85 66.81
N GLU G 338 24.86 67.25 68.07
CA GLU G 338 26.12 67.09 68.80
C GLU G 338 26.05 65.94 69.80
N ASN G 339 27.23 65.53 70.28
CA ASN G 339 27.36 64.55 71.35
C ASN G 339 26.61 63.25 71.08
N VAL G 340 26.59 62.83 69.82
CA VAL G 340 25.86 61.63 69.44
C VAL G 340 26.54 60.90 68.28
N GLU G 341 26.43 59.58 68.26
CA GLU G 341 26.98 58.77 67.19
C GLU G 341 25.93 57.83 66.64
N ILE G 342 25.56 58.02 65.38
CA ILE G 342 24.46 57.28 64.79
C ILE G 342 24.92 56.31 63.72
N HIS G 343 24.45 55.07 63.81
CA HIS G 343 24.72 54.07 62.79
C HIS G 343 23.47 53.78 61.99
N PHE G 344 23.52 54.01 60.69
CA PHE G 344 22.40 53.74 59.80
C PHE G 344 22.64 52.44 59.06
N LEU G 345 21.82 51.43 59.36
CA LEU G 345 22.06 50.09 58.85
C LEU G 345 20.89 49.52 58.05
N SER G 346 21.21 48.69 57.07
CA SER G 346 20.21 47.95 56.31
C SER G 346 20.83 46.76 55.58
N ALA G 347 20.30 45.56 55.85
CA ALA G 347 20.72 44.37 55.14
C ALA G 347 19.91 44.23 53.86
N VAL G 348 20.36 44.89 52.80
CA VAL G 348 19.60 44.95 51.55
C VAL G 348 19.76 43.69 50.71
N CYS G 349 18.64 43.12 50.28
CA CYS G 349 18.63 41.98 49.38
C CYS G 349 17.28 41.86 48.68
N GLU G 350 17.10 40.77 47.92
CA GLU G 350 15.89 40.57 47.14
C GLU G 350 15.35 39.15 47.33
N ASN G 351 14.05 39.03 47.57
CA ASN G 351 13.43 37.73 47.80
C ASN G 351 12.73 37.19 46.56
N MET G 352 13.43 36.35 45.80
CA MET G 352 12.94 35.88 44.51
C MET G 352 12.77 34.36 44.47
N VAL G 353 12.15 33.87 43.40
CA VAL G 353 12.01 32.44 43.17
C VAL G 353 13.02 32.00 42.11
N SER G 354 13.82 31.00 42.46
CA SER G 354 14.87 30.53 41.57
C SER G 354 15.34 29.14 41.97
N LYS G 355 16.22 28.55 41.17
CA LYS G 355 16.84 27.28 41.52
C LYS G 355 17.77 27.49 42.71
N ASN G 356 18.22 28.73 42.89
CA ASN G 356 19.14 29.09 43.95
C ASN G 356 18.45 29.55 45.23
N SER G 357 17.13 29.74 45.15
CA SER G 357 16.35 30.24 46.28
C SER G 357 16.41 29.28 47.46
N TYR G 358 16.29 29.83 48.67
CA TYR G 358 16.22 28.99 49.86
C TYR G 358 14.81 28.41 49.96
N ARG G 359 14.70 27.25 50.60
CA ARG G 359 13.44 26.50 50.59
C ARG G 359 12.68 26.59 51.91
N PRO G 360 11.35 26.46 51.84
CA PRO G 360 10.54 26.28 53.06
C PRO G 360 10.92 24.97 53.73
N GLY G 361 11.44 25.05 54.96
CA GLY G 361 11.87 23.87 55.67
C GLY G 361 13.37 23.86 55.90
N ASP G 362 14.07 24.75 55.21
CA ASP G 362 15.51 24.88 55.36
C ASP G 362 15.86 25.36 56.77
N ILE G 363 16.89 24.74 57.35
CA ILE G 363 17.43 25.21 58.61
C ILE G 363 18.71 25.99 58.36
N ILE G 364 18.73 27.25 58.80
CA ILE G 364 19.85 28.15 58.54
C ILE G 364 20.40 28.73 59.83
N THR G 365 21.68 29.07 59.82
CA THR G 365 22.36 29.55 61.02
C THR G 365 22.63 31.05 60.98
N ALA G 366 22.12 31.76 61.99
CA ALA G 366 22.36 33.20 62.09
C ALA G 366 23.81 33.48 62.51
N SER G 367 24.20 34.75 62.44
CA SER G 367 25.58 35.14 62.73
C SER G 367 25.92 34.99 64.20
N ASN G 368 24.90 34.86 65.06
CA ASN G 368 25.13 34.68 66.48
C ASN G 368 25.12 33.21 66.88
N GLY G 369 25.08 32.33 65.88
CA GLY G 369 25.15 30.89 66.12
C GLY G 369 23.80 30.21 66.22
N LYS G 370 22.73 30.99 66.34
CA LYS G 370 21.39 30.42 66.45
C LYS G 370 20.91 29.82 65.14
N THR G 371 20.41 28.60 65.21
CA THR G 371 19.86 27.93 64.03
C THR G 371 18.36 28.16 63.92
N ILE G 372 17.89 28.39 62.70
CA ILE G 372 16.50 28.73 62.45
C ILE G 372 15.88 27.83 61.38
N GLU G 373 14.76 27.18 61.72
CA GLU G 373 14.01 26.43 60.73
C GLU G 373 13.00 27.32 60.03
N VAL G 374 13.11 27.42 58.71
CA VAL G 374 12.24 28.28 57.92
C VAL G 374 10.90 27.62 57.66
N GLY G 375 9.82 28.24 58.14
CA GLY G 375 8.49 27.73 57.90
C GLY G 375 7.82 28.39 56.71
N ASN G 376 8.27 29.60 56.38
CA ASN G 376 7.68 30.38 55.31
C ASN G 376 8.68 31.38 54.73
N THR G 377 9.00 31.21 53.45
CA THR G 377 9.99 32.05 52.79
C THR G 377 9.53 33.50 52.64
N ASP G 378 8.24 33.74 52.84
CA ASP G 378 7.70 35.09 52.73
C ASP G 378 7.81 35.81 54.07
N ALA G 379 8.33 35.12 55.07
CA ALA G 379 8.67 35.75 56.34
C ALA G 379 10.16 36.07 56.34
N GLU G 380 10.61 36.71 55.26
CA GLU G 380 12.03 36.91 55.02
C GLU G 380 12.60 38.10 55.77
N GLY G 381 11.75 39.07 56.09
CA GLY G 381 12.18 40.30 56.73
C GLY G 381 12.85 40.06 58.07
N ARG G 382 12.22 39.24 58.91
CA ARG G 382 12.74 38.95 60.23
C ARG G 382 14.10 38.26 60.16
N LEU G 383 14.33 37.52 59.09
CA LEU G 383 15.59 36.83 58.89
C LEU G 383 16.71 37.81 58.60
N THR G 384 16.47 38.71 57.65
CA THR G 384 17.44 39.75 57.32
C THR G 384 17.67 40.67 58.51
N LEU G 385 16.61 40.96 59.24
CA LEU G 385 16.70 41.80 60.42
C LEU G 385 17.53 41.14 61.51
N ALA G 386 17.38 39.83 61.65
CA ALA G 386 18.06 39.07 62.70
C ALA G 386 19.58 39.26 62.65
N ASP G 387 20.15 39.13 61.46
CA ASP G 387 21.59 39.32 61.28
C ASP G 387 21.97 40.79 61.43
N ALA G 388 21.09 41.68 60.97
CA ALA G 388 21.33 43.11 61.07
C ALA G 388 21.31 43.57 62.52
N LEU G 389 20.52 42.88 63.34
CA LEU G 389 20.42 43.21 64.76
C LEU G 389 21.64 42.72 65.54
N VAL G 390 22.16 41.55 65.17
CA VAL G 390 23.37 41.03 65.78
C VAL G 390 24.55 41.93 65.45
N TYR G 391 24.62 42.34 64.19
CA TYR G 391 25.65 43.27 63.72
C TYR G 391 25.60 44.58 64.52
N ALA G 392 24.38 45.07 64.76
CA ALA G 392 24.18 46.33 65.46
C ALA G 392 24.63 46.26 66.92
N GLU G 393 24.32 45.15 67.58
CA GLU G 393 24.67 44.99 68.99
C GLU G 393 26.18 44.89 69.17
N LYS G 394 26.87 44.39 68.15
CA LYS G 394 28.32 44.28 68.19
C LYS G 394 28.99 45.66 68.12
N LEU G 395 28.28 46.63 67.58
CA LEU G 395 28.80 47.99 67.47
C LEU G 395 29.00 48.62 68.84
N GLY G 396 28.25 48.13 69.83
CA GLY G 396 28.33 48.68 71.17
C GLY G 396 27.59 49.99 71.28
N VAL G 397 26.27 49.93 71.07
CA VAL G 397 25.44 51.12 71.08
C VAL G 397 24.53 51.14 72.29
N ASP G 398 23.92 52.29 72.55
CA ASP G 398 23.00 52.44 73.67
C ASP G 398 21.58 52.02 73.27
N TYR G 399 21.20 52.35 72.03
CA TYR G 399 19.87 52.02 71.53
C TYR G 399 19.94 51.34 70.17
N ILE G 400 19.05 50.37 69.96
CA ILE G 400 18.85 49.79 68.64
C ILE G 400 17.38 49.93 68.25
N VAL G 401 17.11 50.79 67.28
CA VAL G 401 15.75 50.94 66.76
C VAL G 401 15.67 50.45 65.33
N ASP G 402 14.88 49.41 65.10
CA ASP G 402 14.66 48.95 63.74
C ASP G 402 13.28 49.38 63.28
N ILE G 403 13.15 49.57 61.97
CA ILE G 403 11.87 49.98 61.38
C ILE G 403 11.65 49.17 60.10
N ALA G 404 10.47 48.57 59.97
CA ALA G 404 10.25 47.60 58.91
C ALA G 404 8.80 47.45 58.50
N THR G 405 8.59 47.20 57.20
CA THR G 405 7.29 46.74 56.70
C THR G 405 7.25 45.23 56.88
N LEU G 406 7.02 44.79 58.11
CA LEU G 406 7.25 43.40 58.49
C LEU G 406 6.04 42.48 58.29
N THR G 407 4.91 42.83 58.89
CA THR G 407 3.74 41.93 58.89
C THR G 407 2.47 42.60 58.39
N GLY G 408 1.78 41.92 57.49
CA GLY G 408 0.52 42.42 56.94
C GLY G 408 -0.59 42.50 57.97
N ALA G 409 -0.41 41.80 59.08
CA ALA G 409 -1.39 41.79 60.16
C ALA G 409 -1.56 43.18 60.79
N MET G 410 -0.59 44.05 60.54
CA MET G 410 -0.65 45.43 61.02
C MET G 410 -1.85 46.17 60.45
N LEU G 411 -2.25 45.78 59.24
CA LEU G 411 -3.42 46.37 58.60
C LEU G 411 -4.69 46.03 59.38
N TYR G 412 -4.68 44.87 60.03
CA TYR G 412 -5.86 44.40 60.77
C TYR G 412 -5.83 44.85 62.23
N SER G 413 -4.68 45.35 62.67
CA SER G 413 -4.53 45.79 64.05
C SER G 413 -4.67 47.32 64.16
N LEU G 414 -3.71 48.05 63.60
CA LEU G 414 -3.67 49.50 63.76
C LEU G 414 -4.13 50.25 62.52
N GLY G 415 -4.27 49.54 61.40
CA GLY G 415 -4.75 50.16 60.18
C GLY G 415 -3.66 50.81 59.35
N THR G 416 -3.97 51.94 58.74
CA THR G 416 -3.07 52.57 57.78
C THR G 416 -2.53 53.92 58.23
N SER G 417 -2.90 54.34 59.44
CA SER G 417 -2.48 55.65 59.94
C SER G 417 -1.45 55.53 61.07
N TYR G 418 -1.59 54.48 61.89
CA TYR G 418 -0.73 54.29 63.06
C TYR G 418 0.24 53.14 62.88
N ALA G 419 1.53 53.42 63.07
CA ALA G 419 2.53 52.37 63.13
C ALA G 419 2.49 51.74 64.51
N GLY G 420 3.06 50.55 64.63
CA GLY G 420 3.13 49.87 65.91
C GLY G 420 4.57 49.75 66.38
N VAL G 421 4.79 49.96 67.68
CA VAL G 421 6.14 49.85 68.22
C VAL G 421 6.23 48.75 69.28
N PHE G 422 7.25 47.92 69.14
CA PHE G 422 7.51 46.82 70.07
C PHE G 422 8.93 46.99 70.60
N GLY G 423 9.18 46.59 71.85
CA GLY G 423 10.50 46.74 72.42
C GLY G 423 10.79 45.85 73.62
N ASN G 424 12.03 45.89 74.09
CA ASN G 424 12.42 45.14 75.27
C ASN G 424 12.76 46.06 76.44
N ASN G 425 12.81 47.36 76.17
CA ASN G 425 13.10 48.38 77.18
C ASN G 425 12.02 49.46 77.18
N GLU G 426 11.53 49.81 78.36
CA GLU G 426 10.32 50.63 78.47
C GLU G 426 10.52 52.12 78.16
N GLU G 427 11.61 52.70 78.64
CA GLU G 427 11.81 54.13 78.41
C GLU G 427 12.28 54.42 76.99
N LEU G 428 12.90 53.43 76.35
CA LEU G 428 13.21 53.55 74.93
C LEU G 428 11.90 53.66 74.15
N ILE G 429 10.91 52.88 74.57
CA ILE G 429 9.60 52.92 73.96
C ILE G 429 8.92 54.26 74.24
N ASN G 430 9.00 54.72 75.48
CA ASN G 430 8.49 56.04 75.82
C ASN G 430 9.16 57.15 75.01
N LYS G 431 10.44 56.94 74.70
CA LYS G 431 11.18 57.89 73.86
C LYS G 431 10.68 57.88 72.42
N ILE G 432 10.43 56.68 71.89
CA ILE G 432 9.89 56.56 70.53
C ILE G 432 8.52 57.21 70.45
N LEU G 433 7.70 56.98 71.47
CA LEU G 433 6.36 57.55 71.53
C LEU G 433 6.40 59.07 71.63
N GLN G 434 7.41 59.59 72.33
CA GLN G 434 7.57 61.03 72.46
C GLN G 434 7.97 61.66 71.13
N SER G 435 8.79 60.94 70.37
CA SER G 435 9.18 61.40 69.05
C SER G 435 7.97 61.40 68.12
N SER G 436 7.11 60.40 68.29
CA SER G 436 5.88 60.30 67.52
C SER G 436 5.02 61.55 67.71
N LYS G 437 5.00 62.07 68.93
CA LYS G 437 4.25 63.28 69.24
C LYS G 437 4.84 64.51 68.54
N THR G 438 6.14 64.72 68.71
CA THR G 438 6.80 65.92 68.21
C THR G 438 7.07 65.87 66.71
N SER G 439 6.83 64.70 66.09
CA SER G 439 7.00 64.56 64.65
C SER G 439 5.65 64.49 63.95
N ASN G 440 4.62 64.24 64.73
CA ASN G 440 3.26 64.03 64.22
C ASN G 440 3.18 62.85 63.26
N GLU G 441 4.08 61.88 63.45
CA GLU G 441 3.96 60.58 62.80
C GLU G 441 3.43 59.58 63.83
N PRO G 442 2.14 59.21 63.69
CA PRO G 442 1.41 58.41 64.68
C PRO G 442 1.99 57.02 64.90
N VAL G 443 2.31 56.70 66.16
CA VAL G 443 2.80 55.38 66.53
C VAL G 443 2.07 54.91 67.79
N TRP G 444 1.71 53.64 67.84
CA TRP G 444 1.06 53.08 69.02
C TRP G 444 1.86 51.90 69.58
N TRP G 445 1.84 51.76 70.89
CA TRP G 445 2.61 50.74 71.58
C TRP G 445 1.84 49.42 71.67
N LEU G 446 2.48 48.34 71.22
CA LEU G 446 1.87 47.01 71.24
C LEU G 446 2.74 46.04 72.05
N PRO G 447 2.10 45.03 72.67
CA PRO G 447 2.81 44.15 73.60
C PRO G 447 3.60 43.02 72.93
N ILE G 448 4.69 42.63 73.56
CA ILE G 448 5.38 41.39 73.21
C ILE G 448 4.95 40.32 74.20
N ILE G 449 3.86 39.63 73.87
CA ILE G 449 3.25 38.65 74.77
C ILE G 449 4.08 37.38 74.86
N ASN G 450 4.75 37.19 76.00
CA ASN G 450 5.70 36.10 76.20
C ASN G 450 5.09 34.71 76.08
N GLU G 451 3.79 34.59 76.28
CA GLU G 451 3.13 33.29 76.25
C GLU G 451 3.22 32.64 74.87
N TYR G 452 3.40 33.45 73.83
CA TYR G 452 3.46 32.96 72.47
C TYR G 452 4.84 32.42 72.10
N ARG G 453 5.83 32.69 72.93
CA ARG G 453 7.21 32.31 72.67
C ARG G 453 7.37 30.81 72.39
N ALA G 454 6.63 29.99 73.14
CA ALA G 454 6.70 28.54 73.02
C ALA G 454 6.37 28.05 71.62
N THR G 455 5.52 28.82 70.92
CA THR G 455 5.11 28.47 69.57
C THR G 455 6.25 28.61 68.57
N LEU G 456 7.38 29.13 69.02
CA LEU G 456 8.57 29.25 68.19
C LEU G 456 9.59 28.15 68.51
N ASN G 457 9.22 27.24 69.41
CA ASN G 457 10.08 26.11 69.76
C ASN G 457 10.18 25.11 68.64
N SER G 458 11.28 25.15 67.89
CA SER G 458 11.50 24.20 66.80
C SER G 458 11.86 22.82 67.34
N LYS G 459 11.45 21.78 66.64
CA LYS G 459 11.74 20.41 67.03
C LYS G 459 13.19 20.05 66.70
N TYR G 460 13.74 20.67 65.67
CA TYR G 460 15.08 20.32 65.19
C TYR G 460 16.07 21.46 65.31
N ALA G 461 15.64 22.68 64.98
CA ALA G 461 16.51 23.84 65.09
C ALA G 461 16.35 24.50 66.46
N ASP G 462 17.13 25.55 66.70
CA ASP G 462 17.06 26.28 67.95
C ASP G 462 15.75 27.05 68.07
N ILE G 463 15.25 27.55 66.94
CA ILE G 463 14.04 28.36 66.94
C ILE G 463 13.31 28.32 65.60
N ASN G 464 11.99 28.37 65.65
CA ASN G 464 11.18 28.51 64.45
C ASN G 464 11.14 29.95 63.96
N GLN G 465 11.21 30.12 62.65
CA GLN G 465 11.08 31.43 62.03
C GLN G 465 9.67 31.97 62.27
N ILE G 466 8.68 31.15 61.97
CA ILE G 466 7.28 31.50 62.21
C ILE G 466 6.64 30.51 63.17
N SER G 467 5.58 30.93 63.83
CA SER G 467 4.79 30.03 64.64
C SER G 467 3.81 29.28 63.77
N SER G 468 3.26 28.18 64.30
CA SER G 468 2.37 27.33 63.52
C SER G 468 0.90 27.65 63.79
N SER G 469 0.64 28.36 64.89
CA SER G 469 -0.74 28.63 65.31
C SER G 469 -1.04 30.12 65.47
N VAL G 470 -0.93 30.59 66.71
CA VAL G 470 -1.15 31.99 67.14
C VAL G 470 -2.01 32.93 66.28
N LYS G 471 -1.64 33.10 65.01
CA LYS G 471 -2.23 34.06 64.06
C LYS G 471 -1.81 35.52 64.34
N ALA G 472 -1.37 35.82 65.55
CA ALA G 472 -0.91 37.17 65.89
C ALA G 472 0.51 37.42 65.36
N SER G 473 0.61 37.56 64.04
CA SER G 473 1.91 37.60 63.35
C SER G 473 2.88 38.66 63.85
N SER G 474 2.39 39.90 63.99
CA SER G 474 3.25 41.02 64.38
C SER G 474 3.92 40.80 65.72
N ILE G 475 3.17 40.28 66.68
CA ILE G 475 3.69 40.01 68.01
C ILE G 475 4.69 38.86 67.98
N VAL G 476 4.34 37.79 67.27
CA VAL G 476 5.21 36.62 67.14
C VAL G 476 6.53 36.98 66.47
N ALA G 477 6.46 37.82 65.45
CA ALA G 477 7.66 38.26 64.75
C ALA G 477 8.56 39.08 65.68
N SER G 478 7.94 39.87 66.55
CA SER G 478 8.68 40.65 67.54
C SER G 478 9.39 39.72 68.52
N LEU G 479 8.73 38.63 68.88
CA LEU G 479 9.32 37.61 69.74
C LEU G 479 10.54 36.98 69.07
N PHE G 480 10.48 36.84 67.75
CA PHE G 480 11.59 36.28 67.00
C PHE G 480 12.79 37.23 67.02
N LEU G 481 12.53 38.49 66.69
CA LEU G 481 13.58 39.50 66.65
C LEU G 481 14.25 39.69 68.02
N LYS G 482 13.45 39.54 69.07
CA LYS G 482 13.92 39.73 70.44
C LYS G 482 15.05 38.74 70.78
N GLU G 483 15.01 37.58 70.14
CA GLU G 483 15.99 36.53 70.39
C GLU G 483 17.37 36.85 69.81
N PHE G 484 17.49 37.99 69.14
CA PHE G 484 18.75 38.35 68.49
C PHE G 484 19.33 39.65 69.03
N VAL G 485 18.72 40.15 70.10
CA VAL G 485 19.29 41.26 70.86
C VAL G 485 19.45 40.80 72.31
N GLN G 486 20.68 40.45 72.68
CA GLN G 486 20.92 39.78 73.96
C GLN G 486 20.94 40.73 75.15
N ASN G 487 21.55 41.91 75.00
CA ASN G 487 21.70 42.81 76.13
C ASN G 487 21.79 44.27 75.73
N THR G 488 20.78 44.78 75.03
CA THR G 488 20.76 46.18 74.59
C THR G 488 19.33 46.70 74.50
N ALA G 489 19.13 47.96 74.85
CA ALA G 489 17.84 48.62 74.67
C ALA G 489 17.44 48.57 73.21
N TRP G 490 16.32 47.90 72.93
CA TRP G 490 15.91 47.67 71.55
C TRP G 490 14.42 47.93 71.34
N ALA G 491 14.10 48.57 70.22
CA ALA G 491 12.71 48.84 69.86
C ALA G 491 12.48 48.50 68.39
N HIS G 492 11.25 48.14 68.05
CA HIS G 492 10.89 47.70 66.71
C HIS G 492 9.62 48.38 66.22
N ILE G 493 9.70 49.01 65.06
CA ILE G 493 8.55 49.71 64.50
C ILE G 493 8.07 49.05 63.21
N ASP G 494 6.89 48.43 63.26
CA ASP G 494 6.31 47.77 62.11
C ASP G 494 5.48 48.75 61.30
N ILE G 495 5.93 49.08 60.10
CA ILE G 495 5.28 50.08 59.27
C ILE G 495 4.65 49.49 58.02
N ALA G 496 4.34 48.20 58.06
CA ALA G 496 3.73 47.52 56.92
C ALA G 496 2.37 48.10 56.58
N GLY G 497 1.70 48.66 57.59
CA GLY G 497 0.35 49.18 57.41
C GLY G 497 0.28 50.64 56.98
N VAL G 498 1.29 51.42 57.34
CA VAL G 498 1.23 52.87 57.15
C VAL G 498 2.16 53.39 56.06
N SER G 499 3.04 52.55 55.54
CA SER G 499 4.06 53.00 54.60
C SER G 499 3.48 53.59 53.31
N TRP G 500 2.41 52.97 52.81
CA TRP G 500 1.85 53.36 51.52
C TRP G 500 0.52 54.09 51.63
N ASN G 501 0.41 55.22 50.93
CA ASN G 501 -0.84 55.96 50.84
C ASN G 501 -1.67 55.44 49.67
N PHE G 502 -2.74 54.71 49.97
CA PHE G 502 -3.54 54.08 48.94
C PHE G 502 -4.45 55.07 48.22
N LYS G 503 -4.88 56.12 48.92
CA LYS G 503 -5.72 57.13 48.32
C LYS G 503 -4.95 57.91 47.25
N ALA G 504 -3.73 58.31 47.59
CA ALA G 504 -2.92 59.11 46.69
C ALA G 504 -2.03 58.26 45.79
N ARG G 505 -2.02 56.96 46.04
CA ARG G 505 -1.21 56.00 45.27
C ARG G 505 0.27 56.36 45.27
N LYS G 506 0.81 56.60 46.46
CA LYS G 506 2.21 56.98 46.60
C LYS G 506 2.73 56.63 48.01
N PRO G 507 4.05 56.55 48.18
CA PRO G 507 4.58 56.28 49.52
C PRO G 507 4.45 57.49 50.45
N LYS G 508 4.40 57.23 51.75
CA LYS G 508 4.32 58.28 52.76
C LYS G 508 5.71 58.79 53.15
N GLY G 509 6.71 57.93 53.01
CA GLY G 509 8.04 58.24 53.51
C GLY G 509 8.00 58.21 55.04
N PHE G 510 7.14 57.35 55.58
CA PHE G 510 6.91 57.25 57.02
C PHE G 510 8.17 56.85 57.77
N GLY G 511 8.35 57.45 58.95
CA GLY G 511 9.44 57.08 59.84
C GLY G 511 10.62 58.02 59.83
N VAL G 512 10.82 58.74 58.73
CA VAL G 512 11.94 59.66 58.58
C VAL G 512 11.98 60.71 59.69
N ARG G 513 10.86 61.40 59.88
CA ARG G 513 10.78 62.44 60.90
C ARG G 513 10.74 61.86 62.31
N LEU G 514 10.10 60.70 62.46
CA LEU G 514 10.04 60.02 63.74
C LEU G 514 11.42 59.64 64.24
N LEU G 515 12.23 59.04 63.37
CA LEU G 515 13.57 58.61 63.74
C LEU G 515 14.49 59.80 63.98
N THR G 516 14.31 60.86 63.21
CA THR G 516 15.16 62.04 63.33
C THR G 516 14.84 62.82 64.61
N GLU G 517 13.56 62.92 64.94
CA GLU G 517 13.15 63.53 66.20
C GLU G 517 13.69 62.73 67.38
N PHE G 518 13.76 61.42 67.20
CA PHE G 518 14.33 60.52 68.20
C PHE G 518 15.79 60.84 68.47
N VAL G 519 16.55 61.05 67.39
CA VAL G 519 17.98 61.33 67.50
C VAL G 519 18.24 62.70 68.11
N LEU G 520 17.53 63.71 67.61
CA LEU G 520 17.79 65.10 68.01
C LEU G 520 17.40 65.41 69.46
N ASN G 521 16.28 64.86 69.90
CA ASN G 521 15.76 65.17 71.23
C ASN G 521 16.02 64.09 72.27
N ASP G 522 16.91 63.16 71.95
CA ASP G 522 17.26 62.08 72.86
C ASP G 522 18.56 61.39 72.45
N SER H 5 29.61 14.24 43.03
CA SER H 5 30.05 14.01 44.41
C SER H 5 30.23 15.34 45.16
N GLU H 6 30.74 16.35 44.46
CA GLU H 6 30.90 17.67 45.05
C GLU H 6 29.56 18.39 45.11
N VAL H 7 29.21 18.91 46.28
CA VAL H 7 27.94 19.59 46.47
C VAL H 7 28.03 21.07 46.08
N PRO H 8 27.27 21.46 45.04
CA PRO H 8 27.22 22.87 44.64
C PRO H 8 26.63 23.76 45.72
N GLN H 9 27.18 24.97 45.87
CA GLN H 9 26.68 25.93 46.84
C GLN H 9 26.41 27.27 46.17
N VAL H 10 25.46 28.02 46.72
CA VAL H 10 25.19 29.38 46.24
C VAL H 10 26.05 30.36 47.03
N VAL H 11 26.09 30.17 48.33
CA VAL H 11 27.04 30.88 49.19
C VAL H 11 27.88 29.86 49.94
N SER H 12 28.97 30.31 50.54
CA SER H 12 29.88 29.40 51.24
C SER H 12 29.25 28.86 52.52
N LEU H 13 28.19 29.51 52.99
CA LEU H 13 27.51 29.08 54.21
C LEU H 13 26.56 27.92 53.95
N ASP H 14 26.39 27.56 52.69
CA ASP H 14 25.58 26.39 52.33
C ASP H 14 26.28 25.11 52.77
N PRO H 15 25.53 24.20 53.41
CA PRO H 15 26.08 22.93 53.86
C PRO H 15 26.44 22.03 52.68
N THR H 16 27.38 21.10 52.89
CA THR H 16 27.86 20.26 51.80
C THR H 16 27.76 18.77 52.15
N SER H 17 27.07 18.46 53.23
CA SER H 17 26.84 17.07 53.62
C SER H 17 25.69 16.97 54.62
N ILE H 18 25.07 15.80 54.69
CA ILE H 18 24.03 15.56 55.68
C ILE H 18 24.67 15.06 56.97
N PRO H 19 24.45 15.77 58.08
CA PRO H 19 24.93 15.27 59.36
C PRO H 19 24.25 13.95 59.71
N ILE H 20 25.02 12.89 59.86
CA ILE H 20 24.45 11.58 60.16
C ILE H 20 25.09 10.95 61.40
N GLU H 21 24.27 10.75 62.42
CA GLU H 21 24.71 10.09 63.64
C GLU H 21 24.58 8.58 63.49
N TYR H 22 25.72 7.90 63.39
CA TYR H 22 25.73 6.46 63.19
C TYR H 22 25.69 5.68 64.50
N ASN H 23 26.51 6.10 65.47
CA ASN H 23 26.49 5.47 66.78
C ASN H 23 25.69 6.30 67.78
N THR H 24 24.48 5.83 68.06
CA THR H 24 23.56 6.55 68.95
C THR H 24 23.75 6.11 70.40
N PRO H 25 23.30 6.94 71.35
CA PRO H 25 23.28 6.55 72.77
C PRO H 25 22.55 5.23 73.01
N ILE H 26 21.57 4.92 72.14
CA ILE H 26 20.84 3.66 72.22
C ILE H 26 21.78 2.48 72.06
N HIS H 27 22.70 2.59 71.11
CA HIS H 27 23.68 1.54 70.86
C HIS H 27 24.60 1.32 72.07
N ASP H 28 24.68 2.32 72.93
CA ASP H 28 25.54 2.26 74.12
C ASP H 28 24.84 1.62 75.31
N ILE H 29 23.60 1.17 75.10
CA ILE H 29 22.83 0.57 76.18
C ILE H 29 22.97 -0.95 76.19
N LYS H 30 23.55 -1.47 77.27
CA LYS H 30 23.64 -2.92 77.45
C LYS H 30 22.27 -3.50 77.75
N VAL H 31 21.86 -4.49 76.97
CA VAL H 31 20.55 -5.12 77.14
C VAL H 31 20.68 -6.52 77.70
N GLN H 32 19.95 -6.79 78.77
CA GLN H 32 19.97 -8.09 79.42
C GLN H 32 18.55 -8.61 79.66
N VAL H 33 18.27 -9.80 79.16
CA VAL H 33 16.96 -10.42 79.33
C VAL H 33 17.03 -11.57 80.32
N TYR H 34 16.28 -11.45 81.41
CA TYR H 34 16.24 -12.48 82.42
C TYR H 34 14.88 -13.18 82.42
N ASP H 35 14.83 -14.38 82.97
CA ASP H 35 13.56 -15.09 83.14
C ASP H 35 12.91 -14.74 84.48
N ILE H 36 11.67 -14.28 84.37
CA ILE H 36 10.83 -13.78 85.43
C ILE H 36 10.54 -14.92 86.42
N LYS H 37 10.39 -16.13 85.87
CA LYS H 37 10.23 -17.34 86.70
C LYS H 37 11.58 -17.73 87.31
N GLY H 38 12.04 -16.89 88.22
CA GLY H 38 13.37 -16.98 88.79
C GLY H 38 13.59 -15.77 89.70
N GLY H 39 12.60 -14.89 89.74
CA GLY H 39 12.63 -13.75 90.64
C GLY H 39 13.14 -12.48 90.00
N CYS H 40 12.50 -11.35 90.34
CA CYS H 40 12.92 -10.05 89.86
C CYS H 40 13.78 -9.34 90.91
N ASN H 41 15.02 -9.03 90.56
CA ASN H 41 15.88 -8.25 91.43
C ASN H 41 15.57 -6.77 91.31
N VAL H 42 15.66 -6.06 92.43
CA VAL H 42 15.43 -4.61 92.45
C VAL H 42 16.49 -3.93 93.31
N GLU H 43 17.35 -3.13 92.69
CA GLU H 43 18.47 -2.54 93.41
C GLU H 43 18.94 -1.20 92.86
N GLU H 44 18.59 -0.91 91.60
CA GLU H 44 19.15 0.27 90.95
C GLU H 44 18.27 0.82 89.83
N GLY H 45 18.33 2.13 89.64
CA GLY H 45 17.62 2.78 88.55
C GLY H 45 16.12 2.79 88.76
N LEU H 46 15.39 2.60 87.67
CA LEU H 46 13.93 2.60 87.72
C LEU H 46 13.38 1.22 87.35
N THR H 47 12.43 0.73 88.14
CA THR H 47 11.84 -0.58 87.90
C THR H 47 10.36 -0.43 87.53
N ILE H 48 10.03 -0.78 86.29
CA ILE H 48 8.67 -0.60 85.79
C ILE H 48 7.98 -1.93 85.50
N PHE H 49 6.82 -2.12 86.10
CA PHE H 49 6.03 -3.33 85.87
C PHE H 49 4.93 -3.10 84.85
N LEU H 50 5.05 -3.72 83.68
CA LEU H 50 4.00 -3.66 82.69
C LEU H 50 2.85 -4.57 83.11
N VAL H 51 1.80 -3.98 83.68
CA VAL H 51 0.71 -4.76 84.25
C VAL H 51 -0.63 -4.48 83.56
N ASN H 52 -1.49 -5.50 83.58
CA ASN H 52 -2.85 -5.37 83.08
C ASN H 52 -3.83 -6.09 84.00
N ASN H 53 -5.11 -6.03 83.68
CA ASN H 53 -6.12 -6.75 84.42
C ASN H 53 -7.23 -7.21 83.49
N PRO H 54 -7.07 -8.41 82.91
CA PRO H 54 -8.01 -9.00 81.95
C PRO H 54 -9.45 -9.01 82.43
N GLY H 55 -10.33 -8.30 81.73
CA GLY H 55 -11.74 -8.27 82.06
C GLY H 55 -12.21 -6.96 82.64
N LYS H 56 -11.74 -6.66 83.85
CA LYS H 56 -12.12 -5.41 84.53
C LYS H 56 -11.64 -4.20 83.74
N GLU H 57 -12.59 -3.36 83.33
CA GLU H 57 -12.32 -2.20 82.48
C GLU H 57 -11.17 -1.34 83.00
N ASN H 58 -11.20 -1.05 84.30
CA ASN H 58 -10.12 -0.32 84.95
C ASN H 58 -9.78 -0.97 86.29
N GLY H 59 -9.56 -2.29 86.25
CA GLY H 59 -9.30 -3.06 87.46
C GLY H 59 -8.00 -2.69 88.14
N PRO H 60 -7.82 -3.15 89.39
CA PRO H 60 -6.65 -2.82 90.19
C PRO H 60 -5.37 -3.47 89.65
N VAL H 61 -4.22 -2.86 89.91
CA VAL H 61 -2.97 -3.47 89.50
C VAL H 61 -2.61 -4.59 90.47
N LYS H 62 -2.22 -5.73 89.92
CA LYS H 62 -1.87 -6.89 90.73
C LYS H 62 -0.56 -7.50 90.24
N ILE H 63 0.53 -7.16 90.93
CA ILE H 63 1.85 -7.65 90.56
C ILE H 63 2.02 -9.09 91.04
N SER H 64 2.24 -9.99 90.08
CA SER H 64 2.21 -11.43 90.34
C SER H 64 3.59 -12.04 90.56
N SER H 65 4.61 -11.46 89.92
CA SER H 65 5.94 -12.05 89.86
C SER H 65 6.66 -12.06 91.19
N LYS H 66 7.54 -13.05 91.37
CA LYS H 66 8.39 -13.13 92.54
C LYS H 66 9.42 -11.99 92.53
N VAL H 67 9.41 -11.19 93.58
CA VAL H 67 10.38 -10.10 93.71
C VAL H 67 11.41 -10.46 94.78
N ASN H 68 12.67 -10.60 94.37
CA ASN H 68 13.73 -11.04 95.27
C ASN H 68 14.09 -10.01 96.32
N ASP H 69 13.09 -9.53 97.05
CA ASP H 69 13.29 -8.54 98.10
C ASP H 69 12.09 -8.50 99.04
N LYS H 70 12.36 -8.63 100.34
CA LYS H 70 11.29 -8.64 101.33
C LYS H 70 10.56 -7.31 101.40
N GLN H 71 11.34 -6.22 101.46
CA GLN H 71 10.77 -4.88 101.56
C GLN H 71 9.97 -4.51 100.32
N VAL H 72 10.55 -4.76 99.16
CA VAL H 72 9.89 -4.45 97.88
C VAL H 72 8.60 -5.26 97.73
N SER H 73 8.62 -6.50 98.23
CA SER H 73 7.45 -7.36 98.17
C SER H 73 6.35 -6.85 99.09
N GLU H 74 6.74 -6.31 100.24
CA GLU H 74 5.80 -5.75 101.20
C GLU H 74 5.14 -4.50 100.63
N PHE H 75 5.90 -3.73 99.85
CA PHE H 75 5.38 -2.55 99.19
C PHE H 75 4.43 -2.93 98.07
N LEU H 76 4.73 -4.04 97.40
CA LEU H 76 3.95 -4.49 96.26
C LEU H 76 2.89 -5.51 96.66
N LYS H 77 2.52 -5.53 97.94
CA LYS H 77 1.43 -6.38 98.40
C LYS H 77 0.14 -5.99 97.68
N ASP H 78 -0.69 -6.98 97.39
CA ASP H 78 -1.93 -6.76 96.63
C ASP H 78 -2.79 -5.65 97.22
N GLU H 79 -2.84 -5.60 98.55
CA GLU H 79 -3.61 -4.57 99.24
C GLU H 79 -3.06 -3.18 98.93
N ASN H 80 -1.74 -3.04 99.01
CA ASN H 80 -1.07 -1.75 98.77
C ASN H 80 -1.26 -1.25 97.33
N MET H 81 -1.50 -2.17 96.40
CA MET H 81 -1.59 -1.82 94.99
C MET H 81 -3.03 -1.63 94.52
N GLU H 82 -3.98 -1.78 95.45
CA GLU H 82 -5.41 -1.76 95.11
C GLU H 82 -5.87 -0.43 94.50
N LYS H 83 -5.31 0.68 94.99
CA LYS H 83 -5.77 2.00 94.58
C LYS H 83 -5.36 2.37 93.15
N PHE H 84 -4.43 1.61 92.59
CA PHE H 84 -3.96 1.88 91.23
C PHE H 84 -4.64 0.98 90.21
N ASN H 85 -5.15 1.57 89.14
CA ASN H 85 -5.80 0.80 88.08
C ASN H 85 -4.88 0.56 86.89
N VAL H 86 -5.35 -0.21 85.92
CA VAL H 86 -4.52 -0.64 84.80
C VAL H 86 -4.87 0.02 83.48
N LYS H 87 -5.53 1.17 83.53
CA LYS H 87 -5.96 1.88 82.32
C LYS H 87 -4.81 2.08 81.34
N LEU H 88 -5.05 1.75 80.08
CA LEU H 88 -4.02 1.80 79.04
C LEU H 88 -3.38 3.19 78.92
N GLY H 89 -2.18 3.32 79.45
CA GLY H 89 -1.45 4.57 79.38
C GLY H 89 -1.10 5.14 80.75
N THR H 90 -1.71 4.59 81.80
CA THR H 90 -1.48 5.06 83.16
C THR H 90 -0.04 4.81 83.59
N SER H 91 0.46 5.66 84.49
CA SER H 91 1.83 5.56 84.97
C SER H 91 1.94 6.08 86.40
N LYS H 92 2.60 5.32 87.27
CA LYS H 92 2.80 5.74 88.66
C LYS H 92 4.24 5.45 89.12
N HIS H 93 4.73 6.27 90.04
CA HIS H 93 6.09 6.13 90.56
C HIS H 93 6.10 5.71 92.03
N PHE H 94 7.08 4.90 92.40
CA PHE H 94 7.21 4.41 93.78
C PHE H 94 8.64 4.58 94.29
N TYR H 95 8.76 4.97 95.57
CA TYR H 95 10.07 5.11 96.21
C TYR H 95 10.09 4.35 97.53
N MET H 96 11.18 3.60 97.77
CA MET H 96 11.29 2.79 98.97
C MET H 96 12.72 2.30 99.22
N PHE H 97 12.95 1.72 100.39
CA PHE H 97 14.22 1.10 100.72
C PHE H 97 14.13 -0.41 100.59
N ASN H 98 15.21 -1.04 100.14
CA ASN H 98 15.23 -2.50 99.97
C ASN H 98 15.84 -3.22 101.17
N ASP H 99 16.26 -4.46 100.96
CA ASP H 99 16.84 -5.27 102.03
C ASP H 99 18.20 -4.74 102.47
N ASN H 100 18.95 -4.17 101.52
CA ASN H 100 20.23 -3.56 101.82
C ASN H 100 20.08 -2.14 102.34
N LYS H 101 18.83 -1.75 102.61
CA LYS H 101 18.48 -0.39 103.05
C LYS H 101 18.89 0.66 102.01
N ASN H 102 19.06 0.21 100.76
CA ASN H 102 19.33 1.13 99.66
C ASN H 102 18.02 1.64 99.07
N SER H 103 18.02 2.89 98.61
CA SER H 103 16.83 3.47 98.01
C SER H 103 16.65 2.98 96.58
N VAL H 104 15.46 2.48 96.27
CA VAL H 104 15.16 2.01 94.93
C VAL H 104 13.90 2.69 94.38
N ALA H 105 13.82 2.80 93.05
CA ALA H 105 12.69 3.43 92.40
C ALA H 105 11.89 2.42 91.57
N VAL H 106 10.63 2.24 91.93
CA VAL H 106 9.76 1.27 91.25
C VAL H 106 8.53 1.99 90.68
N GLY H 107 7.79 1.31 89.82
CA GLY H 107 6.58 1.86 89.24
C GLY H 107 5.90 0.90 88.28
N TYR H 108 4.80 1.33 87.68
CA TYR H 108 4.10 0.49 86.71
C TYR H 108 3.55 1.29 85.54
N VAL H 109 3.26 0.59 84.45
CA VAL H 109 2.52 1.17 83.33
C VAL H 109 1.34 0.25 83.01
N GLY H 110 0.14 0.83 82.94
CA GLY H 110 -1.06 0.07 82.71
C GLY H 110 -1.24 -0.34 81.25
N CYS H 111 -1.54 -1.61 81.03
CA CYS H 111 -1.74 -2.12 79.68
C CYS H 111 -3.19 -2.55 79.45
N GLY H 112 -4.12 -1.86 80.10
CA GLY H 112 -5.54 -2.07 79.87
C GLY H 112 -6.11 -3.38 80.39
N SER H 113 -7.26 -3.76 79.82
CA SER H 113 -7.92 -5.00 80.18
C SER H 113 -7.74 -6.04 79.09
N VAL H 114 -7.81 -5.58 77.84
CA VAL H 114 -7.69 -6.45 76.67
C VAL H 114 -6.42 -7.30 76.73
N ALA H 115 -6.60 -8.61 76.63
CA ALA H 115 -5.49 -9.56 76.81
C ALA H 115 -4.51 -9.55 75.64
N ASP H 116 -4.89 -8.90 74.54
CA ASP H 116 -4.02 -8.82 73.38
C ASP H 116 -3.78 -7.37 72.97
N LEU H 117 -2.63 -6.83 73.35
CA LEU H 117 -2.27 -5.45 73.02
C LEU H 117 -1.92 -5.33 71.55
N SER H 118 -2.38 -4.24 70.92
CA SER H 118 -2.14 -4.03 69.50
C SER H 118 -1.00 -3.04 69.27
N GLU H 119 -0.66 -2.85 67.99
CA GLU H 119 0.39 -1.93 67.57
C GLU H 119 0.23 -0.55 68.18
N ALA H 120 -0.99 -0.02 68.12
CA ALA H 120 -1.27 1.30 68.68
C ALA H 120 -1.24 1.28 70.19
N ASP H 121 -1.71 0.17 70.77
CA ASP H 121 -1.76 0.02 72.22
C ASP H 121 -0.35 -0.05 72.82
N MET H 122 0.48 -0.95 72.28
CA MET H 122 1.85 -1.12 72.74
C MET H 122 2.64 0.18 72.56
N LYS H 123 2.34 0.90 71.49
CA LYS H 123 2.99 2.19 71.24
C LYS H 123 2.60 3.19 72.34
N ARG H 124 1.36 3.12 72.79
CA ARG H 124 0.89 3.97 73.89
C ARG H 124 1.58 3.58 75.19
N VAL H 125 1.86 2.29 75.35
CA VAL H 125 2.58 1.81 76.52
C VAL H 125 4.01 2.35 76.53
N VAL H 126 4.69 2.18 75.39
CA VAL H 126 6.06 2.64 75.23
C VAL H 126 6.19 4.14 75.51
N LEU H 127 5.25 4.92 74.99
CA LEU H 127 5.25 6.37 75.20
C LEU H 127 5.22 6.73 76.68
N SER H 128 4.34 6.08 77.43
CA SER H 128 4.24 6.31 78.87
C SER H 128 5.56 5.98 79.56
N LEU H 129 6.25 4.98 79.03
CA LEU H 129 7.53 4.55 79.58
C LEU H 129 8.63 5.58 79.33
N VAL H 130 8.74 6.04 78.09
CA VAL H 130 9.75 7.02 77.71
C VAL H 130 9.53 8.35 78.43
N THR H 131 8.27 8.63 78.76
CA THR H 131 7.94 9.81 79.56
C THR H 131 8.65 9.76 80.90
N MET H 132 8.63 8.59 81.52
CA MET H 132 9.31 8.38 82.80
C MET H 132 10.82 8.47 82.63
N LEU H 133 11.32 8.08 81.46
CA LEU H 133 12.74 8.16 81.15
C LEU H 133 13.17 9.61 80.99
N HIS H 134 12.30 10.42 80.42
CA HIS H 134 12.56 11.86 80.28
C HIS H 134 12.51 12.54 81.63
N ASP H 135 13.31 13.60 81.78
CA ASP H 135 13.35 14.41 82.99
C ASP H 135 13.67 13.59 84.23
N ASN H 136 14.52 12.57 84.06
CA ASN H 136 14.97 11.74 85.15
C ASN H 136 16.33 11.14 84.84
N LYS H 137 17.34 11.54 85.59
CA LYS H 137 18.69 11.05 85.37
C LYS H 137 18.86 9.63 85.92
N LEU H 138 18.72 8.65 85.03
CA LEU H 138 18.75 7.25 85.42
C LEU H 138 19.91 6.50 84.76
N SER H 139 20.56 5.64 85.52
CA SER H 139 21.65 4.82 85.01
C SER H 139 21.12 3.55 84.36
N LYS H 140 19.99 3.06 84.86
CA LYS H 140 19.45 1.79 84.42
C LYS H 140 17.92 1.76 84.42
N LEU H 141 17.34 1.15 83.40
CA LEU H 141 15.91 0.90 83.36
C LEU H 141 15.63 -0.59 83.36
N THR H 142 14.71 -1.03 84.20
CA THR H 142 14.31 -2.43 84.24
C THR H 142 12.82 -2.56 83.94
N VAL H 143 12.49 -3.36 82.95
CA VAL H 143 11.10 -3.56 82.54
C VAL H 143 10.67 -5.01 82.77
N VAL H 144 9.60 -5.19 83.54
CA VAL H 144 9.09 -6.52 83.84
C VAL H 144 7.77 -6.76 83.11
N PHE H 145 7.77 -7.75 82.21
CA PHE H 145 6.61 -8.04 81.38
C PHE H 145 5.61 -8.96 82.06
N GLU H 146 4.65 -8.39 82.76
CA GLU H 146 3.56 -9.16 83.34
C GLU H 146 2.35 -9.11 82.43
N ILE H 147 2.62 -8.96 81.14
CA ILE H 147 1.62 -9.08 80.09
C ILE H 147 2.14 -10.07 79.07
N ASN H 148 1.27 -10.58 78.22
CA ASN H 148 1.68 -11.60 77.26
C ASN H 148 1.82 -11.06 75.85
N VAL H 149 3.03 -11.19 75.31
CA VAL H 149 3.35 -10.72 73.98
C VAL H 149 4.06 -11.81 73.18
N ASP H 150 3.78 -11.90 71.88
CA ASP H 150 4.50 -12.84 71.03
C ASP H 150 5.90 -12.30 70.76
N LYS H 151 6.64 -12.98 69.89
CA LYS H 151 8.02 -12.58 69.61
C LYS H 151 8.11 -11.27 68.86
N ASN H 152 7.20 -11.06 67.91
CA ASN H 152 7.22 -9.86 67.09
C ASN H 152 6.82 -8.60 67.87
N LEU H 153 5.86 -8.74 68.78
CA LEU H 153 5.41 -7.60 69.57
C LEU H 153 6.46 -7.21 70.61
N PHE H 154 7.21 -8.19 71.08
CA PHE H 154 8.31 -7.92 72.01
C PHE H 154 9.39 -7.11 71.29
N ARG H 155 9.72 -7.53 70.08
CA ARG H 155 10.71 -6.82 69.27
C ARG H 155 10.21 -5.41 68.95
N PHE H 156 8.95 -5.32 68.55
CA PHE H 156 8.33 -4.02 68.24
C PHE H 156 8.36 -3.09 69.44
N PHE H 157 8.21 -3.66 70.63
CA PHE H 157 8.29 -2.90 71.87
C PHE H 157 9.66 -2.24 72.01
N LEU H 158 10.71 -3.01 71.73
CA LEU H 158 12.07 -2.54 71.87
C LEU H 158 12.42 -1.49 70.81
N GLU H 159 12.05 -1.75 69.56
CA GLU H 159 12.26 -0.79 68.48
C GLU H 159 11.64 0.55 68.84
N THR H 160 10.37 0.51 69.22
CA THR H 160 9.62 1.71 69.55
C THR H 160 10.18 2.38 70.78
N LEU H 161 10.62 1.58 71.75
CA LEU H 161 11.27 2.12 72.94
C LEU H 161 12.53 2.86 72.52
N PHE H 162 13.33 2.23 71.67
CA PHE H 162 14.57 2.82 71.20
C PHE H 162 14.33 4.09 70.39
N TYR H 163 13.47 3.99 69.38
CA TYR H 163 13.24 5.09 68.44
C TYR H 163 12.67 6.33 69.12
N GLU H 164 11.70 6.14 69.99
CA GLU H 164 11.05 7.27 70.67
C GLU H 164 11.97 7.87 71.74
N TYR H 165 12.82 7.03 72.32
CA TYR H 165 13.77 7.47 73.34
C TYR H 165 14.81 8.42 72.74
N MET H 166 15.33 8.01 71.58
CA MET H 166 16.37 8.76 70.89
C MET H 166 15.89 10.14 70.45
N THR H 167 16.70 11.16 70.71
CA THR H 167 16.36 12.53 70.35
C THR H 167 17.33 13.10 69.32
N ASP H 168 16.80 13.57 68.20
CA ASP H 168 17.61 14.14 67.13
C ASP H 168 18.01 15.57 67.48
N GLU H 169 19.32 15.82 67.56
CA GLU H 169 19.83 17.14 67.91
C GLU H 169 20.93 17.61 66.97
N ARG H 170 20.95 17.05 65.77
CA ARG H 170 21.96 17.40 64.77
C ARG H 170 21.93 18.87 64.39
N PHE H 171 20.76 19.48 64.49
CA PHE H 171 20.58 20.86 64.03
C PHE H 171 20.36 21.83 65.19
N LYS H 172 20.61 21.35 66.40
CA LYS H 172 20.63 22.21 67.58
C LYS H 172 22.02 22.81 67.75
N SER H 173 22.10 23.93 68.48
CA SER H 173 23.38 24.55 68.80
C SER H 173 23.23 25.56 69.92
N THR H 174 22.15 26.34 69.86
CA THR H 174 21.84 27.38 70.84
C THR H 174 22.97 28.38 70.99
N LYS H 176 21.07 23.07 72.48
CA LYS H 176 21.00 21.65 72.82
C LYS H 176 20.53 21.45 74.26
N ASN H 177 19.69 20.44 74.47
CA ASN H 177 19.18 20.12 75.79
C ASN H 177 20.32 19.73 76.74
N VAL H 178 20.39 20.42 77.88
CA VAL H 178 21.52 20.25 78.79
C VAL H 178 21.28 19.15 79.84
N ASN H 179 20.08 18.57 79.83
CA ASN H 179 19.71 17.59 80.85
C ASN H 179 19.44 16.19 80.31
N MET H 180 19.91 15.90 79.09
CA MET H 180 19.67 14.62 78.47
C MET H 180 20.78 13.61 78.80
N GLU H 181 20.45 12.64 79.66
CA GLU H 181 21.40 11.60 80.02
C GLU H 181 20.79 10.22 79.85
N TYR H 182 21.04 9.60 78.70
CA TYR H 182 20.49 8.28 78.38
C TYR H 182 20.99 7.21 79.35
N ILE H 183 20.15 6.22 79.63
CA ILE H 183 20.52 5.10 80.47
C ILE H 183 21.64 4.29 79.81
N LYS H 184 22.30 3.45 80.60
CA LYS H 184 23.42 2.66 80.10
C LYS H 184 23.15 1.16 80.20
N HIS H 185 22.08 0.80 80.91
CA HIS H 185 21.67 -0.59 81.05
C HIS H 185 20.16 -0.74 80.97
N LEU H 186 19.71 -1.76 80.23
CA LEU H 186 18.29 -2.09 80.17
C LEU H 186 18.07 -3.56 80.49
N GLY H 187 17.37 -3.82 81.59
CA GLY H 187 17.05 -5.19 81.98
C GLY H 187 15.61 -5.53 81.67
N VAL H 188 15.37 -6.77 81.24
CA VAL H 188 14.02 -7.22 80.90
C VAL H 188 13.70 -8.59 81.49
N TYR H 189 12.60 -8.64 82.26
CA TYR H 189 12.09 -9.91 82.78
C TYR H 189 10.87 -10.35 81.98
N ILE H 190 10.89 -11.58 81.48
CA ILE H 190 9.78 -12.10 80.67
C ILE H 190 9.78 -13.63 80.69
N ASN H 191 8.61 -14.27 80.52
CA ASN H 191 8.52 -15.76 80.51
C ASN H 191 9.25 -16.31 79.31
N ASN H 192 9.60 -17.61 79.38
CA ASN H 192 10.57 -18.27 78.49
C ASN H 192 11.43 -17.27 77.71
N ALA H 193 12.23 -16.55 78.47
CA ALA H 193 13.06 -15.48 77.97
C ALA H 193 14.07 -15.97 76.94
N ASP H 194 14.34 -17.28 76.95
CA ASP H 194 15.30 -17.88 76.03
C ASP H 194 14.91 -17.64 74.57
N THR H 195 13.61 -17.62 74.30
CA THR H 195 13.11 -17.40 72.95
C THR H 195 13.17 -15.92 72.56
N TYR H 196 13.04 -15.05 73.56
CA TYR H 196 12.98 -13.61 73.32
C TYR H 196 14.35 -12.97 73.14
N LYS H 197 15.39 -13.61 73.66
CA LYS H 197 16.74 -13.06 73.61
C LYS H 197 17.23 -12.81 72.19
N GLU H 198 16.75 -13.62 71.24
CA GLU H 198 17.14 -13.48 69.85
C GLU H 198 16.67 -12.17 69.24
N GLU H 199 15.53 -11.68 69.72
CA GLU H 199 14.89 -10.50 69.15
C GLU H 199 15.50 -9.18 69.61
N VAL H 200 16.47 -9.26 70.53
CA VAL H 200 17.06 -8.05 71.10
C VAL H 200 17.92 -7.30 70.08
N GLU H 201 18.87 -7.99 69.48
CA GLU H 201 19.77 -7.35 68.53
C GLU H 201 19.08 -7.13 67.19
N LYS H 202 18.04 -7.91 66.91
CA LYS H 202 17.25 -7.68 65.72
C LYS H 202 16.45 -6.41 65.87
N ALA H 203 16.09 -6.10 67.12
CA ALA H 203 15.37 -4.86 67.42
C ALA H 203 16.29 -3.66 67.25
N ARG H 204 17.53 -3.79 67.72
CA ARG H 204 18.50 -2.70 67.64
C ARG H 204 18.82 -2.38 66.18
N VAL H 205 18.94 -3.42 65.36
CA VAL H 205 19.18 -3.24 63.94
C VAL H 205 17.98 -2.54 63.28
N TYR H 206 16.79 -3.07 63.53
CA TYR H 206 15.56 -2.47 63.02
C TYR H 206 15.40 -1.04 63.49
N TYR H 207 15.83 -0.78 64.73
CA TYR H 207 15.76 0.56 65.28
C TYR H 207 16.57 1.55 64.46
N PHE H 208 17.82 1.21 64.18
CA PHE H 208 18.69 2.17 63.49
C PHE H 208 18.30 2.35 62.04
N GLY H 209 17.80 1.30 61.40
CA GLY H 209 17.32 1.41 60.04
C GLY H 209 16.20 2.43 59.97
N THR H 210 15.32 2.38 60.97
CA THR H 210 14.22 3.33 61.08
C THR H 210 14.74 4.73 61.41
N TYR H 211 15.70 4.81 62.34
CA TYR H 211 16.22 6.10 62.76
C TYR H 211 17.13 6.71 61.70
N TYR H 212 17.80 5.87 60.92
CA TYR H 212 18.64 6.35 59.83
C TYR H 212 17.79 7.00 58.76
N ALA H 213 16.70 6.33 58.40
CA ALA H 213 15.73 6.88 57.45
C ALA H 213 15.16 8.17 57.98
N SER H 214 14.88 8.19 59.28
CA SER H 214 14.36 9.37 59.95
C SER H 214 15.32 10.55 59.85
N GLN H 215 16.60 10.28 60.06
CA GLN H 215 17.64 11.32 59.99
C GLN H 215 17.67 11.98 58.61
N LEU H 216 17.53 11.18 57.57
CA LEU H 216 17.58 11.68 56.20
C LEU H 216 16.34 12.52 55.88
N ILE H 217 15.19 12.09 56.37
CA ILE H 217 13.94 12.81 56.13
C ILE H 217 13.89 14.12 56.90
N ALA H 218 14.20 14.06 58.19
CA ALA H 218 14.18 15.23 59.06
C ALA H 218 15.19 16.28 58.60
N ALA H 219 16.28 15.81 58.00
CA ALA H 219 17.28 16.70 57.43
C ALA H 219 16.65 17.59 56.36
N PRO H 220 16.76 18.91 56.54
CA PRO H 220 16.17 19.91 55.63
C PRO H 220 16.72 19.78 54.20
N SER H 221 16.06 20.42 53.25
CA SER H 221 16.40 20.25 51.84
C SER H 221 17.67 20.99 51.43
N ASN H 222 18.14 21.91 52.29
CA ASN H 222 19.41 22.56 52.01
C ASN H 222 20.58 21.68 52.47
N TYR H 223 20.30 20.80 53.44
CA TYR H 223 21.27 19.81 53.86
C TYR H 223 21.16 18.55 52.99
N CYS H 224 19.93 18.12 52.76
CA CYS H 224 19.66 16.91 51.97
C CYS H 224 19.26 17.25 50.54
N ASN H 225 20.22 17.13 49.63
CA ASN H 225 19.99 17.39 48.22
C ASN H 225 20.39 16.16 47.40
N PRO H 226 20.03 16.11 46.10
CA PRO H 226 20.37 14.96 45.27
C PRO H 226 21.85 14.56 45.32
N VAL H 227 22.73 15.53 45.54
CA VAL H 227 24.16 15.24 45.61
C VAL H 227 24.55 14.69 46.99
N SER H 228 24.12 15.37 48.04
CA SER H 228 24.50 14.97 49.40
C SER H 228 23.83 13.68 49.83
N LEU H 229 22.61 13.44 49.33
CA LEU H 229 21.91 12.21 49.64
C LEU H 229 22.59 11.02 48.98
N SER H 230 22.96 11.18 47.72
CA SER H 230 23.67 10.14 46.98
C SER H 230 25.03 9.86 47.59
N ASN H 231 25.66 10.91 48.12
CA ASN H 231 26.94 10.77 48.81
C ASN H 231 26.77 10.00 50.11
N ALA H 232 25.65 10.23 50.78
CA ALA H 232 25.33 9.53 52.02
C ALA H 232 25.14 8.04 51.75
N ALA H 233 24.38 7.72 50.70
CA ALA H 233 24.10 6.35 50.32
C ALA H 233 25.38 5.60 49.99
N VAL H 234 26.31 6.27 49.32
CA VAL H 234 27.63 5.71 49.04
C VAL H 234 28.36 5.39 50.34
N GLU H 235 28.37 6.37 51.24
CA GLU H 235 29.03 6.22 52.54
C GLU H 235 28.44 5.06 53.32
N LEU H 236 27.12 4.92 53.26
CA LEU H 236 26.44 3.81 53.92
C LEU H 236 26.81 2.48 53.28
N ALA H 237 26.83 2.46 51.95
CA ALA H 237 27.15 1.26 51.20
C ALA H 237 28.55 0.76 51.50
N GLN H 238 29.48 1.71 51.68
CA GLN H 238 30.86 1.36 51.98
C GLN H 238 31.00 0.77 53.38
N LYS H 239 30.22 1.30 54.32
CA LYS H 239 30.23 0.80 55.69
C LYS H 239 29.71 -0.64 55.78
N LEU H 240 28.81 -0.99 54.86
CA LEU H 240 28.18 -2.31 54.86
C LEU H 240 28.79 -3.23 53.81
N ASN H 241 29.68 -2.67 53.01
CA ASN H 241 30.27 -3.37 51.85
C ASN H 241 29.20 -3.91 50.91
N LEU H 242 28.26 -3.05 50.52
CA LEU H 242 27.37 -3.37 49.43
C LEU H 242 27.98 -2.81 48.16
N GLU H 243 27.66 -3.43 47.02
CA GLU H 243 28.03 -2.84 45.75
C GLU H 243 27.25 -1.54 45.60
N TYR H 244 27.87 -0.54 45.00
CA TYR H 244 27.17 0.74 44.83
C TYR H 244 27.51 1.36 43.48
N LYS H 245 26.53 2.05 42.90
CA LYS H 245 26.72 2.74 41.64
C LYS H 245 25.82 3.97 41.57
N ILE H 246 26.45 5.14 41.51
CA ILE H 246 25.69 6.38 41.38
C ILE H 246 25.73 6.85 39.94
N LEU H 247 24.57 6.84 39.30
CA LEU H 247 24.47 7.24 37.90
C LEU H 247 24.31 8.75 37.78
N GLY H 248 25.23 9.37 37.03
CA GLY H 248 25.21 10.81 36.85
C GLY H 248 24.41 11.20 35.63
N VAL H 249 24.24 12.51 35.43
CA VAL H 249 23.42 13.05 34.35
C VAL H 249 23.85 12.52 32.97
N LYS H 250 25.15 12.46 32.75
CA LYS H 250 25.68 11.96 31.49
C LYS H 250 25.29 10.50 31.25
N GLU H 251 25.30 9.71 32.32
CA GLU H 251 24.90 8.31 32.24
C GLU H 251 23.39 8.18 32.04
N LEU H 252 22.64 9.02 32.75
CA LEU H 252 21.19 9.00 32.68
C LEU H 252 20.70 9.41 31.30
N GLU H 253 21.48 10.24 30.61
CA GLU H 253 21.12 10.71 29.29
C GLU H 253 21.24 9.60 28.24
N GLU H 254 22.32 8.82 28.31
CA GLU H 254 22.50 7.72 27.36
C GLU H 254 21.59 6.55 27.72
N LEU H 255 21.09 6.55 28.95
CA LEU H 255 20.08 5.58 29.35
C LEU H 255 18.68 6.11 29.03
N LYS H 256 18.65 7.35 28.57
CA LYS H 256 17.44 7.99 28.03
C LYS H 256 16.29 8.09 29.03
N MET H 257 16.63 8.43 30.28
CA MET H 257 15.61 8.66 31.30
C MET H 257 15.05 10.06 31.20
N GLY H 258 14.25 10.31 30.18
CA GLY H 258 13.72 11.64 29.90
C GLY H 258 12.73 12.13 30.94
N ALA H 259 11.88 11.23 31.43
CA ALA H 259 10.89 11.59 32.44
C ALA H 259 11.58 11.99 33.75
N TYR H 260 12.56 11.18 34.14
CA TYR H 260 13.35 11.43 35.34
C TYR H 260 14.12 12.75 35.23
N LEU H 261 14.84 12.94 34.13
CA LEU H 261 15.68 14.11 33.95
C LEU H 261 14.87 15.41 33.82
N SER H 262 13.66 15.30 33.29
CA SER H 262 12.83 16.48 33.10
C SER H 262 12.38 17.10 34.42
N VAL H 263 12.15 16.25 35.42
CA VAL H 263 11.73 16.72 36.73
C VAL H 263 12.82 17.56 37.39
N GLY H 264 14.07 17.15 37.23
CA GLY H 264 15.17 17.83 37.86
C GLY H 264 15.80 18.93 37.04
N LYS H 265 15.20 19.24 35.90
CA LYS H 265 15.74 20.24 34.97
C LYS H 265 15.88 21.63 35.60
N GLY H 266 14.95 21.99 36.47
CA GLY H 266 14.95 23.31 37.07
C GLY H 266 15.72 23.41 38.38
N SER H 267 16.48 22.37 38.69
CA SER H 267 17.23 22.34 39.95
C SER H 267 18.69 22.73 39.75
N MET H 268 19.32 23.24 40.81
CA MET H 268 20.73 23.57 40.77
C MET H 268 21.57 22.34 41.04
N TYR H 269 20.93 21.32 41.59
CA TYR H 269 21.62 20.07 41.92
C TYR H 269 21.43 19.04 40.82
N PRO H 270 22.54 18.49 40.30
CA PRO H 270 22.52 17.44 39.28
C PRO H 270 21.75 16.20 39.75
N ASN H 271 20.99 15.58 38.85
CA ASN H 271 20.27 14.36 39.18
C ASN H 271 21.23 13.23 39.52
N LYS H 272 20.86 12.41 40.50
CA LYS H 272 21.69 11.31 40.94
C LYS H 272 20.86 10.04 41.13
N PHE H 273 21.14 9.01 40.32
CA PHE H 273 20.45 7.74 40.45
C PHE H 273 21.23 6.81 41.38
N ILE H 274 20.62 6.47 42.51
CA ILE H 274 21.25 5.60 43.50
C ILE H 274 21.00 4.12 43.19
N HIS H 275 22.07 3.35 43.12
CA HIS H 275 21.95 1.92 42.87
C HIS H 275 22.84 1.13 43.84
N LEU H 276 22.21 0.48 44.81
CA LEU H 276 22.90 -0.34 45.78
C LEU H 276 22.53 -1.82 45.59
N THR H 277 23.45 -2.71 45.89
CA THR H 277 23.17 -4.14 45.76
C THR H 277 23.74 -4.97 46.90
N TYR H 278 22.88 -5.75 47.54
CA TYR H 278 23.33 -6.81 48.44
C TYR H 278 23.18 -8.15 47.74
N LYS H 279 24.21 -8.97 47.81
CA LYS H 279 24.12 -10.32 47.27
C LYS H 279 24.56 -11.33 48.32
N SER H 280 23.88 -12.46 48.35
CA SER H 280 24.17 -13.51 49.32
C SER H 280 25.31 -14.40 48.84
N LYS H 281 25.99 -15.02 49.78
CA LYS H 281 27.15 -15.87 49.46
C LYS H 281 26.72 -17.17 48.80
N GLY H 282 25.57 -17.70 49.22
CA GLY H 282 25.11 -18.99 48.72
C GLY H 282 24.38 -18.92 47.39
N ASP H 283 23.40 -19.81 47.23
CA ASP H 283 22.63 -19.89 45.99
C ASP H 283 21.46 -18.91 45.99
N VAL H 284 21.45 -17.99 45.03
CA VAL H 284 20.42 -16.95 44.96
C VAL H 284 19.10 -17.50 44.42
N LYS H 285 18.03 -17.32 45.21
CA LYS H 285 16.72 -17.85 44.84
C LYS H 285 15.72 -16.75 44.52
N LYS H 286 15.79 -15.64 45.27
CA LYS H 286 14.93 -14.48 45.01
C LYS H 286 15.76 -13.28 44.56
N LYS H 287 15.29 -12.61 43.51
CA LYS H 287 15.88 -11.36 43.06
C LYS H 287 14.87 -10.23 43.26
N ILE H 288 15.25 -9.22 44.03
CA ILE H 288 14.31 -8.17 44.43
C ILE H 288 14.88 -6.77 44.23
N ALA H 289 14.08 -5.89 43.63
CA ALA H 289 14.45 -4.49 43.47
C ALA H 289 13.55 -3.59 44.30
N LEU H 290 14.15 -2.80 45.19
CA LEU H 290 13.40 -1.85 46.01
C LEU H 290 13.58 -0.44 45.47
N VAL H 291 12.47 0.19 45.09
CA VAL H 291 12.51 1.53 44.53
C VAL H 291 11.94 2.57 45.49
N GLY H 292 12.70 3.63 45.74
CA GLY H 292 12.24 4.68 46.63
C GLY H 292 12.12 6.01 45.91
N LYS H 293 11.02 6.70 46.12
CA LYS H 293 10.85 8.05 45.57
C LYS H 293 11.83 8.99 46.28
N GLY H 294 12.69 9.63 45.48
CA GLY H 294 13.74 10.46 46.03
C GLY H 294 13.69 11.92 45.64
N ILE H 295 12.56 12.57 45.89
CA ILE H 295 12.45 14.01 45.69
C ILE H 295 12.87 14.73 46.96
N THR H 296 14.06 15.33 46.96
CA THR H 296 14.62 15.92 48.17
C THR H 296 13.88 17.19 48.58
N PHE H 297 13.23 17.84 47.62
CA PHE H 297 12.26 18.87 47.92
C PHE H 297 11.26 19.02 46.77
N ASP H 298 9.99 19.15 47.11
CA ASP H 298 8.94 19.23 46.10
C ASP H 298 8.21 20.58 46.17
N SER H 299 8.71 21.56 45.44
CA SER H 299 8.03 22.85 45.35
C SER H 299 6.75 22.69 44.56
N GLY H 300 6.73 21.73 43.66
CA GLY H 300 5.58 21.49 42.81
C GLY H 300 5.84 21.92 41.38
N GLY H 301 6.99 22.55 41.16
CA GLY H 301 7.32 23.07 39.85
C GLY H 301 6.47 24.29 39.52
N TYR H 302 6.21 24.51 38.24
CA TYR H 302 5.38 25.63 37.82
C TYR H 302 3.93 25.44 38.27
N ASN H 303 3.57 24.20 38.59
CA ASN H 303 2.35 23.94 39.35
C ASN H 303 2.67 24.08 40.84
N LEU H 304 3.12 25.27 41.21
CA LEU H 304 3.59 25.56 42.56
C LEU H 304 2.57 25.16 43.63
N LYS H 305 3.07 24.65 44.76
CA LYS H 305 2.22 24.34 45.90
C LYS H 305 1.85 25.63 46.62
N ALA H 306 0.90 26.36 46.06
CA ALA H 306 0.49 27.65 46.61
C ALA H 306 -0.88 27.58 47.27
N ALA H 307 -1.63 26.53 46.96
CA ALA H 307 -2.97 26.34 47.50
C ALA H 307 -2.91 26.12 49.01
N PRO H 308 -3.91 26.64 49.74
CA PRO H 308 -4.02 26.45 51.19
C PRO H 308 -4.00 24.97 51.59
N GLY H 309 -3.07 24.63 52.48
CA GLY H 309 -2.97 23.26 52.97
C GLY H 309 -2.18 22.34 52.06
N SER H 310 -1.41 22.91 51.14
CA SER H 310 -0.56 22.12 50.26
C SER H 310 0.73 21.71 50.97
N MET H 311 0.92 22.24 52.18
CA MET H 311 1.98 21.80 53.09
C MET H 311 3.39 21.84 52.48
N ILE H 312 3.73 22.95 51.84
CA ILE H 312 5.00 23.06 51.12
C ILE H 312 6.20 22.99 52.08
N ASP H 313 6.01 23.39 53.32
CA ASP H 313 7.10 23.39 54.30
C ASP H 313 7.46 21.98 54.76
N LEU H 314 6.60 21.01 54.45
CA LEU H 314 6.84 19.62 54.79
C LEU H 314 7.64 18.91 53.70
N MET H 315 7.68 19.51 52.52
CA MET H 315 8.11 18.82 51.30
C MET H 315 9.56 18.33 51.28
N LYS H 316 10.27 18.46 52.39
CA LYS H 316 11.54 17.78 52.55
C LYS H 316 11.29 16.29 52.73
N PHE H 317 10.06 15.97 53.15
CA PHE H 317 9.63 14.61 53.44
C PHE H 317 9.58 13.75 52.18
N ASP H 318 9.58 14.40 51.03
CA ASP H 318 9.24 13.75 49.76
C ASP H 318 10.30 12.76 49.26
N MET H 319 11.32 12.52 50.06
CA MET H 319 12.30 11.48 49.76
C MET H 319 12.25 10.39 50.82
N SER H 320 11.10 10.26 51.45
CA SER H 320 10.89 9.27 52.51
C SER H 320 11.01 7.86 51.98
N GLY H 321 10.56 7.64 50.74
CA GLY H 321 10.65 6.34 50.11
C GLY H 321 12.10 5.93 49.94
N CYS H 322 12.92 6.85 49.43
CA CYS H 322 14.35 6.63 49.30
C CYS H 322 14.97 6.36 50.66
N ALA H 323 14.51 7.10 51.66
CA ALA H 323 14.98 6.92 53.03
C ALA H 323 14.59 5.54 53.56
N ALA H 324 13.37 5.12 53.25
CA ALA H 324 12.89 3.81 53.64
C ALA H 324 13.74 2.71 53.03
N VAL H 325 14.03 2.85 51.73
CA VAL H 325 14.83 1.88 51.00
C VAL H 325 16.27 1.83 51.53
N LEU H 326 16.84 2.99 51.81
CA LEU H 326 18.18 3.06 52.37
C LEU H 326 18.23 2.48 53.77
N GLY H 327 17.19 2.73 54.56
CA GLY H 327 17.09 2.19 55.90
C GLY H 327 17.00 0.67 55.87
N CYS H 328 16.30 0.16 54.88
CA CYS H 328 16.21 -1.29 54.67
C CYS H 328 17.57 -1.86 54.31
N ALA H 329 18.30 -1.14 53.46
CA ALA H 329 19.62 -1.57 53.02
C ALA H 329 20.58 -1.71 54.19
N TYR H 330 20.39 -0.88 55.22
CA TYR H 330 21.19 -1.02 56.44
C TYR H 330 20.89 -2.35 57.12
N CYS H 331 19.60 -2.58 57.39
CA CYS H 331 19.17 -3.80 58.07
C CYS H 331 19.57 -5.05 57.31
N VAL H 332 19.30 -5.05 56.01
CA VAL H 332 19.68 -6.17 55.15
C VAL H 332 21.19 -6.36 55.14
N GLY H 333 21.93 -5.26 55.01
CA GLY H 333 23.37 -5.31 54.99
C GLY H 333 23.97 -5.72 56.32
N THR H 334 23.21 -5.52 57.39
CA THR H 334 23.66 -5.89 58.72
C THR H 334 23.32 -7.33 59.06
N LEU H 335 22.08 -7.72 58.78
CA LEU H 335 21.59 -9.05 59.13
C LEU H 335 22.09 -10.13 58.18
N LYS H 336 22.46 -9.73 56.97
CA LYS H 336 22.98 -10.63 55.95
C LYS H 336 22.10 -11.85 55.70
N PRO H 337 20.89 -11.64 55.18
CA PRO H 337 20.06 -12.80 54.82
C PRO H 337 20.66 -13.50 53.60
N GLU H 338 20.36 -14.78 53.41
CA GLU H 338 20.92 -15.50 52.27
C GLU H 338 19.86 -16.01 51.31
N ASN H 339 20.34 -16.59 50.20
CA ASN H 339 19.52 -17.01 49.07
C ASN H 339 18.87 -15.85 48.32
N VAL H 340 19.39 -14.64 48.52
CA VAL H 340 18.74 -13.46 47.96
C VAL H 340 19.72 -12.45 47.34
N GLU H 341 19.24 -11.74 46.32
CA GLU H 341 19.96 -10.62 45.72
C GLU H 341 19.02 -9.41 45.68
N ILE H 342 19.41 -8.33 46.34
CA ILE H 342 18.53 -7.18 46.48
C ILE H 342 19.13 -5.88 45.93
N HIS H 343 18.40 -5.24 45.02
CA HIS H 343 18.82 -3.96 44.46
C HIS H 343 18.06 -2.81 45.11
N PHE H 344 18.79 -1.87 45.70
CA PHE H 344 18.18 -0.71 46.34
C PHE H 344 18.28 0.51 45.43
N LEU H 345 17.16 0.88 44.83
CA LEU H 345 17.16 1.92 43.81
C LEU H 345 16.43 3.20 44.24
N SER H 346 16.89 4.32 43.71
CA SER H 346 16.20 5.60 43.90
C SER H 346 16.65 6.63 42.87
N ALA H 347 15.70 7.12 42.08
CA ALA H 347 15.96 8.22 41.16
C ALA H 347 15.82 9.54 41.92
N VAL H 348 16.95 10.09 42.35
CA VAL H 348 16.93 11.26 43.22
C VAL H 348 17.07 12.56 42.44
N CYS H 349 16.17 13.51 42.72
CA CYS H 349 16.23 14.83 42.12
C CYS H 349 15.43 15.84 42.94
N GLU H 350 15.43 17.09 42.51
CA GLU H 350 14.74 18.16 43.21
C GLU H 350 13.78 18.88 42.27
N ASN H 351 12.55 19.10 42.73
CA ASN H 351 11.52 19.72 41.89
C ASN H 351 11.38 21.21 42.18
N MET H 352 11.95 22.04 41.31
CA MET H 352 12.06 23.47 41.60
C MET H 352 11.52 24.36 40.48
N VAL H 353 11.33 25.63 40.80
CA VAL H 353 10.90 26.63 39.82
C VAL H 353 12.10 27.40 39.29
N SER H 354 12.26 27.39 37.98
CA SER H 354 13.41 28.01 37.34
C SER H 354 13.13 28.24 35.86
N LYS H 355 14.03 28.95 35.20
CA LYS H 355 13.93 29.13 33.75
C LYS H 355 14.19 27.80 33.05
N ASN H 356 14.86 26.90 33.75
CA ASN H 356 15.20 25.60 33.19
C ASN H 356 14.20 24.50 33.57
N SER H 357 13.19 24.87 34.35
CA SER H 357 12.20 23.90 34.82
C SER H 357 11.35 23.34 33.69
N TYR H 358 10.86 22.11 33.85
CA TYR H 358 9.91 21.55 32.89
C TYR H 358 8.56 22.20 33.10
N ARG H 359 7.85 22.43 32.00
CA ARG H 359 6.58 23.14 32.01
C ARG H 359 5.39 22.22 31.96
N PRO H 360 4.24 22.67 32.48
CA PRO H 360 2.97 21.97 32.25
C PRO H 360 2.65 21.91 30.77
N GLY H 361 2.29 20.73 30.27
CA GLY H 361 1.97 20.58 28.86
C GLY H 361 3.11 19.93 28.07
N ASP H 362 4.30 19.93 28.66
CA ASP H 362 5.47 19.33 28.02
C ASP H 362 5.27 17.85 27.76
N ILE H 363 5.78 17.38 26.63
CA ILE H 363 5.75 15.96 26.31
C ILE H 363 7.17 15.39 26.38
N ILE H 364 7.38 14.52 27.36
CA ILE H 364 8.69 13.94 27.61
C ILE H 364 8.72 12.46 27.26
N THR H 365 9.91 11.94 26.99
CA THR H 365 10.05 10.55 26.55
C THR H 365 10.74 9.68 27.60
N ALA H 366 10.02 8.67 28.08
CA ALA H 366 10.55 7.76 29.10
C ALA H 366 11.61 6.82 28.51
N SER H 367 12.30 6.10 29.37
CA SER H 367 13.37 5.21 28.95
C SER H 367 12.85 3.97 28.21
N ASN H 368 11.54 3.72 28.30
CA ASN H 368 10.94 2.64 27.54
C ASN H 368 10.34 3.16 26.24
N GLY H 369 10.63 4.41 25.92
CA GLY H 369 10.21 5.00 24.66
C GLY H 369 8.82 5.60 24.68
N LYS H 370 8.14 5.52 25.82
CA LYS H 370 6.79 6.05 25.94
C LYS H 370 6.78 7.56 26.14
N THR H 371 6.03 8.25 25.29
CA THR H 371 5.88 9.70 25.39
C THR H 371 4.81 10.05 26.42
N ILE H 372 5.09 11.07 27.23
CA ILE H 372 4.20 11.44 28.33
C ILE H 372 3.84 12.91 28.33
N GLU H 373 2.56 13.22 28.25
CA GLU H 373 2.11 14.60 28.35
C GLU H 373 1.96 14.99 29.81
N VAL H 374 2.72 16.00 30.23
CA VAL H 374 2.67 16.50 31.60
C VAL H 374 1.44 17.40 31.79
N GLY H 375 0.58 17.02 32.72
CA GLY H 375 -0.60 17.82 33.02
C GLY H 375 -0.42 18.62 34.29
N ASN H 376 0.59 18.24 35.08
CA ASN H 376 0.84 18.87 36.36
C ASN H 376 2.27 18.55 36.82
N THR H 377 3.08 19.59 37.02
CA THR H 377 4.47 19.40 37.41
C THR H 377 4.60 18.90 38.85
N ASP H 378 3.54 19.02 39.63
CA ASP H 378 3.56 18.59 41.02
C ASP H 378 3.31 17.09 41.15
N ALA H 379 2.94 16.46 40.04
CA ALA H 379 2.87 15.00 39.99
C ALA H 379 4.19 14.49 39.46
N GLU H 380 5.28 14.90 40.12
CA GLU H 380 6.62 14.64 39.61
C GLU H 380 7.15 13.27 40.03
N GLY H 381 6.58 12.71 41.09
CA GLY H 381 7.06 11.46 41.64
C GLY H 381 6.92 10.28 40.68
N ARG H 382 5.74 10.15 40.09
CA ARG H 382 5.44 9.04 39.19
C ARG H 382 6.29 9.11 37.93
N LEU H 383 6.78 10.31 37.60
CA LEU H 383 7.64 10.48 36.44
C LEU H 383 9.04 9.92 36.70
N THR H 384 9.58 10.22 37.86
CA THR H 384 10.87 9.67 38.26
C THR H 384 10.75 8.18 38.53
N LEU H 385 9.66 7.81 39.18
CA LEU H 385 9.38 6.40 39.48
C LEU H 385 9.29 5.58 38.20
N ALA H 386 8.74 6.19 37.15
CA ALA H 386 8.60 5.53 35.86
C ALA H 386 9.95 5.06 35.33
N ASP H 387 10.88 6.00 35.18
CA ASP H 387 12.22 5.69 34.68
C ASP H 387 12.96 4.73 35.63
N ALA H 388 12.63 4.82 36.91
CA ALA H 388 13.23 3.93 37.90
C ALA H 388 12.71 2.51 37.72
N LEU H 389 11.40 2.40 37.52
CA LEU H 389 10.76 1.09 37.32
C LEU H 389 11.26 0.40 36.05
N VAL H 390 11.50 1.18 35.01
CA VAL H 390 12.03 0.64 33.76
C VAL H 390 13.43 0.08 33.99
N TYR H 391 14.25 0.86 34.70
CA TYR H 391 15.60 0.44 35.07
C TYR H 391 15.57 -0.86 35.89
N ALA H 392 14.66 -0.90 36.86
CA ALA H 392 14.52 -2.04 37.74
C ALA H 392 14.15 -3.32 36.99
N GLU H 393 13.23 -3.20 36.04
CA GLU H 393 12.78 -4.36 35.28
C GLU H 393 13.88 -4.87 34.36
N LYS H 394 14.79 -3.98 33.96
CA LYS H 394 15.92 -4.37 33.11
C LYS H 394 16.95 -5.19 33.89
N LEU H 395 16.81 -5.22 35.21
CA LEU H 395 17.72 -5.96 36.06
C LEU H 395 17.35 -7.45 36.15
N GLY H 396 16.20 -7.79 35.58
CA GLY H 396 15.73 -9.17 35.55
C GLY H 396 15.42 -9.74 36.92
N VAL H 397 14.67 -8.98 37.72
CA VAL H 397 14.35 -9.39 39.07
C VAL H 397 13.01 -10.13 39.15
N ASP H 398 12.73 -10.72 40.30
CA ASP H 398 11.47 -11.42 40.52
C ASP H 398 10.41 -10.48 41.05
N TYR H 399 10.82 -9.58 41.94
CA TYR H 399 9.89 -8.66 42.57
C TYR H 399 10.36 -7.21 42.49
N ILE H 400 9.45 -6.33 42.10
CA ILE H 400 9.69 -4.90 42.16
C ILE H 400 8.71 -4.26 43.12
N VAL H 401 9.22 -3.60 44.15
CA VAL H 401 8.36 -2.89 45.09
C VAL H 401 8.84 -1.45 45.25
N ASP H 402 7.98 -0.51 44.93
CA ASP H 402 8.30 0.89 45.16
C ASP H 402 7.57 1.40 46.38
N ILE H 403 8.22 2.29 47.12
CA ILE H 403 7.59 2.96 48.25
C ILE H 403 7.75 4.46 48.04
N ALA H 404 6.64 5.19 48.10
CA ALA H 404 6.65 6.58 47.68
C ALA H 404 5.60 7.44 48.38
N THR H 405 5.99 8.67 48.68
CA THR H 405 5.05 9.67 49.15
C THR H 405 4.40 10.30 47.92
N LEU H 406 3.46 9.56 47.33
CA LEU H 406 2.99 9.87 45.99
C LEU H 406 1.76 10.78 45.96
N THR H 407 0.70 10.40 46.66
CA THR H 407 -0.57 11.12 46.55
C THR H 407 -1.09 11.64 47.89
N GLY H 408 -1.43 12.93 47.92
CA GLY H 408 -2.02 13.53 49.10
C GLY H 408 -3.42 12.99 49.39
N ALA H 409 -4.01 12.36 48.39
CA ALA H 409 -5.35 11.78 48.52
C ALA H 409 -5.36 10.62 49.53
N MET H 410 -4.18 10.11 49.87
CA MET H 410 -4.05 9.05 50.85
C MET H 410 -4.57 9.48 52.22
N LEU H 411 -4.53 10.79 52.47
CA LEU H 411 -4.99 11.36 53.73
C LEU H 411 -6.52 11.28 53.85
N TYR H 412 -7.19 11.02 52.73
CA TYR H 412 -8.64 10.95 52.71
C TYR H 412 -9.14 9.51 52.58
N SER H 413 -8.21 8.60 52.33
CA SER H 413 -8.57 7.19 52.14
C SER H 413 -8.27 6.34 53.37
N LEU H 414 -6.99 6.29 53.75
CA LEU H 414 -6.57 5.47 54.88
C LEU H 414 -6.17 6.32 56.08
N GLY H 415 -5.79 7.57 55.83
CA GLY H 415 -5.41 8.46 56.90
C GLY H 415 -3.92 8.44 57.18
N THR H 416 -3.56 8.55 58.46
CA THR H 416 -2.17 8.73 58.85
C THR H 416 -1.53 7.47 59.47
N SER H 417 -2.33 6.44 59.67
CA SER H 417 -1.83 5.22 60.30
C SER H 417 -1.54 4.11 59.29
N TYR H 418 -2.42 3.95 58.32
CA TYR H 418 -2.31 2.86 57.36
C TYR H 418 -1.81 3.34 56.00
N ALA H 419 -0.78 2.69 55.48
CA ALA H 419 -0.31 2.96 54.14
C ALA H 419 -1.10 2.12 53.15
N GLY H 420 -1.11 2.54 51.89
CA GLY H 420 -1.84 1.83 50.86
C GLY H 420 -0.92 1.06 49.93
N VAL H 421 -1.28 -0.18 49.61
CA VAL H 421 -0.50 -0.96 48.67
C VAL H 421 -1.30 -1.30 47.42
N PHE H 422 -0.71 -0.99 46.27
CA PHE H 422 -1.28 -1.34 44.97
C PHE H 422 -0.33 -2.30 44.29
N GLY H 423 -0.84 -3.12 43.37
CA GLY H 423 0.02 -4.07 42.69
C GLY H 423 -0.62 -4.78 41.52
N ASN H 424 0.20 -5.49 40.75
CA ASN H 424 -0.28 -6.27 39.61
C ASN H 424 -0.28 -7.77 39.89
N ASN H 425 0.02 -8.13 41.13
CA ASN H 425 0.23 -9.52 41.50
C ASN H 425 -0.29 -9.85 42.89
N GLU H 426 -1.33 -10.68 42.96
CA GLU H 426 -2.00 -10.99 44.22
C GLU H 426 -1.05 -11.64 45.24
N GLU H 427 -0.16 -12.50 44.76
CA GLU H 427 0.79 -13.18 45.64
C GLU H 427 1.78 -12.20 46.26
N LEU H 428 2.28 -11.28 45.44
CA LEU H 428 3.20 -10.26 45.92
C LEU H 428 2.52 -9.33 46.92
N ILE H 429 1.26 -9.00 46.65
CA ILE H 429 0.47 -8.18 47.57
C ILE H 429 0.37 -8.83 48.94
N ASN H 430 0.08 -10.13 48.95
CA ASN H 430 -0.08 -10.86 50.21
C ASN H 430 1.21 -10.93 51.02
N LYS H 431 2.35 -11.00 50.34
CA LYS H 431 3.64 -11.00 51.01
C LYS H 431 3.88 -9.66 51.70
N ILE H 432 3.50 -8.58 51.03
CA ILE H 432 3.60 -7.25 51.59
C ILE H 432 2.69 -7.13 52.82
N LEU H 433 1.49 -7.69 52.69
CA LEU H 433 0.51 -7.66 53.78
C LEU H 433 0.98 -8.47 54.99
N GLN H 434 1.63 -9.60 54.73
CA GLN H 434 2.15 -10.42 55.82
C GLN H 434 3.34 -9.74 56.48
N SER H 435 4.15 -9.06 55.66
CA SER H 435 5.26 -8.28 56.17
C SER H 435 4.76 -7.11 57.01
N SER H 436 3.56 -6.64 56.67
CA SER H 436 2.92 -5.57 57.43
C SER H 436 2.57 -6.03 58.83
N LYS H 437 2.08 -7.26 58.95
CA LYS H 437 1.68 -7.80 60.24
C LYS H 437 2.88 -8.14 61.12
N THR H 438 3.90 -8.74 60.52
CA THR H 438 5.09 -9.17 61.26
C THR H 438 5.99 -8.01 61.66
N SER H 439 6.01 -6.95 60.85
CA SER H 439 6.81 -5.77 61.15
C SER H 439 5.99 -4.75 61.95
N ASN H 440 4.68 -4.98 61.98
CA ASN H 440 3.73 -4.08 62.64
C ASN H 440 3.76 -2.66 62.06
N GLU H 441 4.08 -2.57 60.78
CA GLU H 441 3.87 -1.32 60.04
C GLU H 441 2.66 -1.53 59.13
N PRO H 442 1.50 -1.02 59.58
CA PRO H 442 0.18 -1.31 59.00
C PRO H 442 0.03 -0.87 57.54
N VAL H 443 -0.45 -1.79 56.71
CA VAL H 443 -0.65 -1.55 55.29
C VAL H 443 -1.99 -2.14 54.86
N TRP H 444 -2.74 -1.40 54.05
CA TRP H 444 -4.02 -1.89 53.54
C TRP H 444 -3.99 -2.04 52.03
N TRP H 445 -4.59 -3.13 51.54
CA TRP H 445 -4.65 -3.39 50.10
C TRP H 445 -5.71 -2.51 49.43
N LEU H 446 -5.27 -1.71 48.46
CA LEU H 446 -6.16 -0.86 47.67
C LEU H 446 -6.13 -1.28 46.21
N PRO H 447 -7.27 -1.12 45.51
CA PRO H 447 -7.42 -1.68 44.17
C PRO H 447 -6.92 -0.79 43.04
N ILE H 448 -6.43 -1.43 41.98
CA ILE H 448 -6.11 -0.73 40.74
C ILE H 448 -7.28 -0.91 39.76
N ILE H 449 -8.14 0.10 39.70
CA ILE H 449 -9.36 0.01 38.90
C ILE H 449 -9.10 0.43 37.45
N ASN H 450 -9.21 -0.52 36.54
CA ASN H 450 -8.85 -0.30 35.15
C ASN H 450 -9.84 0.59 34.38
N GLU H 451 -11.00 0.83 34.98
CA GLU H 451 -12.01 1.68 34.35
C GLU H 451 -11.51 3.11 34.23
N TYR H 452 -10.59 3.49 35.11
CA TYR H 452 -10.06 4.85 35.14
C TYR H 452 -8.89 5.02 34.17
N ARG H 453 -8.40 3.91 33.63
CA ARG H 453 -7.24 3.93 32.74
C ARG H 453 -7.47 4.77 31.49
N ALA H 454 -8.69 4.76 30.98
CA ALA H 454 -9.04 5.50 29.76
C ALA H 454 -8.81 7.00 29.91
N THR H 455 -8.80 7.48 31.15
CA THR H 455 -8.61 8.89 31.43
C THR H 455 -7.13 9.27 31.42
N LEU H 456 -6.28 8.30 31.16
CA LEU H 456 -4.86 8.56 30.98
C LEU H 456 -4.52 8.62 29.50
N ASN H 457 -5.52 8.33 28.66
CA ASN H 457 -5.34 8.40 27.21
C ASN H 457 -5.11 9.82 26.74
N SER H 458 -3.92 10.09 26.22
CA SER H 458 -3.59 11.42 25.71
C SER H 458 -3.93 11.53 24.23
N LYS H 459 -4.22 12.75 23.79
CA LYS H 459 -4.52 13.01 22.39
C LYS H 459 -3.25 13.09 21.55
N TYR H 460 -2.17 13.57 22.15
CA TYR H 460 -0.93 13.81 21.41
C TYR H 460 0.21 12.89 21.85
N ALA H 461 0.31 12.63 23.15
CA ALA H 461 1.34 11.73 23.65
C ALA H 461 0.81 10.31 23.75
N ASP H 462 1.69 9.38 24.15
CA ASP H 462 1.28 8.00 24.36
C ASP H 462 0.32 7.89 25.54
N ILE H 463 0.57 8.69 26.57
CA ILE H 463 -0.21 8.61 27.79
C ILE H 463 -0.15 9.92 28.58
N ASN H 464 -1.25 10.26 29.26
CA ASN H 464 -1.27 11.40 30.16
C ASN H 464 -0.60 11.07 31.48
N GLN H 465 0.08 12.06 32.05
CA GLN H 465 0.68 11.93 33.37
C GLN H 465 -0.40 11.83 34.44
N ILE H 466 -1.40 12.70 34.32
CA ILE H 466 -2.50 12.75 35.29
C ILE H 466 -3.84 12.60 34.60
N SER H 467 -4.90 12.54 35.39
CA SER H 467 -6.26 12.47 34.87
C SER H 467 -6.95 13.82 34.97
N SER H 468 -7.87 14.08 34.05
CA SER H 468 -8.73 15.24 34.14
C SER H 468 -10.08 14.82 34.69
N SER H 469 -10.59 13.70 34.19
CA SER H 469 -11.90 13.19 34.57
C SER H 469 -11.98 12.78 36.04
N VAL H 470 -11.22 11.74 36.39
CA VAL H 470 -11.37 11.11 37.70
C VAL H 470 -10.56 11.81 38.80
N LYS H 471 -11.15 11.84 40.00
CA LYS H 471 -10.39 12.07 41.20
C LYS H 471 -9.67 10.77 41.53
N ALA H 472 -9.67 10.38 42.80
CA ALA H 472 -9.05 9.13 43.24
C ALA H 472 -7.64 8.98 42.66
N SER H 473 -6.79 9.95 42.96
CA SER H 473 -5.49 10.08 42.32
C SER H 473 -4.51 8.97 42.73
N SER H 474 -4.75 8.35 43.87
CA SER H 474 -3.89 7.25 44.33
C SER H 474 -4.00 6.06 43.41
N ILE H 475 -5.20 5.85 42.85
CA ILE H 475 -5.44 4.76 41.92
C ILE H 475 -4.96 5.13 40.51
N VAL H 476 -5.24 6.38 40.11
CA VAL H 476 -4.84 6.87 38.80
C VAL H 476 -3.34 6.81 38.64
N ALA H 477 -2.62 7.23 39.69
CA ALA H 477 -1.16 7.20 39.67
C ALA H 477 -0.65 5.77 39.55
N SER H 478 -1.29 4.85 40.27
CA SER H 478 -0.96 3.44 40.18
C SER H 478 -1.16 2.92 38.76
N LEU H 479 -2.22 3.39 38.11
CA LEU H 479 -2.49 3.05 36.72
C LEU H 479 -1.38 3.54 35.81
N PHE H 480 -0.81 4.69 36.15
CA PHE H 480 0.30 5.26 35.38
C PHE H 480 1.56 4.43 35.56
N LEU H 481 1.85 4.08 36.81
CA LEU H 481 3.04 3.28 37.12
C LEU H 481 2.98 1.91 36.48
N LYS H 482 1.78 1.35 36.39
CA LYS H 482 1.56 0.01 35.85
C LYS H 482 2.03 -0.08 34.40
N GLU H 483 1.96 1.04 33.68
CA GLU H 483 2.36 1.10 32.28
C GLU H 483 3.87 0.95 32.09
N PHE H 484 4.61 1.01 33.18
CA PHE H 484 6.08 0.96 33.10
C PHE H 484 6.65 -0.32 33.71
N VAL H 485 5.78 -1.31 33.90
CA VAL H 485 6.21 -2.67 34.23
C VAL H 485 5.52 -3.63 33.26
N GLN H 486 6.30 -4.25 32.39
CA GLN H 486 5.74 -5.01 31.28
C GLN H 486 5.40 -6.46 31.62
N ASN H 487 6.23 -7.11 32.44
CA ASN H 487 5.99 -8.50 32.80
C ASN H 487 6.71 -8.93 34.07
N THR H 488 6.57 -8.15 35.13
CA THR H 488 7.18 -8.49 36.41
C THR H 488 6.22 -8.20 37.55
N ALA H 489 6.20 -9.09 38.54
CA ALA H 489 5.41 -8.88 39.75
C ALA H 489 5.82 -7.55 40.40
N TRP H 490 4.86 -6.64 40.51
CA TRP H 490 5.14 -5.31 41.01
C TRP H 490 4.10 -4.84 42.02
N ALA H 491 4.59 -4.28 43.12
CA ALA H 491 3.71 -3.66 44.11
C ALA H 491 4.13 -2.21 44.34
N HIS H 492 3.25 -1.43 44.94
CA HIS H 492 3.46 -0.01 45.13
C HIS H 492 2.88 0.44 46.46
N ILE H 493 3.73 0.99 47.32
CA ILE H 493 3.29 1.39 48.65
C ILE H 493 3.27 2.91 48.79
N ASP H 494 2.07 3.48 48.92
CA ASP H 494 1.91 4.93 49.03
C ASP H 494 1.91 5.35 50.49
N ILE H 495 2.99 6.00 50.91
CA ILE H 495 3.17 6.37 52.31
C ILE H 495 3.03 7.88 52.53
N ALA H 496 2.39 8.55 51.57
CA ALA H 496 2.23 10.00 51.64
C ALA H 496 1.45 10.44 52.87
N GLY H 497 0.53 9.60 53.33
CA GLY H 497 -0.29 9.93 54.47
C GLY H 497 0.32 9.55 55.81
N VAL H 498 1.20 8.56 55.81
CA VAL H 498 1.72 8.01 57.06
C VAL H 498 3.17 8.39 57.37
N SER H 499 3.88 8.92 56.38
CA SER H 499 5.32 9.18 56.53
C SER H 499 5.65 10.13 57.67
N TRP H 500 4.81 11.14 57.87
CA TRP H 500 5.08 12.15 58.89
C TRP H 500 4.18 11.99 60.12
N ASN H 501 4.79 12.10 61.30
CA ASN H 501 4.07 12.12 62.56
C ASN H 501 3.82 13.57 62.96
N PHE H 502 2.59 14.04 62.77
CA PHE H 502 2.27 15.45 62.99
C PHE H 502 2.11 15.78 64.46
N LYS H 503 1.88 14.76 65.29
CA LYS H 503 1.76 14.98 66.72
C LYS H 503 3.13 15.16 67.37
N ALA H 504 4.05 14.27 67.04
CA ALA H 504 5.41 14.32 67.57
C ALA H 504 6.30 15.25 66.73
N ARG H 505 5.74 15.73 65.62
CA ARG H 505 6.45 16.65 64.71
C ARG H 505 7.76 16.06 64.19
N LYS H 506 7.70 14.82 63.71
CA LYS H 506 8.90 14.15 63.22
C LYS H 506 8.55 13.03 62.24
N PRO H 507 9.52 12.60 61.43
CA PRO H 507 9.29 11.44 60.55
C PRO H 507 9.02 10.17 61.37
N LYS H 508 8.41 9.18 60.74
CA LYS H 508 8.21 7.89 61.38
C LYS H 508 9.26 6.90 60.90
N GLY H 509 9.92 7.23 59.79
CA GLY H 509 10.83 6.30 59.14
C GLY H 509 10.05 5.10 58.66
N PHE H 510 8.80 5.34 58.27
CA PHE H 510 7.90 4.28 57.85
C PHE H 510 8.43 3.54 56.64
N GLY H 511 8.36 2.21 56.68
CA GLY H 511 8.70 1.40 55.53
C GLY H 511 9.95 0.56 55.69
N VAL H 512 10.86 0.98 56.56
CA VAL H 512 12.11 0.28 56.76
C VAL H 512 11.90 -1.15 57.26
N ARG H 513 11.16 -1.28 58.35
CA ARG H 513 10.91 -2.58 58.96
C ARG H 513 10.00 -3.44 58.09
N LEU H 514 9.09 -2.80 57.37
CA LEU H 514 8.19 -3.51 56.47
C LEU H 514 8.95 -4.17 55.33
N LEU H 515 9.79 -3.38 54.66
CA LEU H 515 10.56 -3.86 53.51
C LEU H 515 11.59 -4.92 53.90
N THR H 516 12.13 -4.79 55.12
CA THR H 516 13.13 -5.74 55.59
C THR H 516 12.51 -7.10 55.89
N GLU H 517 11.39 -7.08 56.61
CA GLU H 517 10.63 -8.29 56.87
C GLU H 517 10.21 -8.96 55.56
N PHE H 518 9.89 -8.15 54.57
CA PHE H 518 9.55 -8.64 53.24
C PHE H 518 10.75 -9.33 52.60
N VAL H 519 11.92 -8.74 52.80
CA VAL H 519 13.17 -9.31 52.29
C VAL H 519 13.51 -10.62 53.01
N LEU H 520 13.29 -10.64 54.32
CA LEU H 520 13.77 -11.73 55.16
C LEU H 520 13.06 -13.06 54.92
N ASN H 521 11.73 -13.06 54.87
CA ASN H 521 10.97 -14.29 54.70
C ASN H 521 10.35 -14.34 53.31
N ASP H 522 11.21 -14.43 52.30
CA ASP H 522 10.76 -14.60 50.91
C ASP H 522 11.88 -15.16 50.03
N SER I 5 19.81 30.71 16.40
CA SER I 5 19.44 29.60 15.53
C SER I 5 19.71 28.26 16.20
N GLU I 6 20.56 28.27 17.22
CA GLU I 6 20.83 27.08 18.02
C GLU I 6 19.97 27.08 19.27
N VAL I 7 19.15 26.05 19.43
CA VAL I 7 18.27 25.94 20.58
C VAL I 7 19.03 25.51 21.82
N PRO I 8 19.02 26.35 22.86
CA PRO I 8 19.69 26.01 24.12
C PRO I 8 19.03 24.84 24.82
N GLN I 9 19.83 23.99 25.46
CA GLN I 9 19.33 22.80 26.13
C GLN I 9 19.71 22.77 27.61
N VAL I 10 18.88 22.11 28.41
CA VAL I 10 19.23 21.84 29.81
C VAL I 10 19.89 20.47 29.89
N VAL I 11 19.27 19.48 29.26
CA VAL I 11 19.86 18.17 29.09
C VAL I 11 19.87 17.80 27.61
N SER I 12 20.59 16.74 27.26
CA SER I 12 20.73 16.36 25.86
C SER I 12 19.44 15.80 25.26
N LEU I 13 18.52 15.40 26.13
CA LEU I 13 17.25 14.82 25.68
C LEU I 13 16.23 15.89 25.33
N ASP I 14 16.55 17.15 25.62
CA ASP I 14 15.69 18.26 25.24
C ASP I 14 15.69 18.43 23.73
N PRO I 15 14.49 18.43 23.11
CA PRO I 15 14.37 18.59 21.66
C PRO I 15 14.84 19.96 21.18
N THR I 16 15.49 20.00 20.02
CA THR I 16 16.05 21.23 19.49
C THR I 16 15.33 21.71 18.23
N SER I 17 14.16 21.14 17.97
CA SER I 17 13.37 21.56 16.81
C SER I 17 11.93 21.06 16.91
N ILE I 18 11.01 21.82 16.35
CA ILE I 18 9.61 21.40 16.29
C ILE I 18 9.40 20.42 15.14
N PRO I 19 8.90 19.22 15.45
CA PRO I 19 8.54 18.28 14.40
C PRO I 19 7.36 18.81 13.58
N ILE I 20 7.54 18.89 12.27
CA ILE I 20 6.49 19.42 11.40
C ILE I 20 6.29 18.54 10.17
N GLU I 21 5.05 18.16 9.93
CA GLU I 21 4.69 17.34 8.77
C GLU I 21 4.15 18.22 7.66
N TYR I 22 4.93 18.38 6.58
CA TYR I 22 4.51 19.20 5.45
C TYR I 22 3.67 18.39 4.46
N ASN I 23 4.15 17.20 4.12
CA ASN I 23 3.43 16.31 3.22
C ASN I 23 2.48 15.39 3.99
N THR I 24 1.24 15.83 4.15
CA THR I 24 0.25 15.07 4.89
C THR I 24 -0.46 14.08 3.98
N PRO I 25 -1.10 13.05 4.57
CA PRO I 25 -1.94 12.12 3.79
C PRO I 25 -3.03 12.82 2.98
N ILE I 26 -3.48 13.97 3.45
CA ILE I 26 -4.50 14.74 2.75
C ILE I 26 -4.03 15.15 1.36
N HIS I 27 -2.75 15.49 1.25
CA HIS I 27 -2.17 15.90 -0.02
C HIS I 27 -2.07 14.75 -1.02
N ASP I 28 -2.10 13.52 -0.50
CA ASP I 28 -2.01 12.33 -1.35
C ASP I 28 -3.39 11.91 -1.86
N ILE I 29 -4.39 12.74 -1.65
CA ILE I 29 -5.75 12.42 -2.06
C ILE I 29 -6.11 13.05 -3.40
N LYS I 30 -6.40 12.21 -4.38
CA LYS I 30 -6.87 12.68 -5.68
C LYS I 30 -8.33 13.11 -5.56
N VAL I 31 -8.60 14.37 -5.86
CA VAL I 31 -9.94 14.92 -5.72
C VAL I 31 -10.52 15.34 -7.07
N GLN I 32 -11.58 14.68 -7.48
CA GLN I 32 -12.24 15.00 -8.74
C GLN I 32 -13.69 15.41 -8.53
N VAL I 33 -14.14 16.41 -9.28
CA VAL I 33 -15.50 16.91 -9.17
C VAL I 33 -16.28 16.62 -10.44
N TYR I 34 -17.33 15.81 -10.31
CA TYR I 34 -18.19 15.49 -11.43
C TYR I 34 -19.53 16.21 -11.30
N ASP I 35 -20.13 16.57 -12.43
CA ASP I 35 -21.43 17.23 -12.39
C ASP I 35 -22.54 16.22 -12.12
N ILE I 36 -23.41 16.56 -11.18
CA ILE I 36 -24.40 15.63 -10.66
C ILE I 36 -25.47 15.24 -11.67
N LYS I 37 -25.65 16.06 -12.71
CA LYS I 37 -26.67 15.79 -13.71
C LYS I 37 -26.23 14.68 -14.67
N GLY I 38 -24.95 14.34 -14.60
CA GLY I 38 -24.40 13.29 -15.44
C GLY I 38 -24.59 11.90 -14.86
N GLY I 39 -25.18 11.84 -13.67
CA GLY I 39 -25.43 10.57 -13.02
C GLY I 39 -24.27 10.12 -12.16
N CYS I 40 -24.57 9.38 -11.09
CA CYS I 40 -23.55 8.94 -10.15
C CYS I 40 -23.12 7.50 -10.40
N ASN I 41 -21.81 7.28 -10.52
CA ASN I 41 -21.25 5.94 -10.56
C ASN I 41 -20.90 5.46 -9.15
N VAL I 42 -21.50 4.35 -8.74
CA VAL I 42 -21.18 3.74 -7.46
C VAL I 42 -20.49 2.41 -7.68
N GLU I 43 -19.16 2.40 -7.57
CA GLU I 43 -18.38 1.24 -7.96
C GLU I 43 -17.43 0.74 -6.87
N GLU I 44 -16.92 1.65 -6.05
CA GLU I 44 -15.93 1.28 -5.04
C GLU I 44 -15.99 2.19 -3.82
N GLY I 45 -15.28 1.79 -2.77
CA GLY I 45 -15.18 2.58 -1.55
C GLY I 45 -16.52 2.89 -0.90
N LEU I 46 -16.65 4.11 -0.39
CA LEU I 46 -17.87 4.54 0.27
C LEU I 46 -18.50 5.72 -0.47
N THR I 47 -19.82 5.67 -0.64
CA THR I 47 -20.55 6.74 -1.32
C THR I 47 -21.60 7.33 -0.39
N ILE I 48 -21.41 8.59 -0.02
CA ILE I 48 -22.31 9.26 0.93
C ILE I 48 -23.13 10.35 0.26
N PHE I 49 -24.45 10.27 0.44
CA PHE I 49 -25.36 11.29 -0.07
C PHE I 49 -25.64 12.32 1.02
N LEU I 50 -25.54 13.60 0.66
CA LEU I 50 -25.89 14.68 1.57
C LEU I 50 -27.33 15.10 1.31
N VAL I 51 -28.25 14.61 2.13
CA VAL I 51 -29.68 14.80 1.87
C VAL I 51 -30.37 15.62 2.95
N ASN I 52 -31.43 16.33 2.54
CA ASN I 52 -32.26 17.07 3.47
C ASN I 52 -33.74 16.90 3.14
N ASN I 53 -34.60 17.34 4.06
CA ASN I 53 -36.03 17.41 3.81
C ASN I 53 -36.53 18.78 4.23
N PRO I 54 -36.55 19.73 3.28
CA PRO I 54 -36.94 21.11 3.55
C PRO I 54 -38.36 21.23 4.11
N GLY I 55 -38.47 21.75 5.33
CA GLY I 55 -39.76 21.92 5.97
C GLY I 55 -40.08 20.83 6.97
N LYS I 56 -40.31 19.62 6.46
CA LYS I 56 -40.66 18.48 7.31
C LYS I 56 -39.51 18.11 8.24
N GLU I 57 -39.62 18.51 9.50
CA GLU I 57 -38.61 18.18 10.51
C GLU I 57 -38.50 16.68 10.69
N ASN I 58 -37.26 16.17 10.66
CA ASN I 58 -37.00 14.73 10.69
C ASN I 58 -37.74 14.01 9.58
N GLY I 59 -37.85 14.66 8.43
CA GLY I 59 -38.54 14.08 7.28
C GLY I 59 -37.78 12.91 6.69
N PRO I 60 -38.47 12.10 5.87
CA PRO I 60 -37.88 10.91 5.26
C PRO I 60 -36.75 11.22 4.28
N VAL I 61 -35.82 10.28 4.14
CA VAL I 61 -34.71 10.43 3.21
C VAL I 61 -35.17 10.08 1.79
N LYS I 62 -34.82 10.94 0.83
CA LYS I 62 -35.15 10.68 -0.57
C LYS I 62 -33.94 10.97 -1.46
N ILE I 63 -33.37 9.92 -2.05
CA ILE I 63 -32.21 10.06 -2.93
C ILE I 63 -32.66 10.51 -4.31
N SER I 64 -32.58 11.82 -4.56
CA SER I 64 -33.11 12.41 -5.78
C SER I 64 -32.14 12.34 -6.96
N SER I 65 -30.89 12.03 -6.68
CA SER I 65 -29.88 11.95 -7.74
C SER I 65 -30.16 10.78 -8.68
N LYS I 66 -29.83 10.96 -9.95
CA LYS I 66 -29.87 9.87 -10.91
C LYS I 66 -28.63 8.99 -10.71
N VAL I 67 -28.84 7.75 -10.29
CA VAL I 67 -27.74 6.84 -10.05
C VAL I 67 -27.54 5.92 -11.25
N ASN I 68 -26.31 5.89 -11.77
CA ASN I 68 -26.01 5.09 -12.96
C ASN I 68 -25.72 3.63 -12.65
N ASP I 69 -26.62 3.01 -11.87
CA ASP I 69 -26.53 1.58 -11.60
C ASP I 69 -27.91 1.02 -11.32
N LYS I 70 -28.24 -0.09 -11.96
CA LYS I 70 -29.58 -0.66 -11.90
C LYS I 70 -30.01 -1.04 -10.48
N GLN I 71 -29.18 -1.83 -9.79
CA GLN I 71 -29.52 -2.34 -8.46
C GLN I 71 -29.23 -1.39 -7.30
N VAL I 72 -28.25 -0.51 -7.48
CA VAL I 72 -28.02 0.51 -6.47
C VAL I 72 -29.17 1.49 -6.47
N SER I 73 -29.65 1.85 -7.66
CA SER I 73 -30.81 2.71 -7.79
C SER I 73 -32.04 2.05 -7.16
N GLU I 74 -32.16 0.74 -7.36
CA GLU I 74 -33.27 -0.02 -6.81
C GLU I 74 -33.24 0.00 -5.28
N PHE I 75 -32.04 -0.11 -4.73
CA PHE I 75 -31.86 -0.10 -3.27
C PHE I 75 -32.27 1.24 -2.69
N LEU I 76 -32.07 2.31 -3.46
CA LEU I 76 -32.32 3.66 -2.96
C LEU I 76 -33.68 4.22 -3.38
N LYS I 77 -34.62 3.35 -3.70
CA LYS I 77 -35.99 3.78 -3.98
C LYS I 77 -36.59 4.39 -2.72
N ASP I 78 -37.58 5.26 -2.89
CA ASP I 78 -38.21 5.95 -1.77
C ASP I 78 -38.81 4.97 -0.78
N GLU I 79 -39.31 3.85 -1.30
CA GLU I 79 -39.88 2.80 -0.47
C GLU I 79 -38.85 2.28 0.52
N ASN I 80 -37.63 2.05 0.04
CA ASN I 80 -36.55 1.53 0.86
C ASN I 80 -36.01 2.55 1.86
N MET I 81 -36.11 3.83 1.49
CA MET I 81 -35.46 4.90 2.25
C MET I 81 -36.37 5.59 3.25
N GLU I 82 -37.67 5.34 3.13
CA GLU I 82 -38.67 5.99 3.96
C GLU I 82 -38.42 5.78 5.47
N LYS I 83 -37.85 4.63 5.82
CA LYS I 83 -37.60 4.30 7.22
C LYS I 83 -36.53 5.20 7.85
N PHE I 84 -35.67 5.79 7.03
CA PHE I 84 -34.63 6.68 7.53
C PHE I 84 -35.06 8.13 7.45
N ASN I 85 -34.59 8.96 8.39
CA ASN I 85 -34.90 10.38 8.37
C ASN I 85 -33.64 11.24 8.24
N VAL I 86 -33.85 12.55 8.06
CA VAL I 86 -32.75 13.45 7.71
C VAL I 86 -32.29 14.35 8.85
N LYS I 87 -32.58 13.95 10.08
CA LYS I 87 -32.17 14.72 11.26
C LYS I 87 -30.69 15.10 11.18
N LEU I 88 -30.41 16.40 11.31
CA LEU I 88 -29.07 16.93 11.14
C LEU I 88 -28.02 16.19 11.97
N GLY I 89 -27.12 15.50 11.30
CA GLY I 89 -26.07 14.75 11.97
C GLY I 89 -26.26 13.24 11.90
N THR I 90 -27.46 12.82 11.50
CA THR I 90 -27.76 11.40 11.35
C THR I 90 -26.97 10.80 10.19
N SER I 91 -26.59 9.53 10.33
CA SER I 91 -25.92 8.83 9.24
C SER I 91 -26.28 7.35 9.28
N LYS I 92 -26.27 6.70 8.11
CA LYS I 92 -26.49 5.28 8.02
C LYS I 92 -25.56 4.65 6.98
N HIS I 93 -25.24 3.37 7.17
CA HIS I 93 -24.45 2.64 6.19
C HIS I 93 -25.32 1.60 5.48
N PHE I 94 -25.18 1.52 4.16
CA PHE I 94 -25.86 0.49 3.39
C PHE I 94 -24.83 -0.44 2.74
N TYR I 95 -25.23 -1.67 2.45
CA TYR I 95 -24.35 -2.64 1.81
C TYR I 95 -25.10 -3.39 0.73
N MET I 96 -24.57 -3.39 -0.49
CA MET I 96 -25.27 -4.00 -1.62
C MET I 96 -24.34 -4.43 -2.75
N PHE I 97 -24.91 -5.08 -3.75
CA PHE I 97 -24.16 -5.47 -4.94
C PHE I 97 -24.65 -4.68 -6.16
N ASN I 98 -23.71 -4.15 -6.94
CA ASN I 98 -24.07 -3.39 -8.13
C ASN I 98 -24.22 -4.30 -9.36
N ASP I 99 -24.33 -3.69 -10.53
CA ASP I 99 -24.56 -4.42 -11.77
C ASP I 99 -23.43 -5.40 -12.09
N ASN I 100 -22.21 -5.05 -11.67
CA ASN I 100 -21.05 -5.89 -11.93
C ASN I 100 -20.92 -7.01 -10.90
N LYS I 101 -21.97 -7.22 -10.11
CA LYS I 101 -21.99 -8.20 -9.03
C LYS I 101 -20.85 -7.92 -8.03
N ASN I 102 -20.59 -6.65 -7.79
CA ASN I 102 -19.54 -6.24 -6.85
C ASN I 102 -20.10 -5.76 -5.53
N SER I 103 -19.45 -6.16 -4.44
CA SER I 103 -19.76 -5.62 -3.12
C SER I 103 -19.50 -4.12 -3.11
N VAL I 104 -20.45 -3.35 -2.59
CA VAL I 104 -20.33 -1.90 -2.61
C VAL I 104 -20.98 -1.28 -1.37
N ALA I 105 -20.40 -0.18 -0.89
CA ALA I 105 -20.91 0.50 0.30
C ALA I 105 -21.53 1.85 -0.05
N VAL I 106 -22.71 2.11 0.50
CA VAL I 106 -23.45 3.34 0.26
C VAL I 106 -24.01 3.87 1.58
N GLY I 107 -24.15 5.19 1.70
CA GLY I 107 -24.73 5.76 2.89
C GLY I 107 -25.25 7.17 2.68
N TYR I 108 -25.64 7.83 3.77
CA TYR I 108 -26.10 9.20 3.71
C TYR I 108 -25.83 9.92 5.03
N VAL I 109 -25.89 11.25 5.01
CA VAL I 109 -25.79 12.04 6.22
C VAL I 109 -26.89 13.09 6.25
N GLY I 110 -27.65 13.13 7.35
CA GLY I 110 -28.76 14.06 7.49
C GLY I 110 -28.33 15.51 7.62
N CYS I 111 -28.94 16.37 6.80
CA CYS I 111 -28.61 17.79 6.82
C CYS I 111 -29.79 18.63 7.31
N GLY I 112 -30.76 17.98 7.95
CA GLY I 112 -31.83 18.68 8.63
C GLY I 112 -32.97 19.19 7.76
N SER I 113 -33.62 20.25 8.23
CA SER I 113 -34.82 20.76 7.59
C SER I 113 -34.65 22.19 7.05
N VAL I 114 -33.56 22.84 7.43
CA VAL I 114 -33.28 24.19 6.96
C VAL I 114 -32.56 24.14 5.63
N ALA I 115 -33.12 24.82 4.62
CA ALA I 115 -32.61 24.75 3.26
C ALA I 115 -31.28 25.47 3.07
N ASP I 116 -30.72 25.97 4.16
CA ASP I 116 -29.40 26.60 4.13
C ASP I 116 -28.66 26.34 5.43
N LEU I 117 -27.54 25.62 5.34
CA LEU I 117 -26.78 25.23 6.52
C LEU I 117 -25.86 26.34 6.99
N SER I 118 -25.78 26.53 8.31
CA SER I 118 -24.81 27.44 8.90
C SER I 118 -23.45 26.78 8.95
N GLU I 119 -22.44 27.53 9.38
CA GLU I 119 -21.09 27.01 9.50
C GLU I 119 -21.03 25.93 10.58
N ALA I 120 -21.96 26.03 11.53
CA ALA I 120 -22.05 25.07 12.62
C ALA I 120 -22.78 23.82 12.15
N ASP I 121 -23.78 24.02 11.29
CA ASP I 121 -24.53 22.91 10.73
C ASP I 121 -23.65 22.09 9.79
N MET I 122 -22.92 22.76 8.92
CA MET I 122 -22.07 22.10 7.95
C MET I 122 -20.93 21.34 8.63
N LYS I 123 -20.43 21.88 9.74
CA LYS I 123 -19.38 21.22 10.49
C LYS I 123 -19.94 20.00 11.23
N ARG I 124 -21.21 20.09 11.61
CA ARG I 124 -21.90 18.94 12.21
C ARG I 124 -22.01 17.83 11.18
N VAL I 125 -22.31 18.20 9.94
CA VAL I 125 -22.39 17.25 8.83
C VAL I 125 -21.03 16.60 8.57
N VAL I 126 -19.98 17.42 8.55
CA VAL I 126 -18.64 16.93 8.27
C VAL I 126 -18.17 15.97 9.36
N LEU I 127 -18.43 16.30 10.62
CA LEU I 127 -18.04 15.44 11.73
C LEU I 127 -18.73 14.09 11.67
N SER I 128 -19.99 14.08 11.24
CA SER I 128 -20.71 12.82 11.05
C SER I 128 -20.06 12.00 9.95
N LEU I 129 -19.62 12.68 8.90
CA LEU I 129 -18.96 12.02 7.77
C LEU I 129 -17.64 11.39 8.18
N VAL I 130 -16.88 12.09 9.00
CA VAL I 130 -15.57 11.63 9.44
C VAL I 130 -15.67 10.37 10.29
N THR I 131 -16.71 10.28 11.13
CA THR I 131 -16.94 9.09 11.94
C THR I 131 -17.12 7.85 11.06
N MET I 132 -17.62 8.07 9.85
CA MET I 132 -17.78 6.99 8.88
C MET I 132 -16.44 6.63 8.24
N LEU I 133 -15.48 7.55 8.33
CA LEU I 133 -14.15 7.33 7.75
C LEU I 133 -13.20 6.75 8.78
N HIS I 134 -13.50 6.94 10.06
CA HIS I 134 -12.73 6.33 11.13
C HIS I 134 -13.18 4.90 11.34
N ASP I 135 -12.24 4.04 11.75
CA ASP I 135 -12.53 2.64 12.04
C ASP I 135 -13.14 1.91 10.84
N ASN I 136 -12.80 2.40 9.66
CA ASN I 136 -13.16 1.75 8.41
C ASN I 136 -12.01 1.96 7.43
N LYS I 137 -11.59 0.88 6.78
CA LYS I 137 -10.45 0.96 5.88
C LYS I 137 -10.94 1.07 4.44
N LEU I 138 -11.09 2.31 3.99
CA LEU I 138 -11.60 2.62 2.66
C LEU I 138 -10.51 3.17 1.77
N SER I 139 -10.52 2.78 0.49
CA SER I 139 -9.53 3.28 -0.45
C SER I 139 -10.02 4.56 -1.13
N LYS I 140 -11.33 4.76 -1.10
CA LYS I 140 -11.94 5.87 -1.82
C LYS I 140 -13.24 6.33 -1.15
N LEU I 141 -13.48 7.64 -1.19
CA LEU I 141 -14.75 8.20 -0.72
C LEU I 141 -15.41 9.05 -1.79
N THR I 142 -16.72 8.89 -1.94
CA THR I 142 -17.50 9.71 -2.85
C THR I 142 -18.59 10.45 -2.08
N VAL I 143 -18.69 11.75 -2.31
CA VAL I 143 -19.72 12.56 -1.67
C VAL I 143 -20.65 13.19 -2.70
N VAL I 144 -21.93 12.87 -2.61
CA VAL I 144 -22.91 13.41 -3.54
C VAL I 144 -23.74 14.51 -2.89
N PHE I 145 -23.60 15.73 -3.39
CA PHE I 145 -24.28 16.89 -2.83
C PHE I 145 -25.72 17.00 -3.32
N GLU I 146 -26.67 16.59 -2.47
CA GLU I 146 -28.08 16.77 -2.77
C GLU I 146 -28.66 17.89 -1.90
N ILE I 147 -27.78 18.78 -1.45
CA ILE I 147 -28.20 20.02 -0.80
C ILE I 147 -27.57 21.16 -1.57
N ASN I 148 -28.04 22.38 -1.30
CA ASN I 148 -27.50 23.55 -2.01
C ASN I 148 -26.52 24.33 -1.15
N VAL I 149 -25.32 24.55 -1.70
CA VAL I 149 -24.29 25.32 -1.01
C VAL I 149 -23.63 26.28 -2.00
N ASP I 150 -23.28 27.47 -1.54
CA ASP I 150 -22.52 28.39 -2.38
C ASP I 150 -21.06 27.96 -2.42
N LYS I 151 -20.24 28.70 -3.15
CA LYS I 151 -18.84 28.31 -3.34
C LYS I 151 -18.04 28.38 -2.04
N ASN I 152 -18.39 29.32 -1.16
CA ASN I 152 -17.68 29.46 0.11
C ASN I 152 -18.00 28.34 1.09
N LEU I 153 -19.22 27.81 1.02
CA LEU I 153 -19.62 26.74 1.92
C LEU I 153 -19.10 25.39 1.42
N PHE I 154 -18.95 25.27 0.10
CA PHE I 154 -18.37 24.07 -0.49
C PHE I 154 -16.89 23.99 -0.14
N ARG I 155 -16.21 25.12 -0.24
CA ARG I 155 -14.80 25.21 0.13
C ARG I 155 -14.64 24.90 1.61
N PHE I 156 -15.54 25.45 2.42
CA PHE I 156 -15.55 25.22 3.86
C PHE I 156 -15.73 23.75 4.19
N PHE I 157 -16.56 23.06 3.41
CA PHE I 157 -16.80 21.63 3.58
C PHE I 157 -15.50 20.85 3.46
N LEU I 158 -14.77 21.06 2.38
CA LEU I 158 -13.51 20.37 2.14
C LEU I 158 -12.48 20.71 3.22
N GLU I 159 -12.36 21.99 3.55
CA GLU I 159 -11.46 22.45 4.60
C GLU I 159 -11.71 21.73 5.91
N THR I 160 -12.98 21.69 6.31
CA THR I 160 -13.38 21.06 7.56
C THR I 160 -13.19 19.55 7.47
N LEU I 161 -13.45 18.98 6.29
CA LEU I 161 -13.26 17.56 6.08
C LEU I 161 -11.79 17.18 6.18
N PHE I 162 -10.95 17.89 5.43
CA PHE I 162 -9.51 17.63 5.42
C PHE I 162 -8.89 17.76 6.80
N TYR I 163 -9.35 18.76 7.57
CA TYR I 163 -8.77 19.06 8.87
C TYR I 163 -9.17 18.07 9.95
N GLU I 164 -10.44 17.66 9.93
CA GLU I 164 -10.95 16.74 10.95
C GLU I 164 -10.52 15.30 10.68
N TYR I 165 -10.28 15.00 9.40
CA TYR I 165 -9.80 13.68 8.99
C TYR I 165 -8.38 13.46 9.50
N MET I 166 -7.54 14.47 9.30
CA MET I 166 -6.12 14.41 9.64
C MET I 166 -5.87 14.20 11.13
N THR I 167 -5.03 13.23 11.46
CA THR I 167 -4.68 12.94 12.85
C THR I 167 -3.21 13.25 13.12
N ASP I 168 -2.96 14.02 14.17
CA ASP I 168 -1.60 14.44 14.52
C ASP I 168 -0.92 13.42 15.42
N GLU I 169 -0.03 12.62 14.84
CA GLU I 169 0.68 11.59 15.59
C GLU I 169 2.18 11.89 15.70
N ARG I 170 2.53 13.17 15.67
CA ARG I 170 3.92 13.59 15.76
C ARG I 170 4.56 13.20 17.09
N PHE I 171 3.75 13.12 18.14
CA PHE I 171 4.27 12.86 19.48
C PHE I 171 3.87 11.48 20.00
N LYS I 172 3.22 10.69 19.14
CA LYS I 172 2.97 9.30 19.46
C LYS I 172 4.25 8.50 19.23
N SER I 173 4.42 7.42 19.99
CA SER I 173 5.61 6.59 19.86
C SER I 173 5.24 5.11 19.93
N THR I 174 5.01 4.63 21.15
CA THR I 174 4.63 3.23 21.35
C THR I 174 3.13 3.04 21.24
N ASP I 175 2.42 4.10 20.86
CA ASP I 175 0.97 4.04 20.78
C ASP I 175 0.43 4.79 19.56
N LYS I 176 1.03 4.53 18.40
CA LYS I 176 0.48 5.03 17.15
C LYS I 176 -0.68 4.14 16.73
N ASN I 177 -1.68 4.73 16.08
CA ASN I 177 -2.85 3.98 15.64
C ASN I 177 -2.47 2.93 14.61
N VAL I 178 -2.69 1.67 14.95
CA VAL I 178 -2.32 0.56 14.08
C VAL I 178 -3.24 0.47 12.85
N ASN I 179 -4.34 1.20 12.88
CA ASN I 179 -5.34 1.11 11.84
C ASN I 179 -5.53 2.41 11.05
N MET I 180 -4.62 3.36 11.23
CA MET I 180 -4.70 4.64 10.53
C MET I 180 -4.41 4.47 9.04
N GLU I 181 -5.46 4.27 8.27
CA GLU I 181 -5.35 4.22 6.81
C GLU I 181 -6.19 5.35 6.21
N TYR I 182 -5.61 6.05 5.24
CA TYR I 182 -6.29 7.16 4.62
C TYR I 182 -6.77 6.82 3.22
N ILE I 183 -7.93 7.36 2.85
CA ILE I 183 -8.43 7.22 1.49
C ILE I 183 -7.45 7.88 0.53
N LYS I 184 -7.40 7.37 -0.70
CA LYS I 184 -6.46 7.87 -1.69
C LYS I 184 -7.19 8.65 -2.78
N HIS I 185 -8.51 8.53 -2.80
CA HIS I 185 -9.32 9.20 -3.81
C HIS I 185 -10.55 9.86 -3.19
N LEU I 186 -11.02 10.91 -3.84
CA LEU I 186 -12.22 11.61 -3.39
C LEU I 186 -13.03 12.13 -4.57
N GLY I 187 -14.21 11.57 -4.77
CA GLY I 187 -15.10 12.02 -5.83
C GLY I 187 -16.22 12.87 -5.27
N VAL I 188 -16.53 13.97 -5.96
CA VAL I 188 -17.59 14.87 -5.50
C VAL I 188 -18.60 15.15 -6.60
N TYR I 189 -19.85 14.75 -6.37
CA TYR I 189 -20.94 15.02 -7.30
C TYR I 189 -21.77 16.21 -6.84
N ILE I 190 -21.80 17.26 -7.64
CA ILE I 190 -22.50 18.49 -7.27
C ILE I 190 -23.15 19.17 -8.47
N ASN I 191 -24.17 19.98 -8.23
CA ASN I 191 -24.79 20.80 -9.27
C ASN I 191 -23.85 21.90 -9.75
N ASN I 192 -23.87 22.17 -11.05
CA ASN I 192 -23.03 23.22 -11.65
C ASN I 192 -21.57 23.08 -11.24
N ALA I 193 -21.01 21.90 -11.48
CA ALA I 193 -19.71 21.50 -10.93
C ALA I 193 -18.54 22.37 -11.36
N ASP I 194 -18.60 22.92 -12.57
CA ASP I 194 -17.47 23.65 -13.13
C ASP I 194 -17.06 24.86 -12.29
N THR I 195 -18.05 25.53 -11.69
CA THR I 195 -17.76 26.67 -10.83
C THR I 195 -17.10 26.23 -9.53
N TYR I 196 -17.41 25.01 -9.11
CA TYR I 196 -16.92 24.49 -7.83
C TYR I 196 -15.53 23.87 -7.91
N LYS I 197 -15.07 23.59 -9.13
CA LYS I 197 -13.81 22.89 -9.33
C LYS I 197 -12.59 23.65 -8.81
N GLU I 198 -12.61 24.97 -8.96
CA GLU I 198 -11.48 25.79 -8.55
C GLU I 198 -11.37 25.92 -7.03
N GLU I 199 -12.46 25.62 -6.34
CA GLU I 199 -12.51 25.75 -4.88
C GLU I 199 -11.73 24.63 -4.19
N VAL I 200 -11.39 23.59 -4.94
CA VAL I 200 -10.75 22.41 -4.37
C VAL I 200 -9.33 22.69 -3.86
N GLU I 201 -8.44 23.08 -4.78
CA GLU I 201 -7.05 23.29 -4.41
C GLU I 201 -6.90 24.47 -3.45
N LYS I 202 -7.84 25.41 -3.52
CA LYS I 202 -7.89 26.51 -2.56
C LYS I 202 -8.19 25.94 -1.18
N ALA I 203 -9.13 24.99 -1.13
CA ALA I 203 -9.50 24.34 0.13
C ALA I 203 -8.35 23.52 0.68
N ARG I 204 -7.50 22.99 -0.20
CA ARG I 204 -6.35 22.21 0.24
C ARG I 204 -5.25 23.15 0.76
N VAL I 205 -5.20 24.36 0.23
CA VAL I 205 -4.26 25.36 0.74
C VAL I 205 -4.74 25.88 2.09
N TYR I 206 -6.03 26.21 2.17
CA TYR I 206 -6.62 26.65 3.43
C TYR I 206 -6.51 25.57 4.50
N TYR I 207 -6.63 24.31 4.08
CA TYR I 207 -6.50 23.19 5.00
C TYR I 207 -5.12 23.19 5.66
N PHE I 208 -4.07 23.21 4.85
CA PHE I 208 -2.74 23.06 5.41
C PHE I 208 -2.30 24.29 6.18
N GLY I 209 -2.72 25.47 5.71
CA GLY I 209 -2.44 26.70 6.43
C GLY I 209 -2.98 26.58 7.84
N THR I 210 -4.19 26.04 7.95
CA THR I 210 -4.83 25.82 9.23
C THR I 210 -4.13 24.70 10.02
N TYR I 211 -3.82 23.61 9.35
CA TYR I 211 -3.19 22.47 10.01
C TYR I 211 -1.74 22.76 10.41
N TYR I 212 -1.06 23.59 9.62
CA TYR I 212 0.29 24.01 9.95
C TYR I 212 0.30 24.79 11.25
N ALA I 213 -0.64 25.72 11.36
CA ALA I 213 -0.84 26.48 12.59
C ALA I 213 -1.15 25.53 13.74
N SER I 214 -2.05 24.59 13.47
CA SER I 214 -2.45 23.57 14.45
C SER I 214 -1.25 22.81 14.99
N GLN I 215 -0.32 22.45 14.11
CA GLN I 215 0.88 21.71 14.51
C GLN I 215 1.77 22.55 15.41
N LEU I 216 1.81 23.86 15.15
CA LEU I 216 2.63 24.76 15.94
C LEU I 216 2.04 24.95 17.34
N ILE I 217 0.72 25.04 17.41
CA ILE I 217 0.03 25.27 18.67
C ILE I 217 0.05 24.01 19.54
N ALA I 218 -0.24 22.86 18.93
CA ALA I 218 -0.29 21.60 19.66
C ALA I 218 1.10 21.17 20.14
N ALA I 219 2.14 21.68 19.48
CA ALA I 219 3.51 21.42 19.90
C ALA I 219 3.76 22.02 21.28
N PRO I 220 4.16 21.16 22.24
CA PRO I 220 4.41 21.60 23.62
C PRO I 220 5.58 22.57 23.72
N SER I 221 5.76 23.17 24.89
CA SER I 221 6.71 24.27 25.05
C SER I 221 8.16 23.81 25.21
N ASN I 222 8.38 22.50 25.33
CA ASN I 222 9.75 21.99 25.32
C ASN I 222 10.19 21.76 23.88
N TYR I 223 9.21 21.58 23.00
CA TYR I 223 9.46 21.50 21.56
C TYR I 223 9.38 22.87 20.91
N CYS I 224 8.33 23.62 21.27
CA CYS I 224 8.08 24.93 20.68
C CYS I 224 8.56 26.04 21.60
N ASN I 225 9.75 26.56 21.33
CA ASN I 225 10.34 27.65 22.09
C ASN I 225 10.61 28.85 21.17
N PRO I 226 10.95 30.02 21.74
CA PRO I 226 11.23 31.20 20.89
C PRO I 226 12.26 30.97 19.79
N VAL I 227 13.16 30.01 19.97
CA VAL I 227 14.19 29.74 18.98
C VAL I 227 13.68 28.81 17.89
N SER I 228 13.11 27.67 18.30
CA SER I 228 12.64 26.66 17.35
C SER I 228 11.48 27.18 16.50
N LEU I 229 10.63 28.01 17.09
CA LEU I 229 9.52 28.60 16.35
C LEU I 229 10.04 29.58 15.30
N SER I 230 11.06 30.36 15.68
CA SER I 230 11.67 31.31 14.76
C SER I 230 12.40 30.58 13.63
N ASN I 231 13.00 29.43 13.96
CA ASN I 231 13.67 28.62 12.97
C ASN I 231 12.68 28.00 11.98
N ALA I 232 11.52 27.63 12.49
CA ALA I 232 10.47 27.05 11.66
C ALA I 232 9.92 28.08 10.68
N ALA I 233 9.81 29.32 11.14
CA ALA I 233 9.32 30.41 10.31
C ALA I 233 10.27 30.68 9.15
N VAL I 234 11.57 30.58 9.43
CA VAL I 234 12.60 30.72 8.39
C VAL I 234 12.46 29.60 7.37
N GLU I 235 12.37 28.38 7.87
CA GLU I 235 12.22 27.19 7.04
C GLU I 235 11.01 27.31 6.12
N LEU I 236 9.90 27.82 6.67
CA LEU I 236 8.69 28.04 5.89
C LEU I 236 8.90 29.11 4.83
N ALA I 237 9.51 30.23 5.24
CA ALA I 237 9.75 31.35 4.34
C ALA I 237 10.66 30.95 3.18
N GLN I 238 11.66 30.14 3.47
CA GLN I 238 12.58 29.63 2.46
C GLN I 238 11.84 28.82 1.41
N LYS I 239 10.88 28.02 1.86
CA LYS I 239 10.10 27.16 0.99
C LYS I 239 9.14 27.96 0.10
N LEU I 240 8.68 29.09 0.60
CA LEU I 240 7.70 29.90 -0.10
C LEU I 240 8.34 31.07 -0.84
N ASN I 241 9.66 31.18 -0.72
CA ASN I 241 10.42 32.30 -1.29
C ASN I 241 9.94 33.66 -0.77
N LEU I 242 9.52 33.69 0.49
CA LEU I 242 9.23 34.95 1.16
C LEU I 242 10.52 35.55 1.70
N GLU I 243 10.65 36.86 1.62
CA GLU I 243 11.77 37.53 2.28
C GLU I 243 11.58 37.38 3.79
N TYR I 244 12.63 37.00 4.50
CA TYR I 244 12.53 36.81 5.94
C TYR I 244 13.61 37.55 6.70
N LYS I 245 13.32 37.85 7.97
CA LYS I 245 14.26 38.54 8.84
C LYS I 245 13.96 38.20 10.30
N ILE I 246 14.95 37.65 10.99
CA ILE I 246 14.78 37.34 12.40
C ILE I 246 15.64 38.26 13.26
N LEU I 247 15.00 38.96 14.18
CA LEU I 247 15.68 39.93 15.02
C LEU I 247 16.02 39.35 16.39
N GLY I 248 17.31 39.30 16.70
CA GLY I 248 17.78 38.81 17.99
C GLY I 248 17.86 39.90 19.03
N VAL I 249 18.26 39.53 20.25
CA VAL I 249 18.29 40.45 21.38
C VAL I 249 19.11 41.71 21.10
N LYS I 250 20.26 41.53 20.47
CA LYS I 250 21.15 42.66 20.16
C LYS I 250 20.44 43.72 19.32
N GLU I 251 19.74 43.28 18.28
CA GLU I 251 19.01 44.19 17.41
C GLU I 251 17.79 44.79 18.13
N LEU I 252 17.14 43.98 18.95
CA LEU I 252 15.98 44.42 19.70
C LEU I 252 16.36 45.53 20.68
N GLU I 253 17.48 45.36 21.37
CA GLU I 253 17.99 46.37 22.28
C GLU I 253 18.24 47.70 21.57
N GLU I 254 18.82 47.62 20.37
CA GLU I 254 19.08 48.81 19.57
C GLU I 254 17.78 49.52 19.20
N LEU I 255 16.74 48.73 18.92
CA LEU I 255 15.44 49.28 18.59
C LEU I 255 14.68 49.68 19.85
N LYS I 256 15.28 49.38 21.00
CA LYS I 256 14.78 49.80 22.31
C LYS I 256 13.37 49.26 22.60
N MET I 257 13.14 48.00 22.27
CA MET I 257 11.88 47.35 22.58
C MET I 257 11.87 46.84 24.01
N GLY I 258 11.75 47.76 24.96
CA GLY I 258 11.85 47.44 26.37
C GLY I 258 10.71 46.62 26.94
N ALA I 259 9.51 46.78 26.38
CA ALA I 259 8.35 46.03 26.85
C ALA I 259 8.46 44.58 26.43
N TYR I 260 8.75 44.36 25.15
CA TYR I 260 8.97 43.03 24.59
C TYR I 260 10.13 42.32 25.29
N LEU I 261 11.26 42.99 25.41
CA LEU I 261 12.46 42.39 25.99
C LEU I 261 12.26 42.03 27.46
N SER I 262 11.52 42.87 28.19
CA SER I 262 11.29 42.65 29.61
C SER I 262 10.53 41.35 29.85
N VAL I 263 9.56 41.07 28.99
CA VAL I 263 8.73 39.87 29.13
C VAL I 263 9.57 38.59 29.04
N GLY I 264 10.51 38.55 28.11
CA GLY I 264 11.32 37.37 27.91
C GLY I 264 12.61 37.36 28.73
N LYS I 265 12.70 38.24 29.71
CA LYS I 265 13.89 38.38 30.53
C LYS I 265 14.18 37.13 31.38
N GLY I 266 13.13 36.46 31.82
CA GLY I 266 13.28 35.32 32.71
C GLY I 266 13.41 33.99 32.00
N SER I 267 13.42 34.03 30.66
CA SER I 267 13.47 32.79 29.89
C SER I 267 14.91 32.37 29.58
N MET I 268 15.11 31.06 29.41
CA MET I 268 16.40 30.53 29.01
C MET I 268 16.57 30.65 27.51
N TYR I 269 15.46 30.92 26.82
CA TYR I 269 15.49 31.11 25.37
C TYR I 269 15.48 32.60 25.04
N PRO I 270 16.44 33.04 24.22
CA PRO I 270 16.51 34.44 23.79
C PRO I 270 15.29 34.85 22.96
N ASN I 271 14.86 36.09 23.10
CA ASN I 271 13.75 36.60 22.30
C ASN I 271 14.05 36.54 20.82
N LYS I 272 13.04 36.19 20.02
CA LYS I 272 13.19 36.14 18.57
C LYS I 272 12.02 36.83 17.88
N PHE I 273 12.31 37.92 17.17
CA PHE I 273 11.27 38.64 16.45
C PHE I 273 11.21 38.14 15.00
N ILE I 274 10.06 37.57 14.63
CA ILE I 274 9.86 37.06 13.29
C ILE I 274 9.33 38.14 12.34
N HIS I 275 10.03 38.37 11.25
CA HIS I 275 9.56 39.32 10.24
C HIS I 275 9.60 38.68 8.86
N LEU I 276 8.43 38.23 8.40
CA LEU I 276 8.30 37.67 7.06
C LEU I 276 7.58 38.66 6.15
N THR I 277 7.91 38.63 4.86
CA THR I 277 7.33 39.57 3.91
C THR I 277 6.96 38.91 2.59
N TYR I 278 5.69 39.01 2.21
CA TYR I 278 5.27 38.69 0.86
C TYR I 278 5.06 39.97 0.08
N LYS I 279 5.64 40.04 -1.11
CA LYS I 279 5.47 41.21 -1.96
C LYS I 279 4.99 40.81 -3.35
N SER I 280 3.90 41.42 -3.79
CA SER I 280 3.37 41.16 -5.11
C SER I 280 4.27 41.77 -6.18
N LYS I 281 4.33 41.12 -7.34
CA LYS I 281 4.95 41.74 -8.50
C LYS I 281 3.96 42.73 -9.10
N GLY I 282 4.46 43.77 -9.73
CA GLY I 282 3.61 44.80 -10.28
C GLY I 282 3.39 45.93 -9.29
N ASP I 283 2.21 46.53 -9.33
CA ASP I 283 1.92 47.70 -8.49
C ASP I 283 1.25 47.31 -7.17
N VAL I 284 1.88 47.71 -6.07
CA VAL I 284 1.30 47.53 -4.74
C VAL I 284 0.27 48.61 -4.45
N LYS I 285 -0.96 48.19 -4.16
CA LYS I 285 -2.01 49.13 -3.78
C LYS I 285 -2.31 49.03 -2.29
N LYS I 286 -2.07 47.86 -1.71
CA LYS I 286 -2.29 47.66 -0.28
C LYS I 286 -1.06 47.14 0.44
N LYS I 287 -0.74 47.77 1.57
CA LYS I 287 0.34 47.31 2.44
C LYS I 287 -0.23 46.95 3.81
N ILE I 288 -0.13 45.67 4.16
CA ILE I 288 -0.73 45.17 5.40
C ILE I 288 0.31 44.55 6.32
N ALA I 289 0.27 44.92 7.59
CA ALA I 289 1.05 44.25 8.61
C ALA I 289 0.14 43.33 9.42
N LEU I 290 0.52 42.06 9.51
CA LEU I 290 -0.22 41.11 10.33
C LEU I 290 0.62 40.70 11.53
N VAL I 291 0.13 41.05 12.73
CA VAL I 291 0.87 40.83 13.96
C VAL I 291 0.26 39.69 14.77
N GLY I 292 1.08 38.70 15.11
CA GLY I 292 0.62 37.58 15.90
C GLY I 292 1.34 37.47 17.23
N LYS I 293 0.57 37.35 18.31
CA LYS I 293 1.14 37.16 19.63
C LYS I 293 1.87 35.82 19.71
N GLY I 294 3.13 35.86 20.10
CA GLY I 294 3.95 34.66 20.12
C GLY I 294 4.54 34.32 21.47
N ILE I 295 3.68 33.97 22.43
CA ILE I 295 4.15 33.50 23.72
C ILE I 295 4.18 31.98 23.72
N THR I 296 5.39 31.41 23.65
CA THR I 296 5.55 29.97 23.52
C THR I 296 5.06 29.22 24.76
N PHE I 297 5.25 29.83 25.93
CA PHE I 297 4.60 29.35 27.15
C PHE I 297 4.34 30.51 28.11
N ASP I 298 3.13 30.54 28.66
CA ASP I 298 2.74 31.61 29.57
C ASP I 298 2.48 31.06 30.96
N SER I 299 3.51 31.02 31.79
CA SER I 299 3.35 30.59 33.18
C SER I 299 2.67 31.67 34.00
N GLY I 300 2.67 32.88 33.46
CA GLY I 300 2.09 34.03 34.14
C GLY I 300 3.16 34.92 34.75
N GLY I 301 4.38 34.41 34.81
CA GLY I 301 5.46 35.12 35.46
C GLY I 301 5.29 35.06 36.97
N TYR I 302 5.74 36.10 37.67
CA TYR I 302 5.62 36.13 39.12
C TYR I 302 4.16 36.25 39.56
N ASN I 303 3.31 36.76 38.67
CA ASN I 303 1.87 36.61 38.83
C ASN I 303 1.45 35.24 38.32
N LEU I 304 2.01 34.21 38.96
CA LEU I 304 1.89 32.83 38.50
C LEU I 304 0.45 32.37 38.36
N LYS I 305 0.18 31.60 37.31
CA LYS I 305 -1.14 31.01 37.11
C LYS I 305 -1.35 29.84 38.06
N ALA I 306 -1.64 30.15 39.32
CA ALA I 306 -1.80 29.12 40.34
C ALA I 306 -3.25 28.97 40.77
N ALA I 307 -4.07 29.95 40.45
CA ALA I 307 -5.49 29.95 40.83
C ALA I 307 -6.23 28.80 40.16
N PRO I 308 -7.29 28.30 40.82
CA PRO I 308 -8.10 27.23 40.23
C PRO I 308 -8.75 27.65 38.92
N GLY I 309 -8.53 26.87 37.87
CA GLY I 309 -9.11 27.16 36.57
C GLY I 309 -8.30 28.18 35.78
N SER I 310 -7.03 28.33 36.12
CA SER I 310 -6.14 29.25 35.41
C SER I 310 -5.58 28.58 34.16
N MET I 311 -5.69 27.25 34.11
CA MET I 311 -5.36 26.46 32.92
C MET I 311 -3.91 26.61 32.47
N ILE I 312 -2.98 26.45 33.40
CA ILE I 312 -1.56 26.62 33.10
C ILE I 312 -1.04 25.54 32.15
N ASP I 313 -1.74 24.42 32.07
CA ASP I 313 -1.28 23.30 31.24
C ASP I 313 -1.64 23.49 29.77
N LEU I 314 -2.53 24.44 29.49
CA LEU I 314 -2.91 24.73 28.10
C LEU I 314 -2.06 25.86 27.53
N MET I 315 -1.22 26.45 28.37
CA MET I 315 -0.51 27.69 28.05
C MET I 315 0.54 27.58 26.95
N LYS I 316 0.63 26.40 26.32
CA LYS I 316 1.39 26.26 25.09
C LYS I 316 0.61 26.88 23.95
N PHE I 317 -0.65 27.19 24.21
CA PHE I 317 -1.57 27.76 23.24
C PHE I 317 -1.31 29.25 23.00
N ASP I 318 -0.51 29.86 23.88
CA ASP I 318 -0.40 31.31 23.93
C ASP I 318 0.42 31.89 22.77
N MET I 319 0.74 31.05 21.79
CA MET I 319 1.37 31.52 20.57
C MET I 319 0.46 31.22 19.38
N SER I 320 -0.82 31.05 19.65
CA SER I 320 -1.82 30.77 18.63
C SER I 320 -1.94 31.93 17.64
N GLY I 321 -1.70 33.14 18.13
CA GLY I 321 -1.72 34.32 17.29
C GLY I 321 -0.64 34.25 16.24
N CYS I 322 0.59 34.06 16.70
CA CYS I 322 1.74 33.88 15.82
C CYS I 322 1.52 32.72 14.85
N ALA I 323 0.87 31.68 15.35
CA ALA I 323 0.57 30.50 14.54
C ALA I 323 -0.37 30.85 13.39
N ALA I 324 -1.37 31.66 13.69
CA ALA I 324 -2.34 32.09 12.67
C ALA I 324 -1.66 32.88 11.56
N VAL I 325 -0.78 33.79 11.97
CA VAL I 325 -0.07 34.65 11.02
C VAL I 325 0.86 33.83 10.12
N LEU I 326 1.55 32.86 10.71
CA LEU I 326 2.45 32.00 9.94
C LEU I 326 1.66 31.08 9.00
N GLY I 327 0.50 30.63 9.47
CA GLY I 327 -0.38 29.82 8.63
C GLY I 327 -0.91 30.64 7.47
N CYS I 328 -1.15 31.92 7.73
CA CYS I 328 -1.58 32.83 6.68
C CYS I 328 -0.44 33.08 5.70
N ALA I 329 0.78 33.20 6.24
CA ALA I 329 1.96 33.38 5.42
C ALA I 329 2.12 32.24 4.43
N TYR I 330 1.79 31.03 4.86
CA TYR I 330 1.81 29.88 3.98
C TYR I 330 0.81 30.06 2.85
N CYS I 331 -0.42 30.40 3.21
CA CYS I 331 -1.50 30.53 2.23
C CYS I 331 -1.24 31.67 1.24
N VAL I 332 -0.86 32.84 1.75
CA VAL I 332 -0.57 33.98 0.90
C VAL I 332 0.63 33.67 -0.01
N GLY I 333 1.66 33.07 0.57
CA GLY I 333 2.84 32.71 -0.18
C GLY I 333 2.57 31.63 -1.21
N THR I 334 1.54 30.82 -0.96
CA THR I 334 1.16 29.76 -1.89
C THR I 334 0.24 30.28 -2.99
N LEU I 335 -0.79 31.02 -2.61
CA LEU I 335 -1.78 31.50 -3.55
C LEU I 335 -1.31 32.74 -4.32
N LYS I 336 -0.32 33.44 -3.77
CA LYS I 336 0.32 34.57 -4.43
C LYS I 336 -0.63 35.64 -4.94
N PRO I 337 -1.30 36.36 -4.02
CA PRO I 337 -2.23 37.42 -4.45
C PRO I 337 -1.49 38.63 -5.03
N GLU I 338 -2.15 39.34 -5.94
CA GLU I 338 -1.55 40.50 -6.59
C GLU I 338 -1.81 41.80 -5.83
N ASN I 339 -1.01 42.81 -6.14
CA ASN I 339 -1.25 44.18 -5.70
C ASN I 339 -1.24 44.39 -4.19
N VAL I 340 -0.56 43.50 -3.47
CA VAL I 340 -0.45 43.65 -2.02
C VAL I 340 0.99 43.47 -1.55
N GLU I 341 1.25 43.97 -0.35
CA GLU I 341 2.53 43.76 0.31
C GLU I 341 2.26 43.42 1.77
N ILE I 342 2.52 42.18 2.16
CA ILE I 342 2.17 41.73 3.49
C ILE I 342 3.39 41.55 4.38
N HIS I 343 3.29 42.10 5.58
CA HIS I 343 4.32 41.88 6.61
C HIS I 343 3.78 40.96 7.69
N PHE I 344 4.46 39.83 7.88
CA PHE I 344 4.08 38.88 8.91
C PHE I 344 4.99 39.05 10.12
N LEU I 345 4.42 39.54 11.22
CA LEU I 345 5.20 39.95 12.38
C LEU I 345 4.84 39.17 13.63
N SER I 346 5.86 38.85 14.44
CA SER I 346 5.64 38.23 15.73
C SER I 346 6.82 38.44 16.66
N ALA I 347 6.56 39.10 17.79
CA ALA I 347 7.55 39.25 18.84
C ALA I 347 7.49 38.04 19.75
N VAL I 348 8.27 37.01 19.43
CA VAL I 348 8.19 35.72 20.12
C VAL I 348 9.06 35.67 21.37
N CYS I 349 8.50 35.15 22.45
CA CYS I 349 9.25 34.92 23.68
C CYS I 349 8.53 33.97 24.63
N GLU I 350 9.10 33.74 25.80
CA GLU I 350 8.52 32.88 26.81
C GLU I 350 8.37 33.62 28.13
N ASN I 351 7.22 33.46 28.79
CA ASN I 351 6.95 34.13 30.05
C ASN I 351 7.17 33.19 31.24
N MET I 352 8.30 33.34 31.92
CA MET I 352 8.71 32.38 32.94
C MET I 352 9.01 33.01 34.29
N VAL I 353 9.25 32.16 35.28
CA VAL I 353 9.61 32.59 36.62
C VAL I 353 11.09 32.30 36.89
N SER I 354 11.89 33.35 37.01
CA SER I 354 13.33 33.21 37.21
C SER I 354 13.85 34.32 38.10
N LYS I 355 15.16 34.30 38.34
CA LYS I 355 15.81 35.41 39.03
C LYS I 355 15.99 36.57 38.06
N ASN I 356 15.83 36.28 36.78
CA ASN I 356 16.01 37.27 35.73
C ASN I 356 14.68 37.82 35.21
N SER I 357 13.58 37.34 35.76
CA SER I 357 12.26 37.75 35.31
C SER I 357 11.93 39.19 35.69
N TYR I 358 11.03 39.82 34.96
CA TYR I 358 10.54 41.14 35.32
C TYR I 358 9.48 41.00 36.41
N ARG I 359 9.36 42.02 37.25
CA ARG I 359 8.53 41.93 38.43
C ARG I 359 7.27 42.78 38.33
N PRO I 360 6.23 42.41 39.08
CA PRO I 360 5.07 43.30 39.23
C PRO I 360 5.51 44.62 39.85
N GLY I 361 5.21 45.72 39.20
CA GLY I 361 5.62 47.03 39.70
C GLY I 361 6.72 47.66 38.88
N ASP I 362 7.40 46.86 38.08
CA ASP I 362 8.48 47.34 37.21
C ASP I 362 7.96 48.39 36.22
N ILE I 363 8.70 49.47 36.06
CA ILE I 363 8.41 50.43 35.01
C ILE I 363 9.36 50.21 33.83
N ILE I 364 8.79 50.00 32.66
CA ILE I 364 9.55 49.69 31.47
C ILE I 364 9.25 50.69 30.35
N THR I 365 10.19 50.86 29.43
CA THR I 365 10.03 51.83 28.36
C THR I 365 9.89 51.16 27.00
N ALA I 366 8.79 51.45 26.31
CA ALA I 366 8.54 50.90 24.99
C ALA I 366 9.38 51.61 23.92
N SER I 367 9.38 51.06 22.71
CA SER I 367 10.21 51.59 21.64
C SER I 367 9.72 52.94 21.12
N ASN I 368 8.52 53.34 21.54
CA ASN I 368 8.03 54.67 21.20
C ASN I 368 8.23 55.64 22.37
N GLY I 369 8.97 55.20 23.37
CA GLY I 369 9.35 56.05 24.47
C GLY I 369 8.32 56.20 25.58
N LYS I 370 7.23 55.46 25.49
CA LYS I 370 6.20 55.52 26.53
C LYS I 370 6.55 54.60 27.69
N THR I 371 6.54 55.14 28.90
CA THR I 371 6.83 54.36 30.10
C THR I 371 5.57 53.61 30.56
N ILE I 372 5.75 52.36 30.95
CA ILE I 372 4.65 51.50 31.35
C ILE I 372 4.86 50.93 32.74
N GLU I 373 3.85 51.07 33.60
CA GLU I 373 3.91 50.46 34.92
C GLU I 373 3.22 49.10 34.93
N VAL I 374 4.00 48.06 35.15
CA VAL I 374 3.48 46.69 35.15
C VAL I 374 2.73 46.38 36.44
N GLY I 375 1.44 46.05 36.31
CA GLY I 375 0.63 45.71 37.46
C GLY I 375 0.40 44.21 37.57
N ASN I 376 0.67 43.50 36.48
CA ASN I 376 0.46 42.06 36.44
C ASN I 376 1.33 41.43 35.35
N THR I 377 2.26 40.56 35.76
CA THR I 377 3.20 39.96 34.82
C THR I 377 2.52 38.99 33.87
N ASP I 378 1.28 38.63 34.16
CA ASP I 378 0.54 37.69 33.33
C ASP I 378 -0.25 38.43 32.25
N ALA I 379 -0.13 39.75 32.22
CA ALA I 379 -0.67 40.55 31.13
C ALA I 379 0.46 40.87 30.17
N GLU I 380 1.27 39.87 29.86
CA GLU I 380 2.50 40.06 29.10
C GLU I 380 2.25 40.24 27.61
N GLY I 381 1.09 39.78 27.15
CA GLY I 381 0.75 39.84 25.74
C GLY I 381 0.70 41.25 25.19
N ARG I 382 0.04 42.14 25.91
CA ARG I 382 -0.11 43.52 25.47
C ARG I 382 1.22 44.27 25.51
N LEU I 383 2.17 43.75 26.29
CA LEU I 383 3.51 44.33 26.36
C LEU I 383 4.31 44.01 25.11
N THR I 384 4.24 42.77 24.66
CA THR I 384 4.96 42.34 23.47
C THR I 384 4.33 42.93 22.21
N LEU I 385 3.00 42.97 22.19
CA LEU I 385 2.27 43.53 21.05
C LEU I 385 2.54 45.02 20.89
N ALA I 386 2.70 45.72 22.02
CA ALA I 386 2.98 47.15 22.01
C ALA I 386 4.23 47.48 21.20
N ASP I 387 5.32 46.77 21.49
CA ASP I 387 6.56 46.94 20.74
C ASP I 387 6.40 46.43 19.31
N ALA I 388 5.59 45.40 19.13
CA ALA I 388 5.32 44.84 17.82
C ALA I 388 4.55 45.84 16.96
N LEU I 389 3.53 46.45 17.55
CA LEU I 389 2.71 47.43 16.85
C LEU I 389 3.50 48.66 16.45
N VAL I 390 4.39 49.11 17.33
CA VAL I 390 5.24 50.26 17.03
C VAL I 390 6.17 49.92 15.87
N TYR I 391 6.68 48.70 15.85
CA TYR I 391 7.49 48.20 14.75
C TYR I 391 6.68 48.15 13.46
N ALA I 392 5.42 47.75 13.59
CA ALA I 392 4.54 47.57 12.44
C ALA I 392 4.22 48.90 11.76
N GLU I 393 4.00 49.93 12.57
CA GLU I 393 3.64 51.24 12.04
C GLU I 393 4.83 51.89 11.34
N LYS I 394 6.03 51.53 11.77
CA LYS I 394 7.25 52.04 11.15
C LYS I 394 7.42 51.52 9.72
N LEU I 395 6.73 50.43 9.40
CA LEU I 395 6.82 49.84 8.07
C LEU I 395 6.05 50.65 7.04
N GLY I 396 5.29 51.62 7.51
CA GLY I 396 4.47 52.45 6.65
C GLY I 396 3.43 51.61 5.93
N VAL I 397 2.54 51.00 6.69
CA VAL I 397 1.52 50.13 6.13
C VAL I 397 0.15 50.82 6.10
N ASP I 398 -0.77 50.25 5.34
CA ASP I 398 -2.12 50.78 5.24
C ASP I 398 -3.00 50.24 6.36
N TYR I 399 -2.83 48.95 6.66
CA TYR I 399 -3.60 48.31 7.71
C TYR I 399 -2.71 47.54 8.69
N ILE I 400 -3.04 47.61 9.97
CA ILE I 400 -2.43 46.74 10.97
C ILE I 400 -3.49 45.89 11.63
N VAL I 401 -3.34 44.58 11.54
CA VAL I 401 -4.24 43.66 12.23
C VAL I 401 -3.45 42.74 13.15
N ASP I 402 -3.73 42.82 14.45
CA ASP I 402 -3.08 41.90 15.37
C ASP I 402 -4.08 40.84 15.82
N ILE I 403 -3.58 39.63 16.01
CA ILE I 403 -4.41 38.51 16.46
C ILE I 403 -3.73 37.84 17.64
N ALA I 404 -4.47 37.64 18.72
CA ALA I 404 -3.85 37.25 19.98
C ALA I 404 -4.80 36.54 20.95
N THR I 405 -4.23 35.63 21.73
CA THR I 405 -4.93 35.03 22.85
C THR I 405 -4.72 35.92 24.07
N LEU I 406 -5.39 37.06 24.08
CA LEU I 406 -5.05 38.13 25.00
C LEU I 406 -5.71 38.04 26.38
N THR I 407 -7.02 37.81 26.41
CA THR I 407 -7.74 37.85 27.68
C THR I 407 -8.69 36.69 27.89
N GLY I 408 -8.66 36.11 29.09
CA GLY I 408 -9.57 35.04 29.45
C GLY I 408 -11.00 35.52 29.56
N ALA I 409 -11.17 36.84 29.60
CA ALA I 409 -12.49 37.45 29.71
C ALA I 409 -13.36 37.15 28.49
N MET I 410 -12.73 36.73 27.40
CA MET I 410 -13.45 36.39 26.18
C MET I 410 -14.38 35.19 26.38
N LEU I 411 -14.03 34.35 27.35
CA LEU I 411 -14.86 33.19 27.69
C LEU I 411 -16.21 33.62 28.25
N TYR I 412 -16.24 34.78 28.88
CA TYR I 412 -17.45 35.27 29.54
C TYR I 412 -18.22 36.26 28.65
N SER I 413 -17.61 36.66 27.54
CA SER I 413 -18.25 37.60 26.63
C SER I 413 -18.83 36.88 25.42
N LEU I 414 -17.97 36.24 24.64
CA LEU I 414 -18.40 35.56 23.42
C LEU I 414 -18.38 34.05 23.58
N GLY I 415 -17.48 33.56 24.43
CA GLY I 415 -17.41 32.13 24.68
C GLY I 415 -16.32 31.45 23.87
N THR I 416 -16.65 30.27 23.35
CA THR I 416 -15.66 29.43 22.67
C THR I 416 -15.90 29.33 21.17
N SER I 417 -16.93 30.00 20.68
CA SER I 417 -17.27 29.92 19.26
C SER I 417 -16.86 31.18 18.48
N TYR I 418 -17.19 32.35 19.03
CA TYR I 418 -16.93 33.61 18.34
C TYR I 418 -15.73 34.36 18.90
N ALA I 419 -14.85 34.82 18.02
CA ALA I 419 -13.75 35.68 18.44
C ALA I 419 -14.24 37.13 18.46
N GLY I 420 -13.52 37.98 19.18
CA GLY I 420 -13.88 39.38 19.27
C GLY I 420 -12.93 40.28 18.50
N VAL I 421 -13.46 41.33 17.89
CA VAL I 421 -12.61 42.27 17.16
C VAL I 421 -12.80 43.70 17.70
N PHE I 422 -11.67 44.38 17.87
CA PHE I 422 -11.66 45.78 18.30
C PHE I 422 -10.87 46.57 17.28
N GLY I 423 -10.92 47.89 17.36
CA GLY I 423 -10.16 48.71 16.43
C GLY I 423 -10.48 50.19 16.46
N ASN I 424 -9.61 50.99 15.83
CA ASN I 424 -9.79 52.43 15.77
C ASN I 424 -10.34 52.89 14.43
N ASN I 425 -10.62 51.95 13.54
CA ASN I 425 -11.08 52.26 12.20
C ASN I 425 -12.24 51.37 11.77
N GLU I 426 -13.38 51.99 11.48
CA GLU I 426 -14.62 51.26 11.22
C GLU I 426 -14.56 50.41 9.94
N GLU I 427 -14.01 50.97 8.88
CA GLU I 427 -13.98 50.26 7.60
C GLU I 427 -13.05 49.05 7.64
N LEU I 428 -11.96 49.15 8.38
CA LEU I 428 -11.06 48.02 8.55
C LEU I 428 -11.75 46.91 9.33
N ILE I 429 -12.52 47.30 10.34
CA ILE I 429 -13.31 46.35 11.13
C ILE I 429 -14.33 45.64 10.25
N ASN I 430 -14.92 46.38 9.32
CA ASN I 430 -15.89 45.80 8.39
C ASN I 430 -15.27 44.76 7.46
N LYS I 431 -14.03 45.01 7.04
CA LYS I 431 -13.31 44.04 6.20
C LYS I 431 -13.06 42.76 6.98
N ILE I 432 -12.78 42.90 8.28
CA ILE I 432 -12.60 41.75 9.15
C ILE I 432 -13.89 40.93 9.25
N LEU I 433 -15.00 41.62 9.52
CA LEU I 433 -16.30 40.97 9.63
C LEU I 433 -16.71 40.36 8.28
N GLN I 434 -16.35 41.02 7.20
CA GLN I 434 -16.64 40.50 5.86
C GLN I 434 -15.84 39.23 5.62
N SER I 435 -14.57 39.27 6.02
CA SER I 435 -13.70 38.10 5.88
C SER I 435 -14.15 36.98 6.80
N SER I 436 -14.80 37.34 7.90
CA SER I 436 -15.35 36.35 8.83
C SER I 436 -16.48 35.58 8.16
N LYS I 437 -17.31 36.31 7.41
CA LYS I 437 -18.43 35.69 6.70
C LYS I 437 -17.98 34.70 5.64
N THR I 438 -16.93 35.06 4.90
CA THR I 438 -16.48 34.25 3.78
C THR I 438 -15.51 33.14 4.21
N SER I 439 -14.84 33.33 5.34
CA SER I 439 -13.93 32.31 5.86
C SER I 439 -14.66 31.36 6.80
N ASN I 440 -15.84 31.79 7.24
CA ASN I 440 -16.65 31.05 8.21
C ASN I 440 -15.91 30.82 9.52
N GLU I 441 -15.02 31.76 9.86
CA GLU I 441 -14.43 31.81 11.19
C GLU I 441 -15.06 32.98 11.93
N PRO I 442 -16.09 32.69 12.75
CA PRO I 442 -16.97 33.68 13.38
C PRO I 442 -16.24 34.73 14.22
N VAL I 443 -16.63 35.99 14.01
CA VAL I 443 -16.02 37.13 14.70
C VAL I 443 -17.08 38.18 15.02
N TRP I 444 -17.14 38.62 16.27
CA TRP I 444 -18.11 39.65 16.66
C TRP I 444 -17.42 40.95 17.03
N TRP I 445 -18.02 42.06 16.64
CA TRP I 445 -17.45 43.38 16.89
C TRP I 445 -17.74 43.85 18.31
N LEU I 446 -16.69 44.17 19.05
CA LEU I 446 -16.81 44.66 20.41
C LEU I 446 -16.25 46.07 20.51
N PRO I 447 -16.81 46.90 21.41
CA PRO I 447 -16.42 48.30 21.45
C PRO I 447 -15.14 48.57 22.24
N ILE I 448 -14.39 49.58 21.83
CA ILE I 448 -13.34 50.13 22.67
C ILE I 448 -13.94 51.31 23.42
N ILE I 449 -14.29 51.09 24.68
CA ILE I 449 -14.99 52.09 25.47
C ILE I 449 -14.01 53.09 26.08
N ASN I 450 -13.97 54.28 25.50
CA ASN I 450 -12.99 55.30 25.86
C ASN I 450 -13.09 55.79 27.30
N GLU I 451 -14.25 55.59 27.93
CA GLU I 451 -14.47 56.04 29.29
C GLU I 451 -13.56 55.30 30.28
N TYR I 452 -13.09 54.12 29.88
CA TYR I 452 -12.25 53.30 30.75
C TYR I 452 -10.78 53.73 30.73
N ARG I 453 -10.42 54.58 29.77
CA ARG I 453 -9.03 54.98 29.55
C ARG I 453 -8.38 55.60 30.80
N ALA I 454 -9.20 56.22 31.65
CA ALA I 454 -8.70 56.89 32.85
C ALA I 454 -8.10 55.92 33.86
N THR I 455 -8.55 54.67 33.84
CA THR I 455 -8.08 53.67 34.79
C THR I 455 -6.68 53.17 34.43
N LEU I 456 -6.16 53.65 33.31
CA LEU I 456 -4.80 53.29 32.88
C LEU I 456 -3.83 54.43 33.12
N ASN I 457 -4.27 55.44 33.87
CA ASN I 457 -3.42 56.57 34.20
C ASN I 457 -2.52 56.26 35.40
N SER I 458 -1.23 56.07 35.13
CA SER I 458 -0.28 55.73 36.18
C SER I 458 0.17 56.96 36.97
N LYS I 459 0.55 56.73 38.22
CA LYS I 459 1.03 57.79 39.10
C LYS I 459 2.45 58.20 38.73
N TYR I 460 3.22 57.25 38.19
CA TYR I 460 4.63 57.48 37.93
C TYR I 460 5.01 57.26 36.47
N ALA I 461 4.44 56.22 35.85
CA ALA I 461 4.69 55.96 34.44
C ALA I 461 3.68 56.73 33.58
N ASP I 462 3.92 56.75 32.28
CA ASP I 462 2.99 57.42 31.36
C ASP I 462 1.66 56.70 31.33
N ILE I 463 1.71 55.37 31.44
CA ILE I 463 0.51 54.56 31.33
C ILE I 463 0.63 53.25 32.12
N ASN I 464 -0.50 52.74 32.60
CA ASN I 464 -0.54 51.45 33.25
C ASN I 464 -0.77 50.34 32.24
N GLN I 465 -0.19 49.17 32.52
CA GLN I 465 -0.40 48.00 31.69
C GLN I 465 -1.81 47.47 31.88
N ILE I 466 -2.24 47.43 33.15
CA ILE I 466 -3.57 46.94 33.48
C ILE I 466 -4.36 47.96 34.29
N SER I 467 -5.68 47.76 34.33
CA SER I 467 -6.55 48.54 35.19
C SER I 467 -6.61 47.93 36.58
N SER I 468 -6.51 48.78 37.59
CA SER I 468 -6.81 48.37 38.95
C SER I 468 -8.21 48.84 39.29
N SER I 469 -9.16 48.45 38.46
CA SER I 469 -10.53 48.95 38.53
C SER I 469 -11.49 48.14 37.66
N VAL I 470 -11.56 48.50 36.38
CA VAL I 470 -12.50 47.89 35.44
C VAL I 470 -12.19 46.41 35.20
N LYS I 471 -13.24 45.59 35.25
CA LYS I 471 -13.08 44.14 35.04
C LYS I 471 -13.20 43.77 33.56
N ALA I 472 -13.65 44.71 32.74
CA ALA I 472 -13.74 44.47 31.29
C ALA I 472 -12.34 44.42 30.69
N SER I 473 -11.68 43.28 30.85
CA SER I 473 -10.27 43.13 30.51
C SER I 473 -9.99 43.26 29.02
N SER I 474 -10.84 42.66 28.19
CA SER I 474 -10.65 42.68 26.75
C SER I 474 -10.72 44.09 26.19
N ILE I 475 -11.55 44.93 26.80
CA ILE I 475 -11.70 46.32 26.38
C ILE I 475 -10.52 47.16 26.86
N VAL I 476 -10.14 46.96 28.12
CA VAL I 476 -8.98 47.66 28.69
C VAL I 476 -7.72 47.33 27.92
N ALA I 477 -7.54 46.05 27.60
CA ALA I 477 -6.38 45.58 26.86
C ALA I 477 -6.32 46.23 25.48
N SER I 478 -7.49 46.42 24.87
CA SER I 478 -7.59 47.08 23.57
C SER I 478 -7.20 48.55 23.71
N LEU I 479 -7.61 49.17 24.80
CA LEU I 479 -7.28 50.56 25.10
C LEU I 479 -5.76 50.74 25.20
N PHE I 480 -5.10 49.77 25.81
CA PHE I 480 -3.65 49.82 25.98
C PHE I 480 -2.95 49.76 24.63
N LEU I 481 -3.38 48.84 23.78
CA LEU I 481 -2.78 48.65 22.46
C LEU I 481 -2.96 49.88 21.56
N LYS I 482 -4.14 50.48 21.66
CA LYS I 482 -4.48 51.66 20.86
C LYS I 482 -3.50 52.80 21.12
N GLU I 483 -2.87 52.78 22.30
CA GLU I 483 -1.91 53.79 22.69
C GLU I 483 -0.56 53.64 21.98
N PHE I 484 -0.46 52.67 21.08
CA PHE I 484 0.80 52.39 20.42
C PHE I 484 0.66 52.39 18.90
N VAL I 485 -0.53 52.73 18.42
CA VAL I 485 -0.75 52.96 17.00
C VAL I 485 -1.18 54.42 16.83
N GLN I 486 -0.25 55.25 16.35
CA GLN I 486 -0.46 56.69 16.32
C GLN I 486 -1.46 57.15 15.25
N ASN I 487 -1.23 56.75 14.01
CA ASN I 487 -2.06 57.23 12.91
C ASN I 487 -2.21 56.22 11.78
N THR I 488 -2.44 54.96 12.15
CA THR I 488 -2.66 53.90 11.16
C THR I 488 -3.92 53.13 11.52
N ALA I 489 -4.72 52.78 10.51
CA ALA I 489 -5.89 51.95 10.74
C ALA I 489 -5.46 50.63 11.36
N TRP I 490 -6.11 50.27 12.47
CA TRP I 490 -5.67 49.11 13.24
C TRP I 490 -6.84 48.30 13.81
N ALA I 491 -6.71 46.98 13.75
CA ALA I 491 -7.71 46.08 14.31
C ALA I 491 -7.05 45.05 15.23
N HIS I 492 -7.81 44.60 16.22
CA HIS I 492 -7.29 43.65 17.20
C HIS I 492 -8.26 42.50 17.44
N ILE I 493 -7.85 41.30 17.06
CA ILE I 493 -8.71 40.12 17.19
C ILE I 493 -8.29 39.25 18.36
N ASP I 494 -9.09 39.24 19.42
CA ASP I 494 -8.82 38.44 20.61
C ASP I 494 -9.39 37.03 20.44
N ILE I 495 -8.50 36.04 20.32
CA ILE I 495 -8.92 34.66 20.08
C ILE I 495 -8.65 33.75 21.26
N ALA I 496 -8.58 34.33 22.45
CA ALA I 496 -8.27 33.56 23.66
C ALA I 496 -9.34 32.51 23.96
N GLY I 497 -10.58 32.79 23.58
CA GLY I 497 -11.68 31.89 23.87
C GLY I 497 -11.90 30.82 22.84
N VAL I 498 -11.60 31.12 21.58
CA VAL I 498 -11.95 30.23 20.48
C VAL I 498 -10.77 29.44 19.93
N SER I 499 -9.57 29.69 20.45
CA SER I 499 -8.37 29.06 19.91
C SER I 499 -8.38 27.54 20.14
N TRP I 500 -8.75 27.12 21.34
CA TRP I 500 -8.69 25.71 21.70
C TRP I 500 -10.06 25.03 21.63
N ASN I 501 -10.09 23.86 21.00
CA ASN I 501 -11.31 23.06 20.93
C ASN I 501 -11.31 22.01 22.04
N PHE I 502 -11.99 22.33 23.14
CA PHE I 502 -12.01 21.47 24.31
C PHE I 502 -12.74 20.15 24.07
N LYS I 503 -13.70 20.16 23.16
CA LYS I 503 -14.44 18.95 22.84
C LYS I 503 -13.53 17.89 22.23
N ALA I 504 -12.70 18.31 21.27
CA ALA I 504 -11.79 17.40 20.60
C ALA I 504 -10.40 17.41 21.21
N ARG I 505 -10.18 18.29 22.19
CA ARG I 505 -8.90 18.43 22.88
C ARG I 505 -7.76 18.72 21.89
N LYS I 506 -7.94 19.75 21.08
CA LYS I 506 -6.96 20.10 20.05
C LYS I 506 -7.17 21.53 19.55
N PRO I 507 -6.12 22.15 18.99
CA PRO I 507 -6.26 23.50 18.44
C PRO I 507 -7.23 23.56 17.26
N LYS I 508 -7.77 24.75 17.00
CA LYS I 508 -8.60 24.96 15.83
C LYS I 508 -7.76 25.54 14.69
N GLY I 509 -6.65 26.17 15.05
CA GLY I 509 -5.85 26.90 14.09
C GLY I 509 -6.64 28.11 13.63
N PHE I 510 -7.43 28.66 14.55
CA PHE I 510 -8.33 29.77 14.26
C PHE I 510 -7.58 31.00 13.75
N GLY I 511 -8.12 31.64 12.72
CA GLY I 511 -7.60 32.90 12.24
C GLY I 511 -6.93 32.85 10.88
N VAL I 512 -6.34 31.70 10.55
CA VAL I 512 -5.60 31.55 9.30
C VAL I 512 -6.45 31.92 8.08
N ARG I 513 -7.60 31.28 7.97
CA ARG I 513 -8.50 31.53 6.84
C ARG I 513 -9.08 32.94 6.90
N LEU I 514 -9.40 33.39 8.10
CA LEU I 514 -9.88 34.76 8.31
C LEU I 514 -8.88 35.78 7.77
N LEU I 515 -7.62 35.61 8.12
CA LEU I 515 -6.57 36.52 7.69
C LEU I 515 -6.29 36.41 6.20
N THR I 516 -6.31 35.19 5.67
CA THR I 516 -6.05 34.98 4.25
C THR I 516 -7.17 35.58 3.39
N GLU I 517 -8.41 35.43 3.84
CA GLU I 517 -9.55 36.03 3.14
C GLU I 517 -9.48 37.55 3.18
N PHE I 518 -9.03 38.09 4.31
CA PHE I 518 -8.86 39.54 4.47
C PHE I 518 -7.82 40.08 3.50
N VAL I 519 -6.78 39.30 3.28
CA VAL I 519 -5.68 39.71 2.41
C VAL I 519 -6.04 39.50 0.93
N LEU I 520 -6.68 38.38 0.62
CA LEU I 520 -7.04 38.06 -0.76
C LEU I 520 -8.06 39.04 -1.34
N ASN I 521 -9.21 39.14 -0.70
CA ASN I 521 -10.27 40.03 -1.17
C ASN I 521 -10.06 41.47 -0.70
N ALA J 4 -54.33 48.10 46.76
CA ALA J 4 -53.11 48.06 47.57
C ALA J 4 -53.23 47.04 48.70
N SER J 5 -52.28 46.12 48.77
CA SER J 5 -52.28 45.10 49.80
C SER J 5 -51.52 45.54 51.04
N GLU J 6 -51.74 44.84 52.16
CA GLU J 6 -51.02 45.13 53.38
C GLU J 6 -49.65 44.47 53.36
N VAL J 7 -48.62 45.21 53.76
CA VAL J 7 -47.26 44.69 53.82
C VAL J 7 -47.04 43.93 55.12
N PRO J 8 -46.72 42.63 55.02
CA PRO J 8 -46.44 41.82 56.21
C PRO J 8 -45.22 42.31 56.97
N GLN J 9 -45.19 42.09 58.28
CA GLN J 9 -44.09 42.53 59.12
C GLN J 9 -43.64 41.44 60.07
N VAL J 10 -42.36 41.45 60.42
CA VAL J 10 -41.84 40.56 61.45
C VAL J 10 -41.99 41.27 62.80
N VAL J 11 -41.52 42.51 62.86
CA VAL J 11 -41.69 43.35 64.04
C VAL J 11 -42.41 44.64 63.65
N SER J 12 -42.96 45.35 64.62
CA SER J 12 -43.75 46.54 64.36
C SER J 12 -42.90 47.70 63.84
N LEU J 13 -41.58 47.57 63.95
CA LEU J 13 -40.67 48.61 63.48
C LEU J 13 -40.34 48.46 62.00
N ASP J 14 -40.74 47.33 61.42
CA ASP J 14 -40.55 47.11 59.99
C ASP J 14 -41.44 48.06 59.18
N PRO J 15 -40.85 48.80 58.24
CA PRO J 15 -41.59 49.76 57.41
C PRO J 15 -42.62 49.08 56.52
N THR J 16 -43.69 49.79 56.18
CA THR J 16 -44.78 49.22 55.41
C THR J 16 -44.98 49.92 54.06
N SER J 17 -44.05 50.78 53.69
CA SER J 17 -44.09 51.43 52.37
C SER J 17 -42.76 52.05 52.00
N ILE J 18 -42.56 52.28 50.70
CA ILE J 18 -41.38 52.96 50.20
C ILE J 18 -41.61 54.47 50.22
N PRO J 19 -40.73 55.21 50.89
CA PRO J 19 -40.81 56.68 50.82
C PRO J 19 -40.47 57.19 49.42
N ILE J 20 -41.33 58.01 48.85
CA ILE J 20 -41.12 58.55 47.50
C ILE J 20 -41.22 60.07 47.48
N GLU J 21 -40.24 60.72 46.87
CA GLU J 21 -40.30 62.17 46.65
C GLU J 21 -40.67 62.47 45.21
N TYR J 22 -41.83 63.10 45.03
CA TYR J 22 -42.29 63.49 43.70
C TYR J 22 -41.91 64.93 43.41
N ASN J 23 -42.23 65.83 44.34
CA ASN J 23 -41.92 67.24 44.19
C ASN J 23 -40.51 67.56 44.67
N THR J 24 -39.55 67.42 43.77
CA THR J 24 -38.15 67.66 44.09
C THR J 24 -37.80 69.14 43.90
N PRO J 25 -36.75 69.62 44.58
CA PRO J 25 -36.23 70.99 44.39
C PRO J 25 -35.91 71.31 42.93
N ILE J 26 -35.59 70.29 42.15
CA ILE J 26 -35.27 70.46 40.73
C ILE J 26 -36.47 71.01 39.96
N HIS J 27 -37.67 70.59 40.33
CA HIS J 27 -38.89 71.03 39.67
C HIS J 27 -39.20 72.50 39.91
N ASP J 28 -38.49 73.11 40.86
CA ASP J 28 -38.71 74.51 41.19
C ASP J 28 -37.63 75.41 40.59
N ILE J 29 -36.87 74.86 39.64
CA ILE J 29 -35.86 75.63 38.95
C ILE J 29 -36.40 76.20 37.64
N LYS J 30 -36.51 77.52 37.57
CA LYS J 30 -36.95 78.19 36.36
C LYS J 30 -35.78 78.27 35.38
N VAL J 31 -35.97 77.71 34.19
CA VAL J 31 -34.88 77.61 33.22
C VAL J 31 -35.08 78.54 32.03
N GLN J 32 -34.08 79.39 31.79
CA GLN J 32 -34.08 80.27 30.63
C GLN J 32 -32.91 79.95 29.71
N VAL J 33 -33.17 79.94 28.40
CA VAL J 33 -32.11 79.71 27.42
C VAL J 33 -31.93 80.95 26.55
N TYR J 34 -30.74 81.54 26.62
CA TYR J 34 -30.43 82.73 25.84
C TYR J 34 -29.46 82.40 24.72
N ASP J 35 -29.52 83.16 23.63
CA ASP J 35 -28.60 82.95 22.52
C ASP J 35 -27.27 83.64 22.82
N ILE J 36 -26.18 82.94 22.55
CA ILE J 36 -24.86 83.40 22.97
C ILE J 36 -24.30 84.49 22.04
N LYS J 37 -24.95 84.70 20.89
CA LYS J 37 -24.52 85.73 19.96
C LYS J 37 -24.68 87.13 20.53
N GLY J 38 -25.55 87.26 21.53
CA GLY J 38 -25.88 88.56 22.09
C GLY J 38 -25.06 88.98 23.30
N GLY J 39 -24.13 88.13 23.71
CA GLY J 39 -23.32 88.41 24.89
C GLY J 39 -24.02 87.93 26.15
N CYS J 40 -23.37 88.10 27.29
CA CYS J 40 -23.87 87.52 28.55
C CYS J 40 -24.13 88.56 29.64
N ASN J 41 -25.30 88.45 30.27
CA ASN J 41 -25.63 89.25 31.44
C ASN J 41 -25.19 88.51 32.70
N VAL J 42 -24.25 89.11 33.43
CA VAL J 42 -23.65 88.45 34.59
C VAL J 42 -23.70 89.33 35.84
N GLU J 43 -24.90 89.56 36.36
CA GLU J 43 -25.06 90.43 37.52
C GLU J 43 -25.68 89.69 38.71
N GLU J 44 -25.92 88.40 38.57
CA GLU J 44 -26.56 87.64 39.63
C GLU J 44 -26.06 86.20 39.72
N GLY J 45 -25.61 85.81 40.92
CA GLY J 45 -25.28 84.43 41.22
C GLY J 45 -24.00 83.91 40.61
N LEU J 46 -24.03 82.63 40.24
CA LEU J 46 -22.86 81.92 39.75
C LEU J 46 -22.87 81.78 38.22
N THR J 47 -21.81 82.26 37.59
CA THR J 47 -21.67 82.14 36.14
C THR J 47 -20.50 81.23 35.78
N ILE J 48 -20.78 80.16 35.04
CA ILE J 48 -19.75 79.20 34.67
C ILE J 48 -19.64 79.05 33.15
N PHE J 49 -18.44 79.32 32.63
CA PHE J 49 -18.17 79.13 31.21
C PHE J 49 -17.66 77.72 30.94
N LEU J 50 -18.19 77.11 29.89
CA LEU J 50 -17.68 75.81 29.44
C LEU J 50 -16.76 76.03 28.24
N VAL J 51 -15.46 75.90 28.47
CA VAL J 51 -14.48 76.22 27.44
C VAL J 51 -13.55 75.06 27.10
N ASN J 52 -12.98 75.11 25.91
CA ASN J 52 -11.98 74.13 25.50
C ASN J 52 -10.83 74.78 24.75
N ASN J 53 -9.81 73.99 24.45
CA ASN J 53 -8.70 74.46 23.62
C ASN J 53 -8.31 73.36 22.64
N PRO J 54 -8.96 73.36 21.47
CA PRO J 54 -8.72 72.34 20.43
C PRO J 54 -7.27 72.28 20.00
N GLY J 55 -6.71 71.07 19.94
CA GLY J 55 -5.33 70.89 19.54
C GLY J 55 -4.36 70.93 20.70
N LYS J 56 -4.36 72.05 21.42
CA LYS J 56 -3.46 72.24 22.55
C LYS J 56 -3.94 71.50 23.78
N GLU J 57 -3.39 70.30 24.00
CA GLU J 57 -3.72 69.49 25.17
C GLU J 57 -3.37 70.23 26.46
N ASN J 58 -4.30 70.25 27.41
CA ASN J 58 -4.17 71.00 28.65
C ASN J 58 -3.83 72.47 28.38
N GLY J 59 -4.36 73.01 27.29
CA GLY J 59 -4.12 74.39 26.91
C GLY J 59 -4.78 75.37 27.85
N PRO J 60 -4.40 76.65 27.75
CA PRO J 60 -4.93 77.69 28.64
C PRO J 60 -6.40 78.02 28.39
N VAL J 61 -7.06 78.57 29.41
CA VAL J 61 -8.43 79.02 29.30
C VAL J 61 -8.48 80.37 28.58
N LYS J 62 -9.44 80.51 27.69
CA LYS J 62 -9.66 81.78 27.00
C LYS J 62 -11.15 82.02 26.76
N ILE J 63 -11.70 83.03 27.42
CA ILE J 63 -13.12 83.35 27.31
C ILE J 63 -13.38 84.26 26.13
N SER J 64 -14.27 83.83 25.23
CA SER J 64 -14.54 84.57 24.01
C SER J 64 -15.73 85.52 24.15
N SER J 65 -16.74 85.08 24.88
CA SER J 65 -17.97 85.86 25.05
C SER J 65 -17.71 87.21 25.73
N LYS J 66 -18.37 88.24 25.23
CA LYS J 66 -18.34 89.54 25.88
C LYS J 66 -19.43 89.57 26.95
N VAL J 67 -19.09 90.10 28.12
CA VAL J 67 -20.07 90.17 29.20
C VAL J 67 -20.39 91.62 29.54
N ASN J 68 -21.59 91.84 30.08
CA ASN J 68 -22.08 93.18 30.34
C ASN J 68 -21.68 93.73 31.71
N ASP J 69 -20.49 93.37 32.17
CA ASP J 69 -20.00 93.85 33.45
C ASP J 69 -18.50 94.11 33.40
N LYS J 70 -18.11 95.36 33.67
CA LYS J 70 -16.72 95.78 33.57
C LYS J 70 -15.83 95.10 34.62
N GLN J 71 -16.40 94.79 35.78
CA GLN J 71 -15.65 94.14 36.85
C GLN J 71 -15.39 92.68 36.51
N VAL J 72 -16.39 92.02 35.92
CA VAL J 72 -16.25 90.63 35.51
C VAL J 72 -15.40 90.53 34.25
N SER J 73 -15.55 91.52 33.36
CA SER J 73 -14.80 91.57 32.11
C SER J 73 -13.30 91.59 32.35
N GLU J 74 -12.86 92.38 33.32
CA GLU J 74 -11.45 92.49 33.65
C GLU J 74 -10.93 91.19 34.25
N PHE J 75 -11.81 90.50 34.98
CA PHE J 75 -11.47 89.20 35.53
C PHE J 75 -11.29 88.17 34.42
N LEU J 76 -12.12 88.29 33.37
CA LEU J 76 -12.14 87.30 32.31
C LEU J 76 -11.15 87.58 31.18
N LYS J 77 -10.27 88.55 31.37
CA LYS J 77 -9.29 88.89 30.34
C LYS J 77 -8.29 87.73 30.17
N ASP J 78 -7.62 87.70 29.03
CA ASP J 78 -6.74 86.59 28.67
C ASP J 78 -5.59 86.39 29.65
N GLU J 79 -4.99 87.50 30.10
CA GLU J 79 -3.84 87.44 30.99
C GLU J 79 -4.17 86.75 32.31
N ASN J 80 -5.42 86.89 32.77
CA ASN J 80 -5.86 86.26 34.00
C ASN J 80 -6.26 84.79 33.79
N MET J 81 -6.96 84.53 32.69
CA MET J 81 -7.52 83.20 32.45
C MET J 81 -6.47 82.19 32.01
N GLU J 82 -5.37 82.67 31.44
CA GLU J 82 -4.34 81.76 30.93
C GLU J 82 -3.51 81.15 32.06
N LYS J 83 -3.80 81.56 33.29
CA LYS J 83 -3.20 80.94 34.46
C LYS J 83 -3.85 79.58 34.72
N PHE J 84 -5.05 79.40 34.16
CA PHE J 84 -5.80 78.17 34.31
C PHE J 84 -5.79 77.38 32.99
N ASN J 85 -5.96 76.06 33.08
CA ASN J 85 -5.98 75.22 31.88
C ASN J 85 -7.30 74.49 31.70
N VAL J 86 -7.48 73.89 30.53
CA VAL J 86 -8.78 73.32 30.14
C VAL J 86 -8.88 71.80 30.27
N LYS J 87 -8.02 71.20 31.09
CA LYS J 87 -8.07 69.75 31.31
C LYS J 87 -9.47 69.33 31.75
N LEU J 88 -9.96 68.25 31.15
CA LEU J 88 -11.35 67.81 31.35
C LEU J 88 -11.71 67.65 32.83
N GLY J 89 -12.72 68.40 33.26
CA GLY J 89 -13.18 68.32 34.63
C GLY J 89 -12.58 69.39 35.54
N THR J 90 -11.44 69.93 35.12
CA THR J 90 -10.77 70.97 35.91
C THR J 90 -11.63 72.23 35.98
N SER J 91 -11.77 72.80 37.17
CA SER J 91 -12.58 73.99 37.36
C SER J 91 -11.97 74.96 38.36
N LYS J 92 -12.26 76.24 38.15
CA LYS J 92 -11.93 77.29 39.09
C LYS J 92 -13.12 78.24 39.13
N HIS J 93 -13.41 78.82 40.29
CA HIS J 93 -14.43 79.86 40.36
C HIS J 93 -14.13 80.84 41.49
N PHE J 94 -14.34 82.12 41.21
CA PHE J 94 -13.97 83.20 42.13
C PHE J 94 -15.18 84.03 42.53
N TYR J 95 -15.15 84.58 43.74
CA TYR J 95 -16.19 85.49 44.18
C TYR J 95 -15.71 86.93 44.06
N MET J 96 -16.59 87.80 43.58
CA MET J 96 -16.24 89.20 43.35
C MET J 96 -17.47 90.08 43.33
N PHE J 97 -17.26 91.39 43.40
CA PHE J 97 -18.35 92.34 43.28
C PHE J 97 -18.49 92.83 41.84
N ASN J 98 -19.72 92.84 41.33
CA ASN J 98 -19.96 93.33 39.98
C ASN J 98 -19.96 94.86 39.92
N ASP J 99 -20.47 95.42 38.84
CA ASP J 99 -20.49 96.87 38.67
C ASP J 99 -21.46 97.54 39.64
N ASN J 100 -22.48 96.80 40.08
CA ASN J 100 -23.46 97.33 41.01
C ASN J 100 -23.14 96.95 42.45
N LYS J 101 -21.89 96.54 42.68
CA LYS J 101 -21.42 96.12 44.00
C LYS J 101 -22.21 94.93 44.55
N ASN J 102 -22.79 94.14 43.65
CA ASN J 102 -23.45 92.90 44.05
C ASN J 102 -22.47 91.74 44.09
N SER J 103 -22.68 90.82 45.02
CA SER J 103 -21.84 89.64 45.14
C SER J 103 -22.16 88.60 44.08
N VAL J 104 -21.23 88.38 43.15
CA VAL J 104 -21.38 87.35 42.14
C VAL J 104 -20.23 86.36 42.20
N ALA J 105 -20.35 85.27 41.44
CA ALA J 105 -19.28 84.29 41.36
C ALA J 105 -19.05 83.89 39.90
N VAL J 106 -17.80 83.94 39.47
CA VAL J 106 -17.46 83.64 38.08
C VAL J 106 -16.42 82.53 38.00
N GLY J 107 -16.66 81.55 37.13
CA GLY J 107 -15.73 80.44 36.96
C GLY J 107 -15.85 79.74 35.63
N TYR J 108 -15.17 78.59 35.54
CA TYR J 108 -15.17 77.80 34.31
C TYR J 108 -15.07 76.31 34.60
N VAL J 109 -15.38 75.50 33.59
CA VAL J 109 -15.11 74.07 33.65
C VAL J 109 -14.40 73.65 32.36
N GLY J 110 -13.25 72.99 32.51
CA GLY J 110 -12.48 72.55 31.37
C GLY J 110 -13.16 71.42 30.62
N CYS J 111 -13.30 71.58 29.31
CA CYS J 111 -13.95 70.57 28.48
C CYS J 111 -12.95 69.89 27.54
N GLY J 112 -11.69 69.91 27.92
CA GLY J 112 -10.65 69.20 27.19
C GLY J 112 -10.14 69.90 25.95
N SER J 113 -9.61 69.11 25.02
CA SER J 113 -9.02 69.63 23.79
C SER J 113 -9.61 68.96 22.56
N VAL J 114 -10.62 68.12 22.77
CA VAL J 114 -11.35 67.51 21.67
C VAL J 114 -12.65 68.28 21.43
N ALA J 115 -12.87 68.68 20.20
CA ALA J 115 -13.98 69.57 19.86
C ALA J 115 -15.36 68.94 20.08
N ASP J 116 -15.40 67.61 20.16
CA ASP J 116 -16.68 66.91 20.30
C ASP J 116 -16.72 66.01 21.53
N LEU J 117 -17.60 66.35 22.46
CA LEU J 117 -17.72 65.63 23.73
C LEU J 117 -18.61 64.40 23.61
N SER J 118 -18.28 63.37 24.39
CA SER J 118 -19.11 62.17 24.47
C SER J 118 -20.06 62.32 25.66
N GLU J 119 -20.86 61.28 25.91
CA GLU J 119 -21.72 61.28 27.08
C GLU J 119 -20.88 61.13 28.33
N ALA J 120 -19.75 60.45 28.20
CA ALA J 120 -18.83 60.21 29.31
C ALA J 120 -18.13 61.51 29.71
N ASP J 121 -17.63 62.23 28.72
CA ASP J 121 -16.93 63.49 28.96
C ASP J 121 -17.87 64.55 29.53
N MET J 122 -19.04 64.68 28.93
CA MET J 122 -20.04 65.65 29.37
C MET J 122 -20.46 65.34 30.81
N LYS J 123 -20.46 64.06 31.17
CA LYS J 123 -20.77 63.64 32.52
C LYS J 123 -19.71 64.16 33.48
N ARG J 124 -18.45 64.05 33.07
CA ARG J 124 -17.33 64.57 33.87
C ARG J 124 -17.45 66.08 34.06
N VAL J 125 -17.86 66.77 33.00
CA VAL J 125 -18.06 68.22 33.05
C VAL J 125 -19.14 68.60 34.04
N VAL J 126 -20.29 67.94 33.93
CA VAL J 126 -21.43 68.20 34.82
C VAL J 126 -21.05 67.93 36.28
N LEU J 127 -20.30 66.87 36.51
CA LEU J 127 -19.86 66.52 37.86
C LEU J 127 -19.04 67.64 38.49
N SER J 128 -18.12 68.20 37.72
CA SER J 128 -17.31 69.32 38.18
C SER J 128 -18.19 70.52 38.49
N LEU J 129 -19.16 70.75 37.61
CA LEU J 129 -20.15 71.81 37.80
C LEU J 129 -20.96 71.57 39.06
N VAL J 130 -21.43 70.34 39.22
CA VAL J 130 -22.26 69.94 40.35
C VAL J 130 -21.50 70.07 41.68
N THR J 131 -20.20 69.80 41.64
CA THR J 131 -19.36 69.92 42.82
C THR J 131 -19.37 71.35 43.35
N MET J 132 -19.26 72.31 42.44
CA MET J 132 -19.37 73.72 42.80
C MET J 132 -20.77 74.06 43.31
N LEU J 133 -21.75 73.25 42.94
CA LEU J 133 -23.16 73.54 43.27
C LEU J 133 -23.55 73.17 44.70
N HIS J 134 -23.00 72.07 45.23
CA HIS J 134 -23.28 71.67 46.60
C HIS J 134 -22.43 72.43 47.62
N ASP J 135 -21.78 73.49 47.17
CA ASP J 135 -21.08 74.38 48.09
C ASP J 135 -21.56 75.80 47.84
N ASN J 136 -22.39 75.94 46.81
CA ASN J 136 -22.97 77.22 46.43
C ASN J 136 -24.28 77.49 47.17
N LYS J 137 -24.46 78.74 47.56
CA LYS J 137 -25.70 79.15 48.21
C LYS J 137 -26.36 80.29 47.41
N LEU J 138 -25.91 80.47 46.17
CA LEU J 138 -26.47 81.48 45.29
C LEU J 138 -27.72 80.95 44.59
N SER J 139 -28.63 81.86 44.26
CA SER J 139 -29.94 81.49 43.74
C SER J 139 -29.93 81.20 42.24
N LYS J 140 -28.83 81.49 41.57
CA LYS J 140 -28.79 81.39 40.12
C LYS J 140 -27.50 80.78 39.58
N LEU J 141 -27.65 79.81 38.69
CA LEU J 141 -26.52 79.28 37.94
C LEU J 141 -26.69 79.63 36.46
N THR J 142 -25.68 80.32 35.91
CA THR J 142 -25.68 80.61 34.49
C THR J 142 -24.56 79.84 33.79
N VAL J 143 -24.92 79.01 32.83
CA VAL J 143 -23.94 78.20 32.11
C VAL J 143 -23.77 78.69 30.69
N VAL J 144 -22.53 79.03 30.32
CA VAL J 144 -22.23 79.57 29.00
C VAL J 144 -21.47 78.56 28.14
N PHE J 145 -22.09 78.11 27.06
CA PHE J 145 -21.50 77.11 26.19
C PHE J 145 -20.56 77.73 25.14
N GLU J 146 -19.27 77.75 25.45
CA GLU J 146 -18.28 78.13 24.45
C GLU J 146 -17.72 76.86 23.82
N ILE J 147 -18.59 75.88 23.63
CA ILE J 147 -18.26 74.59 23.03
C ILE J 147 -19.37 74.18 22.07
N ASN J 148 -19.12 73.11 21.31
CA ASN J 148 -20.13 72.57 20.40
C ASN J 148 -20.95 71.44 21.02
N VAL J 149 -22.25 71.65 21.15
CA VAL J 149 -23.18 70.57 21.53
C VAL J 149 -24.43 70.62 20.66
N ASP J 150 -25.03 69.46 20.41
CA ASP J 150 -26.29 69.41 19.66
C ASP J 150 -27.46 69.27 20.62
N LYS J 151 -28.66 69.17 20.06
CA LYS J 151 -29.89 69.15 20.85
C LYS J 151 -29.96 68.00 21.86
N ASN J 152 -29.62 66.80 21.43
CA ASN J 152 -29.65 65.63 22.30
C ASN J 152 -28.65 65.73 23.45
N LEU J 153 -27.40 66.05 23.11
CA LEU J 153 -26.35 66.16 24.12
C LEU J 153 -26.61 67.31 25.08
N PHE J 154 -27.30 68.34 24.59
CA PHE J 154 -27.68 69.46 25.45
C PHE J 154 -28.75 69.00 26.44
N ARG J 155 -29.71 68.24 25.96
CA ARG J 155 -30.75 67.69 26.82
C ARG J 155 -30.11 66.75 27.82
N PHE J 156 -29.09 66.02 27.38
CA PHE J 156 -28.33 65.13 28.24
C PHE J 156 -27.64 65.92 29.36
N PHE J 157 -27.12 67.08 29.01
CA PHE J 157 -26.47 67.96 29.98
C PHE J 157 -27.44 68.36 31.09
N LEU J 158 -28.66 68.70 30.71
CA LEU J 158 -29.68 69.11 31.68
C LEU J 158 -30.11 67.94 32.56
N GLU J 159 -30.42 66.81 31.93
CA GLU J 159 -30.83 65.61 32.63
C GLU J 159 -29.79 65.19 33.67
N THR J 160 -28.55 65.09 33.22
CA THR J 160 -27.44 64.69 34.08
C THR J 160 -27.26 65.70 35.20
N LEU J 161 -27.28 66.99 34.84
CA LEU J 161 -27.16 68.06 35.84
C LEU J 161 -28.26 67.94 36.88
N PHE J 162 -29.50 67.84 36.44
CA PHE J 162 -30.63 67.69 37.35
C PHE J 162 -30.47 66.48 38.26
N TYR J 163 -30.07 65.35 37.67
CA TYR J 163 -29.96 64.10 38.41
C TYR J 163 -28.83 64.12 39.44
N GLU J 164 -27.65 64.58 39.02
CA GLU J 164 -26.49 64.59 39.91
C GLU J 164 -26.62 65.67 40.98
N TYR J 165 -27.29 66.78 40.62
CA TYR J 165 -27.54 67.88 41.56
C TYR J 165 -28.38 67.40 42.75
N MET J 166 -29.39 66.59 42.44
CA MET J 166 -30.34 66.13 43.44
C MET J 166 -29.75 65.02 44.32
N THR J 167 -29.96 65.12 45.62
CA THR J 167 -29.45 64.14 46.57
C THR J 167 -30.57 63.52 47.40
N ASP J 168 -30.60 62.19 47.44
CA ASP J 168 -31.64 61.44 48.14
C ASP J 168 -31.41 61.43 49.65
N GLU J 169 -32.34 62.02 50.40
CA GLU J 169 -32.18 62.13 51.85
C GLU J 169 -33.32 61.43 52.61
N ARG J 170 -34.01 60.52 51.93
CA ARG J 170 -35.18 59.85 52.51
C ARG J 170 -34.86 59.01 53.75
N PHE J 171 -33.62 58.55 53.85
CA PHE J 171 -33.24 57.65 54.93
C PHE J 171 -32.26 58.30 55.89
N LYS J 172 -32.15 59.62 55.80
CA LYS J 172 -31.37 60.40 56.75
C LYS J 172 -32.28 60.94 57.85
N SER J 173 -31.78 61.02 59.07
CA SER J 173 -32.56 61.58 60.17
C SER J 173 -32.26 63.08 60.33
N ASN J 179 -23.89 75.16 54.38
CA ASN J 179 -23.64 74.12 53.39
C ASN J 179 -23.96 74.59 51.98
N MET J 180 -25.20 74.35 51.55
CA MET J 180 -25.65 74.75 50.23
C MET J 180 -27.16 74.95 50.21
N GLU J 181 -27.66 75.51 49.11
CA GLU J 181 -29.10 75.58 48.88
C GLU J 181 -29.40 75.50 47.39
N TYR J 182 -30.49 74.82 47.06
CA TYR J 182 -30.87 74.60 45.68
C TYR J 182 -31.20 75.91 44.96
N ILE J 183 -30.66 76.06 43.76
CA ILE J 183 -30.90 77.25 42.96
C ILE J 183 -32.36 77.36 42.55
N LYS J 184 -32.81 78.58 42.32
CA LYS J 184 -34.18 78.83 41.88
C LYS J 184 -34.21 79.13 40.39
N HIS J 185 -33.03 79.43 39.82
CA HIS J 185 -32.93 79.82 38.42
C HIS J 185 -31.75 79.18 37.71
N LEU J 186 -31.98 78.75 36.48
CA LEU J 186 -30.91 78.27 35.63
C LEU J 186 -30.89 79.05 34.31
N GLY J 187 -29.76 79.69 34.03
CA GLY J 187 -29.60 80.43 32.79
C GLY J 187 -28.61 79.74 31.86
N VAL J 188 -29.00 79.58 30.61
CA VAL J 188 -28.13 78.94 29.64
C VAL J 188 -27.85 79.86 28.45
N TYR J 189 -26.57 80.04 28.14
CA TYR J 189 -26.17 80.76 26.94
C TYR J 189 -25.59 79.78 25.93
N ILE J 190 -26.24 79.69 24.77
CA ILE J 190 -25.88 78.69 23.77
C ILE J 190 -26.29 79.17 22.38
N ASN J 191 -25.53 78.77 21.37
CA ASN J 191 -25.84 79.12 19.99
C ASN J 191 -27.16 78.47 19.56
N ASN J 192 -27.99 79.24 18.86
CA ASN J 192 -29.34 78.81 18.49
C ASN J 192 -30.19 78.43 19.69
N ALA J 193 -30.32 79.36 20.64
CA ALA J 193 -31.09 79.13 21.86
C ALA J 193 -32.48 78.60 21.56
N ASP J 194 -33.14 79.22 20.59
CA ASP J 194 -34.53 78.89 20.23
C ASP J 194 -34.74 77.42 19.90
N THR J 195 -33.75 76.79 19.27
CA THR J 195 -33.88 75.40 18.85
C THR J 195 -33.62 74.44 20.01
N TYR J 196 -33.05 74.95 21.09
CA TYR J 196 -32.73 74.13 22.26
C TYR J 196 -33.78 74.27 23.36
N LYS J 197 -34.67 75.26 23.22
CA LYS J 197 -35.65 75.57 24.24
C LYS J 197 -36.68 74.46 24.43
N GLU J 198 -36.87 73.63 23.41
CA GLU J 198 -37.82 72.53 23.47
C GLU J 198 -37.27 71.36 24.28
N GLU J 199 -35.95 71.33 24.44
CA GLU J 199 -35.29 70.23 25.14
C GLU J 199 -35.37 70.37 26.66
N VAL J 200 -35.69 71.58 27.12
CA VAL J 200 -35.66 71.87 28.55
C VAL J 200 -36.67 71.06 29.36
N GLU J 201 -37.94 71.18 29.01
CA GLU J 201 -38.98 70.48 29.76
C GLU J 201 -39.01 68.99 29.46
N LYS J 202 -38.42 68.59 28.34
CA LYS J 202 -38.26 67.17 28.05
C LYS J 202 -37.20 66.59 28.98
N ALA J 203 -36.18 67.39 29.24
CA ALA J 203 -35.10 66.98 30.15
C ALA J 203 -35.61 66.86 31.57
N ARG J 204 -36.58 67.69 31.93
CA ARG J 204 -37.12 67.68 33.29
C ARG J 204 -37.99 66.45 33.52
N VAL J 205 -38.61 65.94 32.45
CA VAL J 205 -39.40 64.72 32.53
C VAL J 205 -38.48 63.51 32.60
N TYR J 206 -37.48 63.49 31.72
CA TYR J 206 -36.51 62.40 31.70
C TYR J 206 -35.74 62.33 33.01
N TYR J 207 -35.49 63.49 33.61
CA TYR J 207 -34.81 63.55 34.89
C TYR J 207 -35.58 62.79 35.96
N PHE J 208 -36.85 63.11 36.14
CA PHE J 208 -37.59 62.54 37.24
C PHE J 208 -37.85 61.05 37.05
N GLY J 209 -38.10 60.63 35.82
CA GLY J 209 -38.27 59.22 35.52
C GLY J 209 -37.03 58.47 35.97
N THR J 210 -35.87 59.04 35.67
CA THR J 210 -34.59 58.48 36.08
C THR J 210 -34.42 58.54 37.60
N TYR J 211 -34.75 59.68 38.19
CA TYR J 211 -34.61 59.84 39.63
C TYR J 211 -35.60 58.97 40.39
N TYR J 212 -36.81 58.85 39.86
CA TYR J 212 -37.84 58.00 40.45
C TYR J 212 -37.39 56.54 40.44
N ALA J 213 -36.87 56.10 39.30
CA ALA J 213 -36.31 54.77 39.16
C ALA J 213 -35.19 54.57 40.17
N SER J 214 -34.30 55.56 40.24
CA SER J 214 -33.19 55.55 41.18
C SER J 214 -33.69 55.43 42.62
N GLN J 215 -34.70 56.22 42.95
CA GLN J 215 -35.29 56.22 44.28
C GLN J 215 -35.73 54.83 44.72
N LEU J 216 -36.43 54.14 43.82
CA LEU J 216 -36.87 52.78 44.08
C LEU J 216 -35.67 51.86 44.27
N ILE J 217 -34.71 51.94 43.35
CA ILE J 217 -33.54 51.09 43.38
C ILE J 217 -32.75 51.25 44.68
N ALA J 218 -32.48 52.50 45.06
CA ALA J 218 -31.72 52.78 46.28
C ALA J 218 -32.48 52.36 47.54
N ALA J 219 -33.80 52.31 47.43
CA ALA J 219 -34.63 51.88 48.55
C ALA J 219 -34.30 50.44 48.93
N PRO J 220 -33.85 50.23 50.17
CA PRO J 220 -33.40 48.93 50.70
C PRO J 220 -34.52 47.88 50.69
N SER J 221 -34.14 46.61 50.80
CA SER J 221 -35.07 45.51 50.62
C SER J 221 -36.04 45.34 51.79
N ASN J 222 -35.80 46.03 52.90
CA ASN J 222 -36.77 46.04 54.00
C ASN J 222 -37.84 47.10 53.75
N TYR J 223 -37.47 48.14 52.99
CA TYR J 223 -38.44 49.13 52.54
C TYR J 223 -39.07 48.67 51.22
N CYS J 224 -38.22 48.37 50.25
CA CYS J 224 -38.68 47.93 48.93
C CYS J 224 -38.84 46.42 48.85
N ASN J 225 -40.08 45.97 48.98
CA ASN J 225 -40.42 44.55 48.91
C ASN J 225 -41.54 44.36 47.88
N PRO J 226 -41.83 43.10 47.47
CA PRO J 226 -42.87 42.86 46.46
C PRO J 226 -44.20 43.56 46.71
N VAL J 227 -44.65 43.64 47.96
CA VAL J 227 -45.92 44.26 48.27
C VAL J 227 -45.83 45.78 48.18
N SER J 228 -44.82 46.35 48.84
CA SER J 228 -44.63 47.80 48.87
C SER J 228 -44.31 48.36 47.49
N LEU J 229 -43.54 47.61 46.71
CA LEU J 229 -43.15 48.04 45.37
C LEU J 229 -44.35 48.03 44.43
N SER J 230 -45.18 47.00 44.53
CA SER J 230 -46.39 46.91 43.73
C SER J 230 -47.35 48.01 44.13
N ASN J 231 -47.37 48.34 45.42
CA ASN J 231 -48.20 49.44 45.91
C ASN J 231 -47.79 50.78 45.30
N ALA J 232 -46.48 50.99 45.17
CA ALA J 232 -45.96 52.22 44.59
C ALA J 232 -46.34 52.34 43.12
N ALA J 233 -46.33 51.22 42.41
CA ALA J 233 -46.70 51.19 41.00
C ALA J 233 -48.16 51.59 40.81
N VAL J 234 -49.01 51.11 41.71
CA VAL J 234 -50.43 51.47 41.71
C VAL J 234 -50.61 52.96 41.90
N GLU J 235 -49.87 53.51 42.86
CA GLU J 235 -49.92 54.93 43.19
C GLU J 235 -49.39 55.78 42.03
N LEU J 236 -48.37 55.28 41.35
CA LEU J 236 -47.83 55.95 40.18
C LEU J 236 -48.87 55.94 39.05
N ALA J 237 -49.56 54.82 38.92
CA ALA J 237 -50.56 54.65 37.87
C ALA J 237 -51.77 55.55 38.09
N GLN J 238 -52.10 55.80 39.36
CA GLN J 238 -53.24 56.63 39.71
C GLN J 238 -52.94 58.10 39.49
N LYS J 239 -51.70 58.50 39.74
CA LYS J 239 -51.26 59.87 39.51
C LYS J 239 -51.10 60.18 38.03
N LEU J 240 -51.08 59.13 37.21
CA LEU J 240 -50.84 59.28 35.78
C LEU J 240 -52.03 58.83 34.94
N ASN J 241 -53.09 58.42 35.62
CA ASN J 241 -54.30 57.92 34.97
C ASN J 241 -54.02 56.76 34.01
N LEU J 242 -53.22 55.80 34.48
CA LEU J 242 -52.93 54.61 33.70
C LEU J 242 -53.77 53.43 34.20
N GLU J 243 -54.13 52.53 33.29
CA GLU J 243 -54.77 51.28 33.69
C GLU J 243 -53.75 50.43 34.44
N TYR J 244 -54.15 49.92 35.59
CA TYR J 244 -53.23 49.11 36.39
C TYR J 244 -53.90 47.83 36.90
N LYS J 245 -53.07 46.82 37.13
CA LYS J 245 -53.55 45.56 37.66
C LYS J 245 -52.43 44.86 38.42
N ILE J 246 -52.68 44.51 39.67
CA ILE J 246 -51.73 43.74 40.45
C ILE J 246 -52.24 42.32 40.64
N LEU J 247 -51.48 41.35 40.13
CA LEU J 247 -51.88 39.96 40.22
C LEU J 247 -51.27 39.31 41.46
N GLY J 248 -52.14 38.73 42.29
CA GLY J 248 -51.72 38.05 43.50
C GLY J 248 -51.45 36.58 43.26
N VAL J 249 -51.05 35.86 44.30
CA VAL J 249 -50.68 34.46 44.18
C VAL J 249 -51.78 33.59 43.58
N LYS J 250 -53.02 33.78 44.07
CA LYS J 250 -54.15 32.98 43.60
C LYS J 250 -54.35 33.08 42.09
N GLU J 251 -54.25 34.29 41.57
CA GLU J 251 -54.38 34.52 40.13
C GLU J 251 -53.17 33.96 39.38
N LEU J 252 -52.00 34.06 40.00
CA LEU J 252 -50.76 33.58 39.39
C LEU J 252 -50.75 32.07 39.29
N GLU J 253 -51.28 31.41 40.32
CA GLU J 253 -51.40 29.95 40.31
C GLU J 253 -52.33 29.51 39.20
N GLU J 254 -53.43 30.23 39.02
CA GLU J 254 -54.42 29.89 38.01
C GLU J 254 -53.91 30.18 36.61
N LEU J 255 -52.97 31.12 36.52
CA LEU J 255 -52.31 31.40 35.25
C LEU J 255 -51.11 30.47 35.08
N LYS J 256 -50.85 29.68 36.12
CA LYS J 256 -49.83 28.63 36.10
C LYS J 256 -48.41 29.16 35.88
N MET J 257 -48.07 30.24 36.57
CA MET J 257 -46.72 30.78 36.49
C MET J 257 -45.78 30.09 37.48
N GLY J 258 -45.58 28.79 37.29
CA GLY J 258 -44.80 27.99 38.20
C GLY J 258 -43.33 28.36 38.30
N ALA J 259 -42.78 28.93 37.23
CA ALA J 259 -41.40 29.39 37.25
C ALA J 259 -41.29 30.62 38.15
N TYR J 260 -42.11 31.62 37.85
CA TYR J 260 -42.20 32.85 38.63
C TYR J 260 -42.47 32.54 40.11
N LEU J 261 -43.46 31.69 40.36
CA LEU J 261 -43.89 31.39 41.72
C LEU J 261 -42.85 30.64 42.54
N SER J 262 -42.06 29.79 41.87
CA SER J 262 -41.06 28.97 42.57
C SER J 262 -39.96 29.81 43.18
N VAL J 263 -39.59 30.91 42.50
CA VAL J 263 -38.57 31.81 43.00
C VAL J 263 -39.02 32.51 44.29
N GLY J 264 -40.33 32.76 44.38
CA GLY J 264 -40.88 33.52 45.49
C GLY J 264 -41.25 32.72 46.73
N LYS J 265 -41.36 31.39 46.58
CA LYS J 265 -41.82 30.50 47.65
C LYS J 265 -41.15 30.74 49.01
N GLY J 266 -39.85 31.04 48.98
CA GLY J 266 -39.08 31.18 50.21
C GLY J 266 -39.19 32.53 50.89
N SER J 267 -39.98 33.43 50.31
CA SER J 267 -40.12 34.78 50.85
C SER J 267 -41.33 34.91 51.78
N MET J 268 -41.24 35.85 52.72
CA MET J 268 -42.36 36.17 53.60
C MET J 268 -43.33 37.09 52.87
N TYR J 269 -42.88 37.62 51.73
CA TYR J 269 -43.71 38.50 50.92
C TYR J 269 -44.28 37.75 49.71
N PRO J 270 -45.60 37.81 49.54
CA PRO J 270 -46.27 37.17 48.41
C PRO J 270 -45.86 37.78 47.07
N ASN J 271 -45.75 36.96 46.04
CA ASN J 271 -45.41 37.45 44.70
C ASN J 271 -46.47 38.41 44.17
N LYS J 272 -46.03 39.41 43.42
CA LYS J 272 -46.93 40.41 42.85
C LYS J 272 -46.53 40.73 41.41
N PHE J 273 -47.47 40.54 40.49
CA PHE J 273 -47.20 40.84 39.08
C PHE J 273 -47.75 42.21 38.72
N ILE J 274 -46.84 43.16 38.47
CA ILE J 274 -47.23 44.51 38.11
C ILE J 274 -47.60 44.62 36.63
N HIS J 275 -48.77 45.17 36.36
CA HIS J 275 -49.21 45.37 34.98
C HIS J 275 -49.84 46.76 34.81
N LEU J 276 -49.06 47.68 34.23
CA LEU J 276 -49.57 49.00 33.92
C LEU J 276 -49.77 49.13 32.42
N THR J 277 -50.76 49.92 32.01
CA THR J 277 -51.07 50.06 30.59
C THR J 277 -51.31 51.50 30.19
N TYR J 278 -50.56 51.97 29.19
CA TYR J 278 -50.83 53.26 28.57
C TYR J 278 -51.51 53.05 27.23
N LYS J 279 -52.69 53.64 27.07
CA LYS J 279 -53.40 53.58 25.80
C LYS J 279 -53.67 54.98 25.27
N SER J 280 -53.25 55.23 24.04
CA SER J 280 -53.43 56.53 23.41
C SER J 280 -54.90 56.83 23.13
N LYS J 281 -55.25 58.11 23.15
CA LYS J 281 -56.62 58.53 22.86
C LYS J 281 -56.94 58.32 21.39
N GLY J 282 -55.93 58.42 20.55
CA GLY J 282 -56.10 58.25 19.11
C GLY J 282 -56.27 56.81 18.71
N ASP J 283 -55.90 56.50 17.46
CA ASP J 283 -55.97 55.13 16.96
C ASP J 283 -54.66 54.41 17.23
N VAL J 284 -54.74 53.27 17.90
CA VAL J 284 -53.55 52.51 18.27
C VAL J 284 -52.93 51.81 17.07
N LYS J 285 -51.65 52.05 16.83
CA LYS J 285 -50.97 51.51 15.66
C LYS J 285 -49.80 50.61 16.02
N LYS J 286 -49.24 50.80 17.21
CA LYS J 286 -48.15 49.96 17.69
C LYS J 286 -48.37 49.55 19.14
N LYS J 287 -48.30 48.25 19.41
CA LYS J 287 -48.44 47.74 20.76
C LYS J 287 -47.10 47.23 21.29
N ILE J 288 -46.68 47.79 22.42
CA ILE J 288 -45.39 47.44 23.01
C ILE J 288 -45.56 46.89 24.42
N ALA J 289 -44.75 45.89 24.76
CA ALA J 289 -44.66 45.41 26.13
C ALA J 289 -43.25 45.65 26.66
N LEU J 290 -43.15 46.29 27.82
CA LEU J 290 -41.86 46.49 28.48
C LEU J 290 -41.80 45.69 29.77
N VAL J 291 -40.81 44.82 29.87
CA VAL J 291 -40.71 43.87 30.99
C VAL J 291 -39.44 44.06 31.81
N GLY J 292 -39.60 44.35 33.10
CA GLY J 292 -38.46 44.55 33.96
C GLY J 292 -38.34 43.50 35.04
N LYS J 293 -37.12 42.98 35.22
CA LYS J 293 -36.84 42.05 36.30
C LYS J 293 -37.02 42.74 37.64
N GLY J 294 -37.88 42.17 38.49
CA GLY J 294 -38.22 42.80 39.75
C GLY J 294 -37.90 41.97 40.97
N ILE J 295 -36.64 41.61 41.14
CA ILE J 295 -36.21 40.90 42.34
C ILE J 295 -35.80 41.92 43.39
N THR J 296 -36.63 42.11 44.41
CA THR J 296 -36.40 43.14 45.41
C THR J 296 -35.16 42.83 46.25
N PHE J 297 -34.85 41.56 46.40
CA PHE J 297 -33.58 41.15 47.00
C PHE J 297 -33.16 39.78 46.49
N ASP J 298 -31.89 39.69 46.09
CA ASP J 298 -31.34 38.43 45.60
C ASP J 298 -30.29 37.89 46.56
N SER J 299 -30.73 37.11 47.53
CA SER J 299 -29.81 36.47 48.48
C SER J 299 -28.98 35.43 47.75
N GLY J 300 -29.54 34.89 46.67
CA GLY J 300 -28.90 33.84 45.90
C GLY J 300 -29.64 32.54 46.07
N GLY J 301 -30.55 32.50 47.04
CA GLY J 301 -31.25 31.29 47.38
C GLY J 301 -30.30 30.32 48.05
N TYR J 302 -30.60 29.02 47.95
CA TYR J 302 -29.74 28.01 48.54
C TYR J 302 -28.37 28.00 47.87
N ASN J 303 -28.31 28.49 46.64
CA ASN J 303 -27.04 28.85 46.02
C ASN J 303 -26.63 30.25 46.49
N LEU J 304 -26.47 30.38 47.80
CA LEU J 304 -26.24 31.66 48.45
C LEU J 304 -25.01 32.39 47.93
N LYS J 305 -25.13 33.71 47.77
CA LYS J 305 -24.02 34.55 47.37
C LYS J 305 -23.00 34.65 48.50
N ALA J 306 -22.08 33.67 48.54
CA ALA J 306 -21.11 33.58 49.61
C ALA J 306 -19.69 33.85 49.13
N ALA J 307 -19.43 33.51 47.87
CA ALA J 307 -18.11 33.71 47.28
C ALA J 307 -17.70 35.17 47.30
N PRO J 308 -16.38 35.43 47.46
CA PRO J 308 -15.86 36.79 47.48
C PRO J 308 -16.18 37.56 46.19
N GLY J 309 -16.76 38.73 46.33
CA GLY J 309 -17.08 39.56 45.19
C GLY J 309 -18.50 39.41 44.68
N SER J 310 -19.27 38.54 45.33
CA SER J 310 -20.66 38.33 44.95
C SER J 310 -21.50 39.55 45.35
N MET J 311 -20.97 40.35 46.28
CA MET J 311 -21.57 41.62 46.68
C MET J 311 -23.06 41.51 47.01
N ILE J 312 -23.38 40.72 48.02
CA ILE J 312 -24.76 40.45 48.40
C ILE J 312 -25.42 41.69 49.02
N ASP J 313 -24.61 42.61 49.52
CA ASP J 313 -25.14 43.83 50.14
C ASP J 313 -25.58 44.85 49.10
N LEU J 314 -25.41 44.49 47.83
CA LEU J 314 -25.81 45.35 46.72
C LEU J 314 -27.14 44.86 46.14
N MET J 315 -27.52 43.65 46.53
CA MET J 315 -28.59 42.90 45.86
C MET J 315 -30.00 43.46 46.06
N LYS J 316 -30.10 44.63 46.69
CA LYS J 316 -31.35 45.37 46.65
C LYS J 316 -31.52 45.94 45.24
N PHE J 317 -30.43 45.95 44.47
CA PHE J 317 -30.39 46.53 43.14
C PHE J 317 -31.02 45.62 42.08
N ASP J 318 -31.36 44.38 42.46
CA ASP J 318 -31.87 43.40 41.50
C ASP J 318 -33.27 43.78 41.02
N MET J 319 -33.71 44.97 41.40
CA MET J 319 -35.01 45.52 41.01
C MET J 319 -34.89 46.41 39.76
N SER J 320 -33.68 46.90 39.51
CA SER J 320 -33.39 47.93 38.50
C SER J 320 -34.17 47.82 37.20
N GLY J 321 -34.40 46.60 36.73
CA GLY J 321 -35.20 46.38 35.55
C GLY J 321 -36.62 46.91 35.73
N CYS J 322 -37.21 46.58 36.88
CA CYS J 322 -38.56 47.02 37.20
C CYS J 322 -38.63 48.54 37.34
N ALA J 323 -37.62 49.12 38.00
CA ALA J 323 -37.57 50.55 38.23
C ALA J 323 -37.47 51.33 36.91
N ALA J 324 -36.67 50.80 35.99
CA ALA J 324 -36.50 51.42 34.68
C ALA J 324 -37.79 51.41 33.88
N VAL J 325 -38.63 50.41 34.14
CA VAL J 325 -39.91 50.28 33.45
C VAL J 325 -40.94 51.24 34.06
N LEU J 326 -40.93 51.38 35.38
CA LEU J 326 -41.84 52.28 36.07
C LEU J 326 -41.44 53.73 35.83
N GLY J 327 -40.14 53.99 35.81
CA GLY J 327 -39.62 55.31 35.53
C GLY J 327 -39.98 55.71 34.10
N CYS J 328 -40.09 54.71 33.23
CA CYS J 328 -40.51 54.92 31.86
C CYS J 328 -42.00 55.20 31.79
N ALA J 329 -42.78 54.48 32.60
CA ALA J 329 -44.21 54.67 32.66
C ALA J 329 -44.56 56.10 33.04
N TYR J 330 -43.72 56.70 33.88
CA TYR J 330 -43.87 58.11 34.22
C TYR J 330 -43.71 58.97 32.97
N CYS J 331 -42.54 58.88 32.35
CA CYS J 331 -42.22 59.66 31.16
C CYS J 331 -43.26 59.51 30.06
N VAL J 332 -43.69 58.28 29.82
CA VAL J 332 -44.70 58.01 28.81
C VAL J 332 -46.05 58.60 29.20
N GLY J 333 -46.48 58.34 30.42
CA GLY J 333 -47.75 58.85 30.91
C GLY J 333 -47.77 60.36 31.00
N THR J 334 -46.59 60.96 31.16
CA THR J 334 -46.47 62.41 31.27
C THR J 334 -46.41 63.06 29.89
N LEU J 335 -45.65 62.46 28.98
CA LEU J 335 -45.47 63.02 27.64
C LEU J 335 -46.60 62.62 26.70
N LYS J 336 -47.28 61.53 27.04
CA LYS J 336 -48.47 61.07 26.32
C LYS J 336 -48.31 60.96 24.80
N PRO J 337 -47.48 60.01 24.34
CA PRO J 337 -47.32 59.79 22.90
C PRO J 337 -48.60 59.26 22.25
N GLU J 338 -48.79 59.55 20.97
CA GLU J 338 -50.00 59.14 20.27
C GLU J 338 -49.82 57.82 19.51
N ASN J 339 -50.94 57.19 19.19
CA ASN J 339 -50.98 56.01 18.33
C ASN J 339 -50.19 54.81 18.85
N VAL J 340 -50.12 54.65 20.17
CA VAL J 340 -49.35 53.57 20.74
C VAL J 340 -50.02 53.01 22.02
N GLU J 341 -50.02 51.69 22.15
CA GLU J 341 -50.44 51.05 23.38
C GLU J 341 -49.25 50.36 24.05
N ILE J 342 -48.96 50.77 25.29
CA ILE J 342 -47.78 50.28 25.99
C ILE J 342 -48.14 49.55 27.28
N HIS J 343 -47.60 48.34 27.44
CA HIS J 343 -47.78 47.58 28.67
C HIS J 343 -46.48 47.56 29.49
N PHE J 344 -46.60 47.88 30.76
CA PHE J 344 -45.46 47.87 31.67
C PHE J 344 -45.56 46.67 32.62
N LEU J 345 -44.75 45.65 32.38
CA LEU J 345 -44.84 44.40 33.12
C LEU J 345 -43.65 44.15 34.03
N SER J 346 -43.90 43.61 35.22
CA SER J 346 -42.84 43.21 36.12
C SER J 346 -43.30 42.13 37.10
N ALA J 347 -42.77 40.93 36.94
CA ALA J 347 -43.03 39.85 37.88
C ALA J 347 -42.15 40.02 39.10
N VAL J 348 -42.69 40.65 40.14
CA VAL J 348 -41.92 41.03 41.32
C VAL J 348 -41.96 39.99 42.43
N CYS J 349 -40.80 39.65 42.97
CA CYS J 349 -40.71 38.75 44.11
C CYS J 349 -39.39 38.89 44.86
N GLU J 350 -39.17 38.02 45.84
CA GLU J 350 -37.96 38.06 46.66
C GLU J 350 -37.33 36.68 46.75
N ASN J 351 -36.03 36.60 46.46
CA ASN J 351 -35.31 35.33 46.45
C ASN J 351 -34.55 35.08 47.75
N MET J 352 -35.11 34.24 48.61
CA MET J 352 -34.58 34.07 49.96
C MET J 352 -34.27 32.62 50.34
N VAL J 353 -33.63 32.46 51.50
CA VAL J 353 -33.34 31.14 52.04
C VAL J 353 -34.29 30.80 53.17
N SER J 354 -35.02 29.70 53.02
CA SER J 354 -36.06 29.32 53.95
C SER J 354 -36.39 27.85 53.77
N LYS J 355 -37.21 27.30 54.66
CA LYS J 355 -37.66 25.91 54.51
C LYS J 355 -38.59 25.79 53.30
N ASN J 356 -39.16 26.91 52.89
CA ASN J 356 -40.12 26.93 51.80
C ASN J 356 -39.49 27.24 50.44
N SER J 357 -38.21 27.61 50.44
CA SER J 357 -37.51 27.99 49.22
C SER J 357 -37.43 26.83 48.22
N TYR J 358 -37.34 27.17 46.94
CA TYR J 358 -37.12 26.15 45.91
C TYR J 358 -35.67 25.70 45.98
N ARG J 359 -35.43 24.45 45.61
CA ARG J 359 -34.10 23.86 45.74
C ARG J 359 -33.38 23.73 44.41
N PRO J 360 -32.04 23.72 44.46
CA PRO J 360 -31.26 23.35 43.28
C PRO J 360 -31.62 21.92 42.85
N GLY J 361 -31.91 21.73 41.57
CA GLY J 361 -32.28 20.42 41.08
C GLY J 361 -33.77 20.27 40.83
N ASP J 362 -34.56 21.13 41.46
CA ASP J 362 -36.01 21.10 41.31
C ASP J 362 -36.42 21.28 39.84
N ILE J 363 -37.50 20.62 39.46
CA ILE J 363 -38.06 20.80 38.13
C ILE J 363 -39.38 21.54 38.24
N ILE J 364 -39.42 22.74 37.67
CA ILE J 364 -40.59 23.60 37.75
C ILE J 364 -41.21 23.80 36.37
N THR J 365 -42.49 24.17 36.34
CA THR J 365 -43.21 24.26 35.08
C THR J 365 -43.69 25.69 34.78
N ALA J 366 -43.29 26.22 33.64
CA ALA J 366 -43.71 27.56 33.22
C ALA J 366 -45.15 27.53 32.70
N SER J 367 -45.67 28.71 32.38
CA SER J 367 -47.06 28.84 31.98
C SER J 367 -47.32 28.43 30.53
N ASN J 368 -46.26 28.23 29.76
CA ASN J 368 -46.40 27.73 28.40
C ASN J 368 -46.31 26.20 28.37
N GLY J 369 -46.06 25.61 29.53
CA GLY J 369 -46.03 24.17 29.66
C GLY J 369 -44.65 23.56 29.79
N LYS J 370 -43.63 24.35 29.53
CA LYS J 370 -42.25 23.85 29.53
C LYS J 370 -41.75 23.56 30.94
N THR J 371 -41.13 22.40 31.11
CA THR J 371 -40.51 22.03 32.37
C THR J 371 -39.06 22.50 32.42
N ILE J 372 -38.66 23.05 33.56
CA ILE J 372 -37.33 23.62 33.70
C ILE J 372 -36.56 22.99 34.86
N GLU J 373 -35.41 22.38 34.55
CA GLU J 373 -34.55 21.85 35.60
C GLU J 373 -33.66 22.96 36.16
N VAL J 374 -33.80 23.22 37.44
CA VAL J 374 -33.04 24.27 38.10
C VAL J 374 -31.66 23.79 38.49
N GLY J 375 -30.64 24.42 37.93
CA GLY J 375 -29.26 24.07 38.24
C GLY J 375 -28.62 25.02 39.23
N ASN J 376 -29.24 26.19 39.39
CA ASN J 376 -28.72 27.23 40.25
C ASN J 376 -29.81 28.22 40.65
N THR J 377 -30.11 28.30 41.94
CA THR J 377 -31.19 29.15 42.43
C THR J 377 -30.87 30.63 42.27
N ASP J 378 -29.59 30.95 42.03
CA ASP J 378 -29.18 32.34 41.90
C ASP J 378 -29.34 32.84 40.46
N ALA J 379 -29.79 31.95 39.59
CA ALA J 379 -30.18 32.33 38.23
C ALA J 379 -31.69 32.47 38.18
N GLU J 380 -32.25 33.18 39.15
CA GLU J 380 -33.69 33.25 39.36
C GLU J 380 -34.36 34.28 38.44
N GLY J 381 -33.58 35.21 37.91
CA GLY J 381 -34.11 36.28 37.09
C GLY J 381 -34.75 35.79 35.81
N ARG J 382 -34.10 34.84 35.14
CA ARG J 382 -34.60 34.32 33.88
C ARG J 382 -35.86 33.49 34.10
N LEU J 383 -36.00 32.92 35.29
CA LEU J 383 -37.18 32.13 35.63
C LEU J 383 -38.40 33.03 35.76
N THR J 384 -38.25 34.13 36.50
CA THR J 384 -39.33 35.08 36.68
C THR J 384 -39.68 35.75 35.36
N LEU J 385 -38.66 36.07 34.57
CA LEU J 385 -38.85 36.68 33.26
C LEU J 385 -39.55 35.74 32.29
N ALA J 386 -39.29 34.44 32.45
CA ALA J 386 -39.86 33.43 31.57
C ALA J 386 -41.38 33.47 31.55
N ASP J 387 -41.98 33.55 32.74
CA ASP J 387 -43.43 33.64 32.86
C ASP J 387 -43.92 35.03 32.47
N ALA J 388 -43.07 36.03 32.69
CA ALA J 388 -43.39 37.39 32.28
C ALA J 388 -43.44 37.48 30.75
N LEU J 389 -42.50 36.81 30.09
CA LEU J 389 -42.44 36.81 28.63
C LEU J 389 -43.60 36.03 28.01
N VAL J 390 -44.07 35.01 28.70
CA VAL J 390 -45.23 34.26 28.24
C VAL J 390 -46.49 35.12 28.38
N TYR J 391 -46.53 35.88 29.47
CA TYR J 391 -47.63 36.81 29.72
C TYR J 391 -47.66 37.91 28.66
N ALA J 392 -46.49 38.45 28.36
CA ALA J 392 -46.35 39.56 27.42
C ALA J 392 -46.83 39.19 26.02
N GLU J 393 -46.43 38.02 25.55
CA GLU J 393 -46.79 37.58 24.20
C GLU J 393 -48.27 37.24 24.11
N LYS J 394 -48.88 36.92 25.26
CA LYS J 394 -50.31 36.66 25.29
C LYS J 394 -51.11 37.94 25.10
N LEU J 395 -50.47 39.08 25.36
CA LEU J 395 -51.13 40.37 25.18
C LEU J 395 -51.27 40.72 23.71
N GLY J 396 -50.47 40.06 22.87
CA GLY J 396 -50.53 40.28 21.43
C GLY J 396 -49.93 41.61 21.01
N VAL J 397 -48.68 41.86 21.43
CA VAL J 397 -48.00 43.11 21.11
C VAL J 397 -47.09 42.95 19.90
N ASP J 398 -46.62 44.07 19.37
CA ASP J 398 -45.72 44.07 18.23
C ASP J 398 -44.27 43.88 18.68
N TYR J 399 -43.90 44.54 19.77
CA TYR J 399 -42.56 44.45 20.31
C TYR J 399 -42.56 44.03 21.77
N ILE J 400 -41.64 43.14 22.13
CA ILE J 400 -41.39 42.81 23.53
C ILE J 400 -39.97 43.19 23.88
N VAL J 401 -39.81 44.05 24.87
CA VAL J 401 -38.49 44.47 25.32
C VAL J 401 -38.33 44.27 26.81
N ASP J 402 -37.47 43.33 27.21
CA ASP J 402 -37.21 43.14 28.62
C ASP J 402 -35.89 43.79 29.01
N ILE J 403 -35.80 44.21 30.27
CA ILE J 403 -34.59 44.84 30.79
C ILE J 403 -34.33 44.30 32.20
N ALA J 404 -33.09 43.89 32.46
CA ALA J 404 -32.80 43.13 33.67
C ALA J 404 -31.34 43.15 34.08
N THR J 405 -31.10 43.16 35.39
CA THR J 405 -29.77 42.91 35.93
C THR J 405 -29.56 41.40 36.00
N LEU J 406 -29.34 40.79 34.83
CA LEU J 406 -29.42 39.34 34.71
C LEU J 406 -28.13 38.60 35.02
N THR J 407 -27.03 38.95 34.34
CA THR J 407 -25.79 38.20 34.49
C THR J 407 -24.60 39.06 34.90
N GLY J 408 -23.86 38.58 35.90
CA GLY J 408 -22.69 39.28 36.38
C GLY J 408 -21.55 39.27 35.37
N ALA J 409 -21.66 38.37 34.38
CA ALA J 409 -20.65 38.27 33.34
C ALA J 409 -20.54 39.53 32.49
N MET J 410 -21.56 40.38 32.58
CA MET J 410 -21.57 41.66 31.86
C MET J 410 -20.41 42.55 32.31
N LEU J 411 -19.96 42.34 33.55
CA LEU J 411 -18.85 43.10 34.10
C LEU J 411 -17.53 42.74 33.40
N TYR J 412 -17.45 41.52 32.90
CA TYR J 412 -16.24 41.05 32.24
C TYR J 412 -16.30 41.25 30.73
N SER J 413 -17.49 41.53 30.21
CA SER J 413 -17.66 41.74 28.79
C SER J 413 -17.70 43.24 28.45
N LEU J 414 -18.81 43.89 28.78
CA LEU J 414 -18.99 45.29 28.42
C LEU J 414 -18.62 46.25 29.56
N GLY J 415 -18.60 45.75 30.78
CA GLY J 415 -18.18 46.56 31.91
C GLY J 415 -19.29 47.36 32.56
N THR J 416 -18.94 48.53 33.08
CA THR J 416 -19.88 49.32 33.88
C THR J 416 -20.50 50.50 33.12
N SER J 417 -20.12 50.67 31.85
CA SER J 417 -20.62 51.79 31.07
C SER J 417 -21.68 51.36 30.07
N TYR J 418 -21.40 50.31 29.30
CA TYR J 418 -22.30 49.87 28.23
C TYR J 418 -23.13 48.67 28.63
N ALA J 419 -24.44 48.74 28.39
CA ALA J 419 -25.32 47.61 28.61
C ALA J 419 -25.32 46.72 27.37
N GLY J 420 -25.69 45.45 27.55
CA GLY J 420 -25.78 44.53 26.43
C GLY J 420 -27.21 44.34 25.97
N VAL J 421 -27.41 44.31 24.66
CA VAL J 421 -28.74 44.02 24.12
C VAL J 421 -28.69 42.78 23.25
N PHE J 422 -29.62 41.87 23.48
CA PHE J 422 -29.73 40.64 22.72
C PHE J 422 -31.11 40.64 22.08
N GLY J 423 -31.33 39.80 21.07
CA GLY J 423 -32.62 39.76 20.42
C GLY J 423 -32.81 38.69 19.37
N ASN J 424 -34.07 38.52 18.95
CA ASN J 424 -34.41 37.56 17.91
C ASN J 424 -34.75 38.26 16.59
N ASN J 425 -34.89 39.58 16.67
CA ASN J 425 -35.26 40.40 15.52
C ASN J 425 -34.29 41.56 15.33
N GLU J 426 -33.65 41.61 14.18
CA GLU J 426 -32.61 42.61 13.92
C GLU J 426 -33.16 44.01 13.80
N GLU J 427 -34.41 44.12 13.36
CA GLU J 427 -35.05 45.43 13.21
C GLU J 427 -35.29 46.07 14.56
N LEU J 428 -35.79 45.28 15.50
CA LEU J 428 -36.06 45.78 16.86
C LEU J 428 -34.76 46.19 17.55
N ILE J 429 -33.70 45.43 17.32
CA ILE J 429 -32.40 45.72 17.92
C ILE J 429 -31.85 47.05 17.41
N ASN J 430 -32.03 47.31 16.11
CA ASN J 430 -31.63 48.58 15.53
C ASN J 430 -32.39 49.75 16.15
N LYS J 431 -33.67 49.52 16.43
CA LYS J 431 -34.50 50.53 17.10
C LYS J 431 -33.97 50.81 18.50
N ILE J 432 -33.46 49.76 19.15
CA ILE J 432 -32.86 49.90 20.48
C ILE J 432 -31.57 50.72 20.38
N LEU J 433 -30.69 50.32 19.46
CA LEU J 433 -29.40 50.98 19.28
C LEU J 433 -29.57 52.44 18.90
N GLN J 434 -30.58 52.72 18.07
CA GLN J 434 -30.91 54.08 17.69
C GLN J 434 -31.38 54.87 18.91
N SER J 435 -32.13 54.20 19.77
CA SER J 435 -32.62 54.81 21.00
C SER J 435 -31.48 55.00 22.00
N SER J 436 -30.49 54.12 21.94
CA SER J 436 -29.30 54.28 22.77
C SER J 436 -28.55 55.54 22.36
N LYS J 437 -28.56 55.82 21.06
CA LYS J 437 -27.88 56.99 20.52
C LYS J 437 -28.52 58.30 20.99
N THR J 438 -29.85 58.37 20.88
CA THR J 438 -30.56 59.61 21.17
C THR J 438 -30.80 59.83 22.67
N SER J 439 -30.81 58.74 23.43
CA SER J 439 -30.98 58.83 24.88
C SER J 439 -29.63 58.99 25.58
N ASN J 440 -28.57 58.71 24.85
CA ASN J 440 -27.20 58.73 25.38
C ASN J 440 -27.00 57.76 26.54
N GLU J 441 -27.85 56.73 26.61
CA GLU J 441 -27.62 55.61 27.51
C GLU J 441 -27.02 54.47 26.68
N PRO J 442 -25.69 54.30 26.79
CA PRO J 442 -24.90 53.42 25.92
C PRO J 442 -25.29 51.95 25.98
N VAL J 443 -25.44 51.35 24.79
CA VAL J 443 -25.87 49.97 24.65
C VAL J 443 -25.12 49.32 23.47
N TRP J 444 -24.68 48.08 23.65
CA TRP J 444 -23.98 47.37 22.59
C TRP J 444 -24.67 46.06 22.24
N TRP J 445 -24.75 45.77 20.94
CA TRP J 445 -25.39 44.55 20.45
C TRP J 445 -24.49 43.34 20.65
N LEU J 446 -25.04 42.30 21.28
CA LEU J 446 -24.32 41.05 21.50
C LEU J 446 -25.07 39.89 20.86
N PRO J 447 -24.33 38.88 20.39
CA PRO J 447 -24.95 37.78 19.65
C PRO J 447 -25.70 36.78 20.51
N ILE J 448 -26.75 36.18 19.94
CA ILE J 448 -27.34 34.98 20.50
C ILE J 448 -26.79 33.81 19.69
N ILE J 449 -25.79 33.14 20.24
CA ILE J 449 -25.09 32.08 19.51
C ILE J 449 -25.80 30.74 19.67
N ASN J 450 -26.43 30.29 18.60
CA ASN J 450 -27.24 29.08 18.60
C ASN J 450 -26.43 27.81 18.88
N GLU J 451 -25.12 27.89 18.67
CA GLU J 451 -24.23 26.75 18.90
C GLU J 451 -24.22 26.37 20.37
N TYR J 452 -24.55 27.33 21.23
CA TYR J 452 -24.53 27.09 22.67
C TYR J 452 -25.85 26.50 23.16
N ARG J 453 -26.89 26.58 22.34
CA ARG J 453 -28.25 26.16 22.73
C ARG J 453 -28.30 24.74 23.28
N ALA J 454 -27.49 23.84 22.71
CA ALA J 454 -27.50 22.43 23.10
C ALA J 454 -27.07 22.21 24.54
N THR J 455 -26.46 23.23 25.15
CA THR J 455 -26.02 23.12 26.54
C THR J 455 -27.20 23.22 27.49
N LEU J 456 -28.37 23.59 26.96
CA LEU J 456 -29.56 23.75 27.77
C LEU J 456 -30.47 22.53 27.69
N ASN J 457 -29.99 21.49 27.02
CA ASN J 457 -30.75 20.24 26.94
C ASN J 457 -30.69 19.47 28.25
N SER J 458 -31.79 19.51 29.00
CA SER J 458 -31.88 18.79 30.27
C SER J 458 -32.13 17.30 30.02
N LYS J 459 -31.56 16.46 30.88
CA LYS J 459 -31.75 15.02 30.78
C LYS J 459 -33.19 14.63 31.09
N TYR J 460 -33.85 15.39 31.96
CA TYR J 460 -35.16 15.01 32.45
C TYR J 460 -36.25 16.05 32.17
N ALA J 461 -35.91 17.32 32.33
CA ALA J 461 -36.87 18.39 32.06
C ALA J 461 -36.82 18.78 30.58
N ASP J 462 -37.68 19.72 30.19
CA ASP J 462 -37.69 20.19 28.81
C ASP J 462 -36.41 20.96 28.49
N ILE J 463 -35.93 21.72 29.47
CA ILE J 463 -34.78 22.59 29.27
C ILE J 463 -34.06 22.86 30.58
N ASN J 464 -32.74 23.04 30.51
CA ASN J 464 -31.96 23.48 31.65
C ASN J 464 -32.15 24.97 31.91
N GLN J 465 -32.09 25.36 33.17
CA GLN J 465 -32.11 26.76 33.54
C GLN J 465 -30.78 27.41 33.20
N ILE J 466 -29.70 26.78 33.62
CA ILE J 466 -28.35 27.24 33.30
C ILE J 466 -27.53 26.17 32.59
N SER J 467 -26.32 26.53 32.19
CA SER J 467 -25.44 25.61 31.48
C SER J 467 -24.54 24.84 32.43
N SER J 468 -24.01 23.71 31.96
CA SER J 468 -22.97 23.02 32.70
C SER J 468 -21.78 23.96 32.82
N SER J 469 -21.29 24.44 31.68
CA SER J 469 -20.36 25.56 31.62
C SER J 469 -20.03 25.95 30.18
N VAL J 470 -20.50 27.13 29.79
CA VAL J 470 -20.04 27.78 28.57
C VAL J 470 -19.33 29.06 28.97
N LYS J 471 -19.56 29.45 30.23
CA LYS J 471 -19.02 30.67 30.84
C LYS J 471 -19.61 31.93 30.23
N ALA J 472 -19.97 31.88 28.95
CA ALA J 472 -20.68 32.98 28.31
C ALA J 472 -22.15 32.96 28.74
N SER J 473 -22.38 33.18 30.03
CA SER J 473 -23.70 33.01 30.62
C SER J 473 -24.72 34.01 30.09
N SER J 474 -24.28 35.21 29.75
CA SER J 474 -25.17 36.23 29.21
C SER J 474 -25.83 35.76 27.92
N ILE J 475 -25.05 35.04 27.10
CA ILE J 475 -25.57 34.47 25.87
C ILE J 475 -26.45 33.26 26.18
N VAL J 476 -26.02 32.44 27.13
CA VAL J 476 -26.79 31.29 27.57
C VAL J 476 -28.13 31.72 28.17
N ALA J 477 -28.10 32.79 28.95
CA ALA J 477 -29.31 33.34 29.56
C ALA J 477 -30.29 33.80 28.49
N SER J 478 -29.76 34.45 27.45
CA SER J 478 -30.58 34.94 26.34
C SER J 478 -31.22 33.79 25.60
N LEU J 479 -30.44 32.74 25.34
CA LEU J 479 -30.93 31.54 24.69
C LEU J 479 -32.08 30.91 25.47
N PHE J 480 -32.03 31.04 26.80
CA PHE J 480 -33.07 30.52 27.66
C PHE J 480 -34.35 31.34 27.54
N LEU J 481 -34.23 32.66 27.65
CA LEU J 481 -35.36 33.56 27.54
C LEU J 481 -36.01 33.47 26.16
N LYS J 482 -35.18 33.22 25.15
CA LYS J 482 -35.63 33.10 23.77
C LYS J 482 -36.63 31.96 23.60
N GLU J 483 -36.52 30.95 24.46
CA GLU J 483 -37.39 29.78 24.41
C GLU J 483 -38.81 30.08 24.88
N PHE J 484 -39.04 31.28 25.39
CA PHE J 484 -40.33 31.65 25.93
C PHE J 484 -40.99 32.77 25.14
N VAL J 485 -40.49 32.99 23.92
CA VAL J 485 -41.09 33.94 22.98
C VAL J 485 -41.24 33.25 21.64
N GLN J 486 -42.47 32.94 21.25
CA GLN J 486 -42.73 32.09 20.09
C GLN J 486 -42.65 32.80 18.75
N ASN J 487 -43.44 33.86 18.58
CA ASN J 487 -43.54 34.52 17.28
C ASN J 487 -43.68 36.04 17.38
N THR J 488 -42.90 36.66 18.26
CA THR J 488 -42.95 38.10 18.44
C THR J 488 -41.53 38.66 18.47
N ALA J 489 -41.34 39.81 17.82
CA ALA J 489 -40.06 40.52 17.89
C ALA J 489 -39.72 40.78 19.34
N TRP J 490 -38.47 40.50 19.71
CA TRP J 490 -38.09 40.54 21.12
C TRP J 490 -36.63 40.92 21.31
N ALA J 491 -36.39 41.83 22.26
CA ALA J 491 -35.03 42.22 22.62
C ALA J 491 -34.84 42.13 24.13
N HIS J 492 -33.60 41.91 24.55
CA HIS J 492 -33.28 41.70 25.96
C HIS J 492 -32.08 42.56 26.36
N ILE J 493 -32.33 43.52 27.25
CA ILE J 493 -31.29 44.45 27.68
C ILE J 493 -30.72 44.06 29.04
N ASP J 494 -29.48 43.59 29.05
CA ASP J 494 -28.82 43.15 30.28
C ASP J 494 -28.05 44.31 30.91
N ILE J 495 -28.58 44.83 32.02
CA ILE J 495 -28.00 46.01 32.66
C ILE J 495 -27.31 45.68 33.99
N ALA J 496 -26.89 44.43 34.15
CA ALA J 496 -26.32 43.97 35.41
C ALA J 496 -25.00 44.67 35.75
N GLY J 497 -24.24 45.04 34.73
CA GLY J 497 -22.95 45.68 34.94
C GLY J 497 -23.00 47.18 35.01
N VAL J 498 -24.07 47.77 34.48
CA VAL J 498 -24.15 49.23 34.35
C VAL J 498 -25.18 49.87 35.28
N SER J 499 -25.93 49.04 36.00
CA SER J 499 -27.01 49.55 36.84
C SER J 499 -26.50 50.41 38.00
N TRP J 500 -25.43 49.95 38.65
CA TRP J 500 -24.93 50.64 39.84
C TRP J 500 -23.75 51.55 39.53
N ASN J 501 -23.75 52.73 40.14
CA ASN J 501 -22.64 53.66 40.05
C ASN J 501 -21.74 53.50 41.28
N PHE J 502 -20.65 52.76 41.13
CA PHE J 502 -19.80 52.39 42.25
C PHE J 502 -18.96 53.56 42.77
N LYS J 503 -18.61 54.49 41.89
CA LYS J 503 -17.86 55.66 42.31
C LYS J 503 -18.71 56.55 43.21
N ALA J 504 -19.97 56.75 42.82
CA ALA J 504 -20.87 57.65 43.54
C ALA J 504 -21.68 56.93 44.61
N ARG J 505 -21.56 55.60 44.65
CA ARG J 505 -22.29 54.77 45.62
C ARG J 505 -23.79 54.97 45.51
N LYS J 506 -24.32 54.92 44.29
CA LYS J 506 -25.73 55.16 44.06
C LYS J 506 -26.17 54.54 42.73
N PRO J 507 -27.48 54.43 42.48
CA PRO J 507 -27.94 53.92 41.18
C PRO J 507 -27.80 54.95 40.07
N LYS J 508 -28.05 54.51 38.84
CA LYS J 508 -28.08 55.42 37.71
C LYS J 508 -29.50 55.62 37.21
N GLY J 509 -30.36 54.66 37.54
CA GLY J 509 -31.69 54.62 36.95
C GLY J 509 -31.55 54.37 35.47
N PHE J 510 -30.59 53.52 35.13
CA PHE J 510 -30.26 53.20 33.75
C PHE J 510 -31.44 52.54 33.05
N GLY J 511 -31.75 53.00 31.85
CA GLY J 511 -32.78 52.37 31.03
C GLY J 511 -34.03 53.19 30.81
N VAL J 512 -34.33 54.10 31.74
CA VAL J 512 -35.53 54.93 31.66
C VAL J 512 -35.60 55.71 30.35
N ARG J 513 -34.54 56.47 30.08
CA ARG J 513 -34.49 57.31 28.89
C ARG J 513 -34.30 56.49 27.62
N LEU J 514 -33.63 55.35 27.74
CA LEU J 514 -33.47 54.43 26.60
C LEU J 514 -34.84 53.91 26.16
N LEU J 515 -35.61 53.40 27.11
CA LEU J 515 -36.93 52.84 26.83
C LEU J 515 -37.91 53.91 26.37
N THR J 516 -37.82 55.10 26.96
CA THR J 516 -38.73 56.18 26.62
C THR J 516 -38.48 56.71 25.21
N GLU J 517 -37.21 56.88 24.87
CA GLU J 517 -36.84 57.27 23.51
C GLU J 517 -37.29 56.20 22.51
N PHE J 518 -37.27 54.95 22.96
CA PHE J 518 -37.70 53.83 22.14
C PHE J 518 -39.17 53.91 21.76
N VAL J 519 -40.02 54.19 22.75
CA VAL J 519 -41.46 54.27 22.48
C VAL J 519 -41.85 55.58 21.80
N LEU J 520 -41.12 56.65 22.11
CA LEU J 520 -41.45 57.97 21.58
C LEU J 520 -41.14 58.12 20.10
N ASN J 521 -39.99 57.61 19.68
CA ASN J 521 -39.53 57.79 18.30
C ASN J 521 -39.80 56.57 17.42
N ASP J 522 -40.80 55.77 17.78
CA ASP J 522 -41.17 54.61 16.98
C ASP J 522 -42.61 54.71 16.50
N SER K 5 -49.33 11.53 55.55
CA SER K 5 -49.59 10.97 54.23
C SER K 5 -49.93 12.07 53.23
N GLU K 6 -50.43 13.19 53.73
CA GLU K 6 -50.76 14.33 52.88
C GLU K 6 -49.54 15.24 52.70
N VAL K 7 -49.17 15.49 51.46
CA VAL K 7 -47.97 16.27 51.15
C VAL K 7 -48.25 17.78 51.21
N PRO K 8 -47.55 18.48 52.10
CA PRO K 8 -47.72 19.93 52.27
C PRO K 8 -47.14 20.71 51.09
N GLN K 9 -47.79 21.81 50.74
CA GLN K 9 -47.35 22.65 49.62
C GLN K 9 -47.17 24.09 50.07
N VAL K 10 -46.28 24.81 49.38
CA VAL K 10 -46.15 26.25 49.60
C VAL K 10 -47.15 26.97 48.69
N VAL K 11 -47.22 26.51 47.45
CA VAL K 11 -48.21 27.02 46.49
C VAL K 11 -48.96 25.84 45.85
N SER K 12 -50.07 26.15 45.18
CA SER K 12 -50.93 25.12 44.62
C SER K 12 -50.29 24.37 43.46
N LEU K 13 -49.17 24.87 42.97
CA LEU K 13 -48.50 24.26 41.82
C LEU K 13 -47.44 23.25 42.24
N ASP K 14 -47.20 23.15 43.55
CA ASP K 14 -46.24 22.19 44.07
C ASP K 14 -46.77 20.75 43.94
N PRO K 15 -45.95 19.87 43.35
CA PRO K 15 -46.28 18.45 43.21
C PRO K 15 -46.56 17.77 44.55
N THR K 16 -47.48 16.81 44.56
CA THR K 16 -47.87 16.14 45.80
C THR K 16 -47.55 14.66 45.76
N SER K 17 -46.86 14.21 44.72
CA SER K 17 -46.46 12.81 44.61
C SER K 17 -45.37 12.61 43.57
N ILE K 18 -44.52 11.61 43.80
CA ILE K 18 -43.54 11.20 42.82
C ILE K 18 -44.21 10.38 41.74
N PRO K 19 -44.10 10.82 40.48
CA PRO K 19 -44.62 9.98 39.39
C PRO K 19 -43.78 8.72 39.23
N ILE K 20 -44.44 7.58 39.10
CA ILE K 20 -43.73 6.31 38.96
C ILE K 20 -44.21 5.52 37.75
N GLU K 21 -43.28 5.17 36.87
CA GLU K 21 -43.58 4.24 35.79
C GLU K 21 -43.39 2.82 36.29
N TYR K 22 -44.44 2.02 36.23
CA TYR K 22 -44.37 0.62 36.65
C TYR K 22 -44.28 -0.31 35.44
N ASN K 23 -45.14 -0.06 34.46
CA ASN K 23 -45.16 -0.85 33.22
C ASN K 23 -44.28 -0.22 32.15
N THR K 24 -43.02 -0.63 32.10
CA THR K 24 -42.07 -0.09 31.14
C THR K 24 -42.14 -0.83 29.80
N PRO K 25 -41.70 -0.18 28.71
CA PRO K 25 -41.63 -0.86 27.41
C PRO K 25 -40.70 -2.07 27.42
N ILE K 26 -39.76 -2.09 28.36
CA ILE K 26 -38.85 -3.21 28.52
C ILE K 26 -39.61 -4.48 28.89
N HIS K 27 -40.66 -4.32 29.68
CA HIS K 27 -41.48 -5.45 30.11
C HIS K 27 -42.25 -6.07 28.95
N ASP K 28 -42.43 -5.32 27.87
CA ASP K 28 -43.15 -5.81 26.69
C ASP K 28 -42.21 -6.54 25.72
N ILE K 29 -40.93 -6.60 26.06
CA ILE K 29 -39.95 -7.23 25.17
C ILE K 29 -39.92 -8.75 25.36
N LYS K 30 -40.20 -9.48 24.29
CA LYS K 30 -40.12 -10.93 24.30
C LYS K 30 -38.68 -11.38 24.04
N VAL K 31 -38.14 -12.17 24.96
CA VAL K 31 -36.75 -12.58 24.89
C VAL K 31 -36.59 -14.06 24.57
N GLN K 32 -35.90 -14.35 23.48
CA GLN K 32 -35.61 -15.73 23.09
C GLN K 32 -34.11 -15.98 23.08
N VAL K 33 -33.69 -17.05 23.75
CA VAL K 33 -32.29 -17.43 23.77
C VAL K 33 -32.08 -18.74 23.01
N TYR K 34 -31.31 -18.68 21.93
CA TYR K 34 -31.02 -19.87 21.13
C TYR K 34 -29.57 -20.29 21.29
N ASP K 35 -29.29 -21.57 21.09
CA ASP K 35 -27.93 -22.06 21.12
C ASP K 35 -27.23 -21.69 19.83
N ILE K 36 -25.96 -21.29 19.94
CA ILE K 36 -25.20 -20.80 18.80
C ILE K 36 -24.90 -21.93 17.81
N LYS K 37 -24.96 -23.18 18.28
CA LYS K 37 -24.81 -24.32 17.39
C LYS K 37 -26.08 -24.50 16.59
N GLY K 38 -25.93 -24.79 15.30
CA GLY K 38 -27.06 -24.89 14.41
C GLY K 38 -27.17 -23.67 13.51
N GLY K 39 -26.41 -22.64 13.86
CA GLY K 39 -26.35 -21.43 13.05
C GLY K 39 -27.32 -20.35 13.51
N CYS K 40 -27.08 -19.13 13.03
CA CYS K 40 -27.93 -17.99 13.37
C CYS K 40 -28.83 -17.62 12.20
N ASN K 41 -30.11 -17.40 12.50
CA ASN K 41 -31.04 -16.89 11.51
C ASN K 41 -31.04 -15.35 11.50
N VAL K 42 -30.97 -14.78 10.30
CA VAL K 42 -31.05 -13.33 10.14
C VAL K 42 -32.19 -12.99 9.20
N GLU K 43 -33.36 -12.69 9.76
CA GLU K 43 -34.57 -12.49 8.97
C GLU K 43 -35.09 -11.06 9.08
N GLU K 44 -34.89 -10.43 10.23
CA GLU K 44 -35.43 -9.09 10.47
C GLU K 44 -34.64 -8.33 11.54
N GLY K 45 -34.90 -7.03 11.61
CA GLY K 45 -34.33 -6.19 12.65
C GLY K 45 -32.82 -6.05 12.59
N LEU K 46 -32.22 -5.84 13.75
CA LEU K 46 -30.78 -5.64 13.87
C LEU K 46 -30.11 -6.85 14.49
N THR K 47 -29.02 -7.31 13.87
CA THR K 47 -28.25 -8.43 14.39
C THR K 47 -26.82 -8.00 14.69
N ILE K 48 -26.44 -8.07 15.96
CA ILE K 48 -25.12 -7.62 16.40
C ILE K 48 -24.28 -8.78 16.93
N PHE K 49 -23.05 -8.89 16.44
CA PHE K 49 -22.10 -9.89 16.91
C PHE K 49 -21.13 -9.29 17.94
N LEU K 50 -21.13 -9.84 19.14
CA LEU K 50 -20.16 -9.42 20.15
C LEU K 50 -18.83 -10.13 19.91
N VAL K 51 -17.83 -9.36 19.50
CA VAL K 51 -16.58 -9.93 18.98
C VAL K 51 -15.33 -9.34 19.64
N ASN K 52 -14.37 -10.20 19.96
CA ASN K 52 -13.05 -9.76 20.43
C ASN K 52 -11.93 -10.30 19.54
N ASN K 53 -10.71 -9.88 19.81
CA ASN K 53 -9.54 -10.43 19.14
C ASN K 53 -8.39 -10.58 20.12
N PRO K 54 -8.35 -11.72 20.84
CA PRO K 54 -7.30 -12.01 21.82
C PRO K 54 -5.96 -12.28 21.16
N LYS K 56 -4.15 -8.67 17.87
CA LYS K 56 -4.67 -8.63 19.22
C LYS K 56 -5.24 -7.25 19.55
N GLU K 57 -4.43 -6.38 20.14
CA GLU K 57 -4.84 -5.04 20.49
C GLU K 57 -5.32 -4.28 19.25
N ASN K 58 -6.61 -3.92 19.26
CA ASN K 58 -7.28 -3.31 18.11
C ASN K 58 -7.18 -4.18 16.86
N GLY K 59 -7.28 -5.49 17.05
CA GLY K 59 -7.20 -6.44 15.96
C GLY K 59 -8.44 -6.42 15.08
N PRO K 60 -8.34 -7.01 13.88
CA PRO K 60 -9.43 -7.05 12.91
C PRO K 60 -10.62 -7.89 13.39
N VAL K 61 -11.81 -7.53 12.92
CA VAL K 61 -13.02 -8.27 13.28
C VAL K 61 -13.15 -9.54 12.46
N LYS K 62 -13.43 -10.65 13.13
CA LYS K 62 -13.65 -11.93 12.46
C LYS K 62 -14.86 -12.62 13.06
N ILE K 63 -15.84 -12.96 12.22
CA ILE K 63 -17.06 -13.60 12.68
C ILE K 63 -16.95 -15.12 12.56
N SER K 64 -17.16 -15.82 13.66
CA SER K 64 -17.02 -17.27 13.71
C SER K 64 -18.32 -17.99 13.35
N SER K 65 -19.44 -17.47 13.84
CA SER K 65 -20.72 -18.13 13.71
C SER K 65 -21.17 -18.30 12.26
N LYS K 66 -21.88 -19.40 12.01
CA LYS K 66 -22.45 -19.68 10.70
C LYS K 66 -23.83 -19.02 10.57
N VAL K 67 -23.98 -18.15 9.58
CA VAL K 67 -25.26 -17.48 9.35
C VAL K 67 -26.05 -18.23 8.29
N ASN K 68 -27.30 -18.56 8.61
CA ASN K 68 -28.16 -19.30 7.69
C ASN K 68 -28.81 -18.38 6.66
N ASP K 69 -28.01 -17.45 6.15
CA ASP K 69 -28.44 -16.54 5.09
C ASP K 69 -27.25 -16.23 4.21
N LYS K 70 -27.36 -16.54 2.92
CA LYS K 70 -26.24 -16.47 2.00
C LYS K 70 -25.78 -15.03 1.74
N GLN K 71 -26.71 -14.08 1.76
CA GLN K 71 -26.36 -12.68 1.54
C GLN K 71 -25.58 -12.11 2.73
N VAL K 72 -26.11 -12.32 3.93
CA VAL K 72 -25.48 -11.82 5.15
C VAL K 72 -24.13 -12.51 5.37
N SER K 73 -24.06 -13.79 5.01
CA SER K 73 -22.81 -14.54 5.09
C SER K 73 -21.71 -13.87 4.26
N GLU K 74 -22.09 -13.40 3.08
CA GLU K 74 -21.17 -12.70 2.20
C GLU K 74 -20.65 -11.42 2.83
N PHE K 75 -21.54 -10.69 3.50
CA PHE K 75 -21.18 -9.46 4.18
C PHE K 75 -20.22 -9.72 5.34
N LEU K 76 -20.30 -10.93 5.90
CA LEU K 76 -19.55 -11.27 7.10
C LEU K 76 -18.28 -12.09 6.82
N LYS K 77 -17.95 -12.29 5.55
CA LYS K 77 -16.74 -13.01 5.22
C LYS K 77 -15.53 -12.23 5.72
N ASP K 78 -14.47 -12.95 6.09
CA ASP K 78 -13.27 -12.36 6.68
C ASP K 78 -12.72 -11.16 5.89
N GLU K 79 -13.00 -11.16 4.58
CA GLU K 79 -12.49 -10.14 3.67
C GLU K 79 -12.95 -8.73 4.00
N ASN K 80 -14.23 -8.57 4.34
CA ASN K 80 -14.76 -7.25 4.63
C ASN K 80 -14.82 -6.91 6.11
N MET K 81 -14.81 -7.94 6.96
CA MET K 81 -14.91 -7.70 8.40
C MET K 81 -13.59 -7.24 8.99
N GLU K 82 -12.49 -7.54 8.30
CA GLU K 82 -11.17 -7.14 8.77
C GLU K 82 -10.95 -5.63 8.57
N LYS K 83 -11.84 -5.00 7.82
CA LYS K 83 -11.79 -3.56 7.61
C LYS K 83 -12.18 -2.83 8.88
N PHE K 84 -12.79 -3.56 9.81
CA PHE K 84 -13.18 -3.02 11.10
C PHE K 84 -12.35 -3.68 12.20
N ASN K 85 -12.18 -2.99 13.33
CA ASN K 85 -11.39 -3.52 14.43
C ASN K 85 -12.21 -3.75 15.69
N VAL K 86 -11.62 -4.43 16.66
CA VAL K 86 -12.35 -4.86 17.85
C VAL K 86 -12.15 -3.97 19.07
N LYS K 87 -11.67 -2.74 18.86
CA LYS K 87 -11.44 -1.83 19.97
C LYS K 87 -12.69 -1.69 20.83
N LEU K 88 -12.53 -1.90 22.14
CA LEU K 88 -13.64 -1.95 23.07
C LEU K 88 -14.62 -0.78 22.93
N GLY K 89 -15.84 -1.08 22.50
CA GLY K 89 -16.86 -0.07 22.35
C GLY K 89 -17.09 0.36 20.92
N THR K 90 -16.12 0.10 20.05
CA THR K 90 -16.25 0.44 18.64
C THR K 90 -17.33 -0.42 17.98
N SER K 91 -18.09 0.18 17.07
CA SER K 91 -19.15 -0.55 16.39
C SER K 91 -19.41 -0.02 14.99
N LYS K 92 -19.95 -0.90 14.15
CA LYS K 92 -20.47 -0.53 12.84
C LYS K 92 -21.72 -1.37 12.59
N HIS K 93 -22.68 -0.83 11.84
CA HIS K 93 -23.78 -1.65 11.38
C HIS K 93 -24.24 -1.21 9.99
N PHE K 94 -24.66 -2.17 9.19
CA PHE K 94 -24.98 -1.94 7.79
C PHE K 94 -26.38 -2.46 7.45
N TYR K 95 -27.14 -1.64 6.73
CA TYR K 95 -28.45 -2.07 6.24
C TYR K 95 -28.31 -2.77 4.90
N MET K 96 -28.97 -3.92 4.77
CA MET K 96 -28.85 -4.75 3.57
C MET K 96 -30.06 -5.65 3.40
N PHE K 97 -30.18 -6.24 2.22
CA PHE K 97 -31.23 -7.23 1.97
C PHE K 97 -30.70 -8.63 2.21
N ASN K 98 -31.55 -9.49 2.76
CA ASN K 98 -31.19 -10.89 2.94
C ASN K 98 -31.62 -11.75 1.76
N ASP K 99 -31.61 -13.06 1.93
CA ASP K 99 -32.04 -13.97 0.86
C ASP K 99 -33.50 -13.76 0.51
N ASN K 100 -34.30 -13.39 1.51
CA ASN K 100 -35.73 -13.15 1.29
C ASN K 100 -36.03 -11.75 0.78
N LYS K 101 -34.96 -11.00 0.48
CA LYS K 101 -35.07 -9.61 0.03
C LYS K 101 -35.79 -8.74 1.04
N ASN K 102 -35.63 -9.05 2.33
CA ASN K 102 -36.16 -8.22 3.40
C ASN K 102 -35.05 -7.37 3.99
N SER K 103 -35.38 -6.15 4.38
CA SER K 103 -34.40 -5.22 4.91
C SER K 103 -33.94 -5.60 6.31
N VAL K 104 -32.64 -5.86 6.45
CA VAL K 104 -32.06 -6.18 7.75
C VAL K 104 -30.79 -5.37 8.00
N ALA K 105 -30.44 -5.20 9.27
CA ALA K 105 -29.21 -4.51 9.63
C ALA K 105 -28.28 -5.45 10.38
N VAL K 106 -27.04 -5.54 9.92
CA VAL K 106 -26.05 -6.41 10.54
C VAL K 106 -24.83 -5.60 10.97
N GLY K 107 -24.28 -5.95 12.14
CA GLY K 107 -23.10 -5.27 12.65
C GLY K 107 -22.46 -5.97 13.83
N TYR K 108 -21.59 -5.26 14.53
CA TYR K 108 -20.85 -5.83 15.65
C TYR K 108 -20.57 -4.79 16.74
N VAL K 109 -20.10 -5.27 17.88
CA VAL K 109 -19.55 -4.42 18.92
C VAL K 109 -18.22 -4.99 19.39
N GLY K 110 -17.15 -4.21 19.25
CA GLY K 110 -15.83 -4.65 19.66
C GLY K 110 -15.74 -4.88 21.16
N CYS K 111 -15.22 -6.05 21.54
CA CYS K 111 -15.08 -6.39 22.95
C CYS K 111 -13.62 -6.48 23.35
N GLY K 112 -12.75 -5.86 22.55
CA GLY K 112 -11.34 -5.74 22.89
C GLY K 112 -10.51 -6.97 22.61
N SER K 113 -9.47 -7.17 23.41
CA SER K 113 -8.51 -8.24 23.22
C SER K 113 -8.31 -9.08 24.47
N VAL K 114 -9.13 -8.81 25.50
CA VAL K 114 -9.08 -9.59 26.73
C VAL K 114 -10.21 -10.61 26.73
N ALA K 115 -9.90 -11.83 27.17
CA ALA K 115 -10.84 -12.93 27.11
C ALA K 115 -12.02 -12.76 28.07
N ASP K 116 -11.74 -12.29 29.28
CA ASP K 116 -12.79 -12.13 30.28
C ASP K 116 -13.11 -10.67 30.55
N LEU K 117 -14.29 -10.24 30.08
CA LEU K 117 -14.73 -8.86 30.27
C LEU K 117 -15.10 -8.57 31.72
N SER K 118 -14.59 -7.46 32.24
CA SER K 118 -15.02 -6.97 33.54
C SER K 118 -16.43 -6.37 33.41
N GLU K 119 -16.99 -5.93 34.53
CA GLU K 119 -18.32 -5.30 34.48
C GLU K 119 -18.23 -3.94 33.81
N ALA K 120 -17.06 -3.31 33.93
CA ALA K 120 -16.82 -2.02 33.28
C ALA K 120 -16.73 -2.18 31.77
N ASP K 121 -16.13 -3.30 31.35
CA ASP K 121 -16.00 -3.60 29.94
C ASP K 121 -17.36 -3.91 29.31
N MET K 122 -18.12 -4.77 29.96
CA MET K 122 -19.44 -5.16 29.49
C MET K 122 -20.37 -3.96 29.37
N LYS K 123 -20.27 -3.06 30.33
CA LYS K 123 -21.09 -1.85 30.35
C LYS K 123 -20.80 -0.97 29.13
N ARG K 124 -19.52 -0.89 28.76
CA ARG K 124 -19.13 -0.12 27.58
C ARG K 124 -19.62 -0.80 26.31
N VAL K 125 -19.67 -2.13 26.32
CA VAL K 125 -20.20 -2.88 25.20
C VAL K 125 -21.70 -2.62 25.05
N VAL K 126 -22.41 -2.65 26.17
CA VAL K 126 -23.85 -2.45 26.19
C VAL K 126 -24.23 -1.04 25.71
N LEU K 127 -23.49 -0.03 26.17
CA LEU K 127 -23.82 1.34 25.82
C LEU K 127 -23.59 1.63 24.34
N SER K 128 -22.64 0.92 23.74
CA SER K 128 -22.45 1.00 22.29
C SER K 128 -23.64 0.36 21.61
N LEU K 129 -24.12 -0.74 22.19
CA LEU K 129 -25.28 -1.46 21.67
C LEU K 129 -26.54 -0.60 21.77
N VAL K 130 -26.75 0.05 22.91
CA VAL K 130 -27.91 0.88 23.15
C VAL K 130 -27.96 2.07 22.18
N THR K 131 -26.79 2.64 21.91
CA THR K 131 -26.68 3.78 21.00
C THR K 131 -27.25 3.45 19.62
N MET K 132 -26.99 2.24 19.15
CA MET K 132 -27.55 1.78 17.89
C MET K 132 -29.06 1.59 17.98
N LEU K 133 -29.52 1.11 19.13
CA LEU K 133 -30.95 0.93 19.37
C LEU K 133 -31.70 2.26 19.35
N HIS K 134 -31.09 3.27 19.97
CA HIS K 134 -31.71 4.59 20.07
C HIS K 134 -31.77 5.30 18.72
N ASP K 135 -30.90 4.90 17.80
CA ASP K 135 -30.81 5.58 16.50
C ASP K 135 -31.60 4.89 15.40
N ASN K 136 -32.04 3.65 15.66
CA ASN K 136 -32.75 2.88 14.65
C ASN K 136 -34.15 2.47 15.08
N LYS K 137 -35.11 2.61 14.18
CA LYS K 137 -36.46 2.12 14.42
C LYS K 137 -36.50 0.62 14.17
N LEU K 138 -36.54 -0.16 15.25
CA LEU K 138 -36.40 -1.61 15.15
C LEU K 138 -37.50 -2.37 15.87
N SER K 139 -37.94 -3.47 15.28
CA SER K 139 -38.90 -4.35 15.91
C SER K 139 -38.20 -5.46 16.67
N LYS K 140 -36.94 -5.71 16.30
CA LYS K 140 -36.20 -6.83 16.87
C LYS K 140 -34.69 -6.58 16.92
N LEU K 141 -34.08 -7.00 18.02
CA LEU K 141 -32.62 -6.99 18.14
C LEU K 141 -32.12 -8.39 18.43
N THR K 142 -31.13 -8.84 17.66
CA THR K 142 -30.51 -10.13 17.93
C THR K 142 -29.05 -9.94 18.30
N VAL K 143 -28.67 -10.40 19.48
CA VAL K 143 -27.29 -10.31 19.95
C VAL K 143 -26.64 -11.68 19.92
N VAL K 144 -25.59 -11.81 19.10
CA VAL K 144 -24.87 -13.07 18.99
C VAL K 144 -23.58 -13.02 19.80
N PHE K 145 -23.49 -13.90 20.79
CA PHE K 145 -22.32 -13.93 21.68
C PHE K 145 -21.19 -14.77 21.11
N GLU K 146 -20.13 -14.11 20.66
CA GLU K 146 -18.92 -14.81 20.22
C GLU K 146 -17.80 -14.55 21.21
N ILE K 147 -18.18 -14.36 22.48
CA ILE K 147 -17.22 -14.17 23.56
C ILE K 147 -17.58 -15.06 24.74
N ASN K 148 -16.69 -15.15 25.71
CA ASN K 148 -16.92 -15.98 26.89
C ASN K 148 -17.52 -15.20 28.05
N VAL K 149 -18.69 -15.65 28.49
CA VAL K 149 -19.45 -14.96 29.52
C VAL K 149 -20.13 -15.99 30.42
N ASP K 150 -19.97 -15.86 31.73
CA ASP K 150 -20.62 -16.77 32.66
C ASP K 150 -22.04 -16.31 32.95
N LYS K 151 -22.80 -17.13 33.69
CA LYS K 151 -24.21 -16.88 33.91
C LYS K 151 -24.50 -15.52 34.56
N ASN K 152 -23.65 -15.11 35.49
CA ASN K 152 -23.81 -13.83 36.17
C ASN K 152 -23.54 -12.65 35.24
N LEU K 153 -22.53 -12.78 34.38
CA LEU K 153 -22.19 -11.71 33.45
C LEU K 153 -23.21 -11.66 32.31
N PHE K 154 -23.86 -12.79 32.05
CA PHE K 154 -24.93 -12.81 31.05
C PHE K 154 -26.15 -12.06 31.58
N ARG K 155 -26.52 -12.36 32.82
CA ARG K 155 -27.62 -11.66 33.47
C ARG K 155 -27.32 -10.18 33.57
N PHE K 156 -26.09 -9.85 33.94
CA PHE K 156 -25.64 -8.47 34.04
C PHE K 156 -25.77 -7.74 32.70
N PHE K 157 -25.48 -8.44 31.62
CA PHE K 157 -25.60 -7.89 30.28
C PHE K 157 -27.04 -7.48 29.99
N LEU K 158 -27.98 -8.40 30.27
CA LEU K 158 -29.40 -8.14 30.04
C LEU K 158 -29.90 -7.00 30.93
N GLU K 159 -29.52 -7.03 32.20
CA GLU K 159 -29.89 -5.99 33.15
C GLU K 159 -29.43 -4.61 32.67
N THR K 160 -28.15 -4.51 32.36
CA THR K 160 -27.55 -3.26 31.93
C THR K 160 -28.17 -2.79 30.61
N LEU K 161 -28.42 -3.72 29.70
CA LEU K 161 -29.05 -3.39 28.44
C LEU K 161 -30.43 -2.78 28.67
N PHE K 162 -31.23 -3.44 29.50
CA PHE K 162 -32.58 -2.98 29.82
C PHE K 162 -32.57 -1.59 30.45
N TYR K 163 -31.70 -1.39 31.43
CA TYR K 163 -31.65 -0.14 32.18
C TYR K 163 -31.21 1.04 31.33
N GLU K 164 -30.19 0.83 30.50
CA GLU K 164 -29.65 1.90 29.67
C GLU K 164 -30.54 2.17 28.45
N TYR K 165 -31.22 1.14 27.99
CA TYR K 165 -32.16 1.27 26.87
C TYR K 165 -33.37 2.10 27.28
N MET K 166 -33.83 1.88 28.51
CA MET K 166 -35.01 2.55 29.03
C MET K 166 -34.76 4.05 29.24
N THR K 167 -35.69 4.87 28.76
CA THR K 167 -35.55 6.32 28.87
C THR K 167 -36.62 6.92 29.77
N ASP K 168 -36.17 7.68 30.77
CA ASP K 168 -37.05 8.27 31.78
C ASP K 168 -37.60 9.61 31.30
N GLU K 169 -38.90 9.67 31.01
CA GLU K 169 -39.52 10.88 30.49
C GLU K 169 -40.65 11.40 31.36
N ARG K 170 -40.62 11.06 32.64
CA ARG K 170 -41.68 11.46 33.57
C ARG K 170 -41.81 12.98 33.68
N PHE K 171 -40.70 13.68 33.51
CA PHE K 171 -40.70 15.13 33.70
C PHE K 171 -40.59 15.89 32.39
N LYS K 172 -40.63 15.14 31.29
CA LYS K 172 -40.73 15.75 29.96
C LYS K 172 -42.17 16.18 29.70
N SER K 173 -42.35 17.17 28.85
CA SER K 173 -43.69 17.63 28.50
C SER K 173 -43.80 17.95 27.00
N GLU K 181 -40.52 4.37 19.98
CA GLU K 181 -40.84 3.03 19.50
C GLU K 181 -39.74 2.04 19.85
N TYR K 182 -39.95 1.30 20.94
CA TYR K 182 -38.99 0.30 21.40
C TYR K 182 -39.12 -1.00 20.62
N ILE K 183 -38.07 -1.82 20.65
CA ILE K 183 -38.12 -3.15 20.08
C ILE K 183 -39.13 -4.00 20.83
N LYS K 184 -39.63 -5.05 20.19
CA LYS K 184 -40.59 -5.94 20.82
C LYS K 184 -39.99 -7.32 21.02
N HIS K 185 -38.92 -7.61 20.29
CA HIS K 185 -38.30 -8.93 20.34
C HIS K 185 -36.79 -8.86 20.54
N LEU K 186 -36.30 -9.60 21.53
CA LEU K 186 -34.86 -9.68 21.78
C LEU K 186 -34.36 -11.11 21.56
N GLY K 187 -33.48 -11.28 20.58
CA GLY K 187 -32.91 -12.57 20.29
C GLY K 187 -31.48 -12.69 20.79
N VAL K 188 -31.15 -13.82 21.39
CA VAL K 188 -29.81 -14.04 21.91
C VAL K 188 -29.24 -15.38 21.45
N TYR K 189 -28.12 -15.34 20.74
CA TYR K 189 -27.40 -16.55 20.37
C TYR K 189 -26.15 -16.69 21.25
N ILE K 190 -26.06 -17.81 21.95
CA ILE K 190 -24.95 -18.07 22.86
C ILE K 190 -24.75 -19.58 23.02
N ASN K 191 -23.52 -20.00 23.25
CA ASN K 191 -23.25 -21.43 23.42
C ASN K 191 -23.85 -21.95 24.73
N ASN K 192 -24.33 -23.18 24.72
CA ASN K 192 -25.20 -23.73 25.77
C ASN K 192 -26.22 -22.71 26.27
N ALA K 193 -27.18 -22.38 25.41
CA ALA K 193 -28.23 -21.43 25.75
C ALA K 193 -29.07 -21.96 26.90
N ASP K 194 -29.18 -23.28 26.99
CA ASP K 194 -29.99 -23.94 28.01
C ASP K 194 -29.64 -23.51 29.43
N THR K 195 -28.36 -23.20 29.67
CA THR K 195 -27.92 -22.82 31.00
C THR K 195 -28.23 -21.36 31.31
N TYR K 196 -28.40 -20.55 30.25
CA TYR K 196 -28.56 -19.11 30.42
C TYR K 196 -30.01 -18.64 30.49
N LYS K 197 -30.94 -19.51 30.05
CA LYS K 197 -32.35 -19.13 29.95
C LYS K 197 -32.97 -18.72 31.29
N GLU K 198 -32.49 -19.31 32.37
CA GLU K 198 -33.03 -19.03 33.70
C GLU K 198 -32.66 -17.63 34.19
N GLU K 199 -31.67 -17.02 33.53
CA GLU K 199 -31.21 -15.69 33.91
C GLU K 199 -32.10 -14.59 33.36
N VAL K 200 -32.83 -14.89 32.30
CA VAL K 200 -33.60 -13.90 31.56
C VAL K 200 -34.60 -13.13 32.42
N GLU K 201 -35.47 -13.85 33.12
CA GLU K 201 -36.51 -13.22 33.92
C GLU K 201 -35.96 -12.66 35.23
N LYS K 202 -34.88 -13.27 35.73
CA LYS K 202 -34.21 -12.75 36.92
C LYS K 202 -33.63 -11.37 36.60
N ALA K 203 -33.11 -11.23 35.39
CA ALA K 203 -32.56 -9.96 34.93
C ALA K 203 -33.64 -8.90 34.82
N ARG K 204 -34.79 -9.28 34.28
CA ARG K 204 -35.90 -8.36 34.10
C ARG K 204 -36.40 -7.83 35.43
N VAL K 205 -36.30 -8.67 36.47
CA VAL K 205 -36.68 -8.26 37.82
C VAL K 205 -35.62 -7.34 38.42
N TYR K 206 -34.36 -7.75 38.29
CA TYR K 206 -33.25 -6.94 38.76
C TYR K 206 -33.22 -5.59 38.05
N TYR K 207 -33.59 -5.61 36.77
CA TYR K 207 -33.67 -4.38 35.99
C TYR K 207 -34.62 -3.36 36.60
N PHE K 208 -35.85 -3.78 36.88
CA PHE K 208 -36.85 -2.84 37.37
C PHE K 208 -36.53 -2.37 38.77
N GLY K 209 -35.95 -3.25 39.58
CA GLY K 209 -35.51 -2.87 40.91
C GLY K 209 -34.52 -1.72 40.83
N THR K 210 -33.62 -1.82 39.86
CA THR K 210 -32.64 -0.78 39.62
C THR K 210 -33.30 0.46 39.03
N TYR K 211 -34.18 0.26 38.05
CA TYR K 211 -34.85 1.36 37.38
C TYR K 211 -35.83 2.07 38.32
N TYR K 212 -36.50 1.30 39.17
CA TYR K 212 -37.39 1.87 40.16
C TYR K 212 -36.62 2.79 41.11
N ALA K 213 -35.50 2.28 41.62
CA ALA K 213 -34.63 3.06 42.49
C ALA K 213 -34.14 4.31 41.76
N SER K 214 -33.82 4.15 40.48
CA SER K 214 -33.38 5.25 39.64
C SER K 214 -34.45 6.34 39.55
N GLN K 215 -35.70 5.92 39.38
CA GLN K 215 -36.82 6.84 39.28
C GLN K 215 -36.96 7.70 40.54
N LEU K 216 -36.71 7.08 41.69
CA LEU K 216 -36.80 7.79 42.96
C LEU K 216 -35.65 8.79 43.11
N ILE K 217 -34.45 8.35 42.73
CA ILE K 217 -33.28 9.21 42.81
C ILE K 217 -33.36 10.39 41.85
N ALA K 218 -33.66 10.08 40.59
CA ALA K 218 -33.72 11.10 39.54
C ALA K 218 -34.79 12.15 39.82
N ALA K 219 -35.86 11.74 40.50
CA ALA K 219 -36.94 12.66 40.86
C ALA K 219 -36.42 13.76 41.77
N PRO K 220 -36.65 15.02 41.38
CA PRO K 220 -36.16 16.19 42.13
C PRO K 220 -36.78 16.29 43.52
N SER K 221 -36.22 17.17 44.35
CA SER K 221 -36.59 17.23 45.75
C SER K 221 -37.96 17.88 45.99
N ASN K 222 -38.47 18.60 45.00
CA ASN K 222 -39.81 19.16 45.11
C ASN K 222 -40.86 18.06 44.89
N TYR K 223 -40.51 17.09 44.05
CA TYR K 223 -41.35 15.90 43.86
C TYR K 223 -41.07 14.88 44.95
N CYS K 224 -39.80 14.54 45.12
CA CYS K 224 -39.41 13.53 46.09
C CYS K 224 -39.02 14.15 47.43
N ASN K 225 -40.01 14.28 48.31
CA ASN K 225 -39.81 14.81 49.66
C ASN K 225 -40.06 13.67 50.67
N PRO K 226 -39.79 13.91 51.98
CA PRO K 226 -40.02 12.84 52.95
C PRO K 226 -41.43 12.23 52.92
N VAL K 227 -42.45 13.06 52.75
CA VAL K 227 -43.82 12.57 52.79
C VAL K 227 -44.16 11.75 51.54
N SER K 228 -43.83 12.29 50.37
CA SER K 228 -44.14 11.61 49.11
C SER K 228 -43.30 10.35 48.92
N LEU K 229 -42.09 10.35 49.47
CA LEU K 229 -41.21 9.19 49.37
C LEU K 229 -41.74 8.03 50.20
N SER K 230 -42.21 8.34 51.40
CA SER K 230 -42.80 7.33 52.28
C SER K 230 -44.10 6.79 51.69
N ASN K 231 -44.89 7.69 51.11
CA ASN K 231 -46.13 7.31 50.43
C ASN K 231 -45.86 6.34 49.30
N ALA K 232 -44.74 6.56 48.60
CA ALA K 232 -44.34 5.69 47.50
C ALA K 232 -43.95 4.31 48.01
N ALA K 233 -43.33 4.27 49.19
CA ALA K 233 -42.93 3.02 49.81
C ALA K 233 -44.15 2.18 50.17
N VAL K 234 -45.18 2.84 50.70
CA VAL K 234 -46.43 2.19 51.03
C VAL K 234 -47.09 1.61 49.79
N GLU K 235 -47.16 2.43 48.74
CA GLU K 235 -47.75 2.03 47.47
C GLU K 235 -47.04 0.80 46.92
N LEU K 236 -45.71 0.79 47.02
CA LEU K 236 -44.92 -0.36 46.60
C LEU K 236 -45.20 -1.56 47.48
N ALA K 237 -45.22 -1.33 48.78
CA ALA K 237 -45.45 -2.39 49.77
C ALA K 237 -46.80 -3.07 49.56
N GLN K 238 -47.78 -2.30 49.10
CA GLN K 238 -49.12 -2.83 48.86
C GLN K 238 -49.15 -3.72 47.62
N LYS K 239 -48.43 -3.31 46.57
CA LYS K 239 -48.39 -4.06 45.33
C LYS K 239 -47.65 -5.39 45.49
N LEU K 240 -46.79 -5.48 46.50
CA LEU K 240 -45.96 -6.65 46.72
C LEU K 240 -46.41 -7.47 47.92
N ASN K 241 -47.47 -7.01 48.58
CA ASN K 241 -48.01 -7.66 49.78
C ASN K 241 -46.99 -7.77 50.91
N LEU K 242 -46.28 -6.68 51.17
CA LEU K 242 -45.37 -6.59 52.30
C LEU K 242 -46.01 -5.78 53.42
N GLU K 243 -45.75 -6.16 54.67
CA GLU K 243 -46.16 -5.35 55.80
C GLU K 243 -45.47 -4.00 55.73
N TYR K 244 -46.15 -2.96 56.18
CA TYR K 244 -45.56 -1.62 56.16
C TYR K 244 -45.99 -0.80 57.37
N LYS K 245 -45.03 -0.06 57.91
CA LYS K 245 -45.30 0.82 59.05
C LYS K 245 -44.49 2.11 58.89
N ILE K 246 -45.20 3.22 58.66
CA ILE K 246 -44.55 4.52 58.55
C ILE K 246 -44.61 5.27 59.86
N LEU K 247 -43.44 5.60 60.41
CA LEU K 247 -43.36 6.25 61.71
C LEU K 247 -43.30 7.76 61.56
N GLY K 248 -44.27 8.44 62.13
CA GLY K 248 -44.32 9.89 62.09
C GLY K 248 -43.65 10.52 63.30
N VAL K 249 -43.64 11.85 63.34
CA VAL K 249 -42.98 12.60 64.40
C VAL K 249 -43.40 12.15 65.80
N LYS K 250 -44.70 11.89 65.96
CA LYS K 250 -45.24 11.46 67.25
C LYS K 250 -44.62 10.15 67.71
N GLU K 251 -44.58 9.17 66.81
CA GLU K 251 -43.98 7.86 67.13
C GLU K 251 -42.48 8.01 67.38
N LEU K 252 -41.83 8.79 66.51
CA LEU K 252 -40.38 8.99 66.59
C LEU K 252 -39.98 9.69 67.88
N GLU K 253 -40.80 10.64 68.32
CA GLU K 253 -40.55 11.35 69.57
C GLU K 253 -40.64 10.42 70.77
N GLU K 254 -41.62 9.53 70.75
CA GLU K 254 -41.78 8.55 71.83
C GLU K 254 -40.60 7.59 71.84
N LEU K 255 -40.07 7.29 70.67
CA LEU K 255 -38.91 6.42 70.54
C LEU K 255 -37.62 7.17 70.86
N LYS K 256 -37.77 8.47 71.12
CA LYS K 256 -36.65 9.33 71.53
C LYS K 256 -35.53 9.35 70.49
N MET K 257 -35.89 9.34 69.22
CA MET K 257 -34.91 9.38 68.14
C MET K 257 -34.49 10.81 67.84
N GLY K 258 -33.66 11.37 68.72
CA GLY K 258 -33.31 12.78 68.67
C GLY K 258 -32.27 13.17 67.64
N ALA K 259 -31.43 12.23 67.24
CA ALA K 259 -30.43 12.50 66.21
C ALA K 259 -31.11 12.65 64.86
N TYR K 260 -32.04 11.74 64.60
CA TYR K 260 -32.80 11.74 63.36
C TYR K 260 -33.77 12.92 63.28
N LEU K 261 -34.44 13.20 64.40
CA LEU K 261 -35.41 14.30 64.43
C LEU K 261 -34.74 15.67 64.35
N SER K 262 -33.49 15.75 64.82
CA SER K 262 -32.75 17.01 64.77
C SER K 262 -32.47 17.44 63.34
N VAL K 263 -32.06 16.47 62.51
CA VAL K 263 -31.71 16.73 61.12
C VAL K 263 -32.89 17.32 60.33
N GLY K 264 -34.09 16.85 60.61
CA GLY K 264 -35.27 17.26 59.87
C GLY K 264 -36.00 18.46 60.43
N LYS K 265 -35.47 19.04 61.50
CA LYS K 265 -36.10 20.18 62.16
C LYS K 265 -36.33 21.37 61.23
N GLY K 266 -35.40 21.58 60.30
CA GLY K 266 -35.45 22.75 59.43
C GLY K 266 -36.30 22.58 58.20
N SER K 267 -36.95 21.42 58.06
CA SER K 267 -37.75 21.13 56.87
C SER K 267 -39.22 21.46 57.05
N MET K 268 -39.91 21.71 55.94
CA MET K 268 -41.35 21.94 55.96
C MET K 268 -42.08 20.60 55.91
N TYR K 269 -41.34 19.55 55.57
CA TYR K 269 -41.89 18.20 55.54
C TYR K 269 -41.55 17.47 56.83
N PRO K 270 -42.57 16.88 57.47
CA PRO K 270 -42.37 16.07 58.69
C PRO K 270 -41.46 14.87 58.43
N ASN K 271 -40.69 14.47 59.42
CA ASN K 271 -39.89 13.26 59.31
C ASN K 271 -40.78 12.05 59.08
N LYS K 272 -40.35 11.15 58.21
CA LYS K 272 -41.09 9.92 57.96
C LYS K 272 -40.14 8.73 57.98
N PHE K 273 -40.39 7.79 58.89
CA PHE K 273 -39.56 6.60 59.01
C PHE K 273 -40.23 5.43 58.30
N ILE K 274 -39.54 4.88 57.30
CA ILE K 274 -40.09 3.78 56.52
C ILE K 274 -39.63 2.44 57.07
N HIS K 275 -40.58 1.53 57.29
CA HIS K 275 -40.30 0.19 57.77
C HIS K 275 -41.15 -0.83 57.01
N LEU K 276 -40.55 -1.45 56.01
CA LEU K 276 -41.21 -2.52 55.26
C LEU K 276 -40.67 -3.87 55.72
N THR K 277 -41.52 -4.90 55.67
CA THR K 277 -41.12 -6.21 56.14
C THR K 277 -41.51 -7.33 55.18
N TYR K 278 -40.53 -8.11 54.76
CA TYR K 278 -40.80 -9.34 54.03
C TYR K 278 -40.58 -10.54 54.94
N LYS K 279 -41.60 -11.39 55.03
CA LYS K 279 -41.48 -12.63 55.77
C LYS K 279 -41.69 -13.81 54.82
N SER K 280 -40.81 -14.80 54.89
CA SER K 280 -40.92 -15.98 54.04
C SER K 280 -42.04 -16.89 54.53
N LYS K 281 -42.58 -17.69 53.62
CA LYS K 281 -43.73 -18.55 53.92
C LYS K 281 -43.46 -19.53 55.05
N GLY K 282 -42.36 -20.25 54.97
CA GLY K 282 -42.03 -21.27 55.94
C GLY K 282 -41.37 -20.74 57.20
N ASP K 283 -40.55 -21.59 57.83
CA ASP K 283 -39.82 -21.21 59.02
C ASP K 283 -38.73 -20.19 58.70
N VAL K 284 -38.59 -19.19 59.55
CA VAL K 284 -37.57 -18.16 59.38
C VAL K 284 -36.25 -18.60 60.01
N LYS K 285 -35.20 -18.66 59.20
CA LYS K 285 -33.90 -19.11 59.66
C LYS K 285 -32.85 -18.01 59.64
N LYS K 286 -33.21 -16.87 59.02
CA LYS K 286 -32.30 -15.73 58.96
C LYS K 286 -33.07 -14.41 58.96
N LYS K 287 -32.69 -13.51 59.86
CA LYS K 287 -33.32 -12.21 59.95
C LYS K 287 -32.35 -11.09 59.58
N ILE K 288 -32.70 -10.32 58.56
CA ILE K 288 -31.84 -9.26 58.04
C ILE K 288 -32.53 -7.90 58.07
N ALA K 289 -31.78 -6.88 58.44
CA ALA K 289 -32.30 -5.51 58.41
C ALA K 289 -31.48 -4.67 57.43
N LEU K 290 -32.15 -4.09 56.44
CA LEU K 290 -31.49 -3.24 55.46
C LEU K 290 -31.82 -1.77 55.70
N VAL K 291 -30.80 -1.00 56.04
CA VAL K 291 -30.97 0.42 56.35
C VAL K 291 -30.43 1.31 55.23
N GLY K 292 -31.24 2.25 54.76
CA GLY K 292 -30.81 3.14 53.70
C GLY K 292 -30.90 4.60 54.08
N LYS K 293 -29.85 5.35 53.81
CA LYS K 293 -29.86 6.80 54.04
C LYS K 293 -30.88 7.45 53.13
N GLY K 294 -31.84 8.15 53.72
CA GLY K 294 -32.91 8.75 52.95
C GLY K 294 -33.05 10.26 53.14
N ILE K 295 -32.04 11.00 52.72
CA ILE K 295 -32.11 12.45 52.74
C ILE K 295 -32.57 12.96 51.38
N THR K 296 -33.84 13.35 51.30
CA THR K 296 -34.46 13.75 50.03
C THR K 296 -33.76 14.95 49.39
N PHE K 297 -33.26 15.85 50.23
CA PHE K 297 -32.39 16.92 49.76
C PHE K 297 -31.43 17.33 50.85
N ASP K 298 -30.17 17.53 50.48
CA ASP K 298 -29.14 17.91 51.44
C ASP K 298 -28.50 19.24 51.06
N SER K 299 -28.97 20.32 51.66
CA SER K 299 -28.38 21.63 51.44
C SER K 299 -27.10 21.77 52.23
N GLY K 300 -26.93 20.90 53.22
CA GLY K 300 -25.79 20.95 54.11
C GLY K 300 -26.17 21.61 55.43
N GLY K 301 -27.37 22.17 55.47
CA GLY K 301 -27.84 22.89 56.64
C GLY K 301 -27.10 24.20 56.78
N TYR K 302 -26.91 24.65 58.02
CA TYR K 302 -26.19 25.90 58.27
C TYR K 302 -24.72 25.77 57.87
N ASN K 303 -24.23 24.53 57.81
CA ASN K 303 -22.96 24.25 57.13
C ASN K 303 -23.21 24.10 55.64
N LEU K 304 -23.75 25.16 55.03
CA LEU K 304 -24.23 25.13 53.65
C LEU K 304 -23.17 24.68 52.65
N LYS K 305 -23.59 23.86 51.70
CA LYS K 305 -22.73 23.45 50.59
C LYS K 305 -22.50 24.63 49.65
N ALA K 306 -21.67 25.57 50.09
CA ALA K 306 -21.41 26.78 49.32
C ALA K 306 -20.02 26.78 48.72
N ALA K 307 -19.21 25.79 49.12
CA ALA K 307 -17.85 25.66 48.62
C ALA K 307 -17.85 25.21 47.16
N PRO K 308 -16.82 25.60 46.40
CA PRO K 308 -16.69 25.14 45.01
C PRO K 308 -16.50 23.63 44.91
N GLY K 309 -17.35 22.97 44.13
CA GLY K 309 -17.27 21.53 43.96
C GLY K 309 -18.08 20.76 44.99
N SER K 310 -18.88 21.48 45.77
CA SER K 310 -19.72 20.85 46.78
C SER K 310 -20.99 20.27 46.17
N MET K 311 -21.25 20.61 44.90
CA MET K 311 -22.27 19.94 44.10
C MET K 311 -23.68 20.01 44.68
N ILE K 312 -24.08 21.16 45.21
CA ILE K 312 -25.35 21.27 45.91
C ILE K 312 -26.57 20.96 45.03
N ASP K 313 -26.42 21.09 43.71
CA ASP K 313 -27.55 20.91 42.80
C ASP K 313 -27.78 19.44 42.45
N LEU K 314 -26.93 18.56 42.96
CA LEU K 314 -27.07 17.14 42.71
C LEU K 314 -27.54 16.43 43.98
N MET K 315 -27.71 17.21 45.04
CA MET K 315 -28.01 16.65 46.36
C MET K 315 -29.45 16.15 46.53
N LYS K 316 -30.12 15.91 45.40
CA LYS K 316 -31.39 15.21 45.41
C LYS K 316 -31.11 13.71 45.50
N PHE K 317 -29.86 13.35 45.28
CA PHE K 317 -29.44 11.95 45.20
C PHE K 317 -29.01 11.42 46.56
N ASP K 318 -29.06 12.28 47.57
CA ASP K 318 -28.66 11.92 48.93
C ASP K 318 -29.69 10.99 49.58
N MET K 319 -30.47 10.32 48.75
CA MET K 319 -31.52 9.40 49.16
C MET K 319 -31.31 8.07 48.45
N SER K 320 -30.21 7.96 47.72
CA SER K 320 -29.91 6.81 46.89
C SER K 320 -29.87 5.52 47.70
N GLY K 321 -29.39 5.63 48.95
CA GLY K 321 -29.37 4.49 49.85
C GLY K 321 -30.77 3.97 50.11
N CYS K 322 -31.70 4.89 50.31
CA CYS K 322 -33.10 4.53 50.53
C CYS K 322 -33.70 3.88 49.29
N ALA K 323 -33.39 4.44 48.13
CA ALA K 323 -33.88 3.89 46.86
C ALA K 323 -33.34 2.49 46.63
N ALA K 324 -32.07 2.29 46.98
CA ALA K 324 -31.44 0.98 46.84
C ALA K 324 -32.16 -0.05 47.69
N VAL K 325 -32.53 0.34 48.91
CA VAL K 325 -33.24 -0.54 49.82
C VAL K 325 -34.65 -0.85 49.29
N LEU K 326 -35.32 0.17 48.78
CA LEU K 326 -36.67 0.00 48.23
C LEU K 326 -36.65 -0.81 46.95
N GLY K 327 -35.63 -0.61 46.12
CA GLY K 327 -35.47 -1.39 44.90
C GLY K 327 -35.24 -2.85 45.23
N CYS K 328 -34.49 -3.08 46.31
CA CYS K 328 -34.24 -4.43 46.80
C CYS K 328 -35.54 -5.05 47.30
N ALA K 329 -36.39 -4.22 47.90
CA ALA K 329 -37.68 -4.66 48.41
C ALA K 329 -38.56 -5.16 47.28
N TYR K 330 -38.48 -4.50 46.13
CA TYR K 330 -39.21 -4.95 44.95
C TYR K 330 -38.74 -6.34 44.52
N CYS K 331 -37.44 -6.50 44.39
CA CYS K 331 -36.84 -7.75 43.93
C CYS K 331 -37.17 -8.90 44.87
N VAL K 332 -36.97 -8.68 46.17
CA VAL K 332 -37.27 -9.71 47.16
C VAL K 332 -38.77 -10.05 47.15
N GLY K 333 -39.60 -9.02 46.99
CA GLY K 333 -41.03 -9.21 46.94
C GLY K 333 -41.50 -9.93 45.68
N THR K 334 -40.66 -9.90 44.66
CA THR K 334 -41.01 -10.53 43.38
C THR K 334 -40.51 -11.97 43.30
N LEU K 335 -39.27 -12.17 43.70
CA LEU K 335 -38.64 -13.49 43.61
C LEU K 335 -39.00 -14.36 44.80
N LYS K 336 -39.45 -13.73 45.87
CA LYS K 336 -39.94 -14.42 47.07
C LYS K 336 -38.98 -15.49 47.60
N PRO K 337 -37.87 -15.07 48.23
CA PRO K 337 -36.93 -16.01 48.83
C PRO K 337 -37.57 -16.75 50.00
N GLU K 338 -36.89 -17.77 50.52
CA GLU K 338 -37.46 -18.58 51.58
C GLU K 338 -36.56 -18.64 52.81
N ASN K 339 -37.18 -18.89 53.96
CA ASN K 339 -36.50 -19.02 55.24
C ASN K 339 -35.75 -17.75 55.67
N VAL K 340 -36.21 -16.61 55.17
CA VAL K 340 -35.64 -15.32 55.56
C VAL K 340 -36.72 -14.31 55.94
N GLU K 341 -36.36 -13.37 56.80
CA GLU K 341 -37.23 -12.26 57.16
C GLU K 341 -36.46 -10.95 57.02
N ILE K 342 -36.84 -10.14 56.04
CA ILE K 342 -36.09 -8.92 55.74
C ILE K 342 -36.85 -7.66 56.15
N HIS K 343 -36.16 -6.77 56.85
CA HIS K 343 -36.72 -5.49 57.23
C HIS K 343 -36.09 -4.36 56.41
N PHE K 344 -36.92 -3.64 55.67
CA PHE K 344 -36.45 -2.54 54.83
C PHE K 344 -36.69 -1.22 55.55
N LEU K 345 -35.60 -0.55 55.92
CA LEU K 345 -35.69 0.65 56.76
C LEU K 345 -35.07 1.89 56.13
N SER K 346 -35.61 3.06 56.48
CA SER K 346 -35.03 4.33 56.08
C SER K 346 -35.58 5.48 56.92
N ALA K 347 -34.69 6.17 57.61
CA ALA K 347 -35.04 7.37 58.35
C ALA K 347 -35.02 8.57 57.41
N VAL K 348 -36.17 8.87 56.82
CA VAL K 348 -36.25 9.85 55.75
C VAL K 348 -36.56 11.26 56.25
N CYS K 349 -35.75 12.22 55.81
CA CYS K 349 -35.98 13.63 56.13
C CYS K 349 -35.33 14.55 55.10
N GLU K 350 -35.17 15.82 55.49
CA GLU K 350 -34.60 16.83 54.60
C GLU K 350 -33.71 17.77 55.41
N ASN K 351 -32.53 18.09 54.86
CA ASN K 351 -31.56 18.92 55.57
C ASN K 351 -31.54 20.36 55.04
N MET K 352 -32.38 21.21 55.62
CA MET K 352 -32.57 22.57 55.10
C MET K 352 -32.10 23.65 56.05
N VAL K 353 -32.09 24.89 55.56
CA VAL K 353 -31.72 26.05 56.37
C VAL K 353 -32.97 26.82 56.76
N SER K 354 -33.15 27.04 58.05
CA SER K 354 -34.36 27.66 58.56
C SER K 354 -34.12 28.29 59.93
N LYS K 355 -35.13 28.97 60.46
CA LYS K 355 -35.09 29.43 61.84
C LYS K 355 -35.26 28.19 62.73
N ASN K 356 -35.64 27.09 62.11
CA ASN K 356 -36.01 25.86 62.80
C ASN K 356 -34.89 24.84 62.83
N SER K 357 -33.88 25.06 61.99
CA SER K 357 -32.81 24.07 61.79
C SER K 357 -31.98 23.85 63.04
N TYR K 358 -31.23 22.75 63.06
CA TYR K 358 -30.25 22.52 64.12
C TYR K 358 -28.94 23.18 63.76
N ARG K 359 -28.23 23.67 64.76
CA ARG K 359 -27.04 24.47 64.56
C ARG K 359 -25.76 23.68 64.71
N PRO K 360 -24.67 24.16 64.11
CA PRO K 360 -23.35 23.62 64.46
C PRO K 360 -23.06 23.85 65.94
N GLY K 361 -22.67 22.79 66.65
CA GLY K 361 -22.37 22.89 68.06
C GLY K 361 -23.43 22.29 68.96
N ASP K 362 -24.62 22.10 68.41
CA ASP K 362 -25.74 21.54 69.16
C ASP K 362 -25.42 20.14 69.70
N ILE K 363 -25.77 19.90 70.96
CA ILE K 363 -25.63 18.58 71.54
C ILE K 363 -26.98 17.89 71.55
N ILE K 364 -27.07 16.77 70.83
CA ILE K 364 -28.31 16.04 70.66
C ILE K 364 -28.21 14.63 71.26
N THR K 365 -29.35 13.98 71.43
CA THR K 365 -29.39 12.68 72.09
C THR K 365 -30.05 11.61 71.22
N ALA K 366 -29.30 10.54 70.93
CA ALA K 366 -29.82 9.45 70.13
C ALA K 366 -30.74 8.56 70.96
N SER K 367 -31.44 7.64 70.29
CA SER K 367 -32.43 6.80 70.95
C SER K 367 -31.82 5.70 71.81
N ASN K 368 -30.49 5.68 71.90
CA ASN K 368 -29.81 4.74 72.77
C ASN K 368 -29.21 5.45 73.98
N GLY K 369 -29.48 6.75 74.08
CA GLY K 369 -29.05 7.53 75.23
C GLY K 369 -27.75 8.29 75.01
N LYS K 370 -27.09 8.04 73.88
CA LYS K 370 -25.83 8.69 73.57
C LYS K 370 -26.03 10.16 73.21
N THR K 371 -25.27 11.04 73.85
CA THR K 371 -25.30 12.45 73.51
C THR K 371 -24.23 12.77 72.47
N ILE K 372 -24.60 13.56 71.47
CA ILE K 372 -23.73 13.84 70.33
C ILE K 372 -23.52 15.34 70.13
N GLU K 373 -22.27 15.77 70.08
CA GLU K 373 -21.98 17.16 69.73
C GLU K 373 -21.81 17.30 68.22
N VAL K 374 -22.69 18.09 67.60
CA VAL K 374 -22.65 18.32 66.17
C VAL K 374 -21.52 19.28 65.81
N GLY K 375 -20.63 18.86 64.91
CA GLY K 375 -19.54 19.70 64.47
C GLY K 375 -19.77 20.25 63.08
N ASN K 376 -20.64 19.57 62.33
CA ASN K 376 -20.92 19.95 60.95
C ASN K 376 -22.30 19.45 60.54
N THR K 377 -23.21 20.38 60.27
CA THR K 377 -24.59 20.03 59.95
C THR K 377 -24.72 19.37 58.58
N ASP K 378 -23.62 19.34 57.83
CA ASP K 378 -23.60 18.66 56.53
C ASP K 378 -23.28 17.18 56.73
N ALA K 379 -22.87 16.82 57.93
CA ALA K 379 -22.67 15.42 58.27
C ALA K 379 -23.93 14.86 58.93
N GLU K 380 -25.05 15.01 58.23
CA GLU K 380 -26.36 14.69 58.79
C GLU K 380 -26.72 13.22 58.62
N GLY K 381 -26.13 12.57 57.63
CA GLY K 381 -26.46 11.19 57.31
C GLY K 381 -26.21 10.23 58.45
N ARG K 382 -25.07 10.39 59.11
CA ARG K 382 -24.70 9.49 60.21
C ARG K 382 -25.59 9.69 61.42
N LEU K 383 -26.20 10.87 61.53
CA LEU K 383 -27.11 11.16 62.63
C LEU K 383 -28.43 10.42 62.43
N THR K 384 -28.94 10.43 61.20
CA THR K 384 -30.16 9.70 60.87
C THR K 384 -29.88 8.20 60.90
N LEU K 385 -28.73 7.79 60.38
CA LEU K 385 -28.33 6.40 60.37
C LEU K 385 -28.15 5.86 61.78
N ALA K 386 -27.73 6.72 62.70
CA ALA K 386 -27.51 6.33 64.09
C ALA K 386 -28.79 5.80 64.73
N ASP K 387 -29.85 6.59 64.68
CA ASP K 387 -31.12 6.19 65.26
C ASP K 387 -31.77 5.06 64.47
N ALA K 388 -31.48 5.01 63.18
CA ALA K 388 -31.98 3.94 62.33
C ALA K 388 -31.31 2.62 62.71
N LEU K 389 -30.02 2.68 63.05
CA LEU K 389 -29.27 1.49 63.42
C LEU K 389 -29.70 0.96 64.79
N VAL K 390 -29.97 1.87 65.71
CA VAL K 390 -30.48 1.49 67.04
C VAL K 390 -31.84 0.80 66.89
N TYR K 391 -32.69 1.39 66.06
CA TYR K 391 -34.00 0.82 65.76
C TYR K 391 -33.88 -0.56 65.14
N ALA K 392 -32.90 -0.73 64.27
CA ALA K 392 -32.70 -1.99 63.55
C ALA K 392 -32.27 -3.11 64.49
N GLU K 393 -31.31 -2.84 65.37
CA GLU K 393 -30.80 -3.85 66.27
C GLU K 393 -31.86 -4.31 67.28
N LYS K 394 -32.83 -3.44 67.55
CA LYS K 394 -33.92 -3.76 68.46
C LYS K 394 -34.88 -4.78 67.84
N LEU K 395 -34.77 -4.98 66.52
CA LEU K 395 -35.60 -5.96 65.82
C LEU K 395 -35.10 -7.38 66.07
N GLY K 396 -33.91 -7.49 66.64
CA GLY K 396 -33.33 -8.80 66.93
C GLY K 396 -32.98 -9.56 65.67
N VAL K 397 -32.15 -8.97 64.82
CA VAL K 397 -31.80 -9.57 63.55
C VAL K 397 -30.41 -10.19 63.59
N ASP K 398 -30.09 -10.94 62.53
CA ASP K 398 -28.77 -11.57 62.41
C ASP K 398 -27.79 -10.62 61.74
N TYR K 399 -28.22 -9.99 60.65
CA TYR K 399 -27.37 -9.06 59.90
C TYR K 399 -28.01 -7.69 59.76
N ILE K 400 -27.23 -6.65 60.04
CA ILE K 400 -27.64 -5.29 59.69
C ILE K 400 -26.71 -4.75 58.62
N VAL K 401 -27.28 -4.33 57.50
CA VAL K 401 -26.50 -3.72 56.43
C VAL K 401 -27.05 -2.35 56.09
N ASP K 402 -26.21 -1.33 56.14
CA ASP K 402 -26.64 -0.01 55.71
C ASP K 402 -25.88 0.46 54.47
N ILE K 403 -26.62 1.09 53.57
CA ILE K 403 -26.05 1.62 52.33
C ILE K 403 -26.38 3.11 52.24
N ALA K 404 -25.37 3.92 51.94
CA ALA K 404 -25.53 5.37 52.07
C ALA K 404 -24.56 6.19 51.23
N THR K 405 -25.00 7.38 50.86
CA THR K 405 -24.12 8.38 50.24
C THR K 405 -23.57 9.27 51.35
N LEU K 406 -22.58 8.75 52.06
CA LEU K 406 -22.20 9.32 53.35
C LEU K 406 -21.04 10.32 53.30
N THR K 407 -19.96 9.97 52.59
CA THR K 407 -18.78 10.83 52.57
C THR K 407 -18.27 11.12 51.17
N GLY K 408 -17.95 12.39 50.91
CA GLY K 408 -17.40 12.80 49.64
C GLY K 408 -15.98 12.29 49.47
N ALA K 409 -15.34 11.94 50.58
CA ALA K 409 -13.97 11.44 50.58
C ALA K 409 -13.83 10.18 49.73
N MET K 410 -14.95 9.47 49.55
CA MET K 410 -14.97 8.26 48.73
C MET K 410 -14.50 8.53 47.30
N LEU K 411 -14.74 9.75 46.82
CA LEU K 411 -14.32 10.16 45.49
C LEU K 411 -12.79 10.16 45.37
N TYR K 412 -12.11 10.23 46.52
CA TYR K 412 -10.66 10.31 46.53
C TYR K 412 -10.01 8.97 46.86
N SER K 413 -10.78 8.05 47.42
CA SER K 413 -10.26 6.74 47.76
C SER K 413 -10.52 5.72 46.65
N LEU K 414 -11.79 5.43 46.40
CA LEU K 414 -12.14 4.42 45.41
C LEU K 414 -12.63 5.04 44.11
N GLY K 415 -13.16 6.26 44.19
CA GLY K 415 -13.63 6.95 43.01
C GLY K 415 -15.10 6.70 42.70
N THR K 416 -15.43 6.65 41.42
CA THR K 416 -16.82 6.59 40.98
C THR K 416 -17.27 5.20 40.54
N SER K 417 -16.43 4.20 40.71
CA SER K 417 -16.76 2.85 40.26
C SER K 417 -16.97 1.87 41.42
N TYR K 418 -16.10 1.94 42.43
CA TYR K 418 -16.16 1.01 43.55
C TYR K 418 -16.72 1.69 44.79
N ALA K 419 -17.72 1.07 45.39
CA ALA K 419 -18.22 1.54 46.68
C ALA K 419 -17.34 0.99 47.79
N GLY K 420 -17.33 1.66 48.93
CA GLY K 420 -16.59 1.18 50.07
C GLY K 420 -17.51 0.36 50.97
N VAL K 421 -16.97 -0.68 51.58
CA VAL K 421 -17.72 -1.42 52.57
C VAL K 421 -16.93 -1.52 53.88
N PHE K 422 -17.57 -1.11 54.96
CA PHE K 422 -16.98 -1.17 56.29
C PHE K 422 -17.83 -2.10 57.12
N GLY K 423 -17.30 -2.59 58.24
CA GLY K 423 -18.06 -3.49 59.09
C GLY K 423 -17.36 -3.91 60.37
N ASN K 424 -18.10 -4.59 61.24
CA ASN K 424 -17.54 -5.08 62.49
C ASN K 424 -17.42 -6.61 62.49
N ASN K 425 -17.77 -7.21 61.36
CA ASN K 425 -17.81 -8.68 61.26
C ASN K 425 -17.27 -9.15 59.91
N GLU K 426 -16.22 -9.97 59.94
CA GLU K 426 -15.55 -10.41 58.72
C GLU K 426 -16.43 -11.30 57.86
N GLU K 427 -17.27 -12.11 58.50
CA GLU K 427 -18.17 -13.01 57.77
C GLU K 427 -19.16 -12.21 56.93
N LEU K 428 -19.79 -11.22 57.55
CA LEU K 428 -20.76 -10.37 56.85
C LEU K 428 -20.10 -9.61 55.71
N ILE K 429 -18.90 -9.10 55.96
CA ILE K 429 -18.14 -8.37 54.96
C ILE K 429 -17.85 -9.22 53.73
N ASN K 430 -17.40 -10.45 53.96
CA ASN K 430 -17.09 -11.37 52.86
C ASN K 430 -18.35 -11.81 52.12
N LYS K 431 -19.48 -11.83 52.82
CA LYS K 431 -20.75 -12.15 52.19
C LYS K 431 -21.13 -11.06 51.18
N ILE K 432 -20.93 -9.82 51.57
CA ILE K 432 -21.23 -8.68 50.71
C ILE K 432 -20.24 -8.61 49.55
N LEU K 433 -18.99 -8.94 49.82
CA LEU K 433 -17.98 -9.00 48.77
C LEU K 433 -18.32 -10.08 47.75
N GLN K 434 -18.80 -11.22 48.24
CA GLN K 434 -19.26 -12.29 47.36
C GLN K 434 -20.48 -11.84 46.57
N SER K 435 -21.37 -11.11 47.25
CA SER K 435 -22.56 -10.57 46.62
C SER K 435 -22.19 -9.56 45.54
N SER K 436 -21.09 -8.84 45.77
CA SER K 436 -20.60 -7.85 44.82
C SER K 436 -20.09 -8.51 43.55
N LYS K 437 -19.54 -9.72 43.69
CA LYS K 437 -18.99 -10.43 42.56
C LYS K 437 -20.08 -11.02 41.66
N THR K 438 -21.15 -11.52 42.29
CA THR K 438 -22.23 -12.14 41.53
C THR K 438 -23.21 -11.11 40.96
N SER K 439 -23.35 -9.98 41.65
CA SER K 439 -24.23 -8.92 41.18
C SER K 439 -23.50 -8.01 40.18
N ASN K 440 -22.18 -8.10 40.20
CA ASN K 440 -21.30 -7.26 39.39
C ASN K 440 -21.46 -5.76 39.67
N GLU K 441 -21.87 -5.45 40.90
CA GLU K 441 -21.78 -4.08 41.40
C GLU K 441 -20.56 -4.00 42.31
N PRO K 442 -19.43 -3.53 41.75
CA PRO K 442 -18.10 -3.61 42.36
C PRO K 442 -17.99 -2.88 43.71
N VAL K 443 -17.61 -3.62 44.74
CA VAL K 443 -17.41 -3.06 46.07
C VAL K 443 -16.03 -3.46 46.59
N TRP K 444 -15.37 -2.56 47.30
CA TRP K 444 -14.06 -2.85 47.87
C TRP K 444 -14.05 -2.65 49.39
N TRP K 445 -13.41 -3.58 50.09
CA TRP K 445 -13.34 -3.55 51.55
C TRP K 445 -12.35 -2.49 52.04
N LEU K 446 -12.83 -1.60 52.91
CA LEU K 446 -11.99 -0.60 53.55
C LEU K 446 -11.97 -0.83 55.06
N PRO K 447 -10.89 -0.41 55.73
CA PRO K 447 -10.73 -0.75 57.15
C PRO K 447 -11.35 0.26 58.11
N ILE K 448 -11.88 -0.25 59.22
CA ILE K 448 -12.24 0.60 60.34
C ILE K 448 -11.03 0.68 61.27
N ILE K 449 -10.30 1.78 61.19
CA ILE K 449 -9.05 1.95 61.92
C ILE K 449 -9.29 2.50 63.32
N ASN K 450 -9.15 1.63 64.32
CA ASN K 450 -9.49 1.96 65.70
C ASN K 450 -8.61 3.05 66.32
N GLU K 451 -7.44 3.30 65.73
CA GLU K 451 -6.55 4.33 66.24
C GLU K 451 -7.19 5.72 66.10
N TYR K 452 -8.11 5.85 65.15
CA TYR K 452 -8.76 7.13 64.89
C TYR K 452 -9.95 7.39 65.81
N ARG K 453 -10.29 6.42 66.65
CA ARG K 453 -11.46 6.50 67.52
C ARG K 453 -11.38 7.66 68.51
N ALA K 454 -10.18 7.94 69.00
CA ALA K 454 -9.99 8.94 70.05
C ALA K 454 -10.32 10.37 69.59
N THR K 455 -10.49 10.56 68.29
CA THR K 455 -10.80 11.89 67.76
C THR K 455 -12.28 12.23 67.89
N LEU K 456 -13.10 11.21 68.11
CA LEU K 456 -14.53 11.41 68.26
C LEU K 456 -14.91 11.66 69.72
N ASN K 457 -13.90 11.76 70.58
CA ASN K 457 -14.12 12.06 71.98
C ASN K 457 -14.46 13.53 72.19
N SER K 458 -15.72 13.79 72.52
CA SER K 458 -16.17 15.15 72.79
C SER K 458 -15.72 15.60 74.18
N LYS K 459 -15.60 16.90 74.37
CA LYS K 459 -15.29 17.46 75.68
C LYS K 459 -16.54 17.46 76.56
N TYR K 460 -17.70 17.53 75.92
CA TYR K 460 -18.96 17.70 76.63
C TYR K 460 -19.97 16.60 76.37
N ALA K 461 -20.00 16.09 75.15
CA ALA K 461 -20.91 15.00 74.80
C ALA K 461 -20.22 13.66 74.97
N ASP K 462 -20.98 12.57 74.80
CA ASP K 462 -20.41 11.23 74.85
C ASP K 462 -19.50 10.99 73.66
N ILE K 463 -19.85 11.58 72.52
CA ILE K 463 -19.10 11.37 71.30
C ILE K 463 -19.29 12.53 70.32
N ASN K 464 -18.24 12.81 69.54
CA ASN K 464 -18.33 13.80 68.48
C ASN K 464 -19.00 13.22 67.24
N GLN K 465 -19.68 14.09 66.49
CA GLN K 465 -20.30 13.69 65.23
C GLN K 465 -19.23 13.50 64.17
N ILE K 466 -18.26 14.42 64.13
CA ILE K 466 -17.18 14.36 63.17
C ILE K 466 -15.81 14.56 63.82
N SER K 467 -14.77 14.42 63.03
CA SER K 467 -13.42 14.69 63.48
C SER K 467 -13.03 16.13 63.13
N SER K 468 -12.43 16.85 64.07
CA SER K 468 -11.97 18.21 63.83
C SER K 468 -10.86 18.25 62.75
N SER K 469 -10.38 17.05 62.38
CA SER K 469 -9.71 16.65 61.13
C SER K 469 -8.56 15.73 61.48
N VAL K 470 -8.91 14.46 61.68
CA VAL K 470 -7.94 13.39 61.59
C VAL K 470 -8.50 12.40 60.58
N LYS K 471 -9.11 12.97 59.54
CA LYS K 471 -9.96 12.25 58.60
C LYS K 471 -9.46 12.43 57.18
N ALA K 472 -9.50 11.42 56.31
CA ALA K 472 -10.02 10.04 56.51
C ALA K 472 -11.47 9.96 57.01
N SER K 473 -12.35 10.71 56.35
CA SER K 473 -13.72 10.87 56.81
C SER K 473 -14.58 9.62 56.69
N SER K 474 -14.31 8.79 55.68
CA SER K 474 -15.07 7.57 55.47
C SER K 474 -14.83 6.57 56.60
N ILE K 475 -13.59 6.54 57.09
CA ILE K 475 -13.23 5.69 58.21
C ILE K 475 -13.80 6.25 59.51
N VAL K 476 -13.66 7.56 59.70
CA VAL K 476 -14.16 8.23 60.88
C VAL K 476 -15.68 8.09 61.00
N ALA K 477 -16.38 8.28 59.89
CA ALA K 477 -17.83 8.15 59.87
C ALA K 477 -18.25 6.71 60.18
N SER K 478 -17.48 5.75 59.69
CA SER K 478 -17.74 4.35 59.96
C SER K 478 -17.53 4.04 61.45
N LEU K 479 -16.51 4.65 62.03
CA LEU K 479 -16.25 4.53 63.46
C LEU K 479 -17.43 5.07 64.27
N PHE K 480 -18.00 6.16 63.80
CA PHE K 480 -19.15 6.78 64.45
C PHE K 480 -20.36 5.86 64.43
N LEU K 481 -20.62 5.27 63.26
CA LEU K 481 -21.76 4.37 63.09
C LEU K 481 -21.58 3.09 63.91
N LYS K 482 -20.33 2.71 64.14
CA LYS K 482 -20.01 1.50 64.88
C LYS K 482 -20.45 1.59 66.33
N GLU K 483 -20.56 2.82 66.84
CA GLU K 483 -20.96 3.04 68.23
C GLU K 483 -22.44 2.78 68.46
N PHE K 484 -23.21 2.70 67.37
CA PHE K 484 -24.66 2.55 67.48
C PHE K 484 -25.13 1.15 67.09
N VAL K 485 -24.20 0.20 67.10
CA VAL K 485 -24.52 -1.22 67.00
C VAL K 485 -23.72 -1.97 68.06
N GLN K 486 -24.41 -2.51 69.05
CA GLN K 486 -23.74 -3.08 70.22
C GLN K 486 -23.37 -4.55 70.05
N ASN K 487 -24.34 -5.38 69.71
CA ASN K 487 -24.10 -6.83 69.63
C ASN K 487 -24.71 -7.47 68.40
N THR K 488 -24.39 -6.94 67.22
CA THR K 488 -24.92 -7.48 65.98
C THR K 488 -23.93 -7.30 64.83
N ALA K 489 -23.80 -8.33 63.99
CA ALA K 489 -22.98 -8.24 62.79
C ALA K 489 -23.52 -7.14 61.88
N TRP K 490 -22.69 -6.11 61.67
CA TRP K 490 -23.13 -4.94 60.91
C TRP K 490 -22.09 -4.52 59.88
N ALA K 491 -22.57 -4.16 58.69
CA ALA K 491 -21.69 -3.68 57.63
C ALA K 491 -22.24 -2.41 56.99
N HIS K 492 -21.33 -1.55 56.55
CA HIS K 492 -21.69 -0.22 56.07
C HIS K 492 -21.13 0.04 54.67
N ILE K 493 -22.02 0.24 53.70
CA ILE K 493 -21.61 0.49 52.33
C ILE K 493 -21.75 1.97 51.97
N ASP K 494 -20.64 2.60 51.63
CA ASP K 494 -20.62 4.01 51.25
C ASP K 494 -20.68 4.15 49.73
N ILE K 495 -21.83 4.61 49.22
CA ILE K 495 -22.02 4.72 47.78
C ILE K 495 -22.03 6.17 47.31
N ALA K 496 -21.47 7.06 48.11
CA ALA K 496 -21.46 8.48 47.77
C ALA K 496 -20.72 8.75 46.47
N GLY K 497 -19.66 7.98 46.23
CA GLY K 497 -18.83 8.19 45.05
C GLY K 497 -19.37 7.56 43.78
N VAL K 498 -20.18 6.51 43.92
CA VAL K 498 -20.56 5.70 42.77
C VAL K 498 -22.03 5.84 42.36
N SER K 499 -22.82 6.52 43.17
CA SER K 499 -24.27 6.55 42.95
C SER K 499 -24.69 7.28 41.67
N TRP K 500 -23.96 8.32 41.31
CA TRP K 500 -24.37 9.15 40.18
C TRP K 500 -23.48 8.95 38.96
N ASN K 501 -24.11 8.67 37.82
CA ASN K 501 -23.43 8.55 36.54
C ASN K 501 -23.25 9.91 35.89
N PHE K 502 -22.14 10.57 36.20
CA PHE K 502 -21.89 11.93 35.71
C PHE K 502 -21.76 11.97 34.19
N LYS K 503 -21.24 10.91 33.60
CA LYS K 503 -21.06 10.86 32.15
C LYS K 503 -22.40 10.84 31.43
N ALA K 504 -23.34 10.05 31.95
CA ALA K 504 -24.65 9.92 31.32
C ALA K 504 -25.70 10.81 32.00
N ARG K 505 -25.30 11.49 33.07
CA ARG K 505 -26.15 12.44 33.78
C ARG K 505 -27.44 11.79 34.31
N LYS K 506 -27.28 10.75 35.11
CA LYS K 506 -28.42 10.00 35.65
C LYS K 506 -27.97 9.11 36.80
N PRO K 507 -28.92 8.63 37.62
CA PRO K 507 -28.51 7.71 38.70
C PRO K 507 -28.04 6.37 38.16
N LYS K 508 -27.31 5.62 38.98
CA LYS K 508 -26.90 4.27 38.61
C LYS K 508 -27.91 3.25 39.10
N GLY K 509 -28.65 3.60 40.14
CA GLY K 509 -29.50 2.65 40.83
C GLY K 509 -28.61 1.64 41.54
N PHE K 510 -27.41 2.10 41.92
CA PHE K 510 -26.39 1.23 42.51
C PHE K 510 -26.83 0.66 43.84
N GLY K 511 -26.60 -0.64 44.03
CA GLY K 511 -26.86 -1.27 45.31
C GLY K 511 -27.99 -2.27 45.32
N VAL K 512 -28.99 -2.06 44.46
CA VAL K 512 -30.17 -2.91 44.44
C VAL K 512 -29.83 -4.38 44.20
N ARG K 513 -29.13 -4.65 43.11
CA ARG K 513 -28.76 -6.01 42.75
C ARG K 513 -27.75 -6.60 43.74
N LEU K 514 -26.94 -5.74 44.33
CA LEU K 514 -25.99 -6.15 45.36
C LEU K 514 -26.73 -6.64 46.59
N LEU K 515 -27.67 -5.84 47.07
CA LEU K 515 -28.45 -6.18 48.25
C LEU K 515 -29.30 -7.41 48.02
N THR K 516 -29.84 -7.55 46.80
CA THR K 516 -30.71 -8.68 46.47
C THR K 516 -29.92 -10.00 46.45
N GLU K 517 -28.74 -9.97 45.82
CA GLU K 517 -27.88 -11.15 45.77
C GLU K 517 -27.49 -11.58 47.19
N PHE K 518 -27.27 -10.60 48.05
CA PHE K 518 -26.95 -10.85 49.45
C PHE K 518 -28.10 -11.57 50.16
N VAL K 519 -29.31 -11.10 49.93
CA VAL K 519 -30.50 -11.68 50.54
C VAL K 519 -30.77 -13.08 49.98
N LEU K 520 -30.55 -13.26 48.69
CA LEU K 520 -30.84 -14.53 48.02
C LEU K 520 -29.77 -15.58 48.28
N ASN K 521 -28.60 -15.16 48.73
CA ASN K 521 -27.50 -16.08 48.99
C ASN K 521 -26.96 -15.97 50.42
N SER L 5 -41.80 33.48 79.10
CA SER L 5 -40.53 32.88 79.53
C SER L 5 -40.52 31.38 79.26
N GLU L 6 -41.37 30.94 78.34
CA GLU L 6 -41.42 29.54 77.94
C GLU L 6 -40.65 29.32 76.64
N VAL L 7 -39.78 28.31 76.64
CA VAL L 7 -38.93 28.05 75.48
C VAL L 7 -39.69 27.33 74.37
N PRO L 8 -39.78 27.97 73.19
CA PRO L 8 -40.41 27.34 72.04
C PRO L 8 -39.62 26.14 71.55
N GLN L 9 -40.31 25.14 70.99
CA GLN L 9 -39.66 23.93 70.53
C GLN L 9 -40.09 23.56 69.12
N VAL L 10 -39.18 22.98 68.36
CA VAL L 10 -39.53 22.42 67.05
C VAL L 10 -40.03 21.00 67.24
N VAL L 11 -39.33 20.25 68.10
CA VAL L 11 -39.75 18.90 68.46
C VAL L 11 -39.78 18.77 69.98
N SER L 12 -40.47 17.74 70.48
CA SER L 12 -40.64 17.57 71.92
C SER L 12 -39.33 17.27 72.63
N LEU L 13 -38.34 16.81 71.88
CA LEU L 13 -37.06 16.42 72.46
C LEU L 13 -36.13 17.62 72.67
N ASP L 14 -36.53 18.77 72.14
CA ASP L 14 -35.75 19.99 72.30
C ASP L 14 -35.71 20.43 73.76
N PRO L 15 -34.51 20.70 74.28
CA PRO L 15 -34.32 21.16 75.66
C PRO L 15 -35.00 22.50 75.93
N THR L 16 -35.56 22.64 77.14
CA THR L 16 -36.29 23.85 77.49
C THR L 16 -35.60 24.66 78.59
N SER L 17 -34.39 24.27 78.95
CA SER L 17 -33.61 25.01 79.95
C SER L 17 -32.12 24.72 79.84
N ILE L 18 -31.32 25.56 80.49
CA ILE L 18 -29.90 25.34 80.58
C ILE L 18 -29.55 24.65 81.88
N PRO L 19 -29.04 23.41 81.79
CA PRO L 19 -28.58 22.71 82.99
C PRO L 19 -27.42 23.47 83.65
N ILE L 20 -27.61 23.87 84.90
CA ILE L 20 -26.60 24.60 85.63
C ILE L 20 -26.21 23.87 86.91
N GLU L 21 -24.91 23.66 87.10
CA GLU L 21 -24.43 23.07 88.34
C GLU L 21 -23.98 24.16 89.29
N TYR L 22 -24.77 24.42 90.32
CA TYR L 22 -24.45 25.44 91.30
C TYR L 22 -23.49 24.90 92.35
N ASN L 23 -23.81 23.73 92.88
CA ASN L 23 -22.95 23.09 93.87
C ASN L 23 -21.90 22.20 93.20
N THR L 24 -20.64 22.58 93.34
CA THR L 24 -19.54 21.86 92.72
C THR L 24 -18.70 21.16 93.79
N PRO L 25 -18.00 20.08 93.42
CA PRO L 25 -17.07 19.42 94.34
C PRO L 25 -15.99 20.37 94.86
N ILE L 26 -15.69 21.40 94.07
CA ILE L 26 -14.76 22.45 94.47
C ILE L 26 -15.26 23.15 95.74
N HIS L 27 -16.57 23.31 95.84
CA HIS L 27 -17.19 23.98 96.98
C HIS L 27 -17.10 23.16 98.28
N ASP L 28 -16.64 21.92 98.17
CA ASP L 28 -16.56 21.04 99.33
C ASP L 28 -15.13 20.90 99.85
N ILE L 29 -14.18 21.55 99.19
CA ILE L 29 -12.77 21.44 99.58
C ILE L 29 -12.42 22.43 100.70
N LYS L 30 -12.06 21.87 101.86
CA LYS L 30 -11.60 22.69 102.98
C LYS L 30 -10.17 23.14 102.75
N VAL L 31 -9.92 24.44 102.86
CA VAL L 31 -8.62 25.01 102.56
C VAL L 31 -7.93 25.55 103.81
N GLN L 32 -6.67 25.14 104.01
CA GLN L 32 -5.90 25.58 105.16
C GLN L 32 -4.55 26.20 104.72
N VAL L 33 -4.18 27.31 105.35
CA VAL L 33 -2.95 28.01 105.02
C VAL L 33 -1.99 28.04 106.20
N TYR L 34 -0.76 27.58 105.97
CA TYR L 34 0.24 27.50 107.03
C TYR L 34 1.51 28.28 106.69
N ASP L 35 2.17 28.81 107.72
CA ASP L 35 3.45 29.47 107.56
C ASP L 35 4.53 28.41 107.33
N ILE L 36 5.31 28.56 106.27
CA ILE L 36 6.25 27.52 105.87
C ILE L 36 7.48 27.45 106.79
N LYS L 37 7.52 28.32 107.80
CA LYS L 37 8.62 28.33 108.75
C LYS L 37 8.53 27.16 109.72
N GLY L 38 7.31 26.77 110.07
CA GLY L 38 7.09 25.72 111.06
C GLY L 38 7.23 24.31 110.53
N GLY L 39 7.73 24.18 109.32
CA GLY L 39 7.91 22.87 108.71
C GLY L 39 6.63 22.32 108.11
N CYS L 40 6.76 21.22 107.38
CA CYS L 40 5.62 20.61 106.71
C CYS L 40 5.17 19.33 107.40
N ASN L 41 3.86 19.08 107.36
CA ASN L 41 3.30 17.86 107.93
C ASN L 41 2.79 16.92 106.86
N VAL L 42 3.58 15.90 106.52
CA VAL L 42 3.20 14.91 105.53
C VAL L 42 2.51 13.73 106.21
N GLU L 43 1.22 13.88 106.47
CA GLU L 43 0.45 12.85 107.16
C GLU L 43 -0.37 12.02 106.18
N GLU L 44 -0.90 12.67 105.15
CA GLU L 44 -1.75 11.98 104.17
C GLU L 44 -1.80 12.71 102.85
N GLY L 45 -2.28 12.01 101.82
CA GLY L 45 -2.47 12.61 100.50
C GLY L 45 -1.19 12.98 99.77
N LEU L 46 -1.35 13.76 98.71
CA LEU L 46 -0.23 14.18 97.88
C LEU L 46 0.31 15.54 98.34
N THR L 47 1.63 15.67 98.34
CA THR L 47 2.28 16.91 98.74
C THR L 47 3.21 17.40 97.62
N ILE L 48 2.97 18.60 97.14
CA ILE L 48 3.73 19.14 96.02
C ILE L 48 4.45 20.44 96.36
N PHE L 49 5.74 20.49 96.05
CA PHE L 49 6.55 21.67 96.29
C PHE L 49 6.73 22.50 95.02
N LEU L 50 6.25 23.74 95.05
CA LEU L 50 6.48 24.66 93.94
C LEU L 50 7.85 25.30 94.10
N VAL L 51 8.81 24.84 93.30
CA VAL L 51 10.20 25.29 93.45
C VAL L 51 10.77 25.83 92.14
N ASN L 52 11.67 26.79 92.25
CA ASN L 52 12.39 27.32 91.10
C ASN L 52 13.89 27.31 91.33
N ASN L 53 14.65 27.66 90.29
CA ASN L 53 16.10 27.76 90.40
C ASN L 53 16.61 28.95 89.60
N PRO L 54 16.86 30.08 90.27
CA PRO L 54 17.45 31.25 89.61
C PRO L 54 18.83 30.94 89.06
N GLY L 55 19.04 31.21 87.77
CA GLY L 55 20.29 30.90 87.12
C GLY L 55 20.37 29.41 86.81
N LYS L 56 19.45 28.95 85.97
CA LYS L 56 19.33 27.52 85.67
C LYS L 56 18.85 27.28 84.25
N ASN L 58 16.01 23.80 82.21
CA ASN L 58 16.54 24.49 83.38
C ASN L 58 17.39 23.58 84.26
N GLY L 59 17.74 24.08 85.44
CA GLY L 59 18.63 23.37 86.35
C GLY L 59 17.92 22.50 87.36
N PRO L 60 18.68 21.98 88.34
CA PRO L 60 18.25 20.93 89.27
C PRO L 60 17.29 21.39 90.36
N VAL L 61 16.53 20.43 90.89
CA VAL L 61 15.52 20.70 91.91
C VAL L 61 16.10 20.64 93.33
N LYS L 62 15.82 21.66 94.12
CA LYS L 62 16.28 21.71 95.50
C LYS L 62 15.18 22.19 96.44
N ILE L 63 14.95 21.43 97.51
CA ILE L 63 13.89 21.74 98.47
C ILE L 63 14.48 22.37 99.73
N SER L 64 13.88 23.46 100.19
CA SER L 64 14.43 24.21 101.32
C SER L 64 13.68 23.96 102.62
N SER L 65 12.36 23.77 102.54
CA SER L 65 11.53 23.62 103.73
C SER L 65 11.85 22.34 104.50
N LYS L 66 12.12 22.49 105.80
CA LYS L 66 12.29 21.34 106.67
C LYS L 66 10.96 20.60 106.79
N VAL L 67 11.00 19.28 106.77
CA VAL L 67 9.79 18.48 106.80
C VAL L 67 9.76 17.58 108.03
N ASN L 68 8.64 17.59 108.75
CA ASN L 68 8.50 16.85 110.00
C ASN L 68 8.30 15.35 109.81
N ASP L 69 9.07 14.76 108.90
CA ASP L 69 8.99 13.32 108.65
C ASP L 69 10.33 12.80 108.15
N LYS L 70 10.93 11.92 108.94
CA LYS L 70 12.26 11.39 108.64
C LYS L 70 12.31 10.62 107.33
N GLN L 71 11.22 9.93 107.00
CA GLN L 71 11.15 9.10 105.81
C GLN L 71 11.20 9.91 104.52
N VAL L 72 10.32 10.92 104.41
CA VAL L 72 10.27 11.73 103.20
C VAL L 72 11.44 12.71 103.14
N SER L 73 12.03 13.00 104.29
CA SER L 73 13.21 13.88 104.32
C SER L 73 14.37 13.19 103.61
N GLU L 74 14.47 11.89 103.80
CA GLU L 74 15.46 11.07 103.09
C GLU L 74 15.09 10.97 101.62
N PHE L 75 13.83 11.19 101.32
CA PHE L 75 13.39 11.23 99.92
C PHE L 75 13.72 12.61 99.34
N LEU L 76 13.57 13.64 100.16
CA LEU L 76 13.75 15.02 99.72
C LEU L 76 15.20 15.52 99.81
N LYS L 77 16.14 14.65 100.18
CA LYS L 77 17.55 15.05 100.24
C LYS L 77 17.96 15.65 98.90
N ASP L 78 18.83 16.65 98.94
CA ASP L 78 19.31 17.30 97.73
C ASP L 78 19.98 16.28 96.82
N GLU L 79 20.30 15.14 97.40
CA GLU L 79 20.89 14.05 96.64
C GLU L 79 19.97 13.41 95.57
N ASN L 80 18.70 13.17 95.83
CA ASN L 80 17.96 12.57 94.70
C ASN L 80 17.40 13.72 93.86
N MET L 81 16.85 14.74 94.50
CA MET L 81 16.15 15.82 93.78
C MET L 81 17.06 16.49 92.75
N GLU L 82 18.37 16.29 92.89
CA GLU L 82 19.33 16.77 91.89
C GLU L 82 19.13 16.09 90.55
N LYS L 83 18.51 14.91 90.57
CA LYS L 83 18.27 14.13 89.35
C LYS L 83 17.04 14.62 88.58
N PHE L 84 16.42 15.69 89.07
CA PHE L 84 15.29 16.30 88.39
C PHE L 84 15.59 17.76 88.10
N ASN L 85 14.95 18.32 87.07
CA ASN L 85 15.15 19.72 86.73
C ASN L 85 13.89 20.57 86.94
N VAL L 86 14.08 21.87 87.06
CA VAL L 86 12.99 22.78 87.42
C VAL L 86 12.35 23.48 86.22
N LYS L 87 12.53 22.89 85.03
CA LYS L 87 11.91 23.42 83.82
C LYS L 87 10.42 23.66 84.05
N LEU L 88 9.92 24.81 83.61
CA LEU L 88 8.57 25.22 83.93
C LEU L 88 7.51 24.21 83.48
N GLY L 89 6.70 23.76 84.43
CA GLY L 89 5.63 22.82 84.14
C GLY L 89 6.05 21.37 84.38
N THR L 90 7.34 21.14 84.56
CA THR L 90 7.86 19.80 84.81
C THR L 90 7.45 19.32 86.20
N SER L 91 6.98 18.08 86.27
CA SER L 91 6.57 17.51 87.55
C SER L 91 6.97 16.05 87.68
N LYS L 92 7.26 15.66 88.91
CA LYS L 92 7.48 14.27 89.28
C LYS L 92 6.80 14.05 90.61
N HIS L 93 6.30 12.84 90.85
CA HIS L 93 5.73 12.52 92.16
C HIS L 93 5.77 11.02 92.42
N PHE L 94 6.27 10.66 93.59
CA PHE L 94 6.43 9.26 93.97
C PHE L 94 5.52 8.90 95.14
N TYR L 95 5.14 7.63 95.21
CA TYR L 95 4.43 7.12 96.38
C TYR L 95 5.41 6.43 97.32
N MET L 96 5.14 6.52 98.63
CA MET L 96 6.04 5.95 99.62
C MET L 96 5.35 5.82 100.98
N PHE L 97 6.09 5.32 101.96
CA PHE L 97 5.59 5.23 103.33
C PHE L 97 6.31 6.23 104.23
N ASN L 98 5.55 6.95 105.04
CA ASN L 98 6.12 7.89 106.00
C ASN L 98 6.51 7.19 107.29
N ASP L 99 6.64 7.95 108.37
CA ASP L 99 7.11 7.40 109.64
C ASP L 99 6.03 6.61 110.38
N ASN L 100 4.84 6.52 109.80
CA ASN L 100 3.74 5.80 110.44
C ASN L 100 3.19 4.69 109.56
N LYS L 101 4.00 4.28 108.58
CA LYS L 101 3.62 3.24 107.63
C LYS L 101 2.33 3.59 106.89
N ASN L 102 2.19 4.86 106.52
CA ASN L 102 1.05 5.32 105.73
C ASN L 102 1.49 5.67 104.31
N SER L 103 0.61 5.42 103.35
CA SER L 103 0.90 5.73 101.95
C SER L 103 0.77 7.22 101.69
N VAL L 104 1.86 7.85 101.26
CA VAL L 104 1.86 9.27 100.94
C VAL L 104 2.59 9.55 99.64
N ALA L 105 2.10 10.53 98.89
CA ALA L 105 2.73 10.91 97.64
C ALA L 105 3.47 12.24 97.79
N VAL L 106 4.72 12.26 97.34
CA VAL L 106 5.55 13.46 97.42
C VAL L 106 6.10 13.82 96.05
N GLY L 107 6.04 15.10 95.69
CA GLY L 107 6.55 15.55 94.41
C GLY L 107 6.73 17.05 94.31
N TYR L 108 6.98 17.52 93.10
CA TYR L 108 7.23 18.94 92.85
C TYR L 108 6.69 19.38 91.51
N VAL L 109 6.61 20.69 91.32
CA VAL L 109 6.34 21.27 90.00
C VAL L 109 7.38 22.34 89.70
N GLY L 110 8.06 22.20 88.56
CA GLY L 110 9.09 23.14 88.16
C GLY L 110 8.53 24.51 87.84
N CYS L 111 9.17 25.55 88.37
CA CYS L 111 8.70 26.92 88.19
C CYS L 111 9.69 27.79 87.43
N GLY L 112 10.63 27.16 86.73
CA GLY L 112 11.57 27.87 85.88
C GLY L 112 12.71 28.54 86.62
N SER L 113 13.30 29.54 85.98
CA SER L 113 14.46 30.24 86.53
C SER L 113 14.15 31.68 86.91
N VAL L 114 13.05 32.21 86.41
CA VAL L 114 12.63 33.57 86.73
C VAL L 114 12.01 33.61 88.13
N ALA L 115 12.44 34.59 88.93
CA ALA L 115 11.98 34.69 90.31
C ALA L 115 10.64 35.40 90.43
N ASP L 116 10.24 36.10 89.37
CA ASP L 116 8.95 36.78 89.35
C ASP L 116 8.00 36.07 88.39
N LEU L 117 7.15 35.21 88.95
CA LEU L 117 6.28 34.37 88.13
C LEU L 117 5.18 35.16 87.43
N SER L 118 5.11 35.00 86.11
CA SER L 118 4.07 35.64 85.31
C SER L 118 2.73 34.93 85.47
N GLU L 119 1.68 35.53 84.93
CA GLU L 119 0.34 34.97 85.00
C GLU L 119 0.23 33.70 84.14
N ALA L 120 0.85 33.73 82.97
CA ALA L 120 0.79 32.60 82.05
C ALA L 120 1.63 31.43 82.54
N ASP L 121 2.75 31.73 83.19
CA ASP L 121 3.64 30.70 83.71
C ASP L 121 3.01 30.01 84.92
N MET L 122 2.39 30.82 85.79
CA MET L 122 1.66 30.30 86.93
C MET L 122 0.55 29.37 86.47
N LYS L 123 -0.06 29.71 85.33
CA LYS L 123 -1.12 28.90 84.75
C LYS L 123 -0.57 27.57 84.24
N ARG L 124 0.69 27.57 83.81
CA ARG L 124 1.35 26.34 83.38
C ARG L 124 1.62 25.43 84.57
N VAL L 125 2.01 26.03 85.69
CA VAL L 125 2.26 25.29 86.92
C VAL L 125 0.99 24.60 87.41
N VAL L 126 -0.09 25.36 87.48
CA VAL L 126 -1.38 24.86 87.94
C VAL L 126 -1.87 23.69 87.10
N LEU L 127 -1.76 23.81 85.78
CA LEU L 127 -2.20 22.75 84.88
C LEU L 127 -1.42 21.47 85.09
N SER L 128 -0.11 21.59 85.29
CA SER L 128 0.73 20.43 85.59
C SER L 128 0.29 19.79 86.90
N LEU L 129 -0.01 20.63 87.89
CA LEU L 129 -0.50 20.18 89.18
C LEU L 129 -1.86 19.49 89.04
N VAL L 130 -2.72 20.08 88.21
CA VAL L 130 -4.06 19.54 87.98
C VAL L 130 -4.00 18.18 87.29
N THR L 131 -3.01 18.00 86.42
CA THR L 131 -2.79 16.72 85.74
C THR L 131 -2.63 15.60 86.76
N MET L 132 -1.84 15.85 87.80
CA MET L 132 -1.63 14.87 88.86
C MET L 132 -2.91 14.61 89.64
N LEU L 133 -3.71 15.65 89.85
CA LEU L 133 -4.97 15.52 90.58
C LEU L 133 -5.96 14.63 89.84
N HIS L 134 -6.02 14.81 88.52
CA HIS L 134 -6.94 14.02 87.69
C HIS L 134 -6.50 12.57 87.55
N ASP L 135 -5.22 12.31 87.80
CA ASP L 135 -4.68 10.97 87.60
C ASP L 135 -4.51 10.20 88.91
N ASN L 136 -5.04 10.74 89.99
CA ASN L 136 -4.83 10.15 91.32
C ASN L 136 -6.02 10.30 92.26
N LYS L 137 -6.31 9.25 93.03
CA LYS L 137 -7.38 9.29 94.02
C LYS L 137 -6.86 9.81 95.35
N LEU L 138 -7.17 11.06 95.66
CA LEU L 138 -6.66 11.68 96.88
C LEU L 138 -7.78 12.16 97.80
N SER L 139 -7.43 12.30 99.07
CA SER L 139 -8.32 12.93 100.02
C SER L 139 -7.84 14.36 100.28
N LYS L 140 -6.52 14.55 100.21
CA LYS L 140 -5.93 15.84 100.53
C LYS L 140 -4.74 16.19 99.63
N LEU L 141 -4.69 17.44 99.18
CA LEU L 141 -3.54 17.96 98.46
C LEU L 141 -2.87 19.06 99.27
N THR L 142 -1.55 18.97 99.40
CA THR L 142 -0.80 19.99 100.11
C THR L 142 0.22 20.66 99.19
N VAL L 143 0.15 21.99 99.09
CA VAL L 143 1.05 22.74 98.24
C VAL L 143 2.01 23.58 99.10
N VAL L 144 3.30 23.46 98.82
CA VAL L 144 4.31 24.22 99.54
C VAL L 144 5.01 25.23 98.63
N PHE L 145 4.85 26.50 98.94
CA PHE L 145 5.38 27.58 98.10
C PHE L 145 6.84 27.90 98.42
N GLU L 146 7.74 27.41 97.59
CA GLU L 146 9.16 27.77 97.71
C GLU L 146 9.52 28.78 96.64
N ILE L 147 8.55 29.66 96.35
CA ILE L 147 8.70 30.74 95.39
C ILE L 147 8.11 32.01 95.98
N ASN L 148 8.10 33.09 95.21
CA ASN L 148 7.53 34.35 95.69
C ASN L 148 6.34 34.81 94.87
N VAL L 149 5.21 34.98 95.55
CA VAL L 149 3.99 35.49 94.92
C VAL L 149 3.33 36.54 95.81
N ASP L 150 2.66 37.52 95.19
CA ASP L 150 1.92 38.49 95.97
C ASP L 150 0.52 37.94 96.28
N LYS L 151 -0.30 38.74 96.96
CA LYS L 151 -1.64 38.31 97.34
C LYS L 151 -2.50 37.98 96.12
N ASN L 152 -2.36 38.80 95.07
CA ASN L 152 -3.16 38.62 93.86
C ASN L 152 -2.76 37.37 93.07
N LEU L 153 -1.47 37.11 93.01
CA LEU L 153 -0.98 35.94 92.27
C LEU L 153 -1.29 34.65 93.02
N PHE L 154 -1.31 34.74 94.35
CA PHE L 154 -1.70 33.61 95.18
C PHE L 154 -3.17 33.28 94.97
N ARG L 155 -4.00 34.32 94.94
CA ARG L 155 -5.42 34.15 94.71
C ARG L 155 -5.66 33.61 93.30
N PHE L 156 -4.87 34.10 92.35
CA PHE L 156 -4.94 33.64 90.97
C PHE L 156 -4.63 32.15 90.86
N PHE L 157 -3.68 31.70 91.68
CA PHE L 157 -3.31 30.30 91.75
C PHE L 157 -4.52 29.44 92.14
N LEU L 158 -5.25 29.89 93.17
CA LEU L 158 -6.39 29.14 93.68
C LEU L 158 -7.55 29.09 92.70
N GLU L 159 -7.86 30.25 92.09
CA GLU L 159 -8.92 30.31 91.09
C GLU L 159 -8.62 29.40 89.91
N THR L 160 -7.39 29.48 89.42
CA THR L 160 -6.96 28.68 88.30
C THR L 160 -6.96 27.20 88.67
N LEU L 161 -6.55 26.90 89.90
CA LEU L 161 -6.55 25.52 90.37
C LEU L 161 -7.97 24.97 90.41
N PHE L 162 -8.87 25.70 91.06
CA PHE L 162 -10.26 25.28 91.20
C PHE L 162 -10.94 25.11 89.84
N TYR L 163 -10.80 26.13 88.99
CA TYR L 163 -11.45 26.14 87.68
C TYR L 163 -10.98 25.01 86.79
N GLU L 164 -9.67 24.80 86.72
CA GLU L 164 -9.10 23.75 85.89
C GLU L 164 -9.37 22.36 86.46
N TYR L 165 -9.39 22.27 87.79
CA TYR L 165 -9.67 21.01 88.48
C TYR L 165 -11.07 20.52 88.13
N MET L 166 -12.01 21.44 88.08
CA MET L 166 -13.41 21.12 87.82
C MET L 166 -13.62 20.55 86.42
N THR L 167 -14.64 19.71 86.27
CA THR L 167 -14.95 19.11 84.97
C THR L 167 -16.45 19.24 84.67
N ASP L 168 -16.76 19.63 83.45
CA ASP L 168 -18.15 19.87 83.03
C ASP L 168 -18.76 18.63 82.39
N GLU L 169 -19.49 17.85 83.17
CA GLU L 169 -20.08 16.60 82.69
C GLU L 169 -21.59 16.72 82.45
N ARG L 170 -22.08 17.95 82.36
CA ARG L 170 -23.51 18.21 82.25
C ARG L 170 -24.17 17.57 81.03
N PHE L 171 -23.40 17.36 79.98
CA PHE L 171 -23.95 16.84 78.74
C PHE L 171 -23.43 15.44 78.42
N LYS L 172 -22.70 14.86 79.36
CA LYS L 172 -22.36 13.44 79.31
C LYS L 172 -23.55 12.64 79.81
N SER L 173 -23.67 11.39 79.39
CA SER L 173 -24.76 10.53 79.84
C SER L 173 -24.27 9.51 80.86
N GLU L 181 -14.37 11.51 94.39
CA GLU L 181 -13.43 11.58 93.27
C GLU L 181 -12.53 12.80 93.39
N TYR L 182 -13.06 13.87 93.98
CA TYR L 182 -12.29 15.09 94.21
C TYR L 182 -11.70 15.09 95.61
N ILE L 183 -10.62 15.84 95.81
CA ILE L 183 -10.04 16.00 97.13
C ILE L 183 -11.02 16.71 98.05
N LYS L 184 -10.89 16.48 99.35
CA LYS L 184 -11.79 17.10 100.32
C LYS L 184 -11.03 18.12 101.18
N HIS L 185 -9.71 18.16 101.01
CA HIS L 185 -8.88 19.08 101.79
C HIS L 185 -7.73 19.63 100.96
N LEU L 186 -7.45 20.92 101.12
CA LEU L 186 -6.33 21.56 100.45
C LEU L 186 -5.43 22.26 101.47
N GLY L 187 -4.14 21.90 101.45
CA GLY L 187 -3.19 22.49 102.37
C GLY L 187 -2.19 23.40 101.67
N VAL L 188 -1.98 24.58 102.23
CA VAL L 188 -1.04 25.54 101.66
C VAL L 188 0.00 25.98 102.68
N TYR L 189 1.26 25.68 102.39
CA TYR L 189 2.36 26.17 103.22
C TYR L 189 3.01 27.37 102.56
N ILE L 190 3.04 28.49 103.27
CA ILE L 190 3.51 29.74 102.70
C ILE L 190 3.95 30.76 103.75
N ASN L 191 5.18 31.16 103.58
CA ASN L 191 5.74 32.44 104.01
C ASN L 191 4.78 33.61 104.15
N ASN L 192 4.63 34.06 105.41
CA ASN L 192 3.60 35.03 105.86
C ASN L 192 2.22 34.52 105.51
N ALA L 193 1.78 33.49 106.24
CA ALA L 193 0.49 32.85 105.96
C ALA L 193 -0.69 33.78 106.22
N ASP L 194 -0.55 34.63 107.23
CA ASP L 194 -1.62 35.56 107.61
C ASP L 194 -1.97 36.52 106.48
N THR L 195 -0.98 36.79 105.63
CA THR L 195 -1.14 37.71 104.51
C THR L 195 -2.09 37.17 103.45
N TYR L 196 -2.01 35.86 103.18
CA TYR L 196 -2.70 35.26 102.05
C TYR L 196 -4.06 34.64 102.38
N LYS L 197 -4.41 34.57 103.66
CA LYS L 197 -5.59 33.82 104.07
C LYS L 197 -6.91 34.42 103.58
N GLU L 198 -7.01 35.75 103.58
CA GLU L 198 -8.24 36.41 103.15
C GLU L 198 -8.49 36.23 101.66
N GLU L 199 -7.44 35.82 100.94
CA GLU L 199 -7.53 35.63 99.50
C GLU L 199 -8.20 34.30 99.13
N VAL L 200 -8.35 33.42 100.11
CA VAL L 200 -8.84 32.07 99.85
C VAL L 200 -10.32 32.04 99.44
N GLU L 201 -11.18 32.68 100.23
CA GLU L 201 -12.61 32.69 99.93
C GLU L 201 -12.91 33.51 98.67
N LYS L 202 -12.22 34.64 98.53
CA LYS L 202 -12.35 35.47 97.33
C LYS L 202 -12.04 34.66 96.08
N ALA L 203 -11.03 33.81 96.17
CA ALA L 203 -10.64 32.94 95.07
C ALA L 203 -11.75 31.93 94.75
N ARG L 204 -12.39 31.41 95.79
CA ARG L 204 -13.48 30.47 95.61
C ARG L 204 -14.67 31.15 94.95
N VAL L 205 -14.90 32.40 95.32
CA VAL L 205 -15.97 33.20 94.72
C VAL L 205 -15.61 33.54 93.28
N TYR L 206 -14.38 34.01 93.06
CA TYR L 206 -13.91 34.30 91.72
C TYR L 206 -13.93 33.05 90.85
N TYR L 207 -13.73 31.89 91.48
CA TYR L 207 -13.77 30.62 90.78
C TYR L 207 -15.13 30.38 90.13
N PHE L 208 -16.19 30.47 90.92
CA PHE L 208 -17.51 30.09 90.43
C PHE L 208 -18.07 31.12 89.45
N GLY L 209 -17.69 32.38 89.62
CA GLY L 209 -18.08 33.41 88.68
C GLY L 209 -17.56 33.04 87.30
N THR L 210 -16.30 32.65 87.26
CA THR L 210 -15.66 32.19 86.02
C THR L 210 -16.27 30.88 85.54
N TYR L 211 -16.55 29.97 86.46
CA TYR L 211 -17.07 28.65 86.09
C TYR L 211 -18.53 28.70 85.67
N TYR L 212 -19.32 29.57 86.30
CA TYR L 212 -20.70 29.76 85.89
C TYR L 212 -20.75 30.36 84.50
N ALA L 213 -19.86 31.32 84.25
CA ALA L 213 -19.74 31.93 82.93
C ALA L 213 -19.37 30.87 81.89
N SER L 214 -18.37 30.06 82.23
CA SER L 214 -17.92 28.99 81.35
C SER L 214 -19.03 27.97 81.09
N GLN L 215 -19.89 27.78 82.07
CA GLN L 215 -21.02 26.86 81.93
C GLN L 215 -22.00 27.36 80.87
N LEU L 216 -22.28 28.66 80.89
CA LEU L 216 -23.22 29.25 79.95
C LEU L 216 -22.64 29.28 78.53
N ILE L 217 -21.35 29.55 78.43
CA ILE L 217 -20.67 29.62 77.13
C ILE L 217 -20.59 28.25 76.49
N ALA L 218 -20.17 27.25 77.25
CA ALA L 218 -20.00 25.90 76.74
C ALA L 218 -21.34 25.26 76.37
N ALA L 219 -22.42 25.77 76.96
CA ALA L 219 -23.76 25.28 76.66
C ALA L 219 -24.11 25.52 75.19
N PRO L 220 -24.47 24.46 74.47
CA PRO L 220 -24.85 24.53 73.05
C PRO L 220 -26.07 25.43 72.83
N SER L 221 -26.28 25.85 71.59
CA SER L 221 -27.28 26.85 71.27
C SER L 221 -28.71 26.31 71.29
N ASN L 222 -28.87 24.99 71.31
CA ASN L 222 -30.20 24.41 71.45
C ASN L 222 -30.62 24.36 72.92
N TYR L 223 -29.61 24.37 73.79
CA TYR L 223 -29.85 24.49 75.22
C TYR L 223 -29.86 25.96 75.63
N CYS L 224 -28.85 26.69 75.17
CA CYS L 224 -28.71 28.09 75.49
C CYS L 224 -29.22 28.98 74.35
N ASN L 225 -30.48 29.39 74.46
CA ASN L 225 -31.12 30.27 73.50
C ASN L 225 -31.52 31.57 74.21
N PRO L 226 -31.98 32.60 73.47
CA PRO L 226 -32.38 33.84 74.14
C PRO L 226 -33.38 33.65 75.28
N VAL L 227 -34.33 32.74 75.10
CA VAL L 227 -35.33 32.49 76.14
C VAL L 227 -34.72 31.82 77.37
N SER L 228 -33.99 30.73 77.15
CA SER L 228 -33.43 29.94 78.25
C SER L 228 -32.33 30.69 78.99
N LEU L 229 -31.64 31.58 78.28
CA LEU L 229 -30.57 32.36 78.90
C LEU L 229 -31.15 33.47 79.77
N SER L 230 -32.33 33.94 79.40
CA SER L 230 -33.04 34.94 80.19
C SER L 230 -33.49 34.33 81.51
N ASN L 231 -34.11 33.16 81.42
CA ASN L 231 -34.59 32.44 82.59
C ASN L 231 -33.47 32.12 83.58
N ALA L 232 -32.31 31.76 83.04
CA ALA L 232 -31.15 31.46 83.86
C ALA L 232 -30.68 32.69 84.63
N ALA L 233 -30.75 33.85 83.98
CA ALA L 233 -30.34 35.11 84.60
C ALA L 233 -31.30 35.50 85.73
N VAL L 234 -32.59 35.33 85.48
CA VAL L 234 -33.61 35.59 86.49
C VAL L 234 -33.37 34.70 87.70
N GLU L 235 -33.19 33.42 87.45
CA GLU L 235 -32.92 32.43 88.49
C GLU L 235 -31.66 32.82 89.28
N LEU L 236 -30.68 33.38 88.57
CA LEU L 236 -29.45 33.83 89.21
C LEU L 236 -29.70 35.06 90.06
N ALA L 237 -30.51 35.98 89.54
CA ALA L 237 -30.83 37.21 90.25
C ALA L 237 -31.69 36.93 91.47
N GLN L 238 -32.49 35.87 91.40
CA GLN L 238 -33.37 35.49 92.50
C GLN L 238 -32.59 34.92 93.68
N LYS L 239 -31.54 34.16 93.37
CA LYS L 239 -30.70 33.57 94.40
C LYS L 239 -29.82 34.61 95.09
N LEU L 240 -29.47 35.65 94.34
CA LEU L 240 -28.55 36.68 94.84
C LEU L 240 -29.28 37.90 95.36
N ASN L 241 -30.61 37.85 95.33
CA ASN L 241 -31.46 38.98 95.74
C ASN L 241 -31.12 40.26 95.00
N LEU L 242 -30.91 40.14 93.69
CA LEU L 242 -30.70 41.30 92.84
C LEU L 242 -31.99 41.65 92.12
N GLU L 243 -32.26 42.94 91.96
CA GLU L 243 -33.41 43.37 91.16
C GLU L 243 -33.23 42.90 89.73
N TYR L 244 -34.32 42.50 89.08
CA TYR L 244 -34.21 41.97 87.73
C TYR L 244 -35.43 42.31 86.87
N LYS L 245 -35.16 42.56 85.59
CA LYS L 245 -36.20 42.85 84.61
C LYS L 245 -35.82 42.27 83.25
N ILE L 246 -36.74 41.53 82.65
CA ILE L 246 -36.51 40.96 81.32
C ILE L 246 -37.42 41.62 80.30
N LEU L 247 -36.86 42.46 79.45
CA LEU L 247 -37.62 43.14 78.41
C LEU L 247 -37.82 42.25 77.19
N GLY L 248 -39.09 42.05 76.82
CA GLY L 248 -39.44 41.22 75.68
C GLY L 248 -39.75 42.03 74.44
N VAL L 249 -40.13 41.34 73.37
CA VAL L 249 -40.35 41.95 72.05
C VAL L 249 -41.24 43.19 72.11
N LYS L 250 -42.33 43.10 72.85
CA LYS L 250 -43.28 44.21 72.96
C LYS L 250 -42.59 45.49 73.44
N GLU L 251 -42.03 45.46 74.64
CA GLU L 251 -41.41 46.66 75.21
C GLU L 251 -40.15 47.08 74.45
N LEU L 252 -39.50 46.14 73.79
CA LEU L 252 -38.37 46.48 72.94
C LEU L 252 -38.83 47.28 71.72
N GLU L 253 -40.02 46.94 71.22
CA GLU L 253 -40.63 47.70 70.14
C GLU L 253 -41.02 49.09 70.62
N GLU L 254 -41.59 49.15 71.81
CA GLU L 254 -41.98 50.43 72.40
C GLU L 254 -40.78 51.32 72.65
N LEU L 255 -39.63 50.71 72.96
CA LEU L 255 -38.41 51.46 73.18
C LEU L 255 -37.68 51.76 71.86
N LYS L 256 -38.29 51.34 70.76
CA LYS L 256 -37.80 51.63 69.42
C LYS L 256 -36.40 51.07 69.13
N MET L 257 -36.02 50.02 69.84
CA MET L 257 -34.72 49.39 69.62
C MET L 257 -34.69 48.63 68.29
N GLY L 258 -34.51 49.37 67.20
CA GLY L 258 -34.60 48.81 65.86
C GLY L 258 -33.40 48.00 65.40
N ALA L 259 -32.21 48.37 65.86
CA ALA L 259 -31.00 47.63 65.50
C ALA L 259 -31.00 46.27 66.17
N TYR L 260 -31.26 46.27 67.47
CA TYR L 260 -31.36 45.05 68.27
C TYR L 260 -32.42 44.09 67.69
N LEU L 261 -33.63 44.60 67.50
CA LEU L 261 -34.73 43.77 67.05
C LEU L 261 -34.55 43.27 65.61
N SER L 262 -33.78 43.99 64.81
CA SER L 262 -33.51 43.56 63.44
C SER L 262 -32.68 42.29 63.42
N VAL L 263 -31.66 42.24 64.28
CA VAL L 263 -30.75 41.11 64.36
C VAL L 263 -31.50 39.82 64.70
N GLY L 264 -32.49 39.92 65.57
CA GLY L 264 -33.22 38.76 66.04
C GLY L 264 -34.41 38.36 65.18
N LYS L 265 -34.68 39.14 64.14
CA LYS L 265 -35.85 38.93 63.28
C LYS L 265 -35.94 37.53 62.68
N GLY L 266 -34.79 36.91 62.43
CA GLY L 266 -34.77 35.62 61.74
C GLY L 266 -34.76 34.41 62.65
N SER L 267 -34.85 34.63 63.96
CA SER L 267 -34.78 33.54 64.93
C SER L 267 -36.15 33.07 65.39
N MET L 268 -36.25 31.80 65.78
CA MET L 268 -37.49 31.26 66.33
C MET L 268 -37.67 31.71 67.77
N TYR L 269 -36.56 32.09 68.40
CA TYR L 269 -36.59 32.58 69.78
C TYR L 269 -36.72 34.10 69.79
N PRO L 270 -37.70 34.62 70.55
CA PRO L 270 -37.92 36.06 70.66
C PRO L 270 -36.77 36.76 71.39
N ASN L 271 -36.50 38.00 71.01
CA ASN L 271 -35.46 38.78 71.68
C ASN L 271 -35.80 39.00 73.15
N LYS L 272 -34.77 38.93 74.00
CA LYS L 272 -34.93 39.18 75.43
C LYS L 272 -33.80 40.07 75.93
N PHE L 273 -34.16 41.16 76.60
CA PHE L 273 -33.16 42.08 77.14
C PHE L 273 -33.00 41.85 78.64
N ILE L 274 -31.81 41.41 79.05
CA ILE L 274 -31.52 41.16 80.45
C ILE L 274 -31.07 42.42 81.17
N HIS L 275 -31.74 42.75 82.27
CA HIS L 275 -31.32 43.87 83.11
C HIS L 275 -31.38 43.48 84.58
N LEU L 276 -30.21 43.21 85.15
CA LEU L 276 -30.09 42.99 86.58
C LEU L 276 -29.52 44.25 87.22
N THR L 277 -29.73 44.43 88.51
CA THR L 277 -29.23 45.60 89.20
C THR L 277 -28.79 45.29 90.62
N TYR L 278 -27.61 45.79 90.99
CA TYR L 278 -27.11 45.64 92.34
C TYR L 278 -27.04 46.99 93.04
N LYS L 279 -28.02 47.28 93.87
CA LYS L 279 -27.99 48.46 94.73
C LYS L 279 -27.21 48.10 95.99
N SER L 280 -26.17 48.87 96.29
CA SER L 280 -25.31 48.53 97.41
C SER L 280 -25.64 49.32 98.67
N LYS L 281 -25.05 48.90 99.79
CA LYS L 281 -25.19 49.60 101.05
C LYS L 281 -24.28 50.81 101.08
N GLY L 282 -24.61 51.80 101.91
CA GLY L 282 -23.87 53.04 101.94
C GLY L 282 -24.31 53.94 100.79
N ASP L 283 -23.77 55.16 100.74
CA ASP L 283 -24.13 56.08 99.68
C ASP L 283 -23.49 55.66 98.36
N VAL L 284 -24.24 55.78 97.28
CA VAL L 284 -23.76 55.41 95.95
C VAL L 284 -22.68 56.38 95.48
N LYS L 285 -21.42 55.98 95.63
CA LYS L 285 -20.30 56.82 95.24
C LYS L 285 -19.98 56.68 93.75
N LYS L 286 -20.60 55.71 93.10
CA LYS L 286 -20.41 55.47 91.68
C LYS L 286 -21.44 54.50 91.11
N LYS L 287 -22.04 54.88 89.98
CA LYS L 287 -22.97 54.01 89.27
C LYS L 287 -22.31 53.45 88.02
N ILE L 288 -22.31 52.13 87.89
CA ILE L 288 -21.65 51.49 86.75
C ILE L 288 -22.63 50.61 85.95
N ALA L 289 -22.54 50.71 84.63
CA ALA L 289 -23.33 49.86 83.75
C ALA L 289 -22.42 48.92 82.97
N LEU L 290 -22.57 47.62 83.23
CA LEU L 290 -21.80 46.61 82.50
C LEU L 290 -22.67 45.96 81.43
N VAL L 291 -22.26 46.08 80.17
CA VAL L 291 -23.04 45.57 79.05
C VAL L 291 -22.32 44.40 78.38
N GLY L 292 -23.03 43.29 78.19
CA GLY L 292 -22.46 42.12 77.55
C GLY L 292 -23.13 41.79 76.24
N LYS L 293 -22.36 41.29 75.28
CA LYS L 293 -22.91 40.85 74.00
C LYS L 293 -23.51 39.46 74.14
N GLY L 294 -24.74 39.30 73.68
CA GLY L 294 -25.43 38.04 73.80
C GLY L 294 -26.04 37.52 72.52
N ILE L 295 -25.20 36.94 71.67
CA ILE L 295 -25.69 36.24 70.48
C ILE L 295 -25.55 34.74 70.72
N THR L 296 -26.66 34.10 71.08
CA THR L 296 -26.63 32.70 71.51
C THR L 296 -26.15 31.76 70.40
N PHE L 297 -26.36 32.16 69.16
CA PHE L 297 -25.67 31.52 68.03
C PHE L 297 -25.54 32.48 66.87
N ASP L 298 -24.34 32.57 66.32
CA ASP L 298 -24.06 33.48 65.22
C ASP L 298 -23.79 32.73 63.93
N SER L 299 -24.84 32.48 63.15
CA SER L 299 -24.69 31.85 61.86
C SER L 299 -24.06 32.83 60.88
N GLY L 300 -24.20 34.12 61.18
CA GLY L 300 -23.66 35.17 60.34
C GLY L 300 -24.74 35.81 59.50
N GLY L 301 -25.96 35.33 59.66
CA GLY L 301 -27.08 35.82 58.87
C GLY L 301 -26.89 35.47 57.41
N TYR L 302 -27.42 36.31 56.52
CA TYR L 302 -27.30 36.06 55.09
C TYR L 302 -25.86 36.21 54.61
N ASN L 303 -25.04 36.87 55.42
CA ASN L 303 -23.59 36.77 55.24
C ASN L 303 -23.10 35.56 56.03
N LEU L 304 -23.50 34.39 55.56
CA LEU L 304 -23.23 33.12 56.24
C LEU L 304 -21.76 32.90 56.52
N LYS L 305 -21.47 32.30 57.67
CA LYS L 305 -20.10 31.92 58.02
C LYS L 305 -19.71 30.65 57.26
N ALA L 306 -19.50 30.80 55.96
CA ALA L 306 -19.18 29.65 55.12
C ALA L 306 -17.72 29.71 54.65
N ALA L 307 -17.08 30.85 54.86
CA ALA L 307 -15.68 31.02 54.50
C ALA L 307 -14.79 30.16 55.40
N PRO L 308 -13.70 29.59 54.83
CA PRO L 308 -12.76 28.76 55.57
C PRO L 308 -12.21 29.46 56.80
N GLY L 309 -12.37 28.84 57.97
CA GLY L 309 -11.83 29.39 59.21
C GLY L 309 -12.74 30.38 59.89
N SER L 310 -14.01 30.41 59.47
CA SER L 310 -14.99 31.29 60.09
C SER L 310 -15.54 30.67 61.37
N MET L 311 -15.25 29.39 61.56
CA MET L 311 -15.54 28.68 62.81
C MET L 311 -17.01 28.75 63.22
N ILE L 312 -17.90 28.35 62.32
CA ILE L 312 -19.34 28.45 62.61
C ILE L 312 -19.76 27.53 63.75
N ASP L 313 -18.99 26.47 63.98
CA ASP L 313 -19.29 25.52 65.05
C ASP L 313 -18.95 26.08 66.42
N LEU L 314 -18.09 27.09 66.45
CA LEU L 314 -17.68 27.72 67.70
C LEU L 314 -18.71 28.75 68.16
N MET L 315 -19.54 29.20 67.23
CA MET L 315 -20.35 30.40 67.42
C MET L 315 -21.42 30.34 68.51
N LYS L 316 -21.39 29.29 69.33
CA LYS L 316 -22.17 29.27 70.56
C LYS L 316 -21.47 30.16 71.58
N PHE L 317 -20.21 30.48 71.29
CA PHE L 317 -19.37 31.28 72.18
C PHE L 317 -19.64 32.77 72.05
N ASP L 318 -20.46 33.13 71.06
CA ASP L 318 -20.70 34.54 70.75
C ASP L 318 -21.57 35.23 71.80
N MET L 319 -21.54 34.69 73.01
CA MET L 319 -22.33 35.18 74.13
C MET L 319 -21.44 35.50 75.32
N SER L 320 -20.15 35.22 75.16
CA SER L 320 -19.17 35.27 76.25
C SER L 320 -19.21 36.59 77.01
N GLY L 321 -19.49 37.68 76.31
CA GLY L 321 -19.63 38.98 76.94
C GLY L 321 -20.75 38.95 77.97
N CYS L 322 -21.92 38.49 77.55
CA CYS L 322 -23.06 38.34 78.43
C CYS L 322 -22.74 37.44 79.62
N ALA L 323 -22.12 36.30 79.34
CA ALA L 323 -21.77 35.33 80.36
C ALA L 323 -20.78 35.92 81.36
N ALA L 324 -19.84 36.72 80.86
CA ALA L 324 -18.87 37.38 81.72
C ALA L 324 -19.56 38.37 82.65
N VAL L 325 -20.55 39.08 82.11
CA VAL L 325 -21.30 40.07 82.88
C VAL L 325 -22.14 39.39 83.97
N LEU L 326 -22.70 38.23 83.64
CA LEU L 326 -23.53 37.49 84.59
C LEU L 326 -22.70 36.82 85.68
N GLY L 327 -21.51 36.34 85.31
CA GLY L 327 -20.60 35.75 86.27
C GLY L 327 -20.09 36.82 87.22
N CYS L 328 -19.92 38.02 86.68
CA CYS L 328 -19.53 39.18 87.47
C CYS L 328 -20.64 39.51 88.46
N ALA L 329 -21.88 39.36 88.02
CA ALA L 329 -23.04 39.60 88.89
C ALA L 329 -23.04 38.63 90.06
N TYR L 330 -22.61 37.39 89.82
CA TYR L 330 -22.51 36.42 90.89
C TYR L 330 -21.49 36.86 91.93
N CYS L 331 -20.33 37.29 91.45
CA CYS L 331 -19.24 37.70 92.33
C CYS L 331 -19.64 38.92 93.16
N VAL L 332 -20.32 39.87 92.51
CA VAL L 332 -20.75 41.08 93.19
C VAL L 332 -21.86 40.79 94.19
N GLY L 333 -22.85 40.00 93.77
CA GLY L 333 -23.96 39.64 94.64
C GLY L 333 -23.52 38.81 95.83
N THR L 334 -22.35 38.20 95.73
CA THR L 334 -21.80 37.36 96.79
C THR L 334 -20.86 38.13 97.70
N LEU L 335 -19.88 38.80 97.10
CA LEU L 335 -18.90 39.57 97.86
C LEU L 335 -19.52 40.84 98.44
N LYS L 336 -20.56 41.33 97.76
CA LYS L 336 -21.33 42.49 98.22
C LYS L 336 -20.49 43.71 98.57
N PRO L 337 -19.82 44.31 97.56
CA PRO L 337 -19.04 45.52 97.83
C PRO L 337 -19.93 46.72 98.12
N GLU L 338 -19.37 47.78 98.67
CA GLU L 338 -20.17 48.93 99.08
C GLU L 338 -19.91 50.19 98.25
N ASN L 339 -20.85 51.12 98.35
CA ASN L 339 -20.78 52.43 97.68
C ASN L 339 -20.74 52.34 96.15
N VAL L 340 -21.55 51.44 95.59
CA VAL L 340 -21.59 51.29 94.13
C VAL L 340 -22.90 50.71 93.63
N GLU L 341 -23.46 51.32 92.59
CA GLU L 341 -24.64 50.79 91.92
C GLU L 341 -24.23 50.18 90.59
N ILE L 342 -24.56 48.90 90.39
CA ILE L 342 -24.16 48.20 89.18
C ILE L 342 -25.35 47.66 88.40
N HIS L 343 -25.36 47.91 87.10
CA HIS L 343 -26.36 47.33 86.21
C HIS L 343 -25.71 46.30 85.29
N PHE L 344 -26.39 45.18 85.08
CA PHE L 344 -25.88 44.13 84.23
C PHE L 344 -26.78 43.96 83.01
N LEU L 345 -26.34 44.47 81.88
CA LEU L 345 -27.16 44.52 80.67
C LEU L 345 -26.66 43.57 79.58
N SER L 346 -27.58 43.04 78.80
CA SER L 346 -27.24 42.22 77.64
C SER L 346 -28.40 42.10 76.67
N ALA L 347 -28.23 42.67 75.48
CA ALA L 347 -29.21 42.51 74.42
C ALA L 347 -29.05 41.12 73.81
N VAL L 348 -29.94 40.21 74.17
CA VAL L 348 -29.80 38.81 73.79
C VAL L 348 -30.69 38.42 72.61
N CYS L 349 -30.10 37.75 71.64
CA CYS L 349 -30.82 37.25 70.47
C CYS L 349 -30.01 36.21 69.71
N GLU L 350 -30.59 35.69 68.65
CA GLU L 350 -29.92 34.70 67.80
C GLU L 350 -29.85 35.21 66.37
N ASN L 351 -28.67 35.17 65.78
CA ASN L 351 -28.48 35.65 64.41
C ASN L 351 -28.61 34.51 63.41
N MET L 352 -29.79 34.36 62.83
CA MET L 352 -30.10 33.18 62.02
C MET L 352 -30.46 33.52 60.58
N VAL L 353 -30.58 32.47 59.76
CA VAL L 353 -30.99 32.60 58.37
C VAL L 353 -32.43 32.13 58.22
N SER L 354 -33.29 33.03 57.75
CA SER L 354 -34.71 32.75 57.63
C SER L 354 -35.39 33.67 56.63
N LYS L 355 -36.66 33.41 56.34
CA LYS L 355 -37.43 34.29 55.48
C LYS L 355 -37.71 35.61 56.20
N ASN L 356 -37.48 35.62 57.50
CA ASN L 356 -37.77 36.78 58.33
C ASN L 356 -36.51 37.56 58.72
N SER L 357 -35.37 37.16 58.18
CA SER L 357 -34.10 37.77 58.58
C SER L 357 -33.90 39.15 57.98
N TYR L 358 -33.02 39.94 58.60
CA TYR L 358 -32.63 41.23 58.05
C TYR L 358 -31.58 40.98 56.96
N ARG L 359 -31.71 41.69 55.86
CA ARG L 359 -30.84 41.49 54.71
C ARG L 359 -29.65 42.43 54.72
N PRO L 360 -28.56 42.03 54.04
CA PRO L 360 -27.50 42.99 53.77
C PRO L 360 -28.04 44.14 52.92
N GLY L 361 -27.80 45.38 53.33
CA GLY L 361 -28.31 46.52 52.59
C GLY L 361 -29.46 47.20 53.29
N ASP L 362 -30.08 46.51 54.23
CA ASP L 362 -31.21 47.07 54.99
C ASP L 362 -30.82 48.33 55.73
N ILE L 363 -31.76 49.28 55.82
CA ILE L 363 -31.54 50.47 56.61
C ILE L 363 -32.44 50.42 57.85
N ILE L 364 -31.80 50.32 59.01
CA ILE L 364 -32.50 50.14 60.27
C ILE L 364 -32.34 51.38 61.15
N THR L 365 -33.20 51.49 62.16
CA THR L 365 -33.21 52.68 62.99
C THR L 365 -33.01 52.36 64.47
N ALA L 366 -31.86 52.76 65.00
CA ALA L 366 -31.56 52.54 66.42
C ALA L 366 -32.50 53.36 67.30
N SER L 367 -32.55 53.01 68.58
CA SER L 367 -33.48 53.63 69.51
C SER L 367 -33.18 55.12 69.75
N ASN L 368 -32.01 55.57 69.32
CA ASN L 368 -31.65 56.98 69.45
C ASN L 368 -31.97 57.76 68.17
N GLY L 369 -32.56 57.07 67.20
CA GLY L 369 -33.03 57.72 65.99
C GLY L 369 -32.03 57.81 64.86
N LYS L 370 -30.86 57.18 65.04
CA LYS L 370 -29.85 57.18 63.99
C LYS L 370 -30.07 56.01 63.04
N THR L 371 -30.21 56.31 61.75
CA THR L 371 -30.41 55.28 60.74
C THR L 371 -29.08 54.62 60.39
N ILE L 372 -29.13 53.30 60.20
CA ILE L 372 -27.93 52.51 59.97
C ILE L 372 -28.05 51.67 58.72
N GLU L 373 -27.10 51.81 57.80
CA GLU L 373 -27.07 50.96 56.61
C GLU L 373 -26.26 49.69 56.88
N VAL L 374 -26.96 48.56 56.87
CA VAL L 374 -26.31 47.28 57.11
C VAL L 374 -25.54 46.81 55.90
N GLY L 375 -24.22 46.68 56.05
CA GLY L 375 -23.38 46.20 54.98
C GLY L 375 -23.05 44.74 55.13
N ASN L 376 -23.21 44.23 56.36
CA ASN L 376 -22.83 42.86 56.68
C ASN L 376 -23.63 42.33 57.87
N THR L 377 -24.43 41.29 57.63
CA THR L 377 -25.30 40.75 58.66
C THR L 377 -24.52 40.01 59.75
N ASP L 378 -23.28 39.65 59.47
CA ASP L 378 -22.44 38.95 60.43
C ASP L 378 -21.80 39.93 61.41
N ALA L 379 -21.97 41.22 61.13
CA ALA L 379 -21.53 42.25 62.06
C ALA L 379 -22.71 42.67 62.94
N GLU L 380 -23.37 41.68 63.53
CA GLU L 380 -24.59 41.92 64.29
C GLU L 380 -24.33 42.38 65.71
N GLY L 381 -23.14 42.09 66.23
CA GLY L 381 -22.79 42.42 67.60
C GLY L 381 -22.85 43.91 67.89
N ARG L 382 -22.26 44.70 67.01
CA ARG L 382 -22.24 46.15 67.17
C ARG L 382 -23.65 46.74 67.07
N LEU L 383 -24.52 46.06 66.32
CA LEU L 383 -25.89 46.50 66.15
C LEU L 383 -26.67 46.34 67.45
N THR L 384 -26.53 45.17 68.08
CA THR L 384 -27.19 44.91 69.34
C THR L 384 -26.64 45.79 70.45
N LEU L 385 -25.31 45.91 70.48
CA LEU L 385 -24.64 46.74 71.49
C LEU L 385 -25.04 48.20 71.39
N ALA L 386 -25.27 48.67 70.16
CA ALA L 386 -25.65 50.06 69.92
C ALA L 386 -26.94 50.42 70.66
N ASP L 387 -27.93 49.53 70.58
CA ASP L 387 -29.21 49.75 71.25
C ASP L 387 -29.10 49.54 72.75
N ALA L 388 -28.11 48.75 73.16
CA ALA L 388 -27.87 48.51 74.58
C ALA L 388 -27.16 49.71 75.20
N LEU L 389 -26.20 50.27 74.48
CA LEU L 389 -25.46 51.43 74.94
C LEU L 389 -26.36 52.65 75.11
N VAL L 390 -27.34 52.78 74.22
CA VAL L 390 -28.33 53.85 74.34
C VAL L 390 -29.16 53.64 75.60
N TYR L 391 -29.60 52.40 75.81
CA TYR L 391 -30.33 52.02 77.00
C TYR L 391 -29.50 52.27 78.26
N ALA L 392 -28.20 52.01 78.15
CA ALA L 392 -27.29 52.12 79.28
C ALA L 392 -27.11 53.56 79.74
N GLU L 393 -26.87 54.47 78.80
CA GLU L 393 -26.60 55.86 79.14
C GLU L 393 -27.83 56.53 79.76
N LYS L 394 -29.02 56.01 79.43
CA LYS L 394 -30.27 56.55 79.97
C LYS L 394 -30.46 56.18 81.44
N LEU L 395 -29.52 55.43 81.99
CA LEU L 395 -29.59 55.05 83.41
C LEU L 395 -28.84 56.06 84.27
N GLY L 396 -28.15 57.00 83.62
CA GLY L 396 -27.41 58.04 84.32
C GLY L 396 -26.25 57.49 85.12
N VAL L 397 -25.52 56.54 84.53
CA VAL L 397 -24.37 55.95 85.20
C VAL L 397 -23.11 56.80 84.99
N ASP L 398 -22.04 56.43 85.67
CA ASP L 398 -20.76 57.14 85.54
C ASP L 398 -19.85 56.43 84.55
N TYR L 399 -19.91 55.10 84.56
CA TYR L 399 -19.08 54.29 83.68
C TYR L 399 -19.92 53.29 82.89
N ILE L 400 -19.67 53.23 81.58
CA ILE L 400 -20.22 52.16 80.76
C ILE L 400 -19.10 51.30 80.20
N VAL L 401 -19.02 50.06 80.67
CA VAL L 401 -18.04 49.12 80.13
C VAL L 401 -18.77 47.99 79.43
N ASP L 402 -18.53 47.85 78.14
CA ASP L 402 -19.10 46.73 77.40
C ASP L 402 -18.03 45.71 77.07
N ILE L 403 -18.43 44.44 77.01
CA ILE L 403 -17.51 43.35 76.71
C ILE L 403 -18.16 42.45 75.66
N ALA L 404 -17.39 42.06 74.64
CA ALA L 404 -17.99 41.40 73.49
C ALA L 404 -17.00 40.62 72.63
N THR L 405 -17.45 39.48 72.13
CA THR L 405 -16.74 38.75 71.09
C THR L 405 -17.05 39.39 69.76
N LEU L 406 -16.51 40.59 69.54
CA LEU L 406 -16.98 41.45 68.47
C LEU L 406 -16.30 41.21 67.12
N THR L 407 -14.97 41.30 67.08
CA THR L 407 -14.24 41.20 65.82
C THR L 407 -13.16 40.13 65.84
N GLY L 408 -13.14 39.30 64.79
CA GLY L 408 -12.15 38.25 64.65
C GLY L 408 -10.75 38.79 64.35
N ALA L 409 -10.65 40.09 64.19
CA ALA L 409 -9.37 40.74 63.89
C ALA L 409 -8.45 40.75 65.12
N MET L 410 -9.04 40.53 66.30
CA MET L 410 -8.27 40.46 67.53
C MET L 410 -7.29 39.29 67.48
N LEU L 411 -7.65 38.25 66.73
CA LEU L 411 -6.80 37.09 66.55
C LEU L 411 -5.52 37.45 65.80
N TYR L 412 -5.56 38.55 65.04
CA TYR L 412 -4.41 38.96 64.25
C TYR L 412 -3.67 40.12 64.90
N SER L 413 -4.26 40.72 65.93
CA SER L 413 -3.63 41.84 66.62
C SER L 413 -3.01 41.41 67.94
N LEU L 414 -3.84 41.02 68.90
CA LEU L 414 -3.37 40.64 70.22
C LEU L 414 -3.28 39.13 70.37
N GLY L 415 -4.14 38.40 69.67
CA GLY L 415 -4.11 36.95 69.71
C GLY L 415 -5.09 36.35 70.70
N THR L 416 -4.67 35.27 71.35
CA THR L 416 -5.56 34.50 72.21
C THR L 416 -5.35 34.77 73.70
N SER L 417 -4.37 35.61 74.03
CA SER L 417 -4.00 35.83 75.42
C SER L 417 -4.46 37.17 75.97
N TYR L 418 -4.36 38.22 75.16
CA TYR L 418 -4.71 39.57 75.60
C TYR L 418 -6.00 40.06 74.98
N ALA L 419 -6.90 40.58 75.82
CA ALA L 419 -8.07 41.26 75.32
C ALA L 419 -7.70 42.70 74.93
N GLY L 420 -8.52 43.32 74.10
CA GLY L 420 -8.27 44.69 73.69
C GLY L 420 -9.33 45.63 74.23
N VAL L 421 -8.91 46.76 74.79
CA VAL L 421 -9.87 47.72 75.30
C VAL L 421 -9.79 49.06 74.55
N PHE L 422 -10.95 49.53 74.10
CA PHE L 422 -11.07 50.81 73.41
C PHE L 422 -12.00 51.69 74.26
N GLY L 423 -11.76 52.99 74.26
CA GLY L 423 -12.58 53.89 75.07
C GLY L 423 -12.52 55.35 74.70
N ASN L 424 -13.44 56.13 75.28
CA ASN L 424 -13.49 57.57 75.05
C ASN L 424 -12.99 58.36 76.25
N ASN L 425 -12.48 57.66 77.25
CA ASN L 425 -12.06 58.28 78.50
C ASN L 425 -10.84 57.58 79.09
N GLU L 426 -9.74 58.31 79.18
CA GLU L 426 -8.47 57.72 79.58
C GLU L 426 -8.45 57.23 81.03
N GLU L 427 -9.12 57.97 81.92
CA GLU L 427 -9.19 57.57 83.32
C GLU L 427 -9.85 56.21 83.47
N LEU L 428 -10.95 56.01 82.73
CA LEU L 428 -11.64 54.74 82.74
C LEU L 428 -10.76 53.65 82.16
N ILE L 429 -10.09 53.95 81.04
CA ILE L 429 -9.18 53.02 80.40
C ILE L 429 -8.12 52.53 81.39
N ASN L 430 -7.52 53.47 82.12
CA ASN L 430 -6.51 53.12 83.10
C ASN L 430 -7.08 52.29 84.25
N LYS L 431 -8.33 52.55 84.62
CA LYS L 431 -8.99 51.78 85.66
C LYS L 431 -9.16 50.33 85.22
N ILE L 432 -9.52 50.13 83.96
CA ILE L 432 -9.64 48.79 83.40
C ILE L 432 -8.28 48.09 83.37
N LEU L 433 -7.27 48.81 82.91
CA LEU L 433 -5.91 48.29 82.86
C LEU L 433 -5.42 47.94 84.27
N GLN L 434 -5.80 48.77 85.24
CA GLN L 434 -5.46 48.53 86.63
C GLN L 434 -6.11 47.25 87.14
N SER L 435 -7.36 47.04 86.74
CA SER L 435 -8.09 45.83 87.10
C SER L 435 -7.44 44.61 86.48
N SER L 436 -6.90 44.78 85.26
CA SER L 436 -6.24 43.70 84.55
C SER L 436 -4.97 43.26 85.27
N LYS L 437 -4.31 44.20 85.93
CA LYS L 437 -3.09 43.90 86.68
C LYS L 437 -3.40 43.07 87.92
N THR L 438 -4.50 43.41 88.60
CA THR L 438 -4.84 42.76 89.86
C THR L 438 -5.68 41.50 89.66
N SER L 439 -6.30 41.35 88.49
CA SER L 439 -7.12 40.19 88.21
C SER L 439 -6.34 39.12 87.46
N ASN L 440 -5.18 39.50 86.95
CA ASN L 440 -4.35 38.63 86.10
C ASN L 440 -5.10 38.12 84.87
N GLU L 441 -6.05 38.92 84.40
CA GLU L 441 -6.69 38.69 83.10
C GLU L 441 -6.21 39.78 82.14
N PRO L 442 -5.13 39.49 81.40
CA PRO L 442 -4.38 40.46 80.60
C PRO L 442 -5.22 41.17 79.52
N VAL L 443 -5.14 42.50 79.52
CA VAL L 443 -5.82 43.33 78.54
C VAL L 443 -4.84 44.38 78.03
N TRP L 444 -4.96 44.77 76.76
CA TRP L 444 -4.09 45.79 76.20
C TRP L 444 -4.88 46.93 75.55
N TRP L 445 -4.43 48.15 75.79
CA TRP L 445 -5.11 49.34 75.30
C TRP L 445 -4.87 49.55 73.80
N LEU L 446 -5.95 49.71 73.05
CA LEU L 446 -5.87 49.99 71.62
C LEU L 446 -6.60 51.29 71.29
N PRO L 447 -6.05 52.05 70.32
CA PRO L 447 -6.58 53.40 70.04
C PRO L 447 -7.84 53.40 69.20
N ILE L 448 -8.68 54.40 69.41
CA ILE L 448 -9.79 54.68 68.51
C ILE L 448 -9.38 55.77 67.53
N ILE L 449 -8.99 55.35 66.33
CA ILE L 449 -8.42 56.25 65.34
C ILE L 449 -9.51 56.95 64.54
N ASN L 450 -9.64 58.26 64.75
CA ASN L 450 -10.73 59.03 64.16
C ASN L 450 -10.60 59.28 62.66
N GLU L 451 -9.41 59.06 62.12
CA GLU L 451 -9.19 59.25 60.69
C GLU L 451 -9.94 58.18 59.88
N TYR L 452 -10.42 57.16 60.58
CA TYR L 452 -11.17 56.08 59.94
C TYR L 452 -12.68 56.31 60.01
N ARG L 453 -13.08 57.33 60.78
CA ARG L 453 -14.50 57.62 61.00
C ARG L 453 -15.21 57.97 59.69
N ALA L 454 -14.46 58.52 58.74
CA ALA L 454 -15.02 58.92 57.45
C ALA L 454 -15.53 57.73 56.64
N THR L 455 -15.09 56.53 57.00
CA THR L 455 -15.43 55.33 56.26
C THR L 455 -16.77 54.74 56.70
N LEU L 456 -17.39 55.38 57.69
CA LEU L 456 -18.70 54.96 58.16
C LEU L 456 -19.78 55.93 57.67
N ASN L 457 -19.39 56.81 56.75
CA ASN L 457 -20.31 57.79 56.20
C ASN L 457 -21.17 57.22 55.08
N SER L 458 -22.39 56.80 55.44
CA SER L 458 -23.31 56.20 54.48
C SER L 458 -23.86 57.24 53.50
N LYS L 459 -24.08 56.82 52.26
CA LYS L 459 -24.66 57.67 51.24
C LYS L 459 -26.12 57.95 51.54
N TYR L 460 -26.79 57.00 52.17
CA TYR L 460 -28.24 57.06 52.35
C TYR L 460 -28.69 57.11 53.81
N ALA L 461 -27.96 56.43 54.68
CA ALA L 461 -28.30 56.42 56.10
C ALA L 461 -27.46 57.42 56.88
N ASP L 462 -27.70 57.52 58.18
CA ASP L 462 -26.91 58.40 59.04
C ASP L 462 -25.49 57.87 59.18
N ILE L 463 -25.35 56.55 59.18
CA ILE L 463 -24.05 55.93 59.39
C ILE L 463 -24.03 54.50 58.83
N ASN L 464 -22.85 54.07 58.40
CA ASN L 464 -22.65 52.68 57.97
C ASN L 464 -22.38 51.77 59.16
N GLN L 465 -22.88 50.54 59.08
CA GLN L 465 -22.64 49.54 60.10
C GLN L 465 -21.17 49.12 60.10
N ILE L 466 -20.62 48.94 58.90
CA ILE L 466 -19.22 48.57 58.74
C ILE L 466 -18.54 49.42 57.67
N SER L 467 -17.22 49.32 57.60
CA SER L 467 -16.46 50.00 56.57
C SER L 467 -16.43 49.13 55.31
N SER L 468 -16.54 49.76 54.15
CA SER L 468 -16.48 49.05 52.88
C SER L 468 -15.20 48.22 52.79
N SER L 469 -14.10 48.79 53.28
CA SER L 469 -12.88 48.07 53.65
C SER L 469 -11.81 49.06 54.12
N VAL L 470 -11.30 48.84 55.32
CA VAL L 470 -10.15 49.58 55.84
C VAL L 470 -9.21 48.55 56.46
N LYS L 471 -9.78 47.37 56.69
CA LYS L 471 -9.26 46.41 57.64
C LYS L 471 -9.30 47.09 59.00
N ALA L 472 -8.58 46.54 59.98
CA ALA L 472 -8.64 47.03 61.36
C ALA L 472 -10.10 47.16 61.80
N SER L 473 -10.83 46.05 61.68
CA SER L 473 -12.26 46.03 61.97
C SER L 473 -12.55 46.33 63.44
N SER L 474 -11.58 46.03 64.30
CA SER L 474 -11.73 46.27 65.72
C SER L 474 -11.84 47.76 66.03
N ILE L 475 -11.03 48.55 65.34
CA ILE L 475 -11.02 50.00 65.53
C ILE L 475 -12.27 50.64 64.93
N VAL L 476 -12.65 50.19 63.75
CA VAL L 476 -13.85 50.70 63.07
C VAL L 476 -15.10 50.40 63.88
N ALA L 477 -15.18 49.19 64.43
CA ALA L 477 -16.31 48.78 65.26
C ALA L 477 -16.41 49.65 66.51
N SER L 478 -15.26 50.03 67.05
CA SER L 478 -15.21 50.92 68.20
C SER L 478 -15.66 52.33 67.81
N LEU L 479 -15.28 52.75 66.62
CA LEU L 479 -15.72 54.03 66.08
C LEU L 479 -17.24 54.04 65.94
N PHE L 480 -17.80 52.90 65.53
CA PHE L 480 -19.24 52.75 65.38
C PHE L 480 -19.93 52.81 66.73
N LEU L 481 -19.38 52.08 67.70
CA LEU L 481 -19.95 52.02 69.04
C LEU L 481 -19.90 53.37 69.74
N LYS L 482 -18.92 54.19 69.38
CA LYS L 482 -18.72 55.49 70.01
C LYS L 482 -19.84 56.46 69.65
N GLU L 483 -20.50 56.20 68.53
CA GLU L 483 -21.57 57.07 68.05
C GLU L 483 -22.86 56.89 68.84
N PHE L 484 -22.87 55.93 69.76
CA PHE L 484 -24.07 55.65 70.54
C PHE L 484 -23.84 55.91 72.03
N VAL L 485 -22.71 56.55 72.33
CA VAL L 485 -22.45 57.09 73.65
C VAL L 485 -22.13 58.57 73.49
N GLN L 486 -22.87 59.43 74.18
CA GLN L 486 -22.78 60.87 73.91
C GLN L 486 -22.08 61.68 74.99
N ASN L 487 -22.25 61.30 76.25
CA ASN L 487 -21.78 62.14 77.34
C ASN L 487 -21.20 61.34 78.53
N THR L 488 -21.11 60.03 78.36
CA THR L 488 -20.64 59.16 79.43
C THR L 488 -19.30 58.49 79.14
N ALA L 489 -18.48 58.35 80.19
CA ALA L 489 -17.23 57.61 80.11
C ALA L 489 -17.53 56.16 79.72
N TRP L 490 -16.87 55.70 78.67
CA TRP L 490 -17.19 54.41 78.09
C TRP L 490 -15.96 53.64 77.61
N ALA L 491 -15.91 52.36 77.93
CA ALA L 491 -14.83 51.49 77.48
C ALA L 491 -15.39 50.23 76.83
N HIS L 492 -14.65 49.70 75.86
CA HIS L 492 -15.09 48.53 75.11
C HIS L 492 -14.02 47.44 75.09
N ILE L 493 -14.35 46.28 75.65
CA ILE L 493 -13.39 45.18 75.74
C ILE L 493 -13.72 44.07 74.74
N ASP L 494 -12.88 43.94 73.73
CA ASP L 494 -13.08 42.94 72.69
C ASP L 494 -12.41 41.62 73.08
N ILE L 495 -13.22 40.60 73.34
CA ILE L 495 -12.72 39.31 73.79
C ILE L 495 -12.90 38.21 72.74
N ALA L 496 -13.04 38.61 71.48
CA ALA L 496 -13.28 37.66 70.40
C ALA L 496 -12.09 36.74 70.16
N GLY L 497 -10.93 37.10 70.71
CA GLY L 497 -9.73 36.32 70.53
C GLY L 497 -9.36 35.48 71.73
N VAL L 498 -9.76 35.92 72.93
CA VAL L 498 -9.33 35.28 74.16
C VAL L 498 -10.39 34.40 74.82
N SER L 499 -11.62 34.50 74.34
CA SER L 499 -12.74 33.80 74.98
C SER L 499 -12.56 32.29 75.03
N TRP L 500 -12.17 31.70 73.91
CA TRP L 500 -12.08 30.25 73.81
C TRP L 500 -10.66 29.73 74.06
N ASN L 501 -10.58 28.63 74.82
CA ASN L 501 -9.33 27.92 75.04
C ASN L 501 -9.26 26.75 74.06
N PHE L 502 -8.46 26.90 73.01
CA PHE L 502 -8.42 25.90 71.93
C PHE L 502 -7.61 24.67 72.30
N LYS L 503 -6.66 24.81 73.22
CA LYS L 503 -5.86 23.68 73.66
C LYS L 503 -6.71 22.71 74.49
N ALA L 504 -7.54 23.27 75.36
CA ALA L 504 -8.34 22.46 76.26
C ALA L 504 -9.77 22.24 75.74
N ARG L 505 -10.09 22.88 74.63
CA ARG L 505 -11.39 22.75 73.98
C ARG L 505 -12.54 23.17 74.91
N LYS L 506 -12.38 24.30 75.58
CA LYS L 506 -13.38 24.75 76.55
C LYS L 506 -13.31 26.28 76.69
N PRO L 507 -14.36 26.90 77.27
CA PRO L 507 -14.29 28.34 77.48
C PRO L 507 -13.29 28.72 78.57
N LYS L 508 -12.95 30.00 78.66
CA LYS L 508 -12.08 30.49 79.72
C LYS L 508 -12.88 31.24 80.77
N GLY L 509 -14.09 31.66 80.42
CA GLY L 509 -14.88 32.52 81.28
C GLY L 509 -14.14 33.83 81.47
N PHE L 510 -13.65 34.38 80.37
CA PHE L 510 -12.80 35.57 80.40
C PHE L 510 -13.58 36.83 80.72
N GLY L 511 -13.01 37.67 81.59
CA GLY L 511 -13.59 38.96 81.88
C GLY L 511 -14.31 39.06 83.21
N VAL L 512 -14.72 37.91 83.74
CA VAL L 512 -15.45 37.86 85.00
C VAL L 512 -14.65 38.48 86.15
N ARG L 513 -13.44 37.99 86.33
CA ARG L 513 -12.57 38.46 87.41
C ARG L 513 -12.07 39.87 87.14
N LEU L 514 -11.92 40.20 85.85
CA LEU L 514 -11.52 41.54 85.46
C LEU L 514 -12.61 42.57 85.78
N LEU L 515 -13.84 42.25 85.38
CA LEU L 515 -14.98 43.13 85.63
C LEU L 515 -15.25 43.27 87.13
N THR L 516 -14.98 42.21 87.88
CA THR L 516 -15.20 42.22 89.32
C THR L 516 -14.16 43.06 90.02
N GLU L 517 -12.90 42.95 89.58
CA GLU L 517 -11.83 43.78 90.12
C GLU L 517 -12.07 45.25 89.80
N PHE L 518 -12.79 45.52 88.72
CA PHE L 518 -13.10 46.87 88.32
C PHE L 518 -14.05 47.55 89.30
N VAL L 519 -15.10 46.83 89.70
CA VAL L 519 -16.11 47.40 90.58
C VAL L 519 -15.67 47.38 92.05
N LEU L 520 -14.84 46.40 92.41
CA LEU L 520 -14.38 46.26 93.78
C LEU L 520 -13.33 47.32 94.15
N ASN L 521 -12.58 47.77 93.14
CA ASN L 521 -11.48 48.69 93.38
C ASN L 521 -11.86 50.15 93.13
N ASP L 522 -13.08 50.38 92.66
CA ASP L 522 -13.55 51.74 92.38
C ASP L 522 -14.20 52.35 93.62
CAB 4U5 M . 21.97 -23.72 -39.47
CAX 4U5 M . 23.32 -23.66 -38.75
CAC 4U5 M . 24.32 -24.56 -39.48
CAD 4U5 M . 23.16 -24.16 -37.32
CAR 4U5 M . 23.85 -22.23 -38.73
OAF 4U5 M . 23.68 -21.50 -37.75
N 4U5 M . 24.48 -21.85 -39.85
CA 4U5 M . 25.13 -20.54 -40.00
C 4U5 M . 26.38 -20.73 -40.85
O 4U5 M . 26.31 -21.20 -41.99
NAO 4U5 M . 27.52 -20.41 -40.24
OAG 4U5 M . 28.74 -20.60 -40.97
CAU 4U5 M . 24.29 -19.56 -40.58
CAK 4U5 M . 24.59 -18.22 -40.38
CAI 4U5 M . 23.78 -17.22 -40.92
CAJ 4U5 M . 23.17 -19.91 -41.31
CAH 4U5 M . 22.36 -18.91 -41.85
CAS 4U5 M . 22.66 -17.57 -41.66
CAT 4U5 M . 21.87 -16.62 -42.18
CAM 4U5 M . 21.88 -15.34 -41.84
CAL 4U5 M . 20.96 -16.80 -43.12
NAN 4U5 M . 20.42 -15.60 -43.33
NAW 4U5 M . 20.94 -14.76 -42.59
CAA 4U5 M . 20.58 -13.32 -42.57
ZN ZN N . 29.56 -19.16 -41.96
ZN ZN O . 28.26 -22.07 -42.49
C CO3 P . 29.25 -21.50 -37.11
O1 CO3 P . 27.98 -21.69 -36.86
O2 CO3 P . 29.62 -20.75 -38.10
O3 CO3 P . 30.14 -22.05 -36.34
S SO4 Q . 40.11 6.70 -54.55
O1 SO4 Q . 41.15 7.43 -53.83
O2 SO4 Q . 38.85 7.43 -54.48
O3 SO4 Q . 39.94 5.38 -53.96
O4 SO4 Q . 40.51 6.54 -55.95
S SO4 R . 21.33 25.34 -55.09
O1 SO4 R . 20.59 26.31 -54.31
O2 SO4 R . 21.63 24.17 -54.27
O3 SO4 R . 20.51 24.91 -56.23
O4 SO4 R . 22.58 25.93 -55.57
S SO4 S . 26.74 -36.93 -30.65
O1 SO4 S . 25.66 -36.27 -29.95
O2 SO4 S . 27.58 -37.64 -29.69
O3 SO4 S . 26.19 -37.88 -31.62
O4 SO4 S . 27.55 -35.94 -31.36
C12 1PE T . 40.93 11.36 -46.91
C22 1PE T . 39.74 10.43 -46.72
OH3 1PE T . 40.11 9.13 -47.16
C13 1PE T . 40.86 6.92 -46.61
C23 1PE T . 40.12 8.14 -46.11
OH4 1PE T . 41.75 6.49 -45.58
C14 1PE T . 44.08 6.67 -45.06
C24 1PE T . 43.03 6.15 -46.06
OH5 1PE T . 45.23 7.07 -45.80
C22 1PE U . 50.02 3.87 -49.57
OH3 1PE U . 49.66 2.52 -49.80
C13 1PE U . 48.11 1.79 -51.48
C23 1PE U . 49.55 2.16 -51.19
OH4 1PE U . 47.58 2.76 -52.36
C14 1PE U . 45.87 3.51 -53.84
C24 1PE U . 46.55 2.28 -53.20
OH5 1PE U . 44.50 3.50 -53.43
C15 1PE U . 44.57 5.78 -52.66
C25 1PE U . 43.85 4.77 -53.55
OH6 1PE U . 43.69 6.10 -51.54
C26 1PE U . 44.18 7.16 -50.68
CAB 4U5 V . 17.87 -44.24 -51.03
CAX 4U5 V . 18.98 -44.88 -51.87
CAC 4U5 V . 19.81 -43.78 -52.55
CAD 4U5 V . 18.36 -45.77 -52.95
CAR 4U5 V . 19.90 -45.72 -50.99
OAF 4U5 V . 19.72 -46.93 -50.90
N 4U5 V . 20.87 -45.05 -50.36
CA 4U5 V . 21.85 -45.78 -49.53
C 4U5 V . 23.26 -45.42 -50.02
O 4U5 V . 23.64 -44.25 -50.10
NAO 4U5 V . 23.98 -46.48 -50.41
OAG 4U5 V . 25.29 -46.23 -50.90
CAU 4U5 V . 21.71 -45.55 -48.16
CAK 4U5 V . 22.33 -46.44 -47.28
CAI 4U5 V . 22.23 -46.27 -45.90
CAJ 4U5 V . 20.97 -44.48 -47.65
CAH 4U5 V . 20.87 -44.32 -46.26
CAS 4U5 V . 21.49 -45.21 -45.39
CAT 4U5 V . 21.39 -45.07 -44.07
CAM 4U5 V . 21.84 -45.95 -43.18
CAL 4U5 V . 20.85 -44.05 -43.42
NAN 4U5 V . 20.97 -44.34 -42.13
NAW 4U5 V . 21.55 -45.43 -41.98
CAA 4U5 V . 21.85 -46.07 -40.68
ZN ZN W . 26.87 -45.95 -49.89
ZN ZN X . 25.30 -43.83 -51.53
C CO3 Y . 23.65 -48.75 -53.32
O1 CO3 Y . 22.46 -48.51 -52.84
O2 CO3 Y . 24.70 -48.38 -52.65
O3 CO3 Y . 23.79 -49.34 -54.46
S SO4 Z . 37.58 -30.07 -57.63
O1 SO4 Z . 37.41 -29.08 -56.57
O2 SO4 Z . 37.36 -31.40 -57.06
O3 SO4 Z . 36.62 -29.83 -58.68
O4 SO4 Z . 38.93 -29.98 -58.16
C12 1PE AA . 52.26 -62.90 -34.60
C22 1PE AA . 50.74 -62.89 -34.67
OH3 1PE AA . 50.32 -61.56 -34.91
C13 1PE AA . 48.66 -59.97 -35.52
C23 1PE AA . 49.00 -61.44 -35.45
OH4 1PE AA . 47.27 -59.80 -35.25
C14 1PE AA . 46.31 -59.22 -33.15
C24 1PE AA . 46.99 -58.70 -34.42
OH5 1PE AA . 46.83 -58.49 -32.03
C25 1PE AA . 46.27 -58.89 -30.77
C12 1PE BA . 52.52 -58.29 -35.13
C22 1PE BA . 51.83 -58.07 -33.78
OH3 1PE BA . 51.08 -56.88 -33.85
C13 1PE BA . 51.14 -54.51 -34.22
C23 1PE BA . 51.81 -55.68 -33.52
OH4 1PE BA . 51.86 -53.33 -33.93
C14 1PE BA . 52.12 -52.38 -36.12
C24 1PE BA . 52.83 -52.98 -34.90
OH5 1PE BA . 53.12 -51.92 -37.03
C25 1PE BA . 53.15 -52.61 -38.28
CAB 4U5 CA . 13.53 -23.03 -61.41
CAX 4U5 CA . 14.54 -22.27 -62.28
CAC 4U5 CA . 15.93 -22.32 -61.63
CAD 4U5 CA . 14.10 -20.80 -62.40
CAR 4U5 CA . 14.62 -22.88 -63.67
OAF 4U5 CA . 13.77 -22.60 -64.53
N 4U5 CA . 15.65 -23.71 -63.87
CA 4U5 CA . 15.91 -24.36 -65.17
C 4U5 CA . 17.42 -24.56 -65.31
O 4U5 CA . 18.03 -25.29 -64.53
NAO 4U5 CA . 17.99 -23.88 -66.31
OAG 4U5 CA . 19.41 -24.03 -66.47
CAU 4U5 CA . 15.21 -25.55 -65.35
CAK 4U5 CA . 14.83 -25.90 -66.65
CAI 4U5 CA . 14.14 -27.09 -66.88
CAJ 4U5 CA . 14.90 -26.39 -64.29
CAH 4U5 CA . 14.21 -27.58 -64.53
CAS 4U5 CA . 13.82 -27.93 -65.82
CAT 4U5 CA . 13.15 -29.06 -66.05
CAM 4U5 CA . 12.63 -29.40 -67.22
CAL 4U5 CA . 12.89 -30.01 -65.17
NAN 4U5 CA . 12.20 -30.94 -65.83
NAW 4U5 CA . 12.05 -30.59 -67.01
CAA 4U5 CA . 11.33 -31.39 -68.04
ZN ZN DA . 20.20 -24.72 -64.72
ZN ZN EA . 20.15 -25.30 -67.81
C CO3 FA . 18.28 -20.36 -67.35
O1 CO3 FA . 17.14 -20.33 -66.73
O2 CO3 FA . 19.01 -19.29 -67.39
O3 CO3 FA . 18.70 -21.45 -67.90
S SO4 GA . 27.92 -44.91 -89.48
O1 SO4 GA . 29.23 -44.58 -88.94
O2 SO4 GA . 27.03 -45.33 -88.40
O3 SO4 GA . 28.05 -46.00 -90.46
O4 SO4 GA . 27.35 -43.74 -90.14
C12 1PE HA . 34.41 -36.08 -92.75
C22 1PE HA . 34.94 -36.61 -91.44
OH3 1PE HA . 34.25 -37.82 -91.13
C13 1PE HA . 34.32 -40.05 -90.32
C23 1PE HA . 34.93 -38.67 -90.19
OH4 1PE HA . 33.08 -40.06 -89.65
C14 1PE HA . 31.82 -41.35 -91.22
C24 1PE HA . 32.35 -41.26 -89.77
OH5 1PE HA . 30.39 -41.32 -91.18
C15 1PE HA . 29.08 -40.23 -92.86
C25 1PE HA . 29.77 -41.52 -92.45
OH6 1PE HA . 29.99 -39.49 -93.74
C26 1PE HA . 29.34 -38.79 -94.83
C12 1PE IA . 26.92 -36.45 -97.04
C22 1PE IA . 26.56 -35.60 -95.83
OH3 1PE IA . 26.44 -36.46 -94.70
C13 1PE IA . 25.15 -38.02 -93.43
C23 1PE IA . 25.09 -36.85 -94.39
OH4 1PE IA . 23.83 -38.52 -93.23
C14 1PE IA . 23.08 -39.84 -95.08
C24 1PE IA . 23.67 -39.85 -93.66
OH5 1PE IA . 23.42 -41.08 -95.72
CAB 4U5 JA . -2.51 -26.57 -56.85
CAX 4U5 JA . -3.91 -26.79 -57.43
CAC 4U5 JA . -4.75 -27.56 -56.42
CAD 4U5 JA . -3.80 -27.60 -58.72
CAR 4U5 JA . -4.58 -25.44 -57.72
OAF 4U5 JA . -4.48 -24.92 -58.83
N 4U5 JA . -5.24 -24.90 -56.70
CA 4U5 JA . -5.98 -23.63 -56.83
C 4U5 JA . -7.25 -23.73 -55.98
O 4U5 JA . -7.22 -23.66 -54.75
NAO 4U5 JA . -8.38 -23.89 -56.70
OAG 4U5 JA . -9.62 -23.99 -55.96
CAU 4U5 JA . -5.21 -22.52 -56.45
CAK 4U5 JA . -5.57 -21.28 -56.93
CAI 4U5 JA . -4.84 -20.16 -56.58
CAJ 4U5 JA . -4.12 -22.65 -55.60
CAH 4U5 JA . -3.38 -21.52 -55.24
CAS 4U5 JA . -3.75 -20.27 -55.74
CAT 4U5 JA . -3.04 -19.19 -55.41
CAM 4U5 JA . -3.17 -18.00 -55.97
CAL 4U5 JA . -2.13 -19.10 -54.46
NAN 4U5 JA . -1.69 -17.84 -54.48
NAW 4U5 JA . -2.29 -17.20 -55.36
CAA 4U5 JA . -2.08 -15.77 -55.67
ZN ZN KA . -10.33 -22.27 -55.00
ZN ZN LA . -8.90 -24.85 -53.81
C CO3 MA . -9.87 -25.60 -59.25
O1 CO3 MA . -9.99 -24.74 -58.27
O2 CO3 MA . -8.68 -25.96 -59.65
O3 CO3 MA . -10.92 -26.09 -59.80
S SO4 NA . -5.94 -41.66 -62.42
O1 SO4 NA . -6.30 -40.35 -61.91
O2 SO4 NA . -5.94 -42.63 -61.31
O3 SO4 NA . -6.91 -42.08 -63.44
O4 SO4 NA . -4.60 -41.61 -63.00
S SO4 OA . 0.45 -8.07 -44.05
O1 SO4 OA . -0.26 -6.83 -43.75
O2 SO4 OA . -0.11 -9.17 -43.26
O3 SO4 OA . 0.32 -8.38 -45.47
O4 SO4 OA . 1.87 -7.91 -43.71
C12 1PE PA . -32.39 -1.37 -51.29
C22 1PE PA . -31.69 -1.92 -50.05
OH3 1PE PA . -31.15 -0.84 -49.31
C13 1PE PA . -29.58 0.06 -47.74
C23 1PE PA . -30.18 -1.22 -48.31
OH4 1PE PA . -28.21 0.10 -48.12
C14 1PE PA . -28.15 2.42 -48.77
C24 1PE PA . -27.57 1.33 -47.84
OH5 1PE PA . -27.09 2.94 -49.58
C25 1PE PA . -27.52 3.46 -50.85
C12 1PE QA . -28.80 3.56 -55.16
C22 1PE QA . -28.22 3.22 -56.52
OH3 1PE QA . -27.23 2.21 -56.35
C13 1PE QA . -24.89 2.19 -55.82
C23 1PE QA . -25.94 2.57 -56.86
OH4 1PE QA . -23.74 2.98 -56.04
C14 1PE QA . -22.71 5.09 -55.60
C24 1PE QA . -23.49 3.91 -55.01
OH5 1PE QA . -23.55 6.24 -55.55
C25 1PE QA . -23.01 7.35 -54.83
CAB 4U5 RA . 3.31 -43.83 -41.53
CAX 4U5 RA . 2.32 -44.57 -40.63
CAC 4U5 RA . 1.30 -43.57 -40.07
CAD 4U5 RA . 3.06 -45.23 -39.47
CAR 4U5 RA . 1.58 -45.65 -41.43
OAF 4U5 RA . 2.09 -46.75 -41.63
N 4U5 RA . 0.35 -45.30 -41.84
CA 4U5 RA . -0.53 -46.24 -42.55
C 4U5 RA . -1.98 -45.93 -42.16
O 4U5 RA . -2.51 -44.86 -42.47
NAO 4U5 RA . -2.57 -46.88 -41.45
OAG 4U5 RA . -3.91 -46.66 -41.03
CAU 4U5 RA . -0.38 -46.22 -43.95
CAK 4U5 RA . -0.77 -47.34 -44.67
CAI 4U5 RA . -0.65 -47.37 -46.04
CAJ 4U5 RA . 0.15 -45.12 -44.62
CAH 4U5 RA . 0.28 -45.16 -46.00
CAS 4U5 RA . -0.12 -46.29 -46.72
CAT 4U5 RA . 0.01 -46.33 -48.05
CAM 4U5 RA . -0.30 -47.38 -48.79
CAL 4U5 RA . 0.45 -45.37 -48.82
NAN 4U5 RA . 0.41 -45.86 -50.06
NAW 4U5 RA . -0.03 -47.01 -50.05
CAA 4U5 RA . -0.21 -47.87 -51.24
ZN ZN SA . -5.28 -46.93 -42.29
ZN ZN TA . -4.07 -44.34 -41.06
C CO3 UA . -1.96 -48.66 -38.33
O1 CO3 UA . -2.53 -48.74 -37.16
O2 CO3 UA . -0.68 -48.51 -38.41
O3 CO3 UA . -2.69 -48.72 -39.41
S SO4 VA . -17.53 -30.74 -37.50
O1 SO4 VA . -18.87 -30.69 -36.92
O2 SO4 VA . -16.52 -30.55 -36.46
O3 SO4 VA . -17.39 -29.71 -38.52
O4 SO4 VA . -17.32 -32.06 -38.11
S SO4 WA . -27.37 -58.30 -60.52
O1 SO4 WA . -27.99 -57.45 -59.51
O2 SO4 WA . -25.95 -58.45 -60.20
O3 SO4 WA . -28.02 -59.61 -60.51
O4 SO4 WA . -27.50 -57.69 -61.83
C12 1PE XA . -28.52 -63.12 -56.00
C22 1PE XA . -28.53 -61.85 -56.82
OH3 1PE XA . -29.04 -60.79 -56.01
C13 1PE XA . -29.36 -58.43 -55.79
C23 1PE XA . -29.47 -59.63 -56.72
OH4 1PE XA . -30.42 -58.48 -54.86
C14 1PE XA . -31.23 -58.23 -52.62
C24 1PE XA . -30.12 -57.85 -53.63
OH5 1PE XA . -30.60 -58.59 -51.39
C15 1PE XA . -30.65 -60.65 -50.16
C25 1PE XA . -31.43 -59.39 -50.55
OH6 1PE XA . -31.54 -61.79 -50.29
C12 1PE YA . -25.19 -68.79 -60.94
C22 1PE YA . -25.54 -67.52 -60.18
OH3 1PE YA . -24.34 -66.94 -59.69
C13 1PE YA . -23.22 -65.02 -58.83
C23 1PE YA . -24.29 -65.51 -59.80
OH4 1PE YA . -23.86 -64.84 -57.57
C14 1PE YA . -23.94 -63.93 -55.39
C24 1PE YA . -23.03 -64.33 -56.56
OH5 1PE YA . -24.16 -65.08 -54.57
C15 1PE YA . -25.68 -66.77 -53.80
C25 1PE YA . -25.54 -65.35 -54.32
OH6 1PE YA . -27.02 -67.26 -54.16
CAB 4U5 ZA . 5.50 -21.14 -35.43
CAX 4U5 ZA . 4.41 -20.36 -34.71
CAC 4U5 ZA . 3.04 -20.78 -35.25
CAD 4U5 ZA . 4.60 -18.86 -34.95
CAR 4U5 ZA . 4.47 -20.63 -33.20
OAF 4U5 ZA . 5.27 -20.04 -32.49
N 4U5 ZA . 3.58 -21.53 -32.75
CA 4U5 ZA . 3.46 -21.88 -31.33
C 4U5 ZA . 1.99 -22.20 -31.03
O 4U5 ZA . 1.48 -23.26 -31.41
NAO 4U5 ZA . 1.33 -21.25 -30.37
OAG 4U5 ZA . -0.05 -21.49 -30.07
CAU 4U5 ZA . 4.28 -22.94 -30.94
CAK 4U5 ZA . 4.63 -23.05 -29.59
CAI 4U5 ZA . 5.44 -24.08 -29.16
CAJ 4U5 ZA . 4.75 -23.89 -31.85
CAH 4U5 ZA . 5.56 -24.92 -31.41
CAS 4U5 ZA . 5.91 -25.03 -30.07
CAT 4U5 ZA . 6.69 -26.03 -29.64
CAM 4U5 ZA . 7.12 -26.19 -28.40
CAL 4U5 ZA . 7.16 -27.01 -30.39
NAN 4U5 ZA . 7.88 -27.77 -29.57
NAW 4U5 ZA . 7.86 -27.30 -28.42
CAA 4U5 ZA . 8.55 -27.89 -27.26
ZN ZN AB . -0.79 -22.70 -31.74
ZN ZN BB . -0.52 -22.78 -28.59
C CO3 CB . 0.77 -17.79 -29.96
O1 CO3 CB . 0.02 -16.74 -30.12
O2 CO3 CB . 2.00 -17.77 -30.35
O3 CO3 CB . 0.27 -18.86 -29.43
S SO4 DB . -6.30 -38.58 -3.36
O1 SO4 DB . -6.76 -37.33 -3.93
O2 SO4 DB . -6.45 -38.53 -1.90
O3 SO4 DB . -7.10 -39.68 -3.89
O4 SO4 DB . -4.89 -38.80 -3.68
OH4 1PE EB . -5.85 -29.46 1.27
C14 1PE EB . -5.18 -30.29 -0.87
C24 1PE EB . -5.34 -29.05 0.02
OH5 1PE EB . -3.80 -30.45 -1.18
C15 1PE EB . -2.15 -31.97 -0.32
C25 1PE EB . -3.37 -31.82 -1.23
OH6 1PE EB . -2.14 -33.34 0.20
C16 1PE EB . -2.75 -33.90 2.53
C26 1PE EB . -1.59 -33.46 1.54
OH7 1PE EB . -2.54 -33.26 3.81
CAB 4U5 FB . 1.28 36.93 55.91
CAX 4U5 FB . 2.72 36.90 56.42
CAC 4U5 FB . 3.58 36.07 55.48
CAD 4U5 FB . 2.76 36.29 57.82
CAR 4U5 FB . 3.27 38.33 56.47
OAF 4U5 FB . 3.19 39.00 57.49
N 4U5 FB . 3.85 38.75 55.35
CA 4U5 FB . 4.50 40.08 55.25
C 4U5 FB . 5.82 39.92 54.52
O 4U5 FB . 5.89 39.32 53.43
NAO 4U5 FB . 6.88 40.42 55.15
OAG 4U5 FB . 8.17 40.28 54.52
CAU 4U5 FB . 3.67 41.04 54.67
CAK 4U5 FB . 3.96 42.39 54.88
CAI 4U5 FB . 3.15 43.37 54.32
CAJ 4U5 FB . 2.56 40.69 53.91
CAH 4U5 FB . 1.75 41.68 53.36
CAS 4U5 FB . 2.04 43.02 53.55
CAT 4U5 FB . 1.28 43.98 53.03
CAM 4U5 FB . 1.29 45.26 53.39
CAL 4U5 FB . 0.36 43.82 52.10
NAN 4U5 FB . -0.16 45.02 51.89
NAW 4U5 FB . 0.36 45.85 52.64
CAA 4U5 FB . 0.03 47.30 52.68
ZN ZN GB . 8.89 41.56 53.29
ZN ZN HB . 7.74 38.58 52.72
C CO3 IB . 8.78 39.03 58.05
O1 CO3 IB . 7.63 38.98 58.64
O2 CO3 IB . 8.99 39.88 57.08
O3 CO3 IB . 9.74 38.23 58.44
S SO4 JB . 0.88 86.11 39.96
O1 SO4 JB . -0.25 87.03 40.05
O2 SO4 JB . 2.11 86.82 40.30
O3 SO4 JB . 0.98 85.58 38.60
O4 SO4 JB . 0.68 85.00 40.90
C1 GOL KB . -19.12 87.03 48.41
O1 GOL KB . -20.04 87.18 49.48
C2 GOL KB . -18.73 88.39 47.88
O2 GOL KB . -18.54 88.32 46.49
C3 GOL KB . -17.45 88.85 48.56
O3 GOL KB . -17.64 88.83 49.95
C22 1PE LB . 25.26 68.82 48.53
OH3 1PE LB . 24.45 67.86 49.19
C13 1PE LB . 22.40 66.62 49.35
C23 1PE LB . 23.19 67.61 48.52
OH4 1PE LB . 21.11 67.15 49.60
C14 1PE LB . 19.39 68.72 49.03
C24 1PE LB . 20.49 67.77 48.50
OH5 1PE LB . 19.30 69.82 48.13
C25 1PE LB . 19.49 71.09 48.75
C14 1PE MB . 5.56 94.31 50.33
C24 1PE MB . 5.69 95.75 50.86
OH5 1PE MB . 5.74 93.41 51.43
C15 1PE MB . 5.71 91.24 52.40
C25 1PE MB . 5.38 92.06 51.15
OH6 1PE MB . 4.82 91.70 53.48
C14 1PE NB . 4.82 97.80 55.43
C24 1PE NB . 5.10 97.74 53.91
OH5 1PE NB . 5.15 96.52 55.99
C15 1PE NB . 4.37 94.26 56.14
C25 1PE NB . 4.01 95.73 56.36
OH6 1PE NB . 4.40 93.61 57.44
CAB 4U5 OB . -2.79 16.36 44.14
CAX 4U5 OB . -1.58 15.78 43.41
CAC 4U5 OB . -0.75 16.92 42.80
CAD 4U5 OB . -2.05 14.86 42.29
CAR 4U5 OB . -0.71 14.97 44.37
OAF 4U5 OB . -1.06 13.86 44.76
N 4U5 OB . 0.44 15.57 44.75
CA 4U5 OB . 1.41 14.90 45.62
C 4U5 OB . 2.83 15.29 45.15
O 4U5 OB . 3.24 16.43 45.27
NAO 4U5 OB . 3.52 14.28 44.60
OAG 4U5 OB . 4.82 14.57 44.14
CAU 4U5 OB . 1.23 15.14 46.98
CAK 4U5 OB . 1.82 14.24 47.87
CAI 4U5 OB . 1.68 14.41 49.24
CAJ 4U5 OB . 0.51 16.21 47.46
CAH 4U5 OB . 0.36 16.39 48.84
CAS 4U5 OB . 0.95 15.49 49.73
CAT 4U5 OB . 0.82 15.65 51.05
CAM 4U5 OB . 1.15 14.74 51.96
CAL 4U5 OB . 0.34 16.72 51.67
NAN 4U5 OB . 0.39 16.43 52.96
NAW 4U5 OB . 0.86 15.29 53.13
CAA 4U5 OB . 1.06 14.65 54.45
ZN ZN PB . 6.26 14.65 45.42
ZN ZN QB . 4.70 16.90 43.77
C CO3 RB . 3.11 11.98 41.95
O1 CO3 RB . 1.91 12.20 42.37
O2 CO3 RB . 4.13 12.26 42.73
O3 CO3 RB . 3.32 11.50 40.77
S SO4 SB . 16.95 30.61 37.57
O1 SO4 SB . 16.68 31.75 38.44
O2 SO4 SB . 16.70 29.38 38.30
O3 SO4 SB . 16.05 30.68 36.41
O4 SO4 SB . 18.33 30.65 37.11
S SO4 TB . 6.14 23.45 64.55
O1 SO4 TB . 5.39 24.33 65.43
O2 SO4 TB . 7.40 23.07 65.20
O3 SO4 TB . 5.36 22.25 64.26
O4 SO4 TB . 6.43 24.16 63.31
C12 1PE UB . 30.66 6.02 61.91
C22 1PE UB . 30.95 7.43 61.43
OH3 1PE UB . 31.76 7.36 60.26
C13 1PE UB . 32.46 8.24 58.15
C23 1PE UB . 31.38 8.28 59.22
OH4 1PE UB . 32.14 7.18 57.27
C14 1PE UB . 33.71 6.09 55.84
C24 1PE UB . 32.76 7.29 56.00
OH5 1PE UB . 33.02 5.04 55.16
C25 1PE UB . 33.75 3.83 55.06
CAB 4U5 VB . -6.45 37.09 34.00
CAX 4U5 VB . -5.84 38.14 33.08
CAC 4U5 VB . -4.39 38.41 33.50
CAD 4U5 VB . -6.63 39.45 33.18
CAR 4U5 VB . -5.86 37.65 31.63
OAF 4U5 VB . -6.77 37.97 30.87
N 4U5 VB . -4.82 36.87 31.29
CA 4U5 VB . -4.64 36.32 29.94
C 4U5 VB . -3.13 36.13 29.70
O 4U5 VB . -2.47 35.40 30.41
NAO 4U5 VB . -2.63 36.87 28.69
OAG 4U5 VB . -1.22 36.75 28.43
CAU 4U5 VB . -5.32 35.12 29.75
CAK 4U5 VB . -5.67 34.74 28.45
CAI 4U5 VB . -6.35 33.55 28.23
CAJ 4U5 VB . -5.65 34.30 30.82
CAH 4U5 VB . -6.34 33.10 30.59
CAS 4U5 VB . -6.69 32.73 29.30
CAT 4U5 VB . -7.35 31.59 29.09
CAM 4U5 VB . -7.97 31.25 27.97
CAL 4U5 VB . -7.49 30.60 29.97
NAN 4U5 VB . -8.20 29.67 29.35
NAW 4U5 VB . -8.49 30.04 28.21
CAA 4U5 VB . -9.28 29.23 27.23
ZN ZN WB . -0.53 35.28 27.36
ZN ZN XB . -0.40 35.94 30.53
C CO3 YB . -2.46 40.38 27.89
O1 CO3 YB . -3.66 40.52 28.36
O2 CO3 YB . -1.68 41.42 27.80
O3 CO3 YB . -2.04 39.22 27.48
S SO4 ZB . -3.37 52.14 40.13
O1 SO4 ZB . -4.69 52.32 40.73
O2 SO4 ZB . -2.38 51.95 41.18
O3 SO4 ZB . -3.39 50.96 39.26
O4 SO4 ZB . -3.02 53.32 39.35
S SO4 AC . -6.73 15.37 28.28
O1 SO4 AC . -7.41 16.59 27.88
O2 SO4 AC . -6.63 15.34 29.75
O3 SO4 AC . -7.49 14.21 27.83
O4 SO4 AC . -5.39 15.33 27.71
C12 1PE BC . 13.74 24.42 1.87
C22 1PE BC . 14.39 24.79 3.20
OH3 1PE BC . 13.83 23.98 4.22
C13 1PE BC . 13.50 21.86 5.28
C23 1PE BC . 14.04 22.57 4.05
OH4 1PE BC . 13.21 20.52 4.94
C14 1PE BC . 11.44 18.95 4.64
C24 1PE BC . 12.06 20.01 5.57
OH5 1PE BC . 10.15 19.43 4.23
C15 1PE BC . 8.52 19.77 2.52
C25 1PE BC . 9.82 19.06 2.89
OH6 1PE BC . 8.84 20.98 1.77
C12 1PE CC . 4.99 22.15 -2.48
C22 1PE CC . 5.84 23.39 -2.76
OH3 1PE CC . 6.50 23.76 -1.56
C13 1PE CC . 6.17 24.61 0.66
C23 1PE CC . 5.82 24.78 -0.81
OH4 1PE CC . 5.02 24.14 1.33
C14 1PE CC . 3.52 22.33 1.89
C24 1PE CC . 4.78 22.76 1.10
OH5 1PE CC . 3.23 20.97 1.53
C15 1PE CC . 2.60 19.34 -0.10
C25 1PE CC . 2.73 20.83 0.20
CAB 4U5 DC . -22.96 33.90 37.83
CAX 4U5 DC . -24.48 33.79 37.91
CAC 4U5 DC . -24.89 33.36 39.33
CAD 4U5 DC . -24.98 32.74 36.91
CAR 4U5 DC . -25.13 35.14 37.59
OAF 4U5 DC . -25.06 35.62 36.46
N 4U5 DC . -25.75 35.72 38.62
CA 4U5 DC . -26.47 36.99 38.48
C 4U5 DC . -27.76 36.87 39.30
O 4U5 DC . -27.72 36.59 40.49
NAO 4U5 DC . -28.88 37.03 38.59
OAG 4U5 DC . -30.12 36.90 39.30
CAU 4U5 DC . -25.70 38.10 38.86
CAK 4U5 DC . -26.09 39.37 38.45
CAI 4U5 DC . -25.34 40.48 38.82
CAJ 4U5 DC . -24.55 37.94 39.63
CAH 4U5 DC . -23.79 39.05 39.99
CAS 4U5 DC . -24.18 40.32 39.59
CAT 4U5 DC . -23.47 41.40 39.93
CAM 4U5 DC . -23.55 42.58 39.36
CAL 4U5 DC . -22.55 41.44 40.88
NAN 4U5 DC . -22.09 42.69 40.87
NAW 4U5 DC . -22.66 43.36 39.99
CAA 4U5 DC . -22.40 44.78 39.70
ZN ZN EC . -30.97 38.29 40.29
ZN ZN FC . -29.51 35.72 41.34
C CO3 GC . -30.57 35.11 36.08
O1 CO3 GC . -30.75 35.87 37.11
O2 CO3 GC . -29.38 34.94 35.59
O3 CO3 GC . -31.60 34.51 35.53
S SO4 HC . -43.43 64.98 47.71
O1 SO4 HC . -42.20 65.74 47.62
O2 SO4 HC . -44.05 65.21 49.00
O3 SO4 HC . -43.13 63.55 47.56
O4 SO4 HC . -44.35 65.38 46.64
S SO4 IC . -39.80 37.38 14.94
O1 SO4 IC . -39.26 38.73 15.14
O2 SO4 IC . -39.85 36.69 16.21
O3 SO4 IC . -41.15 37.49 14.37
O4 SO4 IC . -38.94 36.66 14.02
C13 1PE JC . -47.20 64.52 44.09
OH4 1PE JC . -48.05 64.12 45.16
C14 1PE JC . -48.50 62.85 47.14
C24 1PE JC . -47.46 63.22 46.07
OH5 1PE JC . -48.60 61.43 47.21
C15 1PE JC . -50.02 59.50 47.08
C25 1PE JC . -49.92 60.98 47.50
OH6 1PE JC . -51.43 59.16 46.87
C16 1PE JC . -52.48 60.36 44.99
C26 1PE JC . -51.80 59.02 45.47
OH7 1PE JC . -52.74 60.26 43.57
OH4 1PE KC . -49.61 65.83 38.48
C14 1PE KC . -48.67 63.74 39.16
C24 1PE KC . -49.12 64.61 37.98
OH5 1PE KC . -47.89 62.65 38.63
C15 1PE KC . -45.72 62.85 39.63
C25 1PE KC . -46.53 63.01 38.36
OH6 1PE KC . -44.33 63.21 39.33
C16 1PE KC . -43.56 65.54 39.13
C26 1PE KC . -43.84 64.33 40.11
OH7 1PE KC . -43.39 66.73 39.92
CAB 4U5 LC . -17.28 16.77 53.66
CAX 4U5 LC . -18.26 16.02 54.57
CAC 4U5 LC . -19.26 17.02 55.17
CAD 4U5 LC . -17.49 15.33 55.69
CAR 4U5 LC . -19.02 14.96 53.77
OAF 4U5 LC . -18.50 13.88 53.50
N 4U5 LC . -20.27 15.31 53.41
CA 4U5 LC . -21.16 14.38 52.69
C 4U5 LC . -22.61 14.69 53.07
O 4U5 LC . -23.18 15.69 52.66
NAO 4U5 LC . -23.16 13.80 53.90
OAG 4U5 LC . -24.51 14.03 54.32
CAU 4U5 LC . -20.99 14.42 51.30
CAK 4U5 LC . -21.31 13.27 50.57
CAI 4U5 LC . -21.16 13.25 49.19
CAJ 4U5 LC . -20.51 15.54 50.64
CAH 4U5 LC . -20.35 15.51 49.25
CAS 4U5 LC . -20.68 14.37 48.53
CAT 4U5 LC . -20.54 14.34 47.20
CAM 4U5 LC . -20.71 13.27 46.44
CAL 4U5 LC . -20.19 15.35 46.44
NAN 4U5 LC . -20.16 14.87 45.19
NAW 4U5 LC . -20.47 13.66 45.19
CAA 4U5 LC . -20.54 12.79 44.00
ZN ZN MC . -25.89 13.71 53.01
ZN ZN NC . -24.67 16.30 54.23
C CO3 OC . -22.77 11.92 56.92
O1 CO3 OC . -23.20 11.88 58.15
O2 CO3 OC . -21.50 11.88 56.68
O3 CO3 OC . -23.62 12.01 55.94
S SO4 PC . -38.14 29.79 57.75
O1 SO4 PC . -39.55 29.57 58.08
O2 SO4 PC . -37.42 30.24 58.94
O3 SO4 PC . -38.05 30.82 56.73
O4 SO4 PC . -37.55 28.55 57.26
S SO4 QC . -26.67 18.91 32.68
O1 SO4 QC . -26.62 20.27 33.22
O2 SO4 QC . -26.21 17.97 33.70
O3 SO4 QC . -28.06 18.59 32.32
O4 SO4 QC . -25.82 18.81 31.51
S SO4 RC . -48.03 2.57 34.86
O1 SO4 RC . -48.20 3.87 34.23
O2 SO4 RC . -48.21 2.71 36.30
O3 SO4 RC . -49.02 1.64 34.34
O4 SO4 RC . -46.69 2.06 34.58
S SO4 SC . -37.90 -4.88 11.58
O1 SO4 SC . -37.22 -3.91 12.44
O2 SO4 SC . -39.16 -4.32 11.11
O3 SO4 SC . -38.17 -6.09 12.34
O4 SO4 SC . -37.05 -5.20 10.44
C12 1PE TC . -48.83 -2.39 38.97
C22 1PE TC . -49.43 -1.23 38.18
OH3 1PE TC . -49.35 -0.05 38.98
C13 1PE TC . -50.23 2.06 39.68
C23 1PE TC . -50.34 0.94 38.66
OH4 1PE TC . -51.10 1.72 40.77
C14 1PE TC . -51.18 2.70 42.93
C24 1PE TC . -51.64 2.81 41.47
OH5 1PE TC . -52.01 1.73 43.59
C15 1PE TC . -52.23 -0.19 45.01
C25 1PE TC . -51.30 0.93 44.54
OH6 1PE TC . -51.91 -1.40 44.25
C12 1PE UC . -45.14 -8.27 34.90
C22 1PE UC . -45.46 -7.10 35.82
OH3 1PE UC . -45.32 -5.89 35.08
C13 1PE UC . -43.89 -4.72 36.61
C23 1PE UC . -45.24 -4.71 35.90
OH4 1PE UC . -43.79 -3.56 37.41
C14 1PE UC . -45.03 -3.74 39.44
C24 1PE UC . -43.65 -3.83 38.78
OH5 1PE UC . -45.06 -4.60 40.59
C15 1PE UC . -46.52 -6.42 41.16
C25 1PE UC . -46.39 -4.91 41.02
OH6 1PE UC . -47.92 -6.78 40.93
CAB 4U5 VC . -15.71 38.57 59.64
CAX 4U5 VC . -16.32 39.83 60.26
CAC 4U5 VC . -17.80 39.90 59.89
CAD 4U5 VC . -15.60 41.06 59.75
CAR 4U5 VC . -16.19 39.76 61.79
OAF 4U5 VC . -15.38 40.46 62.39
N 4U5 VC . -17.02 38.89 62.39
CA 4U5 VC . -17.04 38.74 63.86
C 4U5 VC . -18.49 38.57 64.31
O 4U5 VC . -19.21 37.71 63.83
NAO 4U5 VC . -18.88 39.45 65.24
OAG 4U5 VC . -20.25 39.36 65.71
CAU 4U5 VC . -16.26 37.66 64.28
CAK 4U5 VC . -15.95 37.54 65.64
CAI 4U5 VC . -15.18 36.48 66.09
CAJ 4U5 VC . -15.76 36.72 63.38
CAH 4U5 VC . -14.99 35.66 63.84
CAS 4U5 VC . -14.68 35.54 65.20
CAT 4U5 VC . -13.94 34.53 65.63
CAM 4U5 VC . -13.41 34.42 66.84
CAL 4U5 VC . -13.57 33.47 64.92
NAN 4U5 VC . -12.83 32.72 65.74
NAW 4U5 VC . -12.74 33.27 66.84
CAA 4U5 VC . -11.98 32.72 67.99
ZN ZN WC . -21.31 37.92 63.56
ZN ZN XC . -21.13 37.88 66.67
C CO3 YC . -19.75 42.87 65.33
O1 CO3 YC . -20.64 43.74 64.95
O2 CO3 YC . -18.49 43.07 65.03
O3 CO3 YC . -20.10 41.82 66.00
S SO4 ZC . -20.18 52.34 51.23
O1 SO4 ZC . -20.97 53.44 51.77
O2 SO4 ZC . -20.39 51.14 52.04
O3 SO4 ZC . -20.58 52.07 49.85
O4 SO4 ZC . -18.76 52.69 51.26
S SO4 AD . -13.14 18.63 69.15
O1 SO4 AD . -12.38 19.87 69.30
O2 SO4 AD . -14.11 18.51 70.24
O3 SO4 AD . -13.86 18.65 67.87
O4 SO4 AD . -12.23 17.49 69.17
S SO4 BD . -27.09 21.90 92.00
O1 SO4 BD . -27.65 20.68 92.58
O2 SO4 BD . -26.73 22.82 93.08
O3 SO4 BD . -28.06 22.53 91.12
O4 SO4 BD . -25.88 21.56 91.24
OH4 1PE CD . -5.68 60.27 62.56
C14 1PE CD . -6.44 59.62 64.73
C24 1PE CD . -5.29 60.25 63.91
OH5 1PE CD . -6.53 60.30 65.97
C15 1PE CD . -7.23 59.63 68.15
C25 1PE CD . -7.69 59.96 66.74
OH6 1PE CD . -6.67 58.28 68.15
OH4 1PE DD . -22.97 27.21 99.37
C14 1PE DD . -22.57 26.86 97.04
C24 1PE DD . -22.39 27.80 98.24
OH5 1PE DD . -22.30 27.58 95.84
C15 1PE DD . -23.13 29.13 94.20
C25 1PE DD . -23.48 27.99 95.15
OH6 1PE DD . -24.37 29.83 93.86
C16 1PE DD . -26.39 30.79 94.94
C26 1PE DD . -24.80 30.77 94.89
OH7 1PE DD . -26.79 31.57 96.08
C13 1PE ED . -34.62 29.93 92.34
OH4 1PE ED . -33.64 29.04 91.81
C14 1PE ED . -32.99 26.84 91.14
C24 1PE ED . -33.99 27.68 91.97
OH5 1PE ED . -32.50 25.78 91.96
C15 1PE ED . -30.55 24.66 92.76
C25 1PE ED . -31.23 25.30 91.55
OH6 1PE ED . -29.36 25.46 93.06
C16 1PE ED . -27.91 26.53 94.74
C26 1PE ED . -28.92 25.34 94.45
OH7 1PE ED . -28.69 27.69 95.10
#